data_7AWE
#
_entry.id   7AWE
#
_cell.length_a   119.471
_cell.length_b   206.048
_cell.length_c   162.808
_cell.angle_alpha   90.000
_cell.angle_beta   106.690
_cell.angle_gamma   90.000
#
_symmetry.space_group_name_H-M   'P 1 21 1'
#
loop_
_entity.id
_entity.type
_entity.pdbx_description
1 polymer 'Proteasome subunit alpha type-6'
2 polymer 'Proteasome subunit alpha type-2'
3 polymer 'Proteasome subunit alpha type-4'
4 polymer 'Proteasome subunit alpha type-7'
5 polymer 'Proteasome subunit alpha type-5'
6 polymer 'Proteasome subunit alpha type-1'
7 polymer 'Proteasome subunit alpha type-3'
8 polymer 'Proteasome subunit beta type-9'
9 polymer 'Proteasome subunit beta type-10'
10 polymer 'Proteasome subunit beta type-3'
11 polymer 'Proteasome subunit beta type-2'
12 polymer 'Proteasome subunit beta type-8'
13 polymer 'Proteasome subunit beta type-1'
14 polymer 'Proteasome subunit beta type-4'
15 non-polymer 'SODIUM ION'
16 non-polymer 'THIOCYANATE ION'
17 non-polymer '[(1R)-2-(1-benzofuran-3-yl)-1-{[(1S,2R,4R)-7-oxabicyclo[2.2.1]heptan-2-yl]formamido}ethyl]boronic acid'
18 water water
#
loop_
_entity_poly.entity_id
_entity_poly.type
_entity_poly.pdbx_seq_one_letter_code
_entity_poly.pdbx_strand_id
1 'polypeptide(L)'
;GSSAGFDRHITIFSPEGRLYQVEYAFKAINQGGLTSVAVRGKDCAVIVTQKKVPDKLLDSSTVTHLFKITENIGCVMTGM
TADSRSQVQRARYEAANWKYKYGYEIPVDMLCKRIADISQVYTQNAEMRPLGCCMILIGIDEEQGPQVYKCDPAGYYCGF
KATAAGVKQTESTSFLEKKVKKKFDWTFEQTVETAITCLSTVLSIDFKPSEIEVGVVTVENPKFRILTEAEIDAHLVALA
ER
;
A,O
2 'polypeptide(L)'
;GYSFSLTTFSPSGKLVQIEYALAAVAGGAPSVGIKAANGVVLATEKKQKSILYDERSVHKVEPITKHIGLVYSGMGPDYR
VLVHRARKLAQQYYLVYQEPIPTAQLVQRVASVMQEYTQSGGVRPFGVSLLICGWNEGRPYLFQSDPSGAYFAWKATAMG
KNYVNGKTFLEKRYNEDLELEDAIHTAILTLKESFEGQMTEDNIEVGICNEAGFRRLTPTEVKDYLAAI
;
B,P
3 'polypeptide(L)'
;SRRYDSRTTIFSPEGRLYQVEYAMEAIGHAGTCLGILANDGVLLAAERRNIHKLLDEVFFSEKIYKLNEDMACSVAGITS
DANVLTNELRLIAQRYLLQYQEPIPCEQLVTALCDIKQAYTQFGGKRPFGVSLLYIGWDKHYGFQLYQSDPSGNYGGWKA
TCIGNNSAAAVSMLKQDYKEGEMTLKSALALAIKVLNKTMDVSKLSAEKVEIATLTRENGKTVIRVLKQKEVEQLIKKHE
EEEAKAEREKKEKEQK
;
C,Q
4 'polypeptide(L)'
;SYDRAITVFSPDGHLFQVEYAQEAVKKGSTAVGVRGRDIVVLGVEKKSVAKLQDERTVRKICALDDNVCMAFAGLTADAR
IVINRARVECQSHRLTVEDPVTVEYITRYIASLKQRYTQSNGRRPFGISALIVGFDFDGTPRLYQTDPSGTYHAWKANAI
GRGAKSVREFLEKNYTDEAIETDDLTIKLVIKALLEVVQSGGKNIELAVMRRDQSLKILNPEEIEKYVAEIEKEKEE
;
D,R
5 'polypeptide(L)'
;DRGVNTFSPEGRLFQVEYAIEAIKLGSTAIGIQTSEGVCLAVEKRITSPLMEPSSIEKIVEIDAHIGCAMSGLIADAKTL
IDKARVETQNHWFTYNETMTVESVTQAVSNLALQFGEEDADPGAMSRPFGVALLFGGVDEKGPQLFHMDPSGTFVQCDAR
AIGSASEGAQSSLQEVYHKSMTLKEAIKSSLIILKQVMEEKLNATNIELATVQPGQNFHMFTKEELEEVIKD
;
E,S
6 'polypeptide(L)'
;NQYDNDVTVWSPQGRIHQIEYAMEAVKQGSATVGLKSKTHAVLVALKRAQSELAAHQKKILHVDNHIGISIAGLTADARL
LCNFMRQECLDSRFVFDRPLPVSRLVSLIGSKTQIPTQRYGRRPYGVGLLIAGYDDMGPHIFQTCPSANYFDCRAMSIGA
RSQSARTYLERHMSEFMECNLNELVKHGLRALRETLPAEQDLTTKNVSIGIVGKDLEFTIYDDDDVSPFLEGLEER
;
F,T
7 'polypeptide(L)'
;GTGYDLSASTFSPDGRVFQVEYAMKAVENSSTAIGIRCKDGVVFGVEKLVLSKLYEEGSNKRLFNVDRHVGMAVAGLLAD
ARSLADIAREEASNFRSNFGYNIPLKHLADRVAMYVHAYTLYSAVRPFGCSFMLGSYSVNDGAQLYMIDPSGVSYGYWGC
AIGKARQAAKTEIEKLQMKEMTCRDIVKEVAKIIYIVHDEVKDKAFELELSWVGELTNGRHEIVPKDIREEAEKYAKESL
KE
;
G,U
8 'polypeptide(L)'
;TTIMAVEFDGGVVMGSDSRVSAGEAVVNRVFDKLSPLHERIYCALSGSAADAQAVADMAAYQLELHGIELEEPPLVLAAA
NVVRNISYKYREDLSAHLMVAGWDQREGGQVYGTLGGMLTRQPFAIGGSGSTFIYGYVDAAYKPGMSPEECRRFTTDAIA
LAMSRDGSSGGVIYLVTITAAGVDHRVILGNELPKFYDE
;
H,V
9 'polypeptide(L)'
;TTIAGLVFQDGVILGADTRATNDSVVADKSCEKIHFIAPKIYCCGAGVAADAEMTTRMVASKMELHALSTGREPRVATVT
RILRQTLFRYQGHVGASLIVGGVDLTGPQLYGVHPHGSYSRLPFTALGSGQDAALAVLEDRFQPNMTLEAAQGLLVEAVT
AGILGDLGSGGNVDACVITKTGAKLLRTLSSPTEPVKRSGRYHFVPGTTAVLTQTVKPLTLEL
;
I,W
10 'polypeptide(L)'
;SIMSYNGGAVMAMKGKNCVAIAADRRFGIQAQMVTTDFQKIFPMGDRLYIGLAGLATDVQTVAQRLKFRLNLYELKEGRQ
IKPYTLMSMVANLLYEKRFGPYYTEPVIAGLDPKTFKPFICSLDLIGCPMVTDDFVVSGTCAEQMYGMCESLWEPNMDPD
HLFETISQAMLNAVDRDAVSGMGVIVHIIEKDKITTRTLKARMD
;
J,X
11 'polypeptide(L)'
;MEYLIGIQGPDYVLVASDRVAASNIVQMKDDHDKMFKMSEKILLLCVGEAGDTVQFAEYIQKNVQLYKMRNGYELSPTAA
ANFTRRNLADCLRSRTPYHVNLLLAGYDEHEGPALYYMDYLAALAKAPFAAHGYGAFLTLSILDRYYTPTISRERAVELL
RKCLEELQKRFILNLPTFSVRIIDKNGIHDLDNISFP
;
K,Y
12 'polypeptide(L)'
;TTTLAFKFQHGVIAAVDSRASAGSYISALRVNKVIEINPYLLGTMSGCAADCQYWERLLAKECRLYYLRNGERISVSAAS
KLLSNMMCQYRGMGLSMGSMICGWDKKGPGLYYVDEHGTRLSGNMFSTGSGNTYAYGVMDSGYRPNLSPEEAYDLGRRAI
AYATHRDSYSGGVVNMYHMKEDGWVKVESTDVSDLLHQYREAN
;
L,Z
13 'polypeptide(L)'
;RFSPYVFNGGTILAIAGEDFAIVASDTRLSEGFSIHTRDSPKCYKLTDKTVIGCSGFHGDCLTLTKIIEARLKMYKHSNN
KAMTTGAIAAMLSTILYSRRFFPYYVYNIIGGLDEEGKGAVYSFDPVGSYQRDSFKAGGSASAMLQPLLDNQVGFKNMQN
VEHVPLSLDRAMRLVKDVFISAAERDVYTGDALRICIVTKEGIREETVSLRKD
;
M,a
14 'polypeptide(L)'
;TQNPMVTGTSVLGVKFEGGVVIAADMLGSYGSLARFRNISRIMRVNNSTMLGASGDYADFQYLKQVLGQMVIDEELLGDG
HSYSPRAIHSWLTRAMYSRRSKMNPLWNTMVIGGYADGESFLGYVDMLGVAYEAPSLATGYGAYLAQPLLREVLEKQPVL
SQTEARDLVERCMRVLYYRDARSYNRFQIATVTEKGVEIEGPLSTETNWDIAHM
;
N,b
#
# COMPACT_ATOMS: atom_id res chain seq x y z
N SER A 2 -54.11 53.30 30.95
CA SER A 2 -53.57 52.59 32.12
C SER A 2 -52.21 51.87 31.90
N SER A 3 -51.35 51.99 32.94
CA SER A 3 -50.03 51.39 32.97
C SER A 3 -49.86 50.55 34.24
N ALA A 4 -49.09 49.46 34.13
CA ALA A 4 -48.72 48.56 35.21
C ALA A 4 -47.27 48.08 35.00
N GLY A 5 -46.42 48.32 36.00
CA GLY A 5 -45.05 47.88 35.95
C GLY A 5 -44.17 48.54 34.90
N PHE A 6 -43.59 47.73 34.03
CA PHE A 6 -42.66 48.23 33.03
C PHE A 6 -43.23 48.37 31.63
N ASP A 7 -44.57 48.36 31.47
CA ASP A 7 -45.21 48.40 30.15
C ASP A 7 -44.99 49.70 29.35
N ARG A 8 -44.48 50.76 29.98
CA ARG A 8 -44.16 51.99 29.26
C ARG A 8 -42.64 52.07 28.92
N HIS A 9 -41.81 51.15 29.50
CA HIS A 9 -40.36 51.10 29.33
C HIS A 9 -39.88 50.01 28.38
N ILE A 10 -40.54 48.84 28.40
CA ILE A 10 -40.21 47.71 27.55
C ILE A 10 -41.43 47.21 26.73
N THR A 11 -41.19 46.31 25.73
CA THR A 11 -42.24 45.79 24.87
C THR A 11 -43.00 44.60 25.47
N ILE A 12 -43.78 44.88 26.53
CA ILE A 12 -44.69 43.96 27.24
C ILE A 12 -46.09 44.59 27.24
N PHE A 13 -47.13 43.76 27.30
CA PHE A 13 -48.50 44.29 27.26
C PHE A 13 -48.89 45.18 28.45
N SER A 14 -49.68 46.22 28.17
CA SER A 14 -50.27 47.08 29.20
C SER A 14 -51.61 46.41 29.63
N PRO A 15 -52.29 46.84 30.71
CA PRO A 15 -53.51 46.12 31.12
C PRO A 15 -54.63 46.05 30.05
N GLU A 16 -54.63 46.96 29.06
CA GLU A 16 -55.56 46.99 27.90
C GLU A 16 -55.11 46.11 26.74
N GLY A 17 -53.88 45.61 26.79
CA GLY A 17 -53.33 44.78 25.74
C GLY A 17 -52.63 45.57 24.66
N ARG A 18 -52.11 46.75 25.01
CA ARG A 18 -51.36 47.58 24.07
C ARG A 18 -49.85 47.42 24.28
N LEU A 19 -49.05 47.88 23.31
CA LEU A 19 -47.61 47.89 23.42
C LEU A 19 -47.21 49.35 23.35
N TYR A 20 -47.13 50.01 24.52
CA TYR A 20 -46.79 51.44 24.59
C TYR A 20 -45.50 51.78 23.86
N GLN A 21 -44.47 50.91 23.99
CA GLN A 21 -43.17 51.11 23.33
C GLN A 21 -43.25 51.11 21.81
N VAL A 22 -44.22 50.39 21.24
CA VAL A 22 -44.48 50.33 19.79
C VAL A 22 -45.18 51.64 19.41
N GLU A 23 -46.18 52.08 20.21
CA GLU A 23 -46.88 53.34 20.00
C GLU A 23 -45.90 54.51 20.01
N TYR A 24 -44.89 54.50 20.92
CA TYR A 24 -43.87 55.55 21.00
C TYR A 24 -42.96 55.55 19.77
N ALA A 25 -42.71 54.38 19.15
CA ALA A 25 -41.90 54.26 17.94
C ALA A 25 -42.57 54.95 16.75
N PHE A 26 -43.91 54.97 16.71
CA PHE A 26 -44.66 55.67 15.66
C PHE A 26 -44.53 57.20 15.83
N LYS A 27 -44.42 57.67 17.09
CA LYS A 27 -44.19 59.08 17.41
C LYS A 27 -42.75 59.51 17.04
N ALA A 28 -41.80 58.57 17.03
CA ALA A 28 -40.41 58.83 16.66
C ALA A 28 -40.26 59.12 15.16
N ILE A 29 -41.18 58.60 14.33
CA ILE A 29 -41.14 58.85 12.89
C ILE A 29 -41.34 60.34 12.63
N ASN A 30 -42.31 60.96 13.33
CA ASN A 30 -42.65 62.37 13.17
C ASN A 30 -41.58 63.33 13.71
N GLN A 31 -40.70 62.86 14.61
CA GLN A 31 -39.59 63.64 15.18
C GLN A 31 -38.70 64.27 14.08
N GLY A 32 -38.58 63.60 12.94
CA GLY A 32 -37.79 64.10 11.82
C GLY A 32 -38.40 65.32 11.12
N GLY A 33 -39.69 65.57 11.34
CA GLY A 33 -40.40 66.68 10.74
C GLY A 33 -40.82 66.51 9.29
N LEU A 34 -40.45 65.41 8.63
CA LEU A 34 -40.78 65.19 7.22
C LEU A 34 -42.03 64.31 6.97
N THR A 35 -42.55 64.38 5.73
CA THR A 35 -43.76 63.68 5.29
C THR A 35 -43.47 63.06 3.91
N SER A 36 -43.87 61.80 3.68
CA SER A 36 -43.65 61.12 2.40
C SER A 36 -44.99 60.64 1.82
N VAL A 37 -45.06 60.57 0.49
CA VAL A 37 -46.26 60.13 -0.23
C VAL A 37 -45.86 59.14 -1.32
N ALA A 38 -46.62 58.05 -1.49
CA ALA A 38 -46.35 57.07 -2.55
C ALA A 38 -47.65 56.83 -3.30
N VAL A 39 -47.65 56.96 -4.63
CA VAL A 39 -48.86 56.77 -5.43
C VAL A 39 -48.60 55.73 -6.51
N ARG A 40 -49.55 54.82 -6.71
CA ARG A 40 -49.47 53.79 -7.72
C ARG A 40 -50.37 54.18 -8.90
N GLY A 41 -49.88 53.94 -10.12
CA GLY A 41 -50.63 54.26 -11.33
C GLY A 41 -50.95 53.04 -12.18
N LYS A 42 -51.42 53.27 -13.41
CA LYS A 42 -51.78 52.20 -14.35
C LYS A 42 -50.52 51.43 -14.80
N ASP A 43 -49.43 52.18 -15.03
CA ASP A 43 -48.17 51.62 -15.52
C ASP A 43 -46.95 52.06 -14.70
N CYS A 44 -47.16 52.58 -13.47
CA CYS A 44 -46.05 53.10 -12.68
C CYS A 44 -46.31 53.14 -11.17
N ALA A 45 -45.31 53.56 -10.40
CA ALA A 45 -45.37 53.73 -8.96
C ALA A 45 -44.35 54.82 -8.65
N VAL A 46 -44.78 55.88 -7.96
CA VAL A 46 -43.93 57.03 -7.64
C VAL A 46 -43.90 57.32 -6.13
N ILE A 47 -42.74 57.73 -5.62
CA ILE A 47 -42.55 58.12 -4.22
C ILE A 47 -42.04 59.58 -4.18
N VAL A 48 -42.56 60.40 -3.24
CA VAL A 48 -42.13 61.78 -3.09
C VAL A 48 -41.98 62.14 -1.60
N THR A 49 -40.93 62.91 -1.25
CA THR A 49 -40.67 63.32 0.13
C THR A 49 -39.93 64.68 0.18
N GLN A 50 -40.01 65.36 1.33
CA GLN A 50 -39.35 66.65 1.49
C GLN A 50 -37.83 66.51 1.53
N LYS A 51 -37.13 67.43 0.89
CA LYS A 51 -35.68 67.48 0.92
C LYS A 51 -35.30 68.81 1.54
N LYS A 52 -35.13 68.81 2.88
CA LYS A 52 -34.79 70.04 3.59
C LYS A 52 -33.29 70.16 3.92
N VAL A 53 -32.60 71.00 3.14
CA VAL A 53 -31.19 71.32 3.34
C VAL A 53 -31.18 72.78 3.84
N PRO A 54 -31.21 72.98 5.16
CA PRO A 54 -31.22 74.35 5.70
C PRO A 54 -29.86 75.05 5.68
N ASP A 55 -28.77 74.27 5.48
CA ASP A 55 -27.39 74.74 5.48
C ASP A 55 -26.77 74.61 4.11
N LYS A 56 -26.17 75.71 3.61
CA LYS A 56 -25.43 75.67 2.35
C LYS A 56 -24.16 74.79 2.51
N LEU A 57 -23.65 74.66 3.76
CA LEU A 57 -22.50 73.87 4.18
C LEU A 57 -22.65 72.36 3.97
N LEU A 58 -23.86 71.89 3.71
CA LEU A 58 -24.11 70.47 3.45
C LEU A 58 -23.89 70.17 1.97
N ASP A 59 -23.54 68.92 1.66
CA ASP A 59 -23.45 68.47 0.29
C ASP A 59 -24.82 67.88 0.05
N SER A 60 -25.71 68.67 -0.58
CA SER A 60 -27.11 68.32 -0.82
C SER A 60 -27.31 66.98 -1.52
N SER A 61 -26.32 66.49 -2.27
CA SER A 61 -26.44 65.20 -2.95
C SER A 61 -26.44 64.02 -1.97
N THR A 62 -25.89 64.20 -0.75
CA THR A 62 -25.88 63.16 0.31
C THR A 62 -27.12 63.24 1.24
N VAL A 63 -27.96 64.25 1.06
CA VAL A 63 -29.15 64.43 1.88
C VAL A 63 -30.33 63.84 1.12
N THR A 64 -30.67 62.60 1.42
CA THR A 64 -31.76 61.92 0.75
C THR A 64 -32.49 60.96 1.67
N HIS A 65 -33.75 60.69 1.34
CA HIS A 65 -34.59 59.69 1.99
C HIS A 65 -35.06 58.57 1.00
N LEU A 66 -34.63 58.66 -0.27
CA LEU A 66 -34.91 57.71 -1.33
C LEU A 66 -33.70 56.81 -1.46
N PHE A 67 -33.92 55.49 -1.48
CA PHE A 67 -32.83 54.53 -1.56
C PHE A 67 -33.13 53.44 -2.58
N LYS A 68 -32.09 52.96 -3.27
CA LYS A 68 -32.21 51.88 -4.22
C LYS A 68 -31.96 50.58 -3.44
N ILE A 69 -32.93 49.66 -3.37
CA ILE A 69 -32.74 48.40 -2.64
C ILE A 69 -32.14 47.36 -3.58
N THR A 70 -32.74 47.23 -4.77
CA THR A 70 -32.28 46.39 -5.88
C THR A 70 -32.35 47.28 -7.17
N GLU A 71 -31.99 46.75 -8.37
CA GLU A 71 -32.10 47.51 -9.62
C GLU A 71 -33.54 47.95 -9.86
N ASN A 72 -34.50 47.05 -9.58
CA ASN A 72 -35.91 47.30 -9.82
C ASN A 72 -36.74 47.64 -8.59
N ILE A 73 -36.14 47.77 -7.40
CA ILE A 73 -36.87 48.11 -6.17
C ILE A 73 -36.23 49.32 -5.51
N GLY A 74 -37.04 50.32 -5.22
CA GLY A 74 -36.61 51.54 -4.54
C GLY A 74 -37.52 51.84 -3.37
N CYS A 75 -37.03 52.63 -2.40
CA CYS A 75 -37.86 52.95 -1.24
C CYS A 75 -37.71 54.37 -0.76
N VAL A 76 -38.68 54.83 0.00
CA VAL A 76 -38.61 56.10 0.67
C VAL A 76 -38.73 55.78 2.14
N MET A 77 -37.82 56.35 2.94
CA MET A 77 -37.80 56.17 4.38
C MET A 77 -38.28 57.41 5.12
N THR A 78 -39.16 57.22 6.09
CA THR A 78 -39.60 58.34 6.94
C THR A 78 -39.30 57.96 8.39
N GLY A 79 -38.83 58.92 9.18
CA GLY A 79 -38.52 58.66 10.58
C GLY A 79 -37.09 58.98 10.94
N MET A 80 -36.58 58.28 11.97
CA MET A 80 -35.21 58.44 12.46
C MET A 80 -34.21 58.00 11.41
N THR A 81 -33.33 58.92 11.01
CA THR A 81 -32.37 58.73 9.93
C THR A 81 -31.45 57.49 10.06
N ALA A 82 -30.66 57.34 11.14
CA ALA A 82 -29.78 56.19 11.29
C ALA A 82 -30.55 54.83 11.31
N ASP A 83 -31.74 54.79 11.99
CA ASP A 83 -32.65 53.64 12.03
C ASP A 83 -33.09 53.28 10.61
N SER A 84 -33.41 54.31 9.81
CA SER A 84 -33.83 54.16 8.43
C SER A 84 -32.71 53.61 7.59
N ARG A 85 -31.48 54.15 7.72
CA ARG A 85 -30.32 53.68 6.96
C ARG A 85 -29.93 52.25 7.31
N SER A 86 -30.20 51.81 8.54
CA SER A 86 -30.00 50.47 9.04
C SER A 86 -31.01 49.52 8.38
N GLN A 87 -32.29 49.94 8.31
CA GLN A 87 -33.38 49.18 7.70
C GLN A 87 -33.16 49.01 6.21
N VAL A 88 -32.71 50.06 5.51
CA VAL A 88 -32.38 50.00 4.08
C VAL A 88 -31.25 49.00 3.86
N GLN A 89 -30.23 49.02 4.73
CA GLN A 89 -29.11 48.09 4.64
C GLN A 89 -29.60 46.67 4.80
N ARG A 90 -30.49 46.43 5.77
CA ARG A 90 -31.06 45.12 5.96
C ARG A 90 -31.88 44.68 4.73
N ALA A 91 -32.70 45.59 4.17
CA ALA A 91 -33.51 45.32 2.98
C ALA A 91 -32.63 44.91 1.80
N ARG A 92 -31.51 45.63 1.59
CA ARG A 92 -30.54 45.35 0.53
C ARG A 92 -29.94 43.96 0.69
N TYR A 93 -29.63 43.56 1.94
CA TYR A 93 -29.06 42.25 2.23
C TYR A 93 -30.10 41.15 1.96
N GLU A 94 -31.31 41.30 2.48
CA GLU A 94 -32.38 40.32 2.34
C GLU A 94 -32.75 40.08 0.88
N ALA A 95 -32.72 41.15 0.07
CA ALA A 95 -33.04 41.09 -1.35
C ALA A 95 -31.96 40.31 -2.10
N ALA A 96 -30.67 40.60 -1.81
CA ALA A 96 -29.53 39.94 -2.45
C ALA A 96 -29.49 38.47 -2.07
N ASN A 97 -29.75 38.17 -0.79
CA ASN A 97 -29.76 36.82 -0.26
C ASN A 97 -30.91 36.00 -0.90
N TRP A 98 -32.06 36.65 -1.16
CA TRP A 98 -33.20 35.99 -1.79
C TRP A 98 -32.83 35.50 -3.17
N LYS A 99 -32.21 36.37 -3.99
CA LYS A 99 -31.80 35.98 -5.32
C LYS A 99 -30.75 34.88 -5.29
N TYR A 100 -29.83 34.92 -4.33
CA TYR A 100 -28.81 33.88 -4.20
C TYR A 100 -29.41 32.48 -3.91
N LYS A 101 -30.41 32.40 -3.04
CA LYS A 101 -31.00 31.13 -2.67
C LYS A 101 -32.04 30.65 -3.64
N TYR A 102 -32.82 31.58 -4.26
CA TYR A 102 -33.97 31.19 -5.06
C TYR A 102 -33.82 31.37 -6.56
N GLY A 103 -32.81 32.10 -6.99
CA GLY A 103 -32.53 32.26 -8.40
C GLY A 103 -33.43 33.16 -9.19
N TYR A 104 -34.25 33.95 -8.48
CA TYR A 104 -35.12 34.95 -9.08
C TYR A 104 -35.11 36.19 -8.20
N GLU A 105 -35.64 37.30 -8.70
CA GLU A 105 -35.62 38.54 -7.93
C GLU A 105 -36.76 38.63 -6.91
N ILE A 106 -36.44 39.03 -5.68
CA ILE A 106 -37.41 39.14 -4.60
C ILE A 106 -38.60 40.04 -4.97
N PRO A 107 -39.83 39.48 -4.94
CA PRO A 107 -41.03 40.32 -5.18
C PRO A 107 -41.15 41.39 -4.09
N VAL A 108 -41.62 42.61 -4.46
CA VAL A 108 -41.78 43.75 -3.55
C VAL A 108 -42.56 43.41 -2.26
N ASP A 109 -43.64 42.63 -2.39
CA ASP A 109 -44.44 42.24 -1.21
C ASP A 109 -43.66 41.35 -0.26
N MET A 110 -42.81 40.47 -0.79
CA MET A 110 -41.99 39.55 -0.01
C MET A 110 -40.90 40.28 0.74
N LEU A 111 -40.28 41.29 0.10
CA LEU A 111 -39.25 42.07 0.75
C LEU A 111 -39.88 42.88 1.89
N CYS A 112 -41.06 43.45 1.65
CA CYS A 112 -41.79 44.21 2.64
C CYS A 112 -42.20 43.30 3.80
N LYS A 113 -42.76 42.11 3.50
CA LYS A 113 -43.15 41.15 4.51
C LYS A 113 -41.96 40.77 5.40
N ARG A 114 -40.79 40.53 4.77
CA ARG A 114 -39.56 40.16 5.46
C ARG A 114 -39.08 41.27 6.44
N ILE A 115 -39.06 42.53 5.98
CA ILE A 115 -38.66 43.64 6.83
C ILE A 115 -39.65 43.79 8.00
N ALA A 116 -40.95 43.64 7.71
CA ALA A 116 -42.02 43.69 8.70
C ALA A 116 -41.83 42.57 9.74
N ASP A 117 -41.43 41.36 9.31
CA ASP A 117 -41.19 40.21 10.18
C ASP A 117 -40.01 40.44 11.13
N ILE A 118 -38.94 41.07 10.63
CA ILE A 118 -37.76 41.40 11.42
C ILE A 118 -38.17 42.41 12.48
N SER A 119 -38.98 43.44 12.10
CA SER A 119 -39.50 44.50 12.97
C SER A 119 -40.40 43.95 14.09
N GLN A 120 -41.19 42.92 13.79
CA GLN A 120 -42.05 42.25 14.77
C GLN A 120 -41.24 41.69 15.91
N VAL A 121 -40.01 41.24 15.67
CA VAL A 121 -39.16 40.69 16.72
C VAL A 121 -38.88 41.73 17.80
N TYR A 122 -38.56 42.95 17.39
CA TYR A 122 -38.29 44.06 18.33
C TYR A 122 -39.49 44.37 19.25
N THR A 123 -40.70 44.11 18.73
CA THR A 123 -42.05 44.27 19.29
C THR A 123 -42.35 43.23 20.39
N GLN A 124 -41.68 42.03 20.33
CA GLN A 124 -41.86 40.88 21.22
C GLN A 124 -40.70 40.60 22.17
N ASN A 125 -39.45 40.96 21.78
CA ASN A 125 -38.25 40.78 22.61
C ASN A 125 -37.95 42.08 23.37
N ALA A 126 -37.67 42.02 24.66
CA ALA A 126 -37.54 43.25 25.48
C ALA A 126 -36.22 44.02 25.39
N GLU A 127 -35.07 43.35 25.13
CA GLU A 127 -33.73 43.94 25.13
C GLU A 127 -33.45 45.03 24.11
N MET A 128 -34.29 45.15 23.10
CA MET A 128 -34.07 46.15 22.07
C MET A 128 -35.34 46.92 21.75
N ARG A 129 -35.17 48.15 21.24
CA ARG A 129 -36.30 48.98 20.87
C ARG A 129 -36.70 48.81 19.42
N PRO A 130 -37.98 49.03 19.08
CA PRO A 130 -38.35 49.04 17.65
C PRO A 130 -37.61 50.20 16.93
N LEU A 131 -37.48 50.15 15.59
CA LEU A 131 -36.87 51.25 14.87
C LEU A 131 -37.94 52.37 14.70
N GLY A 132 -37.57 53.60 15.01
CA GLY A 132 -38.48 54.73 14.86
C GLY A 132 -38.54 55.17 13.41
N CYS A 133 -38.85 54.24 12.49
CA CYS A 133 -38.88 54.52 11.08
C CYS A 133 -39.94 53.69 10.33
N CYS A 134 -40.23 54.11 9.10
CA CYS A 134 -41.29 53.60 8.24
C CYS A 134 -40.70 53.38 6.84
N MET A 135 -40.91 52.20 6.24
CA MET A 135 -40.37 51.90 4.91
C MET A 135 -41.47 51.76 3.87
N ILE A 136 -41.34 52.49 2.77
CA ILE A 136 -42.31 52.39 1.67
C ILE A 136 -41.54 51.94 0.44
N LEU A 137 -41.84 50.75 -0.09
CA LEU A 137 -41.13 50.23 -1.27
C LEU A 137 -42.00 50.28 -2.51
N ILE A 138 -41.36 50.48 -3.68
CA ILE A 138 -42.00 50.50 -4.99
C ILE A 138 -41.25 49.58 -5.97
N GLY A 139 -41.96 49.06 -6.96
CA GLY A 139 -41.38 48.18 -7.96
C GLY A 139 -42.43 47.60 -8.88
N ILE A 140 -42.01 47.14 -10.06
CA ILE A 140 -42.93 46.53 -11.02
C ILE A 140 -42.86 45.01 -10.92
N ASP A 141 -44.00 44.38 -10.60
CA ASP A 141 -44.14 42.93 -10.53
C ASP A 141 -44.49 42.41 -11.93
N GLU A 142 -43.80 41.34 -12.31
CA GLU A 142 -43.91 40.65 -13.59
C GLU A 142 -45.33 40.20 -13.90
N GLU A 143 -46.07 39.72 -12.89
CA GLU A 143 -47.42 39.22 -13.10
C GLU A 143 -48.48 40.21 -12.65
N GLN A 144 -48.20 40.96 -11.56
CA GLN A 144 -49.13 41.85 -10.87
C GLN A 144 -49.06 43.37 -11.17
N GLY A 145 -48.08 43.82 -11.94
CA GLY A 145 -47.97 45.24 -12.27
C GLY A 145 -47.31 46.09 -11.22
N PRO A 146 -47.45 47.44 -11.27
CA PRO A 146 -46.78 48.29 -10.28
C PRO A 146 -47.25 48.07 -8.85
N GLN A 147 -46.31 48.08 -7.88
CA GLN A 147 -46.61 47.82 -6.47
C GLN A 147 -46.09 48.90 -5.52
N VAL A 148 -46.90 49.25 -4.50
CA VAL A 148 -46.58 50.18 -3.42
C VAL A 148 -46.83 49.42 -2.12
N TYR A 149 -45.80 49.19 -1.31
CA TYR A 149 -45.94 48.46 -0.06
C TYR A 149 -45.38 49.27 1.12
N LYS A 150 -45.97 49.15 2.31
CA LYS A 150 -45.46 49.91 3.47
C LYS A 150 -45.36 49.01 4.67
N CYS A 151 -44.30 49.17 5.50
CA CYS A 151 -44.19 48.43 6.76
C CYS A 151 -43.95 49.38 7.96
N ASP A 152 -44.35 48.95 9.15
CA ASP A 152 -44.40 49.69 10.41
C ASP A 152 -43.37 49.33 11.46
N PRO A 153 -43.10 50.23 12.43
CA PRO A 153 -42.35 49.82 13.63
C PRO A 153 -43.10 48.74 14.45
N ALA A 154 -44.37 48.53 14.17
CA ALA A 154 -45.23 47.52 14.79
C ALA A 154 -45.06 46.13 14.20
N GLY A 155 -44.56 46.06 12.98
CA GLY A 155 -44.41 44.81 12.25
C GLY A 155 -45.55 44.57 11.28
N TYR A 156 -46.47 45.54 11.14
CA TYR A 156 -47.56 45.44 10.19
C TYR A 156 -47.00 45.78 8.80
N TYR A 157 -47.64 45.28 7.76
CA TYR A 157 -47.28 45.61 6.40
C TYR A 157 -48.50 45.45 5.52
N CYS A 158 -48.55 46.21 4.43
CA CYS A 158 -49.68 46.14 3.50
C CYS A 158 -49.32 46.69 2.13
N GLY A 159 -50.12 46.31 1.14
CA GLY A 159 -50.06 46.83 -0.22
C GLY A 159 -51.05 47.97 -0.35
N PHE A 160 -50.75 48.98 -1.19
CA PHE A 160 -51.62 50.15 -1.30
C PHE A 160 -51.76 50.71 -2.72
N LYS A 161 -52.89 51.40 -2.94
CA LYS A 161 -53.18 52.14 -4.17
C LYS A 161 -52.41 53.50 -4.12
N ALA A 162 -52.31 54.08 -2.93
CA ALA A 162 -51.60 55.29 -2.57
C ALA A 162 -51.44 55.26 -1.05
N THR A 163 -50.35 55.80 -0.52
CA THR A 163 -50.10 55.83 0.91
C THR A 163 -49.23 57.03 1.29
N ALA A 164 -49.10 57.29 2.61
CA ALA A 164 -48.31 58.38 3.14
C ALA A 164 -47.62 57.98 4.46
N ALA A 165 -46.63 58.76 4.91
CA ALA A 165 -45.97 58.53 6.19
C ALA A 165 -45.46 59.87 6.73
N GLY A 166 -45.23 59.95 8.03
CA GLY A 166 -44.68 61.15 8.65
C GLY A 166 -45.66 62.05 9.36
N VAL A 167 -45.27 63.33 9.48
CA VAL A 167 -46.06 64.33 10.19
C VAL A 167 -47.49 64.47 9.64
N LYS A 168 -47.62 64.56 8.31
CA LYS A 168 -48.92 64.76 7.70
C LYS A 168 -49.50 63.52 7.02
N GLN A 169 -49.26 62.32 7.58
CA GLN A 169 -49.78 61.06 7.03
C GLN A 169 -51.32 61.06 6.96
N THR A 170 -52.00 61.48 8.06
CA THR A 170 -53.46 61.48 8.18
C THR A 170 -54.11 62.44 7.19
N GLU A 171 -53.46 63.60 6.96
CA GLU A 171 -53.93 64.62 6.04
C GLU A 171 -53.70 64.21 4.59
N SER A 172 -52.56 63.54 4.33
CA SER A 172 -52.23 63.09 2.98
C SER A 172 -53.08 61.92 2.56
N THR A 173 -53.44 61.02 3.49
CA THR A 173 -54.32 59.91 3.15
C THR A 173 -55.75 60.40 2.93
N SER A 174 -56.19 61.42 3.71
CA SER A 174 -57.52 62.03 3.52
C SER A 174 -57.62 62.76 2.19
N PHE A 175 -56.49 63.25 1.64
CA PHE A 175 -56.44 63.90 0.33
C PHE A 175 -56.49 62.79 -0.72
N LEU A 176 -55.60 61.80 -0.61
CA LEU A 176 -55.46 60.71 -1.57
C LEU A 176 -56.71 59.87 -1.72
N GLU A 177 -57.48 59.64 -0.63
CA GLU A 177 -58.68 58.80 -0.74
C GLU A 177 -59.84 59.54 -1.45
N LYS A 178 -59.83 60.88 -1.43
CA LYS A 178 -60.83 61.66 -2.16
C LYS A 178 -60.45 61.67 -3.65
N LYS A 179 -59.15 61.84 -3.96
CA LYS A 179 -58.63 61.86 -5.34
C LYS A 179 -58.71 60.49 -6.02
N VAL A 180 -58.59 59.41 -5.24
CA VAL A 180 -58.69 58.05 -5.78
C VAL A 180 -60.18 57.71 -6.11
N LYS A 181 -61.13 58.28 -5.34
CA LYS A 181 -62.58 58.09 -5.55
C LYS A 181 -63.09 58.75 -6.85
N LYS A 182 -62.36 59.74 -7.38
CA LYS A 182 -62.75 60.42 -8.61
C LYS A 182 -62.34 59.61 -9.86
N LYS A 183 -62.95 59.93 -11.01
CA LYS A 183 -62.66 59.25 -12.28
C LYS A 183 -61.30 59.65 -12.85
N PHE A 184 -60.35 58.70 -12.93
CA PHE A 184 -59.00 58.99 -13.41
C PHE A 184 -58.39 57.90 -14.28
N ASP A 185 -57.75 58.27 -15.39
CA ASP A 185 -56.99 57.33 -16.22
C ASP A 185 -55.55 57.59 -15.79
N TRP A 186 -55.09 56.87 -14.74
CA TRP A 186 -53.82 57.08 -14.05
C TRP A 186 -52.55 56.91 -14.87
N THR A 187 -52.23 57.92 -15.67
CA THR A 187 -51.03 57.98 -16.49
C THR A 187 -49.83 58.34 -15.61
N PHE A 188 -48.59 58.20 -16.13
CA PHE A 188 -47.37 58.54 -15.39
C PHE A 188 -47.43 59.99 -14.85
N GLU A 189 -47.87 60.90 -15.71
CA GLU A 189 -48.00 62.32 -15.47
C GLU A 189 -49.02 62.63 -14.37
N GLN A 190 -50.12 61.89 -14.36
CA GLN A 190 -51.18 62.05 -13.37
C GLN A 190 -50.77 61.46 -12.01
N THR A 191 -49.98 60.37 -12.01
CA THR A 191 -49.51 59.73 -10.78
C THR A 191 -48.45 60.61 -10.12
N VAL A 192 -47.55 61.21 -10.93
CA VAL A 192 -46.51 62.09 -10.42
C VAL A 192 -47.12 63.40 -9.87
N GLU A 193 -48.02 64.04 -10.63
CA GLU A 193 -48.64 65.29 -10.19
C GLU A 193 -49.44 65.10 -8.92
N THR A 194 -50.19 63.99 -8.80
CA THR A 194 -51.01 63.72 -7.62
C THR A 194 -50.17 63.65 -6.36
N ALA A 195 -49.00 63.04 -6.46
CA ALA A 195 -48.08 62.89 -5.34
C ALA A 195 -47.51 64.25 -4.95
N ILE A 196 -47.12 65.07 -5.95
CA ILE A 196 -46.56 66.39 -5.69
C ILE A 196 -47.60 67.36 -5.09
N THR A 197 -48.77 67.47 -5.71
CA THR A 197 -49.82 68.35 -5.19
C THR A 197 -50.49 67.80 -3.93
N CYS A 198 -50.21 66.54 -3.53
CA CYS A 198 -50.72 65.99 -2.28
C CYS A 198 -49.83 66.57 -1.17
N LEU A 199 -48.51 66.49 -1.34
CA LEU A 199 -47.54 66.99 -0.38
C LEU A 199 -47.62 68.53 -0.30
N SER A 200 -47.79 69.18 -1.45
CA SER A 200 -47.87 70.63 -1.54
C SER A 200 -49.11 71.21 -0.83
N THR A 201 -50.30 70.62 -1.06
CA THR A 201 -51.55 71.07 -0.44
C THR A 201 -51.63 70.79 1.06
N VAL A 202 -50.99 69.72 1.49
CA VAL A 202 -50.98 69.27 2.88
C VAL A 202 -50.00 70.11 3.71
N LEU A 203 -48.86 70.48 3.12
CA LEU A 203 -47.88 71.34 3.81
C LEU A 203 -48.13 72.83 3.57
N SER A 204 -49.02 73.17 2.60
CA SER A 204 -49.37 74.52 2.19
C SER A 204 -48.11 75.23 1.71
N ILE A 205 -47.35 74.57 0.83
CA ILE A 205 -46.08 75.06 0.30
C ILE A 205 -45.99 74.91 -1.21
N ASP A 206 -45.61 75.98 -1.92
CA ASP A 206 -45.40 75.91 -3.36
C ASP A 206 -43.95 75.48 -3.52
N PHE A 207 -43.74 74.25 -3.97
CA PHE A 207 -42.41 73.69 -4.04
C PHE A 207 -41.49 74.26 -5.12
N LYS A 208 -40.19 74.18 -4.83
CA LYS A 208 -39.06 74.51 -5.68
C LYS A 208 -38.36 73.14 -5.97
N PRO A 209 -37.67 72.99 -7.11
CA PRO A 209 -37.02 71.67 -7.41
C PRO A 209 -36.18 71.06 -6.29
N SER A 210 -35.36 71.86 -5.62
CA SER A 210 -34.49 71.43 -4.52
C SER A 210 -35.24 71.13 -3.20
N GLU A 211 -36.52 71.52 -3.10
CA GLU A 211 -37.31 71.34 -1.87
C GLU A 211 -37.93 69.94 -1.72
N ILE A 212 -38.03 69.17 -2.79
CA ILE A 212 -38.56 67.81 -2.75
C ILE A 212 -37.64 66.83 -3.52
N GLU A 213 -37.90 65.51 -3.42
CA GLU A 213 -37.20 64.48 -4.17
C GLU A 213 -38.21 63.42 -4.64
N VAL A 214 -38.08 62.96 -5.88
CA VAL A 214 -39.03 62.02 -6.48
C VAL A 214 -38.32 60.76 -7.03
N GLY A 215 -38.86 59.58 -6.70
CA GLY A 215 -38.36 58.29 -7.18
C GLY A 215 -39.44 57.56 -7.95
N VAL A 216 -39.10 56.85 -9.05
CA VAL A 216 -40.12 56.21 -9.88
C VAL A 216 -39.69 54.86 -10.54
N VAL A 217 -40.70 54.01 -10.81
CA VAL A 217 -40.56 52.71 -11.49
C VAL A 217 -41.71 52.63 -12.51
N THR A 218 -41.39 52.29 -13.77
CA THR A 218 -42.38 52.24 -14.89
C THR A 218 -42.40 50.81 -15.49
N VAL A 219 -43.50 50.35 -16.13
CA VAL A 219 -43.45 49.03 -16.79
C VAL A 219 -42.47 49.13 -18.00
N GLU A 220 -42.37 50.31 -18.67
CA GLU A 220 -41.46 50.59 -19.77
C GLU A 220 -40.01 50.56 -19.29
N ASN A 221 -39.72 51.22 -18.15
CA ASN A 221 -38.39 51.22 -17.54
C ASN A 221 -38.56 50.85 -16.07
N PRO A 222 -38.52 49.55 -15.74
CA PRO A 222 -38.74 49.14 -14.34
C PRO A 222 -37.59 49.40 -13.38
N LYS A 223 -36.39 49.77 -13.87
CA LYS A 223 -35.26 50.11 -13.00
C LYS A 223 -35.61 51.35 -12.20
N PHE A 224 -35.36 51.32 -10.89
CA PHE A 224 -35.65 52.44 -9.99
C PHE A 224 -34.87 53.68 -10.42
N ARG A 225 -35.61 54.74 -10.70
CA ARG A 225 -35.05 55.98 -11.21
C ARG A 225 -35.32 57.18 -10.27
N ILE A 226 -34.25 57.89 -9.88
CA ILE A 226 -34.39 59.08 -9.07
C ILE A 226 -34.37 60.32 -9.99
N LEU A 227 -35.38 61.18 -9.86
CA LEU A 227 -35.54 62.38 -10.70
C LEU A 227 -34.57 63.50 -10.39
N THR A 228 -34.03 64.13 -11.45
CA THR A 228 -33.11 65.26 -11.35
C THR A 228 -33.88 66.56 -11.02
N GLU A 229 -33.16 67.64 -10.61
CA GLU A 229 -33.80 68.92 -10.33
C GLU A 229 -34.54 69.45 -11.57
N ALA A 230 -33.98 69.20 -12.77
CA ALA A 230 -34.57 69.59 -14.04
C ALA A 230 -35.87 68.83 -14.33
N GLU A 231 -35.89 67.50 -14.11
CA GLU A 231 -37.08 66.66 -14.32
C GLU A 231 -38.17 66.96 -13.28
N ILE A 232 -37.77 67.31 -12.05
CA ILE A 232 -38.71 67.70 -11.00
C ILE A 232 -39.32 69.04 -11.38
N ASP A 233 -38.48 70.00 -11.81
CA ASP A 233 -38.87 71.32 -12.27
C ASP A 233 -39.88 71.22 -13.41
N ALA A 234 -39.66 70.26 -14.34
CA ALA A 234 -40.57 70.02 -15.46
C ALA A 234 -42.02 69.77 -14.98
N HIS A 235 -42.18 68.94 -13.94
CA HIS A 235 -43.49 68.65 -13.35
C HIS A 235 -44.02 69.83 -12.52
N LEU A 236 -43.13 70.59 -11.90
CA LEU A 236 -43.51 71.73 -11.09
C LEU A 236 -44.13 72.84 -11.96
N VAL A 237 -43.47 73.18 -13.10
CA VAL A 237 -43.97 74.21 -14.02
C VAL A 237 -45.26 73.79 -14.73
N ALA A 238 -45.52 72.49 -14.85
CA ALA A 238 -46.76 71.99 -15.44
C ALA A 238 -47.94 72.24 -14.48
N LEU A 239 -47.68 72.11 -13.16
CA LEU A 239 -48.66 72.32 -12.09
C LEU A 239 -48.99 73.81 -11.89
N ALA A 240 -48.05 74.71 -12.25
CA ALA A 240 -48.24 76.17 -12.19
C ALA A 240 -49.32 76.65 -13.16
N GLU A 241 -49.53 75.90 -14.26
CA GLU A 241 -50.52 76.23 -15.29
C GLU A 241 -51.97 75.97 -14.86
N GLY B 1 -29.24 39.14 25.57
CA GLY B 1 -30.65 38.84 25.82
C GLY B 1 -31.02 38.86 27.30
N TYR B 2 -32.33 38.95 27.59
CA TYR B 2 -32.80 38.95 28.97
C TYR B 2 -33.15 37.46 29.23
N SER B 3 -32.47 36.80 30.18
CA SER B 3 -32.70 35.37 30.41
C SER B 3 -33.77 35.03 31.44
N PHE B 4 -34.44 36.04 31.98
CA PHE B 4 -35.48 35.87 32.99
C PHE B 4 -36.86 35.95 32.35
N SER B 5 -37.86 35.33 32.96
CA SER B 5 -39.23 35.38 32.43
C SER B 5 -39.81 36.78 32.57
N LEU B 6 -40.57 37.21 31.57
CA LEU B 6 -41.31 38.48 31.66
C LEU B 6 -42.76 38.24 32.16
N THR B 7 -43.26 36.98 32.11
CA THR B 7 -44.54 36.53 32.62
C THR B 7 -44.26 35.78 33.92
N THR B 8 -44.86 36.24 35.03
CA THR B 8 -44.67 35.67 36.36
C THR B 8 -46.00 35.64 37.11
N PHE B 9 -46.09 34.79 38.14
CA PHE B 9 -47.30 34.68 38.95
C PHE B 9 -47.45 35.88 39.92
N SER B 10 -48.65 36.45 39.98
CA SER B 10 -48.99 37.53 40.90
C SER B 10 -49.33 36.87 42.27
N PRO B 11 -49.38 37.61 43.39
CA PRO B 11 -49.72 36.96 44.68
C PRO B 11 -51.03 36.17 44.66
N SER B 12 -51.99 36.56 43.78
CA SER B 12 -53.27 35.86 43.63
C SER B 12 -53.20 34.66 42.64
N GLY B 13 -51.99 34.24 42.26
CA GLY B 13 -51.75 33.11 41.37
C GLY B 13 -52.10 33.34 39.90
N LYS B 14 -52.00 34.59 39.43
CA LYS B 14 -52.33 34.88 38.04
C LYS B 14 -51.11 35.17 37.19
N LEU B 15 -51.19 34.80 35.90
CA LEU B 15 -50.10 35.10 34.96
C LEU B 15 -50.65 36.29 34.23
N VAL B 16 -50.46 37.47 34.83
CA VAL B 16 -51.01 38.74 34.41
C VAL B 16 -50.65 39.08 32.95
N GLN B 17 -49.45 38.73 32.47
CA GLN B 17 -49.08 38.99 31.07
C GLN B 17 -49.90 38.19 30.07
N ILE B 18 -50.39 37.01 30.46
CA ILE B 18 -51.26 36.22 29.57
C ILE B 18 -52.70 36.82 29.57
N GLU B 19 -53.14 37.37 30.71
CA GLU B 19 -54.44 38.04 30.85
C GLU B 19 -54.47 39.31 30.02
N TYR B 20 -53.36 40.05 29.97
CA TYR B 20 -53.23 41.26 29.16
C TYR B 20 -53.14 40.93 27.67
N ALA B 21 -52.51 39.79 27.31
CA ALA B 21 -52.44 39.31 25.93
C ALA B 21 -53.85 38.97 25.44
N LEU B 22 -54.68 38.35 26.31
CA LEU B 22 -56.08 38.04 26.04
C LEU B 22 -56.90 39.32 25.84
N ALA B 23 -56.52 40.43 26.48
CA ALA B 23 -57.19 41.71 26.28
C ALA B 23 -56.89 42.23 24.85
N ALA B 24 -55.68 41.99 24.33
CA ALA B 24 -55.31 42.34 22.96
C ALA B 24 -56.18 41.57 21.95
N VAL B 25 -56.48 40.30 22.25
CA VAL B 25 -57.33 39.44 21.43
C VAL B 25 -58.76 39.95 21.47
N ALA B 26 -59.26 40.25 22.67
CA ALA B 26 -60.60 40.79 22.92
C ALA B 26 -60.83 42.13 22.20
N GLY B 27 -59.76 42.91 21.97
CA GLY B 27 -59.86 44.16 21.24
C GLY B 27 -59.79 44.01 19.73
N GLY B 28 -59.35 42.83 19.26
CA GLY B 28 -59.18 42.51 17.84
C GLY B 28 -60.47 42.35 17.07
N ALA B 29 -60.38 42.37 15.73
CA ALA B 29 -61.55 42.24 14.86
C ALA B 29 -62.20 40.86 15.00
N PRO B 30 -63.54 40.80 14.89
CA PRO B 30 -64.21 39.52 15.05
C PRO B 30 -63.80 38.43 14.08
N SER B 31 -63.85 37.19 14.59
CA SER B 31 -63.54 35.95 13.87
C SER B 31 -64.53 34.88 14.32
N VAL B 32 -65.02 34.09 13.38
CA VAL B 32 -66.01 33.04 13.65
C VAL B 32 -65.51 31.73 13.03
N GLY B 33 -65.83 30.64 13.69
CA GLY B 33 -65.54 29.29 13.21
C GLY B 33 -66.75 28.42 13.42
N ILE B 34 -67.18 27.71 12.37
CA ILE B 34 -68.33 26.81 12.49
C ILE B 34 -68.02 25.48 11.85
N LYS B 35 -68.06 24.41 12.64
CA LYS B 35 -67.84 23.07 12.14
C LYS B 35 -69.16 22.44 11.72
N ALA B 36 -69.43 22.45 10.41
CA ALA B 36 -70.61 21.83 9.80
C ALA B 36 -70.39 20.28 9.74
N ALA B 37 -71.43 19.51 9.38
CA ALA B 37 -71.30 18.06 9.31
C ALA B 37 -70.28 17.63 8.28
N ASN B 38 -70.24 18.33 7.13
CA ASN B 38 -69.34 17.99 6.03
C ASN B 38 -68.25 19.00 5.72
N GLY B 39 -67.90 19.82 6.71
CA GLY B 39 -66.86 20.82 6.51
C GLY B 39 -66.74 21.82 7.63
N VAL B 40 -65.88 22.84 7.46
CA VAL B 40 -65.65 23.91 8.45
C VAL B 40 -65.59 25.26 7.73
N VAL B 41 -66.15 26.30 8.36
CA VAL B 41 -66.13 27.68 7.85
C VAL B 41 -65.32 28.54 8.80
N LEU B 42 -64.52 29.46 8.27
CA LEU B 42 -63.82 30.46 9.07
C LEU B 42 -64.13 31.78 8.41
N ALA B 43 -64.67 32.71 9.16
CA ALA B 43 -65.02 34.03 8.64
C ALA B 43 -64.44 35.12 9.53
N THR B 44 -63.99 36.20 8.92
CA THR B 44 -63.44 37.31 9.70
C THR B 44 -63.75 38.64 9.09
N GLU B 45 -63.77 39.66 9.94
CA GLU B 45 -63.99 41.02 9.53
C GLU B 45 -62.63 41.54 9.04
N LYS B 46 -62.49 41.74 7.74
CA LYS B 46 -61.27 42.25 7.16
C LYS B 46 -61.49 43.73 6.80
N LYS B 47 -61.89 44.53 7.80
CA LYS B 47 -62.16 45.95 7.57
C LYS B 47 -60.89 46.78 7.60
N GLN B 48 -60.70 47.59 6.54
CA GLN B 48 -59.54 48.45 6.35
C GLN B 48 -59.89 49.93 6.56
N LYS B 49 -59.00 50.67 7.24
CA LYS B 49 -59.13 52.08 7.60
C LYS B 49 -59.44 53.04 6.44
N SER B 50 -59.14 52.61 5.20
CA SER B 50 -59.29 53.43 4.00
C SER B 50 -59.51 52.60 2.73
N ILE B 51 -59.92 53.26 1.65
CA ILE B 51 -60.11 52.64 0.33
C ILE B 51 -58.74 52.38 -0.32
N LEU B 52 -57.72 53.20 0.03
CA LEU B 52 -56.33 53.15 -0.44
C LEU B 52 -55.61 51.83 -0.13
N TYR B 53 -56.15 51.02 0.78
CA TYR B 53 -55.53 49.74 1.11
C TYR B 53 -55.83 48.77 -0.04
N ASP B 54 -54.78 48.20 -0.67
CA ASP B 54 -54.93 47.20 -1.74
C ASP B 54 -55.35 45.94 -1.00
N GLU B 55 -56.68 45.72 -0.94
CA GLU B 55 -57.36 44.65 -0.20
C GLU B 55 -56.85 43.22 -0.44
N ARG B 56 -56.45 42.88 -1.67
CA ARG B 56 -55.98 41.53 -2.00
C ARG B 56 -54.47 41.32 -1.82
N SER B 57 -53.79 42.21 -1.09
CA SER B 57 -52.35 42.14 -0.90
C SER B 57 -51.97 41.26 0.28
N VAL B 58 -52.67 41.45 1.39
CA VAL B 58 -52.48 40.71 2.63
C VAL B 58 -53.80 39.95 2.98
N HIS B 59 -53.72 38.80 3.68
CA HIS B 59 -54.89 38.00 4.04
C HIS B 59 -54.91 37.65 5.53
N LYS B 60 -56.12 37.49 6.09
CA LYS B 60 -56.32 37.09 7.49
C LYS B 60 -56.60 35.57 7.54
N VAL B 61 -57.39 35.06 6.59
CA VAL B 61 -57.69 33.63 6.48
C VAL B 61 -56.56 33.03 5.64
N GLU B 62 -55.68 32.22 6.30
CA GLU B 62 -54.48 31.67 5.69
C GLU B 62 -54.38 30.14 5.62
N PRO B 63 -53.91 29.60 4.50
CA PRO B 63 -53.68 28.15 4.44
C PRO B 63 -52.38 27.77 5.16
N ILE B 64 -52.41 26.64 5.87
CA ILE B 64 -51.23 26.12 6.54
C ILE B 64 -50.63 25.02 5.66
N THR B 65 -51.48 24.12 5.19
CA THR B 65 -51.18 23.03 4.28
C THR B 65 -52.42 22.81 3.35
N LYS B 66 -52.48 21.73 2.57
CA LYS B 66 -53.60 21.52 1.66
C LYS B 66 -54.91 21.28 2.39
N HIS B 67 -54.87 20.81 3.64
CA HIS B 67 -56.08 20.47 4.38
C HIS B 67 -56.27 21.24 5.70
N ILE B 68 -55.39 22.21 6.01
CA ILE B 68 -55.50 22.98 7.25
C ILE B 68 -55.47 24.48 6.94
N GLY B 69 -56.31 25.22 7.67
CA GLY B 69 -56.44 26.66 7.51
C GLY B 69 -56.52 27.40 8.83
N LEU B 70 -56.29 28.71 8.80
CA LEU B 70 -56.21 29.51 10.01
C LEU B 70 -56.92 30.84 9.87
N VAL B 71 -57.32 31.40 11.01
CA VAL B 71 -57.81 32.75 11.20
C VAL B 71 -57.43 33.18 12.65
N TYR B 72 -57.58 34.45 13.00
CA TYR B 72 -57.15 34.93 14.33
C TYR B 72 -57.92 36.17 14.79
N SER B 73 -57.69 36.56 16.05
CA SER B 73 -58.14 37.83 16.60
C SER B 73 -56.97 38.35 17.45
N GLY B 74 -56.65 39.62 17.27
CA GLY B 74 -55.55 40.23 18.00
C GLY B 74 -54.51 40.85 17.11
N MET B 75 -53.24 40.63 17.44
CA MET B 75 -52.11 41.25 16.78
C MET B 75 -51.73 40.61 15.46
N GLY B 76 -51.94 41.35 14.38
CA GLY B 76 -51.61 40.90 13.03
C GLY B 76 -50.17 40.45 12.87
N PRO B 77 -49.16 41.27 13.28
CA PRO B 77 -47.76 40.84 13.14
C PRO B 77 -47.42 39.55 13.91
N ASP B 78 -47.96 39.40 15.13
CA ASP B 78 -47.75 38.17 15.93
C ASP B 78 -48.34 36.96 15.18
N TYR B 79 -49.50 37.14 14.54
CA TYR B 79 -50.18 36.12 13.77
C TYR B 79 -49.28 35.51 12.71
N ARG B 80 -48.63 36.36 11.89
CA ARG B 80 -47.73 35.95 10.81
C ARG B 80 -46.61 35.03 11.30
N VAL B 81 -46.11 35.27 12.54
CA VAL B 81 -45.08 34.45 13.18
C VAL B 81 -45.64 33.03 13.35
N LEU B 82 -46.85 32.94 13.90
CA LEU B 82 -47.51 31.66 14.13
C LEU B 82 -47.87 30.95 12.83
N VAL B 83 -48.26 31.69 11.76
CA VAL B 83 -48.55 31.06 10.47
C VAL B 83 -47.29 30.45 9.89
N HIS B 84 -46.17 31.20 9.87
CA HIS B 84 -44.91 30.66 9.38
C HIS B 84 -44.47 29.40 10.14
N ARG B 85 -44.55 29.44 11.47
CA ARG B 85 -44.19 28.32 12.32
C ARG B 85 -45.14 27.13 12.11
N ALA B 86 -46.45 27.36 11.95
CA ALA B 86 -47.45 26.31 11.72
C ALA B 86 -47.23 25.64 10.37
N ARG B 87 -46.95 26.41 9.32
CA ARG B 87 -46.65 25.88 8.00
C ARG B 87 -45.39 24.98 8.06
N LYS B 88 -44.35 25.47 8.76
CA LYS B 88 -43.08 24.77 8.95
C LYS B 88 -43.32 23.44 9.69
N LEU B 89 -43.98 23.47 10.88
CA LEU B 89 -44.30 22.28 11.69
C LEU B 89 -45.05 21.21 10.91
N ALA B 90 -45.97 21.64 10.01
CA ALA B 90 -46.77 20.74 9.18
C ALA B 90 -45.91 20.05 8.13
N GLN B 91 -44.86 20.73 7.67
CA GLN B 91 -43.92 20.16 6.70
C GLN B 91 -43.01 19.18 7.38
N GLN B 92 -42.56 19.46 8.63
CA GLN B 92 -41.72 18.51 9.36
C GLN B 92 -42.47 17.20 9.58
N TYR B 93 -43.74 17.28 9.97
CA TYR B 93 -44.58 16.08 10.19
C TYR B 93 -44.70 15.28 8.90
N TYR B 94 -44.95 15.97 7.79
CA TYR B 94 -45.05 15.33 6.49
C TYR B 94 -43.75 14.64 6.03
N LEU B 95 -42.58 15.25 6.26
CA LEU B 95 -41.31 14.64 5.89
C LEU B 95 -41.09 13.31 6.66
N VAL B 96 -41.39 13.30 7.95
CA VAL B 96 -41.22 12.12 8.77
C VAL B 96 -42.25 11.04 8.52
N TYR B 97 -43.57 11.35 8.55
CA TYR B 97 -44.61 10.33 8.46
C TYR B 97 -45.24 10.14 7.09
N GLN B 98 -44.92 10.99 6.11
CA GLN B 98 -45.42 10.87 4.74
C GLN B 98 -46.93 10.80 4.68
N GLU B 99 -47.58 11.59 5.52
CA GLU B 99 -49.02 11.64 5.66
C GLU B 99 -49.34 13.03 6.21
N PRO B 100 -50.40 13.70 5.67
CA PRO B 100 -50.78 15.03 6.17
C PRO B 100 -51.01 15.08 7.69
N ILE B 101 -50.50 16.14 8.33
CA ILE B 101 -50.61 16.28 9.77
C ILE B 101 -52.06 16.34 10.22
N PRO B 102 -52.44 15.47 11.18
CA PRO B 102 -53.79 15.58 11.75
C PRO B 102 -53.97 16.96 12.40
N THR B 103 -55.12 17.60 12.22
CA THR B 103 -55.45 18.94 12.76
C THR B 103 -55.11 19.07 14.23
N ALA B 104 -55.47 18.05 15.06
CA ALA B 104 -55.19 18.03 16.49
C ALA B 104 -53.67 18.06 16.76
N GLN B 105 -52.87 17.36 15.90
CA GLN B 105 -51.42 17.34 16.03
C GLN B 105 -50.82 18.68 15.71
N LEU B 106 -51.30 19.35 14.64
CA LEU B 106 -50.79 20.67 14.32
C LEU B 106 -51.12 21.66 15.46
N VAL B 107 -52.39 21.64 15.94
CA VAL B 107 -52.84 22.52 17.01
C VAL B 107 -51.98 22.35 18.26
N GLN B 108 -51.67 21.11 18.62
CA GLN B 108 -50.81 20.82 19.77
C GLN B 108 -49.37 21.38 19.62
N ARG B 109 -48.78 21.25 18.42
CA ARG B 109 -47.42 21.74 18.16
C ARG B 109 -47.37 23.28 18.17
N VAL B 110 -48.41 23.94 17.65
CA VAL B 110 -48.47 25.40 17.64
C VAL B 110 -48.79 25.94 19.05
N ALA B 111 -49.60 25.20 19.82
CA ALA B 111 -49.92 25.58 21.19
C ALA B 111 -48.66 25.55 22.07
N SER B 112 -47.71 24.63 21.78
CA SER B 112 -46.45 24.51 22.49
C SER B 112 -45.56 25.72 22.28
N VAL B 113 -45.54 26.22 21.03
CA VAL B 113 -44.78 27.43 20.70
C VAL B 113 -45.33 28.61 21.47
N MET B 114 -46.67 28.74 21.48
CA MET B 114 -47.34 29.79 22.21
C MET B 114 -47.04 29.70 23.72
N GLN B 115 -47.05 28.48 24.31
CA GLN B 115 -46.73 28.31 25.74
C GLN B 115 -45.30 28.78 26.03
N GLU B 116 -44.32 28.49 25.13
CA GLU B 116 -42.92 28.90 25.31
C GLU B 116 -42.80 30.39 25.57
N TYR B 117 -43.56 31.19 24.82
CA TYR B 117 -43.54 32.64 24.96
C TYR B 117 -44.20 33.17 26.23
N THR B 118 -44.66 32.30 27.11
CA THR B 118 -45.19 32.66 28.43
C THR B 118 -44.18 32.28 29.54
N GLN B 119 -43.02 31.66 29.22
CA GLN B 119 -42.05 31.22 30.22
C GLN B 119 -40.62 31.56 29.87
N SER B 120 -40.30 31.58 28.58
CA SER B 120 -38.96 31.87 28.08
C SER B 120 -38.53 33.27 28.41
N GLY B 121 -37.22 33.44 28.54
CA GLY B 121 -36.62 34.71 28.89
C GLY B 121 -36.76 35.85 27.91
N GLY B 122 -37.07 37.03 28.46
CA GLY B 122 -37.11 38.29 27.75
C GLY B 122 -38.10 38.45 26.62
N VAL B 123 -39.16 37.61 26.61
CA VAL B 123 -40.25 37.68 25.64
C VAL B 123 -41.63 37.82 26.36
N ARG B 124 -42.58 38.47 25.67
CA ARG B 124 -43.96 38.60 26.12
C ARG B 124 -44.78 37.55 25.32
N PRO B 125 -45.96 37.14 25.83
CA PRO B 125 -46.76 36.16 25.07
C PRO B 125 -47.31 36.74 23.75
N PHE B 126 -47.84 35.87 22.87
CA PHE B 126 -48.46 36.34 21.64
C PHE B 126 -49.83 36.98 22.01
N GLY B 127 -50.16 38.10 21.38
CA GLY B 127 -51.44 38.76 21.62
C GLY B 127 -52.41 38.31 20.55
N VAL B 128 -52.48 37.00 20.32
CA VAL B 128 -53.27 36.36 19.29
C VAL B 128 -53.95 35.09 19.79
N SER B 129 -55.19 34.88 19.36
CA SER B 129 -55.90 33.62 19.55
C SER B 129 -56.12 33.12 18.14
N LEU B 130 -55.81 31.84 17.88
CA LEU B 130 -55.98 31.29 16.53
C LEU B 130 -57.23 30.41 16.44
N LEU B 131 -57.79 30.31 15.24
CA LEU B 131 -58.91 29.41 14.97
C LEU B 131 -58.43 28.56 13.80
N ILE B 132 -58.09 27.30 14.09
CA ILE B 132 -57.53 26.38 13.12
C ILE B 132 -58.60 25.37 12.68
N CYS B 133 -58.80 25.20 11.35
CA CYS B 133 -59.74 24.22 10.79
C CYS B 133 -58.99 23.15 9.97
N GLY B 134 -59.55 21.93 9.90
CA GLY B 134 -58.95 20.82 9.17
C GLY B 134 -59.82 19.61 8.85
N TRP B 135 -59.35 18.69 8.00
CA TRP B 135 -60.11 17.49 7.62
C TRP B 135 -59.11 16.37 7.55
N ASN B 136 -59.25 15.25 8.34
CA ASN B 136 -58.21 14.21 8.23
C ASN B 136 -58.70 12.75 8.26
N GLU B 137 -59.48 12.33 9.29
CA GLU B 137 -59.91 10.93 9.30
C GLU B 137 -60.97 10.79 8.18
N GLY B 138 -62.16 11.26 8.45
CA GLY B 138 -63.22 11.41 7.48
C GLY B 138 -64.16 12.47 8.04
N ARG B 139 -63.57 13.46 8.77
CA ARG B 139 -64.35 14.44 9.49
C ARG B 139 -63.69 15.82 9.64
N PRO B 140 -64.54 16.85 9.83
CA PRO B 140 -64.01 18.22 9.98
C PRO B 140 -63.54 18.50 11.41
N TYR B 141 -62.63 19.46 11.57
CA TYR B 141 -62.04 19.80 12.87
C TYR B 141 -61.91 21.29 13.03
N LEU B 142 -62.27 21.82 14.21
CA LEU B 142 -62.16 23.24 14.51
C LEU B 142 -61.58 23.40 15.90
N PHE B 143 -60.46 24.12 16.00
CA PHE B 143 -59.79 24.32 17.29
C PHE B 143 -59.50 25.79 17.54
N GLN B 144 -59.45 26.17 18.82
CA GLN B 144 -59.05 27.49 19.24
C GLN B 144 -57.75 27.31 20.03
N SER B 145 -56.74 28.18 19.82
CA SER B 145 -55.48 28.10 20.59
C SER B 145 -55.24 29.51 21.08
N ASP B 146 -55.19 29.71 22.41
CA ASP B 146 -55.12 31.06 22.97
C ASP B 146 -53.69 31.43 23.47
N PRO B 147 -53.45 32.72 23.83
CA PRO B 147 -52.09 33.15 24.22
C PRO B 147 -51.33 32.36 25.29
N SER B 148 -52.02 31.66 26.21
CA SER B 148 -51.34 30.85 27.24
C SER B 148 -50.72 29.54 26.67
N GLY B 149 -51.24 29.07 25.54
CA GLY B 149 -50.86 27.80 24.95
C GLY B 149 -51.91 26.72 25.17
N ALA B 150 -53.14 27.10 25.55
CA ALA B 150 -54.22 26.15 25.77
C ALA B 150 -55.08 26.05 24.53
N TYR B 151 -55.57 24.85 24.23
CA TYR B 151 -56.39 24.65 23.05
C TYR B 151 -57.72 23.99 23.37
N PHE B 152 -58.73 24.23 22.51
CA PHE B 152 -60.10 23.75 22.69
C PHE B 152 -60.71 23.31 21.38
N ALA B 153 -61.36 22.14 21.34
CA ALA B 153 -62.07 21.72 20.12
C ALA B 153 -63.47 22.34 20.19
N TRP B 154 -63.88 23.02 19.11
CA TRP B 154 -65.19 23.68 19.08
C TRP B 154 -66.11 23.17 17.97
N LYS B 155 -67.41 23.19 18.24
CA LYS B 155 -68.44 22.93 17.25
C LYS B 155 -68.65 24.27 16.51
N ALA B 156 -68.64 25.40 17.23
CA ALA B 156 -68.75 26.75 16.71
C ALA B 156 -68.23 27.72 17.79
N THR B 157 -67.59 28.84 17.40
CA THR B 157 -67.09 29.84 18.36
C THR B 157 -66.82 31.21 17.70
N ALA B 158 -66.71 32.27 18.53
CA ALA B 158 -66.39 33.63 18.10
C ALA B 158 -65.21 34.18 18.91
N MET B 159 -64.42 35.08 18.32
CA MET B 159 -63.29 35.71 19.02
C MET B 159 -63.20 37.20 18.65
N GLY B 160 -62.62 38.00 19.54
CA GLY B 160 -62.43 39.42 19.29
C GLY B 160 -63.56 40.27 19.77
N LYS B 161 -63.77 41.44 19.14
CA LYS B 161 -64.84 42.38 19.50
C LYS B 161 -66.21 41.69 19.46
N ASN B 162 -67.02 41.92 20.51
CA ASN B 162 -68.36 41.35 20.68
C ASN B 162 -68.40 39.81 20.60
N TYR B 163 -67.35 39.14 21.10
CA TYR B 163 -67.31 37.67 21.06
C TYR B 163 -68.32 37.00 22.00
N VAL B 164 -68.60 37.58 23.19
CA VAL B 164 -69.54 36.93 24.12
C VAL B 164 -70.95 36.87 23.51
N ASN B 165 -71.34 37.89 22.74
CA ASN B 165 -72.62 37.94 22.08
C ASN B 165 -72.66 37.05 20.83
N GLY B 166 -71.52 36.94 20.13
CA GLY B 166 -71.40 36.09 18.97
C GLY B 166 -71.58 34.63 19.34
N LYS B 167 -71.04 34.24 20.50
CA LYS B 167 -71.15 32.87 21.01
C LYS B 167 -72.60 32.54 21.43
N THR B 168 -73.37 33.53 21.94
CA THR B 168 -74.77 33.28 22.29
C THR B 168 -75.60 33.11 21.01
N PHE B 169 -75.31 33.95 20.00
CA PHE B 169 -75.94 33.90 18.70
C PHE B 169 -75.69 32.55 18.04
N LEU B 170 -74.46 32.03 18.14
CA LEU B 170 -74.08 30.71 17.59
C LEU B 170 -74.73 29.57 18.37
N GLU B 171 -74.83 29.72 19.71
CA GLU B 171 -75.44 28.74 20.61
C GLU B 171 -76.86 28.39 20.16
N LYS B 172 -77.65 29.40 19.78
CA LYS B 172 -79.02 29.16 19.35
C LYS B 172 -79.16 28.82 17.85
N ARG B 173 -78.14 29.07 17.03
CA ARG B 173 -78.22 28.75 15.59
C ARG B 173 -77.43 27.51 15.16
N TYR B 174 -76.68 26.88 16.07
CA TYR B 174 -75.91 25.70 15.71
C TYR B 174 -76.75 24.42 15.77
N ASN B 175 -76.61 23.60 14.73
CA ASN B 175 -77.22 22.26 14.63
C ASN B 175 -76.05 21.35 14.21
N GLU B 176 -75.79 20.25 14.93
CA GLU B 176 -74.67 19.36 14.60
C GLU B 176 -74.73 18.81 13.15
N ASP B 177 -75.96 18.71 12.60
CA ASP B 177 -76.26 18.22 11.27
C ASP B 177 -76.38 19.31 10.17
N LEU B 178 -75.60 20.39 10.27
CA LEU B 178 -75.61 21.47 9.28
C LEU B 178 -74.82 21.11 8.03
N GLU B 179 -75.18 21.69 6.89
CA GLU B 179 -74.39 21.54 5.66
C GLU B 179 -73.42 22.71 5.63
N LEU B 180 -72.25 22.54 4.99
CA LEU B 180 -71.24 23.58 4.83
C LEU B 180 -71.82 24.89 4.27
N GLU B 181 -72.71 24.81 3.25
CA GLU B 181 -73.33 26.01 2.67
C GLU B 181 -74.24 26.74 3.68
N ASP B 182 -74.89 26.00 4.58
CA ASP B 182 -75.75 26.59 5.61
C ASP B 182 -74.92 27.20 6.73
N ALA B 183 -73.75 26.59 7.06
CA ALA B 183 -72.85 27.10 8.10
C ALA B 183 -72.16 28.38 7.65
N ILE B 184 -71.86 28.51 6.31
CA ILE B 184 -71.23 29.71 5.73
C ILE B 184 -72.19 30.89 5.94
N HIS B 185 -73.47 30.68 5.64
CA HIS B 185 -74.54 31.64 5.83
C HIS B 185 -74.61 32.11 7.28
N THR B 186 -74.65 31.18 8.26
CA THR B 186 -74.74 31.62 9.67
C THR B 186 -73.41 32.18 10.21
N ALA B 187 -72.28 31.92 9.53
CA ALA B 187 -70.99 32.48 9.93
C ALA B 187 -70.97 33.96 9.55
N ILE B 188 -71.44 34.30 8.35
CA ILE B 188 -71.56 35.68 7.92
C ILE B 188 -72.60 36.41 8.82
N LEU B 189 -73.65 35.69 9.27
CA LEU B 189 -74.67 36.26 10.16
C LEU B 189 -74.09 36.61 11.51
N THR B 190 -73.17 35.76 12.03
CA THR B 190 -72.54 36.03 13.32
C THR B 190 -71.70 37.29 13.24
N LEU B 191 -70.98 37.48 12.12
CA LEU B 191 -70.17 38.66 11.89
C LEU B 191 -71.04 39.91 11.75
N LYS B 192 -72.20 39.79 11.09
CA LYS B 192 -73.13 40.88 10.87
C LYS B 192 -73.64 41.49 12.19
N GLU B 193 -73.73 40.66 13.25
CA GLU B 193 -74.19 41.06 14.58
C GLU B 193 -73.35 42.20 15.16
N SER B 194 -72.03 42.13 14.96
CA SER B 194 -71.11 43.13 15.48
C SER B 194 -70.44 43.99 14.39
N PHE B 195 -70.78 43.78 13.12
CA PHE B 195 -70.18 44.55 12.03
C PHE B 195 -70.75 45.96 11.99
N GLU B 196 -69.87 46.97 12.00
CA GLU B 196 -70.28 48.38 11.93
C GLU B 196 -70.11 48.94 10.50
N GLY B 197 -71.19 49.01 9.74
CA GLY B 197 -71.15 49.51 8.38
C GLY B 197 -71.79 48.56 7.38
N GLN B 198 -71.54 48.80 6.10
CA GLN B 198 -72.09 47.94 5.04
C GLN B 198 -71.08 46.84 4.67
N MET B 199 -71.49 45.61 4.92
CA MET B 199 -70.70 44.43 4.67
C MET B 199 -70.71 44.07 3.19
N THR B 200 -69.54 44.15 2.56
CA THR B 200 -69.27 43.80 1.15
C THR B 200 -68.28 42.62 1.08
N GLU B 201 -68.08 42.03 -0.09
CA GLU B 201 -67.15 40.91 -0.26
C GLU B 201 -65.66 41.32 -0.17
N ASP B 202 -65.39 42.61 0.09
CA ASP B 202 -64.04 43.12 0.21
C ASP B 202 -63.65 43.49 1.66
N ASN B 203 -64.63 43.61 2.56
CA ASN B 203 -64.32 43.91 3.97
C ASN B 203 -64.61 42.74 4.93
N ILE B 204 -64.78 41.53 4.39
CA ILE B 204 -64.93 40.27 5.13
C ILE B 204 -64.18 39.18 4.37
N GLU B 205 -63.64 38.18 5.09
CA GLU B 205 -62.89 37.11 4.44
C GLU B 205 -63.36 35.75 4.92
N VAL B 206 -63.62 34.82 3.98
CA VAL B 206 -64.13 33.51 4.35
C VAL B 206 -63.25 32.39 3.81
N GLY B 207 -63.04 31.37 4.61
CA GLY B 207 -62.26 30.21 4.24
C GLY B 207 -63.05 28.96 4.57
N ILE B 208 -62.95 27.96 3.72
CA ILE B 208 -63.68 26.70 3.92
C ILE B 208 -62.76 25.51 3.92
N CYS B 209 -63.20 24.46 4.60
CA CYS B 209 -62.43 23.24 4.69
C CYS B 209 -63.36 22.03 4.57
N ASN B 210 -63.08 21.12 3.63
CA ASN B 210 -63.91 19.92 3.44
C ASN B 210 -63.03 18.73 2.96
N GLU B 211 -63.64 17.67 2.41
CA GLU B 211 -62.87 16.53 1.91
C GLU B 211 -61.92 16.97 0.75
N ALA B 212 -62.24 18.06 0.03
CA ALA B 212 -61.40 18.61 -1.04
C ALA B 212 -60.21 19.45 -0.51
N GLY B 213 -60.18 19.74 0.77
CA GLY B 213 -59.11 20.53 1.38
C GLY B 213 -59.53 21.89 1.91
N PHE B 214 -58.53 22.72 2.22
CA PHE B 214 -58.78 24.07 2.70
C PHE B 214 -58.51 25.04 1.58
N ARG B 215 -59.39 26.02 1.43
CA ARG B 215 -59.24 27.11 0.47
C ARG B 215 -60.04 28.33 0.94
N ARG B 216 -59.65 29.48 0.45
CA ARG B 216 -60.32 30.72 0.72
C ARG B 216 -61.48 30.83 -0.31
N LEU B 217 -62.61 31.45 0.07
CA LEU B 217 -63.70 31.71 -0.87
C LEU B 217 -63.30 32.95 -1.68
N THR B 218 -63.52 32.95 -3.00
CA THR B 218 -63.19 34.11 -3.82
C THR B 218 -64.21 35.24 -3.52
N PRO B 219 -63.88 36.52 -3.77
CA PRO B 219 -64.87 37.59 -3.50
C PRO B 219 -66.20 37.40 -4.27
N THR B 220 -66.15 36.67 -5.40
CA THR B 220 -67.35 36.37 -6.18
C THR B 220 -68.26 35.42 -5.37
N GLU B 221 -67.66 34.39 -4.73
CA GLU B 221 -68.38 33.43 -3.89
C GLU B 221 -68.91 34.13 -2.64
N VAL B 222 -68.14 35.05 -2.05
CA VAL B 222 -68.58 35.82 -0.88
C VAL B 222 -69.76 36.74 -1.26
N LYS B 223 -69.73 37.32 -2.49
CA LYS B 223 -70.79 38.18 -3.02
C LYS B 223 -72.10 37.40 -3.12
N ASP B 224 -72.05 36.16 -3.63
CA ASP B 224 -73.21 35.28 -3.77
C ASP B 224 -73.82 34.90 -2.42
N TYR B 225 -72.98 34.81 -1.37
CA TYR B 225 -73.50 34.49 -0.04
C TYR B 225 -74.16 35.72 0.61
N LEU B 226 -73.57 36.91 0.37
CA LEU B 226 -74.07 38.19 0.86
C LEU B 226 -75.36 38.64 0.12
N ALA B 227 -75.60 38.09 -1.10
CA ALA B 227 -76.79 38.34 -1.90
C ALA B 227 -78.04 37.89 -1.13
N ALA B 228 -77.93 36.80 -0.33
CA ALA B 228 -79.01 36.29 0.51
C ALA B 228 -79.02 36.93 1.92
N ILE B 229 -78.48 38.16 2.06
CA ILE B 229 -78.44 38.87 3.33
C ILE B 229 -78.92 40.33 3.17
N SER C 1 -30.72 43.15 32.16
CA SER C 1 -31.05 44.36 32.90
C SER C 1 -31.76 44.08 34.24
N ARG C 2 -31.12 44.52 35.33
CA ARG C 2 -31.54 44.38 36.72
C ARG C 2 -32.83 45.10 37.05
N ARG C 3 -33.14 46.19 36.31
CA ARG C 3 -34.38 46.94 36.55
C ARG C 3 -35.58 46.08 36.21
N TYR C 4 -35.52 45.35 35.10
CA TYR C 4 -36.65 44.54 34.65
C TYR C 4 -36.69 43.13 35.23
N ASP C 5 -35.60 42.69 35.88
CA ASP C 5 -35.54 41.34 36.42
C ASP C 5 -36.46 41.10 37.60
N SER C 6 -37.38 40.19 37.38
CA SER C 6 -38.43 39.71 38.29
C SER C 6 -37.86 38.98 39.52
N ARG C 7 -36.65 38.37 39.40
CA ARG C 7 -35.96 37.58 40.43
C ARG C 7 -36.86 36.42 40.89
N THR C 8 -37.16 35.48 40.00
CA THR C 8 -38.08 34.39 40.30
C THR C 8 -37.50 33.29 41.21
N THR C 9 -36.18 33.06 41.18
CA THR C 9 -35.58 31.97 41.96
C THR C 9 -34.84 32.45 43.21
N ILE C 10 -35.33 33.51 43.87
CA ILE C 10 -34.67 34.03 45.07
C ILE C 10 -35.51 33.80 46.35
N PHE C 11 -34.85 33.85 47.51
CA PHE C 11 -35.53 33.68 48.80
C PHE C 11 -36.12 34.98 49.31
N SER C 12 -37.20 34.86 50.09
CA SER C 12 -37.86 35.94 50.82
C SER C 12 -37.28 35.91 52.24
N PRO C 13 -37.38 37.00 53.04
CA PRO C 13 -36.74 36.99 54.37
C PRO C 13 -37.17 35.88 55.36
N GLU C 14 -38.29 35.20 55.08
CA GLU C 14 -38.72 34.12 55.94
C GLU C 14 -38.33 32.74 55.39
N GLY C 15 -37.34 32.69 54.49
CA GLY C 15 -36.90 31.46 53.83
C GLY C 15 -37.97 30.94 52.89
N ARG C 16 -38.70 31.86 52.25
CA ARG C 16 -39.82 31.51 51.39
C ARG C 16 -39.52 31.72 49.93
N LEU C 17 -40.10 30.88 49.09
CA LEU C 17 -39.95 31.02 47.65
C LEU C 17 -41.30 31.48 47.16
N TYR C 18 -41.45 32.81 47.01
CA TYR C 18 -42.70 33.45 46.64
C TYR C 18 -43.28 32.98 45.31
N GLN C 19 -42.48 32.87 44.23
CA GLN C 19 -43.04 32.39 42.94
C GLN C 19 -43.70 31.02 43.06
N VAL C 20 -43.15 30.15 43.91
CA VAL C 20 -43.69 28.82 44.16
C VAL C 20 -45.03 28.94 44.87
N GLU C 21 -45.11 29.79 45.89
CA GLU C 21 -46.33 30.04 46.65
C GLU C 21 -47.42 30.68 45.79
N TYR C 22 -47.04 31.60 44.91
CA TYR C 22 -47.98 32.24 44.01
C TYR C 22 -48.49 31.22 42.98
N ALA C 23 -47.62 30.24 42.55
CA ALA C 23 -48.03 29.17 41.63
C ALA C 23 -49.05 28.25 42.31
N MET C 24 -48.88 27.98 43.61
CA MET C 24 -49.81 27.19 44.42
C MET C 24 -51.19 27.85 44.49
N GLU C 25 -51.22 29.19 44.49
CA GLU C 25 -52.47 29.94 44.51
C GLU C 25 -53.28 29.69 43.25
N ALA C 26 -52.60 29.56 42.09
CA ALA C 26 -53.23 29.28 40.80
C ALA C 26 -53.88 27.90 40.79
N ILE C 27 -53.19 26.92 41.39
CA ILE C 27 -53.68 25.54 41.47
C ILE C 27 -55.02 25.46 42.18
N GLY C 28 -55.23 26.30 43.19
CA GLY C 28 -56.49 26.37 43.92
C GLY C 28 -57.66 26.76 43.04
N HIS C 29 -57.42 27.52 41.98
CA HIS C 29 -58.47 27.96 41.07
C HIS C 29 -58.86 26.91 40.02
N ALA C 30 -57.97 25.95 39.74
CA ALA C 30 -58.22 24.90 38.76
C ALA C 30 -59.26 23.88 39.30
N GLY C 31 -59.84 23.08 38.41
CA GLY C 31 -60.83 22.09 38.79
C GLY C 31 -60.35 21.09 39.81
N THR C 32 -61.24 20.69 40.71
CA THR C 32 -61.00 19.70 41.77
C THR C 32 -60.53 18.40 41.15
N CYS C 33 -59.48 17.82 41.70
CA CYS C 33 -58.89 16.62 41.16
C CYS C 33 -58.53 15.69 42.30
N LEU C 34 -59.10 14.47 42.34
CA LEU C 34 -58.79 13.54 43.43
C LEU C 34 -58.31 12.16 42.97
N GLY C 35 -57.60 11.49 43.85
CA GLY C 35 -57.09 10.15 43.60
C GLY C 35 -57.29 9.25 44.81
N ILE C 36 -57.74 8.02 44.58
CA ILE C 36 -57.98 7.07 45.66
C ILE C 36 -57.35 5.73 45.32
N LEU C 37 -56.57 5.22 46.25
CA LEU C 37 -55.87 3.94 46.11
C LEU C 37 -56.71 2.86 46.78
N ALA C 38 -56.97 1.76 46.06
CA ALA C 38 -57.73 0.63 46.57
C ALA C 38 -56.86 -0.67 46.44
N ASN C 39 -57.35 -1.84 46.94
CA ASN C 39 -56.59 -3.09 46.87
C ASN C 39 -56.58 -3.70 45.47
N ASP C 40 -57.63 -3.46 44.70
CA ASP C 40 -57.73 -3.99 43.34
C ASP C 40 -57.55 -2.95 42.23
N GLY C 41 -57.12 -1.74 42.58
CA GLY C 41 -56.89 -0.70 41.58
C GLY C 41 -56.69 0.68 42.15
N VAL C 42 -56.62 1.66 41.25
CA VAL C 42 -56.41 3.08 41.60
C VAL C 42 -57.40 3.90 40.75
N LEU C 43 -57.73 5.13 41.18
CA LEU C 43 -58.64 5.97 40.38
C LEU C 43 -58.30 7.43 40.43
N LEU C 44 -58.69 8.15 39.38
CA LEU C 44 -58.57 9.60 39.30
C LEU C 44 -59.97 10.13 38.98
N ALA C 45 -60.51 11.01 39.82
CA ALA C 45 -61.83 11.61 39.56
C ALA C 45 -61.63 13.12 39.56
N ALA C 46 -61.92 13.75 38.43
CA ALA C 46 -61.68 15.18 38.29
C ALA C 46 -62.84 15.99 37.74
N GLU C 47 -62.99 17.18 38.28
CA GLU C 47 -63.99 18.14 37.87
C GLU C 47 -63.57 18.67 36.50
N ARG C 48 -64.49 18.64 35.55
CA ARG C 48 -64.22 19.13 34.23
C ARG C 48 -64.56 20.59 34.17
N ARG C 49 -63.61 21.43 33.73
CA ARG C 49 -63.79 22.86 33.55
C ARG C 49 -64.12 23.25 32.08
N ASN C 50 -64.04 22.29 31.15
CA ASN C 50 -64.38 22.54 29.76
C ASN C 50 -65.78 22.00 29.55
N ILE C 51 -66.74 22.71 30.09
CA ILE C 51 -68.14 22.40 29.99
C ILE C 51 -68.76 23.55 29.17
N HIS C 52 -69.41 23.22 28.06
CA HIS C 52 -69.99 24.22 27.17
C HIS C 52 -70.69 23.48 26.06
N LYS C 53 -71.91 23.95 25.74
CA LYS C 53 -72.75 23.37 24.72
C LYS C 53 -72.03 23.30 23.36
N LEU C 54 -71.26 24.35 22.99
CA LEU C 54 -70.60 24.44 21.70
C LEU C 54 -69.19 23.80 21.64
N LEU C 55 -68.73 23.19 22.73
CA LEU C 55 -67.44 22.50 22.74
C LEU C 55 -67.63 21.14 22.07
N ASP C 56 -66.73 20.79 21.16
CA ASP C 56 -66.77 19.50 20.49
C ASP C 56 -65.88 18.56 21.27
N GLU C 57 -66.31 17.30 21.41
CA GLU C 57 -65.53 16.30 22.13
C GLU C 57 -64.68 15.51 21.16
N VAL C 58 -63.42 15.92 21.04
CA VAL C 58 -62.48 15.33 20.12
C VAL C 58 -61.52 14.36 20.84
N PHE C 59 -61.18 14.64 22.10
CA PHE C 59 -60.26 13.78 22.85
C PHE C 59 -61.00 12.80 23.80
N PHE C 60 -60.31 11.72 24.21
CA PHE C 60 -60.85 10.70 25.12
C PHE C 60 -61.22 11.29 26.48
N SER C 61 -60.44 12.25 26.94
CA SER C 61 -60.63 12.92 28.22
C SER C 61 -60.15 14.39 28.12
N GLU C 62 -60.29 15.13 29.21
CA GLU C 62 -59.89 16.52 29.30
C GLU C 62 -58.62 16.69 30.20
N LYS C 63 -58.60 16.03 31.34
CA LYS C 63 -57.52 16.18 32.32
C LYS C 63 -56.79 14.88 32.61
N ILE C 64 -57.13 13.76 31.94
CA ILE C 64 -56.47 12.47 32.18
C ILE C 64 -55.48 12.14 31.05
N TYR C 65 -54.23 11.90 31.41
CA TYR C 65 -53.18 11.63 30.43
C TYR C 65 -52.56 10.28 30.66
N LYS C 66 -52.55 9.39 29.66
CA LYS C 66 -51.83 8.12 29.79
C LYS C 66 -50.34 8.49 29.64
N LEU C 67 -49.48 7.98 30.52
CA LEU C 67 -48.04 8.33 30.44
C LEU C 67 -47.19 7.19 29.84
N ASN C 68 -47.59 5.96 30.15
CA ASN C 68 -46.87 4.76 29.83
C ASN C 68 -47.90 3.57 29.88
N GLU C 69 -47.49 2.32 29.65
CA GLU C 69 -48.40 1.19 29.67
C GLU C 69 -49.04 0.98 31.06
N ASP C 70 -48.30 1.29 32.13
CA ASP C 70 -48.78 1.05 33.48
C ASP C 70 -49.10 2.33 34.27
N MET C 71 -49.10 3.51 33.63
CA MET C 71 -49.32 4.75 34.35
C MET C 71 -50.16 5.75 33.60
N ALA C 72 -50.84 6.59 34.37
CA ALA C 72 -51.64 7.69 33.88
C ALA C 72 -51.59 8.82 34.93
N CYS C 73 -51.96 10.04 34.53
CA CYS C 73 -51.96 11.16 35.47
C CYS C 73 -53.11 12.15 35.25
N SER C 74 -53.30 13.02 36.21
CA SER C 74 -54.26 14.10 36.12
C SER C 74 -53.60 15.38 36.62
N VAL C 75 -54.06 16.52 36.11
CA VAL C 75 -53.43 17.81 36.43
C VAL C 75 -54.40 18.86 37.03
N ALA C 76 -53.84 19.90 37.65
CA ALA C 76 -54.59 21.03 38.21
C ALA C 76 -53.67 22.25 38.16
N GLY C 77 -54.00 23.20 37.29
CA GLY C 77 -53.22 24.42 37.16
C GLY C 77 -53.28 24.98 35.76
N ILE C 78 -52.16 25.51 35.26
CA ILE C 78 -52.07 26.07 33.92
C ILE C 78 -51.97 24.89 32.95
N THR C 79 -53.03 24.68 32.15
CA THR C 79 -53.12 23.54 31.27
C THR C 79 -51.96 23.47 30.27
N SER C 80 -51.49 24.60 29.74
CA SER C 80 -50.39 24.59 28.79
C SER C 80 -49.09 24.12 29.46
N ASP C 81 -48.90 24.48 30.75
CA ASP C 81 -47.76 24.02 31.53
C ASP C 81 -47.88 22.49 31.74
N ALA C 82 -49.11 21.99 31.96
CA ALA C 82 -49.40 20.57 32.13
C ALA C 82 -49.10 19.78 30.87
N ASN C 83 -49.32 20.38 29.68
CA ASN C 83 -49.02 19.70 28.41
C ASN C 83 -47.49 19.54 28.26
N VAL C 84 -46.71 20.55 28.73
CA VAL C 84 -45.26 20.51 28.68
C VAL C 84 -44.77 19.37 29.56
N LEU C 85 -45.23 19.33 30.81
CA LEU C 85 -44.83 18.34 31.78
C LEU C 85 -45.27 16.92 31.43
N THR C 86 -46.50 16.75 30.92
CA THR C 86 -46.98 15.41 30.58
C THR C 86 -46.18 14.83 29.42
N ASN C 87 -45.84 15.67 28.43
CA ASN C 87 -45.00 15.25 27.30
C ASN C 87 -43.63 14.78 27.82
N GLU C 88 -43.03 15.50 28.79
CA GLU C 88 -41.75 15.15 29.37
C GLU C 88 -41.83 13.86 30.17
N LEU C 89 -42.96 13.62 30.87
CA LEU C 89 -43.18 12.38 31.63
C LEU C 89 -43.15 11.17 30.67
N ARG C 90 -43.72 11.32 29.47
CA ARG C 90 -43.72 10.29 28.46
C ARG C 90 -42.32 10.01 27.93
N LEU C 91 -41.50 11.07 27.76
CA LEU C 91 -40.12 10.94 27.26
C LEU C 91 -39.27 10.23 28.31
N ILE C 92 -39.42 10.63 29.60
CA ILE C 92 -38.70 9.99 30.70
C ILE C 92 -39.04 8.50 30.77
N ALA C 93 -40.32 8.16 30.63
CA ALA C 93 -40.75 6.77 30.68
C ALA C 93 -40.20 5.94 29.50
N GLN C 94 -40.15 6.53 28.30
CA GLN C 94 -39.60 5.84 27.15
C GLN C 94 -38.11 5.69 27.22
N ARG C 95 -37.42 6.68 27.80
CA ARG C 95 -35.98 6.62 27.98
C ARG C 95 -35.64 5.50 28.97
N TYR C 96 -36.45 5.32 30.06
CA TYR C 96 -36.18 4.26 31.03
C TYR C 96 -36.35 2.92 30.37
N LEU C 97 -37.46 2.74 29.62
CA LEU C 97 -37.76 1.48 28.95
C LEU C 97 -36.69 1.16 27.88
N LEU C 98 -36.19 2.15 27.12
CA LEU C 98 -35.15 1.89 26.13
C LEU C 98 -33.86 1.38 26.82
N GLN C 99 -33.53 1.96 27.98
CA GLN C 99 -32.34 1.62 28.72
C GLN C 99 -32.39 0.25 29.42
N TYR C 100 -33.46 -0.05 30.16
CA TYR C 100 -33.51 -1.28 30.95
C TYR C 100 -34.40 -2.37 30.42
N GLN C 101 -35.22 -2.06 29.40
CA GLN C 101 -36.21 -2.96 28.78
C GLN C 101 -37.17 -3.49 29.82
N GLU C 102 -37.63 -2.57 30.67
CA GLU C 102 -38.60 -2.73 31.77
C GLU C 102 -39.31 -1.40 31.94
N PRO C 103 -40.59 -1.38 32.33
CA PRO C 103 -41.27 -0.08 32.52
C PRO C 103 -40.73 0.66 33.74
N ILE C 104 -40.67 2.02 33.68
CA ILE C 104 -40.18 2.85 34.79
C ILE C 104 -41.00 2.70 36.06
N PRO C 105 -40.38 2.30 37.17
CA PRO C 105 -41.15 2.16 38.42
C PRO C 105 -41.76 3.52 38.80
N CYS C 106 -43.06 3.50 39.10
CA CYS C 106 -43.90 4.68 39.37
C CYS C 106 -43.23 5.82 40.10
N GLU C 107 -42.62 5.56 41.27
CA GLU C 107 -41.97 6.62 42.03
C GLU C 107 -40.82 7.28 41.24
N GLN C 108 -40.00 6.47 40.55
CA GLN C 108 -38.91 6.98 39.72
C GLN C 108 -39.36 7.96 38.63
N LEU C 109 -40.54 7.75 38.03
CA LEU C 109 -41.06 8.68 37.02
C LEU C 109 -41.45 9.99 37.68
N VAL C 110 -42.05 9.91 38.89
CA VAL C 110 -42.44 11.10 39.64
C VAL C 110 -41.20 11.91 40.02
N THR C 111 -40.21 11.29 40.70
CA THR C 111 -39.00 12.02 41.11
C THR C 111 -38.29 12.69 39.92
N ALA C 112 -38.24 12.02 38.75
CA ALA C 112 -37.59 12.57 37.56
C ALA C 112 -38.18 13.92 37.10
N LEU C 113 -39.50 14.02 36.99
CA LEU C 113 -40.16 15.27 36.61
C LEU C 113 -40.03 16.29 37.74
N CYS C 114 -40.10 15.85 39.01
CA CYS C 114 -39.99 16.73 40.16
C CYS C 114 -38.61 17.41 40.21
N ASP C 115 -37.54 16.71 39.82
CA ASP C 115 -36.20 17.32 39.78
C ASP C 115 -36.14 18.47 38.74
N ILE C 116 -36.92 18.37 37.66
CA ILE C 116 -37.01 19.42 36.67
C ILE C 116 -37.76 20.60 37.26
N LYS C 117 -38.88 20.35 37.98
CA LYS C 117 -39.63 21.43 38.61
C LYS C 117 -38.79 22.15 39.68
N GLN C 118 -38.00 21.36 40.44
CA GLN C 118 -37.13 21.87 41.47
C GLN C 118 -36.09 22.80 40.84
N ALA C 119 -35.44 22.40 39.72
CA ALA C 119 -34.44 23.23 39.04
C ALA C 119 -34.97 24.62 38.70
N TYR C 120 -36.23 24.70 38.26
CA TYR C 120 -36.92 25.96 37.94
C TYR C 120 -37.07 26.90 39.15
N THR C 121 -36.95 26.38 40.37
CA THR C 121 -37.04 27.20 41.58
C THR C 121 -35.69 27.54 42.18
N GLN C 122 -34.58 26.98 41.69
CA GLN C 122 -33.25 27.27 42.23
C GLN C 122 -32.40 28.09 41.27
N PHE C 123 -32.56 27.90 39.96
CA PHE C 123 -31.78 28.67 38.99
C PHE C 123 -32.54 28.89 37.66
N GLY C 124 -31.99 29.76 36.82
CA GLY C 124 -32.56 30.01 35.51
C GLY C 124 -33.30 31.33 35.33
N GLY C 125 -33.82 31.88 36.42
CA GLY C 125 -34.57 33.12 36.34
C GLY C 125 -35.94 32.99 35.69
N LYS C 126 -36.44 31.76 35.53
CA LYS C 126 -37.74 31.53 34.87
C LYS C 126 -38.86 31.29 35.89
N ARG C 127 -40.11 31.59 35.50
CA ARG C 127 -41.26 31.31 36.37
C ARG C 127 -41.42 29.79 36.50
N PRO C 128 -41.95 29.32 37.63
CA PRO C 128 -42.15 27.86 37.78
C PRO C 128 -43.35 27.35 36.96
N PHE C 129 -43.51 26.02 36.89
CA PHE C 129 -44.66 25.45 36.19
C PHE C 129 -45.82 25.50 37.16
N GLY C 130 -46.90 26.15 36.77
CA GLY C 130 -48.06 26.30 37.65
C GLY C 130 -48.95 25.10 37.60
N VAL C 131 -48.41 23.93 37.94
CA VAL C 131 -49.15 22.67 37.86
C VAL C 131 -48.91 21.79 39.08
N SER C 132 -49.96 21.11 39.50
CA SER C 132 -49.92 20.07 40.52
C SER C 132 -50.43 18.82 39.79
N LEU C 133 -49.76 17.69 39.99
CA LEU C 133 -50.12 16.45 39.29
C LEU C 133 -50.47 15.32 40.25
N LEU C 134 -51.41 14.44 39.83
CA LEU C 134 -51.76 13.24 40.58
C LEU C 134 -51.44 12.07 39.66
N TYR C 135 -50.61 11.14 40.13
CA TYR C 135 -50.16 10.02 39.32
C TYR C 135 -50.74 8.71 39.82
N ILE C 136 -51.31 7.92 38.92
CA ILE C 136 -51.81 6.59 39.27
C ILE C 136 -51.05 5.57 38.42
N GLY C 137 -50.62 4.48 39.06
CA GLY C 137 -49.88 3.45 38.35
C GLY C 137 -49.72 2.14 39.07
N TRP C 138 -49.01 1.22 38.42
CA TRP C 138 -48.73 -0.09 38.95
C TRP C 138 -47.27 -0.47 38.59
N ASP C 139 -46.57 -1.15 39.50
CA ASP C 139 -45.25 -1.68 39.20
C ASP C 139 -44.94 -2.95 40.01
N LYS C 140 -43.98 -3.76 39.57
CA LYS C 140 -43.63 -4.99 40.25
C LYS C 140 -42.96 -4.81 41.62
N HIS C 141 -42.79 -3.57 42.10
CA HIS C 141 -42.13 -3.33 43.38
C HIS C 141 -43.11 -2.97 44.48
N TYR C 142 -44.03 -2.05 44.19
CA TYR C 142 -44.98 -1.60 45.19
C TYR C 142 -46.45 -1.73 44.76
N GLY C 143 -46.71 -2.34 43.61
CA GLY C 143 -48.07 -2.54 43.11
C GLY C 143 -48.79 -1.25 42.80
N PHE C 144 -50.09 -1.18 43.14
CA PHE C 144 -50.91 0.00 42.88
C PHE C 144 -50.42 1.16 43.71
N GLN C 145 -50.18 2.31 43.04
CA GLN C 145 -49.64 3.49 43.71
C GLN C 145 -50.34 4.77 43.30
N LEU C 146 -50.39 5.73 44.22
CA LEU C 146 -50.92 7.07 44.01
C LEU C 146 -49.86 8.07 44.49
N TYR C 147 -49.55 9.09 43.65
CA TYR C 147 -48.58 10.14 43.96
C TYR C 147 -49.14 11.52 43.71
N GLN C 148 -48.57 12.53 44.37
CA GLN C 148 -48.94 13.92 44.17
C GLN C 148 -47.66 14.74 44.07
N SER C 149 -47.60 15.70 43.12
CA SER C 149 -46.46 16.60 42.97
C SER C 149 -46.92 18.06 42.83
N ASP C 150 -46.09 19.02 43.31
CA ASP C 150 -46.40 20.46 43.35
C ASP C 150 -45.44 21.28 42.44
N PRO C 151 -45.73 22.58 42.16
CA PRO C 151 -44.78 23.42 41.41
C PRO C 151 -43.36 23.46 42.00
N SER C 152 -43.24 23.24 43.32
CA SER C 152 -41.96 23.22 44.05
C SER C 152 -41.04 22.07 43.66
N GLY C 153 -41.60 21.06 43.01
CA GLY C 153 -40.87 19.84 42.70
C GLY C 153 -40.90 18.92 43.90
N ASN C 154 -41.91 19.06 44.77
CA ASN C 154 -42.10 18.26 45.97
C ASN C 154 -43.14 17.21 45.71
N TYR C 155 -42.95 16.02 46.26
CA TYR C 155 -43.90 14.94 46.04
C TYR C 155 -44.08 14.09 47.27
N GLY C 156 -45.14 13.29 47.24
CA GLY C 156 -45.47 12.31 48.23
C GLY C 156 -46.40 11.25 47.65
N GLY C 157 -46.35 10.07 48.24
CA GLY C 157 -47.22 8.94 47.93
C GLY C 157 -48.42 9.01 48.85
N TRP C 158 -49.61 8.74 48.33
CA TRP C 158 -50.83 8.83 49.11
C TRP C 158 -51.76 7.63 48.91
N LYS C 159 -52.62 7.41 49.92
CA LYS C 159 -53.72 6.44 49.90
C LYS C 159 -54.92 7.15 49.25
N ALA C 160 -55.09 8.46 49.52
CA ALA C 160 -56.12 9.30 48.95
C ALA C 160 -55.70 10.73 49.16
N THR C 161 -55.80 11.54 48.11
CA THR C 161 -55.42 12.95 48.16
C THR C 161 -56.28 13.78 47.17
N CYS C 162 -56.19 15.10 47.28
CA CYS C 162 -56.91 16.00 46.39
C CYS C 162 -56.07 17.23 46.10
N ILE C 163 -56.16 17.71 44.87
CA ILE C 163 -55.51 18.93 44.39
C ILE C 163 -56.58 19.78 43.68
N GLY C 164 -56.33 21.08 43.61
CA GLY C 164 -57.27 21.99 42.95
C GLY C 164 -58.29 22.62 43.88
N ASN C 165 -59.41 23.08 43.30
CA ASN C 165 -60.50 23.76 43.98
C ASN C 165 -61.07 22.99 45.15
N ASN C 166 -61.11 23.62 46.34
CA ASN C 166 -61.63 23.05 47.60
C ASN C 166 -60.87 21.80 48.02
N SER C 167 -59.56 21.78 47.75
CA SER C 167 -58.70 20.65 48.06
C SER C 167 -58.75 20.28 49.56
N ALA C 168 -58.58 21.27 50.47
CA ALA C 168 -58.59 21.02 51.90
C ALA C 168 -59.90 20.39 52.37
N ALA C 169 -61.03 20.89 51.87
CA ALA C 169 -62.35 20.39 52.22
C ALA C 169 -62.52 18.94 51.78
N ALA C 170 -62.00 18.60 50.59
CA ALA C 170 -62.06 17.26 50.04
C ALA C 170 -61.15 16.30 50.78
N VAL C 171 -59.94 16.76 51.19
CA VAL C 171 -58.96 15.95 51.91
C VAL C 171 -59.50 15.53 53.29
N SER C 172 -60.12 16.46 54.04
CA SER C 172 -60.70 16.14 55.35
C SER C 172 -61.91 15.18 55.23
N MET C 173 -62.66 15.31 54.13
CA MET C 173 -63.79 14.46 53.82
C MET C 173 -63.28 13.03 53.49
N LEU C 174 -62.12 12.92 52.81
CA LEU C 174 -61.46 11.66 52.49
C LEU C 174 -60.91 11.04 53.78
N LYS C 175 -60.30 11.87 54.65
CA LYS C 175 -59.72 11.51 55.94
C LYS C 175 -60.73 10.82 56.86
N GLN C 176 -62.00 11.21 56.76
CA GLN C 176 -63.11 10.68 57.53
C GLN C 176 -63.53 9.27 57.08
N ASP C 177 -63.77 9.05 55.76
CA ASP C 177 -64.32 7.80 55.24
C ASP C 177 -63.34 6.79 54.58
N TYR C 178 -62.04 7.12 54.47
CA TYR C 178 -61.09 6.17 53.87
C TYR C 178 -60.68 5.16 54.92
N LYS C 179 -60.84 3.87 54.58
CA LYS C 179 -60.45 2.78 55.47
C LYS C 179 -59.24 2.07 54.89
N GLU C 180 -58.09 2.24 55.55
CA GLU C 180 -56.82 1.66 55.12
C GLU C 180 -56.87 0.15 54.93
N GLY C 181 -56.41 -0.29 53.77
CA GLY C 181 -56.34 -1.71 53.41
C GLY C 181 -57.66 -2.39 53.18
N GLU C 182 -58.79 -1.72 53.49
CA GLU C 182 -60.10 -2.32 53.29
C GLU C 182 -60.91 -1.63 52.19
N MET C 183 -60.22 -1.00 51.23
CA MET C 183 -60.88 -0.32 50.14
C MET C 183 -60.81 -1.12 48.88
N THR C 184 -61.94 -1.26 48.21
CA THR C 184 -62.01 -1.87 46.88
C THR C 184 -62.32 -0.72 45.89
N LEU C 185 -62.02 -0.86 44.56
CA LEU C 185 -62.31 0.29 43.69
C LEU C 185 -63.82 0.53 43.55
N LYS C 186 -64.68 -0.43 43.96
CA LYS C 186 -66.13 -0.23 44.00
C LYS C 186 -66.45 0.78 45.11
N SER C 187 -65.87 0.60 46.30
CA SER C 187 -66.08 1.52 47.43
C SER C 187 -65.34 2.85 47.24
N ALA C 188 -64.18 2.82 46.56
CA ALA C 188 -63.42 4.03 46.26
C ALA C 188 -64.16 4.89 45.23
N LEU C 189 -64.85 4.28 44.27
CA LEU C 189 -65.64 5.00 43.28
C LEU C 189 -66.80 5.74 43.97
N ALA C 190 -67.44 5.10 44.95
CA ALA C 190 -68.53 5.71 45.70
C ALA C 190 -68.02 6.87 46.56
N LEU C 191 -66.80 6.76 47.10
CA LEU C 191 -66.18 7.81 47.91
C LEU C 191 -65.79 8.99 47.00
N ALA C 192 -65.31 8.71 45.77
CA ALA C 192 -64.95 9.73 44.81
C ALA C 192 -66.19 10.53 44.40
N ILE C 193 -67.33 9.84 44.20
CA ILE C 193 -68.59 10.47 43.81
C ILE C 193 -69.15 11.31 44.98
N LYS C 194 -69.00 10.82 46.21
CA LYS C 194 -69.46 11.50 47.41
C LYS C 194 -68.65 12.78 47.64
N VAL C 195 -67.31 12.68 47.66
CA VAL C 195 -66.44 13.85 47.89
C VAL C 195 -66.65 14.93 46.83
N LEU C 196 -66.74 14.55 45.54
CA LEU C 196 -66.93 15.49 44.44
C LEU C 196 -68.28 16.18 44.50
N ASN C 197 -69.33 15.45 44.90
CA ASN C 197 -70.67 15.98 45.04
C ASN C 197 -70.71 17.15 46.07
N LYS C 198 -69.88 17.10 47.12
CA LYS C 198 -69.83 18.17 48.11
C LYS C 198 -68.87 19.31 47.70
N THR C 199 -67.66 18.97 47.19
CA THR C 199 -66.68 19.99 46.78
C THR C 199 -66.97 20.70 45.44
N MET C 200 -68.09 20.37 44.78
CA MET C 200 -68.46 21.04 43.53
C MET C 200 -69.76 21.83 43.75
N LEU C 205 -74.64 17.09 41.02
CA LEU C 205 -73.54 16.44 40.28
C LEU C 205 -74.07 15.74 39.03
N SER C 206 -73.42 15.98 37.88
CA SER C 206 -73.80 15.38 36.59
C SER C 206 -72.59 14.75 35.89
N ALA C 207 -72.83 13.77 34.98
CA ALA C 207 -71.75 13.10 34.25
C ALA C 207 -70.99 14.03 33.29
N GLU C 208 -71.64 15.13 32.88
CA GLU C 208 -71.07 16.14 32.00
C GLU C 208 -69.92 16.89 32.69
N LYS C 209 -70.01 17.09 34.02
CA LYS C 209 -69.01 17.82 34.80
C LYS C 209 -67.97 16.94 35.53
N VAL C 210 -68.07 15.61 35.39
CA VAL C 210 -67.17 14.66 36.04
C VAL C 210 -66.37 13.84 35.03
N GLU C 211 -65.18 13.40 35.43
CA GLU C 211 -64.33 12.60 34.59
C GLU C 211 -63.62 11.60 35.47
N ILE C 212 -63.91 10.31 35.29
CA ILE C 212 -63.28 9.27 36.11
C ILE C 212 -62.45 8.28 35.27
N ALA C 213 -61.31 7.85 35.80
CA ALA C 213 -60.48 6.86 35.15
C ALA C 213 -59.98 5.86 36.20
N THR C 214 -59.91 4.56 35.82
CA THR C 214 -59.42 3.53 36.74
C THR C 214 -58.18 2.84 36.17
N LEU C 215 -57.34 2.30 37.06
CA LEU C 215 -56.16 1.56 36.67
C LEU C 215 -56.29 0.24 37.40
N THR C 216 -56.40 -0.85 36.65
CA THR C 216 -56.59 -2.20 37.21
C THR C 216 -55.59 -3.18 36.59
N ARG C 217 -55.47 -4.39 37.16
CA ARG C 217 -54.63 -5.42 36.60
C ARG C 217 -55.51 -6.55 36.11
N GLU C 218 -55.40 -6.88 34.82
CA GLU C 218 -56.19 -7.93 34.22
C GLU C 218 -55.30 -8.85 33.39
N ASN C 219 -55.11 -10.10 33.88
CA ASN C 219 -54.33 -11.14 33.21
C ASN C 219 -52.84 -10.82 33.06
N GLY C 220 -52.26 -10.19 34.08
CA GLY C 220 -50.85 -9.82 34.05
C GLY C 220 -50.54 -8.60 33.19
N LYS C 221 -51.57 -7.85 32.80
CA LYS C 221 -51.44 -6.64 31.99
C LYS C 221 -52.23 -5.48 32.67
N THR C 222 -51.72 -4.24 32.60
CA THR C 222 -52.40 -3.10 33.21
C THR C 222 -53.48 -2.58 32.29
N VAL C 223 -54.66 -2.28 32.85
CA VAL C 223 -55.78 -1.74 32.11
C VAL C 223 -56.10 -0.33 32.62
N ILE C 224 -56.01 0.66 31.74
CA ILE C 224 -56.33 2.04 32.09
C ILE C 224 -57.57 2.40 31.30
N ARG C 225 -58.66 2.78 31.98
CA ARG C 225 -59.88 3.13 31.26
C ARG C 225 -60.61 4.32 31.85
N VAL C 226 -61.07 5.23 30.98
CA VAL C 226 -61.88 6.36 31.43
C VAL C 226 -63.36 5.90 31.33
N LEU C 227 -64.14 6.10 32.41
CA LEU C 227 -65.54 5.65 32.43
C LEU C 227 -66.40 6.36 31.38
N LYS C 228 -67.36 5.61 30.80
CA LYS C 228 -68.32 6.13 29.83
C LYS C 228 -69.41 6.95 30.58
N GLN C 229 -70.20 7.79 29.85
CA GLN C 229 -71.26 8.61 30.47
C GLN C 229 -72.30 7.76 31.19
N LYS C 230 -72.63 6.59 30.62
CA LYS C 230 -73.59 5.65 31.19
C LYS C 230 -73.11 5.12 32.52
N GLU C 231 -71.79 4.79 32.62
CA GLU C 231 -71.10 4.30 33.83
C GLU C 231 -71.08 5.32 34.98
N VAL C 232 -70.72 6.58 34.67
CA VAL C 232 -70.65 7.66 35.65
C VAL C 232 -72.03 7.95 36.25
N GLU C 233 -73.07 7.90 35.41
CA GLU C 233 -74.47 8.11 35.80
C GLU C 233 -74.98 7.04 36.76
N GLN C 234 -74.49 5.78 36.62
CA GLN C 234 -74.87 4.70 37.54
C GLN C 234 -74.30 5.01 38.92
N LEU C 235 -73.05 5.55 38.99
CA LEU C 235 -72.39 5.91 40.24
C LEU C 235 -73.04 7.15 40.89
N ILE C 236 -73.56 8.09 40.08
CA ILE C 236 -74.23 9.30 40.58
C ILE C 236 -75.59 8.89 41.17
N LYS C 237 -76.37 8.09 40.43
CA LYS C 237 -77.65 7.63 40.90
C LYS C 237 -77.49 6.72 42.12
N LYS C 238 -76.41 5.90 42.18
CA LYS C 238 -76.20 5.04 43.36
C LYS C 238 -75.87 5.84 44.63
N HIS C 239 -75.37 7.08 44.48
CA HIS C 239 -75.08 7.97 45.59
C HIS C 239 -76.37 8.69 45.97
N GLU C 240 -77.15 9.16 44.98
CA GLU C 240 -78.42 9.84 45.20
C GLU C 240 -79.43 8.91 45.89
N GLU C 241 -79.45 7.64 45.47
CA GLU C 241 -80.34 6.64 46.07
C GLU C 241 -79.89 6.23 47.46
N GLU C 242 -78.58 6.39 47.80
CA GLU C 242 -78.10 6.11 49.15
C GLU C 242 -78.51 7.23 50.12
N GLU C 243 -78.61 8.47 49.62
CA GLU C 243 -79.09 9.58 50.44
C GLU C 243 -80.62 9.51 50.58
N ALA C 244 -81.33 9.02 49.53
CA ALA C 244 -82.78 8.83 49.53
C ALA C 244 -83.23 7.74 50.52
N LYS C 245 -82.34 6.77 50.83
CA LYS C 245 -82.62 5.71 51.80
C LYS C 245 -82.46 6.22 53.24
N ALA C 246 -81.59 7.24 53.47
CA ALA C 246 -81.35 7.83 54.79
C ALA C 246 -82.56 8.66 55.25
N GLU C 247 -83.25 9.32 54.30
CA GLU C 247 -84.43 10.12 54.61
C GLU C 247 -85.63 9.20 54.88
N SER D 1 -28.10 32.02 28.98
CA SER D 1 -27.90 31.68 30.39
C SER D 1 -28.16 32.85 31.34
N TYR D 2 -28.76 32.54 32.49
CA TYR D 2 -29.11 33.49 33.53
C TYR D 2 -27.89 33.72 34.41
N ASP D 3 -27.30 34.92 34.35
CA ASP D 3 -26.08 35.24 35.07
C ASP D 3 -26.21 36.29 36.15
N ARG D 4 -27.37 36.41 36.79
CA ARG D 4 -27.56 37.43 37.82
C ARG D 4 -26.91 36.97 39.13
N ALA D 5 -26.24 37.88 39.87
CA ALA D 5 -25.67 37.52 41.16
C ALA D 5 -26.82 37.51 42.16
N ILE D 6 -27.18 36.32 42.68
CA ILE D 6 -28.30 36.18 43.61
C ILE D 6 -27.88 36.46 45.07
N THR D 7 -26.79 35.81 45.52
CA THR D 7 -26.32 36.01 46.88
C THR D 7 -25.15 37.00 46.86
N VAL D 8 -25.37 38.19 47.43
CA VAL D 8 -24.41 39.29 47.50
C VAL D 8 -24.29 39.84 48.93
N PHE D 9 -23.21 40.58 49.21
CA PHE D 9 -22.99 41.19 50.52
C PHE D 9 -23.89 42.41 50.75
N SER D 10 -24.40 42.55 51.96
CA SER D 10 -25.19 43.71 52.36
C SER D 10 -24.28 44.66 53.18
N PRO D 11 -24.65 45.95 53.35
CA PRO D 11 -23.77 46.90 54.06
C PRO D 11 -23.10 46.44 55.37
N ASP D 12 -23.79 45.63 56.18
CA ASP D 12 -23.24 45.14 57.46
C ASP D 12 -22.26 43.96 57.34
N GLY D 13 -22.13 43.39 56.15
CA GLY D 13 -21.30 42.24 55.88
C GLY D 13 -22.08 40.93 55.96
N HIS D 14 -23.38 40.99 55.66
CA HIS D 14 -24.24 39.79 55.71
C HIS D 14 -24.58 39.25 54.31
N LEU D 15 -24.75 37.94 54.21
CA LEU D 15 -25.17 37.31 52.96
C LEU D 15 -26.62 36.93 53.17
N PHE D 16 -27.52 37.90 52.91
CA PHE D 16 -28.96 37.73 53.18
C PHE D 16 -29.55 36.50 52.56
N GLN D 17 -29.21 36.14 51.30
CA GLN D 17 -29.76 34.92 50.69
C GLN D 17 -29.42 33.66 51.48
N VAL D 18 -28.24 33.61 52.09
CA VAL D 18 -27.82 32.45 52.90
C VAL D 18 -28.56 32.45 54.24
N GLU D 19 -28.76 33.63 54.83
CA GLU D 19 -29.52 33.78 56.07
C GLU D 19 -31.00 33.44 55.85
N TYR D 20 -31.56 33.76 54.68
CA TYR D 20 -32.94 33.42 54.35
C TYR D 20 -33.06 31.89 54.14
N ALA D 21 -32.00 31.23 53.59
CA ALA D 21 -31.98 29.78 53.44
C ALA D 21 -31.91 29.10 54.82
N GLN D 22 -31.27 29.73 55.83
CA GLN D 22 -31.25 29.20 57.21
C GLN D 22 -32.61 29.32 57.88
N GLU D 23 -33.44 30.31 57.48
CA GLU D 23 -34.81 30.47 57.99
C GLU D 23 -35.67 29.28 57.54
N ALA D 24 -35.46 28.80 56.30
CA ALA D 24 -36.17 27.64 55.75
C ALA D 24 -35.78 26.36 56.49
N VAL D 25 -34.53 26.27 56.99
CA VAL D 25 -34.05 25.14 57.77
C VAL D 25 -34.78 25.14 59.10
N LYS D 26 -34.86 26.32 59.75
CA LYS D 26 -35.56 26.53 61.02
C LYS D 26 -37.02 26.07 60.98
N LYS D 27 -37.64 26.04 59.79
CA LYS D 27 -39.03 25.60 59.62
C LYS D 27 -39.18 24.10 59.31
N GLY D 28 -38.09 23.42 58.97
CA GLY D 28 -38.11 22.00 58.68
C GLY D 28 -38.27 21.17 59.95
N SER D 29 -38.65 19.88 59.80
CA SER D 29 -38.84 18.99 60.96
C SER D 29 -37.54 18.79 61.75
N THR D 30 -37.65 18.55 63.05
CA THR D 30 -36.51 18.34 63.94
C THR D 30 -35.77 17.03 63.65
N ALA D 31 -34.51 17.13 63.24
CA ALA D 31 -33.70 15.96 62.95
C ALA D 31 -32.60 15.90 64.00
N VAL D 32 -32.37 14.72 64.58
CA VAL D 32 -31.40 14.52 65.64
C VAL D 32 -30.43 13.41 65.29
N GLY D 33 -29.15 13.62 65.57
CA GLY D 33 -28.13 12.62 65.33
C GLY D 33 -27.33 12.40 66.59
N VAL D 34 -27.02 11.14 66.93
CA VAL D 34 -26.22 10.84 68.13
C VAL D 34 -25.17 9.82 67.72
N ARG D 35 -23.92 10.07 68.07
CA ARG D 35 -22.84 9.16 67.78
C ARG D 35 -22.51 8.33 69.04
N GLY D 36 -22.76 7.03 69.00
CA GLY D 36 -22.49 6.14 70.11
C GLY D 36 -21.15 5.42 69.98
N ARG D 37 -20.95 4.31 70.72
CA ARG D 37 -19.69 3.59 70.68
C ARG D 37 -19.62 2.66 69.45
N ASP D 38 -20.59 1.74 69.31
CA ASP D 38 -20.61 0.84 68.15
C ASP D 38 -21.82 1.10 67.22
N ILE D 39 -22.55 2.22 67.42
CA ILE D 39 -23.73 2.55 66.64
C ILE D 39 -23.88 4.08 66.48
N VAL D 40 -24.57 4.52 65.41
CA VAL D 40 -24.90 5.92 65.14
C VAL D 40 -26.41 5.97 64.87
N VAL D 41 -27.12 6.90 65.51
CA VAL D 41 -28.58 6.96 65.40
C VAL D 41 -29.08 8.29 64.81
N LEU D 42 -30.05 8.22 63.90
CA LEU D 42 -30.70 9.40 63.33
C LEU D 42 -32.20 9.28 63.64
N GLY D 43 -32.79 10.39 64.06
CA GLY D 43 -34.22 10.45 64.37
C GLY D 43 -34.86 11.70 63.79
N VAL D 44 -36.04 11.59 63.17
CA VAL D 44 -36.70 12.76 62.56
C VAL D 44 -38.16 12.79 62.99
N GLU D 45 -38.66 13.94 63.46
CA GLU D 45 -40.05 14.04 63.90
C GLU D 45 -41.08 14.03 62.74
N LYS D 46 -42.32 13.63 63.02
CA LYS D 46 -43.36 13.56 62.01
C LYS D 46 -44.59 14.37 62.46
N ALA D 50 -50.06 13.08 58.59
CA ALA D 50 -51.14 12.68 57.68
C ALA D 50 -51.30 11.16 57.60
N LYS D 51 -52.45 10.62 58.07
CA LYS D 51 -52.71 9.18 58.06
C LYS D 51 -52.76 8.67 56.62
N LEU D 52 -53.40 9.44 55.71
CA LEU D 52 -53.55 9.09 54.30
C LEU D 52 -52.23 9.11 53.49
N GLN D 53 -51.09 9.37 54.14
CA GLN D 53 -49.80 9.39 53.47
C GLN D 53 -49.18 8.00 53.42
N ASP D 54 -48.22 7.83 52.50
CA ASP D 54 -47.43 6.62 52.39
C ASP D 54 -46.10 7.04 53.03
N GLU D 55 -45.90 6.62 54.29
CA GLU D 55 -44.73 6.90 55.11
C GLU D 55 -43.42 6.70 54.38
N ARG D 56 -43.39 5.66 53.52
CA ARG D 56 -42.22 5.21 52.80
C ARG D 56 -41.68 6.28 51.88
N THR D 57 -42.58 6.96 51.17
CA THR D 57 -42.27 7.99 50.18
C THR D 57 -41.83 9.32 50.75
N VAL D 58 -41.93 9.51 52.07
CA VAL D 58 -41.66 10.79 52.69
C VAL D 58 -40.54 10.77 53.79
N ARG D 59 -39.69 9.71 53.80
CA ARG D 59 -38.62 9.54 54.78
C ARG D 59 -37.49 10.54 54.64
N LYS D 60 -37.12 11.17 55.74
CA LYS D 60 -36.02 12.13 55.73
C LYS D 60 -34.64 11.48 56.11
N ILE D 61 -34.58 10.14 56.23
CA ILE D 61 -33.32 9.46 56.53
C ILE D 61 -32.95 8.61 55.33
N CYS D 62 -31.96 9.06 54.58
CA CYS D 62 -31.50 8.48 53.32
C CYS D 62 -30.12 7.88 53.42
N ALA D 63 -29.88 6.83 52.65
CA ALA D 63 -28.57 6.21 52.58
C ALA D 63 -27.84 6.80 51.40
N LEU D 64 -26.56 7.15 51.59
CA LEU D 64 -25.73 7.70 50.51
C LEU D 64 -24.86 6.58 49.89
N ASP D 65 -24.33 5.72 50.74
CA ASP D 65 -23.57 4.52 50.41
C ASP D 65 -23.77 3.47 51.53
N ASP D 66 -23.14 2.29 51.43
CA ASP D 66 -23.31 1.23 52.43
C ASP D 66 -22.84 1.66 53.82
N ASN D 67 -21.82 2.53 53.89
CA ASN D 67 -21.26 2.98 55.15
C ASN D 67 -21.70 4.37 55.59
N VAL D 68 -22.41 5.13 54.72
CA VAL D 68 -22.83 6.49 55.06
C VAL D 68 -24.32 6.73 54.83
N CYS D 69 -24.95 7.42 55.74
CA CYS D 69 -26.35 7.81 55.61
C CYS D 69 -26.56 9.25 56.16
N MET D 70 -27.72 9.86 55.90
CA MET D 70 -27.96 11.22 56.35
C MET D 70 -29.43 11.56 56.57
N ALA D 71 -29.64 12.61 57.34
CA ALA D 71 -30.95 13.19 57.60
C ALA D 71 -30.85 14.68 57.25
N PHE D 72 -31.99 15.30 56.97
CA PHE D 72 -32.01 16.71 56.62
C PHE D 72 -33.17 17.46 57.26
N ALA D 73 -33.13 18.79 57.21
CA ALA D 73 -34.22 19.64 57.67
C ALA D 73 -34.26 20.86 56.76
N GLY D 74 -35.44 21.22 56.29
CA GLY D 74 -35.62 22.35 55.39
C GLY D 74 -36.44 21.99 54.17
N LEU D 75 -36.09 22.58 53.01
CA LEU D 75 -36.80 22.32 51.77
C LEU D 75 -36.50 20.89 51.26
N THR D 76 -37.50 20.01 51.26
CA THR D 76 -37.31 18.60 50.89
C THR D 76 -36.94 18.37 49.42
N ALA D 77 -37.39 19.24 48.48
CA ALA D 77 -37.02 19.07 47.07
C ALA D 77 -35.54 19.36 46.87
N ASP D 78 -35.01 20.41 47.57
CA ASP D 78 -33.61 20.81 47.58
C ASP D 78 -32.76 19.68 48.13
N ALA D 79 -33.23 19.05 49.21
CA ALA D 79 -32.58 17.94 49.88
C ALA D 79 -32.36 16.76 48.93
N ARG D 80 -33.38 16.42 48.13
CA ARG D 80 -33.34 15.34 47.16
C ARG D 80 -32.20 15.53 46.14
N ILE D 81 -31.97 16.78 45.72
CA ILE D 81 -30.93 17.13 44.78
C ILE D 81 -29.55 16.95 45.42
N VAL D 82 -29.40 17.41 46.68
CA VAL D 82 -28.15 17.29 47.43
C VAL D 82 -27.83 15.82 47.64
N ILE D 83 -28.84 15.03 48.04
CA ILE D 83 -28.76 13.60 48.30
C ILE D 83 -28.33 12.78 47.06
N ASN D 84 -28.96 13.04 45.90
CA ASN D 84 -28.60 12.32 44.68
C ASN D 84 -27.19 12.68 44.21
N ARG D 85 -26.75 13.93 44.41
CA ARG D 85 -25.39 14.33 44.04
C ARG D 85 -24.35 13.67 44.95
N ALA D 86 -24.69 13.54 46.25
CA ALA D 86 -23.83 12.87 47.23
C ALA D 86 -23.72 11.37 46.86
N ARG D 87 -24.86 10.75 46.47
CA ARG D 87 -24.90 9.36 46.06
C ARG D 87 -24.05 9.11 44.80
N VAL D 88 -24.13 10.01 43.80
CA VAL D 88 -23.31 9.88 42.58
C VAL D 88 -21.83 9.98 42.94
N GLU D 89 -21.50 10.94 43.82
CA GLU D 89 -20.14 11.21 44.29
C GLU D 89 -19.53 10.04 45.04
N CYS D 90 -20.32 9.32 45.84
CA CYS D 90 -19.81 8.14 46.55
C CYS D 90 -19.36 7.07 45.55
N GLN D 91 -20.12 6.86 44.46
CA GLN D 91 -19.75 5.85 43.46
C GLN D 91 -18.61 6.34 42.61
N SER D 92 -18.60 7.64 42.29
CA SER D 92 -17.51 8.25 41.54
C SER D 92 -16.18 8.17 42.33
N HIS D 93 -16.25 8.19 43.67
CA HIS D 93 -15.07 8.07 44.51
C HIS D 93 -14.56 6.64 44.44
N ARG D 94 -15.46 5.64 44.50
CA ARG D 94 -15.07 4.23 44.39
C ARG D 94 -14.55 3.88 42.97
N LEU D 95 -14.98 4.61 41.96
CA LEU D 95 -14.55 4.37 40.58
C LEU D 95 -13.17 4.98 40.33
N THR D 96 -12.83 6.08 41.05
CA THR D 96 -11.55 6.74 40.79
C THR D 96 -10.45 6.33 41.78
N VAL D 97 -10.82 5.98 43.01
CA VAL D 97 -9.81 5.70 44.04
C VAL D 97 -9.95 4.29 44.69
N GLU D 98 -10.95 3.49 44.22
CA GLU D 98 -11.31 2.10 44.56
C GLU D 98 -11.85 1.96 46.00
N ASP D 99 -11.23 2.63 46.95
CA ASP D 99 -11.62 2.62 48.35
C ASP D 99 -12.96 3.38 48.53
N PRO D 100 -13.80 3.04 49.53
CA PRO D 100 -15.06 3.79 49.70
C PRO D 100 -14.81 5.19 50.29
N VAL D 101 -15.88 5.98 50.34
CA VAL D 101 -15.91 7.34 50.86
C VAL D 101 -15.88 7.33 52.40
N THR D 102 -15.21 8.33 53.05
CA THR D 102 -15.27 8.48 54.52
C THR D 102 -16.43 9.43 54.83
N VAL D 103 -16.95 9.43 56.08
CA VAL D 103 -18.05 10.35 56.45
C VAL D 103 -17.62 11.81 56.24
N GLU D 104 -16.34 12.12 56.54
CA GLU D 104 -15.80 13.45 56.34
C GLU D 104 -15.63 13.83 54.87
N TYR D 105 -15.18 12.88 54.00
CA TYR D 105 -15.00 13.17 52.57
C TYR D 105 -16.31 13.60 51.94
N ILE D 106 -17.41 12.82 52.19
CA ILE D 106 -18.72 13.11 51.61
C ILE D 106 -19.36 14.33 52.27
N THR D 107 -19.06 14.60 53.56
CA THR D 107 -19.56 15.80 54.22
C THR D 107 -18.92 17.03 53.58
N ARG D 108 -17.61 16.97 53.33
CA ARG D 108 -16.86 18.03 52.67
C ARG D 108 -17.39 18.24 51.22
N TYR D 109 -17.77 17.17 50.51
CA TYR D 109 -18.34 17.28 49.16
C TYR D 109 -19.68 18.04 49.21
N ILE D 110 -20.57 17.64 50.14
CA ILE D 110 -21.86 18.27 50.30
C ILE D 110 -21.71 19.73 50.73
N ALA D 111 -20.81 20.01 51.70
CA ALA D 111 -20.56 21.38 52.18
C ALA D 111 -20.02 22.26 51.04
N SER D 112 -19.13 21.69 50.20
CA SER D 112 -18.54 22.36 49.04
C SER D 112 -19.61 22.73 48.03
N LEU D 113 -20.56 21.77 47.74
CA LEU D 113 -21.68 22.00 46.84
C LEU D 113 -22.54 23.17 47.36
N LYS D 114 -22.91 23.12 48.65
CA LYS D 114 -23.70 24.17 49.28
C LYS D 114 -23.01 25.54 49.18
N GLN D 115 -21.70 25.62 49.48
CA GLN D 115 -20.89 26.85 49.40
C GLN D 115 -20.89 27.42 47.96
N ARG D 116 -20.80 26.53 46.96
CA ARG D 116 -20.76 26.90 45.54
C ARG D 116 -22.06 27.61 45.17
N TYR D 117 -23.19 27.13 45.68
CA TYR D 117 -24.49 27.71 45.39
C TYR D 117 -24.76 29.07 46.11
N THR D 118 -23.81 29.51 46.97
CA THR D 118 -23.80 30.83 47.63
C THR D 118 -22.83 31.83 46.94
N GLN D 119 -22.08 31.40 45.94
CA GLN D 119 -21.14 32.27 45.25
C GLN D 119 -21.20 32.14 43.72
N SER D 120 -22.18 31.38 43.14
CA SER D 120 -22.28 31.30 41.69
C SER D 120 -23.54 31.96 41.15
N ASN D 121 -23.40 32.64 40.00
CA ASN D 121 -24.47 33.39 39.36
C ASN D 121 -25.63 32.51 38.95
N GLY D 122 -26.82 33.08 38.97
CA GLY D 122 -28.04 32.43 38.55
C GLY D 122 -28.66 31.48 39.56
N ARG D 123 -27.95 31.15 40.65
CA ARG D 123 -28.43 30.21 41.65
C ARG D 123 -28.68 30.80 43.02
N ARG D 124 -29.68 30.26 43.71
CA ARG D 124 -29.97 30.59 45.11
C ARG D 124 -29.40 29.44 45.98
N PRO D 125 -29.10 29.66 47.28
CA PRO D 125 -28.54 28.57 48.10
C PRO D 125 -29.52 27.42 48.35
N PHE D 126 -29.02 26.25 48.76
CA PHE D 126 -29.90 25.13 49.08
C PHE D 126 -30.47 25.40 50.49
N GLY D 127 -31.79 25.38 50.62
CA GLY D 127 -32.44 25.65 51.90
C GLY D 127 -32.54 24.45 52.83
N ILE D 128 -31.43 23.71 53.01
CA ILE D 128 -31.37 22.53 53.89
C ILE D 128 -30.10 22.52 54.76
N SER D 129 -30.20 21.81 55.89
CA SER D 129 -29.07 21.51 56.74
C SER D 129 -29.03 19.97 56.83
N ALA D 130 -27.85 19.36 56.89
CA ALA D 130 -27.75 17.90 56.94
C ALA D 130 -27.00 17.33 58.15
N LEU D 131 -27.41 16.14 58.60
CA LEU D 131 -26.73 15.42 59.67
C LEU D 131 -26.25 14.17 58.97
N ILE D 132 -24.94 14.04 58.76
CA ILE D 132 -24.36 12.92 58.04
C ILE D 132 -23.68 12.00 59.03
N VAL D 133 -24.11 10.74 59.11
CA VAL D 133 -23.51 9.77 60.03
C VAL D 133 -23.01 8.51 59.32
N GLY D 134 -22.12 7.76 59.97
CA GLY D 134 -21.60 6.52 59.40
C GLY D 134 -20.34 6.03 60.06
N PHE D 135 -19.68 5.06 59.45
CA PHE D 135 -18.44 4.51 59.97
C PHE D 135 -17.40 4.53 58.88
N ASP D 136 -16.22 5.10 59.18
CA ASP D 136 -15.12 5.08 58.21
C ASP D 136 -14.58 3.62 58.10
N PHE D 137 -13.70 3.32 57.13
CA PHE D 137 -13.17 1.95 56.98
C PHE D 137 -12.46 1.45 58.26
N ASP D 138 -11.76 2.36 58.98
CA ASP D 138 -11.08 1.99 60.22
C ASP D 138 -12.05 1.65 61.39
N GLY D 139 -13.32 1.97 61.24
CA GLY D 139 -14.32 1.63 62.24
C GLY D 139 -14.76 2.72 63.21
N THR D 140 -14.22 3.93 63.06
CA THR D 140 -14.59 5.04 63.95
C THR D 140 -15.99 5.57 63.61
N PRO D 141 -16.90 5.64 64.60
CA PRO D 141 -18.23 6.23 64.32
C PRO D 141 -18.14 7.74 64.08
N ARG D 142 -18.93 8.29 63.13
CA ARG D 142 -18.90 9.72 62.79
C ARG D 142 -20.25 10.38 62.70
N LEU D 143 -20.31 11.66 63.04
CA LEU D 143 -21.48 12.51 62.92
C LEU D 143 -20.97 13.89 62.51
N TYR D 144 -21.45 14.39 61.36
CA TYR D 144 -21.10 15.70 60.82
C TYR D 144 -22.35 16.51 60.49
N GLN D 145 -22.22 17.85 60.42
CA GLN D 145 -23.35 18.71 60.14
C GLN D 145 -23.01 19.80 59.15
N THR D 146 -23.78 19.88 58.07
CA THR D 146 -23.61 20.92 57.06
C THR D 146 -24.79 21.89 57.16
N ASP D 147 -24.58 23.14 56.77
CA ASP D 147 -25.65 24.13 56.75
C ASP D 147 -25.66 24.89 55.41
N PRO D 148 -26.71 25.69 55.09
CA PRO D 148 -26.76 26.36 53.78
C PRO D 148 -25.51 27.13 53.32
N SER D 149 -24.70 27.63 54.25
CA SER D 149 -23.50 28.40 53.90
C SER D 149 -22.35 27.58 53.33
N GLY D 150 -22.32 26.30 53.65
CA GLY D 150 -21.24 25.43 53.26
C GLY D 150 -20.27 25.11 54.38
N THR D 151 -20.61 25.47 55.62
CA THR D 151 -19.76 25.14 56.74
C THR D 151 -20.14 23.75 57.26
N TYR D 152 -19.16 23.06 57.81
CA TYR D 152 -19.39 21.72 58.35
C TYR D 152 -18.58 21.48 59.60
N HIS D 153 -19.13 20.73 60.53
CA HIS D 153 -18.45 20.42 61.78
C HIS D 153 -18.77 19.01 62.23
N ALA D 154 -17.92 18.41 63.05
CA ALA D 154 -18.18 17.11 63.64
C ALA D 154 -18.87 17.33 64.99
N TRP D 155 -19.75 16.41 65.36
CA TRP D 155 -20.49 16.50 66.61
C TRP D 155 -20.57 15.14 67.29
N LYS D 156 -20.69 15.15 68.63
CA LYS D 156 -20.93 13.96 69.45
C LYS D 156 -22.45 13.66 69.33
N ALA D 157 -23.29 14.72 69.42
CA ALA D 157 -24.73 14.67 69.22
C ALA D 157 -25.20 16.05 68.71
N ASN D 158 -26.33 16.12 67.98
CA ASN D 158 -26.81 17.41 67.46
C ASN D 158 -28.28 17.39 67.01
N ALA D 159 -28.86 18.58 66.80
CA ALA D 159 -30.23 18.73 66.32
C ALA D 159 -30.33 19.88 65.33
N ILE D 160 -31.18 19.72 64.30
CA ILE D 160 -31.43 20.73 63.26
C ILE D 160 -32.94 20.87 63.01
N GLY D 161 -33.36 22.05 62.58
CA GLY D 161 -34.75 22.31 62.28
C GLY D 161 -35.53 22.95 63.42
N ARG D 162 -36.83 22.65 63.47
CA ARG D 162 -37.76 23.15 64.47
C ARG D 162 -37.29 22.78 65.86
N GLY D 163 -37.17 23.76 66.75
CA GLY D 163 -36.77 23.50 68.12
C GLY D 163 -35.43 22.82 68.28
N ALA D 164 -34.49 23.12 67.37
CA ALA D 164 -33.14 22.58 67.46
C ALA D 164 -32.44 23.11 68.71
N LYS D 165 -32.75 24.37 69.13
CA LYS D 165 -32.17 24.99 70.30
C LYS D 165 -32.52 24.22 71.57
N SER D 166 -33.81 23.98 71.84
CA SER D 166 -34.21 23.26 73.04
C SER D 166 -33.80 21.77 73.03
N VAL D 167 -33.70 21.16 71.85
CA VAL D 167 -33.26 19.76 71.75
C VAL D 167 -31.73 19.66 71.87
N ARG D 168 -31.01 20.67 71.41
CA ARG D 168 -29.56 20.74 71.54
C ARG D 168 -29.21 20.95 73.01
N GLU D 169 -29.98 21.79 73.73
CA GLU D 169 -29.80 22.06 75.16
C GLU D 169 -30.05 20.79 75.97
N PHE D 170 -31.04 19.97 75.57
CA PHE D 170 -31.37 18.71 76.19
C PHE D 170 -30.20 17.75 76.01
N LEU D 171 -29.67 17.65 74.78
CA LEU D 171 -28.56 16.77 74.44
C LEU D 171 -27.27 17.16 75.16
N GLU D 172 -27.04 18.46 75.36
CA GLU D 172 -25.87 18.93 76.09
C GLU D 172 -25.88 18.42 77.54
N LYS D 173 -27.07 18.29 78.15
CA LYS D 173 -27.20 17.80 79.52
C LYS D 173 -27.27 16.28 79.60
N ASN D 174 -27.81 15.60 78.58
CA ASN D 174 -27.98 14.15 78.63
C ASN D 174 -26.97 13.33 77.86
N TYR D 175 -25.95 13.94 77.23
CA TYR D 175 -24.93 13.17 76.52
C TYR D 175 -23.84 12.78 77.49
N THR D 176 -23.98 11.60 78.11
CA THR D 176 -23.01 11.11 79.07
C THR D 176 -22.40 9.78 78.61
N ASP D 177 -21.29 9.33 79.22
CA ASP D 177 -20.68 8.04 78.88
C ASP D 177 -21.61 6.86 79.26
N GLU D 178 -22.45 7.06 80.30
CA GLU D 178 -23.44 6.08 80.76
C GLU D 178 -24.56 5.95 79.73
N ALA D 179 -24.96 7.06 79.08
CA ALA D 179 -25.99 7.08 78.04
C ALA D 179 -25.53 6.44 76.72
N ILE D 180 -24.21 6.26 76.52
CA ILE D 180 -23.63 5.65 75.32
C ILE D 180 -23.35 4.15 75.50
N GLU D 181 -23.05 3.73 76.74
CA GLU D 181 -22.66 2.38 77.14
C GLU D 181 -23.27 1.22 76.31
N THR D 182 -24.60 1.24 76.09
CA THR D 182 -25.24 0.16 75.33
C THR D 182 -25.86 0.71 74.04
N ASP D 183 -25.94 -0.12 72.99
CA ASP D 183 -26.59 0.27 71.74
C ASP D 183 -28.05 0.65 71.98
N ASP D 184 -28.73 -0.04 72.91
CA ASP D 184 -30.12 0.25 73.26
C ASP D 184 -30.28 1.58 74.02
N LEU D 185 -29.25 1.99 74.78
CA LEU D 185 -29.29 3.24 75.53
C LEU D 185 -29.18 4.45 74.61
N THR D 186 -28.29 4.40 73.60
CA THR D 186 -28.12 5.50 72.64
C THR D 186 -29.38 5.74 71.82
N ILE D 187 -30.08 4.64 71.44
CA ILE D 187 -31.36 4.72 70.70
C ILE D 187 -32.40 5.43 71.57
N LYS D 188 -32.39 5.14 72.89
CA LYS D 188 -33.29 5.78 73.85
C LYS D 188 -32.96 7.25 74.11
N LEU D 189 -31.72 7.67 73.82
CA LEU D 189 -31.31 9.08 73.98
C LEU D 189 -31.91 9.93 72.86
N VAL D 190 -31.96 9.38 71.62
CA VAL D 190 -32.55 10.07 70.46
C VAL D 190 -34.06 10.19 70.66
N ILE D 191 -34.72 9.08 71.07
CA ILE D 191 -36.16 9.08 71.32
C ILE D 191 -36.55 10.04 72.46
N LYS D 192 -35.72 10.13 73.51
CA LYS D 192 -35.99 11.07 74.62
C LYS D 192 -35.81 12.51 74.17
N ALA D 193 -34.79 12.75 73.29
CA ALA D 193 -34.48 14.07 72.75
C ALA D 193 -35.58 14.56 71.81
N LEU D 194 -36.17 13.66 71.03
CA LEU D 194 -37.27 14.02 70.14
C LEU D 194 -38.57 14.28 70.91
N LEU D 195 -38.76 13.62 72.06
CA LEU D 195 -39.95 13.80 72.88
C LEU D 195 -40.02 15.16 73.59
N GLU D 196 -39.00 16.02 73.44
CA GLU D 196 -39.02 17.36 74.00
C GLU D 196 -39.80 18.34 73.07
N VAL D 197 -39.74 18.09 71.76
CA VAL D 197 -40.45 18.90 70.76
C VAL D 197 -41.79 18.22 70.37
N VAL D 198 -41.86 16.87 70.44
CA VAL D 198 -43.08 16.10 70.15
C VAL D 198 -44.17 16.36 71.22
N LYS D 203 -45.59 7.43 67.82
CA LYS D 203 -46.18 7.35 66.48
C LYS D 203 -45.51 8.34 65.51
N ASN D 204 -45.04 9.49 66.04
CA ASN D 204 -44.42 10.55 65.23
C ASN D 204 -42.89 10.57 65.29
N ILE D 205 -42.26 9.39 65.28
CA ILE D 205 -40.79 9.32 65.25
C ILE D 205 -40.31 8.38 64.12
N GLU D 206 -39.44 8.90 63.29
CA GLU D 206 -38.82 8.13 62.22
C GLU D 206 -37.42 7.85 62.73
N LEU D 207 -37.08 6.57 62.95
CA LEU D 207 -35.80 6.23 63.53
C LEU D 207 -34.99 5.22 62.75
N ALA D 208 -33.71 5.51 62.56
CA ALA D 208 -32.83 4.60 61.82
C ALA D 208 -31.48 4.50 62.49
N VAL D 209 -30.90 3.32 62.49
CA VAL D 209 -29.62 3.09 63.12
C VAL D 209 -28.61 2.49 62.16
N MET D 210 -27.35 2.77 62.38
CA MET D 210 -26.27 2.23 61.56
C MET D 210 -25.23 1.67 62.52
N ARG D 211 -24.91 0.37 62.39
CA ARG D 211 -23.95 -0.27 63.29
C ARG D 211 -22.62 -0.61 62.57
N ARG D 212 -21.59 -1.03 63.34
CA ARG D 212 -20.28 -1.40 62.80
C ARG D 212 -20.44 -2.54 61.82
N ASP D 213 -20.09 -2.28 60.55
CA ASP D 213 -20.17 -3.25 59.45
C ASP D 213 -21.60 -3.64 59.05
N GLN D 214 -22.61 -3.08 59.72
CA GLN D 214 -24.02 -3.33 59.44
C GLN D 214 -24.57 -2.23 58.56
N SER D 215 -25.50 -2.59 57.67
CA SER D 215 -26.13 -1.61 56.80
C SER D 215 -27.28 -0.88 57.52
N LEU D 216 -27.73 0.28 57.00
CA LEU D 216 -28.79 1.08 57.60
C LEU D 216 -30.03 0.26 57.98
N LYS D 217 -30.49 0.39 59.23
CA LYS D 217 -31.64 -0.35 59.72
C LYS D 217 -32.72 0.61 60.20
N ILE D 218 -33.85 0.68 59.48
CA ILE D 218 -34.96 1.55 59.85
C ILE D 218 -35.85 0.82 60.83
N LEU D 219 -36.06 1.38 62.04
CA LEU D 219 -36.85 0.72 63.06
C LEU D 219 -38.33 0.83 62.75
N ASN D 220 -39.06 -0.30 62.76
CA ASN D 220 -40.50 -0.31 62.51
C ASN D 220 -41.30 0.30 63.70
N PRO D 221 -42.57 0.71 63.50
CA PRO D 221 -43.30 1.35 64.61
C PRO D 221 -43.44 0.53 65.88
N GLU D 222 -43.48 -0.82 65.76
CA GLU D 222 -43.58 -1.70 66.93
C GLU D 222 -42.29 -1.65 67.77
N GLU D 223 -41.14 -1.56 67.09
CA GLU D 223 -39.82 -1.47 67.73
C GLU D 223 -39.66 -0.13 68.46
N ILE D 224 -40.15 0.94 67.84
CA ILE D 224 -40.12 2.27 68.42
C ILE D 224 -41.03 2.33 69.67
N GLU D 225 -42.20 1.66 69.61
CA GLU D 225 -43.16 1.59 70.72
C GLU D 225 -42.55 0.87 71.93
N LYS D 226 -41.70 -0.14 71.68
CA LYS D 226 -40.99 -0.90 72.71
C LYS D 226 -40.04 0.02 73.49
N TYR D 227 -39.21 0.80 72.78
CA TYR D 227 -38.29 1.72 73.41
C TYR D 227 -39.03 2.89 74.08
N VAL D 228 -40.21 3.27 73.55
CA VAL D 228 -41.06 4.33 74.11
C VAL D 228 -41.67 3.89 75.44
N ALA D 229 -41.96 2.57 75.61
CA ALA D 229 -42.48 2.04 76.85
C ALA D 229 -41.42 2.08 77.98
N GLU D 230 -40.13 1.97 77.63
CA GLU D 230 -39.03 2.05 78.60
C GLU D 230 -38.82 3.48 79.14
N ILE D 231 -39.43 4.50 78.51
CA ILE D 231 -39.38 5.89 78.95
C ILE D 231 -40.40 6.10 80.06
N GLU D 232 -41.62 5.55 79.87
CA GLU D 232 -42.66 5.59 80.90
C GLU D 232 -42.26 4.74 82.11
N LYS D 233 -41.45 3.67 81.91
CA LYS D 233 -40.91 2.82 82.96
C LYS D 233 -40.02 3.67 83.88
N GLU D 234 -39.18 4.54 83.29
CA GLU D 234 -38.30 5.42 84.04
C GLU D 234 -39.12 6.54 84.70
N ASP E 1 -31.25 48.37 44.13
CA ASP E 1 -30.35 47.23 43.88
C ASP E 1 -29.47 47.37 42.62
N ARG E 2 -28.21 47.85 42.84
CA ARG E 2 -27.10 48.05 41.88
C ARG E 2 -26.38 46.72 41.57
N GLY E 3 -25.45 46.77 40.62
CA GLY E 3 -24.66 45.61 40.25
C GLY E 3 -23.49 45.40 41.17
N VAL E 4 -22.93 44.18 41.19
CA VAL E 4 -21.79 43.82 42.04
C VAL E 4 -20.49 44.56 41.66
N ASN E 5 -20.42 45.12 40.45
CA ASN E 5 -19.26 45.87 40.01
C ASN E 5 -19.48 47.39 40.01
N THR E 6 -20.31 47.86 40.95
CA THR E 6 -20.60 49.29 41.08
C THR E 6 -19.60 49.98 42.03
N PHE E 7 -19.07 51.13 41.62
CA PHE E 7 -18.17 51.95 42.42
C PHE E 7 -18.98 52.90 43.28
N SER E 8 -18.46 53.23 44.45
CA SER E 8 -19.08 54.22 45.33
C SER E 8 -18.55 55.60 44.93
N PRO E 9 -19.22 56.71 45.31
CA PRO E 9 -18.67 58.03 44.98
C PRO E 9 -17.25 58.30 45.52
N GLU E 10 -16.78 57.45 46.47
CA GLU E 10 -15.45 57.55 47.06
C GLU E 10 -14.39 56.74 46.28
N GLY E 11 -14.81 55.93 45.31
CA GLY E 11 -13.89 55.17 44.47
C GLY E 11 -13.57 53.79 44.97
N ARG E 12 -14.52 53.19 45.70
CA ARG E 12 -14.36 51.82 46.17
C ARG E 12 -15.55 50.96 45.78
N LEU E 13 -15.31 49.67 45.58
CA LEU E 13 -16.36 48.75 45.20
C LEU E 13 -17.21 48.43 46.40
N PHE E 14 -18.53 48.74 46.33
CA PHE E 14 -19.51 48.46 47.38
C PHE E 14 -19.38 47.03 47.91
N GLN E 15 -19.31 46.04 47.03
CA GLN E 15 -19.20 44.63 47.42
C GLN E 15 -17.92 44.31 48.16
N VAL E 16 -16.81 44.98 47.82
CA VAL E 16 -15.55 44.75 48.49
C VAL E 16 -15.59 45.38 49.87
N GLU E 17 -16.14 46.61 49.98
CA GLU E 17 -16.35 47.33 51.24
C GLU E 17 -17.10 46.44 52.24
N TYR E 18 -18.20 45.79 51.79
CA TYR E 18 -19.04 44.95 52.62
C TYR E 18 -18.39 43.63 53.00
N ALA E 19 -17.52 43.09 52.15
CA ALA E 19 -16.80 41.85 52.45
C ALA E 19 -15.77 42.10 53.57
N ILE E 20 -15.18 43.33 53.63
CA ILE E 20 -14.25 43.78 54.68
C ILE E 20 -15.04 43.82 56.02
N GLU E 21 -16.29 44.36 55.98
CA GLU E 21 -17.19 44.43 57.12
C GLU E 21 -17.53 43.03 57.64
N ALA E 22 -17.68 42.04 56.74
CA ALA E 22 -17.96 40.63 57.09
C ALA E 22 -16.83 39.98 57.90
N ILE E 23 -15.60 40.46 57.75
CA ILE E 23 -14.46 39.93 58.49
C ILE E 23 -14.48 40.41 59.95
N LYS E 24 -15.06 41.61 60.20
CA LYS E 24 -15.26 42.14 61.55
C LYS E 24 -16.18 41.24 62.40
N LEU E 25 -16.79 40.18 61.79
CA LEU E 25 -17.65 39.21 62.46
C LEU E 25 -16.93 37.85 62.68
N GLY E 26 -15.76 37.64 62.07
CA GLY E 26 -15.00 36.42 62.24
C GLY E 26 -14.22 36.39 63.54
N SER E 27 -13.81 35.19 63.99
CA SER E 27 -13.03 35.04 65.22
C SER E 27 -11.63 35.59 64.99
N THR E 28 -11.04 36.18 66.03
CA THR E 28 -9.75 36.87 65.90
C THR E 28 -8.58 35.85 65.79
N ALA E 29 -7.62 36.24 64.93
CA ALA E 29 -6.40 35.50 64.62
C ALA E 29 -5.21 36.45 64.70
N ILE E 30 -4.07 35.95 65.16
CA ILE E 30 -2.85 36.72 65.31
C ILE E 30 -1.68 35.98 64.66
N GLY E 31 -0.79 36.74 64.04
CA GLY E 31 0.43 36.23 63.47
C GLY E 31 1.60 37.12 63.85
N ILE E 32 2.74 36.50 64.24
CA ILE E 32 3.94 37.24 64.63
C ILE E 32 5.16 36.66 63.92
N GLN E 33 5.84 37.49 63.10
CA GLN E 33 7.04 37.10 62.37
C GLN E 33 8.25 37.47 63.22
N THR E 34 9.10 36.48 63.49
CA THR E 34 10.30 36.58 64.33
C THR E 34 11.51 36.03 63.55
N SER E 35 12.72 36.24 64.03
CA SER E 35 13.94 35.76 63.36
C SER E 35 14.10 34.22 63.39
N GLU E 36 13.45 33.58 64.38
CA GLU E 36 13.47 32.12 64.62
C GLU E 36 12.22 31.37 64.15
N GLY E 37 11.24 32.10 63.63
CA GLY E 37 10.02 31.48 63.15
C GLY E 37 8.82 32.39 63.14
N VAL E 38 7.74 31.92 62.52
CA VAL E 38 6.51 32.66 62.48
C VAL E 38 5.48 31.85 63.25
N CYS E 39 4.75 32.50 64.16
CA CYS E 39 3.72 31.79 64.90
C CYS E 39 2.35 32.29 64.48
N LEU E 40 1.39 31.35 64.37
CA LEU E 40 0.01 31.68 64.05
C LEU E 40 -0.88 31.17 65.20
N ALA E 41 -1.77 32.02 65.73
CA ALA E 41 -2.65 31.64 66.82
C ALA E 41 -4.07 32.16 66.57
N VAL E 42 -5.12 31.36 66.82
CA VAL E 42 -6.48 31.78 66.52
C VAL E 42 -7.48 31.26 67.58
N GLU E 43 -8.55 32.03 67.83
CA GLU E 43 -9.59 31.57 68.73
C GLU E 43 -10.63 30.75 67.94
N LYS E 44 -11.02 29.59 68.46
CA LYS E 44 -11.96 28.71 67.77
C LYS E 44 -13.42 29.15 67.84
N ARG E 45 -13.81 29.88 68.89
CA ARG E 45 -15.20 30.33 69.09
C ARG E 45 -16.19 29.12 69.06
N ILE E 46 -16.08 28.22 70.06
CA ILE E 46 -16.89 27.01 70.16
C ILE E 46 -18.28 27.26 70.76
N THR E 47 -19.31 27.07 69.95
CA THR E 47 -20.70 27.32 70.32
C THR E 47 -21.35 26.30 71.26
N SER E 48 -20.87 25.05 71.29
CA SER E 48 -21.50 23.99 72.09
C SER E 48 -20.50 22.95 72.58
N PRO E 49 -20.70 22.37 73.77
CA PRO E 49 -19.80 21.31 74.23
C PRO E 49 -19.90 20.01 73.40
N LEU E 50 -21.03 19.81 72.70
CA LEU E 50 -21.23 18.63 71.86
C LEU E 50 -20.42 18.68 70.54
N MET E 51 -19.97 19.87 70.14
CA MET E 51 -19.19 20.10 68.93
C MET E 51 -17.76 19.61 69.15
N GLU E 52 -17.20 18.89 68.16
CA GLU E 52 -15.82 18.39 68.25
C GLU E 52 -14.84 19.51 67.90
N PRO E 53 -14.04 19.98 68.87
CA PRO E 53 -13.14 21.12 68.57
C PRO E 53 -12.05 20.79 67.56
N SER E 54 -11.65 19.52 67.50
CA SER E 54 -10.67 19.06 66.52
C SER E 54 -11.16 19.27 65.06
N SER E 55 -12.48 19.42 64.85
CA SER E 55 -13.11 19.65 63.55
C SER E 55 -13.29 21.14 63.20
N ILE E 56 -12.65 22.05 63.92
CA ILE E 56 -12.69 23.47 63.61
C ILE E 56 -11.27 23.75 63.16
N GLU E 57 -11.07 23.91 61.85
CA GLU E 57 -9.74 24.08 61.28
C GLU E 57 -9.49 25.50 60.81
N LYS E 58 -9.02 26.39 61.70
CA LYS E 58 -8.73 27.77 61.30
C LYS E 58 -7.23 28.05 61.03
N ILE E 59 -6.37 27.07 61.29
CA ILE E 59 -4.96 27.13 60.92
C ILE E 59 -4.72 25.88 60.08
N VAL E 60 -4.31 26.06 58.82
CA VAL E 60 -4.10 24.94 57.90
C VAL E 60 -2.67 24.96 57.32
N GLU E 61 -2.22 23.82 56.79
CA GLU E 61 -0.91 23.71 56.18
C GLU E 61 -1.09 23.84 54.67
N ILE E 62 -0.42 24.82 54.04
CA ILE E 62 -0.49 25.01 52.59
C ILE E 62 0.54 24.08 51.93
N ASP E 63 1.75 24.07 52.48
CA ASP E 63 2.89 23.21 52.15
C ASP E 63 3.70 23.07 53.46
N ALA E 64 4.71 22.18 53.49
CA ALA E 64 5.51 22.01 54.72
C ALA E 64 6.10 23.29 55.29
N HIS E 65 6.52 24.24 54.45
CA HIS E 65 7.11 25.48 54.92
C HIS E 65 6.11 26.65 55.00
N ILE E 66 4.80 26.43 54.74
CA ILE E 66 3.80 27.51 54.76
C ILE E 66 2.51 27.10 55.47
N GLY E 67 2.04 27.97 56.35
CA GLY E 67 0.80 27.81 57.09
C GLY E 67 -0.13 28.98 56.86
N CYS E 68 -1.42 28.76 57.09
CA CYS E 68 -2.41 29.80 56.86
C CYS E 68 -3.45 29.94 57.99
N ALA E 69 -3.58 31.15 58.56
CA ALA E 69 -4.60 31.46 59.55
C ALA E 69 -5.74 32.22 58.83
N MET E 70 -7.00 31.88 59.14
CA MET E 70 -8.14 32.49 58.44
C MET E 70 -9.19 33.11 59.36
N SER E 71 -9.91 34.13 58.86
CA SER E 71 -11.01 34.76 59.61
C SER E 71 -12.08 35.31 58.68
N GLY E 72 -13.34 35.22 59.10
CA GLY E 72 -14.47 35.68 58.30
C GLY E 72 -15.42 34.53 57.98
N LEU E 73 -15.87 34.41 56.75
CA LEU E 73 -16.77 33.31 56.33
C LEU E 73 -15.89 32.13 56.00
N ILE E 74 -15.79 31.13 56.91
CA ILE E 74 -14.84 30.00 56.78
C ILE E 74 -15.12 29.08 55.61
N ALA E 75 -16.37 29.04 55.13
CA ALA E 75 -16.70 28.23 53.95
C ALA E 75 -16.06 28.83 52.68
N ASP E 76 -15.96 30.17 52.63
CA ASP E 76 -15.32 30.89 51.54
C ASP E 76 -13.79 30.63 51.53
N ALA E 77 -13.19 30.45 52.69
CA ALA E 77 -11.76 30.24 52.81
C ALA E 77 -11.33 28.89 52.29
N LYS E 78 -12.17 27.86 52.46
CA LYS E 78 -11.88 26.49 52.02
C LYS E 78 -11.52 26.39 50.53
N THR E 79 -12.08 27.28 49.71
CA THR E 79 -11.84 27.34 48.28
C THR E 79 -10.45 27.93 48.01
N LEU E 80 -10.10 29.00 48.74
CA LEU E 80 -8.82 29.67 48.59
C LEU E 80 -7.68 28.80 49.13
N ILE E 81 -7.91 28.07 50.23
CA ILE E 81 -6.91 27.17 50.82
C ILE E 81 -6.54 26.08 49.84
N ASP E 82 -7.54 25.49 49.18
CA ASP E 82 -7.31 24.44 48.22
C ASP E 82 -6.65 24.98 46.97
N LYS E 83 -7.03 26.19 46.52
CA LYS E 83 -6.38 26.79 45.35
C LYS E 83 -4.90 27.09 45.67
N ALA E 84 -4.58 27.48 46.92
CA ALA E 84 -3.20 27.74 47.31
C ALA E 84 -2.43 26.43 47.29
N ARG E 85 -3.02 25.35 47.84
CA ARG E 85 -2.39 24.03 47.89
C ARG E 85 -2.12 23.47 46.50
N VAL E 86 -3.04 23.72 45.57
CA VAL E 86 -2.92 23.25 44.19
C VAL E 86 -1.80 24.03 43.48
N GLU E 87 -1.70 25.34 43.71
CA GLU E 87 -0.65 26.15 43.11
C GLU E 87 0.75 25.70 43.55
N THR E 88 0.97 25.42 44.83
CA THR E 88 2.29 24.98 45.34
C THR E 88 2.71 23.65 44.71
N GLN E 89 1.73 22.77 44.43
CA GLN E 89 2.03 21.48 43.82
C GLN E 89 2.21 21.56 42.31
N ASN E 90 1.50 22.49 41.66
CA ASN E 90 1.69 22.73 40.25
C ASN E 90 3.07 23.32 40.02
N HIS E 91 3.50 24.26 40.92
CA HIS E 91 4.81 24.89 40.90
C HIS E 91 5.89 23.82 41.16
N TRP E 92 5.68 22.94 42.16
CA TRP E 92 6.62 21.85 42.45
C TRP E 92 6.79 20.95 41.22
N PHE E 93 5.68 20.59 40.57
CA PHE E 93 5.73 19.71 39.42
C PHE E 93 6.56 20.30 38.29
N THR E 94 6.30 21.58 37.96
CA THR E 94 6.95 22.27 36.84
C THR E 94 8.36 22.68 37.13
N TYR E 95 8.65 23.25 38.30
CA TYR E 95 9.97 23.80 38.59
C TYR E 95 10.84 23.00 39.54
N ASN E 96 10.29 21.95 40.15
CA ASN E 96 11.00 21.09 41.12
C ASN E 96 11.54 21.94 42.26
N GLU E 97 10.67 22.73 42.88
CA GLU E 97 11.06 23.60 43.98
C GLU E 97 9.82 24.08 44.77
N THR E 98 10.08 24.63 45.97
CA THR E 98 9.04 25.20 46.79
C THR E 98 8.83 26.67 46.42
N MET E 99 7.64 27.16 46.69
CA MET E 99 7.30 28.56 46.40
C MET E 99 7.71 29.44 47.54
N THR E 100 7.88 30.74 47.28
CA THR E 100 8.13 31.69 48.35
C THR E 100 6.78 31.98 49.03
N VAL E 101 6.76 32.42 50.30
CA VAL E 101 5.52 32.78 51.00
C VAL E 101 4.80 33.91 50.24
N GLU E 102 5.56 34.84 49.68
CA GLU E 102 5.04 35.95 48.90
C GLU E 102 4.36 35.50 47.60
N SER E 103 4.93 34.51 46.90
CA SER E 103 4.36 33.98 45.65
C SER E 103 3.06 33.25 45.92
N VAL E 104 2.99 32.52 47.04
CA VAL E 104 1.78 31.80 47.39
C VAL E 104 0.69 32.80 47.73
N THR E 105 0.99 33.80 48.60
CA THR E 105 0.07 34.88 48.97
C THR E 105 -0.44 35.61 47.68
N GLN E 106 0.47 35.90 46.71
CA GLN E 106 0.14 36.57 45.45
C GLN E 106 -0.78 35.73 44.58
N ALA E 107 -0.53 34.41 44.51
CA ALA E 107 -1.37 33.53 43.70
C ALA E 107 -2.82 33.57 44.21
N VAL E 108 -3.02 33.49 45.54
CA VAL E 108 -4.37 33.56 46.10
C VAL E 108 -5.01 34.93 45.86
N SER E 109 -4.20 35.98 45.94
CA SER E 109 -4.60 37.36 45.69
C SER E 109 -5.04 37.61 44.23
N ASN E 110 -4.57 36.81 43.29
CA ASN E 110 -4.97 36.96 41.89
C ASN E 110 -6.46 36.65 41.66
N LEU E 111 -7.10 35.90 42.58
CA LEU E 111 -8.52 35.54 42.48
C LEU E 111 -9.46 36.58 43.08
N ALA E 112 -8.93 37.62 43.72
CA ALA E 112 -9.68 38.59 44.50
C ALA E 112 -10.86 39.33 43.79
N LEU E 113 -10.62 40.11 42.70
CA LEU E 113 -11.74 40.82 42.07
C LEU E 113 -12.36 40.07 40.89
N GLN E 114 -12.16 38.75 40.85
CA GLN E 114 -12.67 37.84 39.83
C GLN E 114 -14.14 37.51 40.04
N PHE E 115 -14.99 38.52 40.23
CA PHE E 115 -16.43 38.33 40.37
C PHE E 115 -17.17 39.23 39.37
N GLY E 116 -18.43 38.91 39.10
CA GLY E 116 -19.22 39.71 38.17
C GLY E 116 -20.40 38.98 37.59
N GLU E 117 -21.31 39.73 36.96
CA GLU E 117 -22.52 39.15 36.35
C GLU E 117 -22.44 39.05 34.82
N GLU E 118 -22.36 40.18 34.11
CA GLU E 118 -22.32 40.16 32.65
C GLU E 118 -20.91 39.89 32.10
N ASP E 119 -20.85 39.14 30.97
CA ASP E 119 -19.63 38.70 30.26
C ASP E 119 -18.87 37.56 30.99
N ALA E 120 -19.59 36.80 31.85
CA ALA E 120 -19.03 35.70 32.65
C ALA E 120 -19.42 34.28 32.17
N ASP E 121 -18.70 33.24 32.65
CA ASP E 121 -18.94 31.83 32.32
C ASP E 121 -20.29 31.33 32.86
N ALA E 124 -19.36 31.97 36.83
CA ALA E 124 -18.21 32.44 37.61
C ALA E 124 -18.70 33.06 38.95
N MET E 125 -17.74 33.50 39.85
CA MET E 125 -18.01 34.11 41.15
C MET E 125 -18.97 35.26 41.05
N SER E 126 -19.99 35.25 41.90
CA SER E 126 -21.03 36.26 41.93
C SER E 126 -20.73 37.39 42.94
N ARG E 127 -19.76 37.18 43.84
CA ARG E 127 -19.41 38.11 44.90
C ARG E 127 -17.95 37.84 45.37
N PRO E 128 -17.31 38.79 46.09
CA PRO E 128 -15.95 38.51 46.59
C PRO E 128 -15.95 37.46 47.71
N PHE E 129 -14.75 37.06 48.14
CA PHE E 129 -14.62 36.13 49.26
C PHE E 129 -14.64 36.98 50.55
N GLY E 130 -15.45 36.61 51.52
CA GLY E 130 -15.53 37.33 52.79
C GLY E 130 -14.55 36.74 53.77
N VAL E 131 -13.27 36.74 53.42
CA VAL E 131 -12.18 36.13 54.19
C VAL E 131 -10.98 37.08 54.31
N ALA E 132 -10.23 36.97 55.40
CA ALA E 132 -8.95 37.63 55.61
C ALA E 132 -7.97 36.50 55.89
N LEU E 133 -6.78 36.55 55.29
CA LEU E 133 -5.80 35.49 55.48
C LEU E 133 -4.47 35.97 56.04
N LEU E 134 -3.83 35.13 56.84
CA LEU E 134 -2.50 35.40 57.38
C LEU E 134 -1.62 34.21 56.98
N PHE E 135 -0.74 34.40 56.00
CA PHE E 135 0.17 33.35 55.55
C PHE E 135 1.46 33.48 56.37
N GLY E 136 1.95 32.38 56.91
CA GLY E 136 3.16 32.39 57.69
C GLY E 136 4.05 31.20 57.37
N GLY E 137 5.31 31.47 57.07
CA GLY E 137 6.25 30.40 56.76
C GLY E 137 7.68 30.82 56.61
N VAL E 138 8.54 29.89 56.20
CA VAL E 138 9.95 30.19 55.99
C VAL E 138 10.33 29.89 54.55
N ASP E 139 11.04 30.83 53.90
CA ASP E 139 11.62 30.65 52.57
C ASP E 139 13.10 31.12 52.61
N GLU E 140 13.70 31.47 51.46
CA GLU E 140 15.10 31.92 51.41
C GLU E 140 15.27 33.31 52.05
N LYS E 141 14.21 34.13 52.06
CA LYS E 141 14.28 35.44 52.71
C LYS E 141 14.12 35.35 54.26
N GLY E 142 13.93 34.13 54.79
CA GLY E 142 13.74 33.88 56.22
C GLY E 142 12.27 33.69 56.55
N PRO E 143 11.93 33.80 57.84
CA PRO E 143 10.52 33.66 58.23
C PRO E 143 9.74 34.89 57.77
N GLN E 144 8.60 34.69 57.10
CA GLN E 144 7.80 35.78 56.56
C GLN E 144 6.34 35.62 56.95
N LEU E 145 5.65 36.74 57.22
CA LEU E 145 4.23 36.75 57.56
C LEU E 145 3.55 37.71 56.59
N PHE E 146 2.47 37.27 55.92
CA PHE E 146 1.75 38.09 54.95
C PHE E 146 0.26 38.18 55.26
N HIS E 147 -0.33 39.33 55.03
CA HIS E 147 -1.76 39.55 55.27
C HIS E 147 -2.46 39.71 53.93
N MET E 148 -3.75 39.33 53.86
CA MET E 148 -4.53 39.52 52.67
C MET E 148 -5.99 39.78 53.01
N ASP E 149 -6.65 40.69 52.30
CA ASP E 149 -8.06 40.97 52.53
C ASP E 149 -8.94 40.72 51.26
N PRO E 150 -10.30 40.82 51.32
CA PRO E 150 -11.13 40.60 50.11
C PRO E 150 -10.79 41.47 48.89
N SER E 151 -10.17 42.64 49.09
CA SER E 151 -9.75 43.49 47.97
C SER E 151 -8.57 42.94 47.16
N GLY E 152 -7.92 41.90 47.68
CA GLY E 152 -6.76 41.32 47.04
C GLY E 152 -5.45 41.95 47.44
N THR E 153 -5.48 43.02 48.24
CA THR E 153 -4.27 43.69 48.69
C THR E 153 -3.55 42.78 49.65
N PHE E 154 -2.29 42.48 49.33
CA PHE E 154 -1.48 41.64 50.20
C PHE E 154 -0.22 42.39 50.61
N VAL E 155 0.17 42.26 51.89
CA VAL E 155 1.35 42.96 52.38
C VAL E 155 2.06 42.16 53.45
N GLN E 156 3.35 42.44 53.67
CA GLN E 156 4.13 41.74 54.66
C GLN E 156 3.94 42.41 56.01
N CYS E 157 3.82 41.62 57.09
CA CYS E 157 3.62 42.15 58.42
C CYS E 157 4.56 41.52 59.43
N ASP E 158 5.02 42.32 60.39
CA ASP E 158 5.84 41.83 61.50
C ASP E 158 4.88 41.25 62.56
N ALA E 159 3.71 41.88 62.75
CA ALA E 159 2.67 41.42 63.64
C ALA E 159 1.36 41.92 63.05
N ARG E 160 0.39 41.00 62.92
CA ARG E 160 -0.90 41.36 62.35
C ARG E 160 -2.06 40.56 63.00
N ALA E 161 -3.12 41.28 63.37
CA ALA E 161 -4.32 40.69 63.95
C ALA E 161 -5.49 40.93 63.01
N ILE E 162 -6.32 39.90 62.81
CA ILE E 162 -7.51 39.98 61.95
C ILE E 162 -8.72 39.48 62.73
N GLY E 163 -9.90 39.96 62.38
CA GLY E 163 -11.12 39.51 63.03
C GLY E 163 -11.89 40.55 63.80
N SER E 164 -12.87 40.09 64.58
CA SER E 164 -13.75 40.92 65.39
C SER E 164 -13.03 41.91 66.30
N ALA E 165 -12.01 41.44 67.03
CA ALA E 165 -11.26 42.31 67.95
C ALA E 165 -9.89 42.67 67.40
N SER E 166 -9.77 42.81 66.07
CA SER E 166 -8.49 43.15 65.43
C SER E 166 -7.96 44.53 65.83
N GLU E 167 -8.84 45.52 66.10
CA GLU E 167 -8.42 46.87 66.48
C GLU E 167 -7.71 46.89 67.83
N GLY E 168 -8.29 46.17 68.79
CA GLY E 168 -7.74 46.05 70.14
C GLY E 168 -6.49 45.20 70.20
N ALA E 169 -6.46 44.08 69.45
CA ALA E 169 -5.29 43.18 69.43
C ALA E 169 -4.09 43.79 68.73
N GLN E 170 -4.32 44.65 67.73
CA GLN E 170 -3.24 45.32 67.02
C GLN E 170 -2.57 46.37 67.91
N SER E 171 -3.36 46.99 68.83
CA SER E 171 -2.85 47.96 69.78
C SER E 171 -1.85 47.24 70.71
N SER E 172 -2.26 46.08 71.25
CA SER E 172 -1.45 45.24 72.13
C SER E 172 -0.20 44.72 71.42
N LEU E 173 -0.33 44.36 70.13
CA LEU E 173 0.82 43.89 69.36
C LEU E 173 1.80 45.05 69.13
N GLN E 174 1.28 46.25 68.86
CA GLN E 174 2.13 47.41 68.62
C GLN E 174 2.96 47.77 69.87
N GLU E 175 2.32 47.71 71.05
CA GLU E 175 3.03 48.00 72.28
C GLU E 175 3.99 46.88 72.72
N VAL E 176 3.76 45.62 72.32
CA VAL E 176 4.61 44.51 72.75
C VAL E 176 5.64 44.04 71.70
N TYR E 177 5.40 44.27 70.40
CA TYR E 177 6.31 43.78 69.36
C TYR E 177 7.65 44.50 69.30
N HIS E 178 8.71 43.70 69.41
CA HIS E 178 10.11 44.09 69.30
C HIS E 178 10.68 43.22 68.17
N LYS E 179 11.37 43.83 67.17
CA LYS E 179 11.91 43.07 66.05
C LYS E 179 12.81 41.89 66.44
N SER E 180 13.66 42.07 67.45
CA SER E 180 14.59 41.04 67.92
C SER E 180 13.98 40.05 68.94
N MET E 181 12.63 40.02 69.10
CA MET E 181 12.03 39.10 70.07
C MET E 181 12.13 37.64 69.63
N THR E 182 12.11 36.72 70.60
CA THR E 182 12.24 35.28 70.31
C THR E 182 10.90 34.68 69.85
N LEU E 183 10.90 33.41 69.39
CA LEU E 183 9.65 32.76 69.01
C LEU E 183 8.87 32.40 70.29
N LYS E 184 9.57 31.99 71.38
CA LYS E 184 8.90 31.70 72.67
C LYS E 184 8.17 32.94 73.18
N GLU E 185 8.80 34.12 73.05
CA GLU E 185 8.20 35.39 73.50
C GLU E 185 7.05 35.84 72.61
N ALA E 186 7.10 35.50 71.32
CA ALA E 186 6.05 35.84 70.35
C ALA E 186 4.83 34.95 70.59
N ILE E 187 5.06 33.66 70.88
CA ILE E 187 4.02 32.68 71.16
C ILE E 187 3.26 33.09 72.41
N LYS E 188 4.00 33.46 73.47
CA LYS E 188 3.39 33.90 74.73
C LYS E 188 2.59 35.20 74.58
N SER E 189 3.14 36.19 73.87
CA SER E 189 2.47 37.47 73.64
C SER E 189 1.17 37.24 72.89
N SER E 190 1.17 36.32 71.90
CA SER E 190 -0.01 35.97 71.11
C SER E 190 -1.10 35.42 72.01
N LEU E 191 -0.74 34.50 72.92
CA LEU E 191 -1.73 33.90 73.81
C LEU E 191 -2.18 34.88 74.90
N ILE E 192 -1.33 35.84 75.31
CA ILE E 192 -1.71 36.85 76.27
C ILE E 192 -2.78 37.75 75.63
N ILE E 193 -2.48 38.27 74.42
CA ILE E 193 -3.39 39.14 73.65
C ILE E 193 -4.68 38.43 73.28
N LEU E 194 -4.61 37.11 73.01
CA LEU E 194 -5.78 36.34 72.68
C LEU E 194 -6.66 36.13 73.91
N LYS E 195 -6.05 35.83 75.08
CA LYS E 195 -6.77 35.68 76.35
C LYS E 195 -7.54 36.97 76.68
N GLN E 196 -6.87 38.12 76.48
CA GLN E 196 -7.37 39.48 76.69
C GLN E 196 -8.63 39.73 75.85
N VAL E 197 -8.57 39.50 74.53
CA VAL E 197 -9.70 39.79 73.65
C VAL E 197 -10.78 38.70 73.62
N MET E 198 -10.48 37.49 74.07
CA MET E 198 -11.44 36.39 74.05
C MET E 198 -12.55 36.44 75.10
N GLU E 199 -13.78 36.07 74.70
CA GLU E 199 -14.94 36.04 75.59
C GLU E 199 -14.80 34.90 76.61
N GLU E 200 -14.51 33.67 76.13
CA GLU E 200 -14.31 32.53 77.02
C GLU E 200 -12.87 32.54 77.60
N LYS E 201 -12.64 31.79 78.71
CA LYS E 201 -11.29 31.71 79.27
C LYS E 201 -10.53 30.71 78.39
N LEU E 202 -9.37 31.13 77.84
CA LEU E 202 -8.64 30.29 76.91
C LEU E 202 -8.02 29.05 77.55
N ASN E 203 -8.20 27.92 76.86
CA ASN E 203 -7.66 26.61 77.22
C ASN E 203 -7.16 25.88 75.95
N ALA E 204 -6.60 24.66 76.12
CA ALA E 204 -6.04 23.85 75.03
C ALA E 204 -7.05 23.37 73.98
N THR E 205 -8.35 23.61 74.20
CA THR E 205 -9.38 23.19 73.24
C THR E 205 -10.00 24.40 72.51
N ASN E 206 -10.06 25.54 73.20
CA ASN E 206 -10.63 26.79 72.71
C ASN E 206 -9.80 27.47 71.64
N ILE E 207 -8.49 27.19 71.59
CA ILE E 207 -7.60 27.89 70.66
C ILE E 207 -6.78 26.93 69.75
N GLU E 208 -6.09 27.48 68.74
CA GLU E 208 -5.24 26.75 67.81
C GLU E 208 -3.92 27.54 67.71
N LEU E 209 -2.79 26.83 67.72
CA LEU E 209 -1.47 27.47 67.62
C LEU E 209 -0.57 26.67 66.69
N ALA E 210 0.21 27.35 65.84
CA ALA E 210 1.11 26.68 64.92
C ALA E 210 2.38 27.47 64.68
N THR E 211 3.52 26.78 64.43
CA THR E 211 4.80 27.45 64.14
C THR E 211 5.48 26.88 62.89
N VAL E 212 6.23 27.73 62.19
CA VAL E 212 7.05 27.31 61.04
C VAL E 212 8.43 27.90 61.34
N GLN E 213 9.42 27.05 61.55
CA GLN E 213 10.77 27.49 61.88
C GLN E 213 11.77 26.99 60.85
N PRO E 214 12.94 27.65 60.70
CA PRO E 214 13.93 27.16 59.72
C PRO E 214 14.24 25.65 59.78
N GLY E 215 14.62 25.15 60.96
CA GLY E 215 14.96 23.74 61.12
C GLY E 215 13.79 22.78 61.13
N GLN E 216 12.61 23.27 61.54
CA GLN E 216 11.42 22.41 61.65
C GLN E 216 10.27 22.83 60.71
N ASN E 217 9.56 21.85 60.14
CA ASN E 217 8.40 22.07 59.26
C ASN E 217 7.18 22.70 60.00
N PHE E 218 6.06 22.93 59.28
CA PHE E 218 4.81 23.46 59.84
C PHE E 218 4.34 22.54 60.95
N HIS E 219 4.19 23.09 62.15
CA HIS E 219 3.79 22.29 63.30
C HIS E 219 2.53 22.79 63.98
N MET E 220 1.52 21.94 64.08
CA MET E 220 0.29 22.28 64.77
C MET E 220 0.48 21.82 66.21
N PHE E 221 0.29 22.72 67.17
CA PHE E 221 0.48 22.39 68.59
C PHE E 221 -0.57 21.40 69.10
N THR E 222 -0.11 20.37 69.84
CA THR E 222 -1.01 19.36 70.43
C THR E 222 -1.61 19.88 71.77
N LYS E 223 -2.60 19.18 72.37
CA LYS E 223 -3.18 19.62 73.64
C LYS E 223 -2.14 19.70 74.74
N GLU E 224 -1.24 18.70 74.80
CA GLU E 224 -0.17 18.64 75.79
C GLU E 224 0.81 19.82 75.64
N GLU E 225 1.09 20.20 74.38
CA GLU E 225 1.99 21.32 74.07
C GLU E 225 1.34 22.66 74.37
N LEU E 226 0.03 22.77 74.09
CA LEU E 226 -0.74 23.99 74.34
C LEU E 226 -0.88 24.23 75.85
N GLU E 227 -1.06 23.15 76.63
CA GLU E 227 -1.17 23.25 78.08
C GLU E 227 0.15 23.67 78.71
N GLU E 228 1.28 23.17 78.17
CA GLU E 228 2.62 23.54 78.66
C GLU E 228 2.96 25.02 78.41
N VAL E 229 2.38 25.62 77.37
CA VAL E 229 2.60 27.03 77.05
C VAL E 229 1.63 27.92 77.81
N ILE E 230 0.39 27.44 78.02
CA ILE E 230 -0.69 28.13 78.73
C ILE E 230 -0.30 28.50 80.17
N LYS E 231 0.60 27.70 80.79
CA LYS E 231 1.12 27.85 82.15
C LYS E 231 1.57 29.30 82.51
N ASP E 232 1.97 30.11 81.52
CA ASP E 232 2.39 31.49 81.75
C ASP E 232 1.21 32.46 82.02
N ASN F 1 -29.73 59.51 43.28
CA ASN F 1 -29.24 59.57 41.91
C ASN F 1 -29.60 58.33 41.09
N GLN F 2 -30.12 58.54 39.87
CA GLN F 2 -30.53 57.50 38.94
C GLN F 2 -29.51 57.19 37.84
N TYR F 3 -28.52 58.07 37.64
CA TYR F 3 -27.49 57.91 36.60
C TYR F 3 -26.08 57.60 37.21
N ASP F 4 -26.11 57.02 38.41
CA ASP F 4 -25.04 56.70 39.34
C ASP F 4 -24.50 55.28 39.33
N ASN F 5 -25.32 54.27 38.99
CA ASN F 5 -24.92 52.88 39.22
C ASN F 5 -24.44 52.06 38.00
N ASP F 6 -24.40 52.66 36.79
CA ASP F 6 -24.01 51.92 35.61
C ASP F 6 -23.20 52.75 34.64
N VAL F 7 -22.10 52.15 34.05
CA VAL F 7 -21.26 52.84 33.05
C VAL F 7 -22.00 53.08 31.72
N THR F 8 -22.99 52.25 31.43
CA THR F 8 -23.79 52.41 30.22
C THR F 8 -24.76 53.57 30.31
N VAL F 9 -24.99 54.13 31.50
CA VAL F 9 -25.94 55.19 31.67
C VAL F 9 -25.28 56.55 31.65
N TRP F 10 -25.62 57.35 30.65
CA TRP F 10 -25.20 58.74 30.52
C TRP F 10 -26.16 59.56 31.40
N SER F 11 -25.64 60.55 32.14
CA SER F 11 -26.46 61.47 32.93
C SER F 11 -26.98 62.57 31.98
N PRO F 12 -28.04 63.31 32.35
CA PRO F 12 -28.54 64.37 31.44
C PRO F 12 -27.52 65.44 31.05
N GLN F 13 -26.41 65.52 31.79
CA GLN F 13 -25.35 66.49 31.51
C GLN F 13 -24.25 65.97 30.59
N GLY F 14 -24.41 64.78 30.02
CA GLY F 14 -23.38 64.19 29.18
C GLY F 14 -22.21 63.72 30.03
N ARG F 15 -22.53 63.09 31.18
CA ARG F 15 -21.50 62.59 32.07
C ARG F 15 -21.73 61.12 32.44
N ILE F 16 -20.66 60.36 32.63
CA ILE F 16 -20.78 58.98 33.07
C ILE F 16 -20.23 58.95 34.47
N HIS F 17 -21.15 58.99 35.45
CA HIS F 17 -20.77 59.05 36.86
C HIS F 17 -19.94 57.88 37.31
N GLN F 18 -20.20 56.68 36.80
CA GLN F 18 -19.41 55.52 37.18
C GLN F 18 -17.92 55.67 36.78
N ILE F 19 -17.63 56.39 35.70
CA ILE F 19 -16.25 56.64 35.30
C ILE F 19 -15.63 57.64 36.28
N GLU F 20 -16.38 58.69 36.63
CA GLU F 20 -15.96 59.73 37.57
C GLU F 20 -15.72 59.17 38.97
N TYR F 21 -16.47 58.12 39.37
CA TYR F 21 -16.30 57.49 40.69
C TYR F 21 -15.04 56.63 40.70
N ALA F 22 -14.75 55.93 39.57
CA ALA F 22 -13.53 55.14 39.38
C ALA F 22 -12.29 56.05 39.40
N MET F 23 -12.41 57.29 38.91
CA MET F 23 -11.32 58.25 38.91
C MET F 23 -10.88 58.59 40.35
N GLU F 24 -11.84 58.60 41.29
CA GLU F 24 -11.61 58.87 42.71
C GLU F 24 -10.66 57.86 43.34
N ALA F 25 -10.68 56.60 42.88
CA ALA F 25 -9.80 55.56 43.40
C ALA F 25 -8.33 55.94 43.28
N VAL F 26 -7.97 56.66 42.20
CA VAL F 26 -6.61 57.11 41.97
C VAL F 26 -6.23 58.18 43.02
N LYS F 27 -7.15 59.14 43.27
CA LYS F 27 -6.97 60.23 44.23
C LYS F 27 -6.81 59.75 45.66
N GLN F 28 -7.42 58.62 46.04
CA GLN F 28 -7.32 58.08 47.39
C GLN F 28 -5.96 57.43 47.68
N GLY F 29 -5.34 56.79 46.67
CA GLY F 29 -4.04 56.14 46.82
C GLY F 29 -2.91 57.12 47.07
N SER F 30 -1.73 56.67 47.56
CA SER F 30 -0.61 57.60 47.84
C SER F 30 -0.03 58.23 46.57
N ALA F 31 0.64 59.38 46.73
CA ALA F 31 1.18 60.09 45.59
C ALA F 31 2.37 59.41 44.97
N THR F 32 2.48 59.58 43.66
CA THR F 32 3.58 59.07 42.87
C THR F 32 3.94 60.12 41.83
N VAL F 33 5.23 60.23 41.53
CA VAL F 33 5.78 61.24 40.63
C VAL F 33 6.54 60.55 39.50
N GLY F 34 6.43 61.11 38.31
CA GLY F 34 7.11 60.58 37.14
C GLY F 34 7.64 61.76 36.38
N LEU F 35 8.91 61.73 36.01
CA LEU F 35 9.53 62.83 35.29
C LEU F 35 10.68 62.33 34.40
N LYS F 36 11.15 63.17 33.45
CA LYS F 36 12.19 62.74 32.53
C LYS F 36 13.17 63.81 32.08
N SER F 37 14.38 63.35 31.75
CA SER F 37 15.46 64.13 31.20
C SER F 37 15.65 63.67 29.74
N LYS F 38 16.72 64.13 29.06
CA LYS F 38 16.98 63.69 27.70
C LYS F 38 17.45 62.22 27.66
N THR F 39 17.94 61.66 28.79
CA THR F 39 18.42 60.29 28.81
C THR F 39 17.67 59.35 29.75
N HIS F 40 17.06 59.87 30.83
CA HIS F 40 16.39 58.98 31.80
C HIS F 40 14.93 59.31 32.08
N ALA F 41 14.16 58.25 32.40
CA ALA F 41 12.77 58.36 32.83
C ALA F 41 12.77 57.86 34.26
N VAL F 42 12.31 58.68 35.19
CA VAL F 42 12.32 58.36 36.60
C VAL F 42 10.91 58.32 37.18
N LEU F 43 10.66 57.33 38.05
CA LEU F 43 9.43 57.20 38.81
C LEU F 43 9.81 57.23 40.30
N VAL F 44 9.14 58.05 41.08
CA VAL F 44 9.36 58.13 42.53
C VAL F 44 8.00 57.91 43.19
N ALA F 45 7.95 57.14 44.29
CA ALA F 45 6.65 56.88 44.93
C ALA F 45 6.67 56.93 46.46
N LEU F 46 5.53 57.28 47.03
CA LEU F 46 5.34 57.27 48.48
C LEU F 46 4.68 55.95 48.81
N LYS F 47 5.41 55.06 49.50
CA LYS F 47 4.85 53.76 49.90
C LYS F 47 4.09 53.92 51.23
N ARG F 48 2.83 53.50 51.26
CA ARG F 48 2.01 53.65 52.46
C ARG F 48 2.01 52.36 53.30
N ALA F 49 2.26 52.48 54.60
CA ALA F 49 2.25 51.32 55.50
C ALA F 49 0.96 51.33 56.30
N GLN F 50 0.26 50.19 56.37
CA GLN F 50 -1.01 50.09 57.10
C GLN F 50 -0.88 50.25 58.63
N SER F 51 0.33 50.10 59.16
CA SER F 51 0.68 50.17 60.57
C SER F 51 2.22 50.31 60.69
N GLU F 52 2.74 50.60 61.90
CA GLU F 52 4.20 50.61 62.12
C GLU F 52 4.74 49.16 61.90
N LEU F 53 3.92 48.14 62.30
CA LEU F 53 4.16 46.71 62.19
C LEU F 53 3.86 46.09 60.81
N ALA F 54 3.61 46.92 59.81
CA ALA F 54 3.37 46.43 58.46
C ALA F 54 4.34 47.08 57.48
N ALA F 55 4.68 46.37 56.41
CA ALA F 55 5.58 46.90 55.39
C ALA F 55 4.83 47.92 54.49
N HIS F 56 5.59 48.72 53.72
CA HIS F 56 5.00 49.74 52.87
C HIS F 56 4.72 49.14 51.48
N GLN F 57 3.42 49.14 51.08
CA GLN F 57 2.87 48.58 49.84
C GLN F 57 3.72 48.90 48.61
N LYS F 58 4.00 47.87 47.78
CA LYS F 58 4.79 48.06 46.56
C LYS F 58 4.05 49.00 45.60
N LYS F 59 4.64 50.15 45.28
CA LYS F 59 4.02 51.11 44.35
C LYS F 59 4.62 50.97 42.93
N ILE F 60 5.87 50.46 42.82
CA ILE F 60 6.59 50.37 41.56
C ILE F 60 6.76 48.94 41.10
N LEU F 61 6.37 48.67 39.84
CA LEU F 61 6.38 47.34 39.24
C LEU F 61 7.20 47.25 37.97
N HIS F 62 7.84 46.10 37.71
CA HIS F 62 8.60 45.91 36.48
C HIS F 62 7.68 45.34 35.36
N VAL F 63 7.70 45.93 34.13
CA VAL F 63 6.89 45.46 33.00
C VAL F 63 7.78 44.70 31.99
N ASP F 64 8.87 45.36 31.55
CA ASP F 64 9.88 44.81 30.65
C ASP F 64 11.24 45.50 30.92
N ASN F 65 12.33 45.04 30.31
CA ASN F 65 13.65 45.65 30.50
C ASN F 65 13.66 47.16 30.19
N HIS F 66 12.76 47.61 29.32
CA HIS F 66 12.68 49.00 28.94
C HIS F 66 11.48 49.76 29.53
N ILE F 67 10.62 49.11 30.33
CA ILE F 67 9.42 49.76 30.86
C ILE F 67 9.14 49.36 32.33
N GLY F 68 8.65 50.33 33.10
CA GLY F 68 8.26 50.16 34.49
C GLY F 68 7.09 51.07 34.83
N ILE F 69 6.29 50.71 35.86
CA ILE F 69 5.10 51.51 36.19
C ILE F 69 4.96 51.85 37.67
N SER F 70 4.23 52.92 37.96
CA SER F 70 3.89 53.35 39.30
C SER F 70 2.36 53.35 39.39
N ILE F 71 1.80 52.77 40.45
CA ILE F 71 0.36 52.61 40.55
C ILE F 71 -0.31 53.50 41.59
N ALA F 72 -1.63 53.72 41.43
CA ALA F 72 -2.46 54.53 42.34
C ALA F 72 -3.89 54.07 42.08
N GLY F 73 -4.50 53.43 43.06
CA GLY F 73 -5.85 52.91 42.92
C GLY F 73 -5.96 51.49 43.43
N LEU F 74 -7.01 50.73 42.99
CA LEU F 74 -7.23 49.34 43.42
C LEU F 74 -6.03 48.52 42.99
N THR F 75 -5.37 47.83 43.95
CA THR F 75 -4.15 47.08 43.67
C THR F 75 -4.42 45.85 42.80
N ALA F 76 -5.60 45.21 42.94
CA ALA F 76 -5.94 44.04 42.11
C ALA F 76 -6.13 44.44 40.64
N ASP F 77 -6.67 45.65 40.40
CA ASP F 77 -6.82 46.19 39.06
C ASP F 77 -5.44 46.57 38.51
N ALA F 78 -4.55 47.10 39.37
CA ALA F 78 -3.17 47.46 38.98
C ALA F 78 -2.41 46.22 38.57
N ARG F 79 -2.58 45.10 39.32
CA ARG F 79 -1.93 43.83 39.01
C ARG F 79 -2.42 43.24 37.70
N LEU F 80 -3.73 43.33 37.45
CA LEU F 80 -4.39 42.86 36.25
C LEU F 80 -3.89 43.62 35.02
N LEU F 81 -3.73 44.92 35.14
CA LEU F 81 -3.27 45.79 34.06
C LEU F 81 -1.78 45.68 33.81
N CYS F 82 -1.01 45.40 34.87
CA CYS F 82 0.42 45.18 34.78
C CYS F 82 0.66 43.86 34.04
N ASN F 83 -0.10 42.80 34.40
CA ASN F 83 0.03 41.51 33.73
C ASN F 83 -0.30 41.59 32.24
N PHE F 84 -1.29 42.42 31.88
CA PHE F 84 -1.66 42.67 30.49
C PHE F 84 -0.46 43.32 29.76
N MET F 85 0.13 44.36 30.37
CA MET F 85 1.28 45.07 29.80
C MET F 85 2.49 44.14 29.59
N ARG F 86 2.77 43.27 30.58
CA ARG F 86 3.87 42.31 30.53
C ARG F 86 3.68 41.33 29.37
N GLN F 87 2.44 40.85 29.16
CA GLN F 87 2.15 39.90 28.10
C GLN F 87 2.29 40.56 26.74
N GLU F 88 1.78 41.79 26.61
CA GLU F 88 1.86 42.52 25.35
C GLU F 88 3.31 42.76 24.94
N CYS F 89 4.20 43.04 25.95
CA CYS F 89 5.63 43.21 25.78
C CYS F 89 6.29 41.91 25.36
N LEU F 90 5.94 40.80 26.03
CA LEU F 90 6.47 39.47 25.71
C LEU F 90 6.16 39.05 24.26
N ASP F 91 4.91 39.29 23.80
CA ASP F 91 4.48 38.94 22.46
C ASP F 91 5.30 39.71 21.43
N SER F 92 5.62 40.98 21.72
CA SER F 92 6.40 41.83 20.82
C SER F 92 7.83 41.30 20.65
N ARG F 93 8.46 40.81 21.73
CA ARG F 93 9.80 40.24 21.64
C ARG F 93 9.76 38.83 20.99
N PHE F 94 8.67 38.10 21.16
CA PHE F 94 8.53 36.79 20.57
C PHE F 94 8.36 36.93 19.06
N VAL F 95 7.47 37.83 18.63
CA VAL F 95 7.14 37.99 17.22
C VAL F 95 8.15 38.83 16.44
N PHE F 96 8.46 40.03 16.95
CA PHE F 96 9.36 40.98 16.29
C PHE F 96 10.80 41.01 16.77
N ASP F 97 11.12 40.32 17.88
CA ASP F 97 12.48 40.27 18.45
C ASP F 97 13.03 41.66 18.73
N ARG F 98 12.17 42.53 19.22
CA ARG F 98 12.45 43.93 19.41
C ARG F 98 11.53 44.45 20.50
N PRO F 99 12.03 45.35 21.36
CA PRO F 99 11.17 45.88 22.43
C PRO F 99 9.97 46.64 21.88
N LEU F 100 8.81 46.49 22.54
CA LEU F 100 7.56 47.14 22.16
C LEU F 100 7.67 48.67 22.38
N PRO F 101 7.49 49.47 21.32
CA PRO F 101 7.52 50.94 21.50
C PRO F 101 6.53 51.37 22.57
N VAL F 102 7.01 52.11 23.60
CA VAL F 102 6.26 52.56 24.76
C VAL F 102 4.93 53.23 24.41
N SER F 103 4.90 54.09 23.38
CA SER F 103 3.66 54.76 23.01
C SER F 103 2.63 53.77 22.47
N ARG F 104 3.09 52.69 21.81
CA ARG F 104 2.19 51.68 21.29
C ARG F 104 1.60 50.83 22.42
N LEU F 105 2.37 50.58 23.49
CA LEU F 105 1.85 49.84 24.65
C LEU F 105 0.75 50.66 25.33
N VAL F 106 0.95 51.99 25.42
CA VAL F 106 -0.01 52.90 26.05
C VAL F 106 -1.34 52.93 25.27
N SER F 107 -1.27 52.87 23.92
CA SER F 107 -2.46 52.81 23.07
C SER F 107 -3.28 51.54 23.38
N LEU F 108 -2.58 50.40 23.59
CA LEU F 108 -3.22 49.12 23.89
C LEU F 108 -3.95 49.21 25.23
N ILE F 109 -3.37 49.91 26.21
CA ILE F 109 -3.99 50.13 27.52
C ILE F 109 -5.28 50.93 27.36
N GLY F 110 -5.26 51.94 26.50
CA GLY F 110 -6.41 52.78 26.23
C GLY F 110 -7.58 52.03 25.60
N SER F 111 -7.27 51.12 24.67
CA SER F 111 -8.31 50.32 24.00
C SER F 111 -8.88 49.29 24.96
N LYS F 112 -7.99 48.60 25.69
CA LYS F 112 -8.34 47.58 26.66
C LYS F 112 -9.21 48.13 27.81
N THR F 113 -8.84 49.29 28.38
CA THR F 113 -9.55 49.86 29.51
C THR F 113 -10.85 50.60 29.09
N GLN F 114 -11.02 50.93 27.80
CA GLN F 114 -12.24 51.55 27.29
C GLN F 114 -13.37 50.54 27.16
N ILE F 115 -13.06 49.29 26.83
CA ILE F 115 -14.08 48.27 26.61
C ILE F 115 -15.10 48.18 27.78
N PRO F 116 -14.66 47.99 29.03
CA PRO F 116 -15.63 47.90 30.13
C PRO F 116 -16.44 49.17 30.40
N THR F 117 -15.98 50.36 29.92
CA THR F 117 -16.72 51.63 30.10
C THR F 117 -17.95 51.77 29.16
N GLN F 118 -18.17 50.80 28.24
CA GLN F 118 -19.29 50.88 27.31
C GLN F 118 -20.20 49.63 27.35
N ARG F 119 -19.99 48.71 28.32
CA ARG F 119 -20.77 47.47 28.38
C ARG F 119 -21.43 47.31 29.73
N TYR F 120 -22.71 46.87 29.73
CA TYR F 120 -23.58 46.71 30.92
C TYR F 120 -23.07 45.65 31.85
N GLY F 121 -23.07 45.95 33.14
CA GLY F 121 -22.55 45.01 34.14
C GLY F 121 -21.03 45.02 34.28
N ARG F 122 -20.35 45.71 33.37
CA ARG F 122 -18.90 45.84 33.41
C ARG F 122 -18.54 47.18 34.11
N ARG F 123 -17.30 47.28 34.60
CA ARG F 123 -16.86 48.48 35.32
C ARG F 123 -15.51 48.97 34.85
N PRO F 124 -15.23 50.28 34.98
CA PRO F 124 -13.89 50.76 34.62
C PRO F 124 -12.81 50.14 35.51
N TYR F 125 -11.56 50.20 35.05
CA TYR F 125 -10.43 49.77 35.86
C TYR F 125 -10.24 50.92 36.86
N GLY F 126 -10.21 50.61 38.15
CA GLY F 126 -10.07 51.63 39.18
C GLY F 126 -8.62 51.94 39.48
N VAL F 127 -7.80 52.09 38.42
CA VAL F 127 -6.37 52.33 38.62
C VAL F 127 -5.79 53.33 37.63
N GLY F 128 -4.83 54.08 38.10
CA GLY F 128 -4.11 55.05 37.30
C GLY F 128 -2.65 54.70 37.34
N LEU F 129 -1.96 54.82 36.21
CA LEU F 129 -0.56 54.49 36.14
C LEU F 129 0.28 55.67 35.66
N LEU F 130 1.56 55.65 36.05
CA LEU F 130 2.60 56.53 35.55
C LEU F 130 3.57 55.49 34.93
N ILE F 131 3.92 55.65 33.65
CA ILE F 131 4.75 54.68 32.95
C ILE F 131 6.08 55.25 32.51
N ALA F 132 7.17 54.71 33.03
CA ALA F 132 8.52 55.13 32.65
C ALA F 132 9.04 54.14 31.62
N GLY F 133 9.57 54.66 30.52
CA GLY F 133 10.10 53.81 29.47
C GLY F 133 11.20 54.44 28.66
N TYR F 134 11.87 53.64 27.84
CA TYR F 134 12.94 54.14 26.99
C TYR F 134 12.96 53.36 25.70
N ASP F 135 12.86 54.05 24.55
CA ASP F 135 12.87 53.35 23.25
C ASP F 135 13.62 54.19 22.17
N ASP F 136 13.38 53.95 20.86
CA ASP F 136 14.02 54.72 19.79
C ASP F 136 13.69 56.23 19.84
N MET F 137 12.60 56.59 20.54
CA MET F 137 12.22 57.99 20.71
C MET F 137 12.67 58.58 22.08
N GLY F 138 13.66 57.94 22.71
CA GLY F 138 14.19 58.36 23.99
C GLY F 138 13.32 57.97 25.16
N PRO F 139 13.51 58.64 26.30
CA PRO F 139 12.70 58.33 27.48
C PRO F 139 11.28 58.87 27.42
N HIS F 140 10.38 58.25 28.19
CA HIS F 140 8.99 58.65 28.22
C HIS F 140 8.40 58.52 29.61
N ILE F 141 7.40 59.37 29.89
CA ILE F 141 6.58 59.34 31.08
C ILE F 141 5.15 59.43 30.54
N PHE F 142 4.35 58.35 30.68
CA PHE F 142 2.96 58.32 30.24
C PHE F 142 2.01 58.22 31.44
N GLN F 143 0.77 58.71 31.28
CA GLN F 143 -0.22 58.64 32.35
C GLN F 143 -1.47 57.93 31.85
N THR F 144 -1.96 56.90 32.56
CA THR F 144 -3.21 56.21 32.17
C THR F 144 -4.23 56.37 33.28
N CYS F 145 -5.52 56.49 32.92
CA CYS F 145 -6.56 56.78 33.90
C CYS F 145 -7.78 55.85 33.78
N PRO F 146 -8.58 55.70 34.86
CA PRO F 146 -9.77 54.83 34.78
C PRO F 146 -10.73 55.14 33.65
N SER F 147 -10.73 56.42 33.20
CA SER F 147 -11.54 56.91 32.08
C SER F 147 -11.15 56.32 30.71
N ALA F 148 -10.01 55.56 30.65
CA ALA F 148 -9.33 54.99 29.48
C ALA F 148 -8.49 56.00 28.68
N ASN F 149 -8.46 57.26 29.13
CA ASN F 149 -7.68 58.29 28.48
C ASN F 149 -6.20 58.17 28.90
N TYR F 150 -5.29 58.64 28.04
CA TYR F 150 -3.86 58.56 28.31
C TYR F 150 -3.13 59.80 27.85
N PHE F 151 -2.01 60.10 28.51
CA PHE F 151 -1.31 61.35 28.25
C PHE F 151 0.16 61.16 28.10
N ASP F 152 0.76 61.90 27.17
CA ASP F 152 2.21 61.92 27.04
C ASP F 152 2.66 63.08 27.94
N CYS F 153 3.54 62.82 28.92
CA CYS F 153 3.97 63.84 29.88
C CYS F 153 5.44 64.19 29.86
N ARG F 154 5.75 65.44 30.18
CA ARG F 154 7.13 65.86 30.44
C ARG F 154 7.46 65.41 31.90
N ALA F 155 6.48 65.55 32.80
CA ALA F 155 6.46 65.11 34.18
C ALA F 155 4.97 64.98 34.60
N MET F 156 4.70 64.28 35.71
CA MET F 156 3.33 64.10 36.18
C MET F 156 3.30 63.57 37.63
N SER F 157 2.18 63.80 38.31
CA SER F 157 1.94 63.29 39.63
C SER F 157 0.49 62.91 39.77
N ILE F 158 0.21 61.79 40.44
CA ILE F 158 -1.16 61.30 40.68
C ILE F 158 -1.28 60.77 42.13
N GLY F 159 -2.49 60.76 42.66
CA GLY F 159 -2.73 60.28 44.02
C GLY F 159 -3.14 61.36 45.00
N ALA F 160 -3.11 61.00 46.29
CA ALA F 160 -3.45 61.87 47.40
C ALA F 160 -2.50 63.03 47.50
N ARG F 161 -3.10 64.24 47.45
CA ARG F 161 -2.49 65.58 47.53
C ARG F 161 -1.44 65.85 46.47
N SER F 162 -1.53 65.14 45.34
CA SER F 162 -0.63 65.20 44.19
C SER F 162 -0.60 66.56 43.48
N GLN F 163 -1.56 67.45 43.77
CA GLN F 163 -1.58 68.79 43.18
C GLN F 163 -0.33 69.59 43.59
N SER F 164 0.16 69.35 44.83
CA SER F 164 1.36 69.93 45.42
C SER F 164 2.58 69.54 44.61
N ALA F 165 2.66 68.26 44.21
CA ALA F 165 3.76 67.73 43.42
C ALA F 165 3.73 68.33 42.01
N ARG F 166 2.53 68.49 41.44
CA ARG F 166 2.34 69.07 40.11
C ARG F 166 2.77 70.53 40.04
N THR F 167 2.56 71.28 41.16
CA THR F 167 2.97 72.68 41.27
C THR F 167 4.49 72.76 41.19
N TYR F 168 5.20 71.84 41.90
CA TYR F 168 6.65 71.82 41.88
C TYR F 168 7.15 71.47 40.48
N LEU F 169 6.58 70.41 39.86
CA LEU F 169 6.97 69.94 38.53
C LEU F 169 6.76 70.99 37.45
N GLU F 170 5.67 71.77 37.53
CA GLU F 170 5.38 72.84 36.58
C GLU F 170 6.45 73.95 36.64
N ARG F 171 6.98 74.22 37.84
CA ARG F 171 8.00 75.25 38.03
C ARG F 171 9.37 74.82 37.48
N HIS F 172 9.80 73.60 37.81
CA HIS F 172 11.13 73.14 37.45
C HIS F 172 11.22 72.39 36.14
N MET F 173 10.12 72.36 35.35
CA MET F 173 9.97 71.73 34.04
C MET F 173 11.16 72.01 33.14
N SER F 174 11.62 73.29 33.17
CA SER F 174 12.68 73.86 32.36
C SER F 174 14.05 73.23 32.59
N GLU F 175 14.29 72.77 33.82
CA GLU F 175 15.57 72.19 34.25
C GLU F 175 15.72 70.72 33.93
N PHE F 176 14.60 69.97 33.99
CA PHE F 176 14.50 68.52 33.84
C PHE F 176 15.28 67.90 32.67
N MET F 177 15.12 68.42 31.43
CA MET F 177 15.77 67.83 30.26
C MET F 177 17.30 67.81 30.29
N GLU F 178 17.93 68.76 31.01
CA GLU F 178 19.39 68.80 31.09
C GLU F 178 19.97 68.21 32.39
N CYS F 179 19.12 67.80 33.34
CA CYS F 179 19.56 67.21 34.60
C CYS F 179 20.33 65.93 34.41
N ASN F 180 21.29 65.66 35.30
CA ASN F 180 21.93 64.36 35.32
C ASN F 180 21.01 63.46 36.19
N LEU F 181 21.16 62.13 36.13
CA LEU F 181 20.25 61.23 36.87
C LEU F 181 20.05 61.59 38.34
N ASN F 182 21.12 61.94 39.07
CA ASN F 182 20.97 62.34 40.47
C ASN F 182 20.14 63.62 40.62
N GLU F 183 20.39 64.63 39.77
CA GLU F 183 19.63 65.88 39.76
C GLU F 183 18.15 65.66 39.40
N LEU F 184 17.89 64.68 38.51
CA LEU F 184 16.54 64.33 38.08
C LEU F 184 15.77 63.59 39.19
N VAL F 185 16.41 62.60 39.85
CA VAL F 185 15.79 61.85 40.96
C VAL F 185 15.47 62.81 42.10
N LYS F 186 16.42 63.71 42.42
CA LYS F 186 16.28 64.72 43.46
C LYS F 186 15.02 65.57 43.20
N HIS F 187 14.82 66.03 41.94
CA HIS F 187 13.64 66.81 41.54
C HIS F 187 12.33 66.04 41.78
N GLY F 188 12.36 64.74 41.47
CA GLY F 188 11.21 63.88 41.69
C GLY F 188 10.88 63.70 43.16
N LEU F 189 11.92 63.51 43.99
CA LEU F 189 11.81 63.37 45.45
C LEU F 189 11.28 64.66 46.08
N ARG F 190 11.74 65.82 45.58
CA ARG F 190 11.26 67.09 46.10
C ARG F 190 9.77 67.27 45.77
N ALA F 191 9.35 66.91 44.53
CA ALA F 191 7.95 66.99 44.14
C ALA F 191 7.12 66.05 45.00
N LEU F 192 7.63 64.85 45.28
CA LEU F 192 6.94 63.85 46.12
C LEU F 192 6.75 64.37 47.54
N ARG F 193 7.79 65.03 48.06
CA ARG F 193 7.83 65.61 49.40
C ARG F 193 6.73 66.66 49.61
N GLU F 194 6.48 67.51 48.59
CA GLU F 194 5.44 68.54 48.64
C GLU F 194 4.05 68.01 49.01
N THR F 195 3.71 66.80 48.56
CA THR F 195 2.42 66.20 48.87
C THR F 195 2.34 65.89 50.37
N LEU F 196 3.45 65.43 50.97
CA LEU F 196 3.53 65.07 52.38
C LEU F 196 3.28 66.27 53.29
N PRO F 197 2.59 66.04 54.42
CA PRO F 197 2.41 67.14 55.39
C PRO F 197 3.75 67.72 55.91
N ALA F 198 3.68 68.85 56.64
CA ALA F 198 4.89 69.53 57.15
C ALA F 198 5.59 68.76 58.27
N GLU F 199 4.87 67.87 58.96
CA GLU F 199 5.40 67.05 60.05
C GLU F 199 6.35 65.94 59.56
N GLN F 200 5.86 65.05 58.68
CA GLN F 200 6.62 63.93 58.14
C GLN F 200 7.53 64.33 56.99
N ASP F 201 8.59 63.52 56.77
CA ASP F 201 9.57 63.70 55.69
C ASP F 201 9.85 62.34 54.98
N LEU F 202 10.55 62.38 53.84
CA LEU F 202 10.90 61.20 53.06
C LEU F 202 11.95 60.37 53.81
N THR F 203 11.64 59.10 54.07
CA THR F 203 12.57 58.19 54.76
C THR F 203 12.99 57.04 53.81
N THR F 204 13.92 56.15 54.24
CA THR F 204 14.27 54.98 53.41
C THR F 204 13.20 53.84 53.50
N LYS F 205 12.08 54.10 54.15
CA LYS F 205 11.04 53.11 54.32
C LYS F 205 9.84 53.46 53.45
N ASN F 206 9.48 54.76 53.35
CA ASN F 206 8.35 55.15 52.52
C ASN F 206 8.75 55.70 51.14
N VAL F 207 9.99 55.43 50.69
CA VAL F 207 10.42 55.89 49.37
C VAL F 207 10.79 54.71 48.47
N SER F 208 10.22 54.72 47.25
CA SER F 208 10.49 53.76 46.19
C SER F 208 10.95 54.56 44.95
N ILE F 209 11.98 54.06 44.25
CA ILE F 209 12.53 54.71 43.07
C ILE F 209 12.61 53.71 41.93
N GLY F 210 12.24 54.15 40.73
CA GLY F 210 12.28 53.35 39.52
C GLY F 210 12.99 54.13 38.44
N ILE F 211 14.00 53.52 37.78
CA ILE F 211 14.77 54.21 36.76
C ILE F 211 15.03 53.36 35.53
N VAL F 212 14.85 53.98 34.35
CA VAL F 212 15.16 53.41 33.05
C VAL F 212 15.77 54.53 32.20
N GLY F 213 16.77 54.21 31.39
CA GLY F 213 17.42 55.20 30.54
C GLY F 213 18.28 54.62 29.43
N LYS F 214 19.06 55.49 28.76
CA LYS F 214 19.96 55.12 27.65
C LYS F 214 20.94 54.00 28.03
N ASP F 215 21.46 54.04 29.26
CA ASP F 215 22.40 53.01 29.72
C ASP F 215 21.86 52.11 30.85
N LEU F 216 20.60 52.32 31.28
CA LEU F 216 20.06 51.58 32.40
C LEU F 216 18.75 50.87 32.12
N GLU F 217 18.71 49.55 32.40
CA GLU F 217 17.46 48.79 32.27
C GLU F 217 16.56 49.17 33.45
N PHE F 218 15.22 48.92 33.36
CA PHE F 218 14.34 49.31 34.49
C PHE F 218 14.77 48.68 35.82
N THR F 219 15.21 49.54 36.76
CA THR F 219 15.68 49.08 38.06
C THR F 219 14.85 49.70 39.18
N ILE F 220 14.51 48.91 40.22
CA ILE F 220 13.75 49.41 41.38
C ILE F 220 14.61 49.47 42.65
N TYR F 221 14.72 50.66 43.24
CA TYR F 221 15.50 50.99 44.45
C TYR F 221 14.49 51.16 45.58
N ASP F 222 14.65 50.48 46.74
CA ASP F 222 13.61 50.57 47.76
C ASP F 222 14.01 50.94 49.20
N ASP F 223 14.98 50.22 49.82
CA ASP F 223 15.27 50.53 51.22
C ASP F 223 16.69 51.11 51.36
N ASP F 224 17.74 50.28 51.43
CA ASP F 224 19.09 50.80 51.52
C ASP F 224 19.53 51.44 50.20
N ASP F 225 19.05 50.88 49.07
CA ASP F 225 19.31 51.37 47.71
C ASP F 225 18.78 52.81 47.48
N VAL F 226 17.85 53.25 48.33
CA VAL F 226 17.26 54.58 48.22
C VAL F 226 18.17 55.64 48.89
N SER F 227 18.93 55.26 49.96
CA SER F 227 19.83 56.17 50.72
C SER F 227 20.68 57.14 49.87
N PRO F 228 21.44 56.68 48.83
CA PRO F 228 22.25 57.63 48.06
C PRO F 228 21.45 58.77 47.43
N PHE F 229 20.24 58.49 46.93
CA PHE F 229 19.41 59.52 46.31
C PHE F 229 18.87 60.51 47.32
N LEU F 230 18.63 60.07 48.57
CA LEU F 230 18.07 60.92 49.62
C LEU F 230 19.04 62.00 50.12
N GLU F 231 20.33 61.64 50.27
CA GLU F 231 21.32 62.60 50.73
C GLU F 231 21.65 63.63 49.67
N GLY F 232 21.27 64.88 49.95
CA GLY F 232 21.48 66.01 49.06
C GLY F 232 20.87 67.26 49.63
N LEU F 233 19.53 67.32 49.65
CA LEU F 233 18.83 68.47 50.23
C LEU F 233 17.83 67.97 51.27
N GLU F 234 17.73 68.67 52.39
CA GLU F 234 16.76 68.35 53.43
C GLU F 234 15.98 69.60 53.91
N GLU F 235 16.12 70.75 53.22
CA GLU F 235 15.47 71.99 53.60
C GLU F 235 14.02 72.05 53.11
N ARG F 236 13.06 72.07 54.06
CA ARG F 236 11.62 72.14 53.82
C ARG F 236 11.08 70.91 53.09
N GLY G 1 -35.77 63.58 29.92
CA GLY G 1 -37.00 63.42 30.68
C GLY G 1 -36.93 62.21 31.59
N THR G 2 -36.93 62.46 32.92
CA THR G 2 -36.83 61.46 33.99
C THR G 2 -37.77 60.21 33.87
N GLY G 3 -37.15 59.02 34.02
CA GLY G 3 -37.80 57.71 33.95
C GLY G 3 -37.42 56.99 32.66
N TYR G 4 -37.80 57.61 31.55
CA TYR G 4 -37.60 57.09 30.20
C TYR G 4 -36.24 57.41 29.60
N ASP G 5 -35.23 57.69 30.44
CA ASP G 5 -33.92 58.09 29.92
C ASP G 5 -32.71 57.29 30.39
N LEU G 6 -32.90 56.05 30.85
CA LEU G 6 -31.77 55.25 31.35
C LEU G 6 -31.23 54.24 30.30
N SER G 7 -32.06 53.87 29.34
CA SER G 7 -31.69 52.86 28.36
C SER G 7 -31.94 53.27 26.93
N ALA G 8 -31.00 52.89 26.05
CA ALA G 8 -31.11 53.12 24.62
C ALA G 8 -32.16 52.19 23.97
N SER G 9 -32.64 51.16 24.69
CA SER G 9 -33.69 50.28 24.20
C SER G 9 -35.09 50.76 24.64
N THR G 10 -35.20 51.98 25.20
CA THR G 10 -36.45 52.56 25.69
C THR G 10 -36.73 53.89 25.00
N PHE G 11 -37.93 54.01 24.37
CA PHE G 11 -38.40 55.27 23.79
C PHE G 11 -39.17 56.02 24.89
N SER G 12 -39.02 57.34 24.93
CA SER G 12 -39.80 58.16 25.83
C SER G 12 -41.24 58.29 25.21
N PRO G 13 -42.27 58.74 25.97
CA PRO G 13 -43.61 58.84 25.38
C PRO G 13 -43.73 59.72 24.14
N ASP G 14 -42.78 60.64 23.91
CA ASP G 14 -42.84 61.51 22.74
C ASP G 14 -41.95 61.07 21.57
N GLY G 15 -41.49 59.82 21.58
CA GLY G 15 -40.71 59.26 20.49
C GLY G 15 -39.26 59.66 20.45
N ARG G 16 -38.63 59.82 21.63
CA ARG G 16 -37.21 60.18 21.67
C ARG G 16 -36.36 59.16 22.42
N VAL G 17 -35.07 59.07 22.07
CA VAL G 17 -34.14 58.16 22.75
C VAL G 17 -33.14 59.05 23.50
N PHE G 18 -33.43 59.31 24.79
CA PHE G 18 -32.64 60.22 25.63
C PHE G 18 -31.19 59.84 25.84
N GLN G 19 -30.86 58.53 25.95
CA GLN G 19 -29.47 58.13 26.12
C GLN G 19 -28.57 58.62 24.97
N VAL G 20 -29.15 58.72 23.76
CA VAL G 20 -28.44 59.20 22.57
C VAL G 20 -28.26 60.72 22.62
N GLU G 21 -29.28 61.43 23.12
CA GLU G 21 -29.25 62.88 23.29
C GLU G 21 -28.26 63.29 24.39
N TYR G 22 -28.11 62.45 25.43
CA TYR G 22 -27.16 62.68 26.52
C TYR G 22 -25.73 62.42 26.04
N ALA G 23 -25.54 61.45 25.13
CA ALA G 23 -24.24 61.18 24.54
C ALA G 23 -23.85 62.39 23.66
N MET G 24 -24.81 63.01 22.96
CA MET G 24 -24.61 64.20 22.16
C MET G 24 -24.21 65.39 23.04
N LYS G 25 -24.72 65.45 24.29
CA LYS G 25 -24.38 66.52 25.24
C LYS G 25 -22.92 66.50 25.61
N ALA G 26 -22.31 65.32 25.69
CA ALA G 26 -20.88 65.15 25.97
C ALA G 26 -20.02 65.71 24.81
N VAL G 27 -20.53 65.64 23.57
CA VAL G 27 -19.87 66.19 22.39
C VAL G 27 -19.96 67.72 22.44
N GLU G 28 -21.15 68.25 22.75
CA GLU G 28 -21.40 69.68 22.86
C GLU G 28 -20.54 70.31 23.94
N ASN G 29 -20.34 69.59 25.07
CA ASN G 29 -19.51 70.06 26.19
C ASN G 29 -17.98 70.01 25.92
N SER G 30 -17.59 69.46 24.79
CA SER G 30 -16.21 69.31 24.38
C SER G 30 -15.76 70.48 23.50
N SER G 31 -14.45 70.63 23.34
CA SER G 31 -13.78 71.63 22.50
C SER G 31 -14.21 71.52 21.02
N THR G 32 -14.00 72.58 20.23
CA THR G 32 -14.44 72.63 18.84
C THR G 32 -13.44 72.07 17.80
N ALA G 33 -13.95 71.30 16.82
CA ALA G 33 -13.16 70.80 15.70
C ALA G 33 -13.89 71.20 14.40
N ILE G 34 -13.14 71.57 13.37
CA ILE G 34 -13.72 71.96 12.08
C ILE G 34 -13.08 71.22 10.90
N GLY G 35 -13.82 71.12 9.81
CA GLY G 35 -13.37 70.47 8.59
C GLY G 35 -13.96 71.18 7.40
N ILE G 36 -13.13 71.50 6.42
CA ILE G 36 -13.58 72.25 5.25
C ILE G 36 -13.12 71.56 3.97
N ARG G 37 -14.09 71.25 3.08
CA ARG G 37 -13.86 70.65 1.77
C ARG G 37 -13.65 71.78 0.75
N CYS G 38 -12.51 71.75 0.06
CA CYS G 38 -12.19 72.74 -0.95
C CYS G 38 -12.03 72.10 -2.36
N LYS G 39 -11.60 72.90 -3.36
CA LYS G 39 -11.45 72.49 -4.74
C LYS G 39 -10.48 71.30 -4.89
N ASP G 40 -9.41 71.26 -4.07
CA ASP G 40 -8.41 70.19 -4.23
C ASP G 40 -8.13 69.35 -2.97
N GLY G 41 -9.11 69.21 -2.07
CA GLY G 41 -8.92 68.40 -0.88
C GLY G 41 -9.74 68.79 0.34
N VAL G 42 -9.36 68.26 1.52
CA VAL G 42 -10.05 68.51 2.79
C VAL G 42 -9.02 68.92 3.84
N VAL G 43 -9.35 69.94 4.64
CA VAL G 43 -8.49 70.45 5.71
C VAL G 43 -9.18 70.35 7.10
N PHE G 44 -8.45 69.82 8.11
CA PHE G 44 -8.99 69.69 9.46
C PHE G 44 -8.29 70.61 10.45
N GLY G 45 -9.06 71.16 11.38
CA GLY G 45 -8.52 72.00 12.44
C GLY G 45 -9.17 71.68 13.77
N VAL G 46 -8.38 71.54 14.84
CA VAL G 46 -8.95 71.23 16.16
C VAL G 46 -8.46 72.18 17.23
N GLU G 47 -9.38 72.72 18.04
CA GLU G 47 -9.02 73.54 19.19
C GLU G 47 -8.74 72.49 20.28
N LYS G 48 -7.46 72.20 20.55
CA LYS G 48 -7.10 71.20 21.54
C LYS G 48 -6.68 71.87 22.83
N LEU G 49 -7.63 72.04 23.77
CA LEU G 49 -7.37 72.69 25.03
C LEU G 49 -6.29 71.95 25.83
N VAL G 50 -5.32 72.71 26.36
CA VAL G 50 -4.26 72.13 27.17
C VAL G 50 -4.72 72.06 28.63
N LEU G 51 -4.90 70.85 29.16
CA LEU G 51 -5.34 70.69 30.55
C LEU G 51 -4.25 71.00 31.56
N SER G 52 -2.99 70.78 31.18
CA SER G 52 -1.85 71.03 32.04
C SER G 52 -0.60 71.33 31.23
N LYS G 53 0.23 72.20 31.76
CA LYS G 53 1.51 72.53 31.16
C LYS G 53 2.47 71.33 31.23
N LEU G 54 2.23 70.36 32.15
CA LEU G 54 3.02 69.14 32.35
C LEU G 54 2.93 68.19 31.13
N TYR G 55 1.79 68.21 30.41
CA TYR G 55 1.61 67.37 29.22
C TYR G 55 2.53 67.84 28.09
N GLU G 56 2.99 66.90 27.25
CA GLU G 56 3.86 67.14 26.10
C GLU G 56 3.08 67.76 24.92
N GLU G 57 3.78 68.37 23.95
CA GLU G 57 3.12 68.93 22.77
C GLU G 57 2.78 67.74 21.87
N GLY G 58 1.52 67.66 21.46
CA GLY G 58 1.08 66.54 20.63
C GLY G 58 0.31 65.48 21.39
N SER G 59 0.30 65.54 22.73
CA SER G 59 -0.47 64.62 23.57
C SER G 59 -1.99 64.82 23.35
N ASN G 60 -2.78 63.76 23.56
CA ASN G 60 -4.24 63.75 23.38
C ASN G 60 -4.66 64.29 22.03
N LYS G 61 -4.00 63.80 20.97
CA LYS G 61 -4.30 64.18 19.59
C LYS G 61 -5.78 63.92 19.27
N ARG G 62 -6.40 64.82 18.52
CA ARG G 62 -7.79 64.70 18.10
C ARG G 62 -7.94 64.54 16.59
N LEU G 63 -6.83 64.29 15.88
CA LEU G 63 -6.77 64.06 14.45
C LEU G 63 -6.07 62.71 14.26
N PHE G 64 -6.65 61.82 13.46
CA PHE G 64 -6.12 60.48 13.27
C PHE G 64 -5.98 60.10 11.81
N ASN G 65 -5.06 59.16 11.51
CA ASN G 65 -4.94 58.59 10.18
C ASN G 65 -5.75 57.30 10.29
N VAL G 66 -6.90 57.23 9.62
CA VAL G 66 -7.77 56.06 9.68
C VAL G 66 -7.41 55.05 8.51
N ASP G 67 -6.93 55.57 7.41
CA ASP G 67 -6.37 54.82 6.30
C ASP G 67 -5.30 55.75 5.70
N ARG G 68 -4.45 55.26 4.80
CA ARG G 68 -3.43 56.12 4.20
C ARG G 68 -4.04 57.34 3.47
N HIS G 69 -5.27 57.19 2.93
CA HIS G 69 -5.96 58.26 2.21
C HIS G 69 -7.09 58.94 3.00
N VAL G 70 -7.35 58.49 4.26
CA VAL G 70 -8.45 59.00 5.08
C VAL G 70 -7.98 59.55 6.41
N GLY G 71 -8.56 60.67 6.80
CA GLY G 71 -8.29 61.34 8.07
C GLY G 71 -9.53 61.45 8.91
N MET G 72 -9.36 61.51 10.23
CA MET G 72 -10.50 61.58 11.14
C MET G 72 -10.30 62.68 12.18
N ALA G 73 -11.32 63.53 12.40
CA ALA G 73 -11.25 64.60 13.39
C ALA G 73 -12.36 64.37 14.40
N VAL G 74 -12.05 64.31 15.71
CA VAL G 74 -13.07 63.98 16.72
C VAL G 74 -13.43 65.10 17.70
N ALA G 75 -14.60 64.95 18.34
CA ALA G 75 -15.09 65.84 19.39
C ALA G 75 -15.90 64.97 20.34
N GLY G 76 -15.67 65.13 21.63
CA GLY G 76 -16.37 64.36 22.65
C GLY G 76 -15.45 63.57 23.55
N LEU G 77 -15.97 62.45 24.09
CA LEU G 77 -15.24 61.54 24.97
C LEU G 77 -14.14 60.88 24.17
N LEU G 78 -12.86 61.21 24.48
CA LEU G 78 -11.68 60.78 23.75
C LEU G 78 -11.42 59.24 23.68
N ALA G 79 -11.70 58.48 24.74
CA ALA G 79 -11.52 57.02 24.69
C ALA G 79 -12.51 56.43 23.70
N ASP G 80 -13.75 56.95 23.67
CA ASP G 80 -14.77 56.50 22.72
C ASP G 80 -14.32 56.84 21.31
N ALA G 81 -13.75 58.03 21.12
CA ALA G 81 -13.24 58.52 19.84
C ALA G 81 -12.13 57.63 19.31
N ARG G 82 -11.18 57.25 20.15
CA ARG G 82 -10.09 56.39 19.73
C ARG G 82 -10.59 54.98 19.36
N SER G 83 -11.61 54.50 20.09
CA SER G 83 -12.23 53.21 19.84
C SER G 83 -12.87 53.22 18.44
N LEU G 84 -13.48 54.34 18.05
CA LEU G 84 -14.10 54.54 16.74
C LEU G 84 -13.06 54.68 15.64
N ALA G 85 -11.88 55.21 15.93
CA ALA G 85 -10.79 55.30 14.98
C ALA G 85 -10.28 53.89 14.63
N ASP G 86 -10.24 53.00 15.62
CA ASP G 86 -9.82 51.62 15.48
C ASP G 86 -10.87 50.85 14.67
N ILE G 87 -12.17 51.14 14.86
CA ILE G 87 -13.23 50.49 14.10
C ILE G 87 -13.11 50.91 12.65
N ALA G 88 -12.90 52.20 12.40
CA ALA G 88 -12.74 52.75 11.05
C ALA G 88 -11.48 52.20 10.36
N ARG G 89 -10.40 51.99 11.12
CA ARG G 89 -9.15 51.47 10.57
C ARG G 89 -9.33 50.05 10.12
N GLU G 90 -9.94 49.21 10.97
CA GLU G 90 -10.20 47.81 10.73
C GLU G 90 -11.19 47.62 9.56
N GLU G 91 -12.13 48.54 9.43
CA GLU G 91 -13.11 48.54 8.34
C GLU G 91 -12.43 48.85 7.00
N ALA G 92 -11.52 49.84 6.99
CA ALA G 92 -10.80 50.23 5.81
C ALA G 92 -9.83 49.11 5.37
N SER G 93 -9.19 48.46 6.35
CA SER G 93 -8.27 47.37 6.12
C SER G 93 -9.03 46.18 5.50
N ASN G 94 -10.23 45.88 6.07
CA ASN G 94 -11.07 44.79 5.58
C ASN G 94 -11.48 44.99 4.12
N PHE G 95 -11.83 46.22 3.72
CA PHE G 95 -12.21 46.51 2.34
C PHE G 95 -11.04 46.18 1.40
N ARG G 96 -9.81 46.61 1.75
CA ARG G 96 -8.63 46.32 0.93
C ARG G 96 -8.38 44.80 0.80
N SER G 97 -8.58 44.03 1.87
CA SER G 97 -8.40 42.57 1.83
C SER G 97 -9.41 41.91 0.89
N ASN G 98 -10.62 42.42 0.85
CA ASN G 98 -11.69 41.86 0.05
C ASN G 98 -11.69 42.26 -1.41
N PHE G 99 -11.36 43.54 -1.70
CA PHE G 99 -11.48 44.09 -3.05
C PHE G 99 -10.17 44.54 -3.71
N GLY G 100 -9.10 44.66 -2.94
CA GLY G 100 -7.79 44.99 -3.48
C GLY G 100 -7.49 46.44 -3.80
N TYR G 101 -8.29 47.35 -3.27
CA TYR G 101 -8.07 48.78 -3.48
C TYR G 101 -8.57 49.62 -2.27
N ASN G 102 -8.21 50.92 -2.22
CA ASN G 102 -8.56 51.86 -1.15
C ASN G 102 -10.09 52.08 -0.99
N ILE G 103 -10.59 51.91 0.25
CA ILE G 103 -12.02 52.09 0.51
C ILE G 103 -12.53 53.49 0.12
N PRO G 104 -13.61 53.54 -0.69
CA PRO G 104 -14.23 54.83 -1.02
C PRO G 104 -14.76 55.48 0.25
N LEU G 105 -14.50 56.78 0.46
CA LEU G 105 -14.88 57.45 1.70
C LEU G 105 -16.36 57.35 2.05
N LYS G 106 -17.30 57.53 1.09
CA LYS G 106 -18.73 57.41 1.44
C LYS G 106 -19.04 56.03 2.04
N HIS G 107 -18.43 54.96 1.47
CA HIS G 107 -18.60 53.60 1.95
C HIS G 107 -18.01 53.43 3.35
N LEU G 108 -16.80 53.97 3.60
CA LEU G 108 -16.20 53.89 4.94
C LEU G 108 -17.10 54.60 5.98
N ALA G 109 -17.62 55.77 5.64
CA ALA G 109 -18.53 56.49 6.52
C ALA G 109 -19.80 55.67 6.79
N ASP G 110 -20.43 55.08 5.75
CA ASP G 110 -21.64 54.27 5.94
C ASP G 110 -21.38 53.09 6.88
N ARG G 111 -20.26 52.39 6.66
CA ARG G 111 -19.86 51.23 7.45
C ARG G 111 -19.64 51.59 8.92
N VAL G 112 -18.85 52.65 9.19
CA VAL G 112 -18.56 53.09 10.56
C VAL G 112 -19.81 53.62 11.24
N ALA G 113 -20.65 54.34 10.51
CA ALA G 113 -21.89 54.90 11.08
C ALA G 113 -22.85 53.81 11.53
N MET G 114 -22.81 52.64 10.90
CA MET G 114 -23.71 51.56 11.29
C MET G 114 -23.23 50.84 12.57
N TYR G 115 -21.91 50.88 12.87
CA TYR G 115 -21.41 50.37 14.17
C TYR G 115 -21.92 51.34 15.24
N VAL G 116 -21.83 52.66 14.98
CA VAL G 116 -22.27 53.71 15.88
C VAL G 116 -23.77 53.55 16.14
N HIS G 117 -24.55 53.34 15.06
CA HIS G 117 -25.98 53.15 15.17
C HIS G 117 -26.35 51.95 16.05
N ALA G 118 -25.63 50.84 15.89
CA ALA G 118 -25.85 49.62 16.67
C ALA G 118 -25.78 49.87 18.17
N TYR G 119 -25.02 50.89 18.61
CA TYR G 119 -24.91 51.22 20.03
C TYR G 119 -26.06 52.13 20.55
N THR G 120 -27.09 52.37 19.74
CA THR G 120 -28.25 53.20 20.10
C THR G 120 -29.55 52.39 20.22
N LEU G 121 -29.47 51.04 20.25
CA LEU G 121 -30.66 50.18 20.24
C LEU G 121 -30.90 49.32 21.47
N TYR G 122 -29.91 49.20 22.38
CA TYR G 122 -30.03 48.24 23.48
C TYR G 122 -29.60 48.77 24.80
N SER G 123 -30.09 48.12 25.87
CA SER G 123 -29.70 48.37 27.26
C SER G 123 -28.33 47.74 27.57
N ALA G 124 -27.88 46.74 26.80
CA ALA G 124 -26.60 46.06 27.03
C ALA G 124 -25.39 46.94 26.79
N VAL G 125 -25.50 47.97 25.95
CA VAL G 125 -24.38 48.85 25.64
C VAL G 125 -24.85 50.31 25.61
N ARG G 126 -23.91 51.28 25.71
CA ARG G 126 -24.27 52.68 25.65
C ARG G 126 -23.79 53.35 24.36
N PRO G 127 -24.52 54.40 23.91
CA PRO G 127 -24.09 55.11 22.70
C PRO G 127 -22.73 55.77 22.87
N PHE G 128 -22.03 55.97 21.74
CA PHE G 128 -20.73 56.61 21.76
C PHE G 128 -20.89 58.09 22.07
N GLY G 129 -20.04 58.60 22.94
CA GLY G 129 -20.07 60.01 23.29
C GLY G 129 -19.13 60.72 22.37
N CYS G 130 -19.37 60.58 21.07
CA CYS G 130 -18.45 61.08 20.09
C CYS G 130 -19.11 61.46 18.78
N SER G 131 -18.60 62.55 18.17
CA SER G 131 -18.95 62.99 16.83
C SER G 131 -17.62 63.13 16.11
N PHE G 132 -17.53 62.62 14.89
CA PHE G 132 -16.30 62.65 14.14
C PHE G 132 -16.49 62.94 12.66
N MET G 133 -15.42 63.42 12.02
CA MET G 133 -15.41 63.74 10.61
C MET G 133 -14.37 62.90 9.85
N LEU G 134 -14.72 62.48 8.63
CA LEU G 134 -13.80 61.71 7.81
C LEU G 134 -13.52 62.51 6.55
N GLY G 135 -12.24 62.72 6.29
CA GLY G 135 -11.82 63.48 5.12
C GLY G 135 -10.95 62.65 4.20
N SER G 136 -11.15 62.80 2.90
CA SER G 136 -10.36 62.05 1.92
C SER G 136 -10.18 62.80 0.60
N TYR G 137 -9.22 62.35 -0.21
CA TYR G 137 -8.98 62.87 -1.55
C TYR G 137 -8.50 61.75 -2.45
N SER G 138 -9.22 61.56 -3.57
CA SER G 138 -8.98 60.58 -4.62
C SER G 138 -9.12 61.31 -5.97
N VAL G 139 -8.49 60.80 -7.05
CA VAL G 139 -8.64 61.46 -8.35
C VAL G 139 -10.02 61.11 -8.94
N ASN G 140 -10.46 59.85 -8.78
CA ASN G 140 -11.77 59.41 -9.27
C ASN G 140 -12.95 59.89 -8.40
N ASP G 141 -12.69 60.18 -7.12
CA ASP G 141 -13.79 60.58 -6.22
C ASP G 141 -13.79 62.06 -5.84
N GLY G 142 -12.63 62.69 -5.93
CA GLY G 142 -12.46 64.09 -5.59
C GLY G 142 -12.20 64.27 -4.11
N ALA G 143 -12.59 65.41 -3.57
CA ALA G 143 -12.44 65.68 -2.16
C ALA G 143 -13.75 65.27 -1.49
N GLN G 144 -13.67 64.63 -0.32
CA GLN G 144 -14.87 64.18 0.37
C GLN G 144 -14.81 64.36 1.85
N LEU G 145 -15.84 64.97 2.42
CA LEU G 145 -15.89 65.24 3.86
C LEU G 145 -17.21 64.72 4.41
N TYR G 146 -17.15 63.78 5.37
CA TYR G 146 -18.35 63.25 5.98
C TYR G 146 -18.32 63.50 7.49
N MET G 147 -19.49 63.52 8.13
CA MET G 147 -19.57 63.69 9.57
C MET G 147 -20.61 62.74 10.14
N ILE G 148 -20.21 61.98 11.16
CA ILE G 148 -21.05 61.01 11.86
C ILE G 148 -21.29 61.47 13.30
N ASP G 149 -22.54 61.42 13.80
CA ASP G 149 -22.85 61.82 15.17
C ASP G 149 -23.18 60.61 16.09
N PRO G 150 -23.36 60.79 17.43
CA PRO G 150 -23.70 59.64 18.28
C PRO G 150 -24.92 58.80 17.87
N SER G 151 -25.90 59.38 17.17
CA SER G 151 -27.08 58.61 16.75
C SER G 151 -26.78 57.58 15.66
N GLY G 152 -25.78 57.87 14.84
CA GLY G 152 -25.37 57.02 13.72
C GLY G 152 -25.59 57.66 12.36
N VAL G 153 -25.95 58.94 12.33
CA VAL G 153 -26.23 59.70 11.12
C VAL G 153 -24.94 60.05 10.40
N SER G 154 -24.92 59.89 9.07
CA SER G 154 -23.75 60.22 8.26
C SER G 154 -24.17 61.14 7.09
N TYR G 155 -23.54 62.31 6.98
CA TYR G 155 -23.84 63.24 5.90
C TYR G 155 -22.57 63.80 5.25
N GLY G 156 -22.66 64.17 3.98
CA GLY G 156 -21.54 64.76 3.26
C GLY G 156 -21.59 66.26 3.43
N TYR G 157 -20.41 66.90 3.58
CA TYR G 157 -20.35 68.34 3.81
C TYR G 157 -19.31 69.08 2.97
N TRP G 158 -19.53 70.38 2.83
CA TRP G 158 -18.64 71.37 2.25
C TRP G 158 -17.86 72.06 3.40
N GLY G 159 -18.55 72.32 4.50
CA GLY G 159 -18.01 72.89 5.72
C GLY G 159 -18.68 72.21 6.90
N CYS G 160 -17.92 72.01 7.98
CA CYS G 160 -18.46 71.27 9.13
C CYS G 160 -17.75 71.65 10.42
N ALA G 161 -18.48 71.63 11.54
CA ALA G 161 -17.92 71.94 12.84
C ALA G 161 -18.66 71.14 13.92
N ILE G 162 -17.91 70.64 14.90
CA ILE G 162 -18.46 69.83 16.00
C ILE G 162 -17.87 70.32 17.34
N GLY G 163 -18.70 70.33 18.39
CA GLY G 163 -18.25 70.77 19.70
C GLY G 163 -18.93 72.03 20.23
N LYS G 164 -18.31 72.66 21.25
CA LYS G 164 -18.74 73.86 22.00
C LYS G 164 -19.30 74.96 21.10
N ALA G 165 -18.46 75.47 20.17
CA ALA G 165 -18.79 76.56 19.27
C ALA G 165 -19.12 76.05 17.88
N ARG G 166 -19.98 75.03 17.81
CA ARG G 166 -20.41 74.39 16.56
C ARG G 166 -21.12 75.42 15.65
N GLN G 167 -22.08 76.20 16.21
CA GLN G 167 -22.81 77.20 15.45
C GLN G 167 -22.00 78.46 15.22
N ALA G 168 -21.13 78.83 16.19
CA ALA G 168 -20.25 79.99 16.03
C ALA G 168 -19.26 79.74 14.86
N ALA G 169 -18.64 78.54 14.80
CA ALA G 169 -17.71 78.19 13.71
C ALA G 169 -18.42 78.06 12.37
N LYS G 170 -19.68 77.60 12.37
CA LYS G 170 -20.49 77.48 11.16
C LYS G 170 -20.75 78.82 10.46
N THR G 171 -21.12 79.89 11.20
CA THR G 171 -21.35 81.20 10.57
C THR G 171 -20.04 81.80 9.99
N GLU G 172 -18.87 81.37 10.51
CA GLU G 172 -17.59 81.84 10.00
C GLU G 172 -17.21 81.07 8.73
N ILE G 173 -17.52 79.75 8.66
CA ILE G 173 -17.25 78.88 7.50
C ILE G 173 -18.11 79.31 6.31
N GLU G 174 -19.38 79.68 6.56
CA GLU G 174 -20.32 80.15 5.54
C GLU G 174 -19.81 81.37 4.78
N LYS G 175 -18.95 82.19 5.40
CA LYS G 175 -18.33 83.37 4.78
C LYS G 175 -17.25 83.02 3.73
N LEU G 176 -16.93 81.71 3.55
CA LEU G 176 -15.92 81.25 2.58
C LEU G 176 -16.53 80.62 1.34
N GLN G 177 -15.95 80.92 0.18
CA GLN G 177 -16.34 80.31 -1.08
C GLN G 177 -15.31 79.23 -1.33
N MET G 178 -15.35 78.17 -0.51
CA MET G 178 -14.39 77.06 -0.53
C MET G 178 -14.39 76.23 -1.79
N LYS G 179 -15.52 76.19 -2.53
CA LYS G 179 -15.60 75.40 -3.76
C LYS G 179 -14.55 75.81 -4.81
N GLU G 180 -14.08 77.08 -4.75
CA GLU G 180 -13.07 77.60 -5.67
C GLU G 180 -11.73 77.95 -4.97
N MET G 181 -11.48 77.40 -3.77
CA MET G 181 -10.26 77.66 -3.00
C MET G 181 -9.37 76.42 -2.92
N THR G 182 -8.06 76.60 -2.68
CA THR G 182 -7.13 75.48 -2.55
C THR G 182 -6.79 75.20 -1.07
N CYS G 183 -6.27 73.97 -0.79
CA CYS G 183 -5.88 73.54 0.55
C CYS G 183 -4.91 74.50 1.20
N ARG G 184 -3.93 74.97 0.42
CA ARG G 184 -2.90 75.91 0.85
C ARG G 184 -3.46 77.25 1.38
N ASP G 185 -4.55 77.74 0.78
CA ASP G 185 -5.20 78.99 1.22
C ASP G 185 -6.20 78.72 2.35
N ILE G 186 -6.87 77.56 2.31
CA ILE G 186 -7.90 77.14 3.27
C ILE G 186 -7.30 76.88 4.67
N VAL G 187 -6.05 76.41 4.78
CA VAL G 187 -5.40 76.16 6.08
C VAL G 187 -5.39 77.43 6.94
N LYS G 188 -5.05 78.57 6.30
CA LYS G 188 -5.03 79.89 6.91
C LYS G 188 -6.39 80.22 7.50
N GLU G 189 -7.46 79.96 6.74
CA GLU G 189 -8.85 80.21 7.12
C GLU G 189 -9.33 79.30 8.26
N VAL G 190 -8.87 78.02 8.27
CA VAL G 190 -9.21 77.04 9.29
C VAL G 190 -8.63 77.48 10.64
N ALA G 191 -7.33 77.84 10.68
CA ALA G 191 -6.68 78.31 11.89
C ALA G 191 -7.36 79.61 12.40
N LYS G 192 -7.73 80.50 11.46
CA LYS G 192 -8.42 81.75 11.74
C LYS G 192 -9.75 81.51 12.46
N ILE G 193 -10.60 80.60 11.91
CA ILE G 193 -11.91 80.30 12.49
C ILE G 193 -11.79 79.68 13.90
N ILE G 194 -10.78 78.83 14.13
CA ILE G 194 -10.53 78.23 15.44
C ILE G 194 -10.19 79.31 16.47
N TYR G 195 -9.29 80.24 16.10
CA TYR G 195 -8.88 81.34 16.97
C TYR G 195 -10.04 82.29 17.33
N ILE G 196 -11.02 82.45 16.41
CA ILE G 196 -12.20 83.26 16.64
C ILE G 196 -13.12 82.60 17.69
N VAL G 197 -13.46 81.31 17.50
CA VAL G 197 -14.37 80.60 18.39
C VAL G 197 -13.78 80.23 19.74
N HIS G 198 -12.44 80.29 19.90
CA HIS G 198 -11.81 79.98 21.19
C HIS G 198 -12.26 80.95 22.29
N ASP G 199 -12.39 80.44 23.53
CA ASP G 199 -12.79 81.27 24.67
C ASP G 199 -11.57 81.50 25.59
N GLU G 200 -10.88 82.62 25.40
CA GLU G 200 -9.73 83.04 26.21
C GLU G 200 -10.13 83.11 27.71
N VAL G 201 -11.34 83.62 28.01
CA VAL G 201 -11.83 83.72 29.38
C VAL G 201 -12.02 82.34 30.06
N LYS G 202 -12.79 81.44 29.46
CA LYS G 202 -13.13 80.13 30.02
C LYS G 202 -12.00 79.10 29.96
N ASP G 203 -11.21 79.10 28.87
CA ASP G 203 -10.11 78.15 28.72
C ASP G 203 -8.77 78.91 28.72
N LYS G 204 -7.86 78.59 29.68
CA LYS G 204 -6.57 79.27 29.83
C LYS G 204 -5.72 79.16 28.55
N ALA G 205 -5.55 77.93 28.04
CA ALA G 205 -4.75 77.73 26.84
C ALA G 205 -5.21 76.56 25.94
N PHE G 206 -4.86 76.63 24.65
CA PHE G 206 -5.15 75.60 23.67
C PHE G 206 -3.99 75.46 22.66
N GLU G 207 -3.96 74.34 21.97
CA GLU G 207 -2.99 74.06 20.93
C GLU G 207 -3.78 73.84 19.64
N LEU G 208 -3.32 74.42 18.52
CA LEU G 208 -3.98 74.22 17.24
C LEU G 208 -3.48 72.92 16.57
N GLU G 209 -4.41 72.08 16.10
CA GLU G 209 -4.07 70.86 15.40
C GLU G 209 -4.53 70.98 13.96
N LEU G 210 -3.62 70.77 12.98
CA LEU G 210 -3.98 70.87 11.58
C LEU G 210 -3.59 69.60 10.81
N SER G 211 -4.51 69.13 9.96
CA SER G 211 -4.42 67.94 9.10
C SER G 211 -4.89 68.31 7.72
N TRP G 212 -4.50 67.54 6.70
CA TRP G 212 -5.00 67.77 5.35
C TRP G 212 -4.75 66.55 4.42
N VAL G 213 -5.59 66.43 3.41
CA VAL G 213 -5.49 65.36 2.43
C VAL G 213 -5.99 65.98 1.15
N GLY G 214 -5.16 65.99 0.12
CA GLY G 214 -5.54 66.60 -1.14
C GLY G 214 -4.59 66.31 -2.29
N GLU G 215 -4.73 67.11 -3.36
CA GLU G 215 -3.91 67.01 -4.55
C GLU G 215 -2.43 67.24 -4.19
N LEU G 216 -2.17 68.21 -3.28
CA LEU G 216 -0.82 68.53 -2.80
C LEU G 216 -0.09 67.35 -2.15
N THR G 217 -0.80 66.56 -1.30
CA THR G 217 -0.27 65.42 -0.54
C THR G 217 -0.33 64.09 -1.32
N ASN G 218 -0.90 64.10 -2.53
CA ASN G 218 -1.08 62.94 -3.40
C ASN G 218 -2.08 61.97 -2.82
N GLY G 219 -3.22 62.50 -2.42
CA GLY G 219 -4.30 61.73 -1.84
C GLY G 219 -4.04 61.16 -0.47
N ARG G 220 -2.88 61.49 0.15
CA ARG G 220 -2.50 60.98 1.46
C ARG G 220 -2.97 61.87 2.58
N HIS G 221 -3.48 61.27 3.65
CA HIS G 221 -3.85 62.07 4.80
C HIS G 221 -2.64 62.25 5.68
N GLU G 222 -2.23 63.50 5.89
CA GLU G 222 -1.06 63.80 6.70
C GLU G 222 -1.19 65.11 7.44
N ILE G 223 -0.32 65.31 8.44
CA ILE G 223 -0.28 66.53 9.22
C ILE G 223 0.18 67.67 8.32
N VAL G 224 -0.35 68.87 8.58
CA VAL G 224 0.09 70.06 7.85
C VAL G 224 1.49 70.38 8.40
N PRO G 225 2.52 70.43 7.53
CA PRO G 225 3.89 70.64 8.04
C PRO G 225 4.03 71.87 8.93
N LYS G 226 4.94 71.79 9.94
CA LYS G 226 5.19 72.83 10.95
C LYS G 226 5.26 74.25 10.39
N ASP G 227 5.94 74.44 9.25
CA ASP G 227 6.07 75.76 8.62
C ASP G 227 4.74 76.36 8.16
N ILE G 228 3.92 75.56 7.46
CA ILE G 228 2.62 76.00 6.99
C ILE G 228 1.64 76.21 8.18
N ARG G 229 1.83 75.46 9.28
CA ARG G 229 1.04 75.60 10.52
C ARG G 229 1.40 76.89 11.25
N GLU G 230 2.71 77.24 11.28
CA GLU G 230 3.21 78.46 11.92
C GLU G 230 2.75 79.71 11.18
N GLU G 231 2.71 79.63 9.85
CA GLU G 231 2.23 80.69 8.98
C GLU G 231 0.73 80.89 9.21
N ALA G 232 -0.04 79.79 9.38
CA ALA G 232 -1.49 79.84 9.64
C ALA G 232 -1.80 80.37 11.05
N GLU G 233 -0.92 80.08 12.02
CA GLU G 233 -1.07 80.54 13.40
C GLU G 233 -0.73 82.03 13.53
N LYS G 234 0.26 82.51 12.74
CA LYS G 234 0.66 83.91 12.73
C LYS G 234 -0.47 84.73 12.10
N TYR G 235 -1.02 84.25 10.96
CA TYR G 235 -2.13 84.88 10.23
C TYR G 235 -3.40 84.89 11.07
N ALA G 236 -3.60 83.88 11.92
CA ALA G 236 -4.79 83.81 12.76
C ALA G 236 -4.71 84.80 13.91
N LYS G 237 -3.50 84.97 14.48
CA LYS G 237 -3.29 85.91 15.59
C LYS G 237 -3.27 87.35 15.09
N GLU G 238 -2.72 87.59 13.89
CA GLU G 238 -2.68 88.92 13.28
C GLU G 238 -4.09 89.37 12.88
N SER G 239 -4.90 88.43 12.35
CA SER G 239 -6.30 88.76 11.99
C SER G 239 -7.25 88.85 13.20
N LEU G 240 -6.79 88.42 14.38
CA LEU G 240 -7.55 88.51 15.63
C LEU G 240 -7.43 89.94 16.23
N LYS G 241 -6.26 90.60 16.02
CA LYS G 241 -6.02 91.95 16.49
C LYS G 241 -6.84 92.96 15.66
N GLU G 242 -6.72 92.92 14.32
CA GLU G 242 -7.47 93.83 13.45
C GLU G 242 -8.92 93.36 13.24
N THR H 1 -12.00 21.59 -21.80
CA THR H 1 -12.38 23.00 -21.82
C THR H 1 -11.23 23.84 -22.40
N THR H 2 -11.58 24.89 -23.13
CA THR H 2 -10.65 25.88 -23.60
C THR H 2 -11.35 27.19 -23.38
N ILE H 3 -10.82 28.03 -22.48
CA ILE H 3 -11.33 29.36 -22.18
C ILE H 3 -10.25 30.38 -22.57
N MET H 4 -10.67 31.59 -22.99
CA MET H 4 -9.72 32.60 -23.44
C MET H 4 -10.27 34.00 -23.24
N ALA H 5 -9.43 34.96 -22.87
CA ALA H 5 -9.88 36.33 -22.71
C ALA H 5 -8.81 37.27 -23.27
N VAL H 6 -9.22 38.31 -24.03
CA VAL H 6 -8.31 39.30 -24.64
C VAL H 6 -8.74 40.72 -24.32
N GLU H 7 -7.79 41.55 -23.85
CA GLU H 7 -8.01 42.97 -23.60
C GLU H 7 -7.80 43.72 -24.91
N PHE H 8 -8.62 44.75 -25.13
CA PHE H 8 -8.44 45.67 -26.26
C PHE H 8 -8.69 47.11 -25.73
N ASP H 9 -8.52 48.12 -26.59
CA ASP H 9 -8.78 49.48 -26.16
C ASP H 9 -10.29 49.71 -26.07
N GLY H 10 -10.82 49.74 -24.84
CA GLY H 10 -12.25 49.96 -24.63
C GLY H 10 -13.07 48.76 -24.20
N GLY H 11 -12.41 47.63 -23.94
CA GLY H 11 -13.13 46.44 -23.49
C GLY H 11 -12.38 45.14 -23.61
N VAL H 12 -13.11 44.01 -23.50
CA VAL H 12 -12.52 42.66 -23.56
C VAL H 12 -13.35 41.74 -24.46
N VAL H 13 -12.72 40.66 -24.93
CA VAL H 13 -13.38 39.58 -25.66
C VAL H 13 -13.13 38.30 -24.84
N MET H 14 -14.15 37.50 -24.58
CA MET H 14 -14.00 36.23 -23.86
C MET H 14 -14.62 35.15 -24.70
N GLY H 15 -13.99 34.00 -24.73
CA GLY H 15 -14.47 32.87 -25.50
C GLY H 15 -14.31 31.57 -24.74
N SER H 16 -15.13 30.58 -25.10
CA SER H 16 -15.05 29.25 -24.52
C SER H 16 -15.53 28.23 -25.52
N ASP H 17 -15.16 26.95 -25.33
CA ASP H 17 -15.73 25.89 -26.15
C ASP H 17 -17.14 25.57 -25.53
N SER H 18 -17.74 24.40 -25.81
CA SER H 18 -19.04 24.09 -25.20
C SER H 18 -19.16 22.68 -24.64
N ARG H 19 -18.06 21.90 -24.61
CA ARG H 19 -18.10 20.53 -24.16
C ARG H 19 -17.97 20.35 -22.67
N VAL H 20 -18.89 19.57 -22.11
CA VAL H 20 -18.87 19.15 -20.71
C VAL H 20 -18.73 17.63 -20.80
N SER H 21 -17.64 17.07 -20.26
CA SER H 21 -17.40 15.65 -20.37
C SER H 21 -17.04 14.95 -19.08
N ALA H 22 -17.66 13.78 -18.85
CA ALA H 22 -17.39 12.90 -17.73
C ALA H 22 -16.55 11.75 -18.28
N GLY H 23 -15.24 11.99 -18.38
CA GLY H 23 -14.31 11.01 -18.94
C GLY H 23 -14.38 10.98 -20.45
N GLU H 24 -14.77 9.85 -21.02
CA GLU H 24 -14.95 9.75 -22.48
C GLU H 24 -16.37 10.10 -22.92
N ALA H 25 -17.27 10.41 -21.99
CA ALA H 25 -18.66 10.70 -22.28
C ALA H 25 -18.92 12.18 -22.33
N VAL H 26 -19.44 12.68 -23.45
CA VAL H 26 -19.80 14.09 -23.55
C VAL H 26 -21.21 14.15 -22.96
N VAL H 27 -21.33 14.78 -21.77
CA VAL H 27 -22.59 14.91 -21.03
C VAL H 27 -23.39 16.07 -21.57
N ASN H 28 -22.73 17.16 -21.95
CA ASN H 28 -23.42 18.31 -22.53
C ASN H 28 -22.54 18.82 -23.64
N ARG H 29 -23.05 18.90 -24.87
CA ARG H 29 -22.23 19.37 -25.98
C ARG H 29 -22.42 20.86 -26.32
N VAL H 30 -23.35 21.57 -25.65
CA VAL H 30 -23.61 22.99 -25.93
C VAL H 30 -23.56 23.88 -24.68
N PHE H 31 -22.71 23.58 -23.70
CA PHE H 31 -22.60 24.38 -22.49
C PHE H 31 -21.90 25.75 -22.64
N ASP H 32 -22.57 26.85 -22.23
CA ASP H 32 -21.97 28.19 -22.28
C ASP H 32 -21.15 28.42 -21.02
N LYS H 33 -19.80 28.40 -21.13
CA LYS H 33 -18.93 28.56 -19.98
C LYS H 33 -18.61 30.03 -19.65
N LEU H 34 -19.36 31.00 -20.20
CA LEU H 34 -19.13 32.40 -19.91
C LEU H 34 -20.29 32.89 -19.04
N SER H 35 -20.00 33.16 -17.76
CA SER H 35 -21.02 33.59 -16.81
C SER H 35 -20.89 35.01 -16.37
N PRO H 36 -21.99 35.77 -16.40
CA PRO H 36 -21.94 37.15 -15.87
C PRO H 36 -21.84 37.22 -14.35
N LEU H 37 -20.85 37.97 -13.86
CA LEU H 37 -20.68 38.26 -12.45
C LEU H 37 -21.38 39.62 -12.11
N HIS H 38 -21.49 40.52 -13.12
CA HIS H 38 -22.13 41.83 -13.05
C HIS H 38 -22.52 42.29 -14.48
N GLU H 39 -23.14 43.49 -14.64
CA GLU H 39 -23.54 44.04 -15.94
C GLU H 39 -22.40 44.00 -16.98
N ARG H 40 -21.20 44.45 -16.57
CA ARG H 40 -20.06 44.44 -17.49
C ARG H 40 -18.88 43.61 -16.98
N ILE H 41 -19.14 42.60 -16.15
CA ILE H 41 -18.09 41.71 -15.65
C ILE H 41 -18.52 40.29 -15.89
N TYR H 42 -17.69 39.49 -16.53
CA TYR H 42 -17.96 38.09 -16.77
C TYR H 42 -16.81 37.23 -16.27
N CYS H 43 -17.07 35.95 -16.05
CA CYS H 43 -16.01 34.99 -15.77
C CYS H 43 -16.07 33.80 -16.74
N ALA H 44 -14.94 33.19 -17.03
CA ALA H 44 -14.87 32.02 -17.89
C ALA H 44 -14.63 30.83 -16.97
N LEU H 45 -15.53 29.82 -17.01
CA LEU H 45 -15.49 28.64 -16.13
C LEU H 45 -14.71 27.44 -16.70
N SER H 46 -13.85 26.83 -15.89
CA SER H 46 -13.08 25.62 -16.24
C SER H 46 -12.77 24.82 -14.98
N GLY H 47 -12.46 23.55 -15.13
CA GLY H 47 -12.20 22.67 -13.99
C GLY H 47 -13.48 21.97 -13.57
N SER H 48 -13.63 21.73 -12.26
CA SER H 48 -14.82 21.10 -11.70
C SER H 48 -16.03 21.97 -11.95
N ALA H 49 -17.07 21.42 -12.60
CA ALA H 49 -18.31 22.12 -12.90
C ALA H 49 -19.03 22.54 -11.64
N ALA H 50 -19.10 21.65 -10.61
CA ALA H 50 -19.79 21.99 -9.38
C ALA H 50 -19.10 23.12 -8.66
N ASP H 51 -17.75 23.07 -8.55
CA ASP H 51 -16.98 24.11 -7.89
C ASP H 51 -17.08 25.42 -8.67
N ALA H 52 -16.88 25.39 -10.00
CA ALA H 52 -16.92 26.59 -10.84
C ALA H 52 -18.24 27.30 -10.74
N GLN H 53 -19.36 26.55 -10.76
CA GLN H 53 -20.69 27.14 -10.65
C GLN H 53 -20.90 27.67 -9.25
N ALA H 54 -20.50 26.93 -8.20
CA ALA H 54 -20.60 27.44 -6.82
C ALA H 54 -19.85 28.75 -6.61
N VAL H 55 -18.58 28.85 -7.07
CA VAL H 55 -17.76 30.06 -6.90
C VAL H 55 -18.40 31.21 -7.68
N ALA H 56 -18.78 30.96 -8.93
CA ALA H 56 -19.42 31.99 -9.77
C ALA H 56 -20.66 32.60 -9.10
N ASP H 57 -21.50 31.75 -8.49
CA ASP H 57 -22.71 32.19 -7.82
C ASP H 57 -22.45 33.01 -6.57
N MET H 58 -21.47 32.59 -5.75
CA MET H 58 -21.15 33.33 -4.54
C MET H 58 -20.51 34.68 -4.89
N ALA H 59 -19.66 34.70 -5.93
CA ALA H 59 -19.02 35.92 -6.42
C ALA H 59 -20.05 36.88 -6.96
N ALA H 60 -21.06 36.40 -7.72
CA ALA H 60 -22.11 37.24 -8.28
C ALA H 60 -22.98 37.89 -7.18
N TYR H 61 -23.24 37.12 -6.12
CA TYR H 61 -24.01 37.55 -4.96
C TYR H 61 -23.21 38.60 -4.18
N GLN H 62 -21.94 38.31 -3.87
CA GLN H 62 -21.05 39.24 -3.17
C GLN H 62 -20.91 40.55 -3.95
N LEU H 63 -20.69 40.48 -5.26
CA LEU H 63 -20.53 41.64 -6.13
C LEU H 63 -21.81 42.45 -6.31
N GLU H 64 -22.99 41.80 -6.25
CA GLU H 64 -24.24 42.53 -6.39
C GLU H 64 -24.46 43.44 -5.19
N LEU H 65 -24.28 42.90 -3.99
CA LEU H 65 -24.44 43.67 -2.76
C LEU H 65 -23.35 44.75 -2.66
N HIS H 66 -22.13 44.45 -3.15
CA HIS H 66 -21.00 45.40 -3.18
C HIS H 66 -21.35 46.60 -4.04
N GLY H 67 -21.89 46.33 -5.22
CA GLY H 67 -22.28 47.37 -6.17
C GLY H 67 -23.40 48.25 -5.67
N ILE H 68 -24.28 47.70 -4.86
CA ILE H 68 -25.39 48.47 -4.31
C ILE H 68 -24.92 49.36 -3.14
N GLU H 69 -24.07 48.83 -2.25
CA GLU H 69 -23.53 49.61 -1.13
C GLU H 69 -22.64 50.76 -1.64
N LEU H 70 -21.92 50.54 -2.74
CA LEU H 70 -21.02 51.52 -3.35
C LEU H 70 -21.72 52.48 -4.34
N GLU H 71 -23.01 52.21 -4.68
CA GLU H 71 -23.85 52.99 -5.60
C GLU H 71 -23.27 53.12 -7.04
N GLU H 72 -22.25 52.30 -7.37
CA GLU H 72 -21.55 52.23 -8.66
C GLU H 72 -21.46 50.76 -9.09
N PRO H 73 -21.25 50.46 -10.40
CA PRO H 73 -20.96 49.07 -10.78
C PRO H 73 -19.55 48.69 -10.26
N PRO H 74 -19.38 47.48 -9.71
CA PRO H 74 -18.07 47.11 -9.15
C PRO H 74 -16.93 47.22 -10.16
N LEU H 75 -15.72 47.47 -9.66
CA LEU H 75 -14.55 47.48 -10.52
C LEU H 75 -14.26 46.03 -10.93
N VAL H 76 -13.64 45.82 -12.10
CA VAL H 76 -13.24 44.48 -12.52
C VAL H 76 -12.17 43.93 -11.53
N LEU H 77 -11.36 44.82 -10.92
CA LEU H 77 -10.37 44.44 -9.93
C LEU H 77 -11.08 43.92 -8.66
N ALA H 78 -12.21 44.54 -8.27
CA ALA H 78 -12.98 44.05 -7.12
C ALA H 78 -13.55 42.66 -7.43
N ALA H 79 -14.09 42.45 -8.64
CA ALA H 79 -14.61 41.15 -9.05
C ALA H 79 -13.49 40.11 -9.06
N ALA H 80 -12.31 40.46 -9.61
CA ALA H 80 -11.09 39.63 -9.66
C ALA H 80 -10.62 39.19 -8.25
N ASN H 81 -10.67 40.11 -7.24
CA ASN H 81 -10.29 39.81 -5.87
C ASN H 81 -11.34 39.01 -5.14
N VAL H 82 -12.62 39.23 -5.46
CA VAL H 82 -13.72 38.46 -4.89
C VAL H 82 -13.57 36.98 -5.30
N VAL H 83 -13.35 36.70 -6.59
CA VAL H 83 -13.17 35.34 -7.09
C VAL H 83 -11.87 34.72 -6.53
N ARG H 84 -10.77 35.49 -6.64
CA ARG H 84 -9.45 35.08 -6.19
C ARG H 84 -9.43 34.69 -4.70
N ASN H 85 -10.05 35.51 -3.84
CA ASN H 85 -10.09 35.24 -2.40
C ASN H 85 -10.82 33.93 -2.09
N ILE H 86 -11.91 33.66 -2.81
CA ILE H 86 -12.66 32.42 -2.61
C ILE H 86 -11.80 31.21 -3.03
N SER H 87 -11.25 31.25 -4.25
CA SER H 87 -10.38 30.22 -4.82
C SER H 87 -9.16 29.96 -3.94
N TYR H 88 -8.62 31.01 -3.28
CA TYR H 88 -7.45 30.88 -2.42
C TYR H 88 -7.79 30.35 -1.02
N LYS H 89 -8.87 30.88 -0.41
CA LYS H 89 -9.29 30.44 0.91
C LYS H 89 -9.55 28.95 0.94
N TYR H 90 -10.17 28.44 -0.13
CA TYR H 90 -10.53 27.04 -0.30
C TYR H 90 -9.72 26.35 -1.43
N ARG H 91 -8.42 26.64 -1.57
CA ARG H 91 -7.63 26.04 -2.66
C ARG H 91 -7.46 24.52 -2.57
N GLU H 92 -7.48 23.95 -1.37
CA GLU H 92 -7.35 22.50 -1.21
C GLU H 92 -8.68 21.78 -1.53
N ASP H 93 -9.83 22.45 -1.33
CA ASP H 93 -11.12 21.83 -1.58
C ASP H 93 -11.80 22.24 -2.89
N LEU H 94 -11.27 23.24 -3.59
CA LEU H 94 -11.82 23.66 -4.86
C LEU H 94 -10.92 23.27 -5.99
N SER H 95 -11.50 22.92 -7.14
CA SER H 95 -10.69 22.52 -8.30
C SER H 95 -11.24 23.16 -9.57
N ALA H 96 -11.32 24.49 -9.57
CA ALA H 96 -11.81 25.24 -10.71
C ALA H 96 -10.93 26.45 -10.99
N HIS H 97 -10.87 26.89 -12.25
CA HIS H 97 -10.14 28.11 -12.59
C HIS H 97 -11.07 29.00 -13.32
N LEU H 98 -11.44 30.08 -12.65
CA LEU H 98 -12.32 31.12 -13.11
C LEU H 98 -11.50 32.34 -13.55
N MET H 99 -11.44 32.57 -14.86
CA MET H 99 -10.78 33.73 -15.49
C MET H 99 -11.80 34.88 -15.38
N VAL H 100 -11.42 36.04 -14.87
CA VAL H 100 -12.36 37.14 -14.71
C VAL H 100 -12.00 38.31 -15.63
N ALA H 101 -12.92 38.73 -16.50
CA ALA H 101 -12.68 39.85 -17.40
C ALA H 101 -13.93 40.73 -17.55
N GLY H 102 -13.72 41.99 -17.90
CA GLY H 102 -14.83 42.92 -18.10
C GLY H 102 -14.41 44.36 -18.34
N TRP H 103 -15.34 45.29 -18.16
CA TRP H 103 -15.08 46.71 -18.35
C TRP H 103 -15.40 47.58 -17.11
N ASP H 104 -14.63 48.67 -16.94
CA ASP H 104 -14.73 49.69 -15.90
C ASP H 104 -14.63 51.08 -16.45
N GLN H 105 -15.31 52.06 -15.80
CA GLN H 105 -15.10 53.46 -16.19
C GLN H 105 -13.70 53.97 -15.72
N ARG H 106 -13.09 53.27 -14.72
CA ARG H 106 -11.81 53.53 -14.07
C ARG H 106 -10.62 52.95 -14.81
N GLU H 107 -10.64 51.62 -15.12
CA GLU H 107 -9.52 51.00 -15.82
C GLU H 107 -9.85 50.39 -17.20
N GLY H 108 -11.09 50.51 -17.62
CA GLY H 108 -11.53 50.04 -18.92
C GLY H 108 -11.59 48.54 -19.03
N GLY H 109 -11.19 48.03 -20.18
CA GLY H 109 -11.20 46.60 -20.42
C GLY H 109 -10.00 45.93 -19.82
N GLN H 110 -10.23 45.00 -18.89
CA GLN H 110 -9.18 44.26 -18.21
C GLN H 110 -9.46 42.75 -18.06
N VAL H 111 -8.39 41.93 -18.17
CA VAL H 111 -8.43 40.47 -18.10
C VAL H 111 -7.59 40.05 -16.89
N TYR H 112 -8.14 39.15 -16.05
CA TYR H 112 -7.46 38.69 -14.85
C TYR H 112 -7.48 37.17 -14.72
N GLY H 113 -6.34 36.61 -14.35
CA GLY H 113 -6.26 35.19 -14.08
C GLY H 113 -6.34 34.98 -12.58
N THR H 114 -7.10 33.97 -12.15
CA THR H 114 -7.22 33.67 -10.72
C THR H 114 -6.81 32.21 -10.45
N LEU H 115 -5.82 31.70 -11.19
CA LEU H 115 -5.34 30.33 -11.08
C LEU H 115 -4.78 29.92 -9.68
N GLY H 116 -5.56 29.13 -8.97
CA GLY H 116 -5.18 28.61 -7.66
C GLY H 116 -5.18 29.63 -6.52
N GLY H 117 -5.85 30.74 -6.72
CA GLY H 117 -5.90 31.79 -5.72
C GLY H 117 -4.89 32.90 -5.93
N MET H 118 -4.19 32.89 -7.08
CA MET H 118 -3.25 33.97 -7.40
C MET H 118 -4.05 35.08 -8.16
N LEU H 119 -3.45 36.23 -8.46
CA LEU H 119 -4.14 37.27 -9.24
C LEU H 119 -3.14 37.92 -10.14
N THR H 120 -3.39 37.87 -11.44
CA THR H 120 -2.51 38.52 -12.39
C THR H 120 -3.29 39.15 -13.51
N ARG H 121 -2.92 40.37 -13.93
CA ARG H 121 -3.58 41.01 -15.05
C ARG H 121 -2.77 40.68 -16.29
N GLN H 122 -3.45 40.23 -17.36
CA GLN H 122 -2.76 39.80 -18.56
C GLN H 122 -3.30 40.50 -19.80
N PRO H 123 -2.45 40.73 -20.84
CA PRO H 123 -2.97 41.28 -22.11
C PRO H 123 -4.00 40.32 -22.72
N PHE H 124 -3.74 39.03 -22.60
CA PHE H 124 -4.62 37.95 -22.96
C PHE H 124 -4.34 36.78 -22.01
N ALA H 125 -5.29 35.86 -21.86
CA ALA H 125 -5.07 34.67 -21.03
C ALA H 125 -5.85 33.50 -21.58
N ILE H 126 -5.29 32.28 -21.44
CA ILE H 126 -5.92 31.04 -21.87
C ILE H 126 -5.96 30.05 -20.70
N GLY H 127 -7.01 29.25 -20.66
CA GLY H 127 -7.17 28.27 -19.59
C GLY H 127 -7.93 27.03 -20.05
N GLY H 128 -7.96 26.02 -19.19
CA GLY H 128 -8.64 24.78 -19.50
C GLY H 128 -7.68 23.74 -20.04
N SER H 129 -8.14 22.49 -20.12
CA SER H 129 -7.35 21.39 -20.65
C SER H 129 -6.83 21.64 -22.07
N GLY H 130 -7.58 22.39 -22.85
CA GLY H 130 -7.26 22.70 -24.25
C GLY H 130 -6.21 23.75 -24.43
N SER H 131 -6.06 24.65 -23.44
CA SER H 131 -5.05 25.71 -23.50
C SER H 131 -3.63 25.17 -23.70
N THR H 132 -3.36 23.95 -23.25
CA THR H 132 -2.05 23.35 -23.35
C THR H 132 -1.53 23.31 -24.81
N PHE H 133 -2.40 22.96 -25.74
CA PHE H 133 -2.04 22.77 -27.14
C PHE H 133 -1.94 24.06 -27.95
N ILE H 134 -2.37 25.20 -27.38
CA ILE H 134 -2.36 26.47 -28.09
C ILE H 134 -1.43 27.50 -27.47
N TYR H 135 -0.47 27.11 -26.61
CA TYR H 135 0.45 28.10 -26.01
C TYR H 135 1.32 28.70 -27.07
N GLY H 136 1.86 27.88 -27.95
CA GLY H 136 2.70 28.33 -29.05
C GLY H 136 1.91 29.16 -30.05
N TYR H 137 0.66 28.75 -30.31
CA TYR H 137 -0.17 29.49 -31.23
C TYR H 137 -0.44 30.92 -30.72
N VAL H 138 -0.89 31.08 -29.46
CA VAL H 138 -1.18 32.40 -28.93
C VAL H 138 0.09 33.27 -28.84
N ASP H 139 1.26 32.66 -28.63
CA ASP H 139 2.52 33.39 -28.55
C ASP H 139 2.96 33.86 -29.93
N ALA H 140 2.65 33.08 -30.99
CA ALA H 140 2.99 33.42 -32.36
C ALA H 140 1.99 34.38 -33.02
N ALA H 141 0.70 34.29 -32.66
CA ALA H 141 -0.39 35.06 -33.25
C ALA H 141 -0.78 36.33 -32.51
N TYR H 142 -0.44 36.47 -31.21
CA TYR H 142 -0.83 37.68 -30.48
C TYR H 142 -0.03 38.90 -30.94
N LYS H 143 -0.74 40.00 -31.23
CA LYS H 143 -0.15 41.28 -31.58
C LYS H 143 -0.80 42.38 -30.72
N PRO H 144 0.02 43.30 -30.20
CA PRO H 144 -0.56 44.40 -29.40
C PRO H 144 -1.31 45.41 -30.27
N GLY H 145 -2.41 45.94 -29.76
CA GLY H 145 -3.21 46.90 -30.50
C GLY H 145 -4.32 46.34 -31.35
N MET H 146 -4.71 45.07 -31.13
CA MET H 146 -5.79 44.45 -31.90
C MET H 146 -7.14 45.15 -31.68
N SER H 147 -7.96 45.19 -32.71
CA SER H 147 -9.28 45.80 -32.64
C SER H 147 -10.30 44.80 -32.05
N PRO H 148 -11.51 45.23 -31.62
CA PRO H 148 -12.48 44.25 -31.11
C PRO H 148 -12.74 43.07 -32.06
N GLU H 149 -12.81 43.33 -33.38
CA GLU H 149 -13.00 42.28 -34.38
C GLU H 149 -11.77 41.36 -34.51
N GLU H 150 -10.56 41.93 -34.40
CA GLU H 150 -9.32 41.13 -34.47
C GLU H 150 -9.15 40.22 -33.25
N CYS H 151 -9.66 40.66 -32.08
CA CYS H 151 -9.61 39.90 -30.84
C CYS H 151 -10.54 38.71 -30.93
N ARG H 152 -11.77 38.94 -31.46
CA ARG H 152 -12.78 37.89 -31.63
C ARG H 152 -12.24 36.81 -32.57
N ARG H 153 -11.63 37.24 -33.68
CA ARG H 153 -11.03 36.36 -34.68
C ARG H 153 -9.91 35.51 -34.04
N PHE H 154 -9.01 36.15 -33.25
CA PHE H 154 -7.90 35.49 -32.56
C PHE H 154 -8.41 34.42 -31.59
N THR H 155 -9.39 34.78 -30.72
CA THR H 155 -10.03 33.92 -29.73
C THR H 155 -10.70 32.73 -30.43
N THR H 156 -11.41 33.00 -31.53
CA THR H 156 -12.07 31.96 -32.33
C THR H 156 -11.06 30.98 -32.95
N ASP H 157 -10.00 31.50 -33.60
CA ASP H 157 -8.99 30.65 -34.20
C ASP H 157 -8.28 29.79 -33.12
N ALA H 158 -7.84 30.42 -32.02
CA ALA H 158 -7.17 29.72 -30.93
C ALA H 158 -8.04 28.64 -30.29
N ILE H 159 -9.31 28.97 -29.98
CA ILE H 159 -10.22 27.99 -29.39
C ILE H 159 -10.56 26.88 -30.39
N ALA H 160 -10.82 27.19 -31.68
CA ALA H 160 -11.04 26.14 -32.70
C ALA H 160 -9.85 25.17 -32.81
N LEU H 161 -8.61 25.71 -32.75
CA LEU H 161 -7.37 24.95 -32.83
C LEU H 161 -7.25 23.99 -31.65
N ALA H 162 -7.61 24.47 -30.43
CA ALA H 162 -7.58 23.63 -29.23
C ALA H 162 -8.69 22.58 -29.29
N MET H 163 -9.91 22.98 -29.69
CA MET H 163 -11.05 22.06 -29.81
C MET H 163 -10.77 20.86 -30.69
N SER H 164 -9.94 21.05 -31.73
CA SER H 164 -9.59 20.00 -32.68
C SER H 164 -8.53 19.04 -32.12
N ARG H 165 -7.67 19.50 -31.19
CA ARG H 165 -6.62 18.67 -30.62
C ARG H 165 -7.00 18.04 -29.29
N ASP H 166 -7.91 18.68 -28.56
CA ASP H 166 -8.31 18.25 -27.23
C ASP H 166 -9.62 17.47 -27.21
N GLY H 167 -9.54 16.25 -26.70
CA GLY H 167 -10.71 15.39 -26.54
C GLY H 167 -11.71 16.00 -25.56
N SER H 168 -11.22 16.75 -24.55
CA SER H 168 -12.07 17.39 -23.55
C SER H 168 -12.65 18.76 -23.97
N SER H 169 -12.35 19.22 -25.17
CA SER H 169 -12.95 20.46 -25.72
C SER H 169 -13.64 20.12 -27.06
N GLY H 170 -14.70 20.84 -27.37
CA GLY H 170 -15.47 20.65 -28.59
C GLY H 170 -16.78 21.38 -28.58
N GLY H 171 -17.60 21.13 -29.60
CA GLY H 171 -18.90 21.78 -29.74
C GLY H 171 -18.89 23.07 -30.54
N VAL H 172 -19.51 24.10 -30.01
CA VAL H 172 -19.55 25.43 -30.62
C VAL H 172 -18.57 26.36 -29.81
N ILE H 173 -18.32 27.59 -30.30
CA ILE H 173 -17.51 28.55 -29.57
C ILE H 173 -18.44 29.68 -29.12
N TYR H 174 -18.40 30.04 -27.83
CA TYR H 174 -19.21 31.14 -27.32
C TYR H 174 -18.31 32.35 -27.17
N LEU H 175 -18.70 33.49 -27.74
CA LEU H 175 -17.94 34.74 -27.62
C LEU H 175 -18.74 35.81 -26.90
N VAL H 176 -18.06 36.66 -26.15
CA VAL H 176 -18.67 37.73 -25.40
C VAL H 176 -17.77 38.96 -25.49
N THR H 177 -18.31 40.08 -25.97
CA THR H 177 -17.53 41.30 -26.10
C THR H 177 -18.07 42.34 -25.13
N ILE H 178 -17.29 42.68 -24.11
CA ILE H 178 -17.71 43.65 -23.10
C ILE H 178 -17.03 44.99 -23.33
N THR H 179 -17.82 46.06 -23.49
CA THR H 179 -17.37 47.43 -23.71
C THR H 179 -18.21 48.38 -22.83
N ALA H 180 -17.93 49.71 -22.83
CA ALA H 180 -18.75 50.66 -22.09
C ALA H 180 -20.23 50.63 -22.58
N ALA H 181 -20.42 50.41 -23.89
CA ALA H 181 -21.71 50.30 -24.57
C ALA H 181 -22.64 49.16 -24.07
N GLY H 182 -22.05 48.06 -23.62
CA GLY H 182 -22.77 46.89 -23.13
C GLY H 182 -22.05 45.60 -23.47
N VAL H 183 -22.79 44.47 -23.50
CA VAL H 183 -22.17 43.18 -23.83
C VAL H 183 -22.78 42.55 -25.11
N ASP H 184 -21.92 42.04 -26.00
CA ASP H 184 -22.38 41.35 -27.19
C ASP H 184 -22.08 39.84 -27.06
N HIS H 185 -23.11 39.02 -27.00
CA HIS H 185 -22.94 37.57 -26.94
C HIS H 185 -23.06 37.05 -28.36
N ARG H 186 -22.20 36.09 -28.74
CA ARG H 186 -22.16 35.57 -30.10
C ARG H 186 -21.84 34.06 -30.08
N VAL H 187 -22.38 33.30 -31.06
CA VAL H 187 -22.10 31.85 -31.11
C VAL H 187 -21.57 31.42 -32.49
N ILE H 188 -20.43 30.73 -32.51
CA ILE H 188 -19.88 30.19 -33.75
C ILE H 188 -20.16 28.70 -33.71
N LEU H 189 -21.12 28.22 -34.51
CA LEU H 189 -21.54 26.81 -34.54
C LEU H 189 -20.45 25.86 -35.00
N GLY H 190 -20.53 24.60 -34.54
CA GLY H 190 -19.60 23.52 -34.85
C GLY H 190 -19.38 23.23 -36.33
N ASN H 191 -20.31 23.68 -37.19
CA ASN H 191 -20.15 23.55 -38.65
C ASN H 191 -19.45 24.78 -39.24
N GLU H 192 -19.66 25.96 -38.66
CA GLU H 192 -19.08 27.21 -39.13
C GLU H 192 -17.72 27.54 -38.47
N LEU H 193 -17.01 26.54 -37.94
CA LEU H 193 -15.72 26.80 -37.28
C LEU H 193 -14.60 27.08 -38.28
N PRO H 194 -13.59 27.93 -37.94
CA PRO H 194 -12.48 28.16 -38.89
C PRO H 194 -11.70 26.88 -39.12
N LYS H 195 -11.33 26.60 -40.38
CA LYS H 195 -10.60 25.36 -40.69
C LYS H 195 -9.09 25.57 -40.80
N PHE H 196 -8.33 24.60 -40.30
CA PHE H 196 -6.86 24.58 -40.33
C PHE H 196 -6.43 23.14 -40.74
N TYR H 197 -5.12 22.80 -40.63
CA TYR H 197 -4.66 21.44 -40.91
C TYR H 197 -5.29 20.50 -39.87
N ASP H 198 -5.88 19.38 -40.31
CA ASP H 198 -6.52 18.46 -39.37
C ASP H 198 -6.30 16.99 -39.71
N GLU H 199 -5.08 16.65 -40.13
CA GLU H 199 -4.75 15.27 -40.45
C GLU H 199 -3.58 14.77 -39.61
N THR I 1 -30.90 2.18 -13.98
CA THR I 1 -31.93 3.20 -14.18
C THR I 1 -31.71 3.92 -15.48
N THR I 2 -32.80 4.20 -16.18
CA THR I 2 -32.83 5.03 -17.38
C THR I 2 -33.90 6.11 -17.10
N ILE I 3 -33.47 7.36 -16.91
CA ILE I 3 -34.38 8.49 -16.75
C ILE I 3 -34.06 9.47 -17.88
N ALA I 4 -35.08 10.01 -18.49
CA ALA I 4 -34.90 10.93 -19.61
C ALA I 4 -35.87 12.12 -19.50
N GLY I 5 -35.57 13.19 -20.21
CA GLY I 5 -36.39 14.39 -20.24
C GLY I 5 -36.35 15.02 -21.61
N LEU I 6 -37.38 15.80 -21.93
CA LEU I 6 -37.50 16.38 -23.26
C LEU I 6 -38.38 17.62 -23.24
N VAL I 7 -37.97 18.70 -23.93
CA VAL I 7 -38.78 19.92 -24.01
C VAL I 7 -39.44 19.96 -25.37
N PHE I 8 -40.77 20.00 -25.39
CA PHE I 8 -41.55 20.06 -26.63
C PHE I 8 -42.33 21.40 -26.74
N GLN I 9 -42.99 21.65 -27.88
CA GLN I 9 -43.84 22.79 -28.24
C GLN I 9 -44.56 23.42 -27.02
N ASP I 10 -45.42 22.65 -26.31
CA ASP I 10 -46.22 23.20 -25.21
C ASP I 10 -45.81 22.78 -23.79
N GLY I 11 -44.65 22.15 -23.66
CA GLY I 11 -44.20 21.74 -22.34
C GLY I 11 -42.96 20.86 -22.29
N VAL I 12 -42.95 19.96 -21.30
CA VAL I 12 -41.87 19.01 -21.04
C VAL I 12 -42.42 17.63 -20.78
N ILE I 13 -41.64 16.59 -21.10
CA ILE I 13 -42.04 15.20 -20.86
C ILE I 13 -40.90 14.54 -20.14
N LEU I 14 -41.18 14.00 -18.96
CA LEU I 14 -40.20 13.26 -18.17
C LEU I 14 -40.46 11.76 -18.31
N GLY I 15 -39.43 10.96 -18.44
CA GLY I 15 -39.58 9.52 -18.56
C GLY I 15 -38.68 8.76 -17.61
N ALA I 16 -39.13 7.58 -17.19
CA ALA I 16 -38.34 6.74 -16.30
C ALA I 16 -38.67 5.27 -16.45
N ASP I 17 -37.71 4.39 -16.13
CA ASP I 17 -37.99 2.95 -16.07
C ASP I 17 -38.53 2.62 -14.64
N THR I 18 -38.82 1.33 -14.37
CA THR I 18 -39.40 0.96 -13.09
C THR I 18 -38.62 -0.12 -12.36
N ARG I 19 -37.34 -0.34 -12.69
CA ARG I 19 -36.56 -1.36 -11.99
C ARG I 19 -35.63 -0.81 -10.92
N ALA I 20 -35.55 -1.51 -9.80
CA ALA I 20 -34.62 -1.22 -8.73
C ALA I 20 -33.81 -2.49 -8.56
N THR I 21 -32.49 -2.40 -8.72
CA THR I 21 -31.62 -3.57 -8.57
C THR I 21 -30.74 -3.43 -7.35
N ASN I 22 -30.56 -4.54 -6.66
CA ASN I 22 -29.68 -4.62 -5.51
C ASN I 22 -28.51 -5.48 -5.96
N ASP I 23 -27.49 -4.85 -6.56
CA ASP I 23 -26.28 -5.51 -7.06
C ASP I 23 -26.58 -6.72 -7.93
N SER I 24 -26.97 -6.52 -9.20
CA SER I 24 -27.25 -7.60 -10.17
C SER I 24 -28.51 -8.50 -9.85
N VAL I 25 -29.26 -8.19 -8.82
CA VAL I 25 -30.48 -8.91 -8.46
C VAL I 25 -31.58 -7.88 -8.49
N VAL I 26 -32.64 -8.11 -9.32
CA VAL I 26 -33.81 -7.23 -9.44
C VAL I 26 -34.66 -7.29 -8.15
N ALA I 27 -34.67 -6.22 -7.31
CA ALA I 27 -35.46 -6.22 -6.08
C ALA I 27 -36.91 -5.75 -6.34
N ASP I 28 -37.06 -4.66 -7.11
CA ASP I 28 -38.37 -4.13 -7.40
C ASP I 28 -38.56 -4.07 -8.88
N LYS I 29 -39.65 -4.68 -9.34
CA LYS I 29 -40.02 -4.66 -10.74
C LYS I 29 -40.87 -3.43 -11.09
N SER I 30 -41.50 -2.78 -10.09
CA SER I 30 -42.39 -1.66 -10.35
C SER I 30 -42.21 -0.47 -9.39
N CYS I 31 -41.04 0.21 -9.42
CA CYS I 31 -40.88 1.38 -8.55
C CYS I 31 -41.13 2.70 -9.30
N GLU I 32 -41.62 3.71 -8.57
CA GLU I 32 -41.88 5.04 -9.15
C GLU I 32 -40.66 5.90 -9.04
N LYS I 33 -40.09 6.29 -10.16
CA LYS I 33 -38.90 7.16 -10.18
C LYS I 33 -39.24 8.61 -10.58
N ILE I 34 -40.52 8.92 -10.91
CA ILE I 34 -40.94 10.27 -11.24
C ILE I 34 -41.60 10.85 -10.00
N HIS I 35 -40.95 11.84 -9.37
CA HIS I 35 -41.41 12.43 -8.12
C HIS I 35 -42.02 13.80 -8.30
N PHE I 36 -43.03 14.10 -7.49
CA PHE I 36 -43.72 15.37 -7.47
C PHE I 36 -42.88 16.39 -6.74
N ILE I 37 -42.77 17.61 -7.28
CA ILE I 37 -42.12 18.68 -6.54
C ILE I 37 -43.19 19.75 -6.22
N ALA I 38 -43.88 20.21 -7.27
CA ALA I 38 -44.92 21.22 -7.24
C ALA I 38 -45.92 20.82 -8.34
N PRO I 39 -47.17 21.32 -8.32
CA PRO I 39 -48.14 20.90 -9.36
C PRO I 39 -47.62 20.90 -10.80
N LYS I 40 -46.77 21.87 -11.17
CA LYS I 40 -46.22 21.89 -12.53
C LYS I 40 -44.70 21.67 -12.58
N ILE I 41 -44.12 21.03 -11.54
CA ILE I 41 -42.70 20.70 -11.44
C ILE I 41 -42.53 19.25 -10.96
N TYR I 42 -41.92 18.41 -11.80
CA TYR I 42 -41.66 17.01 -11.43
C TYR I 42 -40.18 16.69 -11.55
N CYS I 43 -39.75 15.56 -10.99
CA CYS I 43 -38.33 15.22 -10.96
C CYS I 43 -38.06 13.71 -11.09
N CYS I 44 -37.27 13.31 -12.08
CA CYS I 44 -36.84 11.91 -12.24
C CYS I 44 -35.58 11.70 -11.37
N GLY I 45 -35.53 10.60 -10.64
CA GLY I 45 -34.36 10.30 -9.82
C GLY I 45 -33.61 9.05 -10.24
N ALA I 46 -32.29 9.12 -10.15
CA ALA I 46 -31.33 8.02 -10.41
C ALA I 46 -30.15 8.17 -9.40
N GLY I 47 -29.36 7.13 -9.22
CA GLY I 47 -28.25 7.16 -8.26
C GLY I 47 -28.62 6.36 -7.02
N VAL I 48 -28.23 6.83 -5.85
CA VAL I 48 -28.55 6.16 -4.59
C VAL I 48 -29.99 6.43 -4.32
N ALA I 49 -30.83 5.40 -4.41
CA ALA I 49 -32.28 5.48 -4.26
C ALA I 49 -32.76 6.23 -3.04
N ALA I 50 -32.10 6.07 -1.89
CA ALA I 50 -32.51 6.79 -0.69
C ALA I 50 -32.18 8.27 -0.82
N ASP I 51 -31.04 8.60 -1.44
CA ASP I 51 -30.64 9.98 -1.62
C ASP I 51 -31.53 10.70 -2.59
N ALA I 52 -31.97 10.02 -3.64
CA ALA I 52 -32.89 10.60 -4.61
C ALA I 52 -34.27 10.79 -3.93
N GLU I 53 -34.71 9.80 -3.15
CA GLU I 53 -35.99 9.86 -2.45
C GLU I 53 -36.02 11.03 -1.46
N MET I 54 -35.06 11.11 -0.55
CA MET I 54 -35.03 12.18 0.45
C MET I 54 -34.72 13.55 -0.13
N THR I 55 -33.92 13.68 -1.22
CA THR I 55 -33.64 15.04 -1.74
C THR I 55 -34.86 15.58 -2.46
N THR I 56 -35.59 14.73 -3.22
CA THR I 56 -36.81 15.19 -3.89
C THR I 56 -37.88 15.56 -2.88
N ARG I 57 -38.05 14.72 -1.84
CA ARG I 57 -39.00 14.97 -0.74
C ARG I 57 -38.68 16.31 -0.06
N MET I 58 -37.41 16.58 0.25
CA MET I 58 -36.98 17.81 0.88
C MET I 58 -37.26 19.05 0.06
N VAL I 59 -36.98 19.04 -1.23
CA VAL I 59 -37.23 20.21 -2.08
C VAL I 59 -38.72 20.38 -2.33
N ALA I 60 -39.53 19.29 -2.46
CA ALA I 60 -40.99 19.45 -2.60
C ALA I 60 -41.58 20.18 -1.38
N SER I 61 -41.05 19.86 -0.20
CA SER I 61 -41.43 20.40 1.10
C SER I 61 -41.01 21.88 1.18
N LYS I 62 -39.78 22.21 0.78
CA LYS I 62 -39.31 23.59 0.76
C LYS I 62 -40.12 24.41 -0.27
N MET I 63 -40.51 23.80 -1.40
CA MET I 63 -41.29 24.46 -2.45
C MET I 63 -42.73 24.72 -2.02
N GLU I 64 -43.30 23.85 -1.15
CA GLU I 64 -44.65 24.10 -0.62
C GLU I 64 -44.58 25.30 0.31
N LEU I 65 -43.55 25.37 1.16
CA LEU I 65 -43.35 26.51 2.03
C LEU I 65 -43.10 27.78 1.23
N HIS I 66 -42.33 27.69 0.16
CA HIS I 66 -42.04 28.83 -0.69
C HIS I 66 -43.33 29.32 -1.36
N ALA I 67 -44.13 28.42 -1.97
CA ALA I 67 -45.38 28.78 -2.61
C ALA I 67 -46.44 29.33 -1.64
N LEU I 68 -46.50 28.79 -0.40
CA LEU I 68 -47.47 29.24 0.60
C LEU I 68 -47.19 30.69 0.99
N SER I 69 -45.93 30.99 1.24
CA SER I 69 -45.46 32.30 1.63
C SER I 69 -45.61 33.33 0.50
N THR I 70 -45.12 33.02 -0.69
CA THR I 70 -45.16 33.93 -1.84
C THR I 70 -46.54 34.10 -2.41
N GLY I 71 -47.38 33.08 -2.27
CA GLY I 71 -48.71 33.11 -2.87
C GLY I 71 -48.68 32.90 -4.37
N ARG I 72 -47.53 32.48 -4.91
CA ARG I 72 -47.36 32.28 -6.34
C ARG I 72 -47.00 30.84 -6.69
N GLU I 73 -47.18 30.48 -7.95
CA GLU I 73 -46.81 29.19 -8.48
C GLU I 73 -45.25 29.16 -8.48
N PRO I 74 -44.64 28.04 -8.02
CA PRO I 74 -43.18 27.99 -7.92
C PRO I 74 -42.44 27.95 -9.24
N ARG I 75 -41.17 28.42 -9.23
CA ARG I 75 -40.33 28.43 -10.42
C ARG I 75 -39.43 27.19 -10.52
N VAL I 76 -39.11 26.76 -11.74
CA VAL I 76 -38.22 25.61 -12.00
C VAL I 76 -36.78 25.95 -11.60
N ALA I 77 -36.35 27.21 -11.83
CA ALA I 77 -35.00 27.64 -11.42
C ALA I 77 -34.81 27.61 -9.88
N THR I 78 -35.91 27.76 -9.10
CA THR I 78 -35.81 27.72 -7.64
C THR I 78 -35.48 26.31 -7.18
N VAL I 79 -36.15 25.29 -7.74
CA VAL I 79 -35.88 23.90 -7.36
C VAL I 79 -34.44 23.52 -7.80
N THR I 80 -33.97 24.04 -8.94
CA THR I 80 -32.61 23.83 -9.39
C THR I 80 -31.61 24.43 -8.42
N ARG I 81 -31.81 25.66 -7.96
CA ARG I 81 -30.95 26.31 -6.97
C ARG I 81 -30.93 25.56 -5.68
N ILE I 82 -32.12 25.33 -5.05
CA ILE I 82 -32.21 24.66 -3.75
C ILE I 82 -31.48 23.31 -3.79
N LEU I 83 -31.75 22.48 -4.84
CA LEU I 83 -31.16 21.17 -5.04
C LEU I 83 -29.64 21.29 -5.17
N ARG I 84 -29.18 22.16 -6.08
CA ARG I 84 -27.77 22.44 -6.33
C ARG I 84 -26.99 22.74 -5.06
N GLN I 85 -27.44 23.76 -4.28
CA GLN I 85 -26.75 24.21 -3.11
C GLN I 85 -26.78 23.19 -1.99
N THR I 86 -27.83 22.36 -1.89
CA THR I 86 -27.88 21.30 -0.87
C THR I 86 -26.86 20.22 -1.28
N LEU I 87 -26.90 19.77 -2.54
CA LEU I 87 -25.97 18.75 -3.01
C LEU I 87 -24.48 19.18 -2.95
N PHE I 88 -24.18 20.46 -3.23
CA PHE I 88 -22.82 20.97 -3.19
C PHE I 88 -22.23 20.87 -1.80
N ARG I 89 -23.00 21.21 -0.78
CA ARG I 89 -22.53 21.13 0.61
C ARG I 89 -22.11 19.71 0.99
N TYR I 90 -22.70 18.67 0.37
CA TYR I 90 -22.39 17.30 0.72
C TYR I 90 -21.30 16.66 -0.14
N GLN I 91 -20.69 17.42 -1.05
CA GLN I 91 -19.52 17.03 -1.83
C GLN I 91 -19.65 15.74 -2.62
N GLY I 92 -20.85 15.46 -3.10
CA GLY I 92 -21.10 14.25 -3.87
C GLY I 92 -21.50 13.05 -3.03
N HIS I 93 -21.45 13.17 -1.69
CA HIS I 93 -21.82 12.08 -0.79
C HIS I 93 -23.33 11.79 -0.79
N VAL I 94 -24.16 12.76 -1.24
CA VAL I 94 -25.58 12.53 -1.43
C VAL I 94 -25.68 12.22 -2.93
N GLY I 95 -25.71 10.94 -3.24
CA GLY I 95 -25.69 10.42 -4.61
C GLY I 95 -26.95 10.54 -5.42
N ALA I 96 -27.50 11.76 -5.51
CA ALA I 96 -28.70 12.00 -6.28
C ALA I 96 -28.42 12.62 -7.66
N SER I 97 -28.74 11.88 -8.71
CA SER I 97 -28.68 12.33 -10.10
C SER I 97 -30.15 12.59 -10.46
N LEU I 98 -30.49 13.85 -10.72
CA LEU I 98 -31.88 14.23 -10.94
C LEU I 98 -32.12 14.91 -12.26
N ILE I 99 -33.33 14.70 -12.82
CA ILE I 99 -33.78 15.38 -14.03
C ILE I 99 -35.00 16.17 -13.60
N VAL I 100 -34.87 17.49 -13.54
CA VAL I 100 -35.95 18.36 -13.10
C VAL I 100 -36.61 18.97 -14.30
N GLY I 101 -37.88 18.68 -14.46
CA GLY I 101 -38.65 19.23 -15.56
C GLY I 101 -39.86 19.97 -15.02
N GLY I 102 -40.21 21.09 -15.66
CA GLY I 102 -41.37 21.86 -15.20
C GLY I 102 -41.80 23.00 -16.08
N VAL I 103 -42.95 23.58 -15.73
CA VAL I 103 -43.56 24.73 -16.39
C VAL I 103 -43.85 25.84 -15.36
N ASP I 104 -43.35 27.05 -15.63
CA ASP I 104 -43.60 28.19 -14.76
C ASP I 104 -43.97 29.43 -15.62
N LEU I 105 -44.07 30.64 -15.02
CA LEU I 105 -44.41 31.87 -15.76
C LEU I 105 -43.47 32.17 -16.96
N THR I 106 -42.30 31.50 -17.00
CA THR I 106 -41.29 31.67 -18.04
C THR I 106 -41.26 30.48 -19.05
N GLY I 107 -42.19 29.54 -18.93
CA GLY I 107 -42.29 28.43 -19.85
C GLY I 107 -41.65 27.13 -19.42
N PRO I 108 -41.65 26.14 -20.32
CA PRO I 108 -41.06 24.84 -19.98
C PRO I 108 -39.54 24.88 -19.87
N GLN I 109 -39.01 24.26 -18.80
CA GLN I 109 -37.57 24.17 -18.59
C GLN I 109 -37.15 22.75 -18.21
N LEU I 110 -35.94 22.34 -18.61
CA LEU I 110 -35.43 21.03 -18.26
C LEU I 110 -33.99 21.13 -17.75
N TYR I 111 -33.70 20.49 -16.62
CA TYR I 111 -32.38 20.56 -16.00
C TYR I 111 -31.86 19.21 -15.57
N GLY I 112 -30.55 19.09 -15.61
CA GLY I 112 -29.82 17.93 -15.13
C GLY I 112 -29.05 18.36 -13.89
N VAL I 113 -29.34 17.76 -12.75
CA VAL I 113 -28.65 18.07 -11.51
C VAL I 113 -27.84 16.87 -11.11
N HIS I 114 -26.53 17.06 -10.82
CA HIS I 114 -25.63 15.97 -10.48
C HIS I 114 -25.33 15.89 -8.96
N PRO I 115 -24.87 14.71 -8.45
CA PRO I 115 -24.61 14.58 -7.02
C PRO I 115 -23.70 15.62 -6.40
N HIS I 116 -22.73 16.16 -7.18
CA HIS I 116 -21.80 17.15 -6.64
C HIS I 116 -22.33 18.58 -6.56
N GLY I 117 -23.45 18.85 -7.23
CA GLY I 117 -24.03 20.17 -7.21
C GLY I 117 -23.90 20.93 -8.50
N SER I 118 -23.49 20.27 -9.59
CA SER I 118 -23.42 20.94 -10.88
C SER I 118 -24.76 20.72 -11.61
N TYR I 119 -25.06 21.61 -12.53
CA TYR I 119 -26.30 21.54 -13.28
C TYR I 119 -26.10 22.04 -14.73
N SER I 120 -27.12 21.84 -15.57
CA SER I 120 -27.17 22.37 -16.92
C SER I 120 -28.62 22.45 -17.40
N ARG I 121 -28.96 23.53 -18.11
CA ARG I 121 -30.28 23.67 -18.72
C ARG I 121 -30.15 23.10 -20.14
N LEU I 122 -31.06 22.21 -20.54
CA LEU I 122 -30.96 21.52 -21.81
C LEU I 122 -32.31 21.30 -22.47
N PRO I 123 -32.34 21.17 -23.83
CA PRO I 123 -33.61 20.83 -24.49
C PRO I 123 -33.99 19.35 -24.29
N PHE I 124 -33.01 18.49 -24.04
CA PHE I 124 -33.21 17.07 -23.77
C PHE I 124 -32.02 16.52 -23.00
N THR I 125 -32.27 15.56 -22.09
CA THR I 125 -31.23 14.95 -21.26
C THR I 125 -31.57 13.53 -20.79
N ALA I 126 -30.56 12.77 -20.40
CA ALA I 126 -30.72 11.41 -19.89
C ALA I 126 -29.71 11.14 -18.79
N LEU I 127 -30.15 10.45 -17.75
CA LEU I 127 -29.31 10.08 -16.61
C LEU I 127 -29.54 8.60 -16.23
N GLY I 128 -28.72 8.08 -15.34
CA GLY I 128 -28.77 6.69 -14.91
C GLY I 128 -27.82 5.80 -15.68
N SER I 129 -27.74 4.52 -15.30
CA SER I 129 -26.88 3.58 -16.00
C SER I 129 -27.27 3.37 -17.46
N GLY I 130 -28.53 3.58 -17.81
CA GLY I 130 -28.99 3.45 -19.18
C GLY I 130 -29.06 4.77 -19.91
N GLN I 131 -28.32 5.78 -19.47
CA GLN I 131 -28.38 7.10 -20.05
C GLN I 131 -27.89 7.19 -21.49
N ASP I 132 -26.88 6.40 -21.89
CA ASP I 132 -26.35 6.49 -23.24
C ASP I 132 -27.28 5.90 -24.29
N ALA I 133 -28.09 4.90 -23.90
CA ALA I 133 -29.05 4.30 -24.84
C ALA I 133 -30.13 5.33 -25.11
N ALA I 134 -30.67 5.97 -24.04
CA ALA I 134 -31.69 7.01 -24.12
C ALA I 134 -31.18 8.24 -24.89
N LEU I 135 -29.93 8.64 -24.61
CA LEU I 135 -29.31 9.80 -25.24
C LEU I 135 -29.06 9.62 -26.72
N ALA I 136 -28.80 8.36 -27.17
CA ALA I 136 -28.57 8.03 -28.58
C ALA I 136 -29.88 8.20 -29.38
N VAL I 137 -31.01 7.76 -28.77
CA VAL I 137 -32.33 7.89 -29.37
C VAL I 137 -32.72 9.35 -29.42
N LEU I 138 -32.41 10.14 -28.37
CA LEU I 138 -32.71 11.56 -28.36
C LEU I 138 -31.85 12.32 -29.38
N GLU I 139 -30.54 12.07 -29.44
CA GLU I 139 -29.67 12.72 -30.43
C GLU I 139 -30.07 12.37 -31.85
N ASP I 140 -30.45 11.10 -32.08
CA ASP I 140 -30.86 10.63 -33.39
C ASP I 140 -32.12 11.27 -33.95
N ARG I 141 -33.15 11.54 -33.12
CA ARG I 141 -34.43 12.04 -33.65
C ARG I 141 -35.04 13.28 -32.99
N PHE I 142 -34.34 13.93 -32.03
CA PHE I 142 -34.90 15.14 -31.42
C PHE I 142 -34.88 16.23 -32.44
N GLN I 143 -35.97 16.97 -32.47
CA GLN I 143 -36.14 18.16 -33.28
C GLN I 143 -36.89 19.16 -32.38
N PRO I 144 -36.53 20.45 -32.42
CA PRO I 144 -37.22 21.42 -31.55
C PRO I 144 -38.69 21.62 -31.95
N ASN I 145 -39.50 22.05 -30.97
CA ASN I 145 -40.94 22.31 -31.14
C ASN I 145 -41.75 21.09 -31.59
N MET I 146 -41.45 19.91 -31.04
CA MET I 146 -42.19 18.69 -31.35
C MET I 146 -43.60 18.76 -30.79
N THR I 147 -44.53 18.05 -31.41
CA THR I 147 -45.92 17.99 -30.91
C THR I 147 -45.94 17.06 -29.68
N LEU I 148 -46.93 17.16 -28.79
CA LEU I 148 -47.02 16.28 -27.60
C LEU I 148 -46.89 14.79 -27.97
N GLU I 149 -47.65 14.35 -28.95
CA GLU I 149 -47.64 12.97 -29.42
C GLU I 149 -46.28 12.53 -30.04
N ALA I 150 -45.58 13.44 -30.75
CA ALA I 150 -44.26 13.15 -31.34
C ALA I 150 -43.18 13.08 -30.25
N ALA I 151 -43.28 13.96 -29.26
CA ALA I 151 -42.34 14.01 -28.13
C ALA I 151 -42.56 12.83 -27.18
N GLN I 152 -43.81 12.43 -26.92
CA GLN I 152 -44.10 11.27 -26.06
C GLN I 152 -43.52 10.00 -26.71
N GLY I 153 -43.67 9.87 -28.02
CA GLY I 153 -43.17 8.74 -28.78
C GLY I 153 -41.67 8.66 -28.68
N LEU I 154 -40.99 9.82 -28.84
CA LEU I 154 -39.53 9.85 -28.76
C LEU I 154 -39.08 9.49 -27.34
N LEU I 155 -39.75 10.04 -26.33
CA LEU I 155 -39.43 9.73 -24.94
C LEU I 155 -39.60 8.24 -24.58
N VAL I 156 -40.70 7.60 -25.02
CA VAL I 156 -40.94 6.18 -24.77
C VAL I 156 -39.86 5.34 -25.45
N GLU I 157 -39.47 5.72 -26.68
CA GLU I 157 -38.41 5.04 -27.41
C GLU I 157 -37.06 5.18 -26.69
N ALA I 158 -36.77 6.37 -26.13
CA ALA I 158 -35.51 6.62 -25.46
C ALA I 158 -35.39 5.82 -24.16
N VAL I 159 -36.45 5.77 -23.35
CA VAL I 159 -36.46 5.00 -22.12
C VAL I 159 -36.42 3.51 -22.43
N THR I 160 -37.13 3.07 -23.51
CA THR I 160 -37.14 1.67 -23.94
C THR I 160 -35.77 1.21 -24.39
N ALA I 161 -35.01 2.04 -25.14
CA ALA I 161 -33.65 1.70 -25.56
C ALA I 161 -32.77 1.35 -24.34
N GLY I 162 -32.95 2.10 -23.24
CA GLY I 162 -32.26 1.86 -21.97
C GLY I 162 -32.76 0.63 -21.25
N ILE I 163 -34.09 0.42 -21.20
CA ILE I 163 -34.67 -0.77 -20.59
C ILE I 163 -34.08 -2.07 -21.21
N LEU I 164 -34.07 -2.16 -22.55
CA LEU I 164 -33.57 -3.35 -23.24
C LEU I 164 -32.05 -3.45 -23.28
N GLY I 165 -31.36 -2.33 -23.42
CA GLY I 165 -29.91 -2.29 -23.54
C GLY I 165 -29.11 -2.30 -22.27
N ASP I 166 -29.70 -1.81 -21.18
CA ASP I 166 -29.04 -1.72 -19.89
C ASP I 166 -29.53 -2.80 -18.92
N LEU I 167 -28.61 -3.55 -18.34
CA LEU I 167 -28.90 -4.58 -17.35
C LEU I 167 -29.45 -4.02 -16.05
N GLY I 168 -29.05 -2.81 -15.71
CA GLY I 168 -29.50 -2.11 -14.52
C GLY I 168 -30.86 -1.44 -14.65
N SER I 169 -31.52 -1.55 -15.86
CA SER I 169 -32.81 -0.98 -16.19
C SER I 169 -33.80 -2.03 -16.64
N GLY I 170 -35.09 -1.78 -16.49
CA GLY I 170 -36.12 -2.72 -16.93
C GLY I 170 -37.54 -2.31 -16.60
N GLY I 171 -38.43 -3.30 -16.59
CA GLY I 171 -39.83 -3.07 -16.27
C GLY I 171 -40.59 -2.27 -17.31
N ASN I 172 -41.34 -1.27 -16.84
CA ASN I 172 -42.21 -0.43 -17.66
C ASN I 172 -41.65 0.97 -17.86
N VAL I 173 -42.27 1.74 -18.77
CA VAL I 173 -41.91 3.11 -19.00
C VAL I 173 -43.00 3.94 -18.30
N ASP I 174 -42.62 4.83 -17.38
CA ASP I 174 -43.54 5.78 -16.76
C ASP I 174 -43.20 7.12 -17.37
N ALA I 175 -44.20 7.97 -17.58
CA ALA I 175 -43.95 9.30 -18.14
C ALA I 175 -44.78 10.37 -17.48
N CYS I 176 -44.35 11.64 -17.59
CA CYS I 176 -45.08 12.74 -17.01
C CYS I 176 -45.08 13.87 -17.98
N VAL I 177 -46.27 14.23 -18.52
CA VAL I 177 -46.36 15.34 -19.47
C VAL I 177 -46.77 16.65 -18.78
N ILE I 178 -45.85 17.61 -18.70
CA ILE I 178 -46.13 18.89 -18.04
C ILE I 178 -46.35 19.99 -19.05
N THR I 179 -47.52 20.62 -18.94
CA THR I 179 -47.94 21.70 -19.82
C THR I 179 -48.39 22.92 -18.98
N LYS I 180 -48.85 24.02 -19.63
CA LYS I 180 -49.29 25.22 -18.89
C LYS I 180 -50.56 24.97 -18.04
N THR I 181 -51.36 23.95 -18.42
CA THR I 181 -52.60 23.57 -17.75
C THR I 181 -52.41 22.38 -16.78
N GLY I 182 -51.21 22.23 -16.21
CA GLY I 182 -50.94 21.13 -15.28
C GLY I 182 -50.10 19.98 -15.80
N ALA I 183 -50.11 18.85 -15.07
CA ALA I 183 -49.30 17.68 -15.40
C ALA I 183 -50.09 16.37 -15.49
N LYS I 184 -49.92 15.58 -16.58
CA LYS I 184 -50.58 14.27 -16.69
C LYS I 184 -49.57 13.12 -16.50
N LEU I 185 -49.69 12.43 -15.36
CA LEU I 185 -48.83 11.34 -14.92
C LEU I 185 -49.27 10.03 -15.56
N LEU I 186 -48.55 9.61 -16.62
CA LEU I 186 -48.83 8.38 -17.36
C LEU I 186 -48.04 7.21 -16.78
N ARG I 187 -48.52 6.66 -15.64
CA ARG I 187 -47.98 5.52 -14.93
C ARG I 187 -48.19 4.33 -15.83
N THR I 188 -47.08 3.67 -16.22
CA THR I 188 -47.04 2.54 -17.16
C THR I 188 -47.59 2.99 -18.53
N LEU I 189 -46.93 3.98 -19.15
CA LEU I 189 -47.28 4.45 -20.50
C LEU I 189 -47.02 3.36 -21.56
N SER I 190 -46.07 2.45 -21.29
CA SER I 190 -45.69 1.38 -22.18
C SER I 190 -44.99 0.26 -21.37
N SER I 191 -45.15 -0.98 -21.80
CA SER I 191 -44.53 -2.14 -21.16
C SER I 191 -43.79 -2.87 -22.29
N PRO I 192 -42.49 -2.61 -22.50
CA PRO I 192 -41.79 -3.28 -23.61
C PRO I 192 -41.79 -4.80 -23.53
N THR I 193 -41.84 -5.34 -22.31
CA THR I 193 -41.87 -6.78 -22.05
C THR I 193 -43.30 -7.20 -21.65
N GLU I 194 -44.05 -7.85 -22.60
CA GLU I 194 -45.44 -8.30 -22.39
C GLU I 194 -45.53 -9.42 -21.34
N PRO I 195 -46.66 -9.52 -20.59
CA PRO I 195 -46.77 -10.52 -19.50
C PRO I 195 -46.11 -11.90 -19.74
N VAL I 196 -44.98 -12.15 -19.03
CA VAL I 196 -44.26 -13.42 -19.16
C VAL I 196 -44.91 -14.46 -18.25
N LYS I 197 -46.00 -15.09 -18.74
CA LYS I 197 -46.77 -16.09 -18.01
C LYS I 197 -46.08 -17.47 -17.98
N ARG I 198 -46.54 -18.37 -17.10
CA ARG I 198 -45.96 -19.70 -16.94
C ARG I 198 -46.98 -20.69 -16.32
N SER I 199 -46.65 -22.00 -16.35
CA SER I 199 -47.47 -23.05 -15.74
C SER I 199 -47.03 -23.19 -14.26
N GLY I 200 -47.19 -22.11 -13.48
CA GLY I 200 -46.82 -22.02 -12.07
C GLY I 200 -47.77 -22.75 -11.14
N ARG I 201 -47.85 -24.07 -11.31
CA ARG I 201 -48.68 -24.96 -10.52
C ARG I 201 -47.84 -25.42 -9.33
N TYR I 202 -47.63 -24.54 -8.36
CA TYR I 202 -46.86 -24.88 -7.18
C TYR I 202 -47.73 -24.72 -5.98
N HIS I 203 -48.43 -25.79 -5.62
CA HIS I 203 -49.32 -25.76 -4.49
C HIS I 203 -48.90 -26.84 -3.49
N PHE I 204 -48.91 -26.50 -2.20
CA PHE I 204 -48.53 -27.45 -1.16
C PHE I 204 -49.79 -27.88 -0.46
N VAL I 205 -49.95 -29.20 -0.31
CA VAL I 205 -51.11 -29.75 0.38
C VAL I 205 -50.99 -29.36 1.87
N PRO I 206 -52.07 -28.90 2.52
CA PRO I 206 -51.94 -28.50 3.94
C PRO I 206 -51.47 -29.69 4.77
N GLY I 207 -50.40 -29.48 5.53
CA GLY I 207 -49.80 -30.56 6.30
C GLY I 207 -48.44 -31.00 5.80
N THR I 208 -48.00 -30.51 4.61
CA THR I 208 -46.67 -30.89 4.13
C THR I 208 -45.57 -30.22 4.97
N THR I 209 -45.83 -29.04 5.58
CA THR I 209 -44.84 -28.39 6.44
C THR I 209 -44.94 -28.98 7.84
N ALA I 210 -43.86 -29.56 8.36
CA ALA I 210 -43.88 -30.12 9.70
C ALA I 210 -43.78 -28.99 10.72
N VAL I 211 -44.79 -28.86 11.60
CA VAL I 211 -44.84 -27.80 12.60
C VAL I 211 -44.48 -28.39 13.97
N LEU I 212 -43.67 -27.64 14.78
CA LEU I 212 -43.29 -28.08 16.11
C LEU I 212 -44.10 -27.37 17.19
N THR I 213 -44.48 -26.12 16.97
CA THR I 213 -45.11 -25.28 17.99
C THR I 213 -46.22 -24.47 17.37
N GLN I 214 -47.31 -24.27 18.11
CA GLN I 214 -48.42 -23.47 17.59
C GLN I 214 -49.08 -22.71 18.70
N THR I 215 -49.34 -21.41 18.47
CA THR I 215 -49.98 -20.51 19.42
C THR I 215 -50.94 -19.64 18.65
N VAL I 216 -52.21 -19.58 19.08
CA VAL I 216 -53.18 -18.71 18.41
C VAL I 216 -53.59 -17.60 19.36
N LYS I 217 -53.40 -16.35 18.95
CA LYS I 217 -53.76 -15.20 19.76
C LYS I 217 -54.97 -14.54 19.09
N PRO I 218 -56.15 -14.52 19.76
CA PRO I 218 -57.31 -13.89 19.13
C PRO I 218 -57.33 -12.37 19.34
N LEU I 219 -57.98 -11.67 18.42
CA LEU I 219 -58.10 -10.22 18.43
C LEU I 219 -59.58 -9.73 18.42
N THR I 220 -60.55 -10.68 18.35
CA THR I 220 -62.03 -10.46 18.34
C THR I 220 -62.53 -9.73 19.61
N LEU I 221 -61.76 -9.81 20.72
CA LEU I 221 -62.05 -9.15 21.99
C LEU I 221 -61.92 -7.62 21.82
N GLU I 222 -60.91 -7.18 21.03
CA GLU I 222 -60.66 -5.78 20.75
C GLU I 222 -61.67 -5.24 19.71
N LEU I 223 -61.96 -6.06 18.67
CA LEU I 223 -62.92 -5.73 17.60
C LEU I 223 -64.32 -5.54 18.15
N SER J 1 -17.82 -9.53 4.94
CA SER J 1 -18.98 -8.62 4.95
C SER J 1 -19.62 -8.42 6.34
N ILE J 2 -20.14 -7.20 6.63
CA ILE J 2 -20.77 -6.88 7.92
C ILE J 2 -22.10 -7.56 8.05
N MET J 3 -22.87 -7.62 6.96
CA MET J 3 -24.18 -8.27 6.99
C MET J 3 -24.10 -9.79 7.19
N SER J 4 -23.01 -10.42 6.78
CA SER J 4 -22.85 -11.86 6.95
C SER J 4 -22.19 -12.27 8.27
N TYR J 5 -21.85 -11.29 9.16
CA TYR J 5 -21.17 -11.57 10.43
C TYR J 5 -22.03 -12.41 11.34
N ASN J 6 -23.32 -12.12 11.38
CA ASN J 6 -24.29 -12.88 12.15
C ASN J 6 -25.19 -13.69 11.21
N GLY J 7 -25.49 -13.15 10.03
CA GLY J 7 -26.32 -13.84 9.06
C GLY J 7 -27.80 -13.65 9.30
N GLY J 8 -28.59 -14.60 8.84
CA GLY J 8 -30.02 -14.54 9.06
C GLY J 8 -30.84 -14.20 7.86
N ALA J 9 -32.11 -14.54 7.92
CA ALA J 9 -33.06 -14.35 6.85
C ALA J 9 -34.39 -13.90 7.43
N VAL J 10 -35.03 -13.00 6.72
CA VAL J 10 -36.35 -12.46 7.07
C VAL J 10 -37.14 -12.37 5.75
N MET J 11 -38.45 -12.70 5.80
CA MET J 11 -39.29 -12.55 4.62
C MET J 11 -40.73 -12.27 4.99
N ALA J 12 -41.42 -11.54 4.12
CA ALA J 12 -42.83 -11.22 4.32
C ALA J 12 -43.57 -11.56 3.03
N MET J 13 -44.81 -12.00 3.17
CA MET J 13 -45.58 -12.45 2.01
C MET J 13 -47.06 -12.10 2.16
N LYS J 14 -47.63 -11.56 1.11
CA LYS J 14 -49.02 -11.10 1.10
C LYS J 14 -49.99 -12.21 0.66
N GLY J 15 -51.15 -12.27 1.32
CA GLY J 15 -52.20 -13.22 1.00
C GLY J 15 -53.54 -12.53 0.77
N LYS J 16 -54.63 -13.32 0.74
CA LYS J 16 -55.96 -12.74 0.57
C LYS J 16 -56.47 -12.32 1.95
N ASN J 17 -56.44 -11.00 2.23
CA ASN J 17 -56.91 -10.46 3.51
C ASN J 17 -56.07 -10.88 4.74
N CYS J 18 -54.87 -11.41 4.51
CA CYS J 18 -53.93 -11.85 5.54
C CYS J 18 -52.48 -11.58 5.06
N VAL J 19 -51.52 -11.50 5.98
CA VAL J 19 -50.10 -11.38 5.64
C VAL J 19 -49.30 -12.40 6.44
N ALA J 20 -48.11 -12.78 5.95
CA ALA J 20 -47.24 -13.68 6.69
C ALA J 20 -45.86 -13.04 6.88
N ILE J 21 -45.19 -13.35 7.99
CA ILE J 21 -43.85 -12.85 8.25
C ILE J 21 -43.04 -13.99 8.89
N ALA J 22 -41.86 -14.27 8.34
CA ALA J 22 -41.04 -15.39 8.83
C ALA J 22 -39.57 -15.01 8.97
N ALA J 23 -38.88 -15.68 9.89
CA ALA J 23 -37.46 -15.47 10.11
C ALA J 23 -36.78 -16.78 10.58
N ASP J 24 -35.46 -16.86 10.37
CA ASP J 24 -34.70 -17.96 10.93
C ASP J 24 -34.45 -17.65 12.45
N ARG J 25 -33.88 -18.61 13.19
CA ARG J 25 -33.70 -18.42 14.63
C ARG J 25 -32.25 -18.50 15.11
N ARG J 26 -31.31 -18.58 14.19
CA ARG J 26 -29.89 -18.65 14.54
C ARG J 26 -29.36 -17.31 15.05
N PHE J 27 -28.47 -17.37 16.04
CA PHE J 27 -27.64 -16.26 16.49
C PHE J 27 -26.26 -16.88 16.45
N GLY J 28 -25.45 -16.41 15.53
CA GLY J 28 -24.10 -16.90 15.41
C GLY J 28 -23.17 -15.74 15.15
N ILE J 29 -21.89 -15.96 15.42
CA ILE J 29 -20.84 -14.99 15.15
C ILE J 29 -19.94 -15.74 14.21
N GLN J 30 -19.90 -15.32 12.95
CA GLN J 30 -19.14 -16.00 11.89
C GLN J 30 -19.57 -17.50 11.80
N ALA J 31 -18.67 -18.50 11.88
CA ALA J 31 -19.07 -19.91 11.77
C ALA J 31 -19.62 -20.54 13.06
N GLN J 32 -19.58 -19.83 14.17
CA GLN J 32 -19.99 -20.38 15.44
C GLN J 32 -21.42 -20.07 15.78
N MET J 33 -22.25 -21.11 15.91
CA MET J 33 -23.61 -20.92 16.35
C MET J 33 -23.51 -20.67 17.85
N VAL J 34 -24.24 -19.66 18.34
CA VAL J 34 -24.24 -19.34 19.74
C VAL J 34 -25.59 -19.71 20.32
N THR J 35 -26.65 -19.24 19.66
CA THR J 35 -28.04 -19.40 20.12
C THR J 35 -28.92 -19.91 18.96
N THR J 36 -29.94 -20.72 19.28
CA THR J 36 -30.90 -21.22 18.25
C THR J 36 -32.32 -20.65 18.44
N ASP J 37 -32.48 -19.57 19.21
CA ASP J 37 -33.80 -18.99 19.48
C ASP J 37 -33.77 -17.46 19.46
N PHE J 38 -32.96 -16.87 18.59
CA PHE J 38 -32.81 -15.41 18.54
C PHE J 38 -34.04 -14.74 17.92
N GLN J 39 -34.62 -13.77 18.64
CA GLN J 39 -35.77 -13.04 18.13
C GLN J 39 -35.39 -12.02 17.07
N LYS J 40 -35.99 -12.11 15.88
CA LYS J 40 -35.79 -11.21 14.74
C LYS J 40 -37.10 -10.54 14.30
N ILE J 41 -38.26 -11.01 14.80
CA ILE J 41 -39.56 -10.44 14.42
C ILE J 41 -40.15 -9.79 15.65
N PHE J 42 -40.45 -8.50 15.58
CA PHE J 42 -40.96 -7.76 16.73
C PHE J 42 -42.35 -7.17 16.45
N PRO J 43 -43.31 -7.40 17.35
CA PRO J 43 -44.64 -6.80 17.15
C PRO J 43 -44.61 -5.30 17.37
N MET J 44 -45.20 -4.57 16.44
CA MET J 44 -45.33 -3.12 16.52
C MET J 44 -46.83 -2.68 16.62
N GLY J 45 -47.72 -3.63 16.84
CA GLY J 45 -49.16 -3.45 16.92
C GLY J 45 -49.85 -4.80 16.93
N ASP J 46 -51.18 -4.81 17.04
CA ASP J 46 -51.92 -6.07 17.07
C ASP J 46 -51.82 -6.79 15.75
N ARG J 47 -51.80 -6.04 14.64
CA ARG J 47 -51.72 -6.65 13.31
C ARG J 47 -50.56 -6.05 12.52
N LEU J 48 -49.44 -5.75 13.17
CA LEU J 48 -48.29 -5.13 12.49
C LEU J 48 -46.99 -5.63 13.12
N TYR J 49 -46.11 -6.22 12.30
CA TYR J 49 -44.85 -6.80 12.77
C TYR J 49 -43.66 -6.32 11.93
N ILE J 50 -42.49 -6.16 12.56
CA ILE J 50 -41.27 -5.79 11.84
C ILE J 50 -40.26 -6.95 11.91
N GLY J 51 -39.66 -7.28 10.79
CA GLY J 51 -38.65 -8.33 10.71
C GLY J 51 -37.31 -7.72 10.41
N LEU J 52 -36.30 -8.00 11.23
CA LEU J 52 -34.98 -7.41 11.09
C LEU J 52 -33.87 -8.43 11.01
N ALA J 53 -33.16 -8.44 9.88
CA ALA J 53 -32.00 -9.32 9.66
C ALA J 53 -30.74 -8.42 9.60
N GLY J 54 -29.54 -9.00 9.59
CA GLY J 54 -28.31 -8.24 9.54
C GLY J 54 -27.55 -8.37 10.82
N LEU J 55 -26.76 -7.33 11.16
CA LEU J 55 -25.92 -7.30 12.33
C LEU J 55 -26.82 -7.28 13.55
N ALA J 56 -26.73 -8.34 14.39
CA ALA J 56 -27.51 -8.61 15.59
C ALA J 56 -27.62 -7.43 16.53
N THR J 57 -26.52 -6.75 16.84
CA THR J 57 -26.57 -5.58 17.71
C THR J 57 -27.50 -4.47 17.19
N ASP J 58 -27.49 -4.24 15.86
CA ASP J 58 -28.28 -3.20 15.18
C ASP J 58 -29.73 -3.61 14.97
N VAL J 59 -29.99 -4.91 14.86
CA VAL J 59 -31.35 -5.47 14.81
C VAL J 59 -32.02 -5.11 16.18
N GLN J 60 -31.30 -5.33 17.27
CA GLN J 60 -31.78 -4.99 18.59
C GLN J 60 -31.89 -3.47 18.83
N THR J 61 -30.93 -2.67 18.38
CA THR J 61 -30.99 -1.22 18.56
C THR J 61 -32.10 -0.60 17.74
N VAL J 62 -32.23 -0.98 16.47
CA VAL J 62 -33.28 -0.45 15.61
C VAL J 62 -34.69 -0.82 16.15
N ALA J 63 -34.88 -2.06 16.63
CA ALA J 63 -36.17 -2.45 17.17
C ALA J 63 -36.50 -1.66 18.41
N GLN J 64 -35.50 -1.44 19.30
CA GLN J 64 -35.71 -0.68 20.54
C GLN J 64 -35.95 0.79 20.31
N ARG J 65 -35.15 1.42 19.40
CA ARG J 65 -35.34 2.83 19.09
C ARG J 65 -36.64 3.07 18.31
N LEU J 66 -37.09 2.07 17.53
CA LEU J 66 -38.37 2.16 16.80
C LEU J 66 -39.55 2.05 17.77
N LYS J 67 -39.44 1.13 18.75
CA LYS J 67 -40.46 0.97 19.78
C LYS J 67 -40.61 2.24 20.60
N PHE J 68 -39.51 2.92 20.91
CA PHE J 68 -39.47 4.19 21.64
C PHE J 68 -40.34 5.21 20.89
N ARG J 69 -40.02 5.48 19.61
CA ARG J 69 -40.72 6.46 18.78
C ARG J 69 -42.18 6.09 18.55
N LEU J 70 -42.48 4.80 18.45
CA LEU J 70 -43.84 4.33 18.24
C LEU J 70 -44.68 4.58 19.49
N ASN J 71 -44.14 4.30 20.68
CA ASN J 71 -44.87 4.51 21.92
C ASN J 71 -45.19 5.98 22.10
N LEU J 72 -44.21 6.87 21.83
CA LEU J 72 -44.46 8.31 21.91
C LEU J 72 -45.53 8.73 20.90
N TYR J 73 -45.48 8.18 19.66
CA TYR J 73 -46.44 8.45 18.60
C TYR J 73 -47.86 8.05 19.02
N GLU J 74 -48.10 6.80 19.45
CA GLU J 74 -49.45 6.36 19.82
C GLU J 74 -49.97 7.08 21.08
N LEU J 75 -49.07 7.56 21.93
CA LEU J 75 -49.48 8.36 23.09
C LEU J 75 -49.91 9.77 22.61
N LYS J 76 -49.13 10.45 21.77
CA LYS J 76 -49.49 11.78 21.25
C LYS J 76 -50.72 11.75 20.35
N GLU J 77 -50.81 10.74 19.49
CA GLU J 77 -51.85 10.61 18.49
C GLU J 77 -53.11 9.95 18.96
N GLY J 78 -53.00 9.14 20.01
CA GLY J 78 -54.15 8.43 20.57
C GLY J 78 -54.79 7.49 19.58
N ARG J 79 -53.94 6.80 18.77
CA ARG J 79 -54.35 5.82 17.75
C ARG J 79 -53.22 4.86 17.44
N GLN J 80 -53.56 3.66 16.95
CA GLN J 80 -52.57 2.67 16.52
C GLN J 80 -51.99 3.12 15.19
N ILE J 81 -50.66 2.94 14.99
CA ILE J 81 -49.99 3.35 13.76
C ILE J 81 -50.44 2.55 12.56
N LYS J 82 -50.51 3.20 11.40
CA LYS J 82 -50.83 2.55 10.14
C LYS J 82 -49.55 1.91 9.60
N PRO J 83 -49.67 0.77 8.91
CA PRO J 83 -48.47 0.13 8.33
C PRO J 83 -47.53 1.04 7.51
N TYR J 84 -48.08 1.90 6.63
CA TYR J 84 -47.30 2.80 5.80
C TYR J 84 -46.57 3.85 6.65
N THR J 85 -47.20 4.31 7.72
CA THR J 85 -46.63 5.28 8.64
C THR J 85 -45.46 4.65 9.41
N LEU J 86 -45.59 3.36 9.82
CA LEU J 86 -44.49 2.67 10.50
C LEU J 86 -43.30 2.54 9.54
N MET J 87 -43.56 2.32 8.22
CA MET J 87 -42.52 2.27 7.20
C MET J 87 -41.78 3.60 7.11
N SER J 88 -42.50 4.73 7.05
CA SER J 88 -41.91 6.07 6.99
C SER J 88 -41.11 6.38 8.24
N MET J 89 -41.60 5.93 9.39
CA MET J 89 -40.95 6.11 10.68
C MET J 89 -39.61 5.34 10.70
N VAL J 90 -39.57 4.10 10.12
CA VAL J 90 -38.33 3.31 10.02
C VAL J 90 -37.36 3.97 9.03
N ALA J 91 -37.88 4.49 7.91
CA ALA J 91 -37.10 5.19 6.89
C ALA J 91 -36.39 6.40 7.49
N ASN J 92 -37.10 7.18 8.31
CA ASN J 92 -36.54 8.37 8.92
C ASN J 92 -35.42 7.97 9.91
N LEU J 93 -35.70 6.96 10.71
CA LEU J 93 -34.79 6.40 11.71
C LEU J 93 -33.48 5.95 11.04
N LEU J 94 -33.57 5.13 9.97
CA LEU J 94 -32.43 4.60 9.26
C LEU J 94 -31.65 5.68 8.50
N TYR J 95 -32.36 6.58 7.79
CA TYR J 95 -31.72 7.67 7.04
C TYR J 95 -31.06 8.69 7.93
N GLU J 96 -31.45 8.81 9.21
CA GLU J 96 -30.74 9.72 10.10
C GLU J 96 -29.25 9.33 10.27
N LYS J 97 -28.93 8.08 10.04
CA LYS J 97 -27.57 7.54 10.14
C LYS J 97 -27.04 7.24 8.72
N ARG J 98 -27.40 8.06 7.73
CA ARG J 98 -27.03 7.90 6.34
C ARG J 98 -25.53 7.67 6.14
N PHE J 99 -24.69 8.35 6.93
CA PHE J 99 -23.24 8.23 6.75
C PHE J 99 -22.52 7.42 7.83
N GLY J 100 -23.26 6.61 8.58
CA GLY J 100 -22.74 5.65 9.56
C GLY J 100 -23.89 4.75 9.93
N PRO J 101 -24.37 3.90 8.97
CA PRO J 101 -25.66 3.24 9.16
C PRO J 101 -25.72 2.04 10.08
N TYR J 102 -26.94 1.71 10.45
CA TYR J 102 -27.28 0.50 11.16
C TYR J 102 -27.23 -0.59 10.10
N TYR J 103 -26.64 -1.75 10.41
CA TYR J 103 -26.53 -2.83 9.44
C TYR J 103 -27.71 -3.76 9.55
N THR J 104 -28.86 -3.29 9.06
CA THR J 104 -30.10 -4.05 9.08
C THR J 104 -30.97 -3.64 7.92
N GLU J 105 -31.70 -4.59 7.37
CA GLU J 105 -32.58 -4.35 6.25
C GLU J 105 -33.98 -4.80 6.60
N PRO J 106 -34.79 -3.88 7.16
CA PRO J 106 -36.13 -4.27 7.64
C PRO J 106 -37.12 -4.77 6.61
N VAL J 107 -38.08 -5.52 7.10
CA VAL J 107 -39.21 -6.07 6.38
C VAL J 107 -40.42 -5.73 7.29
N ILE J 108 -41.47 -5.14 6.73
CA ILE J 108 -42.68 -4.83 7.51
C ILE J 108 -43.86 -5.62 6.94
N ALA J 109 -44.71 -6.19 7.82
CA ALA J 109 -45.91 -6.93 7.41
C ALA J 109 -47.05 -6.64 8.39
N GLY J 110 -48.21 -6.30 7.87
CA GLY J 110 -49.38 -6.05 8.68
C GLY J 110 -50.66 -5.91 7.89
N LEU J 111 -51.76 -5.61 8.61
CA LEU J 111 -53.08 -5.32 8.06
C LEU J 111 -53.47 -3.93 8.57
N ASP J 112 -54.16 -3.10 7.73
CA ASP J 112 -54.54 -1.76 8.22
C ASP J 112 -55.48 -1.83 9.44
N PRO J 113 -55.18 -1.10 10.55
CA PRO J 113 -56.05 -1.16 11.73
C PRO J 113 -57.50 -0.69 11.51
N LYS J 114 -57.79 -0.15 10.32
CA LYS J 114 -59.13 0.30 9.97
C LYS J 114 -59.58 -0.33 8.67
N THR J 115 -58.72 -0.37 7.65
CA THR J 115 -59.11 -0.92 6.34
C THR J 115 -58.90 -2.44 6.19
N PHE J 116 -58.06 -3.06 7.06
CA PHE J 116 -57.69 -4.49 7.13
C PHE J 116 -57.04 -5.05 5.85
N LYS J 117 -56.69 -4.17 4.93
CA LYS J 117 -56.04 -4.52 3.68
C LYS J 117 -54.55 -4.85 3.96
N PRO J 118 -54.08 -6.01 3.46
CA PRO J 118 -52.67 -6.40 3.70
C PRO J 118 -51.60 -5.44 3.18
N PHE J 119 -50.55 -5.22 4.00
CA PHE J 119 -49.41 -4.38 3.65
C PHE J 119 -48.09 -5.09 3.88
N ILE J 120 -47.20 -5.06 2.89
CA ILE J 120 -45.86 -5.60 3.02
C ILE J 120 -44.86 -4.63 2.40
N CYS J 121 -43.70 -4.51 3.02
CA CYS J 121 -42.66 -3.64 2.50
C CYS J 121 -41.27 -4.03 3.06
N SER J 122 -40.23 -3.41 2.52
CA SER J 122 -38.87 -3.59 3.01
C SER J 122 -38.10 -2.30 2.85
N LEU J 123 -37.03 -2.14 3.62
CA LEU J 123 -36.18 -0.97 3.51
C LEU J 123 -34.73 -1.41 3.47
N ASP J 124 -33.88 -0.68 2.74
CA ASP J 124 -32.44 -0.97 2.76
C ASP J 124 -31.79 -0.39 4.05
N LEU J 125 -30.47 -0.59 4.26
CA LEU J 125 -29.83 -0.13 5.50
C LEU J 125 -29.92 1.40 5.72
N ILE J 126 -30.03 2.19 4.63
CA ILE J 126 -30.13 3.64 4.78
C ILE J 126 -31.58 4.15 4.62
N GLY J 127 -32.55 3.30 4.85
CA GLY J 127 -33.95 3.69 4.87
C GLY J 127 -34.69 3.91 3.58
N CYS J 128 -34.27 3.30 2.45
CA CYS J 128 -35.08 3.44 1.22
C CYS J 128 -36.18 2.43 1.22
N PRO J 129 -37.45 2.92 1.22
CA PRO J 129 -38.57 1.99 1.28
C PRO J 129 -38.97 1.41 -0.04
N MET J 130 -39.49 0.20 0.00
CA MET J 130 -39.96 -0.50 -1.17
C MET J 130 -41.21 -1.27 -0.82
N VAL J 131 -42.35 -0.84 -1.36
CA VAL J 131 -43.61 -1.55 -1.14
C VAL J 131 -43.87 -2.50 -2.31
N THR J 132 -44.28 -3.73 -2.03
CA THR J 132 -44.66 -4.71 -3.06
C THR J 132 -46.03 -5.35 -2.77
N ASP J 133 -46.66 -5.95 -3.79
CA ASP J 133 -47.94 -6.63 -3.64
C ASP J 133 -47.83 -8.16 -3.63
N ASP J 134 -46.65 -8.69 -3.29
CA ASP J 134 -46.42 -10.12 -3.30
C ASP J 134 -45.53 -10.60 -2.13
N PHE J 135 -44.24 -10.25 -2.15
CA PHE J 135 -43.29 -10.65 -1.13
C PHE J 135 -42.09 -9.69 -1.07
N VAL J 136 -41.40 -9.68 0.04
CA VAL J 136 -40.17 -8.94 0.24
C VAL J 136 -39.22 -9.88 1.01
N VAL J 137 -37.93 -9.80 0.71
CA VAL J 137 -36.94 -10.66 1.38
C VAL J 137 -35.73 -9.83 1.84
N SER J 138 -35.07 -10.27 2.90
CA SER J 138 -33.85 -9.64 3.39
C SER J 138 -33.04 -10.67 4.11
N GLY J 139 -31.75 -10.71 3.83
CA GLY J 139 -30.87 -11.65 4.51
C GLY J 139 -29.70 -12.07 3.70
N THR J 140 -28.85 -12.95 4.28
CA THR J 140 -27.67 -13.52 3.64
C THR J 140 -28.02 -14.55 2.52
N CYS J 141 -29.30 -14.97 2.45
CA CYS J 141 -29.80 -15.88 1.42
C CYS J 141 -30.87 -15.20 0.57
N ALA J 142 -30.75 -13.88 0.31
CA ALA J 142 -31.71 -13.18 -0.52
C ALA J 142 -31.88 -13.83 -1.92
N GLU J 143 -30.79 -14.27 -2.59
CA GLU J 143 -30.93 -14.95 -3.89
C GLU J 143 -31.78 -16.23 -3.73
N GLN J 144 -31.49 -17.07 -2.70
CA GLN J 144 -32.21 -18.31 -2.42
C GLN J 144 -33.70 -18.02 -2.17
N MET J 145 -34.00 -16.98 -1.38
CA MET J 145 -35.37 -16.60 -1.07
C MET J 145 -36.09 -16.05 -2.28
N TYR J 146 -35.40 -15.28 -3.14
CA TYR J 146 -36.02 -14.72 -4.35
C TYR J 146 -36.43 -15.83 -5.27
N GLY J 147 -35.59 -16.87 -5.41
CA GLY J 147 -35.88 -18.03 -6.26
C GLY J 147 -37.08 -18.81 -5.74
N MET J 148 -37.13 -19.05 -4.43
CA MET J 148 -38.25 -19.77 -3.83
C MET J 148 -39.55 -18.97 -3.92
N CYS J 149 -39.48 -17.68 -3.62
CA CYS J 149 -40.64 -16.80 -3.64
C CYS J 149 -41.19 -16.59 -5.02
N GLU J 150 -40.32 -16.31 -6.00
CA GLU J 150 -40.71 -16.10 -7.39
C GLU J 150 -41.43 -17.33 -7.96
N SER J 151 -41.00 -18.52 -7.56
CA SER J 151 -41.61 -19.76 -8.02
C SER J 151 -42.85 -20.17 -7.27
N LEU J 152 -42.87 -20.06 -5.94
CA LEU J 152 -44.02 -20.51 -5.15
C LEU J 152 -45.16 -19.49 -4.97
N TRP J 153 -44.89 -18.17 -5.00
CA TRP J 153 -45.94 -17.20 -4.73
C TRP J 153 -47.10 -17.16 -5.74
N GLU J 154 -48.32 -17.07 -5.19
CA GLU J 154 -49.57 -16.96 -5.94
C GLU J 154 -50.40 -15.81 -5.42
N PRO J 155 -51.20 -15.17 -6.29
CA PRO J 155 -51.96 -13.98 -5.89
C PRO J 155 -52.88 -14.01 -4.65
N ASN J 156 -54.04 -14.74 -4.62
CA ASN J 156 -54.90 -14.62 -3.43
C ASN J 156 -54.96 -15.87 -2.57
N MET J 157 -53.88 -16.11 -1.83
CA MET J 157 -53.79 -17.29 -0.98
C MET J 157 -54.55 -17.16 0.33
N ASP J 158 -55.24 -18.24 0.72
CA ASP J 158 -55.92 -18.28 2.01
C ASP J 158 -54.87 -18.49 3.10
N PRO J 159 -55.18 -18.11 4.35
CA PRO J 159 -54.20 -18.26 5.44
C PRO J 159 -53.36 -19.55 5.46
N ASP J 160 -53.97 -20.71 5.20
CA ASP J 160 -53.30 -22.01 5.21
C ASP J 160 -52.41 -22.24 3.99
N HIS J 161 -52.84 -21.73 2.82
CA HIS J 161 -52.09 -21.79 1.57
C HIS J 161 -50.84 -20.91 1.73
N LEU J 162 -51.01 -19.67 2.27
CA LEU J 162 -49.94 -18.72 2.51
C LEU J 162 -48.95 -19.32 3.49
N PHE J 163 -49.44 -19.93 4.59
CA PHE J 163 -48.57 -20.57 5.58
C PHE J 163 -47.63 -21.60 4.96
N GLU J 164 -48.11 -22.40 4.03
CA GLU J 164 -47.30 -23.44 3.38
C GLU J 164 -46.30 -22.86 2.39
N THR J 165 -46.69 -21.79 1.69
CA THR J 165 -45.84 -21.13 0.72
C THR J 165 -44.63 -20.44 1.39
N ILE J 166 -44.89 -19.59 2.39
CA ILE J 166 -43.85 -18.89 3.10
C ILE J 166 -42.95 -19.89 3.86
N SER J 167 -43.53 -21.00 4.38
CA SER J 167 -42.76 -21.99 5.11
C SER J 167 -41.79 -22.72 4.22
N GLN J 168 -42.26 -23.16 3.07
CA GLN J 168 -41.43 -23.86 2.11
C GLN J 168 -40.44 -22.89 1.46
N ALA J 169 -40.79 -21.60 1.30
CA ALA J 169 -39.85 -20.66 0.69
C ALA J 169 -38.67 -20.37 1.66
N MET J 170 -38.95 -20.28 2.97
CA MET J 170 -37.96 -20.03 4.00
C MET J 170 -37.11 -21.26 4.23
N LEU J 171 -37.74 -22.43 4.51
CA LEU J 171 -37.04 -23.69 4.78
C LEU J 171 -36.03 -24.03 3.70
N ASN J 172 -36.46 -24.03 2.45
CA ASN J 172 -35.61 -24.40 1.34
C ASN J 172 -34.57 -23.34 1.02
N ALA J 173 -34.88 -22.05 1.27
CA ALA J 173 -33.90 -20.98 1.06
C ALA J 173 -32.75 -21.07 2.09
N VAL J 174 -33.09 -21.12 3.41
CA VAL J 174 -32.09 -21.13 4.49
C VAL J 174 -31.28 -22.43 4.53
N ASP J 175 -31.78 -23.53 3.88
CA ASP J 175 -31.04 -24.79 3.86
C ASP J 175 -29.91 -24.83 2.81
N ARG J 176 -29.77 -23.76 2.01
CA ARG J 176 -28.67 -23.53 1.08
C ARG J 176 -27.78 -22.33 1.55
N ASP J 177 -27.92 -21.90 2.82
CA ASP J 177 -27.19 -20.80 3.40
C ASP J 177 -26.57 -21.34 4.68
N ALA J 178 -25.23 -21.29 4.78
CA ALA J 178 -24.47 -21.83 5.90
C ALA J 178 -24.77 -21.11 7.21
N VAL J 179 -24.98 -19.79 7.12
CA VAL J 179 -25.11 -18.94 8.31
C VAL J 179 -26.56 -18.49 8.61
N SER J 180 -27.55 -19.23 8.08
CA SER J 180 -28.98 -19.01 8.37
C SER J 180 -29.58 -20.34 8.73
N GLY J 181 -30.59 -20.30 9.58
CA GLY J 181 -31.27 -21.50 10.02
C GLY J 181 -31.49 -21.63 11.50
N MET J 182 -31.22 -22.85 12.03
CA MET J 182 -31.49 -23.27 13.40
C MET J 182 -32.97 -23.17 13.75
N GLY J 183 -33.84 -23.34 12.74
CA GLY J 183 -35.28 -23.22 12.95
C GLY J 183 -35.88 -22.02 12.23
N VAL J 184 -37.19 -22.05 12.00
CA VAL J 184 -37.91 -20.98 11.32
C VAL J 184 -39.16 -20.70 12.13
N ILE J 185 -39.49 -19.41 12.34
CA ILE J 185 -40.71 -19.00 13.03
C ILE J 185 -41.59 -18.25 12.02
N VAL J 186 -42.88 -18.56 11.96
CA VAL J 186 -43.81 -17.91 11.02
C VAL J 186 -44.98 -17.27 11.77
N HIS J 187 -45.39 -16.06 11.35
CA HIS J 187 -46.57 -15.40 11.92
C HIS J 187 -47.56 -15.19 10.81
N ILE J 188 -48.80 -15.67 10.96
CA ILE J 188 -49.83 -15.41 9.97
C ILE J 188 -50.75 -14.42 10.65
N ILE J 189 -50.95 -13.28 9.99
CA ILE J 189 -51.72 -12.17 10.55
C ILE J 189 -53.04 -12.04 9.87
N GLU J 190 -54.11 -12.36 10.58
CA GLU J 190 -55.46 -12.23 10.06
C GLU J 190 -56.24 -11.13 10.81
N LYS J 191 -57.43 -10.77 10.31
CA LYS J 191 -58.26 -9.73 10.95
C LYS J 191 -58.66 -10.16 12.35
N ASP J 192 -59.04 -11.42 12.50
CA ASP J 192 -59.50 -11.95 13.76
C ASP J 192 -58.41 -12.49 14.68
N LYS J 193 -57.25 -12.90 14.15
CA LYS J 193 -56.22 -13.52 14.99
C LYS J 193 -54.76 -13.48 14.44
N ILE J 194 -53.77 -13.83 15.30
CA ILE J 194 -52.37 -14.02 14.92
C ILE J 194 -52.02 -15.49 15.19
N THR J 195 -51.57 -16.23 14.18
CA THR J 195 -51.13 -17.60 14.39
C THR J 195 -49.59 -17.64 14.35
N THR J 196 -48.94 -18.09 15.43
CA THR J 196 -47.48 -18.17 15.47
C THR J 196 -47.07 -19.62 15.49
N ARG J 197 -46.16 -20.01 14.60
CA ARG J 197 -45.72 -21.40 14.54
C ARG J 197 -44.22 -21.49 14.36
N THR J 198 -43.58 -22.43 15.06
CA THR J 198 -42.17 -22.72 14.79
C THR J 198 -42.15 -24.03 14.03
N LEU J 199 -41.31 -24.10 13.01
CA LEU J 199 -41.29 -25.25 12.12
C LEU J 199 -40.24 -26.29 12.54
N LYS J 200 -40.43 -27.55 12.10
CA LYS J 200 -39.43 -28.57 12.33
C LYS J 200 -38.43 -28.31 11.23
N ALA J 201 -37.27 -27.73 11.55
CA ALA J 201 -36.28 -27.34 10.56
C ALA J 201 -34.92 -28.03 10.77
N ARG J 202 -34.01 -27.98 9.76
CA ARG J 202 -32.68 -28.54 9.89
C ARG J 202 -31.92 -27.78 10.96
N MET J 203 -31.08 -28.50 11.73
CA MET J 203 -30.30 -27.91 12.81
C MET J 203 -28.80 -27.94 12.56
N ASP J 204 -28.40 -27.88 11.29
CA ASP J 204 -26.99 -27.85 10.94
C ASP J 204 -26.66 -26.62 10.07
N MET K 1 -8.71 -15.96 24.02
CA MET K 1 -7.48 -16.24 24.83
C MET K 1 -7.72 -16.43 26.35
N GLU K 2 -8.81 -15.86 26.91
CA GLU K 2 -9.29 -16.08 28.28
C GLU K 2 -10.60 -16.89 28.18
N TYR K 3 -11.01 -17.55 29.28
CA TYR K 3 -12.18 -18.42 29.26
C TYR K 3 -13.27 -18.07 30.27
N LEU K 4 -14.52 -17.99 29.78
CA LEU K 4 -15.74 -17.75 30.57
C LEU K 4 -16.72 -18.89 30.26
N ILE K 5 -17.45 -19.39 31.26
CA ILE K 5 -18.45 -20.43 31.06
C ILE K 5 -19.59 -20.23 32.07
N GLY K 6 -20.81 -20.45 31.61
CA GLY K 6 -22.02 -20.39 32.42
C GLY K 6 -22.95 -21.52 32.04
N ILE K 7 -23.58 -22.18 33.06
CA ILE K 7 -24.54 -23.28 32.92
C ILE K 7 -25.73 -22.93 33.79
N GLN K 8 -26.89 -22.67 33.19
CA GLN K 8 -28.08 -22.28 33.91
C GLN K 8 -28.95 -23.48 34.19
N GLY K 9 -29.22 -23.72 35.45
CA GLY K 9 -30.09 -24.80 35.86
C GLY K 9 -31.50 -24.31 36.18
N PRO K 10 -32.33 -25.20 36.75
CA PRO K 10 -33.73 -24.83 37.04
C PRO K 10 -33.92 -23.71 38.05
N ASP K 11 -33.06 -23.64 39.08
CA ASP K 11 -33.16 -22.60 40.10
C ASP K 11 -31.79 -22.00 40.49
N TYR K 12 -30.79 -22.11 39.60
CA TYR K 12 -29.43 -21.60 39.86
C TYR K 12 -28.72 -21.28 38.53
N VAL K 13 -27.59 -20.55 38.59
CA VAL K 13 -26.70 -20.29 37.46
C VAL K 13 -25.30 -20.58 37.97
N LEU K 14 -24.61 -21.50 37.32
CA LEU K 14 -23.24 -21.85 37.68
C LEU K 14 -22.31 -21.13 36.70
N VAL K 15 -21.28 -20.46 37.19
CA VAL K 15 -20.33 -19.75 36.34
C VAL K 15 -18.90 -20.05 36.73
N ALA K 16 -18.02 -20.04 35.74
CA ALA K 16 -16.60 -20.23 35.97
C ALA K 16 -15.80 -19.32 35.01
N SER K 17 -14.57 -19.02 35.40
CA SER K 17 -13.67 -18.21 34.59
C SER K 17 -12.21 -18.58 34.91
N ASP K 18 -11.27 -18.44 33.94
CA ASP K 18 -9.87 -18.76 34.23
C ASP K 18 -9.28 -17.75 35.21
N ARG K 19 -8.15 -18.10 35.82
CA ARG K 19 -7.54 -17.19 36.79
C ARG K 19 -6.22 -16.59 36.32
N VAL K 20 -5.91 -16.65 35.04
CA VAL K 20 -4.65 -16.17 34.51
C VAL K 20 -4.73 -14.71 34.05
N ALA K 21 -3.77 -13.88 34.48
CA ALA K 21 -3.61 -12.51 34.04
C ALA K 21 -2.31 -12.58 33.27
N ALA K 22 -2.35 -12.51 31.95
CA ALA K 22 -1.14 -12.69 31.15
C ALA K 22 -0.63 -11.43 30.45
N SER K 23 0.67 -11.37 30.21
CA SER K 23 1.26 -10.26 29.46
C SER K 23 2.27 -10.85 28.50
N ASN K 24 1.93 -10.85 27.19
CA ASN K 24 2.83 -11.36 26.16
C ASN K 24 3.00 -12.91 26.34
N ILE K 25 4.22 -13.45 26.58
CA ILE K 25 4.40 -14.90 26.81
C ILE K 25 4.33 -15.32 28.30
N VAL K 26 4.07 -14.38 29.22
CA VAL K 26 4.12 -14.64 30.64
C VAL K 26 2.78 -14.60 31.34
N GLN K 27 2.52 -15.56 32.23
CA GLN K 27 1.39 -15.53 33.14
C GLN K 27 1.89 -14.72 34.31
N MET K 28 1.45 -13.48 34.41
CA MET K 28 1.84 -12.60 35.50
C MET K 28 1.08 -12.87 36.79
N LYS K 29 -0.09 -13.55 36.71
CA LYS K 29 -0.92 -13.87 37.85
C LYS K 29 -1.63 -15.18 37.56
N ASP K 30 -1.66 -16.05 38.56
CA ASP K 30 -2.33 -17.35 38.51
C ASP K 30 -3.63 -17.36 39.33
N ASP K 31 -3.87 -16.32 40.13
CA ASP K 31 -5.01 -16.19 41.03
C ASP K 31 -5.91 -14.97 40.71
N HIS K 32 -5.93 -14.54 39.48
CA HIS K 32 -6.71 -13.41 39.03
C HIS K 32 -8.20 -13.70 38.98
N ASP K 33 -9.05 -12.76 39.38
CA ASP K 33 -10.50 -12.92 39.35
C ASP K 33 -11.15 -12.11 38.24
N LYS K 34 -11.90 -12.78 37.36
CA LYS K 34 -12.56 -12.10 36.24
C LYS K 34 -14.05 -11.82 36.48
N MET K 35 -14.56 -12.12 37.67
CA MET K 35 -15.97 -11.91 37.98
C MET K 35 -16.17 -10.59 38.75
N PHE K 36 -17.34 -9.95 38.54
CA PHE K 36 -17.66 -8.67 39.17
C PHE K 36 -19.06 -8.75 39.78
N LYS K 37 -19.19 -8.47 41.08
CA LYS K 37 -20.51 -8.51 41.73
C LYS K 37 -21.26 -7.20 41.41
N MET K 38 -22.46 -7.29 40.80
CA MET K 38 -23.22 -6.07 40.51
C MET K 38 -24.22 -5.80 41.62
N SER K 39 -25.01 -6.81 41.98
CA SER K 39 -26.05 -6.84 42.99
C SER K 39 -25.79 -8.05 43.89
N GLU K 40 -26.69 -8.31 44.86
CA GLU K 40 -26.60 -9.49 45.73
C GLU K 40 -26.80 -10.80 44.98
N LYS K 41 -27.51 -10.75 43.81
CA LYS K 41 -27.81 -11.93 43.00
C LYS K 41 -27.38 -11.81 41.50
N ILE K 42 -26.39 -10.92 41.17
CA ILE K 42 -25.88 -10.74 39.82
C ILE K 42 -24.35 -10.72 39.76
N LEU K 43 -23.76 -11.49 38.83
CA LEU K 43 -22.33 -11.50 38.55
C LEU K 43 -22.14 -11.12 37.07
N LEU K 44 -21.15 -10.27 36.78
CA LEU K 44 -20.79 -9.90 35.42
C LEU K 44 -19.39 -10.46 35.20
N LEU K 45 -19.24 -11.43 34.30
CA LEU K 45 -17.97 -12.07 33.99
C LEU K 45 -17.49 -11.37 32.74
N CYS K 46 -16.28 -10.82 32.76
CA CYS K 46 -15.80 -9.96 31.70
C CYS K 46 -14.41 -10.37 31.15
N VAL K 47 -14.26 -10.52 29.82
CA VAL K 47 -12.98 -10.82 29.12
C VAL K 47 -12.76 -9.90 27.90
N GLY K 48 -11.53 -9.77 27.40
CA GLY K 48 -11.25 -8.92 26.25
C GLY K 48 -9.93 -8.18 26.32
N GLU K 49 -9.90 -6.96 25.76
CA GLU K 49 -8.69 -6.14 25.77
C GLU K 49 -8.36 -5.59 27.16
N ALA K 50 -7.04 -5.55 27.44
CA ALA K 50 -6.38 -5.23 28.69
C ALA K 50 -6.98 -4.09 29.53
N GLY K 51 -7.21 -2.92 28.94
CA GLY K 51 -7.71 -1.81 29.74
C GLY K 51 -9.20 -1.81 29.88
N ASP K 52 -9.85 -2.10 28.75
CA ASP K 52 -11.27 -2.11 28.52
C ASP K 52 -12.06 -2.92 29.52
N THR K 53 -11.63 -4.14 29.81
CA THR K 53 -12.39 -5.05 30.68
C THR K 53 -12.70 -4.51 32.07
N VAL K 54 -11.71 -4.03 32.82
CA VAL K 54 -11.95 -3.53 34.17
C VAL K 54 -12.61 -2.18 34.15
N GLN K 55 -12.27 -1.32 33.17
CA GLN K 55 -12.86 0.01 33.04
C GLN K 55 -14.36 -0.12 32.78
N PHE K 56 -14.74 -1.00 31.85
CA PHE K 56 -16.14 -1.21 31.49
C PHE K 56 -16.91 -1.90 32.61
N ALA K 57 -16.36 -2.99 33.16
CA ALA K 57 -17.02 -3.73 34.22
C ALA K 57 -17.24 -2.89 35.45
N GLU K 58 -16.24 -2.09 35.88
CA GLU K 58 -16.36 -1.23 37.04
C GLU K 58 -17.34 -0.10 36.86
N TYR K 59 -17.38 0.55 35.67
CA TYR K 59 -18.35 1.61 35.39
C TYR K 59 -19.78 1.06 35.53
N ILE K 60 -20.07 -0.11 34.92
CA ILE K 60 -21.40 -0.70 35.01
C ILE K 60 -21.74 -1.01 36.46
N GLN K 61 -20.82 -1.64 37.19
CA GLN K 61 -20.96 -2.02 38.60
C GLN K 61 -21.33 -0.84 39.50
N LYS K 62 -20.64 0.29 39.36
CA LYS K 62 -20.90 1.46 40.16
C LYS K 62 -22.24 2.10 39.82
N ASN K 63 -22.66 2.04 38.55
CA ASN K 63 -23.96 2.59 38.14
C ASN K 63 -25.11 1.66 38.58
N VAL K 64 -24.86 0.34 38.68
CA VAL K 64 -25.82 -0.63 39.19
C VAL K 64 -25.96 -0.42 40.73
N GLN K 65 -24.86 -0.14 41.42
CA GLN K 65 -24.82 0.18 42.83
C GLN K 65 -25.50 1.53 43.11
N LEU K 66 -25.40 2.48 42.17
CA LEU K 66 -26.04 3.79 42.27
C LEU K 66 -27.56 3.62 42.21
N TYR K 67 -28.06 2.72 41.35
CA TYR K 67 -29.48 2.44 41.23
C TYR K 67 -30.04 1.94 42.56
N LYS K 68 -29.31 1.01 43.22
CA LYS K 68 -29.69 0.44 44.50
C LYS K 68 -29.77 1.54 45.56
N MET K 69 -28.77 2.44 45.60
CA MET K 69 -28.76 3.54 46.55
C MET K 69 -29.88 4.55 46.31
N ARG K 70 -30.19 4.87 45.06
CA ARG K 70 -31.22 5.85 44.76
C ARG K 70 -32.62 5.35 44.98
N ASN K 71 -32.89 4.03 44.81
CA ASN K 71 -34.26 3.49 44.86
C ASN K 71 -34.59 2.50 46.01
N GLY K 72 -33.57 2.00 46.71
CA GLY K 72 -33.79 1.07 47.80
C GLY K 72 -33.98 -0.39 47.38
N TYR K 73 -33.91 -0.65 46.07
CA TYR K 73 -33.98 -1.99 45.53
C TYR K 73 -32.96 -2.12 44.39
N GLU K 74 -32.58 -3.36 44.08
CA GLU K 74 -31.62 -3.62 43.03
C GLU K 74 -32.30 -3.89 41.68
N LEU K 75 -31.54 -3.68 40.57
CA LEU K 75 -31.98 -3.95 39.20
C LEU K 75 -32.09 -5.46 39.05
N SER K 76 -33.04 -5.93 38.23
CA SER K 76 -33.18 -7.35 37.96
C SER K 76 -32.03 -7.79 37.02
N PRO K 77 -31.69 -9.09 36.93
CA PRO K 77 -30.68 -9.52 35.95
C PRO K 77 -30.97 -9.05 34.52
N THR K 78 -32.25 -9.06 34.08
CA THR K 78 -32.65 -8.59 32.74
C THR K 78 -32.37 -7.09 32.58
N ALA K 79 -32.78 -6.28 33.57
CA ALA K 79 -32.58 -4.84 33.50
C ALA K 79 -31.09 -4.49 33.50
N ALA K 80 -30.27 -5.25 34.25
CA ALA K 80 -28.82 -5.04 34.33
C ALA K 80 -28.16 -5.46 33.02
N ALA K 81 -28.61 -6.58 32.42
CA ALA K 81 -28.10 -7.07 31.14
C ALA K 81 -28.41 -6.08 30.02
N ASN K 82 -29.61 -5.49 30.05
CA ASN K 82 -30.02 -4.53 29.03
C ASN K 82 -29.34 -3.18 29.22
N PHE K 83 -29.11 -2.77 30.47
CA PHE K 83 -28.37 -1.54 30.77
C PHE K 83 -26.92 -1.70 30.29
N THR K 84 -26.32 -2.90 30.51
CA THR K 84 -24.95 -3.18 30.06
C THR K 84 -24.88 -3.11 28.52
N ARG K 85 -25.89 -3.67 27.81
CA ARG K 85 -25.94 -3.68 26.35
C ARG K 85 -26.11 -2.28 25.82
N ARG K 86 -26.94 -1.45 26.47
CA ARG K 86 -27.13 -0.08 26.02
C ARG K 86 -25.81 0.71 26.05
N ASN K 87 -25.04 0.59 27.12
CA ASN K 87 -23.74 1.28 27.19
C ASN K 87 -22.76 0.78 26.15
N LEU K 88 -22.67 -0.54 25.98
CA LEU K 88 -21.71 -1.12 25.04
C LEU K 88 -22.07 -0.74 23.61
N ALA K 89 -23.39 -0.73 23.28
CA ALA K 89 -23.87 -0.36 21.95
C ALA K 89 -23.70 1.12 21.69
N ASP K 90 -23.84 1.98 22.69
CA ASP K 90 -23.65 3.41 22.53
C ASP K 90 -22.21 3.79 22.28
N CYS K 91 -21.26 3.01 22.78
CA CYS K 91 -19.81 3.23 22.54
C CYS K 91 -19.33 2.64 21.24
N LEU K 92 -20.06 1.70 20.67
CA LEU K 92 -19.69 1.01 19.46
C LEU K 92 -19.29 1.93 18.31
N ARG K 93 -20.15 2.93 17.95
CA ARG K 93 -19.81 3.83 16.85
C ARG K 93 -19.12 5.13 17.30
N SER K 94 -18.70 5.19 18.57
CA SER K 94 -18.06 6.35 19.19
C SER K 94 -16.52 6.31 19.07
N ARG K 95 -15.85 7.34 19.62
CA ARG K 95 -14.39 7.46 19.65
C ARG K 95 -13.78 6.33 20.51
N THR K 96 -14.47 6.01 21.64
CA THR K 96 -14.11 5.01 22.64
C THR K 96 -14.92 3.67 22.62
N PRO K 97 -14.75 2.76 21.62
CA PRO K 97 -15.45 1.47 21.70
C PRO K 97 -14.69 0.50 22.61
N TYR K 98 -15.40 -0.23 23.48
CA TYR K 98 -14.76 -1.18 24.39
C TYR K 98 -14.74 -2.57 23.77
N HIS K 99 -13.57 -3.20 23.74
CA HIS K 99 -13.46 -4.55 23.22
C HIS K 99 -13.59 -5.55 24.36
N VAL K 100 -14.83 -5.75 24.81
CA VAL K 100 -15.11 -6.68 25.89
C VAL K 100 -16.18 -7.68 25.46
N ASN K 101 -15.98 -8.94 25.83
CA ASN K 101 -16.92 -10.03 25.65
C ASN K 101 -17.31 -10.40 27.06
N LEU K 102 -18.61 -10.55 27.32
CA LEU K 102 -19.02 -10.83 28.69
C LEU K 102 -20.21 -11.79 28.82
N LEU K 103 -20.45 -12.26 30.05
CA LEU K 103 -21.57 -13.10 30.47
C LEU K 103 -22.18 -12.43 31.72
N LEU K 104 -23.51 -12.34 31.79
CA LEU K 104 -24.16 -11.81 32.98
C LEU K 104 -25.01 -12.95 33.51
N ALA K 105 -24.76 -13.35 34.75
CA ALA K 105 -25.50 -14.41 35.39
C ALA K 105 -26.26 -13.79 36.55
N GLY K 106 -27.53 -14.13 36.69
CA GLY K 106 -28.33 -13.58 37.77
C GLY K 106 -29.47 -14.45 38.21
N TYR K 107 -30.10 -14.09 39.33
CA TYR K 107 -31.28 -14.74 39.86
C TYR K 107 -32.32 -13.67 40.22
N ASP K 108 -33.50 -13.79 39.65
CA ASP K 108 -34.61 -12.89 39.90
C ASP K 108 -35.67 -13.60 40.73
N GLU K 109 -36.30 -12.85 41.64
CA GLU K 109 -37.38 -13.30 42.54
C GLU K 109 -38.59 -13.82 41.77
N HIS K 110 -38.92 -13.18 40.65
CA HIS K 110 -40.08 -13.57 39.84
C HIS K 110 -39.69 -14.44 38.64
N GLU K 111 -38.63 -14.05 37.92
CA GLU K 111 -38.21 -14.73 36.71
C GLU K 111 -37.31 -15.95 36.91
N GLY K 112 -36.62 -16.05 38.04
CA GLY K 112 -35.73 -17.17 38.29
C GLY K 112 -34.32 -16.96 37.79
N PRO K 113 -33.60 -18.05 37.49
CA PRO K 113 -32.19 -17.90 37.06
C PRO K 113 -32.05 -17.50 35.59
N ALA K 114 -31.00 -16.72 35.28
CA ALA K 114 -30.75 -16.26 33.92
C ALA K 114 -29.27 -16.16 33.57
N LEU K 115 -28.94 -16.51 32.32
CA LEU K 115 -27.60 -16.43 31.77
C LEU K 115 -27.63 -15.65 30.46
N TYR K 116 -26.91 -14.54 30.41
CA TYR K 116 -26.85 -13.71 29.21
C TYR K 116 -25.46 -13.67 28.62
N TYR K 117 -25.42 -13.77 27.31
CA TYR K 117 -24.19 -13.72 26.55
C TYR K 117 -24.19 -12.41 25.79
N MET K 118 -23.03 -11.75 25.82
CA MET K 118 -22.86 -10.52 25.08
C MET K 118 -21.48 -10.47 24.46
N ASP K 119 -21.38 -10.13 23.17
CA ASP K 119 -20.09 -10.01 22.51
C ASP K 119 -19.73 -8.53 22.49
N TYR K 120 -18.51 -8.16 22.03
CA TYR K 120 -18.05 -6.76 21.98
C TYR K 120 -18.84 -5.84 21.03
N LEU K 121 -19.64 -6.41 20.14
CA LEU K 121 -20.50 -5.64 19.25
C LEU K 121 -21.82 -5.21 19.97
N ALA K 122 -22.14 -5.86 21.13
CA ALA K 122 -23.32 -5.68 21.99
C ALA K 122 -24.59 -6.36 21.44
N ALA K 123 -24.41 -7.60 20.94
CA ALA K 123 -25.54 -8.46 20.66
C ALA K 123 -25.79 -9.09 22.03
N LEU K 124 -27.05 -9.19 22.42
CA LEU K 124 -27.42 -9.78 23.69
C LEU K 124 -28.34 -10.99 23.45
N ALA K 125 -27.95 -12.14 24.04
CA ALA K 125 -28.67 -13.40 23.89
C ALA K 125 -28.89 -14.06 25.26
N LYS K 126 -30.09 -14.61 25.51
CA LYS K 126 -30.34 -15.37 26.75
C LYS K 126 -30.02 -16.82 26.38
N ALA K 127 -29.26 -17.51 27.23
CA ALA K 127 -28.81 -18.86 26.92
C ALA K 127 -28.95 -19.83 28.09
N PRO K 128 -29.28 -21.11 27.81
CA PRO K 128 -29.26 -22.10 28.90
C PRO K 128 -27.80 -22.36 29.36
N PHE K 129 -26.85 -22.26 28.45
CA PHE K 129 -25.43 -22.36 28.75
C PHE K 129 -24.66 -21.57 27.68
N ALA K 130 -23.45 -21.08 28.02
CA ALA K 130 -22.66 -20.30 27.07
C ALA K 130 -21.19 -20.29 27.46
N ALA K 131 -20.29 -19.99 26.50
CA ALA K 131 -18.87 -19.89 26.79
C ALA K 131 -18.22 -18.83 25.90
N HIS K 132 -17.18 -18.20 26.41
CA HIS K 132 -16.45 -17.17 25.68
C HIS K 132 -14.95 -17.55 25.58
N GLY K 133 -14.32 -17.13 24.49
CA GLY K 133 -12.91 -17.38 24.23
C GLY K 133 -12.67 -18.53 23.27
N TYR K 134 -11.40 -18.82 22.93
CA TYR K 134 -11.07 -19.97 22.08
C TYR K 134 -11.51 -21.28 22.72
N GLY K 135 -11.54 -21.33 24.04
CA GLY K 135 -11.96 -22.50 24.81
C GLY K 135 -13.38 -22.93 24.47
N ALA K 136 -14.26 -21.97 24.13
CA ALA K 136 -15.65 -22.27 23.78
C ALA K 136 -15.72 -23.17 22.55
N PHE K 137 -14.74 -23.11 21.64
CA PHE K 137 -14.72 -23.96 20.45
C PHE K 137 -14.53 -25.43 20.83
N LEU K 138 -13.84 -25.71 21.95
CA LEU K 138 -13.57 -27.06 22.45
C LEU K 138 -14.59 -27.54 23.47
N THR K 139 -15.34 -26.65 24.10
CA THR K 139 -16.25 -27.01 25.18
C THR K 139 -17.74 -26.86 24.87
N LEU K 140 -18.14 -26.09 23.84
CA LEU K 140 -19.56 -25.92 23.52
C LEU K 140 -20.28 -27.22 23.14
N SER K 141 -19.59 -28.11 22.42
CA SER K 141 -20.13 -29.40 22.03
C SER K 141 -20.25 -30.37 23.22
N ILE K 142 -19.40 -30.18 24.26
CA ILE K 142 -19.52 -30.99 25.48
C ILE K 142 -20.85 -30.62 26.18
N LEU K 143 -21.16 -29.32 26.25
CA LEU K 143 -22.41 -28.85 26.84
C LEU K 143 -23.62 -29.24 25.96
N ASP K 144 -23.47 -29.23 24.62
CA ASP K 144 -24.55 -29.65 23.71
C ASP K 144 -24.90 -31.13 24.00
N ARG K 145 -23.84 -31.97 24.13
CA ARG K 145 -23.93 -33.41 24.42
C ARG K 145 -24.52 -33.74 25.80
N TYR K 146 -24.05 -33.13 26.88
CA TYR K 146 -24.49 -33.50 28.21
C TYR K 146 -25.57 -32.61 28.89
N TYR K 147 -25.72 -31.33 28.51
CA TYR K 147 -26.73 -30.47 29.16
C TYR K 147 -28.19 -30.89 28.89
N THR K 148 -29.01 -30.91 29.96
CA THR K 148 -30.47 -31.07 29.95
C THR K 148 -31.02 -29.93 30.84
N PRO K 149 -32.19 -29.35 30.53
CA PRO K 149 -32.69 -28.22 31.34
C PRO K 149 -32.89 -28.49 32.83
N THR K 150 -33.05 -29.76 33.23
CA THR K 150 -33.26 -30.11 34.63
C THR K 150 -31.95 -30.49 35.38
N ILE K 151 -30.79 -30.15 34.81
CA ILE K 151 -29.50 -30.50 35.39
C ILE K 151 -29.33 -29.95 36.80
N SER K 152 -29.02 -30.82 37.77
CA SER K 152 -28.83 -30.41 39.17
C SER K 152 -27.51 -29.68 39.33
N ARG K 153 -27.33 -28.88 40.39
CA ARG K 153 -26.05 -28.19 40.59
C ARG K 153 -24.88 -29.16 40.74
N GLU K 154 -25.12 -30.32 41.34
CA GLU K 154 -24.12 -31.37 41.52
C GLU K 154 -23.65 -31.88 40.16
N ARG K 155 -24.60 -32.10 39.25
CA ARG K 155 -24.32 -32.57 37.90
C ARG K 155 -23.68 -31.44 37.05
N ALA K 156 -24.10 -30.19 37.29
CA ALA K 156 -23.59 -29.03 36.57
C ALA K 156 -22.10 -28.85 36.82
N VAL K 157 -21.63 -29.14 38.05
CA VAL K 157 -20.22 -29.03 38.41
C VAL K 157 -19.39 -30.14 37.75
N GLU K 158 -19.99 -31.33 37.55
CA GLU K 158 -19.28 -32.40 36.84
C GLU K 158 -19.22 -32.10 35.35
N LEU K 159 -20.29 -31.45 34.79
CA LEU K 159 -20.35 -31.03 33.40
C LEU K 159 -19.31 -29.91 33.17
N LEU K 160 -19.20 -28.98 34.11
CA LEU K 160 -18.23 -27.90 34.09
C LEU K 160 -16.82 -28.49 34.14
N ARG K 161 -16.58 -29.48 35.02
CA ARG K 161 -15.30 -30.14 35.18
C ARG K 161 -14.89 -30.87 33.87
N LYS K 162 -15.86 -31.43 33.16
CA LYS K 162 -15.63 -32.10 31.88
C LYS K 162 -15.09 -31.07 30.87
N CYS K 163 -15.65 -29.86 30.89
CA CYS K 163 -15.26 -28.78 29.99
C CYS K 163 -13.86 -28.32 30.31
N LEU K 164 -13.59 -28.09 31.59
CA LEU K 164 -12.30 -27.63 32.03
C LEU K 164 -11.21 -28.69 31.82
N GLU K 165 -11.56 -29.98 31.87
CA GLU K 165 -10.60 -31.05 31.59
C GLU K 165 -10.24 -31.07 30.11
N GLU K 166 -11.20 -30.78 29.24
CA GLU K 166 -11.01 -30.71 27.81
C GLU K 166 -10.00 -29.62 27.43
N LEU K 167 -10.04 -28.49 28.15
CA LEU K 167 -9.06 -27.43 27.91
C LEU K 167 -7.65 -27.87 28.29
N GLN K 168 -7.51 -28.57 29.42
CA GLN K 168 -6.22 -29.09 29.85
C GLN K 168 -5.63 -30.06 28.85
N LYS K 169 -6.50 -30.86 28.21
CA LYS K 169 -6.07 -31.85 27.25
C LYS K 169 -5.77 -31.29 25.88
N ARG K 170 -6.67 -30.46 25.31
CA ARG K 170 -6.57 -29.96 23.94
C ARG K 170 -6.22 -28.51 23.73
N PHE K 171 -6.49 -27.61 24.66
CA PHE K 171 -6.22 -26.20 24.45
C PHE K 171 -4.74 -25.94 24.61
N ILE K 172 -4.10 -25.28 23.63
CA ILE K 172 -2.68 -24.97 23.69
C ILE K 172 -2.29 -24.02 24.83
N LEU K 173 -3.24 -23.28 25.42
CA LEU K 173 -2.91 -22.33 26.48
C LEU K 173 -2.99 -22.97 27.83
N ASN K 174 -2.09 -22.54 28.74
CA ASN K 174 -1.96 -23.08 30.07
C ASN K 174 -3.31 -23.20 30.82
N LEU K 175 -3.90 -22.09 31.32
CA LEU K 175 -5.17 -22.11 32.07
C LEU K 175 -5.30 -23.25 33.11
N PRO K 176 -4.48 -23.27 34.19
CA PRO K 176 -4.56 -24.40 35.14
C PRO K 176 -5.67 -24.31 36.17
N THR K 177 -6.05 -23.09 36.62
CA THR K 177 -7.07 -22.91 37.66
C THR K 177 -8.26 -22.08 37.18
N PHE K 178 -9.43 -22.33 37.81
CA PHE K 178 -10.67 -21.65 37.44
C PHE K 178 -11.48 -21.21 38.66
N SER K 179 -11.98 -19.96 38.67
CA SER K 179 -12.86 -19.43 39.71
C SER K 179 -14.24 -20.05 39.47
N VAL K 180 -14.92 -20.54 40.52
CA VAL K 180 -16.25 -21.15 40.36
C VAL K 180 -17.22 -20.55 41.37
N ARG K 181 -18.37 -20.07 40.89
CA ARG K 181 -19.40 -19.49 41.74
C ARG K 181 -20.79 -19.89 41.22
N ILE K 182 -21.76 -19.93 42.14
CA ILE K 182 -23.13 -20.28 41.79
C ILE K 182 -24.09 -19.28 42.41
N ILE K 183 -25.12 -18.85 41.68
CA ILE K 183 -26.12 -17.91 42.21
C ILE K 183 -27.45 -18.67 42.30
N ASP K 184 -28.23 -18.43 43.36
CA ASP K 184 -29.58 -19.00 43.54
C ASP K 184 -30.46 -18.00 44.37
N LYS K 185 -31.61 -18.43 44.97
CA LYS K 185 -32.44 -17.53 45.76
C LYS K 185 -31.70 -16.93 46.98
N ASN K 186 -30.56 -17.54 47.38
CA ASN K 186 -29.82 -17.03 48.54
C ASN K 186 -28.57 -16.24 48.19
N GLY K 187 -28.50 -15.71 46.99
CA GLY K 187 -27.35 -14.90 46.57
C GLY K 187 -26.23 -15.67 45.88
N ILE K 188 -25.03 -15.05 45.86
CA ILE K 188 -23.82 -15.56 45.21
C ILE K 188 -23.01 -16.41 46.17
N HIS K 189 -22.75 -17.66 45.81
CA HIS K 189 -22.02 -18.58 46.65
C HIS K 189 -20.70 -18.96 46.02
N ASP K 190 -19.60 -18.80 46.77
CA ASP K 190 -18.28 -19.21 46.28
C ASP K 190 -18.10 -20.74 46.41
N LEU K 191 -17.74 -21.41 45.32
CA LEU K 191 -17.43 -22.83 45.35
C LEU K 191 -15.90 -22.98 45.30
N ASP K 192 -15.40 -24.21 45.47
CA ASP K 192 -13.96 -24.44 45.42
C ASP K 192 -13.47 -24.24 43.98
N ASN K 193 -12.26 -23.70 43.82
CA ASN K 193 -11.68 -23.51 42.49
C ASN K 193 -11.42 -24.87 41.86
N ILE K 194 -11.52 -24.97 40.52
CA ILE K 194 -11.16 -26.20 39.85
C ILE K 194 -9.67 -26.06 39.53
N SER K 195 -8.86 -27.01 39.99
CA SER K 195 -7.41 -26.94 39.79
C SER K 195 -6.86 -28.23 39.18
N PHE K 196 -5.78 -28.10 38.38
CA PHE K 196 -5.17 -29.25 37.72
C PHE K 196 -3.65 -29.27 37.91
N THR L 1 15.14 -2.45 29.52
CA THR L 1 14.91 -2.26 30.94
C THR L 1 14.54 -3.57 31.62
N THR L 2 14.87 -3.70 32.90
CA THR L 2 14.44 -4.80 33.74
C THR L 2 14.08 -4.25 35.08
N THR L 3 12.82 -4.42 35.47
CA THR L 3 12.38 -4.00 36.80
C THR L 3 11.75 -5.21 37.46
N LEU L 4 11.94 -5.38 38.78
CA LEU L 4 11.35 -6.49 39.52
C LEU L 4 10.95 -6.03 40.89
N ALA L 5 9.95 -6.70 41.47
CA ALA L 5 9.49 -6.44 42.84
C ALA L 5 8.82 -7.65 43.38
N PHE L 6 9.09 -7.96 44.65
CA PHE L 6 8.48 -9.11 45.31
C PHE L 6 8.24 -8.83 46.80
N LYS L 7 7.11 -9.30 47.32
CA LYS L 7 6.77 -9.21 48.75
C LYS L 7 7.38 -10.43 49.42
N PHE L 8 7.84 -10.24 50.63
CA PHE L 8 8.40 -11.31 51.43
C PHE L 8 8.08 -11.07 52.92
N GLN L 9 8.61 -11.90 53.82
CA GLN L 9 8.38 -11.80 55.25
C GLN L 9 8.69 -10.40 55.81
N HIS L 10 9.75 -9.78 55.30
CA HIS L 10 10.21 -8.49 55.82
C HIS L 10 9.85 -7.28 54.97
N GLY L 11 8.80 -7.39 54.16
CA GLY L 11 8.35 -6.27 53.36
C GLY L 11 8.38 -6.49 51.85
N VAL L 12 8.82 -5.47 51.08
CA VAL L 12 8.84 -5.56 49.63
C VAL L 12 10.22 -5.17 49.10
N ILE L 13 10.81 -6.00 48.25
CA ILE L 13 12.08 -5.68 47.58
C ILE L 13 11.74 -5.04 46.21
N ALA L 14 12.46 -4.00 45.78
CA ALA L 14 12.18 -3.36 44.49
C ALA L 14 13.52 -3.07 43.82
N ALA L 15 13.78 -3.66 42.64
CA ALA L 15 15.06 -3.43 41.95
C ALA L 15 14.89 -3.11 40.45
N VAL L 16 15.77 -2.24 39.92
CA VAL L 16 15.75 -1.79 38.53
C VAL L 16 17.15 -1.76 37.93
N ASP L 17 17.24 -1.84 36.60
CA ASP L 17 18.53 -1.66 35.91
C ASP L 17 18.66 -0.10 35.65
N SER L 18 19.66 0.34 34.84
CA SER L 18 19.81 1.77 34.61
C SER L 18 20.06 2.16 33.15
N ARG L 19 19.87 1.26 32.20
CA ARG L 19 20.14 1.56 30.78
C ARG L 19 19.01 2.24 30.04
N ALA L 20 19.36 3.23 29.19
CA ALA L 20 18.45 3.92 28.27
C ALA L 20 19.02 3.72 26.88
N SER L 21 18.16 3.38 25.90
CA SER L 21 18.62 3.14 24.55
C SER L 21 17.87 3.98 23.54
N ALA L 22 18.61 4.56 22.59
CA ALA L 22 18.06 5.22 21.43
C ALA L 22 18.36 4.24 20.28
N GLY L 23 17.46 3.28 20.06
CA GLY L 23 17.65 2.23 19.07
C GLY L 23 18.69 1.27 19.63
N SER L 24 19.79 1.06 18.90
CA SER L 24 20.87 0.22 19.37
C SER L 24 21.96 1.04 20.13
N TYR L 25 21.87 2.38 20.14
CA TYR L 25 22.83 3.24 20.82
C TYR L 25 22.46 3.36 22.29
N ILE L 26 23.44 3.25 23.21
CA ILE L 26 23.13 3.39 24.63
C ILE L 26 23.17 4.88 24.93
N SER L 27 22.00 5.53 24.99
CA SER L 27 21.94 6.97 25.23
C SER L 27 22.30 7.39 26.66
N ALA L 28 22.11 6.48 27.64
CA ALA L 28 22.45 6.72 29.04
C ALA L 28 22.80 5.38 29.68
N LEU L 29 23.91 5.33 30.39
CA LEU L 29 24.35 4.10 31.04
C LEU L 29 23.72 3.94 32.45
N ARG L 30 23.46 5.08 33.11
CA ARG L 30 22.88 5.14 34.44
C ARG L 30 21.75 6.18 34.57
N VAL L 31 20.49 5.76 34.38
CA VAL L 31 19.30 6.58 34.68
C VAL L 31 18.64 5.97 35.95
N ASN L 32 17.97 6.82 36.73
CA ASN L 32 17.24 6.35 37.89
C ASN L 32 15.86 5.90 37.38
N LYS L 33 15.57 4.59 37.45
CA LYS L 33 14.26 4.07 37.03
C LYS L 33 13.30 3.87 38.22
N VAL L 34 13.58 4.50 39.38
CA VAL L 34 12.68 4.46 40.53
C VAL L 34 12.35 5.90 40.93
N ILE L 35 11.06 6.17 41.18
CA ILE L 35 10.63 7.46 41.70
C ILE L 35 10.29 7.27 43.18
N GLU L 36 10.81 8.16 44.06
CA GLU L 36 10.48 8.10 45.48
C GLU L 36 9.34 9.13 45.71
N ILE L 37 8.10 8.66 45.80
CA ILE L 37 6.96 9.55 45.92
C ILE L 37 6.88 10.17 47.30
N ASN L 38 7.09 9.34 48.32
CA ASN L 38 7.15 9.71 49.72
C ASN L 38 7.97 8.62 50.51
N PRO L 39 8.22 8.74 51.83
CA PRO L 39 9.01 7.71 52.52
C PRO L 39 8.37 6.32 52.56
N TYR L 40 7.11 6.20 52.16
CA TYR L 40 6.40 4.92 52.20
C TYR L 40 5.81 4.55 50.80
N LEU L 41 6.29 5.18 49.71
CA LEU L 41 5.73 4.95 48.38
C LEU L 41 6.79 5.10 47.28
N LEU L 42 7.07 4.02 46.55
CA LEU L 42 8.00 3.97 45.41
C LEU L 42 7.27 3.54 44.13
N GLY L 43 7.84 3.94 42.99
CA GLY L 43 7.37 3.55 41.67
C GLY L 43 8.52 3.14 40.76
N THR L 44 8.52 1.88 40.27
CA THR L 44 9.54 1.44 39.30
C THR L 44 9.05 1.89 37.91
N MET L 45 9.97 2.08 36.97
CA MET L 45 9.61 2.59 35.63
C MET L 45 10.25 1.82 34.47
N SER L 46 9.46 1.58 33.43
CA SER L 46 9.92 0.94 32.20
C SER L 46 9.05 1.41 31.02
N GLY L 47 9.60 1.35 29.81
CA GLY L 47 8.89 1.79 28.62
C GLY L 47 9.47 3.05 28.03
N CYS L 48 8.62 4.02 27.70
CA CYS L 48 9.09 5.30 27.18
C CYS L 48 9.53 6.18 28.35
N ALA L 49 10.83 6.49 28.44
CA ALA L 49 11.38 7.32 29.52
C ALA L 49 10.58 8.60 29.85
N ALA L 50 10.23 9.41 28.83
CA ALA L 50 9.48 10.65 29.05
C ALA L 50 8.09 10.38 29.63
N ASP L 51 7.38 9.36 29.14
CA ASP L 51 6.06 8.97 29.65
C ASP L 51 6.16 8.56 31.11
N CYS L 52 7.13 7.70 31.45
CA CYS L 52 7.38 7.26 32.83
C CYS L 52 7.61 8.47 33.73
N GLN L 53 8.61 9.31 33.39
CA GLN L 53 8.95 10.46 34.21
C GLN L 53 7.81 11.44 34.42
N TYR L 54 7.09 11.78 33.36
CA TYR L 54 5.97 12.72 33.47
C TYR L 54 4.79 12.15 34.27
N TRP L 55 4.31 10.93 33.92
CA TRP L 55 3.14 10.37 34.57
C TRP L 55 3.38 9.97 36.00
N GLU L 56 4.57 9.42 36.32
CA GLU L 56 4.88 9.08 37.69
C GLU L 56 5.07 10.38 38.55
N ARG L 57 5.59 11.46 37.95
CA ARG L 57 5.71 12.74 38.67
C ARG L 57 4.33 13.40 38.86
N LEU L 58 3.39 13.13 37.95
CA LEU L 58 2.02 13.59 38.01
C LEU L 58 1.26 12.81 39.09
N LEU L 59 1.58 11.49 39.25
CA LEU L 59 1.02 10.68 40.31
C LEU L 59 1.57 11.25 41.65
N ALA L 60 2.88 11.55 41.72
CA ALA L 60 3.54 12.11 42.92
C ALA L 60 2.89 13.42 43.36
N LYS L 61 2.62 14.34 42.40
CA LYS L 61 1.91 15.59 42.68
C LYS L 61 0.51 15.31 43.25
N GLU L 62 -0.22 14.33 42.69
CA GLU L 62 -1.56 14.00 43.18
C GLU L 62 -1.54 13.37 44.57
N CYS L 63 -0.50 12.59 44.88
CA CYS L 63 -0.30 11.97 46.20
C CYS L 63 -0.02 13.09 47.21
N ARG L 64 0.80 14.07 46.82
CA ARG L 64 1.16 15.21 47.67
C ARG L 64 -0.10 16.03 47.96
N LEU L 65 -0.94 16.25 46.96
CA LEU L 65 -2.20 16.97 47.12
C LEU L 65 -3.13 16.23 48.08
N TYR L 66 -3.14 14.89 48.01
CA TYR L 66 -3.96 14.08 48.91
C TYR L 66 -3.51 14.27 50.37
N TYR L 67 -2.19 14.36 50.62
CA TYR L 67 -1.68 14.53 51.98
C TYR L 67 -2.03 15.91 52.54
N LEU L 68 -1.93 16.95 51.71
CA LEU L 68 -2.26 18.30 52.15
C LEU L 68 -3.78 18.36 52.46
N ARG L 69 -4.61 17.74 51.62
CA ARG L 69 -6.05 17.76 51.78
C ARG L 69 -6.59 16.95 52.94
N ASN L 70 -5.91 15.85 53.30
CA ASN L 70 -6.43 14.95 54.33
C ASN L 70 -5.56 14.75 55.56
N GLY L 71 -4.33 15.25 55.52
CA GLY L 71 -3.36 15.12 56.61
C GLY L 71 -2.78 13.72 56.76
N GLU L 72 -3.20 12.80 55.88
CA GLU L 72 -2.82 11.39 55.88
C GLU L 72 -2.26 11.02 54.50
N ARG L 73 -1.29 10.09 54.44
CA ARG L 73 -0.73 9.62 53.18
C ARG L 73 -1.75 8.78 52.42
N ILE L 74 -1.66 8.78 51.08
CA ILE L 74 -2.53 7.97 50.22
C ILE L 74 -2.21 6.48 50.39
N SER L 75 -3.19 5.61 50.17
CA SER L 75 -2.94 4.17 50.20
C SER L 75 -2.29 3.75 48.86
N VAL L 76 -1.60 2.60 48.87
CA VAL L 76 -0.96 2.02 47.68
C VAL L 76 -2.03 1.62 46.64
N SER L 77 -3.21 1.17 47.12
CA SER L 77 -4.29 0.82 46.20
C SER L 77 -4.84 2.07 45.50
N ALA L 78 -4.98 3.18 46.23
CA ALA L 78 -5.51 4.41 45.66
C ALA L 78 -4.51 5.08 44.73
N ALA L 79 -3.19 4.99 45.04
CA ALA L 79 -2.15 5.62 44.22
C ALA L 79 -2.01 4.83 42.94
N SER L 80 -1.97 3.49 43.02
CA SER L 80 -1.91 2.67 41.81
C SER L 80 -3.16 2.86 40.94
N LYS L 81 -4.33 3.10 41.56
CA LYS L 81 -5.59 3.34 40.86
C LYS L 81 -5.56 4.68 40.13
N LEU L 82 -5.04 5.73 40.78
CA LEU L 82 -4.90 7.05 40.19
C LEU L 82 -4.09 6.96 38.89
N LEU L 83 -2.89 6.33 38.93
CA LEU L 83 -2.04 6.14 37.76
C LEU L 83 -2.76 5.32 36.66
N SER L 84 -3.41 4.22 37.03
CA SER L 84 -4.17 3.40 36.12
C SER L 84 -5.24 4.22 35.33
N ASN L 85 -5.96 5.11 36.02
CA ASN L 85 -6.95 5.99 35.41
C ASN L 85 -6.31 7.02 34.45
N MET L 86 -5.11 7.54 34.79
CA MET L 86 -4.33 8.44 33.92
C MET L 86 -4.02 7.73 32.60
N MET L 87 -3.63 6.44 32.68
CA MET L 87 -3.34 5.61 31.51
C MET L 87 -4.59 5.36 30.65
N CYS L 88 -5.75 5.04 31.30
CA CYS L 88 -7.02 4.81 30.62
C CYS L 88 -7.47 6.04 29.85
N GLN L 89 -7.29 7.22 30.44
CA GLN L 89 -7.62 8.50 29.83
C GLN L 89 -6.88 8.72 28.50
N TYR L 90 -5.66 8.15 28.37
CA TYR L 90 -4.82 8.27 27.18
C TYR L 90 -4.66 6.98 26.39
N ARG L 91 -5.61 6.04 26.51
CA ARG L 91 -5.52 4.77 25.82
C ARG L 91 -5.60 5.00 24.31
N GLY L 92 -4.79 4.25 23.55
CA GLY L 92 -4.73 4.41 22.10
C GLY L 92 -3.86 5.55 21.63
N MET L 93 -3.35 6.39 22.57
CA MET L 93 -2.47 7.52 22.28
C MET L 93 -0.99 7.15 22.08
N GLY L 94 -0.62 5.91 22.37
CA GLY L 94 0.75 5.48 22.17
C GLY L 94 1.70 5.70 23.34
N LEU L 95 1.18 5.85 24.56
CA LEU L 95 2.01 5.90 25.74
C LEU L 95 2.63 4.52 25.96
N SER L 96 3.80 4.48 26.59
CA SER L 96 4.45 3.22 26.87
C SER L 96 4.97 3.36 28.28
N MET L 97 4.35 2.68 29.24
CA MET L 97 4.78 2.77 30.62
C MET L 97 4.36 1.58 31.47
N GLY L 98 5.33 0.81 31.90
CA GLY L 98 5.09 -0.28 32.81
C GLY L 98 5.64 0.12 34.16
N SER L 99 4.82 -0.01 35.22
CA SER L 99 5.30 0.36 36.55
C SER L 99 4.77 -0.48 37.67
N MET L 100 5.56 -0.55 38.73
CA MET L 100 5.14 -1.24 39.92
C MET L 100 5.11 -0.25 41.07
N ILE L 101 3.92 -0.06 41.64
CA ILE L 101 3.72 0.83 42.76
C ILE L 101 3.79 0.01 44.02
N CYS L 102 4.85 0.24 44.73
CA CYS L 102 5.22 -0.52 45.89
C CYS L 102 5.24 0.39 47.14
N GLY L 103 4.61 -0.05 48.23
CA GLY L 103 4.53 0.74 49.45
C GLY L 103 4.06 0.02 50.69
N TRP L 104 3.70 0.80 51.72
CA TRP L 104 3.25 0.29 53.02
C TRP L 104 2.20 1.22 53.59
N ASP L 105 0.98 0.72 53.68
CA ASP L 105 -0.13 1.49 54.19
C ASP L 105 -0.80 0.82 55.41
N LYS L 106 -2.06 1.17 55.73
CA LYS L 106 -2.77 0.55 56.84
C LYS L 106 -3.05 -0.94 56.57
N LYS L 107 -3.01 -1.39 55.28
CA LYS L 107 -3.23 -2.79 54.92
C LYS L 107 -1.92 -3.59 54.76
N GLY L 108 -0.81 -3.09 55.35
CA GLY L 108 0.50 -3.71 55.28
C GLY L 108 1.23 -3.40 53.98
N PRO L 109 2.15 -4.29 53.57
CA PRO L 109 2.86 -4.05 52.31
C PRO L 109 1.97 -4.20 51.09
N GLY L 110 2.11 -3.27 50.15
CA GLY L 110 1.38 -3.23 48.90
C GLY L 110 2.30 -3.22 47.70
N LEU L 111 1.92 -3.97 46.65
CA LEU L 111 2.64 -4.09 45.37
C LEU L 111 1.59 -4.26 44.26
N TYR L 112 1.54 -3.26 43.35
CA TYR L 112 0.61 -3.25 42.22
C TYR L 112 1.34 -3.05 40.92
N TYR L 113 0.89 -3.74 39.86
CA TYR L 113 1.44 -3.58 38.51
C TYR L 113 0.46 -2.70 37.75
N VAL L 114 0.93 -1.68 37.06
CA VAL L 114 0.11 -0.76 36.25
C VAL L 114 0.77 -0.59 34.86
N ASP L 115 -0.03 -0.66 33.79
CA ASP L 115 0.27 -0.62 32.35
C ASP L 115 -0.21 0.67 31.71
N GLU L 116 0.28 0.97 30.51
CA GLU L 116 -0.27 2.05 29.69
C GLU L 116 -1.69 1.69 29.11
N HIS L 117 -2.11 0.40 29.21
CA HIS L 117 -3.48 0.03 28.82
C HIS L 117 -4.47 0.30 29.94
N GLY L 118 -4.00 0.48 31.16
CA GLY L 118 -4.87 0.63 32.31
C GLY L 118 -4.92 -0.63 33.17
N THR L 119 -4.15 -1.69 32.82
CA THR L 119 -4.06 -2.92 33.61
C THR L 119 -3.56 -2.56 35.01
N ARG L 120 -4.20 -3.11 36.04
CA ARG L 120 -3.83 -2.81 37.41
C ARG L 120 -4.03 -4.07 38.23
N LEU L 121 -2.92 -4.74 38.59
CA LEU L 121 -2.99 -5.99 39.32
C LEU L 121 -2.27 -5.91 40.62
N SER L 122 -2.91 -6.33 41.71
CA SER L 122 -2.25 -6.50 42.98
C SER L 122 -1.62 -7.91 42.89
N GLY L 123 -0.54 -8.12 43.62
CA GLY L 123 0.15 -9.40 43.61
C GLY L 123 1.40 -9.35 44.45
N ASN L 124 2.07 -10.51 44.68
CA ASN L 124 3.25 -10.46 45.51
C ASN L 124 4.57 -10.68 44.74
N MET L 125 4.53 -10.61 43.41
CA MET L 125 5.73 -10.65 42.58
C MET L 125 5.40 -10.22 41.17
N PHE L 126 6.15 -9.24 40.62
CA PHE L 126 6.04 -8.78 39.24
C PHE L 126 7.43 -8.40 38.68
N SER L 127 7.53 -8.38 37.35
CA SER L 127 8.74 -7.98 36.63
C SER L 127 8.31 -7.34 35.31
N THR L 128 8.86 -6.16 34.97
CA THR L 128 8.52 -5.44 33.74
C THR L 128 9.78 -5.09 32.91
N GLY L 129 9.59 -4.74 31.64
CA GLY L 129 10.69 -4.36 30.77
C GLY L 129 11.10 -5.45 29.81
N SER L 130 11.95 -5.10 28.83
CA SER L 130 12.46 -6.03 27.83
C SER L 130 13.16 -7.24 28.44
N GLY L 131 13.75 -7.09 29.64
CA GLY L 131 14.44 -8.20 30.29
C GLY L 131 13.64 -8.94 31.35
N ASN L 132 12.32 -8.64 31.46
CA ASN L 132 11.46 -9.23 32.49
C ASN L 132 11.47 -10.78 32.53
N THR L 133 11.48 -11.49 31.38
CA THR L 133 11.49 -12.96 31.37
C THR L 133 12.72 -13.55 32.08
N TYR L 134 13.89 -12.93 31.89
CA TYR L 134 15.14 -13.38 32.49
C TYR L 134 15.12 -13.16 34.01
N ALA L 135 14.52 -12.03 34.46
CA ALA L 135 14.36 -11.72 35.87
C ALA L 135 13.38 -12.69 36.52
N TYR L 136 12.28 -13.07 35.82
CA TYR L 136 11.29 -14.02 36.34
C TYR L 136 11.92 -15.39 36.59
N GLY L 137 12.72 -15.90 35.64
CA GLY L 137 13.39 -17.19 35.79
C GLY L 137 14.22 -17.28 37.05
N VAL L 138 15.08 -16.28 37.30
CA VAL L 138 15.95 -16.25 38.49
C VAL L 138 15.18 -16.04 39.81
N MET L 139 14.30 -15.07 39.80
CA MET L 139 13.48 -14.69 40.92
C MET L 139 12.57 -15.85 41.32
N ASP L 140 11.94 -16.54 40.37
CA ASP L 140 11.08 -17.67 40.67
C ASP L 140 11.81 -18.88 41.26
N SER L 141 13.01 -19.17 40.76
CA SER L 141 13.87 -20.27 41.20
C SER L 141 14.37 -20.13 42.63
N GLY L 142 14.71 -18.92 43.04
CA GLY L 142 15.25 -18.71 44.38
C GLY L 142 14.29 -18.14 45.40
N TYR L 143 13.02 -18.01 45.04
CA TYR L 143 12.05 -17.41 45.93
C TYR L 143 11.47 -18.34 46.98
N ARG L 144 11.38 -17.82 48.21
CA ARG L 144 10.73 -18.40 49.38
C ARG L 144 10.11 -17.21 50.09
N PRO L 145 8.86 -17.25 50.60
CA PRO L 145 8.32 -16.07 51.33
C PRO L 145 9.12 -15.73 52.58
N ASN L 146 9.81 -16.73 53.15
CA ASN L 146 10.60 -16.59 54.37
C ASN L 146 12.10 -16.30 54.11
N LEU L 147 12.42 -15.53 53.07
CA LEU L 147 13.81 -15.17 52.79
C LEU L 147 14.24 -14.10 53.80
N SER L 148 15.49 -14.16 54.26
CA SER L 148 16.01 -13.14 55.17
C SER L 148 16.25 -11.84 54.37
N PRO L 149 16.41 -10.65 55.01
CA PRO L 149 16.70 -9.44 54.22
C PRO L 149 17.89 -9.63 53.27
N GLU L 150 19.03 -10.13 53.74
CA GLU L 150 20.20 -10.39 52.91
C GLU L 150 19.99 -11.45 51.82
N GLU L 151 19.15 -12.43 52.09
CA GLU L 151 18.81 -13.45 51.09
C GLU L 151 17.94 -12.87 49.97
N ALA L 152 17.07 -11.90 50.33
CA ALA L 152 16.18 -11.20 49.41
C ALA L 152 16.98 -10.23 48.56
N TYR L 153 17.94 -9.50 49.17
CA TYR L 153 18.80 -8.57 48.43
C TYR L 153 19.64 -9.30 47.38
N ASP L 154 20.04 -10.54 47.69
CA ASP L 154 20.83 -11.33 46.77
C ASP L 154 20.01 -11.77 45.57
N LEU L 155 18.73 -12.15 45.83
CA LEU L 155 17.79 -12.58 44.80
C LEU L 155 17.46 -11.44 43.84
N GLY L 156 17.20 -10.25 44.39
CA GLY L 156 16.91 -9.07 43.59
C GLY L 156 18.07 -8.66 42.71
N ARG L 157 19.25 -8.52 43.31
CA ARG L 157 20.45 -8.14 42.58
C ARG L 157 20.81 -9.18 41.52
N ARG L 158 20.59 -10.48 41.82
CA ARG L 158 20.89 -11.53 40.86
C ARG L 158 19.90 -11.55 39.69
N ALA L 159 18.57 -11.43 39.96
CA ALA L 159 17.60 -11.41 38.87
C ALA L 159 17.86 -10.28 37.87
N ILE L 160 18.23 -9.09 38.36
CA ILE L 160 18.57 -7.95 37.52
C ILE L 160 19.90 -8.16 36.83
N ALA L 161 20.98 -8.58 37.54
CA ALA L 161 22.27 -8.83 36.87
C ALA L 161 22.18 -9.89 35.76
N TYR L 162 21.46 -10.98 36.02
CA TYR L 162 21.27 -12.02 35.03
C TYR L 162 20.39 -11.53 33.84
N ALA L 163 19.42 -10.64 34.10
CA ALA L 163 18.60 -10.08 33.00
C ALA L 163 19.46 -9.18 32.12
N THR L 164 20.39 -8.40 32.74
CA THR L 164 21.25 -7.48 31.99
C THR L 164 22.25 -8.20 31.08
N HIS L 165 22.64 -9.41 31.46
CA HIS L 165 23.54 -10.25 30.71
C HIS L 165 22.87 -10.76 29.41
N ARG L 166 21.60 -11.19 29.48
CA ARG L 166 20.91 -11.72 28.29
C ARG L 166 20.19 -10.68 27.46
N ASP L 167 19.62 -9.65 28.10
CA ASP L 167 18.91 -8.58 27.40
C ASP L 167 19.84 -7.40 27.04
N SER L 168 20.00 -7.13 25.74
CA SER L 168 20.84 -6.04 25.26
C SER L 168 20.31 -4.64 25.63
N TYR L 169 19.02 -4.53 25.94
CA TYR L 169 18.41 -3.26 26.32
C TYR L 169 18.38 -3.04 27.85
N SER L 170 19.06 -3.91 28.63
CA SER L 170 19.25 -3.80 30.09
C SER L 170 20.74 -3.81 30.41
N GLY L 171 21.14 -3.00 31.39
CA GLY L 171 22.52 -2.92 31.85
C GLY L 171 22.78 -1.77 32.84
N GLY L 172 24.04 -1.49 33.13
CA GLY L 172 24.40 -0.41 34.03
C GLY L 172 24.58 -0.81 35.48
N VAL L 173 23.68 -0.32 36.36
CA VAL L 173 23.68 -0.63 37.80
C VAL L 173 22.31 -1.19 38.27
N VAL L 174 22.29 -1.87 39.43
CA VAL L 174 21.06 -2.37 40.05
C VAL L 174 20.76 -1.36 41.11
N ASN L 175 19.56 -0.77 41.08
CA ASN L 175 19.16 0.13 42.14
C ASN L 175 18.11 -0.63 42.93
N MET L 176 18.43 -1.01 44.18
CA MET L 176 17.52 -1.82 44.97
C MET L 176 17.05 -1.09 46.21
N TYR L 177 15.75 -1.27 46.52
CA TYR L 177 15.08 -0.68 47.67
C TYR L 177 14.41 -1.77 48.49
N HIS L 178 14.29 -1.56 49.81
CA HIS L 178 13.61 -2.49 50.70
C HIS L 178 12.55 -1.68 51.39
N MET L 179 11.28 -2.02 51.15
CA MET L 179 10.13 -1.33 51.74
C MET L 179 9.77 -1.98 53.09
N LYS L 180 10.14 -1.31 54.20
CA LYS L 180 9.87 -1.75 55.56
C LYS L 180 8.65 -1.01 56.14
N GLU L 181 8.14 -1.45 57.31
CA GLU L 181 6.97 -0.84 57.97
C GLU L 181 7.13 0.64 58.28
N ASP L 182 8.36 1.04 58.54
CA ASP L 182 8.69 2.43 58.83
C ASP L 182 9.26 3.17 57.59
N GLY L 183 8.88 2.73 56.39
CA GLY L 183 9.33 3.33 55.14
C GLY L 183 10.40 2.56 54.37
N TRP L 184 10.67 2.98 53.13
CA TRP L 184 11.69 2.33 52.31
C TRP L 184 13.11 2.75 52.73
N VAL L 185 14.09 1.91 52.34
CA VAL L 185 15.53 2.18 52.47
C VAL L 185 16.17 1.83 51.14
N LYS L 186 17.03 2.73 50.61
CA LYS L 186 17.74 2.38 49.40
C LYS L 186 18.88 1.45 49.79
N VAL L 187 18.76 0.17 49.45
CA VAL L 187 19.75 -0.84 49.79
C VAL L 187 21.12 -0.61 49.10
N GLU L 188 21.15 -0.55 47.75
CA GLU L 188 22.41 -0.36 47.03
C GLU L 188 22.20 0.13 45.59
N SER L 189 23.29 0.57 44.94
CA SER L 189 23.38 1.00 43.55
C SER L 189 24.66 0.33 43.06
N THR L 190 24.54 -0.91 42.57
CA THR L 190 25.70 -1.73 42.22
C THR L 190 25.86 -2.04 40.73
N ASP L 191 27.09 -1.82 40.21
CA ASP L 191 27.46 -2.14 38.84
C ASP L 191 27.24 -3.60 38.55
N VAL L 192 26.35 -3.82 37.60
CA VAL L 192 25.83 -5.09 37.17
C VAL L 192 26.89 -5.96 36.47
N SER L 193 27.82 -5.34 35.74
CA SER L 193 28.90 -6.07 35.09
C SER L 193 29.93 -6.56 36.15
N ASP L 194 30.16 -5.77 37.22
CA ASP L 194 31.03 -6.21 38.30
C ASP L 194 30.40 -7.41 39.03
N LEU L 195 29.06 -7.42 39.18
CA LEU L 195 28.36 -8.54 39.82
C LEU L 195 28.52 -9.77 38.94
N LEU L 196 28.33 -9.63 37.61
CA LEU L 196 28.46 -10.77 36.68
C LEU L 196 29.88 -11.30 36.68
N HIS L 197 30.89 -10.43 36.78
CA HIS L 197 32.29 -10.88 36.82
C HIS L 197 32.56 -11.68 38.07
N GLN L 198 31.99 -11.23 39.22
CA GLN L 198 32.02 -11.91 40.52
C GLN L 198 31.42 -13.32 40.43
N TYR L 199 30.32 -13.48 39.68
CA TYR L 199 29.67 -14.78 39.52
C TYR L 199 30.50 -15.75 38.66
N ARG L 200 31.12 -15.27 37.55
CA ARG L 200 31.96 -16.13 36.71
C ARG L 200 33.16 -16.61 37.53
N GLU L 201 33.83 -15.68 38.28
CA GLU L 201 35.00 -16.01 39.12
C GLU L 201 34.74 -17.11 40.14
N ALA L 202 33.47 -17.30 40.53
CA ALA L 202 33.06 -18.36 41.45
C ALA L 202 33.00 -19.77 40.78
N ASN L 203 33.39 -19.89 39.50
CA ASN L 203 33.45 -21.14 38.72
C ASN L 203 34.87 -21.31 38.13
N ARG M 1 3.81 14.23 0.07
CA ARG M 1 3.09 14.89 1.16
C ARG M 1 4.04 15.76 2.03
N PHE M 2 3.46 16.71 2.76
CA PHE M 2 4.21 17.65 3.56
C PHE M 2 4.79 17.02 4.85
N SER M 3 6.13 17.14 5.04
CA SER M 3 6.79 16.75 6.28
C SER M 3 7.13 18.05 7.01
N PRO M 4 6.76 18.13 8.32
CA PRO M 4 7.03 19.37 9.06
C PRO M 4 8.42 19.45 9.71
N TYR M 5 9.29 18.48 9.43
CA TYR M 5 10.60 18.41 10.04
C TYR M 5 11.64 18.28 9.00
N VAL M 6 12.85 18.71 9.33
CA VAL M 6 14.03 18.60 8.51
C VAL M 6 15.22 18.49 9.47
N PHE M 7 16.27 17.77 9.06
CA PHE M 7 17.44 17.57 9.91
C PHE M 7 18.46 18.65 9.53
N ASN M 8 18.85 19.50 10.48
CA ASN M 8 19.81 20.57 10.18
C ASN M 8 21.23 20.36 10.75
N GLY M 9 21.42 19.30 11.53
CA GLY M 9 22.72 18.91 12.02
C GLY M 9 23.17 19.62 13.26
N GLY M 10 24.48 19.55 13.52
CA GLY M 10 25.03 20.21 14.68
C GLY M 10 25.27 19.29 15.84
N THR M 11 26.36 19.54 16.57
CA THR M 11 26.76 18.74 17.72
C THR M 11 26.93 19.67 18.92
N ILE M 12 26.44 19.23 20.07
CA ILE M 12 26.53 19.97 21.31
C ILE M 12 27.20 19.08 22.39
N LEU M 13 27.80 19.71 23.40
CA LEU M 13 28.48 18.98 24.45
C LEU M 13 28.53 19.85 25.71
N ALA M 14 28.36 19.24 26.88
CA ALA M 14 28.45 19.97 28.13
C ALA M 14 29.22 19.17 29.15
N ILE M 15 30.05 19.87 29.93
CA ILE M 15 30.86 19.26 30.98
C ILE M 15 30.61 20.06 32.28
N ALA M 16 30.39 19.38 33.40
CA ALA M 16 30.22 20.04 34.68
C ALA M 16 31.46 19.80 35.53
N GLY M 17 32.09 20.86 35.97
CA GLY M 17 33.24 20.80 36.86
C GLY M 17 32.86 21.16 38.27
N GLU M 18 33.84 21.16 39.21
CA GLU M 18 33.57 21.53 40.61
C GLU M 18 33.00 22.93 40.74
N ASP M 19 33.50 23.87 39.96
CA ASP M 19 32.99 25.25 40.02
C ASP M 19 32.73 25.88 38.67
N PHE M 20 32.64 25.07 37.64
CA PHE M 20 32.40 25.55 36.29
C PHE M 20 31.42 24.61 35.55
N ALA M 21 31.02 25.02 34.33
CA ALA M 21 30.23 24.25 33.37
C ALA M 21 30.58 24.80 31.98
N ILE M 22 30.89 23.88 31.04
CA ILE M 22 31.18 24.23 29.67
C ILE M 22 30.04 23.72 28.80
N VAL M 23 29.59 24.52 27.86
CA VAL M 23 28.57 24.15 26.90
C VAL M 23 29.18 24.57 25.57
N ALA M 24 29.50 23.59 24.70
CA ALA M 24 30.12 23.82 23.41
C ALA M 24 29.27 23.27 22.24
N SER M 25 29.47 23.82 21.05
CA SER M 25 28.77 23.43 19.87
C SER M 25 29.56 23.80 18.65
N ASP M 26 29.28 23.15 17.51
CA ASP M 26 29.87 23.58 16.25
C ASP M 26 28.97 24.74 15.69
N THR M 27 29.36 25.38 14.56
CA THR M 27 28.58 26.49 14.03
C THR M 27 28.01 26.21 12.65
N ARG M 28 27.93 24.96 12.22
CA ARG M 28 27.42 24.64 10.89
C ARG M 28 25.88 24.38 10.92
N LEU M 29 25.16 24.93 9.94
CA LEU M 29 23.72 24.67 9.80
C LEU M 29 23.59 24.03 8.40
N SER M 30 23.12 22.78 8.31
CA SER M 30 23.05 22.08 7.02
C SER M 30 21.63 21.72 6.60
N GLU M 31 21.45 21.29 5.36
CA GLU M 31 20.19 20.74 4.88
C GLU M 31 20.52 19.86 3.70
N GLY M 32 20.22 18.59 3.83
CA GLY M 32 20.55 17.63 2.78
C GLY M 32 22.05 17.43 2.77
N PHE M 33 22.68 17.65 1.61
CA PHE M 33 24.13 17.58 1.55
C PHE M 33 24.72 19.02 1.24
N SER M 34 23.98 20.06 1.67
CA SER M 34 24.39 21.42 1.48
C SER M 34 24.45 22.20 2.81
N ILE M 35 25.20 23.32 2.84
CA ILE M 35 25.42 24.18 4.00
C ILE M 35 24.59 25.47 3.89
N HIS M 36 23.76 25.73 4.89
CA HIS M 36 22.97 26.93 4.94
C HIS M 36 23.90 28.07 5.33
N THR M 37 24.62 27.90 6.43
CA THR M 37 25.55 28.88 6.94
C THR M 37 26.64 28.18 7.75
N ARG M 38 27.81 28.78 7.75
CA ARG M 38 28.96 28.33 8.54
C ARG M 38 29.05 29.08 9.89
N ASP M 39 28.11 30.00 10.19
CA ASP M 39 28.08 30.78 11.42
C ASP M 39 26.70 30.72 12.07
N SER M 40 26.40 29.55 12.62
CA SER M 40 25.19 29.24 13.35
C SER M 40 25.57 28.50 14.64
N PRO M 41 26.12 29.21 15.64
CA PRO M 41 26.41 28.53 16.92
C PRO M 41 25.10 28.06 17.60
N LYS M 42 25.20 27.03 18.45
CA LYS M 42 24.04 26.41 19.06
C LYS M 42 23.94 26.59 20.56
N CYS M 43 24.63 27.59 21.11
CA CYS M 43 24.58 27.90 22.54
C CYS M 43 23.77 29.14 22.75
N TYR M 44 22.91 29.11 23.77
CA TYR M 44 21.99 30.19 24.08
C TYR M 44 22.08 30.53 25.55
N LYS M 45 22.52 31.75 25.89
CA LYS M 45 22.63 32.21 27.29
C LYS M 45 21.23 32.45 27.86
N LEU M 46 20.88 31.78 28.96
CA LEU M 46 19.54 31.93 29.52
C LEU M 46 19.55 32.89 30.70
N THR M 47 20.44 32.66 31.67
CA THR M 47 20.68 33.49 32.85
C THR M 47 22.20 33.64 32.97
N ASP M 48 22.67 34.43 33.94
CA ASP M 48 24.08 34.62 34.21
C ASP M 48 24.77 33.33 34.67
N LYS M 49 23.99 32.31 35.12
CA LYS M 49 24.62 31.08 35.58
C LYS M 49 24.12 29.83 34.83
N THR M 50 23.43 30.00 33.68
CA THR M 50 22.85 28.90 32.88
C THR M 50 22.84 29.19 31.37
N VAL M 51 23.39 28.23 30.60
CA VAL M 51 23.48 28.24 29.14
C VAL M 51 22.80 26.95 28.58
N ILE M 52 22.16 27.00 27.39
CA ILE M 52 21.55 25.80 26.80
C ILE M 52 22.08 25.55 25.38
N GLY M 53 22.42 24.31 25.07
CA GLY M 53 22.85 23.88 23.75
C GLY M 53 21.67 23.20 23.07
N CYS M 54 21.37 23.60 21.82
CA CYS M 54 20.23 23.09 21.06
C CYS M 54 20.64 22.60 19.70
N SER M 55 20.20 21.41 19.35
CA SER M 55 20.56 20.79 18.09
C SER M 55 19.38 20.01 17.47
N GLY M 56 19.31 19.91 16.13
CA GLY M 56 18.24 19.15 15.47
C GLY M 56 17.55 19.87 14.33
N PHE M 57 16.21 19.98 14.37
CA PHE M 57 15.46 20.71 13.36
C PHE M 57 15.52 22.16 13.81
N HIS M 58 16.15 23.06 13.01
CA HIS M 58 16.37 24.47 13.37
C HIS M 58 15.13 25.32 13.57
N GLY M 59 14.02 25.00 12.93
CA GLY M 59 12.78 25.75 13.13
C GLY M 59 12.29 25.57 14.56
N ASP M 60 12.50 24.35 15.12
CA ASP M 60 12.15 24.00 16.49
C ASP M 60 13.13 24.57 17.48
N CYS M 61 14.43 24.64 17.10
CA CYS M 61 15.49 25.24 17.92
C CYS M 61 15.19 26.69 18.12
N LEU M 62 14.81 27.41 17.05
CA LEU M 62 14.49 28.82 17.16
C LEU M 62 13.26 29.03 18.06
N THR M 63 12.19 28.29 17.77
CA THR M 63 10.95 28.39 18.52
C THR M 63 11.11 28.08 19.99
N LEU M 64 11.66 26.90 20.35
CA LEU M 64 11.81 26.46 21.72
C LEU M 64 12.68 27.44 22.51
N THR M 65 13.72 27.97 21.89
CA THR M 65 14.63 28.98 22.43
C THR M 65 13.86 30.26 22.84
N LYS M 66 12.99 30.78 21.95
CA LYS M 66 12.18 31.96 22.23
C LYS M 66 11.14 31.67 23.33
N ILE M 67 10.63 30.43 23.40
CA ILE M 67 9.69 30.04 24.44
C ILE M 67 10.37 30.04 25.80
N ILE M 68 11.61 29.54 25.87
CA ILE M 68 12.37 29.51 27.12
C ILE M 68 12.63 30.93 27.63
N GLU M 69 13.00 31.84 26.71
CA GLU M 69 13.25 33.23 27.04
C GLU M 69 12.00 33.90 27.60
N ALA M 70 10.83 33.68 26.96
CA ALA M 70 9.59 34.26 27.45
C ALA M 70 9.24 33.69 28.83
N ARG M 71 9.36 32.37 29.00
CA ARG M 71 9.10 31.73 30.28
C ARG M 71 10.02 32.22 31.42
N LEU M 72 11.32 32.50 31.15
CA LEU M 72 12.21 32.97 32.23
C LEU M 72 11.73 34.34 32.78
N LYS M 73 11.31 35.25 31.85
CA LYS M 73 10.79 36.58 32.13
C LYS M 73 9.50 36.43 32.94
N MET M 74 8.58 35.59 32.49
CA MET M 74 7.32 35.35 33.20
C MET M 74 7.55 34.93 34.66
N TYR M 75 8.53 34.04 34.89
CA TYR M 75 8.89 33.51 36.21
C TYR M 75 9.53 34.61 37.08
N LYS M 76 10.46 35.41 36.50
CA LYS M 76 11.13 36.49 37.22
C LYS M 76 10.11 37.52 37.68
N HIS M 77 9.10 37.81 36.85
CA HIS M 77 8.04 38.75 37.22
C HIS M 77 7.14 38.21 38.33
N SER M 78 6.80 36.92 38.31
CA SER M 78 5.94 36.33 39.33
C SER M 78 6.65 36.03 40.65
N ASN M 79 7.90 35.63 40.59
CA ASN M 79 8.62 35.20 41.78
C ASN M 79 9.69 36.16 42.29
N ASN M 80 9.99 37.23 41.54
CA ASN M 80 11.00 38.23 41.90
C ASN M 80 12.40 37.63 42.13
N LYS M 81 12.82 36.76 41.21
CA LYS M 81 14.11 36.09 41.22
C LYS M 81 14.26 35.35 39.90
N ALA M 82 15.51 35.12 39.49
CA ALA M 82 15.77 34.37 38.27
C ALA M 82 15.57 32.87 38.55
N MET M 83 15.26 32.09 37.48
CA MET M 83 15.11 30.65 37.57
C MET M 83 16.48 30.04 37.80
N THR M 84 16.56 29.05 38.70
CA THR M 84 17.79 28.33 38.93
C THR M 84 18.03 27.32 37.77
N THR M 85 19.26 26.77 37.66
CA THR M 85 19.55 25.80 36.59
C THR M 85 18.58 24.60 36.64
N GLY M 86 18.35 24.09 37.85
CA GLY M 86 17.46 22.97 38.10
C GLY M 86 16.03 23.25 37.72
N ALA M 87 15.55 24.44 38.10
CA ALA M 87 14.18 24.87 37.80
C ALA M 87 14.00 24.99 36.29
N ILE M 88 15.03 25.53 35.56
CA ILE M 88 14.95 25.61 34.10
C ILE M 88 14.87 24.21 33.50
N ALA M 89 15.68 23.28 34.01
CA ALA M 89 15.68 21.89 33.54
C ALA M 89 14.33 21.19 33.76
N ALA M 90 13.70 21.33 34.94
CA ALA M 90 12.40 20.74 35.23
C ALA M 90 11.30 21.35 34.36
N MET M 91 11.33 22.68 34.20
CA MET M 91 10.36 23.38 33.34
C MET M 91 10.51 22.92 31.86
N LEU M 92 11.76 22.84 31.37
CA LEU M 92 12.01 22.43 29.96
C LEU M 92 11.46 21.04 29.66
N SER M 93 11.53 20.13 30.62
CA SER M 93 10.98 18.79 30.46
C SER M 93 9.46 18.86 30.20
N THR M 94 8.76 19.76 30.90
CA THR M 94 7.32 19.92 30.74
C THR M 94 6.96 20.60 29.42
N ILE M 95 7.77 21.57 28.93
CA ILE M 95 7.54 22.22 27.63
C ILE M 95 7.74 21.19 26.52
N LEU M 96 8.81 20.35 26.62
CA LEU M 96 8.98 19.30 25.60
C LEU M 96 7.83 18.26 25.64
N TYR M 97 7.40 17.84 26.87
CA TYR M 97 6.33 16.88 27.00
C TYR M 97 4.99 17.45 26.53
N SER M 98 4.78 18.78 26.63
CA SER M 98 3.54 19.39 26.12
C SER M 98 3.33 19.06 24.62
N ARG M 99 4.42 18.73 23.89
CA ARG M 99 4.42 18.36 22.48
C ARG M 99 4.72 16.88 22.24
N ARG M 100 4.45 16.00 23.21
CA ARG M 100 4.65 14.55 23.13
C ARG M 100 4.04 13.92 21.82
N PHE M 101 2.96 14.50 21.30
CA PHE M 101 2.32 13.96 20.09
C PHE M 101 2.65 14.75 18.79
N PHE M 102 3.48 15.81 18.88
CA PHE M 102 4.01 16.55 17.73
C PHE M 102 5.32 17.12 18.27
N PRO M 103 6.32 16.25 18.50
CA PRO M 103 7.50 16.69 19.26
C PRO M 103 8.30 17.83 18.70
N TYR M 104 9.06 18.53 19.58
CA TYR M 104 10.04 19.48 19.11
C TYR M 104 11.23 18.57 18.76
N TYR M 105 11.74 18.65 17.54
CA TYR M 105 12.89 17.85 17.11
C TYR M 105 14.18 18.58 17.55
N VAL M 106 14.41 18.58 18.87
CA VAL M 106 15.53 19.27 19.49
C VAL M 106 16.17 18.39 20.58
N TYR M 107 17.52 18.27 20.52
CA TYR M 107 18.36 17.64 21.50
C TYR M 107 18.90 18.81 22.31
N ASN M 108 18.55 18.87 23.60
CA ASN M 108 18.92 19.97 24.49
C ASN M 108 19.85 19.50 25.58
N ILE M 109 20.90 20.29 25.87
CA ILE M 109 21.79 20.02 26.98
C ILE M 109 21.96 21.33 27.73
N ILE M 110 21.55 21.36 29.00
CA ILE M 110 21.68 22.54 29.82
C ILE M 110 23.00 22.45 30.61
N GLY M 111 23.73 23.55 30.69
CA GLY M 111 24.95 23.66 31.48
C GLY M 111 24.94 24.93 32.28
N GLY M 112 25.17 24.83 33.57
CA GLY M 112 25.26 25.99 34.44
C GLY M 112 25.78 25.65 35.81
N LEU M 113 25.41 26.45 36.82
CA LEU M 113 25.82 26.20 38.19
C LEU M 113 24.60 25.89 39.05
N ASP M 114 24.70 24.92 39.97
CA ASP M 114 23.62 24.66 40.93
C ASP M 114 23.63 25.76 42.07
N GLU M 115 22.69 25.68 43.04
CA GLU M 115 22.64 26.67 44.12
C GLU M 115 23.85 26.63 45.09
N GLU M 116 24.65 25.56 45.04
CA GLU M 116 25.89 25.49 45.80
C GLU M 116 27.07 26.08 44.99
N GLY M 117 26.83 26.63 43.81
CA GLY M 117 27.89 27.14 42.96
C GLY M 117 28.66 26.05 42.22
N LYS M 118 28.31 24.76 42.41
CA LYS M 118 28.97 23.65 41.70
C LYS M 118 28.43 23.57 40.28
N GLY M 119 29.18 22.96 39.37
CA GLY M 119 28.75 22.80 37.98
C GLY M 119 27.64 21.78 37.83
N ALA M 120 26.65 22.08 36.96
CA ALA M 120 25.48 21.21 36.69
C ALA M 120 25.22 21.02 35.17
N VAL M 121 25.07 19.74 34.74
CA VAL M 121 24.72 19.41 33.34
C VAL M 121 23.37 18.69 33.37
N TYR M 122 22.44 19.01 32.46
CA TYR M 122 21.12 18.35 32.39
C TYR M 122 20.81 18.02 30.94
N SER M 123 20.72 16.72 30.56
CA SER M 123 20.45 16.39 29.16
C SER M 123 19.07 15.77 28.91
N PHE M 124 18.47 16.13 27.77
CA PHE M 124 17.12 15.70 27.40
C PHE M 124 17.03 14.94 26.07
N ASP M 125 15.92 14.20 25.87
CA ASP M 125 15.56 13.64 24.58
C ASP M 125 14.42 14.54 24.01
N PRO M 126 14.05 14.46 22.72
CA PRO M 126 13.03 15.40 22.19
C PRO M 126 11.69 15.49 22.94
N VAL M 127 11.28 14.42 23.64
CA VAL M 127 9.97 14.42 24.29
C VAL M 127 10.04 14.75 25.78
N GLY M 128 11.21 15.05 26.33
CA GLY M 128 11.31 15.53 27.70
C GLY M 128 11.97 14.72 28.78
N SER M 129 12.43 13.47 28.50
CA SER M 129 13.08 12.72 29.57
C SER M 129 14.46 13.35 29.85
N TYR M 130 14.84 13.41 31.12
CA TYR M 130 16.09 14.05 31.50
C TYR M 130 16.61 13.57 32.82
N GLN M 131 17.86 13.87 33.05
CA GLN M 131 18.55 13.61 34.30
C GLN M 131 19.74 14.58 34.38
N ARG M 132 20.37 14.67 35.55
CA ARG M 132 21.59 15.48 35.69
C ARG M 132 22.77 14.57 35.38
N ASP M 133 23.76 15.10 34.64
CA ASP M 133 24.99 14.39 34.28
C ASP M 133 26.26 15.17 34.74
N SER M 134 27.41 14.49 34.78
CA SER M 134 28.68 15.18 34.96
C SER M 134 29.20 15.67 33.59
N PHE M 135 28.88 14.96 32.51
CA PHE M 135 29.22 15.32 31.13
C PHE M 135 28.26 14.62 30.16
N LYS M 136 28.07 15.20 28.97
CA LYS M 136 27.18 14.67 27.95
C LYS M 136 27.42 15.28 26.57
N ALA M 137 27.28 14.45 25.51
CA ALA M 137 27.36 14.82 24.10
C ALA M 137 25.96 14.60 23.44
N GLY M 138 25.57 15.53 22.57
CA GLY M 138 24.31 15.48 21.86
C GLY M 138 24.47 15.92 20.42
N GLY M 139 23.48 15.62 19.57
CA GLY M 139 23.56 16.01 18.16
C GLY M 139 24.17 14.97 17.26
N SER M 140 24.50 15.34 16.00
CA SER M 140 24.92 14.35 15.01
C SER M 140 26.10 13.51 15.40
N ALA M 141 27.13 14.14 15.98
CA ALA M 141 28.32 13.41 16.37
C ALA M 141 28.29 12.87 17.79
N SER M 142 27.15 12.90 18.50
CA SER M 142 27.11 12.44 19.89
C SER M 142 27.69 11.04 20.12
N ALA M 143 27.41 10.09 19.22
CA ALA M 143 27.90 8.72 19.30
C ALA M 143 29.42 8.64 19.12
N MET M 144 30.03 9.60 18.41
CA MET M 144 31.47 9.63 18.24
C MET M 144 32.08 10.17 19.53
N LEU M 145 31.63 11.35 20.01
CA LEU M 145 32.17 12.02 21.20
C LEU M 145 31.92 11.36 22.53
N GLN M 146 30.73 10.81 22.75
CA GLN M 146 30.37 10.23 24.03
C GLN M 146 31.30 9.16 24.53
N PRO M 147 31.67 8.11 23.74
CA PRO M 147 32.57 7.08 24.29
C PRO M 147 33.93 7.63 24.70
N LEU M 148 34.41 8.71 24.05
CA LEU M 148 35.66 9.32 24.51
C LEU M 148 35.48 9.97 25.87
N LEU M 149 34.38 10.72 26.05
CA LEU M 149 34.07 11.35 27.34
C LEU M 149 33.93 10.28 28.44
N ASP M 150 33.28 9.16 28.13
CA ASP M 150 33.12 8.04 29.08
C ASP M 150 34.46 7.57 29.61
N ASN M 151 35.44 7.44 28.70
CA ASN M 151 36.81 7.03 28.96
C ASN M 151 37.68 8.10 29.66
N GLN M 152 37.76 9.31 29.10
CA GLN M 152 38.63 10.38 29.56
C GLN M 152 38.07 11.21 30.73
N VAL M 153 36.73 11.34 30.84
CA VAL M 153 36.13 12.11 31.93
C VAL M 153 35.54 11.18 33.01
N GLY M 154 34.99 10.05 32.59
CA GLY M 154 34.45 9.07 33.53
C GLY M 154 35.46 8.03 33.99
N PHE M 155 36.64 7.98 33.32
CA PHE M 155 37.77 7.07 33.60
C PHE M 155 37.45 5.61 33.41
N LYS M 156 36.46 5.31 32.58
CA LYS M 156 35.99 3.95 32.35
C LYS M 156 36.96 3.14 31.53
N ASN M 157 37.05 1.85 31.88
CA ASN M 157 37.93 0.87 31.26
C ASN M 157 39.42 1.10 31.52
N MET M 158 39.75 1.90 32.54
CA MET M 158 41.12 2.18 32.94
C MET M 158 41.35 1.69 34.35
N GLN M 159 42.40 0.88 34.49
CA GLN M 159 42.85 0.23 35.72
C GLN M 159 44.10 0.94 36.21
N ASN M 160 44.24 1.06 37.55
CA ASN M 160 45.42 1.68 38.16
C ASN M 160 45.60 3.12 37.69
N VAL M 161 44.49 3.86 37.60
CA VAL M 161 44.54 5.24 37.16
C VAL M 161 44.02 6.16 38.24
N GLU M 162 44.72 7.28 38.47
CA GLU M 162 44.37 8.29 39.44
C GLU M 162 43.06 8.98 39.01
N HIS M 163 42.02 8.92 39.85
CA HIS M 163 40.73 9.54 39.54
C HIS M 163 40.69 11.04 39.87
N VAL M 164 41.71 11.77 39.40
CA VAL M 164 41.88 13.22 39.57
C VAL M 164 40.70 14.02 38.98
N PRO M 165 40.11 14.96 39.74
CA PRO M 165 38.99 15.75 39.18
C PRO M 165 39.35 16.60 37.96
N LEU M 166 38.34 16.94 37.16
CA LEU M 166 38.54 17.71 35.95
C LEU M 166 38.77 19.22 36.19
N SER M 167 39.91 19.72 35.73
CA SER M 167 40.18 21.15 35.81
C SER M 167 39.60 21.85 34.55
N LEU M 168 39.35 23.18 34.63
CA LEU M 168 38.84 23.92 33.49
C LEU M 168 39.83 23.82 32.30
N ASP M 169 41.13 23.95 32.59
CA ASP M 169 42.19 23.85 31.60
C ASP M 169 42.14 22.53 30.81
N ARG M 170 42.04 21.38 31.50
CA ARG M 170 42.01 20.08 30.83
C ARG M 170 40.70 19.85 30.10
N ALA M 171 39.58 20.30 30.68
CA ALA M 171 38.26 20.18 30.04
C ALA M 171 38.25 20.97 28.74
N MET M 172 38.82 22.20 28.71
CA MET M 172 38.88 23.04 27.50
C MET M 172 39.66 22.37 26.39
N ARG M 173 40.79 21.73 26.72
CA ARG M 173 41.64 21.00 25.78
C ARG M 173 40.90 19.79 25.20
N LEU M 174 40.13 19.09 26.05
CA LEU M 174 39.35 17.92 25.67
C LEU M 174 38.16 18.28 24.76
N VAL M 175 37.49 19.41 25.02
CA VAL M 175 36.38 19.87 24.18
C VAL M 175 36.94 20.23 22.80
N LYS M 176 38.11 20.89 22.76
CA LYS M 176 38.75 21.24 21.50
C LYS M 176 39.12 19.99 20.71
N ASP M 177 39.67 18.96 21.37
CA ASP M 177 40.07 17.75 20.67
C ASP M 177 38.91 16.96 20.14
N VAL M 178 37.87 16.75 20.94
CA VAL M 178 36.72 15.96 20.50
C VAL M 178 36.00 16.66 19.35
N PHE M 179 35.87 17.99 19.35
CA PHE M 179 35.24 18.67 18.23
C PHE M 179 36.12 18.65 16.95
N ILE M 180 37.45 18.53 17.08
CA ILE M 180 38.33 18.38 15.90
C ILE M 180 38.15 16.98 15.29
N SER M 181 37.98 15.97 16.15
CA SER M 181 37.79 14.58 15.74
C SER M 181 36.40 14.38 15.12
N ALA M 182 35.38 15.02 15.72
CA ALA M 182 34.01 14.97 15.25
C ALA M 182 33.93 15.61 13.87
N ALA M 183 34.63 16.76 13.66
CA ALA M 183 34.58 17.44 12.37
C ALA M 183 35.23 16.64 11.26
N GLU M 184 36.21 15.76 11.60
CA GLU M 184 36.92 14.89 10.66
C GLU M 184 36.04 13.75 10.14
N ARG M 185 35.08 13.30 10.94
CA ARG M 185 34.31 12.11 10.62
C ARG M 185 32.81 12.36 10.41
N ASP M 186 32.26 13.43 10.98
CA ASP M 186 30.86 13.76 10.80
C ASP M 186 30.78 14.90 9.76
N VAL M 187 30.03 14.69 8.68
CA VAL M 187 29.84 15.70 7.63
C VAL M 187 29.02 16.88 8.12
N TYR M 188 28.23 16.71 9.19
CA TYR M 188 27.35 17.76 9.72
C TYR M 188 28.01 18.67 10.74
N THR M 189 29.16 18.27 11.29
CA THR M 189 29.94 18.99 12.29
C THR M 189 31.13 19.62 11.56
N GLY M 190 31.40 20.89 11.83
CA GLY M 190 32.47 21.60 11.16
C GLY M 190 32.32 23.11 11.24
N ASP M 191 33.20 23.81 10.52
CA ASP M 191 33.34 25.26 10.37
C ASP M 191 33.93 25.94 11.61
N ALA M 192 33.27 25.87 12.78
CA ALA M 192 33.84 26.50 13.99
C ALA M 192 33.26 25.87 15.25
N LEU M 193 33.92 26.05 16.42
CA LEU M 193 33.49 25.53 17.70
C LEU M 193 33.34 26.71 18.64
N ARG M 194 32.09 26.92 19.14
CA ARG M 194 31.77 27.95 20.10
C ARG M 194 31.78 27.28 21.49
N ILE M 195 32.60 27.78 22.42
CA ILE M 195 32.66 27.22 23.77
C ILE M 195 32.14 28.25 24.76
N CYS M 196 31.19 27.89 25.63
CA CYS M 196 30.65 28.80 26.66
C CYS M 196 31.08 28.30 28.01
N ILE M 197 31.75 29.14 28.81
CA ILE M 197 32.21 28.75 30.14
C ILE M 197 31.43 29.53 31.18
N VAL M 198 30.76 28.82 32.09
CA VAL M 198 29.99 29.45 33.16
C VAL M 198 30.74 29.26 34.47
N THR M 199 31.02 30.34 35.20
CA THR M 199 31.67 30.34 36.53
C THR M 199 30.93 31.36 37.43
N LYS M 200 31.35 31.53 38.71
CA LYS M 200 30.74 32.57 39.57
C LYS M 200 30.91 33.97 38.97
N GLU M 201 32.02 34.18 38.25
CA GLU M 201 32.36 35.43 37.60
C GLU M 201 31.46 35.78 36.41
N GLY M 202 30.84 34.78 35.79
CA GLY M 202 29.94 34.96 34.67
C GLY M 202 30.19 34.01 33.52
N ILE M 203 29.81 34.44 32.30
CA ILE M 203 29.94 33.62 31.10
C ILE M 203 30.96 34.13 30.08
N ARG M 204 32.02 33.35 29.82
CA ARG M 204 33.02 33.65 28.80
C ARG M 204 32.70 32.81 27.53
N GLU M 205 33.08 33.31 26.36
CA GLU M 205 32.91 32.62 25.10
C GLU M 205 34.23 32.57 24.35
N GLU M 206 34.51 31.42 23.72
CA GLU M 206 35.65 31.25 22.84
C GLU M 206 35.13 30.69 21.51
N THR M 207 35.83 30.98 20.42
CA THR M 207 35.50 30.44 19.11
C THR M 207 36.78 29.91 18.52
N VAL M 208 36.80 28.64 18.14
CA VAL M 208 37.98 28.02 17.57
C VAL M 208 37.61 27.43 16.20
N SER M 209 38.49 27.56 15.22
CA SER M 209 38.21 27.06 13.88
C SER M 209 38.14 25.54 13.79
N LEU M 210 37.22 25.05 12.94
CA LEU M 210 37.03 23.65 12.60
C LEU M 210 37.09 23.51 11.07
N ARG M 211 37.32 22.30 10.58
CA ARG M 211 37.38 21.95 9.15
C ARG M 211 36.18 22.55 8.35
N LYS M 212 36.45 23.18 7.19
CA LYS M 212 35.41 23.84 6.37
C LYS M 212 34.73 22.92 5.36
N ASP M 213 35.37 21.81 4.96
CA ASP M 213 34.73 20.87 4.05
C ASP M 213 33.67 19.98 4.81
N THR N 1 -1.07 25.27 2.03
CA THR N 1 -0.90 24.59 0.76
C THR N 1 -0.20 23.26 0.96
N GLN N 2 -0.81 22.20 0.47
CA GLN N 2 -0.22 20.85 0.53
C GLN N 2 0.52 20.54 -0.80
N ASN N 3 0.09 21.16 -1.89
CA ASN N 3 0.67 20.93 -3.20
C ASN N 3 0.78 22.28 -3.89
N PRO N 4 2.02 22.80 -4.05
CA PRO N 4 2.18 24.10 -4.75
C PRO N 4 1.69 24.04 -6.21
N MET N 5 1.29 25.17 -6.77
CA MET N 5 0.76 25.22 -8.13
C MET N 5 1.70 26.00 -9.03
N VAL N 6 1.56 27.34 -9.13
CA VAL N 6 2.45 28.17 -9.92
C VAL N 6 3.60 28.50 -8.99
N THR N 7 4.79 28.08 -9.35
CA THR N 7 5.96 28.25 -8.47
C THR N 7 7.06 29.06 -9.11
N GLY N 8 7.87 29.68 -8.28
CA GLY N 8 9.02 30.46 -8.69
C GLY N 8 10.28 29.77 -8.24
N THR N 9 11.37 29.95 -8.98
CA THR N 9 12.64 29.27 -8.67
C THR N 9 13.56 30.16 -7.77
N SER N 10 14.89 29.90 -7.71
CA SER N 10 15.90 30.59 -6.93
C SER N 10 15.71 32.12 -6.76
N VAL N 11 16.05 32.60 -5.57
CA VAL N 11 16.13 34.00 -5.22
C VAL N 11 17.56 34.18 -4.67
N LEU N 12 18.32 35.13 -5.20
CA LEU N 12 19.70 35.38 -4.75
C LEU N 12 19.76 36.58 -3.87
N GLY N 13 20.85 36.73 -3.15
CA GLY N 13 21.06 37.89 -2.29
C GLY N 13 22.47 37.97 -1.79
N VAL N 14 23.03 39.17 -1.79
CA VAL N 14 24.40 39.37 -1.31
C VAL N 14 24.55 40.74 -0.69
N LYS N 15 25.19 40.80 0.48
CA LYS N 15 25.49 42.07 1.17
C LYS N 15 26.70 42.71 0.49
N PHE N 16 26.66 44.03 0.40
CA PHE N 16 27.77 44.82 -0.10
C PHE N 16 28.00 46.00 0.87
N GLU N 17 29.09 46.76 0.68
CA GLU N 17 29.40 47.90 1.52
C GLU N 17 28.34 48.98 1.26
N GLY N 18 27.38 49.11 2.18
CA GLY N 18 26.35 50.14 2.03
C GLY N 18 24.96 49.65 1.68
N GLY N 19 24.77 48.33 1.58
CA GLY N 19 23.44 47.79 1.30
C GLY N 19 23.39 46.34 0.94
N VAL N 20 22.24 45.92 0.42
CA VAL N 20 22.02 44.53 -0.01
C VAL N 20 21.40 44.52 -1.42
N VAL N 21 21.73 43.50 -2.22
CA VAL N 21 21.11 43.32 -3.52
C VAL N 21 20.47 41.93 -3.61
N ILE N 22 19.22 41.85 -4.07
CA ILE N 22 18.57 40.57 -4.28
C ILE N 22 18.16 40.46 -5.75
N ALA N 23 18.09 39.23 -6.28
CA ALA N 23 17.74 38.99 -7.68
C ALA N 23 16.80 37.81 -7.77
N ALA N 24 15.88 37.84 -8.73
CA ALA N 24 14.90 36.77 -8.92
C ALA N 24 14.32 36.87 -10.30
N ASP N 25 14.18 35.73 -11.02
CA ASP N 25 13.58 35.78 -12.36
C ASP N 25 12.06 36.05 -12.27
N MET N 26 11.47 36.39 -13.41
CA MET N 26 10.08 36.77 -13.46
C MET N 26 9.20 35.67 -13.97
N LEU N 27 9.54 34.41 -13.64
CA LEU N 27 8.80 33.24 -14.08
C LEU N 27 7.95 32.58 -12.98
N GLY N 28 6.73 32.22 -13.37
CA GLY N 28 5.78 31.42 -12.61
C GLY N 28 5.54 30.16 -13.42
N SER N 29 6.14 29.02 -13.02
CA SER N 29 6.00 27.77 -13.76
C SER N 29 4.83 26.94 -13.20
N TYR N 30 4.15 26.21 -14.08
CA TYR N 30 3.08 25.32 -13.69
C TYR N 30 3.63 23.93 -14.06
N GLY N 31 4.41 23.36 -13.17
CA GLY N 31 5.13 22.13 -13.46
C GLY N 31 6.30 22.53 -14.32
N SER N 32 6.36 21.99 -15.52
CA SER N 32 7.41 22.34 -16.48
C SER N 32 6.99 23.50 -17.39
N LEU N 33 5.68 23.77 -17.52
CA LEU N 33 5.20 24.85 -18.36
C LEU N 33 5.63 26.20 -17.81
N ALA N 34 6.31 27.02 -18.62
CA ALA N 34 6.63 28.38 -18.24
C ALA N 34 5.32 29.16 -18.48
N ARG N 35 4.35 29.06 -17.54
CA ARG N 35 3.01 29.61 -17.71
C ARG N 35 2.96 31.14 -17.65
N PHE N 36 3.65 31.76 -16.70
CA PHE N 36 3.66 33.24 -16.60
C PHE N 36 5.09 33.69 -16.65
N ARG N 37 5.53 34.27 -17.77
CA ARG N 37 6.92 34.68 -17.91
C ARG N 37 7.19 36.13 -17.61
N ASN N 38 6.25 36.82 -16.93
CA ASN N 38 6.35 38.24 -16.63
C ASN N 38 5.75 38.66 -15.27
N ILE N 39 5.95 37.85 -14.21
CA ILE N 39 5.44 38.18 -12.88
C ILE N 39 6.58 38.56 -11.95
N SER N 40 6.38 39.56 -11.10
CA SER N 40 7.45 39.96 -10.16
C SER N 40 7.43 39.13 -8.89
N ARG N 41 8.54 38.49 -8.57
CA ARG N 41 8.65 37.72 -7.33
C ARG N 41 9.38 38.53 -6.22
N ILE N 42 9.57 39.86 -6.43
CA ILE N 42 10.21 40.73 -5.47
C ILE N 42 9.19 41.76 -4.95
N MET N 43 9.35 42.16 -3.70
CA MET N 43 8.44 43.02 -3.00
C MET N 43 9.21 44.07 -2.18
N ARG N 44 8.82 45.36 -2.28
CA ARG N 44 9.39 46.36 -1.39
C ARG N 44 8.51 46.31 -0.13
N VAL N 45 9.10 46.02 1.05
CA VAL N 45 8.31 45.91 2.28
C VAL N 45 8.07 47.33 2.83
N ASN N 46 9.18 48.03 3.14
CA ASN N 46 9.24 49.40 3.59
C ASN N 46 10.52 50.03 3.02
N ASN N 47 10.92 51.20 3.50
CA ASN N 47 12.12 51.88 3.02
C ASN N 47 13.44 51.17 3.32
N SER N 48 13.42 50.26 4.29
CA SER N 48 14.58 49.50 4.75
C SER N 48 14.58 48.06 4.32
N THR N 49 13.43 47.52 3.92
CA THR N 49 13.30 46.10 3.70
C THR N 49 12.73 45.74 2.33
N MET N 50 13.26 44.66 1.74
CA MET N 50 12.81 44.08 0.49
C MET N 50 12.76 42.57 0.63
N LEU N 51 11.87 41.92 -0.10
CA LEU N 51 11.68 40.48 0.01
C LEU N 51 11.53 39.82 -1.35
N GLY N 52 12.19 38.70 -1.54
CA GLY N 52 12.03 37.88 -2.75
C GLY N 52 11.55 36.50 -2.34
N ALA N 53 10.68 35.86 -3.16
CA ALA N 53 10.18 34.54 -2.81
C ALA N 53 10.24 33.45 -3.88
N SER N 54 10.78 32.30 -3.48
CA SER N 54 10.73 31.06 -4.24
C SER N 54 9.43 30.33 -3.80
N GLY N 55 9.04 29.26 -4.49
CA GLY N 55 7.86 28.49 -4.12
C GLY N 55 6.56 29.01 -4.71
N ASP N 56 5.43 28.61 -4.13
CA ASP N 56 4.08 28.95 -4.57
C ASP N 56 3.78 30.46 -4.67
N TYR N 57 3.45 30.94 -5.88
CA TYR N 57 3.20 32.37 -6.11
C TYR N 57 1.97 32.90 -5.41
N ALA N 58 0.87 32.12 -5.34
CA ALA N 58 -0.37 32.54 -4.66
C ALA N 58 -0.13 32.74 -3.18
N ASP N 59 0.75 31.93 -2.57
CA ASP N 59 1.12 32.05 -1.16
C ASP N 59 1.97 33.31 -0.94
N PHE N 60 2.86 33.63 -1.91
CA PHE N 60 3.69 34.82 -1.86
C PHE N 60 2.79 36.05 -1.97
N GLN N 61 1.80 36.02 -2.88
CA GLN N 61 0.88 37.14 -3.02
C GLN N 61 0.04 37.38 -1.77
N TYR N 62 -0.27 36.30 -1.02
CA TYR N 62 -0.99 36.41 0.24
C TYR N 62 -0.09 37.08 1.27
N LEU N 63 1.17 36.63 1.42
CA LEU N 63 2.15 37.21 2.34
C LEU N 63 2.41 38.68 2.02
N LYS N 64 2.46 39.04 0.72
CA LYS N 64 2.63 40.39 0.19
C LYS N 64 1.48 41.26 0.73
N GLN N 65 0.24 40.74 0.73
CA GLN N 65 -0.93 41.48 1.22
C GLN N 65 -0.83 41.71 2.73
N VAL N 66 -0.56 40.65 3.49
CA VAL N 66 -0.47 40.69 4.94
C VAL N 66 0.67 41.61 5.38
N LEU N 67 1.82 41.54 4.69
CA LEU N 67 2.98 42.37 4.99
C LEU N 67 2.70 43.83 4.63
N GLY N 68 2.15 44.05 3.44
CA GLY N 68 1.80 45.38 2.98
C GLY N 68 0.83 46.08 3.91
N GLN N 69 -0.20 45.36 4.39
CA GLN N 69 -1.17 45.93 5.32
C GLN N 69 -0.54 46.24 6.67
N MET N 70 0.39 45.40 7.15
CA MET N 70 1.09 45.69 8.42
C MET N 70 1.88 47.02 8.33
N VAL N 71 2.48 47.26 7.17
CA VAL N 71 3.27 48.46 6.94
C VAL N 71 2.35 49.70 6.88
N ILE N 72 1.16 49.57 6.29
CA ILE N 72 0.18 50.64 6.21
C ILE N 72 -0.29 50.98 7.62
N ASP N 73 -0.60 49.95 8.44
CA ASP N 73 -1.04 50.11 9.81
C ASP N 73 -0.03 50.88 10.64
N GLU N 74 1.25 50.54 10.49
CA GLU N 74 2.33 51.17 11.23
C GLU N 74 2.48 52.60 10.83
N GLU N 75 2.42 52.88 9.50
CA GLU N 75 2.57 54.21 8.96
C GLU N 75 1.41 55.16 9.35
N LEU N 76 0.25 54.61 9.75
CA LEU N 76 -0.88 55.41 10.22
C LEU N 76 -0.56 56.05 11.58
N LEU N 77 0.26 55.39 12.40
CA LEU N 77 0.62 55.90 13.71
C LEU N 77 1.57 57.10 13.60
N GLY N 78 2.53 57.01 12.67
CA GLY N 78 3.56 58.04 12.46
C GLY N 78 4.23 58.46 13.75
N ASP N 79 4.69 57.47 14.52
CA ASP N 79 5.25 57.69 15.85
C ASP N 79 6.76 57.56 15.98
N GLY N 80 7.48 57.64 14.87
CA GLY N 80 8.93 57.53 14.93
C GLY N 80 9.47 56.12 15.02
N HIS N 81 8.59 55.12 15.08
CA HIS N 81 9.00 53.72 15.11
C HIS N 81 8.61 53.04 13.83
N SER N 82 9.48 52.23 13.30
CA SER N 82 9.19 51.47 12.08
C SER N 82 9.89 50.10 12.12
N TYR N 83 9.27 49.10 11.49
CA TYR N 83 9.82 47.75 11.43
C TYR N 83 11.20 47.73 10.78
N SER N 84 12.18 47.20 11.50
CA SER N 84 13.54 47.03 10.99
C SER N 84 13.52 45.81 10.04
N PRO N 85 14.51 45.68 9.13
CA PRO N 85 14.59 44.45 8.31
C PRO N 85 14.58 43.18 9.19
N ARG N 86 15.31 43.25 10.33
CA ARG N 86 15.45 42.17 11.28
C ARG N 86 14.13 41.76 11.95
N ALA N 87 13.21 42.74 12.21
CA ALA N 87 11.88 42.52 12.80
C ALA N 87 10.94 41.89 11.78
N ILE N 88 11.04 42.32 10.51
CA ILE N 88 10.23 41.70 9.44
C ILE N 88 10.66 40.24 9.27
N HIS N 89 11.98 39.99 9.31
CA HIS N 89 12.54 38.66 9.19
C HIS N 89 12.04 37.78 10.35
N SER N 90 12.07 38.33 11.56
CA SER N 90 11.60 37.69 12.77
C SER N 90 10.10 37.33 12.67
N TRP N 91 9.27 38.28 12.19
CA TRP N 91 7.84 38.08 12.04
C TRP N 91 7.58 36.93 11.07
N LEU N 92 8.26 36.97 9.93
CA LEU N 92 8.12 35.97 8.88
C LEU N 92 8.52 34.53 9.34
N THR N 93 9.48 34.41 10.26
CA THR N 93 9.86 33.11 10.82
C THR N 93 8.70 32.54 11.63
N ARG N 94 8.10 33.37 12.52
CA ARG N 94 6.96 33.02 13.36
C ARG N 94 5.76 32.68 12.51
N ALA N 95 5.52 33.46 11.43
CA ALA N 95 4.41 33.25 10.52
C ALA N 95 4.58 31.90 9.81
N MET N 96 5.78 31.61 9.27
CA MET N 96 6.04 30.33 8.59
C MET N 96 5.97 29.13 9.55
N TYR N 97 6.57 29.24 10.72
CA TYR N 97 6.56 28.17 11.72
C TYR N 97 5.16 27.88 12.21
N SER N 98 4.33 28.90 12.37
CA SER N 98 2.96 28.75 12.84
C SER N 98 2.13 27.95 11.84
N ARG N 99 2.26 28.27 10.55
CA ARG N 99 1.57 27.60 9.47
C ARG N 99 2.12 26.18 9.33
N ARG N 100 3.45 26.01 9.44
CA ARG N 100 4.05 24.67 9.40
C ARG N 100 3.46 23.78 10.54
N SER N 101 3.32 24.37 11.76
CA SER N 101 2.79 23.68 12.93
C SER N 101 1.29 23.37 12.86
N LYS N 102 0.58 24.08 12.01
CA LYS N 102 -0.81 23.77 11.71
C LYS N 102 -0.89 22.74 10.55
N MET N 103 0.26 22.18 10.08
CA MET N 103 0.33 21.23 8.96
C MET N 103 -0.29 21.82 7.70
N ASN N 104 -0.26 23.16 7.55
CA ASN N 104 -0.81 23.88 6.41
C ASN N 104 0.24 24.94 6.09
N PRO N 105 1.36 24.56 5.46
CA PRO N 105 2.42 25.54 5.25
C PRO N 105 2.07 26.60 4.20
N LEU N 106 2.85 27.70 4.23
CA LEU N 106 2.83 28.68 3.16
C LEU N 106 4.03 28.18 2.36
N TRP N 107 3.81 27.63 1.17
CA TRP N 107 4.85 26.96 0.40
C TRP N 107 5.90 27.89 -0.23
N ASN N 108 6.76 28.53 0.57
CA ASN N 108 7.77 29.46 0.05
C ASN N 108 9.09 29.39 0.82
N THR N 109 10.15 29.91 0.17
CA THR N 109 11.47 30.10 0.74
C THR N 109 11.78 31.52 0.38
N MET N 110 12.11 32.36 1.36
CA MET N 110 12.30 33.77 1.10
C MET N 110 13.62 34.34 1.55
N VAL N 111 14.00 35.44 0.91
CA VAL N 111 15.23 36.17 1.16
C VAL N 111 14.81 37.59 1.50
N ILE N 112 15.15 38.05 2.70
CA ILE N 112 14.86 39.40 3.14
C ILE N 112 16.16 40.17 3.16
N GLY N 113 16.21 41.25 2.37
CA GLY N 113 17.35 42.16 2.29
C GLY N 113 16.99 43.47 2.96
N GLY N 114 17.92 44.04 3.70
CA GLY N 114 17.68 45.29 4.39
C GLY N 114 18.86 46.19 4.66
N TYR N 115 18.57 47.46 4.97
CA TYR N 115 19.60 48.42 5.32
C TYR N 115 19.08 49.33 6.36
N ALA N 116 19.61 49.23 7.57
CA ALA N 116 19.16 50.06 8.67
C ALA N 116 20.29 50.30 9.62
N ASP N 117 20.39 51.55 10.14
CA ASP N 117 21.40 52.01 11.09
C ASP N 117 22.84 51.68 10.66
N GLY N 118 23.11 51.86 9.38
CA GLY N 118 24.44 51.58 8.84
C GLY N 118 24.81 50.12 8.64
N GLU N 119 23.87 49.18 8.93
CA GLU N 119 24.18 47.76 8.77
C GLU N 119 23.37 47.06 7.67
N SER N 120 24.03 46.17 6.91
CA SER N 120 23.40 45.39 5.86
C SER N 120 22.74 44.14 6.47
N PHE N 121 21.51 43.84 6.06
CA PHE N 121 20.79 42.67 6.58
C PHE N 121 20.44 41.71 5.46
N LEU N 122 20.69 40.41 5.67
CA LEU N 122 20.34 39.38 4.69
C LEU N 122 19.88 38.16 5.47
N GLY N 123 18.63 37.78 5.31
CA GLY N 123 18.05 36.68 6.06
C GLY N 123 17.21 35.72 5.24
N TYR N 124 17.22 34.44 5.62
CA TYR N 124 16.49 33.38 4.94
C TYR N 124 15.38 32.88 5.83
N VAL N 125 14.22 32.52 5.25
CA VAL N 125 13.13 31.86 5.98
C VAL N 125 12.55 30.82 5.04
N ASP N 126 12.34 29.56 5.51
CA ASP N 126 11.70 28.55 4.68
C ASP N 126 10.30 28.19 5.25
N MET N 127 9.55 27.35 4.53
CA MET N 127 8.19 26.99 4.90
C MET N 127 8.06 26.25 6.22
N LEU N 128 9.18 25.83 6.83
CA LEU N 128 9.18 25.11 8.11
C LEU N 128 9.57 26.02 9.29
N GLY N 129 9.91 27.26 9.03
CA GLY N 129 10.34 28.21 10.04
C GLY N 129 11.84 28.20 10.24
N VAL N 130 12.63 27.60 9.29
CA VAL N 130 14.09 27.59 9.39
C VAL N 130 14.56 28.95 8.93
N ALA N 131 15.20 29.69 9.84
CA ALA N 131 15.68 31.04 9.54
C ALA N 131 17.10 31.25 10.02
N TYR N 132 17.84 32.16 9.36
CA TYR N 132 19.22 32.52 9.70
C TYR N 132 19.72 33.71 8.83
N GLU N 133 20.90 34.26 9.21
CA GLU N 133 21.54 35.34 8.47
C GLU N 133 22.83 34.83 7.87
N ALA N 134 23.21 35.41 6.74
CA ALA N 134 24.45 35.05 6.08
C ALA N 134 24.91 36.21 5.17
N PRO N 135 26.19 36.23 4.75
CA PRO N 135 26.65 37.31 3.85
C PRO N 135 26.10 37.16 2.42
N SER N 136 25.64 35.94 2.06
CA SER N 136 25.06 35.62 0.77
C SER N 136 23.99 34.52 0.94
N LEU N 137 22.96 34.56 0.10
CA LEU N 137 21.89 33.58 0.14
C LEU N 137 21.50 33.19 -1.28
N ALA N 138 21.03 31.98 -1.44
CA ALA N 138 20.54 31.49 -2.70
C ALA N 138 19.50 30.40 -2.41
N THR N 139 18.24 30.62 -2.76
CA THR N 139 17.20 29.62 -2.50
C THR N 139 17.03 28.63 -3.67
N GLY N 140 16.33 27.53 -3.42
CA GLY N 140 16.05 26.52 -4.41
C GLY N 140 17.29 25.91 -5.00
N TYR N 141 17.30 25.78 -6.32
CA TYR N 141 18.40 25.20 -7.08
C TYR N 141 19.65 26.11 -7.08
N GLY N 142 19.46 27.41 -6.84
CA GLY N 142 20.53 28.38 -6.70
C GLY N 142 21.42 28.08 -5.51
N ALA N 143 20.93 27.34 -4.49
CA ALA N 143 21.77 26.93 -3.37
C ALA N 143 22.91 26.00 -3.85
N TYR N 144 22.75 25.37 -5.04
CA TYR N 144 23.70 24.43 -5.59
C TYR N 144 24.56 25.06 -6.66
N LEU N 145 24.04 26.06 -7.39
CA LEU N 145 24.80 26.68 -8.47
C LEU N 145 25.36 28.05 -8.11
N ALA N 146 24.49 28.96 -7.66
CA ALA N 146 24.85 30.33 -7.36
C ALA N 146 25.66 30.50 -6.10
N GLN N 147 25.25 29.81 -5.02
CA GLN N 147 25.91 29.97 -3.73
C GLN N 147 27.40 29.60 -3.78
N PRO N 148 27.84 28.52 -4.45
CA PRO N 148 29.29 28.28 -4.58
C PRO N 148 30.06 29.46 -5.20
N LEU N 149 29.46 30.14 -6.20
CA LEU N 149 30.05 31.31 -6.87
C LEU N 149 30.10 32.54 -5.94
N LEU N 150 28.99 32.82 -5.21
CA LEU N 150 28.90 33.92 -4.27
C LEU N 150 29.93 33.76 -3.15
N ARG N 151 30.08 32.53 -2.64
CA ARG N 151 31.01 32.21 -1.56
C ARG N 151 32.50 32.25 -2.01
N GLU N 152 32.76 31.88 -3.25
CA GLU N 152 34.09 31.86 -3.83
C GLU N 152 34.66 33.28 -3.87
N VAL N 153 33.83 34.25 -4.26
CA VAL N 153 34.20 35.66 -4.34
C VAL N 153 34.28 36.24 -2.95
N LEU N 154 33.31 35.93 -2.08
CA LEU N 154 33.32 36.45 -0.71
C LEU N 154 34.48 35.91 0.15
N GLU N 155 35.07 34.79 -0.25
CA GLU N 155 36.23 34.25 0.45
C GLU N 155 37.46 35.16 0.15
N LYS N 156 37.70 35.47 -1.13
CA LYS N 156 38.77 36.32 -1.58
C LYS N 156 38.57 37.77 -1.10
N GLN N 157 37.35 38.30 -1.27
CA GLN N 157 37.03 39.67 -0.89
C GLN N 157 35.74 39.74 -0.09
N PRO N 158 35.84 39.64 1.26
CA PRO N 158 34.63 39.65 2.11
C PRO N 158 33.72 40.87 1.94
N VAL N 159 34.31 42.05 1.69
CA VAL N 159 33.49 43.25 1.50
C VAL N 159 33.60 43.71 0.04
N LEU N 160 32.47 43.63 -0.68
CA LEU N 160 32.32 44.05 -2.06
C LEU N 160 31.68 45.45 -2.15
N SER N 161 31.91 46.14 -3.25
CA SER N 161 31.26 47.42 -3.50
C SER N 161 29.88 47.13 -4.11
N GLN N 162 29.01 48.16 -4.25
CA GLN N 162 27.71 47.96 -4.88
C GLN N 162 27.87 47.48 -6.32
N THR N 163 28.92 47.93 -7.02
CA THR N 163 29.17 47.49 -8.40
C THR N 163 29.71 46.07 -8.41
N GLU N 164 30.66 45.73 -7.51
CA GLU N 164 31.24 44.38 -7.42
C GLU N 164 30.17 43.32 -7.15
N ALA N 165 29.23 43.61 -6.23
CA ALA N 165 28.12 42.74 -5.88
C ALA N 165 27.17 42.62 -7.07
N ARG N 166 26.88 43.71 -7.76
CA ARG N 166 25.99 43.68 -8.90
C ARG N 166 26.47 42.83 -10.05
N ASP N 167 27.76 42.93 -10.40
CA ASP N 167 28.34 42.12 -11.48
C ASP N 167 28.32 40.65 -11.10
N LEU N 168 28.65 40.35 -9.83
CA LEU N 168 28.64 39.02 -9.25
C LEU N 168 27.23 38.40 -9.38
N VAL N 169 26.18 39.13 -9.00
CA VAL N 169 24.80 38.68 -9.10
C VAL N 169 24.38 38.42 -10.56
N GLU N 170 24.77 39.30 -11.49
CA GLU N 170 24.47 39.15 -12.90
C GLU N 170 25.12 37.90 -13.51
N ARG N 171 26.33 37.56 -13.05
CA ARG N 171 27.03 36.35 -13.50
C ARG N 171 26.27 35.14 -13.02
N CYS N 172 25.74 35.16 -11.77
CA CYS N 172 24.97 34.07 -11.16
C CYS N 172 23.67 33.84 -11.90
N MET N 173 22.98 34.92 -12.30
CA MET N 173 21.72 34.78 -13.04
C MET N 173 21.95 34.12 -14.39
N ARG N 174 23.14 34.32 -14.99
CA ARG N 174 23.52 33.70 -16.27
C ARG N 174 23.75 32.22 -16.07
N VAL N 175 24.48 31.83 -15.01
CA VAL N 175 24.72 30.42 -14.72
C VAL N 175 23.41 29.71 -14.40
N LEU N 176 22.49 30.40 -13.70
CA LEU N 176 21.19 29.82 -13.37
C LEU N 176 20.31 29.65 -14.61
N TYR N 177 20.37 30.57 -15.56
CA TYR N 177 19.61 30.46 -16.81
C TYR N 177 20.08 29.27 -17.63
N TYR N 178 21.39 29.02 -17.64
CA TYR N 178 21.98 27.89 -18.36
C TYR N 178 21.67 26.53 -17.72
N ARG N 179 21.69 26.43 -16.36
CA ARG N 179 21.61 25.14 -15.71
C ARG N 179 20.30 24.78 -15.01
N ASP N 180 19.43 25.74 -14.76
CA ASP N 180 18.16 25.48 -14.09
C ASP N 180 17.08 25.40 -15.16
N ALA N 181 16.47 24.24 -15.33
CA ALA N 181 15.40 24.03 -16.29
C ALA N 181 14.08 24.71 -15.92
N ARG N 182 13.98 25.31 -14.73
CA ARG N 182 12.76 26.01 -14.30
C ARG N 182 12.97 27.53 -14.18
N SER N 183 13.93 28.07 -14.95
CA SER N 183 14.28 29.47 -14.98
C SER N 183 13.87 30.15 -16.29
N TYR N 184 14.04 31.47 -16.40
CA TYR N 184 13.72 32.21 -17.60
C TYR N 184 14.66 33.40 -17.74
N ASN N 185 15.00 33.77 -19.00
CA ASN N 185 15.88 34.92 -19.22
C ASN N 185 15.17 36.27 -19.09
N ARG N 186 14.51 36.50 -17.96
CA ARG N 186 13.86 37.76 -17.64
C ARG N 186 13.89 37.84 -16.13
N PHE N 187 14.61 38.82 -15.57
CA PHE N 187 14.72 38.92 -14.12
C PHE N 187 14.75 40.33 -13.58
N GLN N 188 14.60 40.46 -12.26
CA GLN N 188 14.71 41.76 -11.60
C GLN N 188 15.90 41.75 -10.64
N ILE N 189 16.44 42.92 -10.38
CA ILE N 189 17.52 43.12 -9.42
C ILE N 189 17.01 44.23 -8.52
N ALA N 190 16.86 43.96 -7.22
CA ALA N 190 16.39 44.97 -6.27
C ALA N 190 17.53 45.34 -5.32
N THR N 191 17.73 46.64 -5.07
CA THR N 191 18.80 47.10 -4.20
C THR N 191 18.27 47.95 -3.04
N VAL N 192 18.80 47.75 -1.84
CA VAL N 192 18.40 48.53 -0.68
C VAL N 192 19.67 49.20 -0.13
N THR N 193 19.61 50.54 0.05
CA THR N 193 20.71 51.39 0.52
C THR N 193 20.12 52.47 1.48
N GLU N 194 20.93 53.46 1.94
CA GLU N 194 20.45 54.57 2.76
C GLU N 194 19.32 55.35 2.02
N LYS N 195 19.41 55.44 0.68
CA LYS N 195 18.42 56.08 -0.20
C LYS N 195 17.05 55.35 -0.24
N GLY N 196 17.02 54.06 0.08
CA GLY N 196 15.79 53.27 0.07
C GLY N 196 15.86 52.01 -0.78
N VAL N 197 14.68 51.48 -1.19
CA VAL N 197 14.56 50.26 -2.01
C VAL N 197 14.27 50.57 -3.49
N GLU N 198 15.15 50.11 -4.41
CA GLU N 198 14.96 50.29 -5.85
C GLU N 198 14.84 48.95 -6.54
N ILE N 199 13.76 48.71 -7.29
CA ILE N 199 13.61 47.47 -8.05
C ILE N 199 13.80 47.72 -9.55
N GLU N 200 14.83 47.13 -10.16
CA GLU N 200 15.09 47.30 -11.59
C GLU N 200 14.71 46.10 -12.43
N GLY N 201 14.14 46.35 -13.59
CA GLY N 201 13.77 45.29 -14.51
C GLY N 201 12.82 45.73 -15.60
N PRO N 202 12.51 44.84 -16.58
CA PRO N 202 12.99 43.46 -16.75
C PRO N 202 14.40 43.42 -17.36
N LEU N 203 15.28 42.61 -16.78
CA LEU N 203 16.65 42.45 -17.21
C LEU N 203 16.87 41.11 -17.92
N SER N 204 17.94 41.01 -18.69
CA SER N 204 18.28 39.80 -19.42
C SER N 204 19.79 39.64 -19.43
N THR N 205 20.28 38.39 -19.48
CA THR N 205 21.71 38.14 -19.59
C THR N 205 22.09 37.82 -21.05
N GLU N 206 23.28 38.27 -21.46
CA GLU N 206 23.79 38.00 -22.80
C GLU N 206 24.27 36.58 -22.81
N THR N 207 23.59 35.66 -23.52
CA THR N 207 24.00 34.26 -23.54
C THR N 207 25.02 33.97 -24.63
N ASN N 208 25.81 32.91 -24.44
CA ASN N 208 26.79 32.46 -25.41
C ASN N 208 26.57 30.98 -25.64
N TRP N 209 26.50 30.59 -26.92
CA TRP N 209 26.22 29.20 -27.28
C TRP N 209 27.28 28.61 -28.19
N ASP N 210 28.52 29.14 -28.15
CA ASP N 210 29.61 28.70 -29.02
C ASP N 210 30.08 27.26 -28.76
N ILE N 211 29.77 26.71 -27.57
CA ILE N 211 30.11 25.32 -27.26
C ILE N 211 29.34 24.33 -28.13
N ALA N 212 28.22 24.77 -28.78
CA ALA N 212 27.45 23.94 -29.72
C ALA N 212 28.31 23.42 -30.89
N HIS N 213 29.53 24.00 -31.10
CA HIS N 213 30.47 23.60 -32.13
C HIS N 213 31.75 22.95 -31.54
N MET N 214 31.65 22.26 -30.38
CA MET N 214 32.83 21.64 -29.75
C MET N 214 32.67 20.12 -29.47
N GLY O 1 55.98 -38.38 -47.82
CA GLY O 1 54.54 -38.39 -48.07
C GLY O 1 53.82 -39.47 -47.30
N SER O 2 54.21 -39.66 -46.03
CA SER O 2 53.68 -40.67 -45.12
C SER O 2 52.23 -40.40 -44.64
N SER O 3 51.42 -41.47 -44.55
CA SER O 3 50.04 -41.40 -44.11
C SER O 3 49.74 -42.52 -43.11
N ALA O 4 48.85 -42.24 -42.18
CA ALA O 4 48.42 -43.16 -41.14
C ALA O 4 46.97 -42.85 -40.70
N GLY O 5 46.11 -43.85 -40.82
CA GLY O 5 44.73 -43.73 -40.40
C GLY O 5 43.90 -42.79 -41.25
N PHE O 6 43.31 -41.78 -40.61
CA PHE O 6 42.40 -40.88 -41.30
C PHE O 6 42.98 -39.53 -41.64
N ASP O 7 44.33 -39.39 -41.64
CA ASP O 7 44.98 -38.11 -41.88
C ASP O 7 44.80 -37.53 -43.30
N ARG O 8 44.30 -38.32 -44.24
CA ARG O 8 44.00 -37.79 -45.57
C ARG O 8 42.50 -37.44 -45.73
N HIS O 9 41.64 -37.85 -44.77
CA HIS O 9 40.19 -37.67 -44.76
C HIS O 9 39.71 -36.54 -43.86
N ILE O 10 40.36 -36.38 -42.69
CA ILE O 10 40.02 -35.34 -41.71
C ILE O 10 41.25 -34.48 -41.35
N THR O 11 41.01 -33.34 -40.62
CA THR O 11 42.07 -32.41 -40.23
C THR O 11 42.81 -32.83 -38.95
N ILE O 12 43.57 -33.94 -39.04
CA ILE O 12 44.44 -34.49 -37.99
C ILE O 12 45.85 -34.61 -38.58
N PHE O 13 46.89 -34.55 -37.73
CA PHE O 13 48.27 -34.63 -38.23
C PHE O 13 48.63 -35.95 -38.90
N SER O 14 49.46 -35.85 -39.96
CA SER O 14 50.03 -37.02 -40.62
C SER O 14 51.35 -37.35 -39.87
N PRO O 15 52.04 -38.50 -40.12
CA PRO O 15 53.23 -38.81 -39.34
C PRO O 15 54.36 -37.77 -39.41
N GLU O 16 54.41 -36.97 -40.49
CA GLU O 16 55.38 -35.89 -40.63
C GLU O 16 54.95 -34.58 -39.96
N GLY O 17 53.69 -34.49 -39.52
CA GLY O 17 53.15 -33.29 -38.88
C GLY O 17 52.47 -32.34 -39.84
N ARG O 18 51.96 -32.86 -40.95
CA ARG O 18 51.23 -32.05 -41.94
C ARG O 18 49.71 -32.21 -41.77
N LEU O 19 48.96 -31.32 -42.42
CA LEU O 19 47.51 -31.41 -42.43
C LEU O 19 47.12 -31.56 -43.89
N TYR O 20 47.02 -32.83 -44.36
CA TYR O 20 46.70 -33.13 -45.74
C TYR O 20 45.44 -32.44 -46.22
N GLN O 21 44.38 -32.42 -45.37
CA GLN O 21 43.11 -31.78 -45.70
C GLN O 21 43.22 -30.28 -45.95
N VAL O 22 44.20 -29.63 -45.31
CA VAL O 22 44.48 -28.19 -45.49
C VAL O 22 45.21 -28.03 -46.84
N GLU O 23 46.19 -28.90 -47.13
CA GLU O 23 46.92 -28.92 -48.39
C GLU O 23 45.95 -29.09 -49.56
N TYR O 24 44.92 -29.98 -49.41
CA TYR O 24 43.92 -30.22 -50.45
C TYR O 24 43.04 -28.99 -50.68
N ALA O 25 42.78 -28.19 -49.63
CA ALA O 25 41.99 -26.96 -49.73
C ALA O 25 42.70 -25.91 -50.60
N PHE O 26 44.05 -25.90 -50.60
CA PHE O 26 44.83 -25.00 -51.46
C PHE O 26 44.72 -25.42 -52.94
N LYS O 27 44.60 -26.72 -53.20
CA LYS O 27 44.38 -27.25 -54.54
C LYS O 27 42.95 -26.93 -55.05
N ALA O 28 41.98 -26.77 -54.15
CA ALA O 28 40.60 -26.42 -54.47
C ALA O 28 40.49 -24.99 -54.99
N ILE O 29 41.41 -24.09 -54.61
CA ILE O 29 41.41 -22.71 -55.09
C ILE O 29 41.62 -22.69 -56.61
N ASN O 30 42.58 -23.49 -57.09
CA ASN O 30 42.92 -23.56 -58.51
C ASN O 30 41.84 -24.21 -59.37
N GLN O 31 40.94 -25.02 -58.76
CA GLN O 31 39.83 -25.69 -59.47
C GLN O 31 38.96 -24.69 -60.26
N GLY O 32 38.87 -23.45 -59.79
CA GLY O 32 38.11 -22.40 -60.49
C GLY O 32 38.74 -21.91 -61.79
N GLY O 33 40.02 -22.21 -62.00
CA GLY O 33 40.75 -21.80 -63.19
C GLY O 33 41.22 -20.37 -63.26
N LEU O 34 40.84 -19.52 -62.26
CA LEU O 34 41.22 -18.10 -62.29
C LEU O 34 42.46 -17.74 -61.47
N THR O 35 43.02 -16.56 -61.73
CA THR O 35 44.22 -16.02 -61.09
C THR O 35 43.93 -14.55 -60.70
N SER O 36 44.33 -14.13 -59.49
CA SER O 36 44.11 -12.76 -59.01
C SER O 36 45.43 -12.13 -58.61
N VAL O 37 45.54 -10.81 -58.76
CA VAL O 37 46.74 -10.04 -58.43
C VAL O 37 46.34 -8.80 -57.63
N ALA O 38 47.08 -8.47 -56.58
CA ALA O 38 46.83 -7.26 -55.79
C ALA O 38 48.14 -6.51 -55.65
N VAL O 39 48.16 -5.22 -56.00
CA VAL O 39 49.39 -4.42 -55.94
C VAL O 39 49.15 -3.19 -55.08
N ARG O 40 50.10 -2.87 -54.22
CA ARG O 40 50.04 -1.70 -53.35
C ARG O 40 50.95 -0.63 -53.92
N GLY O 41 50.49 0.62 -53.89
CA GLY O 41 51.26 1.75 -54.39
C GLY O 41 51.59 2.78 -53.33
N LYS O 42 52.08 3.94 -53.78
CA LYS O 42 52.44 5.05 -52.89
C LYS O 42 51.19 5.64 -52.19
N ASP O 43 50.11 5.77 -52.95
CA ASP O 43 48.86 6.37 -52.49
C ASP O 43 47.63 5.50 -52.81
N CYS O 44 47.82 4.20 -53.11
CA CYS O 44 46.68 3.36 -53.51
C CYS O 44 46.92 1.87 -53.29
N ALA O 45 45.91 1.05 -53.60
CA ALA O 45 45.96 -0.39 -53.55
C ALA O 45 44.93 -0.86 -54.58
N VAL O 46 45.37 -1.71 -55.52
CA VAL O 46 44.52 -2.19 -56.61
C VAL O 46 44.46 -3.72 -56.65
N ILE O 47 43.29 -4.29 -56.99
CA ILE O 47 43.08 -5.72 -57.15
C ILE O 47 42.58 -5.99 -58.58
N VAL O 48 43.10 -7.05 -59.23
CA VAL O 48 42.67 -7.42 -60.58
C VAL O 48 42.51 -8.95 -60.70
N THR O 49 41.47 -9.40 -61.42
CA THR O 49 41.18 -10.83 -61.60
C THR O 49 40.48 -11.07 -62.97
N GLN O 50 40.63 -12.30 -63.55
CA GLN O 50 40.05 -12.67 -64.85
C GLN O 50 38.54 -12.75 -64.78
N LYS O 51 37.84 -12.19 -65.76
CA LYS O 51 36.37 -12.18 -65.81
C LYS O 51 35.88 -13.11 -66.93
N LYS O 52 36.06 -14.43 -66.76
CA LYS O 52 35.65 -15.41 -67.76
C LYS O 52 34.12 -15.56 -67.89
N VAL O 53 33.47 -14.84 -68.83
CA VAL O 53 32.02 -15.01 -69.09
C VAL O 53 31.94 -15.76 -70.44
N PRO O 54 31.86 -17.11 -70.41
CA PRO O 54 31.91 -17.87 -71.67
C PRO O 54 30.56 -17.98 -72.40
N ASP O 55 29.46 -17.65 -71.69
CA ASP O 55 28.09 -17.74 -72.18
C ASP O 55 27.47 -16.36 -72.30
N LYS O 56 26.89 -16.05 -73.46
CA LYS O 56 26.16 -14.79 -73.65
C LYS O 56 24.88 -14.80 -72.78
N LEU O 57 24.36 -16.03 -72.45
CA LEU O 57 23.19 -16.30 -71.62
C LEU O 57 23.31 -15.85 -70.17
N LEU O 58 24.51 -15.51 -69.72
CA LEU O 58 24.74 -15.03 -68.37
C LEU O 58 24.53 -13.51 -68.33
N ASP O 59 24.18 -13.00 -67.16
CA ASP O 59 24.10 -11.56 -66.94
C ASP O 59 25.46 -11.24 -66.37
N SER O 60 26.38 -10.77 -67.24
CA SER O 60 27.77 -10.48 -66.92
C SER O 60 27.97 -9.58 -65.71
N SER O 61 26.97 -8.73 -65.39
CA SER O 61 27.07 -7.85 -64.23
C SER O 61 27.02 -8.60 -62.89
N THR O 62 26.46 -9.83 -62.87
CA THR O 62 26.41 -10.68 -61.66
C THR O 62 27.63 -11.64 -61.54
N VAL O 63 28.50 -11.66 -62.57
CA VAL O 63 29.67 -12.53 -62.58
C VAL O 63 30.84 -11.69 -62.11
N THR O 64 31.17 -11.81 -60.83
CA THR O 64 32.27 -11.06 -60.25
C THR O 64 32.97 -11.84 -59.14
N HIS O 65 34.23 -11.47 -58.90
CA HIS O 65 35.05 -11.98 -57.80
C HIS O 65 35.51 -10.83 -56.85
N LEU O 66 35.11 -9.57 -57.16
CA LEU O 66 35.39 -8.38 -56.39
C LEU O 66 34.17 -8.08 -55.53
N PHE O 67 34.38 -7.86 -54.23
CA PHE O 67 33.28 -7.60 -53.30
C PHE O 67 33.59 -6.43 -52.39
N LYS O 68 32.57 -5.66 -52.05
CA LYS O 68 32.70 -4.54 -51.13
C LYS O 68 32.41 -5.09 -49.73
N ILE O 69 33.36 -5.03 -48.80
CA ILE O 69 33.15 -5.54 -47.44
C ILE O 69 32.55 -4.45 -46.58
N THR O 70 33.16 -3.26 -46.62
CA THR O 70 32.72 -2.00 -45.98
C THR O 70 32.84 -0.88 -47.08
N GLU O 71 32.51 0.38 -46.77
CA GLU O 71 32.66 1.50 -47.73
C GLU O 71 34.11 1.64 -48.16
N ASN O 72 35.04 1.49 -47.21
CA ASN O 72 36.46 1.67 -47.46
C ASN O 72 37.27 0.38 -47.59
N ILE O 73 36.64 -0.82 -47.53
CA ILE O 73 37.35 -2.10 -47.64
C ILE O 73 36.71 -2.93 -48.74
N GLY O 74 37.53 -3.38 -49.68
CA GLY O 74 37.10 -4.25 -50.77
C GLY O 74 37.97 -5.48 -50.86
N CYS O 75 37.48 -6.54 -51.50
CA CYS O 75 38.28 -7.77 -51.63
C CYS O 75 38.14 -8.45 -52.95
N VAL O 76 39.10 -9.31 -53.27
CA VAL O 76 39.04 -10.17 -54.42
C VAL O 76 39.12 -11.58 -53.85
N MET O 77 38.20 -12.44 -54.30
CA MET O 77 38.16 -13.84 -53.89
C MET O 77 38.65 -14.77 -54.99
N THR O 78 39.51 -15.71 -54.64
CA THR O 78 39.97 -16.74 -55.59
C THR O 78 39.64 -18.10 -54.98
N GLY O 79 39.17 -19.03 -55.79
CA GLY O 79 38.83 -20.36 -55.31
C GLY O 79 37.39 -20.75 -55.60
N MET O 80 36.85 -21.64 -54.75
CA MET O 80 35.49 -22.14 -54.85
C MET O 80 34.51 -20.99 -54.60
N THR O 81 33.63 -20.75 -55.59
CA THR O 81 32.69 -19.63 -55.60
C THR O 81 31.78 -19.56 -54.37
N ALA O 82 30.95 -20.59 -54.06
CA ALA O 82 30.06 -20.53 -52.92
C ALA O 82 30.81 -20.33 -51.57
N ASP O 83 31.96 -21.01 -51.39
CA ASP O 83 32.87 -20.88 -50.22
C ASP O 83 33.33 -19.43 -50.10
N SER O 84 33.68 -18.82 -51.24
CA SER O 84 34.12 -17.44 -51.30
C SER O 84 33.02 -16.49 -50.91
N ARG O 85 31.76 -16.63 -51.46
CA ARG O 85 30.64 -15.74 -51.07
C ARG O 85 30.31 -15.89 -49.58
N SER O 86 30.44 -17.10 -49.04
CA SER O 86 30.22 -17.37 -47.63
C SER O 86 31.25 -16.58 -46.78
N GLN O 87 32.53 -16.60 -47.17
CA GLN O 87 33.63 -15.92 -46.51
C GLN O 87 33.43 -14.41 -46.58
N VAL O 88 33.01 -13.88 -47.74
CA VAL O 88 32.71 -12.45 -47.94
C VAL O 88 31.57 -12.05 -47.01
N GLN O 89 30.53 -12.90 -46.90
CA GLN O 89 29.40 -12.65 -46.02
C GLN O 89 29.87 -12.57 -44.58
N ARG O 90 30.73 -13.50 -44.17
CA ARG O 90 31.29 -13.48 -42.83
C ARG O 90 32.12 -12.20 -42.59
N ALA O 91 32.98 -11.81 -43.55
CA ALA O 91 33.80 -10.62 -43.48
C ALA O 91 32.94 -9.37 -43.30
N ARG O 92 31.82 -9.26 -44.06
CA ARG O 92 30.86 -8.16 -43.96
C ARG O 92 30.24 -8.08 -42.58
N TYR O 93 29.90 -9.24 -42.00
CA TYR O 93 29.30 -9.31 -40.67
C TYR O 93 30.31 -8.87 -39.61
N GLU O 94 31.52 -9.42 -39.64
CA GLU O 94 32.58 -9.13 -38.68
C GLU O 94 32.96 -7.66 -38.69
N ALA O 95 32.97 -7.04 -39.87
CA ALA O 95 33.31 -5.64 -40.03
C ALA O 95 32.23 -4.75 -39.41
N ALA O 96 30.94 -5.05 -39.68
CA ALA O 96 29.81 -4.29 -39.16
C ALA O 96 29.70 -4.45 -37.64
N ASN O 97 29.93 -5.66 -37.14
CA ASN O 97 29.89 -5.96 -35.72
C ASN O 97 31.04 -5.23 -34.99
N TRP O 98 32.20 -5.09 -35.64
CA TRP O 98 33.35 -4.38 -35.06
C TRP O 98 32.98 -2.93 -34.82
N LYS O 99 32.40 -2.27 -35.83
CA LYS O 99 32.00 -0.88 -35.67
C LYS O 99 30.93 -0.72 -34.58
N TYR O 100 29.99 -1.66 -34.48
CA TYR O 100 28.95 -1.62 -33.44
C TYR O 100 29.53 -1.69 -32.02
N LYS O 101 30.52 -2.57 -31.79
CA LYS O 101 31.10 -2.71 -30.45
C LYS O 101 32.16 -1.68 -30.13
N TYR O 102 32.95 -1.23 -31.14
CA TYR O 102 34.10 -0.38 -30.86
C TYR O 102 33.98 1.05 -31.31
N GLY O 103 33.00 1.37 -32.13
CA GLY O 103 32.76 2.74 -32.55
C GLY O 103 33.72 3.31 -33.57
N TYR O 104 34.39 2.43 -34.33
CA TYR O 104 35.30 2.83 -35.43
C TYR O 104 35.38 1.78 -36.52
N GLU O 105 35.71 2.19 -37.76
CA GLU O 105 35.81 1.30 -38.92
C GLU O 105 36.90 0.26 -38.66
N ILE O 106 36.62 -1.03 -38.88
CA ILE O 106 37.64 -2.07 -38.65
C ILE O 106 38.92 -1.88 -39.53
N PRO O 107 40.12 -1.95 -38.94
CA PRO O 107 41.34 -1.88 -39.76
C PRO O 107 41.45 -3.14 -40.65
N VAL O 108 41.95 -2.98 -41.90
CA VAL O 108 42.12 -4.07 -42.87
C VAL O 108 42.87 -5.28 -42.29
N ASP O 109 43.96 -5.06 -41.53
CA ASP O 109 44.73 -6.16 -40.95
C ASP O 109 43.93 -6.95 -39.93
N MET O 110 43.07 -6.27 -39.15
CA MET O 110 42.21 -6.87 -38.14
C MET O 110 41.12 -7.71 -38.75
N LEU O 111 40.53 -7.23 -39.83
CA LEU O 111 39.50 -8.00 -40.53
C LEU O 111 40.13 -9.26 -41.14
N CYS O 112 41.31 -9.12 -41.72
CA CYS O 112 42.04 -10.23 -42.31
C CYS O 112 42.44 -11.24 -41.22
N LYS O 113 42.98 -10.76 -40.09
CA LYS O 113 43.34 -11.61 -38.96
C LYS O 113 42.13 -12.39 -38.45
N ARG O 114 40.96 -11.73 -38.33
CA ARG O 114 39.72 -12.34 -37.88
C ARG O 114 39.24 -13.46 -38.80
N ILE O 115 39.24 -13.22 -40.14
CA ILE O 115 38.85 -14.23 -41.10
C ILE O 115 39.81 -15.42 -41.04
N ALA O 116 41.13 -15.12 -40.91
CA ALA O 116 42.17 -16.13 -40.79
C ALA O 116 41.94 -16.98 -39.52
N ASP O 117 41.54 -16.35 -38.40
CA ASP O 117 41.26 -17.02 -37.13
C ASP O 117 40.07 -17.97 -37.22
N ILE O 118 39.01 -17.55 -37.94
CA ILE O 118 37.82 -18.36 -38.15
C ILE O 118 38.20 -19.59 -38.97
N SER O 119 39.03 -19.40 -40.03
CA SER O 119 39.55 -20.44 -40.94
C SER O 119 40.41 -21.48 -40.20
N GLN O 120 41.21 -21.02 -39.20
CA GLN O 120 42.05 -21.89 -38.39
C GLN O 120 41.19 -22.92 -37.65
N VAL O 121 39.96 -22.58 -37.27
CA VAL O 121 39.09 -23.51 -36.55
C VAL O 121 38.80 -24.73 -37.40
N TYR O 122 38.50 -24.52 -38.68
CA TYR O 122 38.22 -25.62 -39.63
C TYR O 122 39.40 -26.60 -39.77
N THR O 123 40.62 -26.07 -39.57
CA THR O 123 41.95 -26.68 -39.64
C THR O 123 42.22 -27.61 -38.42
N GLN O 124 41.53 -27.34 -37.27
CA GLN O 124 41.68 -28.03 -35.98
C GLN O 124 40.50 -28.91 -35.56
N ASN O 125 39.28 -28.56 -36.00
CA ASN O 125 38.05 -29.32 -35.71
C ASN O 125 37.76 -30.28 -36.88
N ALA O 126 37.45 -31.57 -36.61
CA ALA O 126 37.32 -32.54 -37.69
C ALA O 126 36.02 -32.56 -38.49
N GLU O 127 34.88 -32.18 -37.90
CA GLU O 127 33.54 -32.26 -38.52
C GLU O 127 33.30 -31.43 -39.75
N MET O 128 34.15 -30.45 -40.02
CA MET O 128 33.96 -29.59 -41.17
C MET O 128 35.25 -29.42 -41.96
N ARG O 129 35.11 -29.11 -43.24
CA ARG O 129 36.26 -28.92 -44.11
C ARG O 129 36.69 -27.44 -44.16
N PRO O 130 37.98 -27.16 -44.40
CA PRO O 130 38.37 -25.76 -44.66
C PRO O 130 37.67 -25.22 -45.92
N LEU O 131 37.58 -23.90 -46.10
CA LEU O 131 37.00 -23.37 -47.33
C LEU O 131 38.08 -23.41 -48.43
N GLY O 132 37.72 -23.89 -49.62
CA GLY O 132 38.66 -23.95 -50.74
C GLY O 132 38.74 -22.60 -51.42
N CYS O 133 39.07 -21.56 -50.64
CA CYS O 133 39.14 -20.20 -51.16
C CYS O 133 40.20 -19.34 -50.43
N CYS O 134 40.52 -18.19 -51.03
CA CYS O 134 41.59 -17.28 -50.67
C CYS O 134 41.02 -15.86 -50.71
N MET O 135 41.22 -15.08 -49.64
CA MET O 135 40.69 -13.70 -49.56
C MET O 135 41.81 -12.69 -49.57
N ILE O 136 41.69 -11.69 -50.45
CA ILE O 136 42.66 -10.61 -50.53
C ILE O 136 41.91 -9.31 -50.29
N LEU O 137 42.20 -8.59 -49.20
CA LEU O 137 41.52 -7.35 -48.88
C LEU O 137 42.42 -6.14 -49.13
N ILE O 138 41.81 -5.02 -49.54
CA ILE O 138 42.47 -3.74 -49.76
C ILE O 138 41.73 -2.60 -49.02
N GLY O 139 42.47 -1.56 -48.65
CA GLY O 139 41.90 -0.42 -47.95
C GLY O 139 42.97 0.56 -47.52
N ILE O 140 42.56 1.80 -47.30
CA ILE O 140 43.47 2.85 -46.87
C ILE O 140 43.37 2.96 -45.35
N ASP O 141 44.49 2.77 -44.64
CA ASP O 141 44.57 2.90 -43.19
C ASP O 141 44.94 4.35 -42.87
N GLU O 142 44.20 4.96 -41.94
CA GLU O 142 44.37 6.35 -41.53
C GLU O 142 45.81 6.69 -41.20
N GLU O 143 46.51 5.80 -40.51
CA GLU O 143 47.89 6.04 -40.11
C GLU O 143 48.90 5.30 -40.98
N GLN O 144 48.55 4.10 -41.46
CA GLN O 144 49.50 3.27 -42.19
C GLN O 144 49.41 3.34 -43.74
N GLY O 145 48.56 4.20 -44.29
CA GLY O 145 48.43 4.33 -45.74
C GLY O 145 47.75 3.13 -46.39
N PRO O 146 48.00 2.90 -47.68
CA PRO O 146 47.34 1.76 -48.37
C PRO O 146 47.78 0.38 -47.90
N GLN O 147 46.82 -0.55 -47.77
CA GLN O 147 47.09 -1.91 -47.30
C GLN O 147 46.56 -3.02 -48.20
N VAL O 148 47.35 -4.09 -48.36
CA VAL O 148 47.00 -5.30 -49.11
C VAL O 148 47.23 -6.46 -48.14
N TYR O 149 46.18 -7.21 -47.81
CA TYR O 149 46.28 -8.34 -46.89
C TYR O 149 45.72 -9.61 -47.50
N LYS O 150 46.30 -10.78 -47.19
CA LYS O 150 45.77 -12.04 -47.75
C LYS O 150 45.64 -13.10 -46.67
N CYS O 151 44.55 -13.90 -46.70
CA CYS O 151 44.42 -15.02 -45.76
C CYS O 151 44.17 -16.35 -46.51
N ASP O 152 44.54 -17.48 -45.87
CA ASP O 152 44.58 -18.84 -46.41
C ASP O 152 43.53 -19.80 -45.88
N PRO O 153 43.25 -20.90 -46.61
CA PRO O 153 42.47 -22.00 -46.02
C PRO O 153 43.18 -22.65 -44.81
N ALA O 154 44.47 -22.35 -44.63
CA ALA O 154 45.31 -22.82 -43.53
C ALA O 154 45.11 -22.02 -42.24
N GLY O 155 44.64 -20.79 -42.39
CA GLY O 155 44.50 -19.86 -41.28
C GLY O 155 45.65 -18.89 -41.20
N TYR O 156 46.57 -18.92 -42.16
CA TYR O 156 47.69 -17.99 -42.20
C TYR O 156 47.16 -16.67 -42.77
N TYR O 157 47.84 -15.58 -42.45
CA TYR O 157 47.50 -14.28 -43.02
C TYR O 157 48.73 -13.42 -43.01
N CYS O 158 48.81 -12.45 -43.93
CA CYS O 158 49.93 -11.54 -43.98
C CYS O 158 49.60 -10.26 -44.75
N GLY O 159 50.41 -9.23 -44.52
CA GLY O 159 50.39 -7.96 -45.25
C GLY O 159 51.39 -8.04 -46.39
N PHE O 160 51.12 -7.38 -47.52
CA PHE O 160 52.00 -7.48 -48.69
C PHE O 160 52.18 -6.17 -49.48
N LYS O 161 53.33 -6.06 -50.19
CA LYS O 161 53.62 -4.98 -51.14
C LYS O 161 52.86 -5.25 -52.46
N ALA O 162 52.77 -6.53 -52.82
CA ALA O 162 52.04 -7.05 -53.96
C ALA O 162 51.87 -8.56 -53.68
N THR O 163 50.76 -9.13 -54.14
CA THR O 163 50.49 -10.55 -53.93
C THR O 163 49.61 -11.11 -55.06
N ALA O 164 49.45 -12.43 -55.08
CA ALA O 164 48.67 -13.09 -56.08
C ALA O 164 48.00 -14.35 -55.49
N ALA O 165 46.96 -14.85 -56.17
CA ALA O 165 46.27 -16.09 -55.79
C ALA O 165 45.78 -16.85 -57.06
N GLY O 166 45.59 -18.16 -56.93
CA GLY O 166 45.06 -18.95 -58.03
C GLY O 166 46.02 -19.81 -58.81
N VAL O 167 45.64 -20.13 -60.05
CA VAL O 167 46.42 -21.01 -60.91
C VAL O 167 47.86 -20.52 -61.13
N LYS O 168 48.03 -19.24 -61.44
CA LYS O 168 49.35 -18.69 -61.73
C LYS O 168 49.93 -17.83 -60.61
N GLN O 169 49.69 -18.23 -59.35
CA GLN O 169 50.20 -17.51 -58.20
C GLN O 169 51.72 -17.44 -58.20
N THR O 170 52.39 -18.59 -58.41
CA THR O 170 53.86 -18.70 -58.38
C THR O 170 54.53 -17.89 -59.48
N GLU O 171 53.89 -17.84 -60.66
CA GLU O 171 54.38 -17.10 -61.82
C GLU O 171 54.16 -15.60 -61.63
N SER O 172 53.02 -15.22 -61.04
CA SER O 172 52.71 -13.82 -60.81
C SER O 172 53.55 -13.21 -59.71
N THR O 173 53.88 -13.99 -58.68
CA THR O 173 54.73 -13.50 -57.60
C THR O 173 56.17 -13.35 -58.10
N SER O 174 56.62 -14.21 -59.03
CA SER O 174 57.96 -14.06 -59.60
C SER O 174 58.02 -12.78 -60.43
N PHE O 175 56.96 -12.49 -61.22
CA PHE O 175 56.87 -11.28 -62.03
C PHE O 175 56.91 -10.06 -61.11
N LEU O 176 56.04 -10.06 -60.06
CA LEU O 176 55.91 -8.95 -59.13
C LEU O 176 57.16 -8.69 -58.32
N GLU O 177 57.91 -9.75 -57.95
CA GLU O 177 59.12 -9.54 -57.18
C GLU O 177 60.28 -9.00 -58.05
N LYS O 178 60.20 -9.16 -59.38
CA LYS O 178 61.19 -8.59 -60.29
C LYS O 178 60.85 -7.09 -60.48
N LYS O 179 59.56 -6.77 -60.70
CA LYS O 179 59.07 -5.40 -60.90
C LYS O 179 59.22 -4.51 -59.64
N VAL O 180 59.04 -5.11 -58.45
CA VAL O 180 59.16 -4.36 -57.21
C VAL O 180 60.65 -4.07 -56.84
N LYS O 181 61.59 -4.90 -57.34
CA LYS O 181 63.03 -4.77 -57.10
C LYS O 181 63.66 -3.56 -57.80
N LYS O 182 63.02 -3.06 -58.89
CA LYS O 182 63.45 -1.87 -59.64
C LYS O 182 62.84 -0.60 -59.02
N LYS O 183 63.58 0.53 -59.01
CA LYS O 183 63.08 1.76 -58.38
C LYS O 183 61.98 2.44 -59.20
N PHE O 184 60.74 2.42 -58.70
CA PHE O 184 59.63 3.06 -59.37
C PHE O 184 58.94 4.09 -58.45
N ASP O 185 58.22 5.05 -59.06
CA ASP O 185 57.47 6.08 -58.33
C ASP O 185 56.28 5.45 -57.59
N TRP O 186 55.58 4.53 -58.29
CA TRP O 186 54.40 3.80 -57.83
C TRP O 186 53.20 4.72 -57.67
N THR O 187 52.89 5.40 -58.77
CA THR O 187 51.73 6.26 -58.87
C THR O 187 50.47 5.35 -59.07
N PHE O 188 49.26 5.95 -59.12
CA PHE O 188 48.04 5.18 -59.34
C PHE O 188 48.08 4.41 -60.67
N GLU O 189 48.50 5.09 -61.75
CA GLU O 189 48.59 4.52 -63.09
C GLU O 189 49.60 3.38 -63.13
N GLN O 190 50.75 3.56 -62.49
CA GLN O 190 51.82 2.55 -62.42
C GLN O 190 51.33 1.28 -61.67
N THR O 191 50.53 1.47 -60.63
CA THR O 191 50.03 0.37 -59.81
C THR O 191 48.91 -0.40 -60.53
N VAL O 192 48.02 0.31 -61.24
CA VAL O 192 46.95 -0.32 -62.00
C VAL O 192 47.56 -1.08 -63.18
N GLU O 193 48.49 -0.43 -63.89
CA GLU O 193 49.16 -1.00 -65.05
C GLU O 193 50.03 -2.23 -64.70
N THR O 194 50.76 -2.22 -63.55
CA THR O 194 51.59 -3.37 -63.10
C THR O 194 50.71 -4.59 -62.81
N ALA O 195 49.56 -4.34 -62.20
CA ALA O 195 48.61 -5.40 -61.90
C ALA O 195 48.06 -6.01 -63.21
N ILE O 196 47.56 -5.17 -64.15
CA ILE O 196 47.06 -5.63 -65.44
C ILE O 196 48.14 -6.35 -66.26
N THR O 197 49.38 -5.81 -66.29
CA THR O 197 50.48 -6.42 -67.06
C THR O 197 51.03 -7.68 -66.41
N CYS O 198 50.85 -7.85 -65.08
CA CYS O 198 51.32 -9.07 -64.43
C CYS O 198 50.44 -10.22 -64.89
N LEU O 199 49.11 -10.02 -64.85
CA LEU O 199 48.10 -11.01 -65.22
C LEU O 199 48.19 -11.34 -66.71
N SER O 200 48.40 -10.32 -67.55
CA SER O 200 48.51 -10.47 -69.01
C SER O 200 49.73 -11.29 -69.45
N THR O 201 50.91 -10.99 -68.88
CA THR O 201 52.16 -11.70 -69.21
C THR O 201 52.18 -13.14 -68.71
N VAL O 202 51.54 -13.38 -67.58
CA VAL O 202 51.49 -14.68 -66.93
C VAL O 202 50.49 -15.60 -67.64
N LEU O 203 49.36 -15.05 -68.10
CA LEU O 203 48.37 -15.84 -68.83
C LEU O 203 48.62 -15.86 -70.34
N SER O 204 49.54 -14.99 -70.83
CA SER O 204 49.91 -14.81 -72.23
C SER O 204 48.66 -14.43 -73.01
N ILE O 205 47.93 -13.42 -72.49
CA ILE O 205 46.67 -12.96 -73.07
C ILE O 205 46.65 -11.44 -73.18
N ASP O 206 46.30 -10.92 -74.35
CA ASP O 206 46.15 -9.47 -74.52
C ASP O 206 44.71 -9.20 -74.14
N PHE O 207 44.51 -8.53 -73.01
CA PHE O 207 43.17 -8.34 -72.49
C PHE O 207 42.29 -7.35 -73.26
N LYS O 208 40.99 -7.58 -73.14
CA LYS O 208 39.88 -6.77 -73.62
C LYS O 208 39.18 -6.20 -72.35
N PRO O 209 38.50 -5.03 -72.43
CA PRO O 209 37.86 -4.48 -71.22
C PRO O 209 36.88 -5.41 -70.50
N SER O 210 36.31 -6.38 -71.23
CA SER O 210 35.36 -7.36 -70.69
C SER O 210 36.05 -8.64 -70.14
N GLU O 211 37.37 -8.78 -70.30
CA GLU O 211 38.07 -9.98 -69.85
C GLU O 211 38.72 -9.87 -68.48
N ILE O 212 38.71 -8.68 -67.87
CA ILE O 212 39.26 -8.45 -66.52
C ILE O 212 38.33 -7.57 -65.69
N GLU O 213 38.49 -7.61 -64.37
CA GLU O 213 37.80 -6.69 -63.48
C GLU O 213 38.80 -6.10 -62.49
N VAL O 214 38.70 -4.79 -62.25
CA VAL O 214 39.64 -4.05 -61.40
C VAL O 214 38.94 -3.30 -60.26
N GLY O 215 39.46 -3.44 -59.04
CA GLY O 215 38.94 -2.76 -57.84
C GLY O 215 40.04 -1.90 -57.23
N VAL O 216 39.70 -0.70 -56.73
CA VAL O 216 40.73 0.21 -56.21
C VAL O 216 40.31 1.10 -54.98
N VAL O 217 41.31 1.49 -54.16
CA VAL O 217 41.19 2.37 -52.99
C VAL O 217 42.37 3.37 -53.06
N THR O 218 42.15 4.67 -52.82
CA THR O 218 43.25 5.65 -52.85
C THR O 218 43.28 6.56 -51.61
N VAL O 219 44.40 7.25 -51.32
CA VAL O 219 44.43 8.18 -50.18
C VAL O 219 43.43 9.34 -50.41
N GLU O 220 43.24 9.76 -51.67
CA GLU O 220 42.30 10.84 -52.01
C GLU O 220 40.85 10.35 -51.97
N ASN O 221 40.60 9.17 -52.53
CA ASN O 221 39.26 8.57 -52.52
C ASN O 221 39.36 7.17 -51.93
N PRO O 222 39.26 7.10 -50.57
CA PRO O 222 39.41 5.78 -49.90
C PRO O 222 38.27 4.80 -50.08
N LYS O 223 37.09 5.25 -50.54
CA LYS O 223 35.95 4.37 -50.76
C LYS O 223 36.28 3.37 -51.85
N PHE O 224 35.99 2.08 -51.60
CA PHE O 224 36.25 1.01 -52.56
C PHE O 224 35.49 1.25 -53.85
N ARG O 225 36.24 1.33 -54.94
CA ARG O 225 35.69 1.64 -56.25
C ARG O 225 35.94 0.52 -57.27
N ILE O 226 34.89 0.04 -57.93
CA ILE O 226 35.02 -0.98 -58.98
C ILE O 226 35.02 -0.28 -60.35
N LEU O 227 36.03 -0.56 -61.17
CA LEU O 227 36.21 0.08 -62.48
C LEU O 227 35.26 -0.41 -63.57
N THR O 228 34.76 0.53 -64.38
CA THR O 228 33.87 0.24 -65.50
C THR O 228 34.66 -0.26 -66.72
N GLU O 229 33.98 -0.82 -67.74
CA GLU O 229 34.64 -1.28 -68.97
C GLU O 229 35.40 -0.11 -69.63
N ALA O 230 34.81 1.10 -69.59
CA ALA O 230 35.39 2.33 -70.14
C ALA O 230 36.67 2.76 -69.41
N GLU O 231 36.67 2.67 -68.06
CA GLU O 231 37.83 3.02 -67.23
C GLU O 231 38.96 2.01 -67.36
N ILE O 232 38.61 0.72 -67.54
CA ILE O 232 39.58 -0.36 -67.74
C ILE O 232 40.18 -0.25 -69.15
N ASP O 233 39.34 0.12 -70.14
CA ASP O 233 39.81 0.29 -71.51
C ASP O 233 40.86 1.39 -71.61
N ALA O 234 40.70 2.46 -70.82
CA ALA O 234 41.63 3.59 -70.79
C ALA O 234 43.04 3.12 -70.39
N HIS O 235 43.13 2.18 -69.44
CA HIS O 235 44.40 1.62 -68.96
C HIS O 235 44.99 0.65 -69.98
N LEU O 236 44.14 -0.15 -70.63
CA LEU O 236 44.56 -1.11 -71.63
C LEU O 236 45.13 -0.39 -72.86
N VAL O 237 44.44 0.67 -73.33
CA VAL O 237 44.93 1.42 -74.50
C VAL O 237 46.17 2.27 -74.15
N ALA O 238 46.33 2.66 -72.88
CA ALA O 238 47.52 3.39 -72.46
C ALA O 238 48.73 2.45 -72.40
N LEU O 239 48.51 1.17 -72.06
CA LEU O 239 49.56 0.14 -72.00
C LEU O 239 49.99 -0.31 -73.41
N ALA O 240 49.13 -0.14 -74.42
CA ALA O 240 49.39 -0.51 -75.80
C ALA O 240 50.43 0.40 -76.47
N GLU O 241 50.53 1.65 -76.01
CA GLU O 241 51.46 2.64 -76.55
C GLU O 241 52.92 2.43 -76.10
N ARG O 242 53.24 1.29 -75.45
CA ARG O 242 54.61 1.04 -74.99
C ARG O 242 55.27 -0.11 -75.74
N GLY P 1 29.03 -31.69 -33.59
CA GLY P 1 30.43 -32.00 -33.35
C GLY P 1 30.73 -33.47 -33.15
N TYR P 2 32.02 -33.85 -33.20
CA TYR P 2 32.45 -35.21 -32.96
C TYR P 2 32.77 -35.25 -31.46
N SER P 3 32.07 -36.06 -30.66
CA SER P 3 32.26 -36.05 -29.20
C SER P 3 33.31 -37.04 -28.67
N PHE P 4 34.00 -37.73 -29.56
CA PHE P 4 35.01 -38.71 -29.22
C PHE P 4 36.41 -38.13 -29.39
N SER P 5 37.38 -38.65 -28.65
CA SER P 5 38.76 -38.15 -28.76
C SER P 5 39.35 -38.51 -30.10
N LEU P 6 40.15 -37.61 -30.67
CA LEU P 6 40.90 -37.90 -31.89
C LEU P 6 42.34 -38.41 -31.56
N THR P 7 42.82 -38.16 -30.32
CA THR P 7 44.09 -38.60 -29.78
C THR P 7 43.77 -39.75 -28.83
N THR P 8 44.37 -40.93 -29.08
CA THR P 8 44.13 -42.14 -28.30
C THR P 8 45.44 -42.90 -28.12
N PHE P 9 45.51 -43.79 -27.11
CA PHE P 9 46.70 -44.59 -26.84
C PHE P 9 46.85 -45.73 -27.86
N SER P 10 48.05 -45.89 -28.40
CA SER P 10 48.39 -46.99 -29.31
C SER P 10 48.69 -48.24 -28.44
N PRO P 11 48.74 -49.46 -28.98
CA PRO P 11 49.05 -50.63 -28.13
C PRO P 11 50.35 -50.50 -27.33
N SER P 12 51.33 -49.72 -27.84
CA SER P 12 52.60 -49.47 -27.15
C SER P 12 52.54 -48.31 -26.13
N GLY P 13 51.34 -47.84 -25.79
CA GLY P 13 51.08 -46.78 -24.84
C GLY P 13 51.45 -45.39 -25.30
N LYS P 14 51.39 -45.12 -26.61
CA LYS P 14 51.74 -43.79 -27.12
C LYS P 14 50.53 -42.98 -27.57
N LEU P 15 50.62 -41.66 -27.41
CA LEU P 15 49.58 -40.76 -27.88
C LEU P 15 50.16 -40.24 -29.17
N VAL P 16 49.97 -41.03 -30.22
CA VAL P 16 50.56 -40.83 -31.54
C VAL P 16 50.24 -39.43 -32.13
N GLN P 17 49.02 -38.88 -31.89
CA GLN P 17 48.68 -37.55 -32.39
C GLN P 17 49.52 -36.42 -31.74
N ILE P 18 49.98 -36.62 -30.49
CA ILE P 18 50.85 -35.64 -29.84
C ILE P 18 52.29 -35.76 -30.41
N GLU P 19 52.72 -36.99 -30.77
CA GLU P 19 54.03 -37.26 -31.37
C GLU P 19 54.11 -36.66 -32.76
N TYR P 20 52.99 -36.69 -33.52
CA TYR P 20 52.92 -36.10 -34.85
C TYR P 20 52.85 -34.57 -34.77
N ALA P 21 52.22 -34.01 -33.71
CA ALA P 21 52.17 -32.57 -33.46
C ALA P 21 53.58 -32.05 -33.18
N LEU P 22 54.37 -32.82 -32.41
CA LEU P 22 55.79 -32.56 -32.13
C LEU P 22 56.64 -32.59 -33.40
N ALA P 23 56.25 -33.40 -34.40
CA ALA P 23 56.94 -33.40 -35.69
C ALA P 23 56.69 -32.08 -36.44
N ALA P 24 55.49 -31.50 -36.30
CA ALA P 24 55.17 -30.19 -36.89
C ALA P 24 56.05 -29.09 -36.26
N VAL P 25 56.31 -29.19 -34.96
CA VAL P 25 57.16 -28.25 -34.22
C VAL P 25 58.60 -28.40 -34.68
N ALA P 26 59.08 -29.66 -34.77
CA ALA P 26 60.42 -30.02 -35.23
C ALA P 26 60.70 -29.51 -36.65
N GLY P 27 59.66 -29.39 -37.48
CA GLY P 27 59.80 -28.86 -38.83
C GLY P 27 59.76 -27.34 -38.93
N GLY P 28 59.30 -26.70 -37.85
CA GLY P 28 59.15 -25.25 -37.77
C GLY P 28 60.45 -24.48 -37.71
N ALA P 29 60.40 -23.16 -37.96
CA ALA P 29 61.59 -22.30 -37.94
C ALA P 29 62.20 -22.22 -36.56
N PRO P 30 63.53 -22.12 -36.47
CA PRO P 30 64.17 -22.08 -35.15
C PRO P 30 63.75 -20.93 -34.24
N SER P 31 63.75 -21.22 -32.94
CA SER P 31 63.43 -20.31 -31.86
C SER P 31 64.39 -20.59 -30.69
N VAL P 32 64.89 -19.53 -30.06
CA VAL P 32 65.83 -19.63 -28.97
C VAL P 32 65.32 -18.79 -27.79
N GLY P 33 65.61 -19.27 -26.59
CA GLY P 33 65.30 -18.57 -25.37
C GLY P 33 66.50 -18.63 -24.43
N ILE P 34 66.92 -17.49 -23.89
CA ILE P 34 68.05 -17.46 -22.97
C ILE P 34 67.70 -16.60 -21.76
N LYS P 35 67.70 -17.20 -20.59
CA LYS P 35 67.47 -16.49 -19.35
C LYS P 35 68.81 -15.99 -18.78
N ALA P 36 69.09 -14.70 -18.99
CA ALA P 36 70.26 -14.01 -18.46
C ALA P 36 70.02 -13.70 -16.93
N ALA P 37 71.06 -13.25 -16.21
CA ALA P 37 70.95 -12.92 -14.79
C ALA P 37 69.94 -11.81 -14.54
N ASN P 38 69.91 -10.80 -15.43
CA ASN P 38 69.04 -9.65 -15.28
C ASN P 38 67.95 -9.51 -16.35
N GLY P 39 67.58 -10.60 -17.00
CA GLY P 39 66.55 -10.56 -18.04
C GLY P 39 66.43 -11.83 -18.84
N VAL P 40 65.59 -11.81 -19.91
CA VAL P 40 65.36 -12.96 -20.81
C VAL P 40 65.35 -12.48 -22.27
N VAL P 41 65.90 -13.29 -23.19
CA VAL P 41 65.93 -13.01 -24.63
C VAL P 41 65.13 -14.09 -25.34
N LEU P 42 64.34 -13.70 -26.35
CA LEU P 42 63.65 -14.65 -27.22
C LEU P 42 64.01 -14.24 -28.65
N ALA P 43 64.57 -15.15 -29.41
CA ALA P 43 64.96 -14.85 -30.78
C ALA P 43 64.40 -15.90 -31.73
N THR P 44 63.99 -15.49 -32.92
CA THR P 44 63.45 -16.42 -33.89
C THR P 44 63.81 -16.05 -35.28
N GLU P 45 63.83 -17.07 -36.15
CA GLU P 45 64.08 -16.90 -37.55
C GLU P 45 62.74 -16.49 -38.18
N LYS P 46 62.64 -15.24 -38.61
CA LYS P 46 61.43 -14.73 -39.25
C LYS P 46 61.70 -14.63 -40.77
N LYS P 47 62.12 -15.75 -41.38
CA LYS P 47 62.45 -15.77 -42.82
C LYS P 47 61.19 -15.91 -43.69
N GLN P 48 61.01 -15.02 -44.69
CA GLN P 48 59.83 -15.07 -45.58
C GLN P 48 60.16 -15.50 -46.99
N LYS P 49 59.20 -16.16 -47.65
CA LYS P 49 59.30 -16.76 -48.99
C LYS P 49 59.62 -15.78 -50.14
N SER P 50 59.36 -14.48 -49.92
CA SER P 50 59.52 -13.45 -50.95
C SER P 50 59.79 -12.06 -50.35
N ILE P 51 60.24 -11.12 -51.18
CA ILE P 51 60.47 -9.72 -50.78
C ILE P 51 59.12 -8.99 -50.64
N LEU P 52 58.09 -9.44 -51.40
CA LEU P 52 56.72 -8.92 -51.44
C LEU P 52 55.99 -9.00 -50.09
N TYR P 53 56.50 -9.77 -49.13
CA TYR P 53 55.87 -9.87 -47.82
C TYR P 53 56.18 -8.61 -47.06
N ASP P 54 55.17 -7.96 -46.48
CA ASP P 54 55.37 -6.78 -45.66
C ASP P 54 55.72 -7.33 -44.27
N GLU P 55 57.03 -7.36 -43.98
CA GLU P 55 57.65 -7.92 -42.76
C GLU P 55 57.07 -7.39 -41.47
N ARG P 56 56.69 -6.11 -41.44
CA ARG P 56 56.19 -5.50 -40.20
C ARG P 56 54.68 -5.61 -39.98
N SER P 57 54.00 -6.46 -40.78
CA SER P 57 52.56 -6.62 -40.67
C SER P 57 52.17 -7.66 -39.61
N VAL P 58 52.87 -8.79 -39.61
CA VAL P 58 52.65 -9.89 -38.68
C VAL P 58 53.95 -10.12 -37.84
N HIS P 59 53.82 -10.60 -36.58
CA HIS P 59 54.97 -10.84 -35.70
C HIS P 59 54.97 -12.24 -35.11
N LYS P 60 56.16 -12.79 -34.83
CA LYS P 60 56.33 -14.10 -34.20
C LYS P 60 56.58 -13.89 -32.69
N VAL P 61 57.38 -12.86 -32.34
CA VAL P 61 57.65 -12.52 -30.94
C VAL P 61 56.52 -11.59 -30.49
N GLU P 62 55.63 -12.09 -29.61
CA GLU P 62 54.43 -11.37 -29.18
C GLU P 62 54.29 -11.07 -27.69
N PRO P 63 53.82 -9.87 -27.35
CA PRO P 63 53.57 -9.56 -25.93
C PRO P 63 52.26 -10.18 -25.46
N ILE P 64 52.26 -10.69 -24.24
CA ILE P 64 51.06 -11.26 -23.63
C ILE P 64 50.45 -10.20 -22.72
N THR P 65 51.30 -9.60 -21.88
CA THR P 65 50.98 -8.52 -20.96
C THR P 65 52.22 -7.58 -20.86
N LYS P 66 52.26 -6.64 -19.90
CA LYS P 66 53.38 -5.71 -19.80
C LYS P 66 54.71 -6.38 -19.45
N HIS P 67 54.66 -7.55 -18.80
CA HIS P 67 55.86 -8.25 -18.32
C HIS P 67 56.04 -9.66 -18.90
N ILE P 68 55.14 -10.13 -19.76
CA ILE P 68 55.25 -11.48 -20.34
C ILE P 68 55.27 -11.43 -21.87
N GLY P 69 56.09 -12.29 -22.46
CA GLY P 69 56.24 -12.39 -23.91
C GLY P 69 56.31 -13.81 -24.41
N LEU P 70 56.11 -13.99 -25.71
CA LEU P 70 56.04 -15.32 -26.31
C LEU P 70 56.75 -15.40 -27.63
N VAL P 71 57.15 -16.63 -27.98
CA VAL P 71 57.68 -17.05 -29.28
C VAL P 71 57.28 -18.55 -29.47
N TYR P 72 57.45 -19.11 -30.67
CA TYR P 72 57.03 -20.49 -30.93
C TYR P 72 57.80 -21.16 -32.07
N SER P 73 57.57 -22.45 -32.25
CA SER P 73 58.03 -23.22 -33.40
C SER P 73 56.84 -24.14 -33.81
N GLY P 74 56.56 -24.16 -35.09
CA GLY P 74 55.46 -24.96 -35.60
C GLY P 74 54.45 -24.16 -36.38
N MET P 75 53.17 -24.44 -36.14
CA MET P 75 52.06 -23.86 -36.89
C MET P 75 51.68 -22.46 -36.47
N GLY P 76 51.92 -21.53 -37.37
CA GLY P 76 51.60 -20.12 -37.16
C GLY P 76 50.16 -19.85 -36.77
N PRO P 77 49.15 -20.37 -37.53
CA PRO P 77 47.76 -20.14 -37.16
C PRO P 77 47.39 -20.69 -35.77
N ASP P 78 47.88 -21.88 -35.41
CA ASP P 78 47.65 -22.46 -34.07
C ASP P 78 48.24 -21.53 -32.98
N TYR P 79 49.41 -20.96 -33.24
CA TYR P 79 50.09 -20.04 -32.34
C TYR P 79 49.19 -18.87 -31.94
N ARG P 80 48.56 -18.20 -32.93
CA ARG P 80 47.68 -17.05 -32.72
C ARG P 80 46.54 -17.37 -31.75
N VAL P 81 46.01 -18.61 -31.81
CA VAL P 81 44.97 -19.10 -30.91
C VAL P 81 45.49 -19.04 -29.47
N LEU P 82 46.69 -19.59 -29.24
CA LEU P 82 47.32 -19.61 -27.94
C LEU P 82 47.69 -18.22 -27.44
N VAL P 83 48.11 -17.31 -28.34
CA VAL P 83 48.42 -15.92 -27.92
C VAL P 83 47.14 -15.23 -27.45
N HIS P 84 46.04 -15.33 -28.21
CA HIS P 84 44.77 -14.73 -27.79
C HIS P 84 44.31 -15.25 -26.43
N ARG P 85 44.36 -16.57 -26.25
CA ARG P 85 43.97 -17.22 -25.01
C ARG P 85 44.90 -16.84 -23.85
N ALA P 86 46.22 -16.73 -24.08
CA ALA P 86 47.19 -16.34 -23.06
C ALA P 86 46.97 -14.89 -22.63
N ARG P 87 46.73 -13.98 -23.57
CA ARG P 87 46.46 -12.59 -23.26
C ARG P 87 45.17 -12.47 -22.40
N LYS P 88 44.12 -13.23 -22.78
CA LYS P 88 42.84 -13.30 -22.09
C LYS P 88 43.05 -13.81 -20.64
N LEU P 89 43.70 -14.98 -20.47
CA LEU P 89 43.99 -15.59 -19.16
C LEU P 89 44.74 -14.66 -18.22
N ALA P 90 45.68 -13.87 -18.77
CA ALA P 90 46.48 -12.92 -18.00
C ALA P 90 45.61 -11.74 -17.51
N GLN P 91 44.57 -11.38 -18.27
CA GLN P 91 43.66 -10.32 -17.88
C GLN P 91 42.71 -10.83 -16.82
N GLN P 92 42.25 -12.11 -16.91
CA GLN P 92 41.39 -12.66 -15.86
C GLN P 92 42.11 -12.68 -14.52
N TYR P 93 43.40 -13.09 -14.51
CA TYR P 93 44.20 -13.13 -13.28
C TYR P 93 44.34 -11.74 -12.69
N TYR P 94 44.59 -10.75 -13.55
CA TYR P 94 44.71 -9.37 -13.13
C TYR P 94 43.41 -8.79 -12.53
N LEU P 95 42.25 -9.11 -13.12
CA LEU P 95 40.97 -8.62 -12.59
C LEU P 95 40.73 -9.16 -11.16
N VAL P 96 41.02 -10.46 -10.94
CA VAL P 96 40.82 -11.08 -9.64
C VAL P 96 41.85 -10.66 -8.60
N TYR P 97 43.17 -10.76 -8.89
CA TYR P 97 44.19 -10.50 -7.88
C TYR P 97 44.84 -9.15 -7.90
N GLN P 98 44.56 -8.32 -8.91
CA GLN P 98 45.08 -6.96 -8.99
C GLN P 98 46.59 -6.90 -8.93
N GLU P 99 47.23 -7.88 -9.54
CA GLU P 99 48.67 -8.04 -9.55
C GLU P 99 49.03 -8.76 -10.82
N PRO P 100 50.09 -8.34 -11.55
CA PRO P 100 50.46 -9.04 -12.79
C PRO P 100 50.70 -10.52 -12.58
N ILE P 101 50.13 -11.37 -13.47
CA ILE P 101 50.23 -12.82 -13.40
C ILE P 101 51.66 -13.31 -13.37
N PRO P 102 52.02 -14.13 -12.36
CA PRO P 102 53.36 -14.72 -12.35
C PRO P 102 53.53 -15.60 -13.62
N THR P 103 54.70 -15.55 -14.26
CA THR P 103 55.03 -16.29 -15.48
C THR P 103 54.68 -17.77 -15.38
N ALA P 104 55.01 -18.42 -14.23
CA ALA P 104 54.71 -19.83 -13.99
C ALA P 104 53.18 -20.07 -13.99
N GLN P 105 52.39 -19.10 -13.47
CA GLN P 105 50.93 -19.20 -13.44
C GLN P 105 50.36 -19.10 -14.83
N LEU P 106 50.87 -18.16 -15.66
CA LEU P 106 50.39 -18.05 -17.03
C LEU P 106 50.72 -19.33 -17.82
N VAL P 107 51.98 -19.82 -17.69
CA VAL P 107 52.43 -21.04 -18.36
C VAL P 107 51.54 -22.22 -18.01
N GLN P 108 51.20 -22.38 -16.73
CA GLN P 108 50.32 -23.46 -16.28
C GLN P 108 48.90 -23.36 -16.88
N ARG P 109 48.32 -22.15 -16.95
CA ARG P 109 46.99 -21.95 -17.52
C ARG P 109 46.96 -22.20 -19.04
N VAL P 110 48.01 -21.82 -19.75
CA VAL P 110 48.09 -22.05 -21.20
C VAL P 110 48.39 -23.53 -21.50
N ALA P 111 49.17 -24.19 -20.62
CA ALA P 111 49.47 -25.61 -20.76
C ALA P 111 48.20 -26.45 -20.60
N SER P 112 47.24 -25.99 -19.77
CA SER P 112 45.97 -26.65 -19.54
C SER P 112 45.10 -26.63 -20.79
N VAL P 113 45.11 -25.50 -21.50
CA VAL P 113 44.37 -25.36 -22.75
C VAL P 113 44.95 -26.32 -23.77
N MET P 114 46.27 -26.38 -23.88
CA MET P 114 46.96 -27.28 -24.78
C MET P 114 46.64 -28.75 -24.44
N GLN P 115 46.62 -29.13 -23.15
CA GLN P 115 46.27 -30.50 -22.75
C GLN P 115 44.84 -30.85 -23.19
N GLU P 116 43.88 -29.89 -23.08
CA GLU P 116 42.48 -30.12 -23.47
C GLU P 116 42.39 -30.62 -24.89
N TYR P 117 43.17 -30.03 -25.80
CA TYR P 117 43.16 -30.40 -27.20
C TYR P 117 43.81 -31.75 -27.51
N THR P 118 44.24 -32.49 -26.48
CA THR P 118 44.75 -33.85 -26.62
C THR P 118 43.71 -34.88 -26.09
N GLN P 119 42.55 -34.44 -25.55
CA GLN P 119 41.57 -35.35 -24.96
C GLN P 119 40.14 -35.04 -25.36
N SER P 120 39.84 -33.76 -25.60
CA SER P 120 38.53 -33.28 -26.00
C SER P 120 38.12 -33.83 -27.34
N GLY P 121 36.81 -33.97 -27.51
CA GLY P 121 36.22 -34.51 -28.71
C GLY P 121 36.40 -33.73 -29.99
N GLY P 122 36.70 -34.46 -31.06
CA GLY P 122 36.78 -33.96 -32.43
C GLY P 122 37.79 -32.90 -32.74
N VAL P 123 38.84 -32.78 -31.91
CA VAL P 123 39.95 -31.84 -32.12
C VAL P 123 41.31 -32.59 -32.12
N ARG P 124 42.29 -32.02 -32.85
CA ARG P 124 43.67 -32.51 -32.90
C ARG P 124 44.47 -31.59 -31.97
N PRO P 125 45.65 -32.02 -31.46
CA PRO P 125 46.44 -31.13 -30.61
C PRO P 125 47.03 -29.93 -31.38
N PHE P 126 47.56 -28.93 -30.66
CA PHE P 126 48.20 -27.81 -31.32
C PHE P 126 49.58 -28.30 -31.85
N GLY P 127 49.95 -27.87 -33.07
CA GLY P 127 51.23 -28.22 -33.65
C GLY P 127 52.23 -27.11 -33.37
N VAL P 128 52.27 -26.68 -32.11
CA VAL P 128 53.07 -25.57 -31.63
C VAL P 128 53.71 -25.87 -30.27
N SER P 129 54.96 -25.42 -30.10
CA SER P 129 55.64 -25.42 -28.82
C SER P 129 55.87 -23.94 -28.55
N LEU P 130 55.54 -23.46 -27.35
CA LEU P 130 55.74 -22.05 -27.02
C LEU P 130 56.96 -21.83 -26.15
N LEU P 131 57.56 -20.64 -26.22
CA LEU P 131 58.65 -20.22 -25.36
C LEU P 131 58.18 -18.93 -24.72
N ILE P 132 57.80 -19.02 -23.45
CA ILE P 132 57.24 -17.90 -22.69
C ILE P 132 58.30 -17.31 -21.75
N CYS P 133 58.52 -15.98 -21.80
CA CYS P 133 59.45 -15.27 -20.91
C CYS P 133 58.71 -14.28 -20.02
N GLY P 134 59.30 -13.96 -18.88
CA GLY P 134 58.69 -13.02 -17.97
C GLY P 134 59.59 -12.52 -16.87
N TRP P 135 59.10 -11.54 -16.11
CA TRP P 135 59.79 -10.92 -14.98
C TRP P 135 58.72 -10.67 -13.93
N ASN P 136 58.82 -11.30 -12.73
CA ASN P 136 57.80 -11.06 -11.70
C ASN P 136 58.31 -11.02 -10.27
N GLU P 137 59.21 -11.94 -9.84
CA GLU P 137 59.63 -11.86 -8.42
C GLU P 137 60.97 -11.15 -8.26
N GLY P 138 61.15 -10.07 -9.01
CA GLY P 138 62.44 -9.39 -9.12
C GLY P 138 63.46 -10.31 -9.79
N ARG P 139 62.96 -11.28 -10.61
CA ARG P 139 63.78 -12.29 -11.26
C ARG P 139 63.16 -12.76 -12.57
N PRO P 140 64.02 -13.17 -13.53
CA PRO P 140 63.50 -13.60 -14.84
C PRO P 140 63.07 -15.07 -14.95
N TYR P 141 62.11 -15.37 -15.86
CA TYR P 141 61.54 -16.70 -16.09
C TYR P 141 61.46 -17.07 -17.55
N LEU P 142 61.86 -18.30 -17.90
CA LEU P 142 61.78 -18.81 -19.27
C LEU P 142 61.19 -20.22 -19.24
N PHE P 143 60.07 -20.42 -19.94
CA PHE P 143 59.39 -21.70 -19.95
C PHE P 143 59.10 -22.18 -21.35
N GLN P 144 59.07 -23.51 -21.53
CA GLN P 144 58.67 -24.14 -22.79
C GLN P 144 57.36 -24.86 -22.50
N SER P 145 56.38 -24.80 -23.40
CA SER P 145 55.11 -25.52 -23.24
C SER P 145 54.89 -26.24 -24.54
N ASP P 146 54.84 -27.59 -24.53
CA ASP P 146 54.76 -28.36 -25.76
C ASP P 146 53.33 -28.89 -26.08
N PRO P 147 53.09 -29.46 -27.29
CA PRO P 147 51.73 -29.89 -27.68
C PRO P 147 50.95 -30.80 -26.73
N SER P 148 51.61 -31.59 -25.87
CA SER P 148 50.89 -32.46 -24.91
C SER P 148 50.28 -31.69 -23.74
N GLY P 149 50.80 -30.50 -23.45
CA GLY P 149 50.40 -29.70 -22.30
C GLY P 149 51.43 -29.74 -21.18
N ALA P 150 52.66 -30.19 -21.48
CA ALA P 150 53.71 -30.28 -20.48
C ALA P 150 54.59 -29.05 -20.58
N TYR P 151 55.07 -28.57 -19.43
CA TYR P 151 55.91 -27.39 -19.41
C TYR P 151 57.21 -27.62 -18.67
N PHE P 152 58.25 -26.82 -19.03
CA PHE P 152 59.60 -26.94 -18.50
C PHE P 152 60.22 -25.57 -18.28
N ALA P 153 60.84 -25.31 -17.12
CA ALA P 153 61.53 -24.04 -16.89
C ALA P 153 62.96 -24.23 -17.38
N TRP P 154 63.43 -23.34 -18.26
CA TRP P 154 64.76 -23.44 -18.87
C TRP P 154 65.68 -22.26 -18.53
N LYS P 155 66.97 -22.53 -18.47
CA LYS P 155 68.01 -21.51 -18.35
C LYS P 155 68.26 -21.00 -19.79
N ALA P 156 68.28 -21.90 -20.78
CA ALA P 156 68.42 -21.62 -22.20
C ALA P 156 67.91 -22.84 -22.98
N THR P 157 67.30 -22.63 -24.18
CA THR P 157 66.81 -23.75 -25.01
C THR P 157 66.56 -23.32 -26.48
N ALA P 158 66.44 -24.31 -27.38
CA ALA P 158 66.17 -24.13 -28.80
C ALA P 158 64.97 -25.01 -29.22
N MET P 159 64.22 -24.56 -30.24
CA MET P 159 63.10 -25.34 -30.77
C MET P 159 63.05 -25.23 -32.30
N GLY P 160 62.46 -26.23 -32.96
CA GLY P 160 62.30 -26.22 -34.41
C GLY P 160 63.45 -26.85 -35.15
N LYS P 161 63.69 -26.41 -36.40
CA LYS P 161 64.78 -26.94 -37.23
C LYS P 161 66.12 -26.81 -36.52
N ASN P 162 66.93 -27.89 -36.56
CA ASN P 162 68.24 -27.98 -35.93
C ASN P 162 68.26 -27.65 -34.44
N TYR P 163 67.19 -28.00 -33.71
CA TYR P 163 67.12 -27.72 -32.28
C TYR P 163 68.10 -28.55 -31.44
N VAL P 164 68.37 -29.82 -31.80
CA VAL P 164 69.29 -30.64 -31.00
C VAL P 164 70.69 -30.05 -31.01
N ASN P 165 71.11 -29.47 -32.14
CA ASN P 165 72.40 -28.83 -32.27
C ASN P 165 72.45 -27.45 -31.62
N GLY P 166 71.34 -26.74 -31.64
CA GLY P 166 71.21 -25.43 -30.99
C GLY P 166 71.36 -25.56 -29.49
N LYS P 167 70.78 -26.63 -28.92
CA LYS P 167 70.87 -26.91 -27.48
C LYS P 167 72.30 -27.28 -27.07
N THR P 168 73.08 -27.97 -27.94
CA THR P 168 74.46 -28.31 -27.61
C THR P 168 75.33 -27.04 -27.62
N PHE P 169 75.11 -26.15 -28.61
CA PHE P 169 75.83 -24.88 -28.70
C PHE P 169 75.51 -24.04 -27.45
N LEU P 170 74.24 -23.98 -27.05
CA LEU P 170 73.83 -23.24 -25.86
C LEU P 170 74.46 -23.84 -24.59
N GLU P 171 74.51 -25.17 -24.50
CA GLU P 171 75.07 -25.90 -23.37
C GLU P 171 76.51 -25.46 -23.09
N LYS P 172 77.33 -25.29 -24.16
CA LYS P 172 78.71 -24.87 -23.95
C LYS P 172 78.87 -23.35 -23.91
N ARG P 173 77.99 -22.57 -24.57
CA ARG P 173 78.11 -21.11 -24.55
C ARG P 173 77.26 -20.39 -23.43
N TYR P 174 76.51 -21.13 -22.58
CA TYR P 174 75.68 -20.54 -21.52
C TYR P 174 76.31 -20.53 -20.12
N ASN P 175 76.17 -19.38 -19.44
CA ASN P 175 76.63 -19.16 -18.07
C ASN P 175 75.50 -18.47 -17.29
N GLU P 176 75.22 -18.94 -16.07
CA GLU P 176 74.14 -18.39 -15.24
C GLU P 176 74.32 -16.88 -14.99
N ASP P 177 75.57 -16.38 -14.96
CA ASP P 177 75.80 -14.96 -14.69
C ASP P 177 75.97 -14.06 -15.93
N LEU P 178 75.45 -14.47 -17.11
CA LEU P 178 75.52 -13.64 -18.32
C LEU P 178 74.55 -12.47 -18.20
N GLU P 179 74.89 -11.30 -18.74
CA GLU P 179 73.98 -10.16 -18.70
C GLU P 179 73.17 -10.09 -19.98
N LEU P 180 71.98 -9.48 -19.91
CA LEU P 180 70.99 -9.41 -20.99
C LEU P 180 71.60 -9.06 -22.34
N GLU P 181 72.43 -8.02 -22.43
CA GLU P 181 73.08 -7.66 -23.69
C GLU P 181 73.92 -8.81 -24.25
N ASP P 182 74.71 -9.48 -23.40
CA ASP P 182 75.54 -10.61 -23.82
C ASP P 182 74.67 -11.79 -24.24
N ALA P 183 73.53 -12.01 -23.54
CA ALA P 183 72.60 -13.09 -23.87
C ALA P 183 71.91 -12.87 -25.23
N ILE P 184 71.66 -11.58 -25.64
CA ILE P 184 71.09 -11.29 -26.97
C ILE P 184 72.11 -11.69 -28.05
N HIS P 185 73.40 -11.37 -27.82
CA HIS P 185 74.49 -11.75 -28.71
C HIS P 185 74.53 -13.27 -28.87
N THR P 186 74.50 -14.00 -27.75
CA THR P 186 74.49 -15.48 -27.71
C THR P 186 73.24 -16.06 -28.41
N ALA P 187 72.07 -15.40 -28.25
CA ALA P 187 70.83 -15.87 -28.87
C ALA P 187 70.88 -15.79 -30.38
N ILE P 188 71.41 -14.69 -30.92
CA ILE P 188 71.57 -14.51 -32.35
C ILE P 188 72.61 -15.53 -32.89
N LEU P 189 73.67 -15.81 -32.10
CA LEU P 189 74.69 -16.78 -32.46
C LEU P 189 74.11 -18.22 -32.56
N THR P 190 73.15 -18.58 -31.71
CA THR P 190 72.52 -19.91 -31.74
C THR P 190 71.68 -20.05 -33.01
N LEU P 191 70.99 -18.96 -33.41
CA LEU P 191 70.20 -18.93 -34.63
C LEU P 191 71.11 -19.03 -35.84
N LYS P 192 72.29 -18.40 -35.79
CA LYS P 192 73.25 -18.39 -36.88
C LYS P 192 73.85 -19.79 -37.19
N GLU P 193 73.79 -20.71 -36.23
CA GLU P 193 74.25 -22.08 -36.40
C GLU P 193 73.41 -22.82 -37.47
N SER P 194 72.10 -22.57 -37.49
CA SER P 194 71.18 -23.21 -38.43
C SER P 194 70.58 -22.28 -39.48
N PHE P 195 71.00 -21.01 -39.52
CA PHE P 195 70.45 -20.06 -40.47
C PHE P 195 71.03 -20.25 -41.85
N GLU P 196 70.15 -20.42 -42.85
CA GLU P 196 70.60 -20.60 -44.24
C GLU P 196 70.47 -19.30 -45.04
N GLY P 197 71.60 -18.63 -45.25
CA GLY P 197 71.67 -17.37 -45.98
C GLY P 197 72.25 -16.24 -45.16
N GLN P 198 72.01 -14.99 -45.58
CA GLN P 198 72.53 -13.87 -44.81
C GLN P 198 71.51 -13.31 -43.84
N MET P 199 71.92 -13.23 -42.57
CA MET P 199 71.07 -12.75 -41.47
C MET P 199 71.04 -11.24 -41.35
N THR P 200 69.88 -10.66 -41.67
CA THR P 200 69.59 -9.23 -41.58
C THR P 200 68.61 -8.95 -40.43
N GLU P 201 68.39 -7.67 -40.08
CA GLU P 201 67.44 -7.30 -39.03
C GLU P 201 65.96 -7.45 -39.45
N ASP P 202 65.72 -7.90 -40.69
CA ASP P 202 64.38 -8.11 -41.23
C ASP P 202 63.99 -9.59 -41.35
N ASN P 203 64.96 -10.52 -41.27
CA ASN P 203 64.63 -11.95 -41.33
C ASN P 203 64.85 -12.68 -40.00
N ILE P 204 64.98 -11.94 -38.89
CA ILE P 204 65.07 -12.46 -37.51
C ILE P 204 64.31 -11.51 -36.60
N GLU P 205 63.74 -12.04 -35.51
CA GLU P 205 62.96 -11.22 -34.58
C GLU P 205 63.39 -11.46 -33.13
N VAL P 206 63.65 -10.38 -32.37
CA VAL P 206 64.13 -10.52 -31.00
C VAL P 206 63.23 -9.78 -30.02
N GLY P 207 62.98 -10.40 -28.89
CA GLY P 207 62.19 -9.82 -27.81
C GLY P 207 62.94 -9.96 -26.51
N ILE P 208 62.86 -8.93 -25.67
CA ILE P 208 63.56 -8.94 -24.40
C ILE P 208 62.61 -8.72 -23.23
N CYS P 209 63.04 -9.14 -22.05
CA CYS P 209 62.20 -8.99 -20.86
C CYS P 209 63.07 -8.75 -19.65
N ASN P 210 62.98 -7.57 -19.05
CA ASN P 210 63.76 -7.25 -17.85
C ASN P 210 62.87 -6.53 -16.82
N GLU P 211 63.45 -5.85 -15.80
CA GLU P 211 62.69 -5.09 -14.81
C GLU P 211 61.67 -4.12 -15.44
N ALA P 212 61.99 -3.55 -16.62
CA ALA P 212 61.13 -2.62 -17.35
C ALA P 212 59.98 -3.25 -18.16
N GLY P 213 59.89 -4.57 -18.12
CA GLY P 213 58.84 -5.31 -18.82
C GLY P 213 59.32 -5.99 -20.08
N PHE P 214 58.35 -6.54 -20.82
CA PHE P 214 58.62 -7.23 -22.08
C PHE P 214 58.39 -6.27 -23.24
N ARG P 215 59.31 -6.31 -24.20
CA ARG P 215 59.17 -5.56 -25.44
C ARG P 215 59.97 -6.23 -26.56
N ARG P 216 59.61 -5.94 -27.79
CA ARG P 216 60.31 -6.42 -28.96
C ARG P 216 61.48 -5.44 -29.23
N LEU P 217 62.62 -5.94 -29.76
CA LEU P 217 63.72 -5.07 -30.14
C LEU P 217 63.36 -4.50 -31.52
N THR P 218 63.59 -3.20 -31.75
CA THR P 218 63.32 -2.60 -33.05
C THR P 218 64.35 -3.11 -34.08
N PRO P 219 64.06 -3.08 -35.40
CA PRO P 219 65.08 -3.53 -36.37
C PRO P 219 66.39 -2.76 -36.27
N THR P 220 66.36 -1.52 -35.76
CA THR P 220 67.55 -0.70 -35.57
C THR P 220 68.42 -1.32 -34.47
N GLU P 221 67.78 -1.79 -33.36
CA GLU P 221 68.47 -2.45 -32.25
C GLU P 221 69.02 -3.80 -32.69
N VAL P 222 68.26 -4.54 -33.52
CA VAL P 222 68.72 -5.82 -34.06
C VAL P 222 69.92 -5.61 -35.01
N LYS P 223 69.92 -4.50 -35.78
CA LYS P 223 71.01 -4.14 -36.69
C LYS P 223 72.30 -3.90 -35.91
N ASP P 224 72.21 -3.19 -34.77
CA ASP P 224 73.35 -2.90 -33.90
C ASP P 224 73.93 -4.16 -33.26
N TYR P 225 73.09 -5.18 -33.02
CA TYR P 225 73.57 -6.45 -32.46
C TYR P 225 74.26 -7.29 -33.54
N LEU P 226 73.72 -7.26 -34.78
CA LEU P 226 74.27 -7.97 -35.93
C LEU P 226 75.59 -7.32 -36.43
N ALA P 227 75.81 -6.03 -36.11
CA ALA P 227 77.03 -5.31 -36.44
C ALA P 227 78.23 -5.93 -35.71
N ALA P 228 78.00 -6.40 -34.46
CA ALA P 228 78.99 -7.02 -33.57
C ALA P 228 79.58 -8.35 -34.08
N ILE P 229 78.85 -9.10 -34.93
CA ILE P 229 79.34 -10.37 -35.50
C ILE P 229 80.40 -10.12 -36.56
N SER Q 1 30.41 -39.02 -36.58
CA SER Q 1 30.72 -39.96 -37.66
C SER Q 1 31.39 -41.24 -37.15
N ARG Q 2 30.74 -42.36 -37.44
CA ARG Q 2 31.13 -43.72 -37.06
C ARG Q 2 32.44 -44.18 -37.71
N ARG Q 3 32.79 -43.62 -38.89
CA ARG Q 3 34.02 -44.00 -39.56
C ARG Q 3 35.21 -43.54 -38.74
N TYR Q 4 35.16 -42.34 -38.21
CA TYR Q 4 36.29 -41.78 -37.46
C TYR Q 4 36.29 -42.12 -35.98
N ASP Q 5 35.20 -42.69 -35.46
CA ASP Q 5 35.09 -43.00 -34.03
C ASP Q 5 35.97 -44.13 -33.58
N SER Q 6 36.88 -43.77 -32.71
CA SER Q 6 37.91 -44.61 -32.07
C SER Q 6 37.30 -45.71 -31.17
N ARG Q 7 36.09 -45.46 -30.60
CA ARG Q 7 35.38 -46.36 -29.66
C ARG Q 7 36.25 -46.63 -28.44
N THR Q 8 36.55 -45.59 -27.64
CA THR Q 8 37.45 -45.73 -26.51
C THR Q 8 36.83 -46.44 -25.28
N THR Q 9 35.50 -46.36 -25.09
CA THR Q 9 34.87 -46.93 -23.90
C THR Q 9 34.12 -48.24 -24.17
N ILE Q 10 34.61 -49.07 -25.09
CA ILE Q 10 33.94 -50.33 -25.42
C ILE Q 10 34.77 -51.56 -24.96
N PHE Q 11 34.10 -52.72 -24.83
CA PHE Q 11 34.75 -53.96 -24.44
C PHE Q 11 35.36 -54.70 -25.62
N SER Q 12 36.41 -55.46 -25.37
CA SER Q 12 37.08 -56.37 -26.31
C SER Q 12 36.45 -57.76 -26.07
N PRO Q 13 36.55 -58.73 -27.01
CA PRO Q 13 35.89 -60.03 -26.81
C PRO Q 13 36.26 -60.83 -25.55
N GLU Q 14 37.38 -60.48 -24.90
CA GLU Q 14 37.79 -61.16 -23.68
C GLU Q 14 37.40 -60.37 -22.43
N GLY Q 15 36.43 -59.46 -22.53
CA GLY Q 15 35.99 -58.60 -21.44
C GLY Q 15 37.07 -57.61 -21.04
N ARG Q 16 37.79 -57.10 -22.05
CA ARG Q 16 38.92 -56.21 -21.77
C ARG Q 16 38.72 -54.82 -22.28
N LEU Q 17 39.25 -53.85 -21.55
CA LEU Q 17 39.13 -52.46 -21.94
C LEU Q 17 40.51 -52.07 -22.46
N TYR Q 18 40.68 -52.14 -23.78
CA TYR Q 18 41.95 -51.90 -24.45
C TYR Q 18 42.54 -50.52 -24.22
N GLN Q 19 41.76 -49.42 -24.29
CA GLN Q 19 42.33 -48.09 -24.03
C GLN Q 19 42.98 -47.98 -22.64
N VAL Q 20 42.38 -48.66 -21.65
CA VAL Q 20 42.91 -48.70 -20.29
C VAL Q 20 44.25 -49.44 -20.27
N GLU Q 21 44.32 -50.58 -20.94
CA GLU Q 21 45.53 -51.39 -21.04
C GLU Q 21 46.64 -50.68 -21.79
N TYR Q 22 46.29 -49.96 -22.84
CA TYR Q 22 47.26 -49.19 -23.61
C TYR Q 22 47.76 -48.01 -22.76
N ALA Q 23 46.90 -47.42 -21.89
CA ALA Q 23 47.30 -46.34 -20.97
C ALA Q 23 48.30 -46.87 -19.93
N MET Q 24 48.09 -48.11 -19.45
CA MET Q 24 49.01 -48.79 -18.52
C MET Q 24 50.40 -48.99 -19.15
N GLU Q 25 50.45 -49.21 -20.47
CA GLU Q 25 51.71 -49.38 -21.18
C GLU Q 25 52.53 -48.09 -21.13
N ALA Q 26 51.86 -46.92 -21.20
CA ALA Q 26 52.51 -45.61 -21.14
C ALA Q 26 53.13 -45.38 -19.77
N ILE Q 27 52.42 -45.79 -18.71
CA ILE Q 27 52.89 -45.65 -17.34
C ILE Q 27 54.23 -46.35 -17.11
N GLY Q 28 54.43 -47.49 -17.78
CA GLY Q 28 55.68 -48.24 -17.71
C GLY Q 28 56.88 -47.46 -18.22
N HIS Q 29 56.66 -46.53 -19.14
CA HIS Q 29 57.74 -45.72 -19.70
C HIS Q 29 58.12 -44.51 -18.84
N ALA Q 30 57.23 -44.07 -17.96
CA ALA Q 30 57.49 -42.93 -17.07
C ALA Q 30 58.50 -43.31 -15.96
N GLY Q 31 59.07 -42.31 -15.30
CA GLY Q 31 60.04 -42.55 -14.25
C GLY Q 31 59.52 -43.38 -13.10
N THR Q 32 60.40 -44.23 -12.54
CA THR Q 32 60.13 -45.09 -11.40
C THR Q 32 59.65 -44.26 -10.22
N CYS Q 33 58.58 -44.71 -9.58
CA CYS Q 33 57.98 -43.98 -8.50
C CYS Q 33 57.59 -44.95 -7.39
N LEU Q 34 58.16 -44.80 -6.18
CA LEU Q 34 57.80 -45.70 -5.09
C LEU Q 34 57.32 -45.00 -3.80
N GLY Q 35 56.58 -45.76 -3.01
CA GLY Q 35 56.06 -45.28 -1.73
C GLY Q 35 56.23 -46.34 -0.65
N ILE Q 36 56.66 -45.91 0.53
CA ILE Q 36 56.89 -46.83 1.65
C ILE Q 36 56.25 -46.26 2.91
N LEU Q 37 55.46 -47.08 3.57
CA LEU Q 37 54.75 -46.73 4.79
C LEU Q 37 55.59 -47.21 5.99
N ALA Q 38 55.85 -46.32 6.94
CA ALA Q 38 56.59 -46.63 8.17
C ALA Q 38 55.71 -46.30 9.42
N ASN Q 39 56.17 -46.61 10.66
CA ASN Q 39 55.38 -46.34 11.87
C ASN Q 39 55.37 -44.85 12.25
N ASP Q 40 56.44 -44.13 11.93
CA ASP Q 40 56.54 -42.72 12.24
C ASP Q 40 56.38 -41.78 11.02
N GLY Q 41 55.99 -42.33 9.88
CA GLY Q 41 55.83 -41.55 8.68
C GLY Q 41 55.57 -42.37 7.44
N VAL Q 42 55.58 -41.71 6.30
CA VAL Q 42 55.36 -42.36 5.01
C VAL Q 42 56.15 -41.53 3.97
N LEU Q 43 56.76 -42.18 2.97
CA LEU Q 43 57.56 -41.44 1.98
C LEU Q 43 57.25 -41.74 0.50
N LEU Q 44 57.68 -40.83 -0.42
CA LEU Q 44 57.61 -40.97 -1.86
C LEU Q 44 59.03 -40.76 -2.42
N ALA Q 45 59.56 -41.73 -3.14
CA ALA Q 45 60.88 -41.60 -3.75
C ALA Q 45 60.70 -41.84 -5.26
N ALA Q 46 61.02 -40.84 -6.07
CA ALA Q 46 60.79 -40.92 -7.50
C ALA Q 46 61.99 -40.54 -8.37
N GLU Q 47 62.14 -41.27 -9.46
CA GLU Q 47 63.16 -41.03 -10.45
C GLU Q 47 62.78 -39.76 -11.21
N ARG Q 48 63.69 -38.79 -11.30
CA ARG Q 48 63.51 -37.53 -12.02
C ARG Q 48 63.86 -37.69 -13.49
N ARG Q 49 62.89 -37.47 -14.37
CA ARG Q 49 63.12 -37.52 -15.80
C ARG Q 49 63.48 -36.16 -16.42
N ASN Q 50 63.36 -35.07 -15.65
CA ASN Q 50 63.72 -33.74 -16.13
C ASN Q 50 65.11 -33.42 -15.61
N ILE Q 51 66.11 -34.04 -16.23
CA ILE Q 51 67.54 -33.93 -15.88
C ILE Q 51 68.29 -33.40 -17.09
N HIS Q 52 68.75 -32.16 -17.00
CA HIS Q 52 69.45 -31.51 -18.11
C HIS Q 52 70.14 -30.30 -17.54
N LYS Q 53 71.41 -30.11 -17.94
CA LYS Q 53 72.25 -28.99 -17.48
C LYS Q 53 71.56 -27.62 -17.65
N LEU Q 54 70.83 -27.43 -18.77
CA LEU Q 54 70.17 -26.16 -19.06
C LEU Q 54 68.75 -26.00 -18.47
N LEU Q 55 68.27 -26.96 -17.69
CA LEU Q 55 66.98 -26.82 -17.02
C LEU Q 55 67.14 -25.90 -15.81
N ASP Q 56 66.11 -25.15 -15.48
CA ASP Q 56 66.14 -24.23 -14.36
C ASP Q 56 65.23 -24.77 -13.27
N GLU Q 57 65.69 -24.67 -12.02
CA GLU Q 57 64.89 -25.15 -10.89
C GLU Q 57 64.01 -24.04 -10.33
N VAL Q 58 62.78 -23.93 -10.83
CA VAL Q 58 61.79 -22.92 -10.44
C VAL Q 58 60.76 -23.48 -9.43
N PHE Q 59 60.46 -24.78 -9.49
CA PHE Q 59 59.49 -25.40 -8.59
C PHE Q 59 60.17 -26.18 -7.44
N PHE Q 60 59.43 -26.45 -6.34
CA PHE Q 60 59.93 -27.19 -5.18
C PHE Q 60 60.33 -28.62 -5.54
N SER Q 61 59.58 -29.22 -6.45
CA SER Q 61 59.82 -30.59 -6.92
C SER Q 61 59.37 -30.74 -8.38
N GLU Q 62 59.53 -31.94 -8.93
CA GLU Q 62 59.15 -32.26 -10.30
C GLU Q 62 57.89 -33.16 -10.34
N LYS Q 63 57.85 -34.19 -9.51
CA LYS Q 63 56.77 -35.17 -9.51
C LYS Q 63 56.01 -35.25 -8.20
N ILE Q 64 56.34 -34.39 -7.19
CA ILE Q 64 55.66 -34.42 -5.88
C ILE Q 64 54.68 -33.24 -5.78
N TYR Q 65 53.42 -33.53 -5.50
CA TYR Q 65 52.39 -32.50 -5.41
C TYR Q 65 51.75 -32.50 -4.05
N LYS Q 66 51.76 -31.37 -3.33
CA LYS Q 66 51.03 -31.27 -2.06
C LYS Q 66 49.56 -31.15 -2.47
N LEU Q 67 48.66 -31.93 -1.84
CA LEU Q 67 47.24 -31.88 -2.22
C LEU Q 67 46.39 -31.11 -1.21
N ASN Q 68 46.78 -31.22 0.06
CA ASN Q 68 46.05 -30.69 1.18
C ASN Q 68 47.05 -30.55 2.37
N GLU Q 69 46.59 -30.06 3.54
CA GLU Q 69 47.48 -29.90 4.69
C GLU Q 69 48.10 -31.25 5.18
N ASP Q 70 47.38 -32.39 4.99
CA ASP Q 70 47.82 -33.70 5.45
C ASP Q 70 48.15 -34.69 4.33
N MET Q 71 48.17 -34.25 3.07
CA MET Q 71 48.39 -35.18 1.97
C MET Q 71 49.25 -34.62 0.87
N ALA Q 72 49.93 -35.53 0.18
CA ALA Q 72 50.76 -35.24 -0.98
C ALA Q 72 50.71 -36.45 -1.92
N CYS Q 73 51.09 -36.26 -3.20
CA CYS Q 73 51.09 -37.38 -4.14
C CYS Q 73 52.25 -37.34 -5.15
N SER Q 74 52.45 -38.44 -5.83
CA SER Q 74 53.41 -38.53 -6.90
C SER Q 74 52.77 -39.23 -8.08
N VAL Q 75 53.25 -38.93 -9.30
CA VAL Q 75 52.63 -39.43 -10.52
C VAL Q 75 53.60 -40.21 -11.43
N ALA Q 76 53.05 -40.98 -12.38
CA ALA Q 76 53.80 -41.73 -13.40
C ALA Q 76 52.90 -41.85 -14.62
N GLY Q 77 53.26 -41.16 -15.69
CA GLY Q 77 52.50 -41.21 -16.92
C GLY Q 77 52.59 -39.93 -17.71
N ILE Q 78 51.49 -39.51 -18.33
CA ILE Q 78 51.43 -38.27 -19.10
C ILE Q 78 51.33 -37.12 -18.08
N THR Q 79 52.41 -36.33 -17.95
CA THR Q 79 52.53 -35.26 -16.94
C THR Q 79 51.42 -34.17 -17.10
N SER Q 80 50.91 -33.89 -18.33
CA SER Q 80 49.82 -32.93 -18.50
C SER Q 80 48.51 -33.51 -17.95
N ASP Q 81 48.30 -34.84 -18.10
CA ASP Q 81 47.13 -35.52 -17.55
C ASP Q 81 47.23 -35.49 -16.01
N ALA Q 82 48.45 -35.65 -15.45
CA ALA Q 82 48.71 -35.59 -14.01
C ALA Q 82 48.42 -34.21 -13.45
N ASN Q 83 48.66 -33.14 -14.24
CA ASN Q 83 48.38 -31.77 -13.76
C ASN Q 83 46.85 -31.57 -13.67
N VAL Q 84 46.08 -32.17 -14.60
CA VAL Q 84 44.63 -32.10 -14.58
C VAL Q 84 44.10 -32.79 -13.31
N LEU Q 85 44.54 -34.03 -13.07
CA LEU Q 85 44.11 -34.82 -11.94
C LEU Q 85 44.54 -34.26 -10.60
N THR Q 86 45.78 -33.75 -10.49
CA THR Q 86 46.24 -33.19 -9.20
C THR Q 86 45.47 -31.94 -8.85
N ASN Q 87 45.14 -31.09 -9.84
CA ASN Q 87 44.32 -29.90 -9.62
C ASN Q 87 42.94 -30.30 -9.09
N GLU Q 88 42.34 -31.36 -9.65
CA GLU Q 88 41.04 -31.86 -9.23
C GLU Q 88 41.09 -32.45 -7.83
N LEU Q 89 42.20 -33.12 -7.46
CA LEU Q 89 42.39 -33.67 -6.11
C LEU Q 89 42.37 -32.53 -5.07
N ARG Q 90 42.98 -31.38 -5.41
CA ARG Q 90 42.98 -30.22 -4.55
C ARG Q 90 41.59 -29.62 -4.38
N LEU Q 91 40.78 -29.61 -5.48
CA LEU Q 91 39.39 -29.09 -5.46
C LEU Q 91 38.53 -29.99 -4.60
N ILE Q 92 38.65 -31.31 -4.77
CA ILE Q 92 37.91 -32.28 -3.98
C ILE Q 92 38.23 -32.11 -2.48
N ALA Q 93 39.50 -31.94 -2.15
CA ALA Q 93 39.91 -31.78 -0.76
C ALA Q 93 39.37 -30.47 -0.15
N GLN Q 94 39.34 -29.38 -0.94
CA GLN Q 94 38.80 -28.11 -0.45
C GLN Q 94 37.29 -28.15 -0.31
N ARG Q 95 36.61 -28.89 -1.20
CA ARG Q 95 35.17 -29.05 -1.13
C ARG Q 95 34.80 -29.85 0.12
N TYR Q 96 35.59 -30.88 0.49
CA TYR Q 96 35.29 -31.67 1.68
C TYR Q 96 35.47 -30.80 2.92
N LEU Q 97 36.57 -30.05 2.98
CA LEU Q 97 36.86 -29.16 4.10
C LEU Q 97 35.81 -28.04 4.24
N LEU Q 98 35.33 -27.47 3.13
CA LEU Q 98 34.29 -26.43 3.20
C LEU Q 98 32.99 -27.02 3.81
N GLN Q 99 32.66 -28.26 3.41
CA GLN Q 99 31.44 -28.91 3.85
C GLN Q 99 31.45 -29.36 5.32
N TYR Q 100 32.52 -30.06 5.75
CA TYR Q 100 32.54 -30.63 7.10
C TYR Q 100 33.43 -29.92 8.10
N GLN Q 101 34.27 -28.99 7.63
CA GLN Q 101 35.24 -28.24 8.43
C GLN Q 101 36.20 -29.18 9.14
N GLU Q 102 36.66 -30.19 8.39
CA GLU Q 102 37.61 -31.23 8.74
C GLU Q 102 38.32 -31.64 7.47
N PRO Q 103 39.61 -32.03 7.54
CA PRO Q 103 40.31 -32.46 6.30
C PRO Q 103 39.76 -33.77 5.76
N ILE Q 104 39.71 -33.94 4.42
CA ILE Q 104 39.22 -35.16 3.76
C ILE Q 104 40.01 -36.39 4.15
N PRO Q 105 39.36 -37.42 4.74
CA PRO Q 105 40.09 -38.65 5.06
C PRO Q 105 40.72 -39.26 3.78
N CYS Q 106 42.02 -39.56 3.85
CA CYS Q 106 42.88 -40.01 2.75
C CYS Q 106 42.19 -40.93 1.74
N GLU Q 107 41.57 -42.02 2.18
CA GLU Q 107 40.93 -42.94 1.24
C GLU Q 107 39.80 -42.26 0.45
N GLN Q 108 39.02 -41.39 1.10
CA GLN Q 108 37.94 -40.69 0.43
C GLN Q 108 38.43 -39.82 -0.70
N LEU Q 109 39.57 -39.16 -0.54
CA LEU Q 109 40.12 -38.34 -1.62
C LEU Q 109 40.51 -39.22 -2.80
N VAL Q 110 41.10 -40.39 -2.52
CA VAL Q 110 41.49 -41.33 -3.55
C VAL Q 110 40.25 -41.84 -4.32
N THR Q 111 39.24 -42.40 -3.60
CA THR Q 111 38.03 -42.90 -4.28
C THR Q 111 37.35 -41.83 -5.16
N ALA Q 112 37.30 -40.56 -4.68
CA ALA Q 112 36.69 -39.46 -5.42
C ALA Q 112 37.30 -39.24 -6.82
N LEU Q 113 38.63 -39.16 -6.92
CA LEU Q 113 39.31 -39.01 -8.19
C LEU Q 113 39.18 -40.28 -9.03
N CYS Q 114 39.23 -41.46 -8.39
CA CYS Q 114 39.11 -42.74 -9.07
C CYS Q 114 37.75 -42.89 -9.76
N ASP Q 115 36.67 -42.37 -9.16
CA ASP Q 115 35.35 -42.41 -9.79
C ASP Q 115 35.33 -41.59 -11.08
N ILE Q 116 36.12 -40.50 -11.14
CA ILE Q 116 36.24 -39.68 -12.34
C ILE Q 116 36.99 -40.47 -13.41
N LYS Q 117 38.09 -41.17 -13.02
CA LYS Q 117 38.85 -41.98 -13.98
C LYS Q 117 37.99 -43.13 -14.52
N GLN Q 118 37.18 -43.74 -13.64
CA GLN Q 118 36.29 -44.83 -13.98
C GLN Q 118 35.28 -44.36 -15.02
N ALA Q 119 34.65 -43.16 -14.81
CA ALA Q 119 33.67 -42.61 -15.76
C ALA Q 119 34.22 -42.52 -17.18
N TYR Q 120 35.49 -42.10 -17.31
CA TYR Q 120 36.19 -42.01 -18.59
C TYR Q 120 36.35 -43.36 -19.33
N THR Q 121 36.19 -44.48 -18.61
CA THR Q 121 36.27 -45.82 -19.22
C THR Q 121 34.91 -46.44 -19.49
N GLN Q 122 33.80 -45.83 -19.04
CA GLN Q 122 32.48 -46.39 -19.25
C GLN Q 122 31.66 -45.58 -20.24
N PHE Q 123 31.84 -44.25 -20.26
CA PHE Q 123 31.09 -43.41 -21.18
C PHE Q 123 31.86 -42.14 -21.62
N GLY Q 124 31.35 -41.44 -22.62
CA GLY Q 124 31.95 -40.20 -23.07
C GLY Q 124 32.70 -40.24 -24.38
N GLY Q 125 33.22 -41.42 -24.75
CA GLY Q 125 34.00 -41.57 -25.97
C GLY Q 125 35.37 -40.91 -25.92
N LYS Q 126 35.85 -40.56 -24.72
CA LYS Q 126 37.16 -39.90 -24.59
C LYS Q 126 38.27 -40.89 -24.17
N ARG Q 127 39.53 -40.57 -24.49
CA ARG Q 127 40.65 -41.40 -24.06
C ARG Q 127 40.79 -41.29 -22.53
N PRO Q 128 41.29 -42.34 -21.87
CA PRO Q 128 41.46 -42.25 -20.41
C PRO Q 128 42.66 -41.38 -20.01
N PHE Q 129 42.81 -41.09 -18.71
CA PHE Q 129 43.97 -40.31 -18.24
C PHE Q 129 45.12 -41.30 -18.12
N GLY Q 130 46.21 -41.05 -18.82
CA GLY Q 130 47.36 -41.94 -18.80
C GLY Q 130 48.24 -41.70 -17.59
N VAL Q 131 47.67 -41.83 -16.39
CA VAL Q 131 48.40 -41.56 -15.16
C VAL Q 131 48.12 -42.60 -14.09
N SER Q 132 49.15 -42.93 -13.34
CA SER Q 132 49.10 -43.77 -12.15
C SER Q 132 49.59 -42.86 -11.02
N LEU Q 133 48.89 -42.86 -9.88
CA LEU Q 133 49.25 -41.98 -8.77
C LEU Q 133 49.57 -42.74 -7.48
N LEU Q 134 50.51 -42.20 -6.68
CA LEU Q 134 50.84 -42.74 -5.36
C LEU Q 134 50.50 -41.65 -4.36
N TYR Q 135 49.65 -41.96 -3.37
CA TYR Q 135 49.21 -40.95 -2.42
C TYR Q 135 49.75 -41.24 -1.04
N ILE Q 136 50.32 -40.24 -0.39
CA ILE Q 136 50.80 -40.36 0.99
C ILE Q 136 50.05 -39.35 1.84
N GLY Q 137 49.61 -39.78 3.01
CA GLY Q 137 48.87 -38.90 3.90
C GLY Q 137 48.69 -39.39 5.30
N TRP Q 138 47.98 -38.59 6.09
CA TRP Q 138 47.64 -38.90 7.46
C TRP Q 138 46.21 -38.45 7.76
N ASP Q 139 45.47 -39.24 8.56
CA ASP Q 139 44.13 -38.84 9.01
C ASP Q 139 43.81 -39.43 10.39
N LYS Q 140 42.83 -38.87 11.09
CA LYS Q 140 42.45 -39.35 12.41
C LYS Q 140 41.78 -40.72 12.44
N HIS Q 141 41.60 -41.38 11.29
CA HIS Q 141 40.94 -42.68 11.23
C HIS Q 141 41.90 -43.83 11.06
N TYR Q 142 42.85 -43.70 10.13
CA TYR Q 142 43.79 -44.77 9.86
C TYR Q 142 45.27 -44.33 9.97
N GLY Q 143 45.53 -43.10 10.38
CA GLY Q 143 46.88 -42.60 10.53
C GLY Q 143 47.63 -42.50 9.22
N PHE Q 144 48.93 -42.87 9.23
CA PHE Q 144 49.78 -42.82 8.04
C PHE Q 144 49.29 -43.82 7.02
N GLN Q 145 49.08 -43.35 5.79
CA GLN Q 145 48.54 -44.20 4.72
C GLN Q 145 49.25 -44.02 3.42
N LEU Q 146 49.30 -45.09 2.61
CA LEU Q 146 49.86 -45.10 1.26
C LEU Q 146 48.81 -45.72 0.33
N TYR Q 147 48.53 -45.07 -0.81
CA TYR Q 147 47.57 -45.54 -1.80
C TYR Q 147 48.15 -45.52 -3.20
N GLN Q 148 47.57 -46.31 -4.10
CA GLN Q 148 47.96 -46.35 -5.49
C GLN Q 148 46.69 -46.38 -6.33
N SER Q 149 46.66 -45.61 -7.44
CA SER Q 149 45.53 -45.57 -8.37
C SER Q 149 46.02 -45.68 -9.84
N ASP Q 150 45.19 -46.28 -10.71
CA ASP Q 150 45.51 -46.57 -12.12
C ASP Q 150 44.59 -45.80 -13.09
N PRO Q 151 44.90 -45.75 -14.42
CA PRO Q 151 43.97 -45.12 -15.38
C PRO Q 151 42.55 -45.70 -15.35
N SER Q 152 42.40 -46.95 -14.94
CA SER Q 152 41.11 -47.65 -14.82
C SER Q 152 40.18 -47.08 -13.74
N GLY Q 153 40.73 -46.26 -12.84
CA GLY Q 153 40.00 -45.75 -11.70
C GLY Q 153 39.96 -46.81 -10.61
N ASN Q 154 40.99 -47.63 -10.58
CA ASN Q 154 41.15 -48.71 -9.64
C ASN Q 154 42.18 -48.29 -8.62
N TYR Q 155 41.93 -48.58 -7.34
CA TYR Q 155 42.88 -48.23 -6.30
C TYR Q 155 43.03 -49.35 -5.26
N GLY Q 156 44.08 -49.20 -4.44
CA GLY Q 156 44.40 -50.03 -3.30
C GLY Q 156 45.34 -49.31 -2.35
N GLY Q 157 45.26 -49.70 -1.08
CA GLY Q 157 46.15 -49.22 -0.04
C GLY Q 157 47.33 -50.16 0.05
N TRP Q 158 48.52 -49.62 0.33
CA TRP Q 158 49.73 -50.43 0.38
C TRP Q 158 50.64 -50.05 1.53
N LYS Q 159 51.48 -51.01 1.94
CA LYS Q 159 52.57 -50.85 2.90
C LYS Q 159 53.79 -50.34 2.12
N ALA Q 160 53.98 -50.83 0.88
CA ALA Q 160 55.02 -50.41 -0.03
C ALA Q 160 54.60 -50.86 -1.43
N THR Q 161 54.71 -49.95 -2.39
CA THR Q 161 54.36 -50.22 -3.78
C THR Q 161 55.22 -49.39 -4.75
N CYS Q 162 55.16 -49.72 -6.04
CA CYS Q 162 55.91 -49.01 -7.06
C CYS Q 162 55.08 -48.90 -8.33
N ILE Q 163 55.20 -47.76 -9.01
CA ILE Q 163 54.58 -47.49 -10.30
C ILE Q 163 55.68 -46.95 -11.25
N GLY Q 164 55.46 -47.07 -12.55
CA GLY Q 164 56.40 -46.58 -13.53
C GLY Q 164 57.41 -47.62 -13.99
N ASN Q 165 58.55 -47.13 -14.51
CA ASN Q 165 59.64 -47.94 -15.06
C ASN Q 165 60.16 -48.97 -14.09
N ASN Q 166 60.17 -50.26 -14.53
CA ASN Q 166 60.66 -51.42 -13.76
C ASN Q 166 59.87 -51.63 -12.49
N SER Q 167 58.58 -51.34 -12.52
CA SER Q 167 57.70 -51.44 -11.37
C SER Q 167 57.72 -52.85 -10.75
N ALA Q 168 57.55 -53.91 -11.56
CA ALA Q 168 57.52 -55.27 -11.05
C ALA Q 168 58.82 -55.65 -10.34
N ALA Q 169 59.97 -55.26 -10.92
CA ALA Q 169 61.27 -55.54 -10.35
C ALA Q 169 61.44 -54.85 -8.99
N ALA Q 170 60.92 -53.62 -8.87
CA ALA Q 170 60.99 -52.87 -7.63
C ALA Q 170 60.04 -53.42 -6.56
N VAL Q 171 58.85 -53.90 -6.97
CA VAL Q 171 57.85 -54.46 -6.05
C VAL Q 171 58.36 -55.74 -5.40
N SER Q 172 58.96 -56.63 -6.18
CA SER Q 172 59.51 -57.89 -5.67
C SER Q 172 60.73 -57.65 -4.76
N MET Q 173 61.51 -56.61 -5.06
CA MET Q 173 62.66 -56.17 -4.27
C MET Q 173 62.19 -55.59 -2.93
N LEU Q 174 61.00 -54.91 -2.90
CA LEU Q 174 60.34 -54.36 -1.71
C LEU Q 174 59.76 -55.52 -0.87
N LYS Q 175 59.16 -56.51 -1.55
CA LYS Q 175 58.55 -57.73 -0.99
C LYS Q 175 59.53 -58.52 -0.13
N GLN Q 176 60.82 -58.47 -0.47
CA GLN Q 176 61.85 -59.17 0.28
C GLN Q 176 62.25 -58.45 1.55
N ASP Q 177 62.57 -57.15 1.47
CA ASP Q 177 63.13 -56.43 2.62
C ASP Q 177 62.13 -55.61 3.48
N TYR Q 178 60.84 -55.56 3.12
CA TYR Q 178 59.88 -54.81 3.94
C TYR Q 178 59.46 -55.67 5.12
N LYS Q 179 59.61 -55.14 6.34
CA LYS Q 179 59.21 -55.82 7.55
C LYS Q 179 58.01 -55.11 8.14
N GLU Q 180 56.85 -55.77 8.09
CA GLU Q 180 55.58 -55.23 8.57
C GLU Q 180 55.62 -54.80 10.03
N GLY Q 181 55.19 -53.57 10.28
CA GLY Q 181 55.11 -53.02 11.63
C GLY Q 181 56.44 -52.67 12.27
N GLU Q 182 57.56 -53.09 11.66
CA GLU Q 182 58.88 -52.82 12.23
C GLU Q 182 59.68 -51.87 11.38
N MET Q 183 59.01 -51.01 10.58
CA MET Q 183 59.68 -50.05 9.73
C MET Q 183 59.61 -48.67 10.32
N THR Q 184 60.75 -48.00 10.35
CA THR Q 184 60.84 -46.60 10.74
C THR Q 184 61.19 -45.81 9.47
N LEU Q 185 60.98 -44.50 9.50
CA LEU Q 185 61.27 -43.66 8.35
C LEU Q 185 62.74 -43.72 7.93
N LYS Q 186 63.66 -44.00 8.90
CA LYS Q 186 65.10 -44.14 8.69
C LYS Q 186 65.38 -45.40 7.86
N SER Q 187 64.74 -46.53 8.23
CA SER Q 187 64.93 -47.79 7.51
C SER Q 187 64.21 -47.80 6.16
N ALA Q 188 63.06 -47.09 6.07
CA ALA Q 188 62.31 -46.98 4.82
C ALA Q 188 63.08 -46.13 3.80
N LEU Q 189 63.79 -45.09 4.26
CA LEU Q 189 64.61 -44.25 3.39
C LEU Q 189 65.75 -45.06 2.78
N ALA Q 190 66.38 -45.94 3.59
CA ALA Q 190 67.47 -46.80 3.11
C ALA Q 190 66.95 -47.83 2.10
N LEU Q 191 65.71 -48.32 2.30
CA LEU Q 191 65.08 -49.28 1.38
C LEU Q 191 64.72 -48.58 0.07
N ALA Q 192 64.26 -47.30 0.14
CA ALA Q 192 63.93 -46.51 -1.03
C ALA Q 192 65.19 -46.28 -1.89
N ILE Q 193 66.34 -45.98 -1.24
CA ILE Q 193 67.62 -45.81 -1.95
C ILE Q 193 68.14 -47.16 -2.54
N LYS Q 194 67.99 -48.26 -1.78
CA LYS Q 194 68.38 -49.59 -2.24
C LYS Q 194 67.59 -49.99 -3.49
N VAL Q 195 66.25 -49.89 -3.45
CA VAL Q 195 65.39 -50.27 -4.57
C VAL Q 195 65.63 -49.41 -5.82
N LEU Q 196 65.73 -48.09 -5.64
CA LEU Q 196 65.97 -47.16 -6.74
C LEU Q 196 67.32 -47.36 -7.39
N ASN Q 197 68.35 -47.70 -6.60
CA ASN Q 197 69.71 -47.98 -7.09
C ASN Q 197 69.68 -49.13 -8.12
N LYS Q 198 68.87 -50.15 -7.87
CA LYS Q 198 68.77 -51.29 -8.77
C LYS Q 198 67.83 -51.03 -9.97
N THR Q 199 66.64 -50.43 -9.73
CA THR Q 199 65.68 -50.18 -10.81
C THR Q 199 66.01 -48.98 -11.72
N MET Q 200 67.13 -48.30 -11.49
CA MET Q 200 67.56 -47.19 -12.35
C MET Q 200 68.90 -47.58 -13.08
N ASP Q 201 69.86 -46.65 -13.29
CA ASP Q 201 71.15 -46.91 -13.94
C ASP Q 201 72.27 -46.07 -13.29
N LEU Q 205 74.04 -43.44 -9.37
CA LEU Q 205 72.78 -42.86 -8.91
C LEU Q 205 73.03 -41.52 -8.26
N SER Q 206 72.98 -40.45 -9.03
CA SER Q 206 73.20 -39.10 -8.52
C SER Q 206 71.93 -38.52 -7.89
N ALA Q 207 72.07 -37.77 -6.78
CA ALA Q 207 70.97 -37.11 -6.07
C ALA Q 207 70.13 -36.17 -6.95
N GLU Q 208 70.69 -35.73 -8.09
CA GLU Q 208 69.99 -34.86 -9.04
C GLU Q 208 69.04 -35.64 -9.99
N LYS Q 209 69.12 -36.98 -9.99
CA LYS Q 209 68.24 -37.84 -10.78
C LYS Q 209 67.15 -38.51 -9.90
N VAL Q 210 67.07 -38.16 -8.61
CA VAL Q 210 66.11 -38.72 -7.64
C VAL Q 210 65.42 -37.58 -6.83
N GLU Q 211 64.30 -37.89 -6.20
CA GLU Q 211 63.47 -36.90 -5.52
C GLU Q 211 62.72 -37.58 -4.40
N ILE Q 212 63.00 -37.19 -3.15
CA ILE Q 212 62.36 -37.83 -2.00
C ILE Q 212 61.54 -36.83 -1.17
N ALA Q 213 60.40 -37.27 -0.65
CA ALA Q 213 59.56 -36.46 0.21
C ALA Q 213 59.05 -37.32 1.36
N THR Q 214 58.95 -36.75 2.56
CA THR Q 214 58.46 -37.48 3.73
C THR Q 214 57.22 -36.79 4.32
N LEU Q 215 56.35 -37.57 4.96
CA LEU Q 215 55.17 -37.05 5.60
C LEU Q 215 55.26 -37.56 7.02
N THR Q 216 55.36 -36.64 7.99
CA THR Q 216 55.51 -36.98 9.40
C THR Q 216 54.52 -36.20 10.26
N ARG Q 217 54.38 -36.57 11.53
CA ARG Q 217 53.52 -35.84 12.44
C ARG Q 217 54.40 -35.17 13.50
N GLU Q 218 54.31 -33.85 13.61
CA GLU Q 218 55.09 -33.09 14.57
C GLU Q 218 54.20 -32.12 15.34
N ASN Q 219 53.98 -32.40 16.63
CA ASN Q 219 53.18 -31.57 17.53
C ASN Q 219 51.71 -31.41 17.15
N GLY Q 220 51.11 -32.50 16.69
CA GLY Q 220 49.70 -32.48 16.29
C GLY Q 220 49.45 -31.85 14.93
N LYS Q 221 50.51 -31.61 14.15
CA LYS Q 221 50.45 -31.01 12.83
C LYS Q 221 51.22 -31.90 11.82
N THR Q 222 50.73 -32.00 10.57
CA THR Q 222 51.41 -32.82 9.56
C THR Q 222 52.52 -32.02 8.91
N VAL Q 223 53.68 -32.65 8.74
CA VAL Q 223 54.83 -32.02 8.11
C VAL Q 223 55.15 -32.75 6.81
N ILE Q 224 55.09 -32.05 5.68
CA ILE Q 224 55.43 -32.62 4.39
C ILE Q 224 56.66 -31.92 3.93
N ARG Q 225 57.76 -32.64 3.69
CA ARG Q 225 59.00 -32.00 3.24
C ARG Q 225 59.73 -32.79 2.17
N VAL Q 226 60.19 -32.10 1.12
CA VAL Q 226 61.00 -32.72 0.09
C VAL Q 226 62.46 -32.56 0.55
N LEU Q 227 63.18 -33.70 0.68
CA LEU Q 227 64.54 -33.69 1.17
C LEU Q 227 65.46 -32.84 0.30
N LYS Q 228 66.45 -32.19 0.93
CA LYS Q 228 67.44 -31.37 0.22
C LYS Q 228 68.40 -32.25 -0.58
N GLN Q 229 69.06 -31.68 -1.60
CA GLN Q 229 69.99 -32.43 -2.46
C GLN Q 229 71.15 -33.05 -1.69
N LYS Q 230 71.63 -32.36 -0.63
CA LYS Q 230 72.69 -32.86 0.24
C LYS Q 230 72.19 -34.08 1.03
N GLU Q 231 70.97 -33.99 1.61
CA GLU Q 231 70.36 -35.08 2.36
C GLU Q 231 70.27 -36.35 1.53
N VAL Q 232 69.97 -36.21 0.23
CA VAL Q 232 69.87 -37.34 -0.67
C VAL Q 232 71.25 -37.97 -0.91
N GLU Q 233 72.29 -37.14 -1.03
CA GLU Q 233 73.66 -37.62 -1.17
C GLU Q 233 74.10 -38.42 0.04
N GLN Q 234 73.68 -38.02 1.25
CA GLN Q 234 74.02 -38.74 2.47
C GLN Q 234 73.39 -40.15 2.51
N LEU Q 235 72.10 -40.28 2.15
CA LEU Q 235 71.43 -41.59 2.11
C LEU Q 235 72.02 -42.49 1.02
N ILE Q 236 72.40 -41.88 -0.12
CA ILE Q 236 72.99 -42.58 -1.27
C ILE Q 236 74.40 -43.07 -0.91
N LYS Q 237 75.18 -42.24 -0.19
CA LYS Q 237 76.53 -42.56 0.25
C LYS Q 237 76.50 -43.70 1.26
N LYS Q 238 75.60 -43.65 2.26
CA LYS Q 238 75.45 -44.72 3.25
C LYS Q 238 75.11 -46.05 2.59
N HIS Q 239 74.37 -46.03 1.47
CA HIS Q 239 73.99 -47.22 0.70
C HIS Q 239 75.21 -47.83 -0.01
N GLU Q 240 76.14 -46.99 -0.48
CA GLU Q 240 77.37 -47.45 -1.09
C GLU Q 240 78.28 -48.08 -0.01
N GLU Q 241 78.29 -47.50 1.20
CA GLU Q 241 79.04 -48.01 2.35
C GLU Q 241 78.42 -49.26 2.99
N GLU Q 242 77.22 -49.67 2.55
CA GLU Q 242 76.56 -50.90 2.99
C GLU Q 242 76.82 -52.00 1.95
N GLU Q 243 76.92 -51.63 0.64
CA GLU Q 243 77.23 -52.55 -0.45
C GLU Q 243 78.70 -52.97 -0.38
N ALA Q 244 79.59 -52.06 0.07
CA ALA Q 244 81.01 -52.32 0.24
C ALA Q 244 81.20 -53.26 1.44
N LYS Q 245 80.47 -53.01 2.54
CA LYS Q 245 80.50 -53.87 3.73
C LYS Q 245 79.90 -55.26 3.45
N ALA Q 246 78.92 -55.33 2.53
CA ALA Q 246 78.29 -56.59 2.14
C ALA Q 246 79.27 -57.47 1.35
N GLU Q 247 80.13 -56.86 0.52
CA GLU Q 247 81.13 -57.60 -0.24
C GLU Q 247 82.22 -58.23 0.65
N ARG Q 248 82.42 -57.69 1.86
CA ARG Q 248 83.36 -58.20 2.85
C ARG Q 248 82.76 -59.39 3.61
N GLU Q 249 81.44 -59.42 3.79
CA GLU Q 249 80.73 -60.50 4.49
C GLU Q 249 80.31 -61.64 3.54
N LYS Q 250 81.05 -61.84 2.44
CA LYS Q 250 80.81 -62.90 1.47
C LYS Q 250 82.16 -63.54 1.10
N LYS Q 251 83.18 -62.70 0.84
CA LYS Q 251 84.51 -63.18 0.49
C LYS Q 251 85.26 -63.69 1.73
N GLU Q 252 85.02 -63.09 2.89
CA GLU Q 252 85.66 -63.51 4.13
C GLU Q 252 84.85 -64.55 4.91
N LYS Q 253 83.51 -64.61 4.69
CA LYS Q 253 82.67 -65.58 5.40
C LYS Q 253 82.58 -66.97 4.70
N GLU Q 254 83.38 -67.19 3.65
CA GLU Q 254 83.44 -68.47 2.95
C GLU Q 254 84.74 -69.23 3.30
N GLN Q 255 85.84 -68.48 3.57
CA GLN Q 255 87.12 -69.06 3.97
C GLN Q 255 86.98 -69.59 5.41
N LYS Q 256 86.41 -68.77 6.30
CA LYS Q 256 86.19 -69.12 7.70
C LYS Q 256 84.73 -69.48 7.93
N SER R 1 27.56 -34.06 -26.32
CA SER R 1 27.33 -35.38 -25.74
C SER R 1 27.63 -36.52 -26.71
N TYR R 2 28.23 -37.59 -26.17
CA TYR R 2 28.59 -38.78 -26.91
C TYR R 2 27.38 -39.68 -27.00
N ASP R 3 26.78 -39.76 -28.20
CA ASP R 3 25.56 -40.52 -28.42
C ASP R 3 25.73 -41.73 -29.36
N ARG R 4 26.84 -42.45 -29.25
CA ARG R 4 27.03 -43.64 -30.09
C ARG R 4 26.34 -44.83 -29.43
N ALA R 5 25.66 -45.69 -30.21
CA ALA R 5 25.06 -46.90 -29.66
C ALA R 5 26.21 -47.92 -29.47
N ILE R 6 26.54 -48.24 -28.21
CA ILE R 6 27.65 -49.15 -27.90
C ILE R 6 27.19 -50.61 -27.94
N THR R 7 26.09 -50.93 -27.23
CA THR R 7 25.60 -52.31 -27.20
C THR R 7 24.42 -52.43 -28.21
N VAL R 8 24.65 -53.19 -29.29
CA VAL R 8 23.70 -53.40 -30.37
C VAL R 8 23.57 -54.91 -30.69
N PHE R 9 22.49 -55.30 -31.38
CA PHE R 9 22.28 -56.68 -31.78
C PHE R 9 23.18 -57.11 -32.94
N SER R 10 23.68 -58.33 -32.86
CA SER R 10 24.49 -58.92 -33.93
C SER R 10 23.60 -59.87 -34.76
N PRO R 11 23.98 -60.23 -36.01
CA PRO R 11 23.11 -61.10 -36.84
C PRO R 11 22.43 -62.30 -36.20
N ASP R 12 23.08 -62.99 -35.26
CA ASP R 12 22.51 -64.16 -34.58
C ASP R 12 21.52 -63.84 -33.45
N GLY R 13 21.39 -62.57 -33.08
CA GLY R 13 20.53 -62.12 -31.99
C GLY R 13 21.28 -61.99 -30.68
N HIS R 14 22.60 -61.71 -30.75
CA HIS R 14 23.42 -61.59 -29.55
C HIS R 14 23.76 -60.13 -29.23
N LEU R 15 23.92 -59.83 -27.94
CA LEU R 15 24.35 -58.51 -27.52
C LEU R 15 25.80 -58.69 -27.09
N PHE R 16 26.71 -58.61 -28.07
CA PHE R 16 28.14 -58.84 -27.85
C PHE R 16 28.73 -58.03 -26.72
N GLN R 17 28.40 -56.74 -26.58
CA GLN R 17 28.94 -55.95 -25.46
C GLN R 17 28.58 -56.51 -24.09
N VAL R 18 27.40 -57.10 -23.96
CA VAL R 18 26.94 -57.69 -22.71
C VAL R 18 27.65 -59.02 -22.47
N GLU R 19 27.86 -59.80 -23.53
CA GLU R 19 28.60 -61.07 -23.47
C GLU R 19 30.07 -60.82 -23.14
N TYR R 20 30.65 -59.72 -23.64
CA TYR R 20 32.03 -59.35 -23.34
C TYR R 20 32.14 -58.91 -21.88
N ALA R 21 31.09 -58.25 -21.33
CA ALA R 21 31.04 -57.86 -19.91
C ALA R 21 30.96 -59.11 -19.01
N GLN R 22 30.30 -60.20 -19.49
CA GLN R 22 30.25 -61.47 -18.76
C GLN R 22 31.60 -62.19 -18.75
N GLU R 23 32.45 -61.96 -19.76
CA GLU R 23 33.81 -62.50 -19.82
C GLU R 23 34.67 -61.89 -18.72
N ALA R 24 34.47 -60.58 -18.44
CA ALA R 24 35.19 -59.87 -17.38
C ALA R 24 34.78 -60.40 -15.99
N VAL R 25 33.52 -60.84 -15.84
CA VAL R 25 33.00 -61.42 -14.61
C VAL R 25 33.71 -62.77 -14.40
N LYS R 26 33.77 -63.59 -15.47
CA LYS R 26 34.43 -64.90 -15.47
C LYS R 26 35.89 -64.83 -15.02
N LYS R 27 36.55 -63.67 -15.16
CA LYS R 27 37.94 -63.49 -14.73
C LYS R 27 38.08 -62.99 -13.27
N GLY R 28 36.99 -62.54 -12.68
CA GLY R 28 36.99 -62.06 -11.30
C GLY R 28 37.16 -63.15 -10.29
N SER R 29 37.47 -62.77 -9.05
CA SER R 29 37.68 -63.71 -7.95
C SER R 29 36.37 -64.40 -7.60
N THR R 30 36.43 -65.70 -7.26
CA THR R 30 35.21 -66.44 -6.93
C THR R 30 34.51 -65.89 -5.71
N ALA R 31 33.23 -65.56 -5.87
CA ALA R 31 32.42 -65.08 -4.77
C ALA R 31 31.29 -66.09 -4.56
N VAL R 32 31.04 -66.49 -3.31
CA VAL R 32 30.03 -67.49 -2.97
C VAL R 32 29.06 -66.94 -1.94
N GLY R 33 27.78 -67.21 -2.13
CA GLY R 33 26.76 -66.79 -1.19
C GLY R 33 25.92 -67.97 -0.79
N VAL R 34 25.60 -68.10 0.51
CA VAL R 34 24.76 -69.20 1.00
C VAL R 34 23.72 -68.63 1.94
N ARG R 35 22.45 -68.98 1.71
CA ARG R 35 21.37 -68.51 2.56
C ARG R 35 21.00 -69.62 3.57
N GLY R 36 21.25 -69.36 4.85
CA GLY R 36 20.93 -70.31 5.92
C GLY R 36 19.60 -70.04 6.58
N ARG R 37 19.37 -70.59 7.78
CA ARG R 37 18.10 -70.41 8.48
C ARG R 37 18.06 -69.05 9.20
N ASP R 38 19.02 -68.77 10.09
CA ASP R 38 19.07 -67.49 10.79
C ASP R 38 20.30 -66.65 10.40
N ILE R 39 21.02 -67.03 9.34
CA ILE R 39 22.23 -66.35 8.90
C ILE R 39 22.41 -66.44 7.38
N VAL R 40 23.12 -65.46 6.78
CA VAL R 40 23.47 -65.44 5.36
C VAL R 40 25.00 -65.21 5.29
N VAL R 41 25.69 -66.02 4.47
CA VAL R 41 27.15 -65.95 4.41
C VAL R 41 27.68 -65.59 3.02
N LEU R 42 28.65 -64.70 2.95
CA LEU R 42 29.33 -64.35 1.71
C LEU R 42 30.83 -64.67 1.87
N GLY R 43 31.41 -65.29 0.87
CA GLY R 43 32.83 -65.64 0.88
C GLY R 43 33.49 -65.28 -0.42
N VAL R 44 34.67 -64.63 -0.37
CA VAL R 44 35.38 -64.23 -1.58
C VAL R 44 36.84 -64.69 -1.56
N GLU R 45 37.30 -65.19 -2.71
CA GLU R 45 38.67 -65.64 -2.97
C GLU R 45 39.67 -64.45 -2.88
N LYS R 46 40.92 -64.74 -2.49
CA LYS R 46 41.98 -63.74 -2.36
C LYS R 46 43.25 -64.26 -3.06
N ALA R 50 48.79 -60.46 -2.17
CA ALA R 50 49.91 -59.52 -1.95
C ALA R 50 50.10 -59.21 -0.47
N LYS R 51 51.25 -59.59 0.12
CA LYS R 51 51.50 -59.33 1.55
C LYS R 51 51.58 -57.83 1.80
N LEU R 52 52.22 -57.07 0.89
CA LEU R 52 52.38 -55.63 1.00
C LEU R 52 51.08 -54.82 0.84
N GLN R 53 49.93 -55.49 0.68
CA GLN R 53 48.65 -54.86 0.47
C GLN R 53 47.84 -54.70 1.73
N ASP R 54 47.17 -53.54 1.88
CA ASP R 54 46.25 -53.34 2.98
C ASP R 54 44.95 -54.01 2.55
N GLU R 55 44.61 -55.12 3.24
CA GLU R 55 43.42 -55.97 3.01
C GLU R 55 42.09 -55.18 3.07
N ARG R 56 42.02 -54.18 3.96
CA ARG R 56 40.81 -53.43 4.22
C ARG R 56 40.38 -52.62 3.01
N THR R 57 41.35 -51.97 2.36
CA THR R 57 41.09 -51.15 1.18
C THR R 57 40.63 -51.92 -0.06
N VAL R 58 40.65 -53.26 -0.01
CA VAL R 58 40.37 -54.05 -1.19
C VAL R 58 39.34 -55.22 -0.95
N ARG R 59 38.57 -55.14 0.16
CA ARG R 59 37.54 -56.12 0.50
C ARG R 59 36.43 -56.12 -0.55
N LYS R 60 36.00 -57.29 -1.01
CA LYS R 60 34.93 -57.39 -2.00
C LYS R 60 33.54 -57.66 -1.38
N ILE R 61 33.39 -57.48 -0.05
CA ILE R 61 32.10 -57.67 0.63
C ILE R 61 31.72 -56.35 1.28
N CYS R 62 30.75 -55.65 0.70
CA CYS R 62 30.30 -54.31 1.07
C CYS R 62 28.92 -54.29 1.66
N ALA R 63 28.69 -53.35 2.58
CA ALA R 63 27.36 -53.16 3.14
C ALA R 63 26.65 -52.07 2.36
N LEU R 64 25.38 -52.30 2.02
CA LEU R 64 24.56 -51.31 1.30
C LEU R 64 23.70 -50.51 2.28
N ASP R 65 23.14 -51.21 3.27
CA ASP R 65 22.37 -50.67 4.38
C ASP R 65 22.54 -51.61 5.61
N ASP R 66 21.90 -51.32 6.74
CA ASP R 66 22.03 -52.13 7.94
C ASP R 66 21.57 -53.56 7.76
N ASN R 67 20.55 -53.76 6.90
CA ASN R 67 19.98 -55.08 6.63
C ASN R 67 20.42 -55.73 5.34
N VAL R 68 21.15 -55.01 4.47
CA VAL R 68 21.57 -55.57 3.17
C VAL R 68 23.07 -55.39 2.93
N CYS R 69 23.70 -56.42 2.40
CA CYS R 69 25.11 -56.38 2.02
C CYS R 69 25.32 -57.16 0.70
N MET R 70 26.50 -57.00 0.06
CA MET R 70 26.74 -57.67 -1.21
C MET R 70 28.21 -57.98 -1.48
N ALA R 71 28.42 -58.90 -2.41
CA ALA R 71 29.73 -59.27 -2.91
C ALA R 71 29.67 -59.16 -4.43
N PHE R 72 30.83 -59.00 -5.08
CA PHE R 72 30.87 -58.88 -6.53
C PHE R 72 32.02 -59.66 -7.16
N ALA R 73 31.98 -59.84 -8.49
CA ALA R 73 33.03 -60.50 -9.24
C ALA R 73 33.15 -59.77 -10.59
N GLY R 74 34.36 -59.34 -10.96
CA GLY R 74 34.57 -58.63 -12.21
C GLY R 74 35.40 -57.39 -12.06
N LEU R 75 35.08 -56.33 -12.83
CA LEU R 75 35.81 -55.06 -12.75
C LEU R 75 35.50 -54.32 -11.43
N THR R 76 36.49 -54.20 -10.55
CA THR R 76 36.29 -53.61 -9.24
C THR R 76 35.94 -52.10 -9.24
N ALA R 77 36.41 -51.33 -10.24
CA ALA R 77 36.07 -49.90 -10.31
C ALA R 77 34.59 -49.74 -10.65
N ASP R 78 34.07 -50.59 -11.57
CA ASP R 78 32.66 -50.63 -12.00
C ASP R 78 31.78 -50.97 -10.79
N ALA R 79 32.24 -51.96 -9.99
CA ALA R 79 31.56 -52.43 -8.81
C ALA R 79 31.35 -51.29 -7.81
N ARG R 80 32.38 -50.46 -7.59
CA ARG R 80 32.34 -49.33 -6.67
C ARG R 80 31.22 -48.35 -7.03
N ILE R 81 31.02 -48.13 -8.33
CA ILE R 81 29.99 -47.23 -8.84
C ILE R 81 28.60 -47.81 -8.57
N VAL R 82 28.44 -49.14 -8.82
CA VAL R 82 27.19 -49.85 -8.61
C VAL R 82 26.85 -49.82 -7.12
N ILE R 83 27.85 -50.09 -6.27
CA ILE R 83 27.73 -50.12 -4.81
C ILE R 83 27.32 -48.76 -4.21
N ASN R 84 27.97 -47.66 -4.64
CA ASN R 84 27.61 -46.34 -4.13
C ASN R 84 26.22 -45.91 -4.59
N ARG R 85 25.80 -46.31 -5.80
CA ARG R 85 24.45 -46.00 -6.28
C ARG R 85 23.40 -46.78 -5.48
N ALA R 86 23.70 -48.03 -5.15
CA ALA R 86 22.81 -48.87 -4.34
C ALA R 86 22.70 -48.27 -2.94
N ARG R 87 23.83 -47.81 -2.36
CA ARG R 87 23.88 -47.17 -1.05
C ARG R 87 23.03 -45.88 -1.01
N VAL R 88 23.15 -45.02 -2.04
CA VAL R 88 22.35 -43.79 -2.13
C VAL R 88 20.87 -44.13 -2.21
N GLU R 89 20.52 -45.17 -3.02
CA GLU R 89 19.16 -45.63 -3.23
C GLU R 89 18.53 -46.16 -1.98
N CYS R 90 19.29 -46.87 -1.14
CA CYS R 90 18.73 -47.37 0.12
C CYS R 90 18.27 -46.20 1.01
N GLN R 91 19.05 -45.11 1.09
CA GLN R 91 18.67 -43.95 1.91
C GLN R 91 17.55 -43.17 1.25
N SER R 92 17.60 -43.05 -0.07
CA SER R 92 16.55 -42.38 -0.82
C SER R 92 15.19 -43.12 -0.66
N HIS R 93 15.23 -44.45 -0.45
CA HIS R 93 14.04 -45.28 -0.26
C HIS R 93 13.46 -44.98 1.13
N ARG R 94 14.33 -44.90 2.15
CA ARG R 94 13.92 -44.57 3.52
C ARG R 94 13.34 -43.17 3.59
N LEU R 95 13.90 -42.24 2.80
CA LEU R 95 13.41 -40.87 2.77
C LEU R 95 12.05 -40.72 2.06
N THR R 96 11.80 -41.47 0.98
CA THR R 96 10.54 -41.32 0.23
C THR R 96 9.35 -42.13 0.78
N VAL R 97 9.60 -43.25 1.44
CA VAL R 97 8.55 -44.13 1.90
C VAL R 97 8.67 -44.53 3.40
N GLU R 98 9.74 -44.12 4.07
CA GLU R 98 10.03 -44.33 5.49
C GLU R 98 10.65 -45.70 5.79
N ASP R 99 9.95 -46.79 5.47
CA ASP R 99 10.36 -48.18 5.67
C ASP R 99 11.71 -48.47 5.00
N PRO R 100 12.50 -49.42 5.52
CA PRO R 100 13.76 -49.76 4.84
C PRO R 100 13.54 -50.66 3.61
N VAL R 101 14.59 -50.77 2.79
CA VAL R 101 14.66 -51.52 1.55
C VAL R 101 14.61 -53.04 1.81
N THR R 102 13.97 -53.79 0.92
CA THR R 102 14.00 -55.25 0.99
C THR R 102 15.20 -55.70 0.14
N VAL R 103 15.70 -56.95 0.34
CA VAL R 103 16.80 -57.47 -0.48
C VAL R 103 16.40 -57.49 -1.96
N GLU R 104 15.12 -57.82 -2.24
CA GLU R 104 14.56 -57.85 -3.58
C GLU R 104 14.42 -56.46 -4.20
N TYR R 105 14.00 -55.43 -3.42
CA TYR R 105 13.87 -54.06 -3.93
C TYR R 105 15.23 -53.53 -4.42
N ILE R 106 16.30 -53.63 -3.60
CA ILE R 106 17.62 -53.15 -3.96
C ILE R 106 18.28 -54.01 -5.04
N THR R 107 17.92 -55.32 -5.12
CA THR R 107 18.42 -56.17 -6.19
C THR R 107 17.79 -55.72 -7.50
N ARG R 108 16.49 -55.44 -7.47
CA ARG R 108 15.71 -54.95 -8.60
C ARG R 108 16.28 -53.60 -9.10
N TYR R 109 16.70 -52.73 -8.17
CA TYR R 109 17.28 -51.44 -8.52
C TYR R 109 18.64 -51.62 -9.24
N ILE R 110 19.54 -52.46 -8.67
CA ILE R 110 20.83 -52.76 -9.26
C ILE R 110 20.67 -53.42 -10.61
N ALA R 111 19.76 -54.38 -10.74
CA ALA R 111 19.50 -55.06 -12.01
C ALA R 111 19.01 -54.07 -13.10
N SER R 112 18.07 -53.16 -12.75
CA SER R 112 17.58 -52.18 -13.74
C SER R 112 18.67 -51.18 -14.14
N LEU R 113 19.59 -50.88 -13.22
CA LEU R 113 20.70 -49.97 -13.50
C LEU R 113 21.61 -50.64 -14.53
N LYS R 114 21.95 -51.91 -14.28
CA LYS R 114 22.76 -52.71 -15.19
C LYS R 114 22.11 -52.81 -16.56
N GLN R 115 20.79 -53.12 -16.64
CA GLN R 115 20.05 -53.23 -17.91
C GLN R 115 20.09 -51.91 -18.69
N ARG R 116 19.89 -50.77 -18.00
CA ARG R 116 19.91 -49.45 -18.64
C ARG R 116 21.24 -49.20 -19.35
N TYR R 117 22.36 -49.61 -18.71
CA TYR R 117 23.68 -49.45 -19.30
C TYR R 117 23.94 -50.39 -20.52
N THR R 118 22.98 -51.29 -20.85
CA THR R 118 23.01 -52.17 -22.01
C THR R 118 22.09 -51.66 -23.15
N GLN R 119 21.30 -50.58 -22.90
CA GLN R 119 20.37 -50.01 -23.89
C GLN R 119 20.47 -48.49 -24.02
N SER R 120 21.45 -47.81 -23.36
CA SER R 120 21.58 -46.36 -23.51
C SER R 120 22.86 -45.96 -24.23
N ASN R 121 22.75 -44.92 -25.08
CA ASN R 121 23.85 -44.42 -25.89
C ASN R 121 25.00 -43.90 -25.07
N GLY R 122 26.19 -44.05 -25.63
CA GLY R 122 27.43 -43.55 -25.04
C GLY R 122 28.01 -44.41 -23.94
N ARG R 123 27.26 -45.40 -23.44
CA ARG R 123 27.71 -46.24 -22.33
C ARG R 123 27.94 -47.69 -22.68
N ARG R 124 28.93 -48.31 -22.01
CA ARG R 124 29.19 -49.75 -22.10
C ARG R 124 28.59 -50.41 -20.84
N PRO R 125 28.27 -51.71 -20.86
CA PRO R 125 27.68 -52.33 -19.65
C PRO R 125 28.65 -52.40 -18.46
N PHE R 126 28.13 -52.60 -17.23
CA PHE R 126 28.99 -52.76 -16.06
C PHE R 126 29.54 -54.21 -16.10
N GLY R 127 30.85 -54.35 -16.03
CA GLY R 127 31.48 -55.67 -16.09
C GLY R 127 31.56 -56.40 -14.76
N ILE R 128 30.43 -56.44 -14.01
CA ILE R 128 30.34 -57.11 -12.72
C ILE R 128 29.07 -57.94 -12.58
N SER R 129 29.14 -58.95 -11.70
CA SER R 129 27.99 -59.73 -11.28
C SER R 129 27.93 -59.56 -9.74
N ALA R 130 26.73 -59.50 -9.15
CA ALA R 130 26.61 -59.32 -7.70
C ALA R 130 25.84 -60.42 -6.95
N LEU R 131 26.22 -60.68 -5.71
CA LEU R 131 25.51 -61.60 -4.85
C LEU R 131 25.02 -60.70 -3.73
N ILE R 132 23.71 -60.45 -3.66
CA ILE R 132 23.14 -59.55 -2.67
C ILE R 132 22.43 -60.35 -1.62
N VAL R 133 22.84 -60.24 -0.36
CA VAL R 133 22.20 -60.99 0.73
C VAL R 133 21.70 -60.07 1.86
N GLY R 134 20.79 -60.59 2.68
CA GLY R 134 20.27 -59.82 3.82
C GLY R 134 18.99 -60.39 4.39
N PHE R 135 18.33 -59.60 5.24
CA PHE R 135 17.06 -60.01 5.86
C PHE R 135 16.03 -58.92 5.64
N ASP R 136 14.86 -59.29 5.12
CA ASP R 136 13.78 -58.31 4.97
C ASP R 136 13.23 -57.97 6.39
N PHE R 137 12.35 -56.94 6.53
CA PHE R 137 11.82 -56.59 7.86
C PHE R 137 11.10 -57.76 8.55
N ASP R 138 10.39 -58.59 7.78
CA ASP R 138 9.69 -59.75 8.32
C ASP R 138 10.62 -60.86 8.84
N GLY R 139 11.91 -60.79 8.52
CA GLY R 139 12.89 -61.74 9.02
C GLY R 139 13.32 -62.86 8.09
N THR R 140 12.79 -62.90 6.86
CA THR R 140 13.16 -63.96 5.92
C THR R 140 14.55 -63.73 5.36
N PRO R 141 15.45 -64.73 5.44
CA PRO R 141 16.80 -64.56 4.85
C PRO R 141 16.73 -64.58 3.32
N ARG R 142 17.55 -63.74 2.63
CA ARG R 142 17.53 -63.63 1.18
C ARG R 142 18.91 -63.66 0.52
N LEU R 143 18.97 -64.22 -0.70
CA LEU R 143 20.15 -64.24 -1.55
C LEU R 143 19.67 -64.05 -2.98
N TYR R 144 20.21 -63.04 -3.67
CA TYR R 144 19.88 -62.72 -5.06
C TYR R 144 21.15 -62.53 -5.88
N GLN R 145 21.06 -62.78 -7.20
CA GLN R 145 22.21 -62.61 -8.06
C GLN R 145 21.90 -61.80 -9.33
N THR R 146 22.64 -60.70 -9.53
CA THR R 146 22.50 -59.87 -10.72
C THR R 146 23.69 -60.13 -11.64
N ASP R 147 23.49 -59.94 -12.95
CA ASP R 147 24.58 -60.11 -13.91
C ASP R 147 24.63 -58.90 -14.88
N PRO R 148 25.70 -58.73 -15.69
CA PRO R 148 25.78 -57.55 -16.57
C PRO R 148 24.56 -57.21 -17.43
N SER R 149 23.73 -58.19 -17.78
CA SER R 149 22.55 -57.94 -18.62
C SER R 149 21.39 -57.22 -17.92
N GLY R 150 21.34 -57.35 -16.61
CA GLY R 150 20.26 -56.79 -15.85
C GLY R 150 19.26 -57.83 -15.36
N THR R 151 19.59 -59.13 -15.51
CA THR R 151 18.71 -60.16 -15.02
C THR R 151 19.07 -60.45 -13.55
N TYR R 152 18.07 -60.87 -12.79
CA TYR R 152 18.27 -61.19 -11.39
C TYR R 152 17.40 -62.37 -10.98
N HIS R 153 17.92 -63.18 -10.08
CA HIS R 153 17.19 -64.34 -9.58
C HIS R 153 17.50 -64.56 -8.11
N ALA R 154 16.62 -65.24 -7.40
CA ALA R 154 16.86 -65.62 -6.01
C ALA R 154 17.53 -66.99 -6.00
N TRP R 155 18.40 -67.23 -5.02
CA TRP R 155 19.12 -68.50 -4.91
C TRP R 155 19.17 -68.95 -3.45
N LYS R 156 19.27 -70.27 -3.25
CA LYS R 156 19.47 -70.89 -1.95
C LYS R 156 21.00 -70.75 -1.65
N ALA R 157 21.84 -71.03 -2.66
CA ALA R 157 23.29 -70.86 -2.64
C ALA R 157 23.77 -70.58 -4.07
N ASN R 158 24.92 -69.90 -4.24
CA ASN R 158 25.42 -69.62 -5.59
C ASN R 158 26.91 -69.20 -5.62
N ALA R 159 27.52 -69.19 -6.82
CA ALA R 159 28.89 -68.78 -7.04
C ALA R 159 29.03 -67.97 -8.33
N ILE R 160 29.90 -66.96 -8.32
CA ILE R 160 30.18 -66.08 -9.47
C ILE R 160 31.71 -65.90 -9.62
N GLY R 161 32.15 -65.66 -10.84
CA GLY R 161 33.57 -65.45 -11.10
C GLY R 161 34.33 -66.69 -11.54
N ARG R 162 35.65 -66.72 -11.28
CA ARG R 162 36.55 -67.83 -11.62
C ARG R 162 36.08 -69.16 -11.04
N GLY R 163 35.81 -70.13 -11.89
CA GLY R 163 35.39 -71.45 -11.43
C GLY R 163 34.04 -71.45 -10.74
N ALA R 164 33.14 -70.57 -11.20
CA ALA R 164 31.78 -70.54 -10.67
C ALA R 164 31.04 -71.85 -11.03
N LYS R 165 31.36 -72.45 -12.19
CA LYS R 165 30.78 -73.70 -12.66
C LYS R 165 31.05 -74.84 -11.67
N SER R 166 32.33 -75.12 -11.34
CA SER R 166 32.67 -76.20 -10.42
C SER R 166 32.22 -75.95 -8.97
N VAL R 167 32.20 -74.67 -8.54
CA VAL R 167 31.75 -74.34 -7.19
C VAL R 167 30.21 -74.45 -7.11
N ARG R 168 29.49 -74.11 -8.21
CA ARG R 168 28.03 -74.22 -8.27
C ARG R 168 27.62 -75.68 -8.16
N GLU R 169 28.34 -76.57 -8.90
CA GLU R 169 28.10 -78.01 -8.90
C GLU R 169 28.36 -78.61 -7.52
N PHE R 170 29.39 -78.12 -6.82
CA PHE R 170 29.71 -78.57 -5.47
C PHE R 170 28.56 -78.21 -4.53
N LEU R 171 28.07 -76.97 -4.64
CA LEU R 171 26.97 -76.47 -3.82
C LEU R 171 25.67 -77.20 -4.09
N GLU R 172 25.44 -77.61 -5.35
CA GLU R 172 24.24 -78.36 -5.71
C GLU R 172 24.21 -79.71 -4.98
N LYS R 173 25.38 -80.32 -4.75
CA LYS R 173 25.46 -81.59 -4.06
C LYS R 173 25.51 -81.45 -2.53
N ASN R 174 26.09 -80.35 -2.02
CA ASN R 174 26.25 -80.18 -0.58
C ASN R 174 25.25 -79.25 0.11
N TYR R 175 24.26 -78.69 -0.62
CA TYR R 175 23.26 -77.84 0.02
C TYR R 175 22.12 -78.71 0.54
N THR R 176 22.22 -79.12 1.80
CA THR R 176 21.20 -79.97 2.42
C THR R 176 20.61 -79.29 3.66
N ASP R 177 19.47 -79.79 4.17
CA ASP R 177 18.87 -79.23 5.38
C ASP R 177 19.77 -79.45 6.61
N GLU R 178 20.58 -80.53 6.60
CA GLU R 178 21.54 -80.86 7.64
C GLU R 178 22.69 -79.85 7.64
N ALA R 179 23.11 -79.41 6.43
CA ALA R 179 24.18 -78.41 6.26
C ALA R 179 23.76 -76.99 6.67
N ILE R 180 22.44 -76.73 6.80
CA ILE R 180 21.91 -75.42 7.20
C ILE R 180 21.59 -75.36 8.71
N GLU R 181 21.25 -76.51 9.32
CA GLU R 181 20.85 -76.68 10.73
C GLU R 181 21.48 -75.71 11.73
N THR R 182 22.80 -75.51 11.70
CA THR R 182 23.47 -74.62 12.64
C THR R 182 24.12 -73.45 11.91
N ASP R 183 24.24 -72.28 12.57
CA ASP R 183 24.93 -71.12 11.99
C ASP R 183 26.39 -71.47 11.65
N ASP R 184 27.03 -72.30 12.50
CA ASP R 184 28.41 -72.73 12.28
C ASP R 184 28.54 -73.70 11.09
N LEU R 185 27.50 -74.48 10.80
CA LEU R 185 27.52 -75.42 9.67
C LEU R 185 27.46 -74.71 8.33
N THR R 186 26.60 -73.66 8.21
CA THR R 186 26.46 -72.90 6.97
C THR R 186 27.76 -72.15 6.63
N ILE R 187 28.45 -71.62 7.66
CA ILE R 187 29.74 -70.93 7.49
C ILE R 187 30.77 -71.93 6.92
N LYS R 188 30.75 -73.18 7.42
CA LYS R 188 31.65 -74.22 6.95
C LYS R 188 31.34 -74.62 5.50
N LEU R 189 30.07 -74.49 5.05
CA LEU R 189 29.66 -74.83 3.68
C LEU R 189 30.29 -73.87 2.67
N VAL R 190 30.38 -72.58 3.02
CA VAL R 190 31.01 -71.56 2.18
C VAL R 190 32.51 -71.84 2.11
N ILE R 191 33.13 -72.18 3.25
CA ILE R 191 34.54 -72.54 3.32
C ILE R 191 34.83 -73.79 2.48
N LYS R 192 34.06 -74.87 2.68
CA LYS R 192 34.18 -76.13 1.93
C LYS R 192 34.14 -75.88 0.42
N ALA R 193 33.18 -75.08 -0.04
CA ALA R 193 33.01 -74.74 -1.44
C ALA R 193 34.18 -73.91 -1.94
N LEU R 194 34.61 -72.90 -1.17
CA LEU R 194 35.72 -72.05 -1.58
C LEU R 194 37.05 -72.83 -1.68
N LEU R 195 37.18 -73.93 -0.92
CA LEU R 195 38.36 -74.79 -0.98
C LEU R 195 38.49 -75.60 -2.30
N GLU R 196 37.40 -75.65 -3.11
CA GLU R 196 37.42 -76.35 -4.40
C GLU R 196 38.20 -75.54 -5.44
N VAL R 197 38.13 -74.20 -5.38
CA VAL R 197 38.87 -73.34 -6.29
C VAL R 197 40.16 -72.77 -5.65
N VAL R 198 40.10 -72.36 -4.36
CA VAL R 198 41.27 -71.81 -3.68
C VAL R 198 42.21 -72.92 -3.27
N GLN R 199 43.37 -73.01 -3.94
CA GLN R 199 44.39 -74.05 -3.75
C GLN R 199 44.84 -74.23 -2.27
N SER R 200 45.13 -73.12 -1.57
CA SER R 200 45.58 -73.22 -0.18
C SER R 200 44.42 -73.18 0.85
N GLY R 201 43.61 -72.14 0.78
CA GLY R 201 42.47 -71.97 1.67
C GLY R 201 42.79 -71.44 3.05
N GLY R 202 41.86 -70.65 3.58
CA GLY R 202 42.00 -70.03 4.89
C GLY R 202 42.72 -68.71 4.77
N LYS R 203 43.99 -68.79 4.32
CA LYS R 203 44.84 -67.62 4.09
C LYS R 203 44.31 -66.76 2.91
N ASN R 204 43.67 -67.40 1.92
CA ASN R 204 43.13 -66.73 0.74
C ASN R 204 41.60 -66.59 0.77
N ILE R 205 40.99 -66.51 1.95
CA ILE R 205 39.53 -66.38 2.03
C ILE R 205 39.09 -65.18 2.88
N GLU R 206 38.19 -64.37 2.29
CA GLU R 206 37.53 -63.23 2.91
C GLU R 206 36.12 -63.72 3.19
N LEU R 207 35.67 -63.69 4.44
CA LEU R 207 34.35 -64.20 4.78
C LEU R 207 33.61 -63.27 5.71
N ALA R 208 32.34 -63.04 5.43
CA ALA R 208 31.50 -62.16 6.22
C ALA R 208 30.13 -62.78 6.41
N VAL R 209 29.55 -62.58 7.58
CA VAL R 209 28.24 -63.14 7.89
C VAL R 209 27.25 -62.08 8.34
N MET R 210 25.97 -62.35 8.14
CA MET R 210 24.93 -61.46 8.60
C MET R 210 23.86 -62.30 9.29
N ARG R 211 23.68 -62.08 10.58
CA ARG R 211 22.64 -62.77 11.35
C ARG R 211 21.39 -61.86 11.39
N ARG R 212 20.19 -62.45 11.63
CA ARG R 212 18.91 -61.75 11.59
C ARG R 212 18.92 -60.26 12.06
N ASP R 213 19.02 -59.97 13.38
CA ASP R 213 19.06 -58.58 13.84
C ASP R 213 20.49 -58.03 14.07
N GLN R 214 21.52 -58.80 13.73
CA GLN R 214 22.91 -58.38 13.85
C GLN R 214 23.38 -57.70 12.54
N SER R 215 24.28 -56.72 12.65
CA SER R 215 24.86 -56.07 11.47
C SER R 215 26.00 -56.95 10.90
N LEU R 216 26.47 -56.65 9.67
CA LEU R 216 27.53 -57.40 9.00
C LEU R 216 28.76 -57.66 9.89
N LYS R 217 29.20 -58.90 9.96
CA LYS R 217 30.34 -59.29 10.77
C LYS R 217 31.42 -59.96 9.91
N ILE R 218 32.56 -59.29 9.77
CA ILE R 218 33.66 -59.84 8.99
C ILE R 218 34.45 -60.80 9.89
N LEU R 219 34.72 -62.01 9.43
CA LEU R 219 35.48 -62.98 10.23
C LEU R 219 36.97 -62.75 10.04
N ASN R 220 37.72 -62.61 11.15
CA ASN R 220 39.16 -62.42 11.10
C ASN R 220 39.90 -63.72 10.67
N PRO R 221 41.16 -63.64 10.21
CA PRO R 221 41.85 -64.87 9.75
C PRO R 221 41.96 -65.99 10.77
N GLU R 222 42.04 -65.67 12.07
CA GLU R 222 42.12 -66.69 13.12
C GLU R 222 40.79 -67.47 13.22
N GLU R 223 39.66 -66.76 13.05
CA GLU R 223 38.32 -67.36 13.08
C GLU R 223 38.12 -68.28 11.88
N ILE R 224 38.60 -67.86 10.72
CA ILE R 224 38.52 -68.64 9.49
C ILE R 224 39.38 -69.91 9.61
N GLU R 225 40.57 -69.80 10.24
CA GLU R 225 41.48 -70.93 10.48
C GLU R 225 40.85 -71.99 11.38
N LYS R 226 40.03 -71.55 12.36
CA LYS R 226 39.31 -72.41 13.28
C LYS R 226 38.31 -73.29 12.50
N TYR R 227 37.48 -72.67 11.64
CA TYR R 227 36.52 -73.41 10.84
C TYR R 227 37.18 -74.31 9.81
N VAL R 228 38.39 -73.97 9.34
CA VAL R 228 39.12 -74.79 8.38
C VAL R 228 39.60 -76.07 9.10
N ALA R 229 40.09 -75.92 10.35
CA ALA R 229 40.54 -77.04 11.18
C ALA R 229 39.39 -77.99 11.51
N GLU R 230 38.17 -77.47 11.71
CA GLU R 230 37.00 -78.29 12.01
C GLU R 230 36.58 -79.14 10.80
N ILE R 231 36.81 -78.64 9.58
CA ILE R 231 36.49 -79.35 8.35
C ILE R 231 37.34 -80.59 8.21
N GLU R 232 38.64 -80.52 8.58
CA GLU R 232 39.55 -81.67 8.52
C GLU R 232 39.17 -82.80 9.49
N LYS R 233 38.54 -82.47 10.62
CA LYS R 233 38.05 -83.44 11.61
C LYS R 233 36.87 -84.21 11.00
N GLU R 234 35.95 -83.48 10.32
CA GLU R 234 34.79 -84.07 9.66
C GLU R 234 35.23 -84.92 8.47
N LYS R 235 36.26 -84.45 7.73
CA LYS R 235 36.85 -85.09 6.56
C LYS R 235 37.37 -86.50 6.87
N GLU R 236 38.10 -86.66 8.00
CA GLU R 236 38.65 -87.95 8.40
C GLU R 236 37.66 -88.85 9.17
N GLU R 237 36.63 -88.26 9.80
CA GLU R 237 35.62 -89.01 10.55
C GLU R 237 34.39 -89.31 9.68
N ASP S 1 30.95 -51.47 -39.84
CA ASP S 1 29.97 -51.16 -38.80
C ASP S 1 29.06 -49.95 -39.14
N ARG S 2 27.82 -50.28 -39.57
CA ARG S 2 26.72 -49.39 -39.92
C ARG S 2 25.97 -48.92 -38.66
N GLY S 3 25.05 -47.96 -38.83
CA GLY S 3 24.27 -47.44 -37.72
C GLY S 3 23.07 -48.29 -37.37
N VAL S 4 22.41 -47.96 -36.26
CA VAL S 4 21.25 -48.73 -35.80
C VAL S 4 19.96 -48.45 -36.61
N ASN S 5 19.93 -47.36 -37.40
CA ASN S 5 18.77 -47.03 -38.21
C ASN S 5 19.01 -47.24 -39.70
N THR S 6 19.88 -48.18 -40.04
CA THR S 6 20.22 -48.54 -41.41
C THR S 6 19.21 -49.58 -41.89
N PHE S 7 18.72 -49.41 -43.13
CA PHE S 7 17.82 -50.33 -43.80
C PHE S 7 18.63 -51.35 -44.59
N SER S 8 18.10 -52.55 -44.74
CA SER S 8 18.71 -53.59 -45.56
C SER S 8 18.22 -53.42 -47.00
N PRO S 9 18.90 -53.98 -48.02
CA PRO S 9 18.37 -53.85 -49.39
C PRO S 9 16.95 -54.42 -49.60
N GLU S 10 16.46 -55.21 -48.63
CA GLU S 10 15.11 -55.78 -48.65
C GLU S 10 14.05 -54.88 -47.99
N GLY S 11 14.47 -53.79 -47.34
CA GLY S 11 13.55 -52.84 -46.75
C GLY S 11 13.22 -53.09 -45.31
N ARG S 12 14.14 -53.72 -44.57
CA ARG S 12 13.93 -53.94 -43.14
C ARG S 12 15.13 -53.41 -42.33
N LEU S 13 14.87 -52.89 -41.13
CA LEU S 13 15.95 -52.37 -40.28
C LEU S 13 16.70 -53.58 -39.76
N PHE S 14 18.04 -53.63 -39.94
CA PHE S 14 18.88 -54.73 -39.50
C PHE S 14 18.70 -55.02 -38.03
N GLN S 15 18.74 -53.98 -37.20
CA GLN S 15 18.60 -54.12 -35.76
C GLN S 15 17.30 -54.78 -35.32
N VAL S 16 16.22 -54.53 -36.07
CA VAL S 16 14.94 -55.14 -35.77
C VAL S 16 14.97 -56.61 -36.17
N GLU S 17 15.53 -56.93 -37.35
CA GLU S 17 15.73 -58.29 -37.87
C GLU S 17 16.47 -59.14 -36.80
N TYR S 18 17.55 -58.60 -36.21
CA TYR S 18 18.36 -59.31 -35.24
C TYR S 18 17.70 -59.45 -33.88
N ALA S 19 16.83 -58.50 -33.51
CA ALA S 19 16.09 -58.59 -32.25
C ALA S 19 15.04 -59.73 -32.33
N ILE S 20 14.46 -59.98 -33.54
CA ILE S 20 13.54 -61.08 -33.83
C ILE S 20 14.30 -62.41 -33.65
N GLU S 21 15.56 -62.47 -34.16
CA GLU S 21 16.46 -63.62 -34.03
C GLU S 21 16.75 -63.93 -32.56
N ALA S 22 16.90 -62.86 -31.71
CA ALA S 22 17.16 -62.99 -30.28
C ALA S 22 16.00 -63.67 -29.51
N ILE S 23 14.78 -63.58 -30.04
CA ILE S 23 13.62 -64.23 -29.42
C ILE S 23 13.63 -65.73 -29.67
N LYS S 24 14.23 -66.17 -30.79
CA LYS S 24 14.41 -67.60 -31.11
C LYS S 24 15.30 -68.31 -30.06
N LEU S 25 15.89 -67.56 -29.11
CA LEU S 25 16.72 -68.05 -28.02
C LEU S 25 15.97 -68.05 -26.64
N GLY S 26 14.82 -67.40 -26.57
CA GLY S 26 14.03 -67.35 -25.35
C GLY S 26 13.22 -68.62 -25.13
N SER S 27 12.78 -68.85 -23.89
CA SER S 27 11.98 -70.03 -23.55
C SER S 27 10.59 -69.88 -24.17
N THR S 28 10.00 -71.00 -24.59
CA THR S 28 8.73 -70.96 -25.31
C THR S 28 7.53 -70.67 -24.36
N ALA S 29 6.60 -69.87 -24.89
CA ALA S 29 5.38 -69.44 -24.24
C ALA S 29 4.20 -69.66 -25.19
N ILE S 30 3.04 -70.01 -24.64
CA ILE S 30 1.84 -70.25 -25.41
C ILE S 30 0.66 -69.49 -24.81
N GLY S 31 -0.20 -68.98 -25.68
CA GLY S 31 -1.43 -68.30 -25.28
C GLY S 31 -2.59 -68.79 -26.12
N ILE S 32 -3.74 -69.06 -25.48
CA ILE S 32 -4.95 -69.54 -26.19
C ILE S 32 -6.15 -68.73 -25.75
N GLN S 33 -6.83 -68.14 -26.73
CA GLN S 33 -8.02 -67.32 -26.54
C GLN S 33 -9.25 -68.22 -26.71
N THR S 34 -10.18 -68.14 -25.76
CA THR S 34 -11.38 -68.97 -25.70
C THR S 34 -12.55 -68.12 -25.19
N SER S 35 -13.80 -68.42 -25.60
CA SER S 35 -14.99 -67.70 -25.16
C SER S 35 -15.18 -67.68 -23.62
N GLU S 36 -14.52 -68.62 -22.91
CA GLU S 36 -14.54 -68.79 -21.45
C GLU S 36 -13.34 -68.13 -20.72
N GLY S 37 -12.37 -67.61 -21.47
CA GLY S 37 -11.18 -66.95 -20.95
C GLY S 37 -9.94 -67.16 -21.79
N VAL S 38 -8.84 -66.53 -21.40
CA VAL S 38 -7.56 -66.67 -22.11
C VAL S 38 -6.59 -67.34 -21.15
N CYS S 39 -5.84 -68.33 -21.61
CA CYS S 39 -4.82 -68.96 -20.76
C CYS S 39 -3.42 -68.66 -21.28
N LEU S 40 -2.49 -68.43 -20.37
CA LEU S 40 -1.10 -68.17 -20.69
C LEU S 40 -0.26 -69.24 -20.00
N ALA S 41 0.65 -69.91 -20.72
CA ALA S 41 1.51 -70.95 -20.15
C ALA S 41 2.93 -70.78 -20.67
N VAL S 42 3.95 -70.93 -19.81
CA VAL S 42 5.34 -70.73 -20.26
C VAL S 42 6.31 -71.69 -19.56
N GLU S 43 7.39 -72.08 -20.25
CA GLU S 43 8.41 -72.91 -19.63
C GLU S 43 9.44 -72.00 -18.93
N LYS S 44 9.80 -72.32 -17.69
CA LYS S 44 10.73 -71.50 -16.91
C LYS S 44 12.20 -71.66 -17.31
N ARG S 45 12.59 -72.83 -17.85
CA ARG S 45 13.98 -73.12 -18.24
C ARG S 45 14.94 -72.92 -17.05
N ILE S 46 14.80 -73.76 -15.99
CA ILE S 46 15.60 -73.66 -14.76
C ILE S 46 16.98 -74.30 -14.89
N THR S 47 18.03 -73.48 -14.82
CA THR S 47 19.41 -73.90 -14.99
C THR S 47 20.05 -74.66 -13.81
N SER S 48 19.53 -74.50 -12.60
CA SER S 48 20.13 -75.11 -11.40
C SER S 48 19.09 -75.41 -10.33
N PRO S 49 19.25 -76.51 -9.57
CA PRO S 49 18.31 -76.77 -8.46
C PRO S 49 18.40 -75.75 -7.31
N LEU S 50 19.55 -75.05 -7.20
CA LEU S 50 19.76 -74.03 -6.17
C LEU S 50 18.99 -72.72 -6.44
N MET S 51 18.55 -72.51 -7.69
CA MET S 51 17.80 -71.34 -8.12
C MET S 51 16.37 -71.44 -7.62
N GLU S 52 15.82 -70.34 -7.07
CA GLU S 52 14.44 -70.33 -6.59
C GLU S 52 13.48 -70.15 -7.77
N PRO S 53 12.66 -71.18 -8.09
CA PRO S 53 11.77 -71.06 -9.26
C PRO S 53 10.70 -69.99 -9.12
N SER S 54 10.29 -69.71 -7.88
CA SER S 54 9.32 -68.64 -7.60
C SER S 54 9.83 -67.25 -8.04
N SER S 55 11.16 -67.10 -8.20
CA SER S 55 11.82 -65.86 -8.63
C SER S 55 12.04 -65.76 -10.16
N ILE S 56 11.38 -66.61 -10.93
CA ILE S 56 11.44 -66.55 -12.39
C ILE S 56 10.03 -66.13 -12.77
N GLU S 57 9.86 -64.86 -13.13
CA GLU S 57 8.53 -64.32 -13.42
C GLU S 57 8.31 -64.08 -14.91
N LYS S 58 7.85 -65.10 -15.66
CA LYS S 58 7.61 -64.94 -17.08
C LYS S 58 6.12 -64.70 -17.44
N ILE S 59 5.22 -64.77 -16.45
CA ILE S 59 3.83 -64.40 -16.61
C ILE S 59 3.58 -63.36 -15.51
N VAL S 60 3.22 -62.14 -15.90
CA VAL S 60 2.98 -61.05 -14.95
C VAL S 60 1.58 -60.45 -15.09
N GLU S 61 1.11 -59.75 -14.06
CA GLU S 61 -0.20 -59.12 -14.08
C GLU S 61 0.01 -57.65 -14.43
N ILE S 62 -0.64 -57.17 -15.51
CA ILE S 62 -0.53 -55.76 -15.91
C ILE S 62 -1.58 -54.97 -15.11
N ASP S 63 -2.80 -55.48 -15.08
CA ASP S 63 -3.96 -55.00 -14.32
C ASP S 63 -4.78 -56.26 -13.99
N ALA S 64 -5.83 -56.14 -13.17
CA ALA S 64 -6.64 -57.27 -12.76
C ALA S 64 -7.27 -58.05 -13.93
N HIS S 65 -7.58 -57.38 -15.04
CA HIS S 65 -8.16 -58.06 -16.21
C HIS S 65 -7.14 -58.31 -17.33
N ILE S 66 -5.83 -58.06 -17.12
CA ILE S 66 -4.80 -58.24 -18.17
C ILE S 66 -3.52 -58.89 -17.62
N GLY S 67 -3.06 -59.91 -18.33
CA GLY S 67 -1.83 -60.63 -18.02
C GLY S 67 -0.87 -60.62 -19.19
N CYS S 68 0.41 -60.83 -18.91
CA CYS S 68 1.42 -60.80 -19.94
C CYS S 68 2.45 -61.94 -19.88
N ALA S 69 2.58 -62.70 -20.98
CA ALA S 69 3.60 -63.76 -21.11
C ALA S 69 4.76 -63.20 -21.95
N MET S 70 6.00 -63.46 -21.54
CA MET S 70 7.17 -62.89 -22.22
C MET S 70 8.23 -63.90 -22.66
N SER S 71 8.97 -63.58 -23.73
CA SER S 71 10.05 -64.45 -24.21
C SER S 71 11.16 -63.62 -24.88
N GLY S 72 12.41 -64.05 -24.70
CA GLY S 72 13.56 -63.33 -25.25
C GLY S 72 14.50 -62.86 -24.15
N LEU S 73 14.98 -61.62 -24.21
CA LEU S 73 15.86 -61.05 -23.18
C LEU S 73 14.95 -60.53 -22.09
N ILE S 74 14.83 -61.25 -20.95
CA ILE S 74 13.86 -60.94 -19.88
C ILE S 74 14.12 -59.63 -19.16
N ALA S 75 15.39 -59.15 -19.11
CA ALA S 75 15.67 -57.86 -18.47
C ALA S 75 15.04 -56.72 -19.31
N ASP S 76 15.02 -56.85 -20.66
CA ASP S 76 14.40 -55.90 -21.58
C ASP S 76 12.89 -55.83 -21.36
N ALA S 77 12.26 -56.96 -21.02
CA ALA S 77 10.82 -57.01 -20.82
C ALA S 77 10.37 -56.30 -19.59
N LYS S 78 11.19 -56.29 -18.52
CA LYS S 78 10.89 -55.62 -17.25
C LYS S 78 10.55 -54.14 -17.40
N THR S 79 11.14 -53.48 -18.41
CA THR S 79 10.92 -52.07 -18.70
C THR S 79 9.53 -51.89 -19.36
N LEU S 80 9.20 -52.78 -20.29
CA LEU S 80 7.93 -52.71 -21.00
C LEU S 80 6.77 -53.08 -20.08
N ILE S 81 6.97 -54.05 -19.17
CA ILE S 81 5.95 -54.47 -18.21
C ILE S 81 5.56 -53.33 -17.31
N ASP S 82 6.58 -52.58 -16.81
CA ASP S 82 6.35 -51.46 -15.93
C ASP S 82 5.73 -50.30 -16.67
N LYS S 83 6.12 -50.06 -17.93
CA LYS S 83 5.50 -49.00 -18.71
C LYS S 83 4.03 -49.33 -18.98
N ALA S 84 3.70 -50.63 -19.18
CA ALA S 84 2.31 -51.03 -19.39
C ALA S 84 1.52 -50.80 -18.12
N ARG S 85 2.07 -51.18 -16.96
CA ARG S 85 1.42 -51.00 -15.66
C ARG S 85 1.17 -49.55 -15.34
N VAL S 86 2.11 -48.67 -15.72
CA VAL S 86 2.00 -47.24 -15.49
C VAL S 86 0.90 -46.66 -16.39
N GLU S 87 0.84 -47.08 -17.64
CA GLU S 87 -0.19 -46.61 -18.57
C GLU S 87 -1.61 -46.96 -18.09
N THR S 88 -1.81 -48.18 -17.55
CA THR S 88 -3.13 -48.57 -17.04
C THR S 88 -3.55 -47.69 -15.90
N GLN S 89 -2.61 -47.39 -15.00
CA GLN S 89 -2.91 -46.58 -13.83
C GLN S 89 -3.07 -45.09 -14.17
N ASN S 90 -2.40 -44.61 -15.24
CA ASN S 90 -2.55 -43.24 -15.70
C ASN S 90 -3.90 -43.08 -16.37
N HIS S 91 -4.33 -44.09 -17.13
CA HIS S 91 -5.63 -44.15 -17.80
C HIS S 91 -6.74 -44.22 -16.73
N TRP S 92 -6.57 -45.06 -15.69
CA TRP S 92 -7.54 -45.15 -14.61
C TRP S 92 -7.67 -43.80 -13.91
N PHE S 93 -6.56 -43.13 -13.64
CA PHE S 93 -6.57 -41.85 -12.95
C PHE S 93 -7.37 -40.80 -13.74
N THR S 94 -7.09 -40.68 -15.04
CA THR S 94 -7.70 -39.69 -15.90
C THR S 94 -9.13 -39.99 -16.29
N TYR S 95 -9.43 -41.24 -16.66
CA TYR S 95 -10.74 -41.60 -17.20
C TYR S 95 -11.65 -42.38 -16.28
N ASN S 96 -11.15 -42.82 -15.11
CA ASN S 96 -11.89 -43.61 -14.15
C ASN S 96 -12.44 -44.89 -14.79
N GLU S 97 -11.57 -45.66 -15.46
CA GLU S 97 -11.98 -46.87 -16.14
C GLU S 97 -10.76 -47.75 -16.45
N THR S 98 -11.02 -49.02 -16.84
CA THR S 98 -9.98 -49.94 -17.25
C THR S 98 -9.69 -49.78 -18.76
N MET S 99 -8.47 -50.10 -19.17
CA MET S 99 -8.08 -50.04 -20.57
C MET S 99 -8.52 -51.32 -21.29
N THR S 100 -8.68 -51.27 -22.61
CA THR S 100 -8.96 -52.49 -23.39
C THR S 100 -7.62 -53.26 -23.56
N VAL S 101 -7.67 -54.57 -23.78
CA VAL S 101 -6.46 -55.37 -23.98
C VAL S 101 -5.64 -54.83 -25.19
N GLU S 102 -6.38 -54.38 -26.24
CA GLU S 102 -5.80 -53.81 -27.44
C GLU S 102 -5.09 -52.46 -27.19
N SER S 103 -5.66 -51.61 -26.34
CA SER S 103 -5.07 -50.30 -26.01
C SER S 103 -3.78 -50.47 -25.23
N VAL S 104 -3.73 -51.44 -24.32
CA VAL S 104 -2.52 -51.70 -23.54
C VAL S 104 -1.44 -52.22 -24.47
N THR S 105 -1.77 -53.18 -25.35
CA THR S 105 -0.84 -53.72 -26.35
C THR S 105 -0.28 -52.59 -27.22
N GLN S 106 -1.14 -51.73 -27.74
CA GLN S 106 -0.75 -50.57 -28.54
C GLN S 106 0.16 -49.61 -27.74
N ALA S 107 -0.19 -49.29 -26.47
CA ALA S 107 0.65 -48.41 -25.66
C ALA S 107 2.10 -48.90 -25.58
N VAL S 108 2.30 -50.20 -25.37
CA VAL S 108 3.63 -50.77 -25.31
C VAL S 108 4.29 -50.77 -26.69
N SER S 109 3.51 -51.01 -27.74
CA SER S 109 3.95 -51.01 -29.13
C SER S 109 4.43 -49.63 -29.60
N ASN S 110 3.96 -48.54 -28.96
CA ASN S 110 4.38 -47.20 -29.34
C ASN S 110 5.87 -46.95 -29.04
N LEU S 111 6.48 -47.73 -28.13
CA LEU S 111 7.88 -47.60 -27.76
C LEU S 111 8.84 -48.37 -28.67
N ALA S 112 8.33 -49.17 -29.61
CA ALA S 112 9.07 -50.11 -30.44
C ALA S 112 10.25 -49.54 -31.26
N LEU S 113 10.05 -48.58 -32.20
CA LEU S 113 11.17 -48.08 -32.99
C LEU S 113 11.78 -46.80 -32.43
N GLN S 114 11.59 -46.56 -31.13
CA GLN S 114 12.09 -45.41 -30.40
C GLN S 114 13.58 -45.58 -30.02
N PHE S 115 14.42 -45.97 -30.97
CA PHE S 115 15.86 -46.09 -30.74
C PHE S 115 16.63 -45.28 -31.78
N GLY S 116 17.88 -44.96 -31.49
CA GLY S 116 18.71 -44.19 -32.41
C GLY S 116 19.89 -43.50 -31.76
N GLU S 117 20.81 -43.01 -32.58
CA GLU S 117 22.02 -42.35 -32.10
C GLU S 117 21.98 -40.82 -32.25
N GLU S 118 21.93 -40.31 -33.49
CA GLU S 118 21.92 -38.87 -33.71
C GLU S 118 20.52 -38.25 -33.56
N ASP S 119 20.45 -37.02 -32.99
CA ASP S 119 19.24 -36.22 -32.72
C ASP S 119 18.42 -36.75 -31.52
N ALA S 120 19.07 -37.51 -30.62
CA ALA S 120 18.43 -38.12 -29.45
C ALA S 120 18.78 -37.43 -28.09
N ASP S 121 17.95 -37.69 -27.05
CA ASP S 121 18.13 -37.21 -25.68
C ASP S 121 19.37 -37.85 -25.00
N PRO S 122 19.91 -37.27 -23.90
CA PRO S 122 21.13 -37.86 -23.27
C PRO S 122 21.20 -39.41 -23.16
N GLY S 123 20.19 -40.05 -22.55
CA GLY S 123 20.23 -41.50 -22.39
C GLY S 123 19.13 -42.28 -23.07
N ALA S 124 18.78 -41.91 -24.31
CA ALA S 124 17.72 -42.56 -25.10
C ALA S 124 18.11 -44.01 -25.54
N MET S 125 17.11 -44.82 -26.00
CA MET S 125 17.35 -46.20 -26.41
C MET S 125 18.34 -46.31 -27.56
N SER S 126 19.34 -47.15 -27.40
CA SER S 126 20.39 -47.37 -28.38
C SER S 126 20.08 -48.56 -29.32
N ARG S 127 19.09 -49.39 -28.99
CA ARG S 127 18.72 -50.58 -29.73
C ARG S 127 17.27 -50.97 -29.41
N PRO S 128 16.62 -51.82 -30.24
CA PRO S 128 15.25 -52.25 -29.91
C PRO S 128 15.21 -53.19 -28.69
N PHE S 129 14.02 -53.55 -28.24
CA PHE S 129 13.85 -54.50 -27.15
C PHE S 129 13.87 -55.91 -27.78
N GLY S 130 14.66 -56.82 -27.24
CA GLY S 130 14.72 -58.19 -27.74
C GLY S 130 13.71 -59.06 -27.01
N VAL S 131 12.44 -58.68 -27.11
CA VAL S 131 11.35 -59.33 -26.41
C VAL S 131 10.16 -59.59 -27.35
N ALA S 132 9.39 -60.66 -27.09
CA ALA S 132 8.12 -60.93 -27.74
C ALA S 132 7.11 -61.01 -26.58
N LEU S 133 5.94 -60.41 -26.77
CA LEU S 133 4.94 -60.40 -25.70
C LEU S 133 3.61 -61.02 -26.12
N LEU S 134 2.93 -61.66 -25.18
CA LEU S 134 1.60 -62.21 -25.37
C LEU S 134 0.71 -61.61 -24.29
N PHE S 135 -0.15 -60.64 -24.66
CA PHE S 135 -1.07 -60.03 -23.71
C PHE S 135 -2.37 -60.82 -23.74
N GLY S 136 -2.88 -61.19 -22.57
CA GLY S 136 -4.11 -61.95 -22.47
C GLY S 136 -5.02 -61.40 -21.40
N GLY S 137 -6.24 -61.05 -21.76
CA GLY S 137 -7.18 -60.48 -20.79
C GLY S 137 -8.62 -60.39 -21.28
N VAL S 138 -9.51 -59.89 -20.41
CA VAL S 138 -10.92 -59.74 -20.78
C VAL S 138 -11.34 -58.28 -20.74
N ASP S 139 -12.13 -57.83 -21.72
CA ASP S 139 -12.67 -56.48 -21.73
C ASP S 139 -14.15 -56.51 -22.23
N GLU S 140 -14.68 -55.41 -22.80
CA GLU S 140 -16.05 -55.40 -23.32
C GLU S 140 -16.19 -56.25 -24.62
N LYS S 141 -15.07 -56.50 -25.31
CA LYS S 141 -15.02 -57.37 -26.49
C LYS S 141 -14.79 -58.87 -26.13
N GLY S 142 -14.83 -59.20 -24.84
CA GLY S 142 -14.64 -60.55 -24.34
C GLY S 142 -13.17 -60.87 -24.14
N PRO S 143 -12.87 -62.18 -24.03
CA PRO S 143 -11.47 -62.60 -23.87
C PRO S 143 -10.69 -62.34 -25.16
N GLN S 144 -9.49 -61.80 -25.03
CA GLN S 144 -8.66 -61.44 -26.16
C GLN S 144 -7.21 -61.74 -25.90
N LEU S 145 -6.51 -62.19 -26.92
CA LEU S 145 -5.10 -62.50 -26.83
C LEU S 145 -4.40 -61.70 -27.93
N PHE S 146 -3.31 -60.99 -27.57
CA PHE S 146 -2.57 -60.16 -28.51
C PHE S 146 -1.08 -60.51 -28.52
N HIS S 147 -0.47 -60.50 -29.69
CA HIS S 147 0.96 -60.79 -29.83
C HIS S 147 1.70 -59.51 -30.17
N MET S 148 2.98 -59.42 -29.80
CA MET S 148 3.78 -58.26 -30.16
C MET S 148 5.24 -58.66 -30.32
N ASP S 149 5.91 -58.11 -31.32
CA ASP S 149 7.33 -58.42 -31.52
C ASP S 149 8.23 -57.12 -31.47
N PRO S 150 9.59 -57.23 -31.52
CA PRO S 150 10.43 -56.02 -31.49
C PRO S 150 10.13 -54.93 -32.55
N SER S 151 9.53 -55.32 -33.69
CA SER S 151 9.15 -54.35 -34.72
C SER S 151 7.97 -53.43 -34.31
N GLY S 152 7.29 -53.77 -33.22
CA GLY S 152 6.13 -53.03 -32.77
C GLY S 152 4.83 -53.50 -33.37
N THR S 153 4.87 -54.47 -34.28
CA THR S 153 3.66 -54.99 -34.90
C THR S 153 2.90 -55.79 -33.85
N PHE S 154 1.64 -55.42 -33.63
CA PHE S 154 0.80 -56.12 -32.69
C PHE S 154 -0.46 -56.61 -33.38
N VAL S 155 -0.86 -57.84 -33.08
CA VAL S 155 -2.03 -58.44 -33.71
C VAL S 155 -2.78 -59.35 -32.76
N GLN S 156 -4.07 -59.58 -33.03
CA GLN S 156 -4.87 -60.44 -32.20
C GLN S 156 -4.69 -61.90 -32.66
N CYS S 157 -4.61 -62.81 -31.70
CA CYS S 157 -4.43 -64.22 -32.01
C CYS S 157 -5.42 -65.10 -31.25
N ASP S 158 -5.89 -66.15 -31.89
CA ASP S 158 -6.74 -67.15 -31.25
C ASP S 158 -5.80 -68.11 -30.49
N ALA S 159 -4.64 -68.42 -31.06
CA ALA S 159 -3.61 -69.21 -30.41
C ALA S 159 -2.25 -68.77 -30.96
N ARG S 160 -1.27 -68.56 -30.05
CA ARG S 160 0.05 -68.15 -30.47
C ARG S 160 1.15 -68.69 -29.59
N ALA S 161 2.24 -69.10 -30.21
CA ALA S 161 3.41 -69.61 -29.52
C ALA S 161 4.61 -68.72 -29.88
N ILE S 162 5.42 -68.37 -28.88
CA ILE S 162 6.61 -67.53 -29.07
C ILE S 162 7.81 -68.23 -28.43
N GLY S 163 9.01 -67.98 -28.93
CA GLY S 163 10.21 -68.57 -28.36
C GLY S 163 10.97 -69.52 -29.26
N SER S 164 11.94 -70.23 -28.65
CA SER S 164 12.82 -71.18 -29.32
C SER S 164 12.10 -72.23 -30.15
N ALA S 165 11.04 -72.85 -29.60
CA ALA S 165 10.30 -73.88 -30.33
C ALA S 165 8.94 -73.38 -30.81
N SER S 166 8.85 -72.08 -31.17
CA SER S 166 7.61 -71.49 -31.63
C SER S 166 7.09 -72.11 -32.95
N GLU S 167 7.99 -72.54 -33.86
CA GLU S 167 7.58 -73.13 -35.14
C GLU S 167 6.84 -74.46 -34.96
N GLY S 168 7.39 -75.30 -34.08
CA GLY S 168 6.80 -76.59 -33.75
C GLY S 168 5.53 -76.48 -32.94
N ALA S 169 5.49 -75.57 -31.95
CA ALA S 169 4.32 -75.39 -31.09
C ALA S 169 3.14 -74.77 -31.82
N GLN S 170 3.41 -73.93 -32.83
CA GLN S 170 2.36 -73.31 -33.63
C GLN S 170 1.68 -74.35 -34.54
N SER S 171 2.45 -75.36 -34.99
CA SER S 171 1.95 -76.45 -35.81
C SER S 171 0.93 -77.23 -34.97
N SER S 172 1.30 -77.58 -33.73
CA SER S 172 0.45 -78.30 -32.77
C SER S 172 -0.80 -77.50 -32.40
N LEU S 173 -0.65 -76.17 -32.24
CA LEU S 173 -1.78 -75.31 -31.93
C LEU S 173 -2.73 -75.26 -33.14
N GLN S 174 -2.19 -75.20 -34.36
CA GLN S 174 -3.01 -75.13 -35.56
C GLN S 174 -3.84 -76.40 -35.72
N GLU S 175 -3.24 -77.57 -35.46
CA GLU S 175 -3.97 -78.83 -35.57
C GLU S 175 -4.96 -79.07 -34.42
N VAL S 176 -4.76 -78.47 -33.24
CA VAL S 176 -5.63 -78.70 -32.09
C VAL S 176 -6.66 -77.57 -31.81
N TYR S 177 -6.39 -76.32 -32.25
CA TYR S 177 -7.28 -75.21 -31.96
C TYR S 177 -8.61 -75.25 -32.71
N HIS S 178 -9.68 -75.19 -31.93
CA HIS S 178 -11.07 -75.12 -32.38
C HIS S 178 -11.65 -73.86 -31.71
N LYS S 179 -12.29 -72.97 -32.48
CA LYS S 179 -12.84 -71.73 -31.94
C LYS S 179 -13.77 -71.92 -30.72
N SER S 180 -14.64 -72.93 -30.76
CA SER S 180 -15.60 -73.22 -29.69
C SER S 180 -15.02 -74.09 -28.55
N MET S 181 -13.68 -74.24 -28.45
CA MET S 181 -13.11 -75.07 -27.38
C MET S 181 -13.26 -74.41 -26.00
N THR S 182 -13.33 -75.22 -24.94
CA THR S 182 -13.50 -74.71 -23.58
C THR S 182 -12.17 -74.28 -22.93
N LEU S 183 -12.22 -73.55 -21.79
CA LEU S 183 -10.98 -73.10 -21.15
C LEU S 183 -10.15 -74.27 -20.61
N LYS S 184 -10.82 -75.30 -20.04
CA LYS S 184 -10.15 -76.51 -19.55
C LYS S 184 -9.41 -77.24 -20.67
N GLU S 185 -10.02 -77.28 -21.88
CA GLU S 185 -9.42 -77.92 -23.05
C GLU S 185 -8.23 -77.14 -23.61
N ALA S 186 -8.28 -75.80 -23.48
CA ALA S 186 -7.20 -74.92 -23.93
C ALA S 186 -5.99 -75.03 -23.01
N ILE S 187 -6.25 -75.12 -21.68
CA ILE S 187 -5.24 -75.24 -20.65
C ILE S 187 -4.49 -76.56 -20.84
N LYS S 188 -5.24 -77.65 -21.06
CA LYS S 188 -4.65 -78.97 -21.26
C LYS S 188 -3.82 -79.03 -22.53
N SER S 189 -4.34 -78.48 -23.66
CA SER S 189 -3.63 -78.48 -24.94
C SER S 189 -2.32 -77.72 -24.82
N SER S 190 -2.32 -76.61 -24.07
CA SER S 190 -1.13 -75.78 -23.82
C SER S 190 -0.07 -76.61 -23.09
N LEU S 191 -0.49 -77.35 -22.07
CA LEU S 191 0.36 -78.20 -21.25
C LEU S 191 0.91 -79.40 -22.06
N ILE S 192 0.09 -79.95 -22.96
CA ILE S 192 0.49 -81.06 -23.82
C ILE S 192 1.58 -80.58 -24.77
N ILE S 193 1.32 -79.48 -25.49
CA ILE S 193 2.25 -78.88 -26.46
C ILE S 193 3.54 -78.42 -25.78
N LEU S 194 3.45 -77.94 -24.53
CA LEU S 194 4.61 -77.50 -23.77
C LEU S 194 5.47 -78.70 -23.35
N LYS S 195 4.83 -79.79 -22.89
CA LYS S 195 5.52 -81.04 -22.52
C LYS S 195 6.31 -81.57 -23.73
N GLN S 196 5.66 -81.56 -24.91
CA GLN S 196 6.21 -81.98 -26.19
C GLN S 196 7.49 -81.19 -26.55
N VAL S 197 7.44 -79.85 -26.54
CA VAL S 197 8.57 -79.05 -26.94
C VAL S 197 9.63 -78.86 -25.85
N MET S 198 9.30 -79.11 -24.59
CA MET S 198 10.25 -78.93 -23.48
C MET S 198 11.33 -79.97 -23.34
N GLU S 199 12.56 -79.51 -23.02
CA GLU S 199 13.72 -80.38 -22.81
C GLU S 199 13.55 -81.22 -21.54
N GLU S 200 13.23 -80.56 -20.41
CA GLU S 200 13.00 -81.25 -19.14
C GLU S 200 11.55 -81.82 -19.08
N LYS S 201 11.30 -82.78 -18.17
CA LYS S 201 9.95 -83.32 -18.01
C LYS S 201 9.17 -82.29 -17.19
N LEU S 202 8.04 -81.82 -17.71
CA LEU S 202 7.30 -80.74 -17.06
C LEU S 202 6.64 -81.17 -15.74
N ASN S 203 6.82 -80.30 -14.73
CA ASN S 203 6.24 -80.44 -13.40
C ASN S 203 5.75 -79.07 -12.88
N ALA S 204 5.16 -79.03 -11.65
CA ALA S 204 4.61 -77.83 -11.05
C ALA S 204 5.63 -76.71 -10.73
N THR S 205 6.93 -76.99 -10.90
CA THR S 205 7.96 -75.98 -10.64
C THR S 205 8.62 -75.46 -11.93
N ASN S 206 8.69 -76.33 -12.94
CA ASN S 206 9.29 -76.06 -14.24
C ASN S 206 8.49 -75.11 -15.10
N ILE S 207 7.17 -75.00 -14.87
CA ILE S 207 6.32 -74.17 -15.73
C ILE S 207 5.50 -73.10 -14.93
N GLU S 208 4.84 -72.19 -15.67
CA GLU S 208 3.99 -71.14 -15.12
C GLU S 208 2.68 -71.17 -15.92
N LEU S 209 1.53 -71.05 -15.24
CA LEU S 209 0.23 -71.03 -15.94
C LEU S 209 -0.67 -69.98 -15.31
N ALA S 210 -1.42 -69.25 -16.14
CA ALA S 210 -2.31 -68.21 -15.65
C ALA S 210 -3.57 -68.09 -16.50
N THR S 211 -4.71 -67.72 -15.88
CA THR S 211 -5.96 -67.51 -16.61
C THR S 211 -6.61 -66.17 -16.30
N VAL S 212 -7.27 -65.59 -17.30
CA VAL S 212 -8.05 -64.38 -17.16
C VAL S 212 -9.38 -64.77 -17.80
N GLN S 213 -10.44 -64.81 -17.00
CA GLN S 213 -11.76 -65.22 -17.49
C GLN S 213 -12.78 -64.11 -17.31
N PRO S 214 -13.87 -64.09 -18.10
CA PRO S 214 -14.95 -63.11 -17.82
C PRO S 214 -15.58 -63.53 -16.49
N GLY S 215 -15.43 -62.71 -15.47
CA GLY S 215 -15.92 -63.05 -14.13
C GLY S 215 -14.83 -63.38 -13.14
N GLN S 216 -13.63 -63.72 -13.63
CA GLN S 216 -12.51 -64.02 -12.76
C GLN S 216 -11.37 -63.06 -13.07
N ASN S 217 -10.70 -62.55 -12.04
CA ASN S 217 -9.54 -61.68 -12.23
C ASN S 217 -8.33 -62.54 -12.73
N PHE S 218 -7.19 -61.91 -13.00
CA PHE S 218 -5.97 -62.60 -13.43
C PHE S 218 -5.54 -63.56 -12.31
N HIS S 219 -5.39 -64.84 -12.63
CA HIS S 219 -5.05 -65.83 -11.64
C HIS S 219 -3.78 -66.60 -12.00
N MET S 220 -2.79 -66.57 -11.12
CA MET S 220 -1.57 -67.34 -11.31
C MET S 220 -1.80 -68.68 -10.63
N PHE S 221 -1.61 -69.79 -11.35
CA PHE S 221 -1.83 -71.12 -10.79
C PHE S 221 -0.81 -71.47 -9.70
N THR S 222 -1.28 -72.02 -8.58
CA THR S 222 -0.42 -72.45 -7.47
C THR S 222 0.17 -73.85 -7.75
N LYS S 223 1.14 -74.35 -6.94
CA LYS S 223 1.71 -75.67 -7.16
C LYS S 223 0.65 -76.75 -7.05
N GLU S 224 -0.26 -76.62 -6.07
CA GLU S 224 -1.35 -77.58 -5.87
C GLU S 224 -2.30 -77.60 -7.06
N GLU S 225 -2.58 -76.44 -7.66
CA GLU S 225 -3.44 -76.31 -8.83
C GLU S 225 -2.78 -76.84 -10.08
N LEU S 226 -1.46 -76.60 -10.23
CA LEU S 226 -0.68 -77.08 -11.36
C LEU S 226 -0.57 -78.60 -11.35
N GLU S 227 -0.41 -79.20 -10.15
CA GLU S 227 -0.32 -80.64 -9.99
C GLU S 227 -1.67 -81.30 -10.32
N GLU S 228 -2.79 -80.68 -9.93
CA GLU S 228 -4.13 -81.19 -10.20
C GLU S 228 -4.48 -81.16 -11.70
N VAL S 229 -3.86 -80.23 -12.46
CA VAL S 229 -4.07 -80.11 -13.91
C VAL S 229 -3.10 -81.02 -14.71
N ILE S 230 -1.90 -81.28 -14.15
CA ILE S 230 -0.89 -82.14 -14.76
C ILE S 230 -1.37 -83.60 -14.90
N LYS S 231 -2.24 -84.04 -13.95
CA LYS S 231 -2.86 -85.38 -13.87
C LYS S 231 -3.49 -85.87 -15.18
N ASP S 232 -4.16 -84.97 -15.93
CA ASP S 232 -4.80 -85.35 -17.18
C ASP S 232 -3.83 -85.29 -18.35
N ASN T 1 27.85 -50.30 -52.21
CA ASN T 1 28.27 -51.03 -51.00
C ASN T 1 28.86 -50.10 -49.93
N GLN T 2 29.72 -49.14 -50.32
CA GLN T 2 30.22 -48.14 -49.38
C GLN T 2 29.30 -46.88 -49.34
N TYR T 3 28.42 -46.73 -50.36
CA TYR T 3 27.41 -45.66 -50.46
C TYR T 3 26.01 -46.21 -50.04
N ASP T 4 25.99 -47.29 -49.24
CA ASP T 4 24.89 -48.15 -48.86
C ASP T 4 24.25 -47.93 -47.53
N ASN T 5 25.00 -47.43 -46.52
CA ASN T 5 24.48 -47.46 -45.14
C ASN T 5 24.06 -46.10 -44.54
N ASP T 6 24.15 -45.02 -45.31
CA ASP T 6 23.77 -43.71 -44.81
C ASP T 6 22.98 -42.86 -45.80
N VAL T 7 21.89 -42.19 -45.34
CA VAL T 7 21.06 -41.29 -46.18
C VAL T 7 21.82 -40.04 -46.61
N THR T 8 22.82 -39.62 -45.83
CA THR T 8 23.66 -38.49 -46.17
C THR T 8 24.66 -38.78 -47.29
N VAL T 9 24.91 -40.07 -47.61
CA VAL T 9 25.85 -40.43 -48.65
C VAL T 9 25.20 -40.62 -50.00
N TRP T 10 25.54 -39.73 -50.95
CA TRP T 10 25.15 -39.83 -52.36
C TRP T 10 26.11 -40.84 -53.01
N SER T 11 25.58 -41.74 -53.86
CA SER T 11 26.43 -42.68 -54.61
C SER T 11 27.01 -41.90 -55.83
N PRO T 12 28.03 -42.44 -56.54
CA PRO T 12 28.56 -41.71 -57.71
C PRO T 12 27.55 -41.49 -58.84
N GLN T 13 26.43 -42.21 -58.83
CA GLN T 13 25.39 -42.07 -59.84
C GLN T 13 24.32 -41.05 -59.49
N GLY T 14 24.46 -40.32 -58.40
CA GLY T 14 23.45 -39.37 -57.97
C GLY T 14 22.25 -40.10 -57.40
N ARG T 15 22.51 -41.14 -56.59
CA ARG T 15 21.46 -41.92 -55.98
C ARG T 15 21.66 -42.04 -54.46
N ILE T 16 20.55 -42.10 -53.71
CA ILE T 16 20.65 -42.31 -52.27
C ILE T 16 20.11 -43.69 -52.03
N HIS T 17 21.00 -44.66 -51.91
CA HIS T 17 20.64 -46.05 -51.75
C HIS T 17 19.77 -46.30 -50.53
N GLN T 18 20.02 -45.62 -49.38
CA GLN T 18 19.19 -45.78 -48.19
C GLN T 18 17.73 -45.41 -48.41
N ILE T 19 17.45 -44.44 -49.31
CA ILE T 19 16.09 -44.08 -49.64
C ILE T 19 15.47 -45.20 -50.48
N GLU T 20 16.22 -45.72 -51.44
CA GLU T 20 15.80 -46.81 -52.33
C GLU T 20 15.53 -48.10 -51.55
N TYR T 21 16.26 -48.33 -50.44
CA TYR T 21 16.06 -49.51 -49.59
C TYR T 21 14.79 -49.39 -48.77
N ALA T 22 14.49 -48.16 -48.28
CA ALA T 22 13.28 -47.82 -47.55
C ALA T 22 12.05 -47.98 -48.46
N MET T 23 12.19 -47.69 -49.77
CA MET T 23 11.11 -47.84 -50.74
C MET T 23 10.66 -49.30 -50.84
N GLU T 24 11.60 -50.25 -50.68
CA GLU T 24 11.35 -51.68 -50.72
C GLU T 24 10.38 -52.13 -49.65
N ALA T 25 10.38 -51.47 -48.48
CA ALA T 25 9.48 -51.81 -47.38
C ALA T 25 8.02 -51.74 -47.81
N VAL T 26 7.68 -50.79 -48.69
CA VAL T 26 6.34 -50.62 -49.22
C VAL T 26 5.95 -51.80 -50.10
N LYS T 27 6.87 -52.21 -51.01
CA LYS T 27 6.71 -53.33 -51.94
C LYS T 27 6.51 -54.67 -51.24
N GLN T 28 7.10 -54.86 -50.05
CA GLN T 28 6.96 -56.11 -49.31
C GLN T 28 5.58 -56.29 -48.66
N GLY T 29 4.98 -55.19 -48.20
CA GLY T 29 3.66 -55.21 -47.56
C GLY T 29 2.53 -55.58 -48.51
N SER T 30 1.34 -55.99 -48.00
CA SER T 30 0.23 -56.37 -48.88
C SER T 30 -0.32 -55.22 -49.71
N ALA T 31 -0.99 -55.54 -50.82
CA ALA T 31 -1.49 -54.53 -51.72
C ALA T 31 -2.68 -53.78 -51.17
N THR T 32 -2.76 -52.51 -51.53
CA THR T 32 -3.84 -51.63 -51.18
C THR T 32 -4.17 -50.78 -52.41
N VAL T 33 -5.44 -50.48 -52.58
CA VAL T 33 -5.96 -49.74 -53.72
C VAL T 33 -6.71 -48.50 -53.24
N GLY T 34 -6.57 -47.42 -53.98
CA GLY T 34 -7.23 -46.18 -53.67
C GLY T 34 -7.72 -45.60 -54.96
N LEU T 35 -9.00 -45.21 -55.01
CA LEU T 35 -9.58 -44.67 -56.23
C LEU T 35 -10.72 -43.69 -55.91
N LYS T 36 -11.15 -42.88 -56.90
CA LYS T 36 -12.19 -41.89 -56.64
C LYS T 36 -13.14 -41.60 -57.80
N SER T 37 -14.35 -41.19 -57.42
CA SER T 37 -15.42 -40.75 -58.30
C SER T 37 -15.57 -39.22 -58.09
N LYS T 38 -16.62 -38.61 -58.65
CA LYS T 38 -16.88 -37.19 -58.45
C LYS T 38 -17.35 -36.90 -57.02
N THR T 39 -17.87 -37.93 -56.29
CA THR T 39 -18.38 -37.72 -54.94
C THR T 39 -17.67 -38.51 -53.86
N HIS T 40 -17.07 -39.68 -54.18
CA HIS T 40 -16.44 -40.50 -53.14
C HIS T 40 -14.97 -40.86 -53.38
N ALA T 41 -14.22 -41.03 -52.28
CA ALA T 41 -12.84 -41.48 -52.29
C ALA T 41 -12.88 -42.81 -51.56
N VAL T 42 -12.41 -43.85 -52.21
CA VAL T 42 -12.46 -45.20 -51.66
C VAL T 42 -11.07 -45.80 -51.50
N LEU T 43 -10.85 -46.49 -50.37
CA LEU T 43 -9.62 -47.23 -50.10
C LEU T 43 -10.04 -48.70 -49.87
N VAL T 44 -9.37 -49.62 -50.55
CA VAL T 44 -9.63 -51.05 -50.41
C VAL T 44 -8.28 -51.70 -50.06
N ALA T 45 -8.26 -52.65 -49.12
CA ALA T 45 -6.99 -53.26 -48.74
C ALA T 45 -7.04 -54.77 -48.53
N LEU T 46 -5.90 -55.42 -48.78
CA LEU T 46 -5.74 -56.84 -48.54
C LEU T 46 -5.11 -56.97 -47.17
N LYS T 47 -5.86 -57.49 -46.19
CA LYS T 47 -5.34 -57.68 -44.85
C LYS T 47 -4.59 -59.02 -44.77
N ARG T 48 -3.33 -58.98 -44.28
CA ARG T 48 -2.49 -60.17 -44.16
C ARG T 48 -2.58 -60.81 -42.78
N ALA T 49 -2.82 -62.11 -42.73
CA ALA T 49 -2.86 -62.83 -41.48
C ALA T 49 -1.58 -63.66 -41.36
N GLN T 50 -0.90 -63.58 -40.20
CA GLN T 50 0.35 -64.32 -39.97
C GLN T 50 0.18 -65.85 -39.93
N SER T 51 -1.05 -66.32 -39.70
CA SER T 51 -1.44 -67.72 -39.54
C SER T 51 -2.97 -67.82 -39.69
N GLU T 52 -3.51 -69.05 -39.78
CA GLU T 52 -4.97 -69.23 -39.80
C GLU T 52 -5.55 -68.77 -38.43
N LEU T 53 -4.81 -69.03 -37.33
CA LEU T 53 -5.18 -68.68 -35.95
C LEU T 53 -4.94 -67.19 -35.59
N ALA T 54 -4.37 -66.39 -36.49
CA ALA T 54 -4.11 -64.98 -36.22
C ALA T 54 -5.06 -64.10 -37.04
N ALA T 55 -5.37 -62.91 -36.51
CA ALA T 55 -6.23 -61.98 -37.20
C ALA T 55 -5.46 -61.26 -38.33
N HIS T 56 -6.19 -60.65 -39.26
CA HIS T 56 -5.57 -59.94 -40.37
C HIS T 56 -5.26 -58.50 -39.94
N GLN T 57 -3.97 -58.11 -40.07
CA GLN T 57 -3.40 -56.81 -39.70
C GLN T 57 -4.22 -55.63 -40.22
N LYS T 58 -4.50 -54.64 -39.35
CA LYS T 58 -5.28 -53.47 -39.75
C LYS T 58 -4.50 -52.68 -40.83
N LYS T 59 -5.06 -52.55 -42.02
CA LYS T 59 -4.42 -51.79 -43.10
C LYS T 59 -5.00 -50.36 -43.21
N ILE T 60 -6.25 -50.15 -42.75
CA ILE T 60 -6.96 -48.87 -42.85
C ILE T 60 -7.14 -48.19 -41.51
N LEU T 61 -6.73 -46.91 -41.44
CA LEU T 61 -6.74 -46.11 -40.23
C LEU T 61 -7.55 -44.83 -40.38
N HIS T 62 -8.18 -44.38 -39.30
CA HIS T 62 -8.94 -43.12 -39.32
C HIS T 62 -8.02 -41.96 -38.91
N VAL T 63 -8.00 -40.84 -39.70
CA VAL T 63 -7.17 -39.66 -39.42
C VAL T 63 -8.06 -38.52 -38.85
N ASP T 64 -9.14 -38.19 -39.58
CA ASP T 64 -10.14 -37.19 -39.22
C ASP T 64 -11.49 -37.56 -39.88
N ASN T 65 -12.58 -36.85 -39.55
CA ASN T 65 -13.88 -37.12 -40.14
C ASN T 65 -13.86 -37.06 -41.67
N HIS T 66 -12.93 -36.28 -42.24
CA HIS T 66 -12.83 -36.13 -43.68
C HIS T 66 -11.63 -36.85 -44.31
N ILE T 67 -10.79 -37.55 -43.53
CA ILE T 67 -9.59 -38.20 -44.05
C ILE T 67 -9.35 -39.59 -43.43
N GLY T 68 -8.86 -40.50 -44.24
CA GLY T 68 -8.49 -41.86 -43.83
C GLY T 68 -7.33 -42.37 -44.67
N ILE T 69 -6.55 -43.32 -44.13
CA ILE T 69 -5.36 -43.80 -44.84
C ILE T 69 -5.25 -45.31 -44.93
N SER T 70 -4.50 -45.78 -45.93
CA SER T 70 -4.17 -47.18 -46.12
C SER T 70 -2.64 -47.28 -46.07
N ILE T 71 -2.11 -48.24 -45.32
CA ILE T 71 -0.68 -48.34 -45.11
C ILE T 71 -0.01 -49.52 -45.82
N ALA T 72 1.31 -49.42 -46.05
CA ALA T 72 2.14 -50.47 -46.68
C ALA T 72 3.57 -50.17 -46.26
N GLY T 73 4.15 -51.06 -45.45
CA GLY T 73 5.49 -50.86 -44.93
C GLY T 73 5.58 -51.13 -43.45
N LEU T 74 6.62 -50.58 -42.74
CA LEU T 74 6.81 -50.77 -41.30
C LEU T 74 5.61 -50.20 -40.58
N THR T 75 4.93 -51.03 -39.76
CA THR T 75 3.69 -50.60 -39.08
C THR T 75 3.95 -49.56 -37.99
N ALA T 76 5.12 -49.61 -37.33
CA ALA T 76 5.46 -48.61 -36.31
C ALA T 76 5.68 -47.23 -36.94
N ASP T 77 6.23 -47.20 -38.15
CA ASP T 77 6.42 -45.96 -38.90
C ASP T 77 5.07 -45.46 -39.40
N ALA T 78 4.15 -46.38 -39.80
CA ALA T 78 2.80 -46.04 -40.23
C ALA T 78 2.03 -45.41 -39.08
N ARG T 79 2.17 -45.96 -37.86
CA ARG T 79 1.50 -45.44 -36.66
C ARG T 79 2.03 -44.05 -36.28
N LEU T 80 3.33 -43.84 -36.43
CA LEU T 80 3.99 -42.59 -36.12
C LEU T 80 3.47 -41.51 -37.07
N LEU T 81 3.39 -41.83 -38.36
CA LEU T 81 2.96 -40.90 -39.40
C LEU T 81 1.46 -40.63 -39.36
N CYS T 82 0.68 -41.61 -38.90
CA CYS T 82 -0.75 -41.47 -38.73
C CYS T 82 -0.99 -40.51 -37.55
N ASN T 83 -0.28 -40.70 -36.44
CA ASN T 83 -0.40 -39.83 -35.27
C ASN T 83 -0.04 -38.39 -35.60
N PHE T 84 0.98 -38.19 -36.45
CA PHE T 84 1.37 -36.85 -36.92
C PHE T 84 0.19 -36.22 -37.70
N MET T 85 -0.40 -36.97 -38.62
CA MET T 85 -1.52 -36.52 -39.43
C MET T 85 -2.73 -36.15 -38.57
N ARG T 86 -3.04 -36.98 -37.56
CA ARG T 86 -4.17 -36.76 -36.66
C ARG T 86 -3.98 -35.45 -35.86
N GLN T 87 -2.76 -35.18 -35.40
CA GLN T 87 -2.47 -33.99 -34.63
C GLN T 87 -2.56 -32.77 -35.52
N GLU T 88 -2.02 -32.84 -36.74
CA GLU T 88 -2.06 -31.70 -37.66
C GLU T 88 -3.50 -31.32 -37.99
N CYS T 89 -4.40 -32.35 -38.11
CA CYS T 89 -5.83 -32.19 -38.36
C CYS T 89 -6.50 -31.57 -37.14
N LEU T 90 -6.19 -32.06 -35.93
CA LEU T 90 -6.73 -31.52 -34.68
C LEU T 90 -6.41 -30.02 -34.49
N ASP T 91 -5.14 -29.63 -34.77
CA ASP T 91 -4.68 -28.25 -34.64
C ASP T 91 -5.47 -27.35 -35.57
N SER T 92 -5.79 -27.83 -36.80
CA SER T 92 -6.53 -27.07 -37.79
C SER T 92 -7.97 -26.79 -37.32
N ARG T 93 -8.62 -27.79 -36.68
CA ARG T 93 -9.98 -27.58 -36.16
C ARG T 93 -9.95 -26.72 -34.88
N PHE T 94 -8.87 -26.80 -34.09
CA PHE T 94 -8.76 -25.99 -32.89
C PHE T 94 -8.54 -24.53 -33.26
N VAL T 95 -7.64 -24.26 -34.22
CA VAL T 95 -7.27 -22.90 -34.60
C VAL T 95 -8.25 -22.26 -35.54
N PHE T 96 -8.56 -22.93 -36.66
CA PHE T 96 -9.44 -22.42 -37.72
C PHE T 96 -10.89 -22.88 -37.70
N ASP T 97 -11.24 -23.87 -36.85
CA ASP T 97 -12.61 -24.42 -36.74
C ASP T 97 -13.14 -24.90 -38.09
N ARG T 98 -12.26 -25.53 -38.85
CA ARG T 98 -12.53 -25.94 -40.20
C ARG T 98 -11.62 -27.09 -40.52
N PRO T 99 -12.11 -28.08 -41.28
CA PRO T 99 -11.26 -29.24 -41.61
C PRO T 99 -10.04 -28.82 -42.44
N LEU T 100 -8.90 -29.47 -42.15
CA LEU T 100 -7.63 -29.22 -42.84
C LEU T 100 -7.72 -29.68 -44.32
N PRO T 101 -7.51 -28.76 -45.29
CA PRO T 101 -7.51 -29.16 -46.70
C PRO T 101 -6.54 -30.31 -46.93
N VAL T 102 -7.02 -31.44 -47.50
CA VAL T 102 -6.27 -32.68 -47.75
C VAL T 102 -4.95 -32.46 -48.44
N SER T 103 -4.88 -31.58 -49.45
CA SER T 103 -3.63 -31.34 -50.15
C SER T 103 -2.59 -30.65 -49.24
N ARG T 104 -3.07 -29.83 -48.29
CA ARG T 104 -2.17 -29.17 -47.34
C ARG T 104 -1.61 -30.15 -46.33
N LEU T 105 -2.40 -31.16 -45.92
CA LEU T 105 -1.91 -32.18 -45.00
C LEU T 105 -0.82 -33.00 -45.68
N VAL T 106 -0.99 -33.30 -46.98
CA VAL T 106 -0.02 -34.08 -47.76
C VAL T 106 1.31 -33.33 -47.91
N SER T 107 1.26 -32.01 -48.05
CA SER T 107 2.47 -31.18 -48.11
C SER T 107 3.27 -31.28 -46.81
N LEU T 108 2.55 -31.28 -45.65
CA LEU T 108 3.17 -31.40 -44.34
C LEU T 108 3.87 -32.75 -44.20
N ILE T 109 3.26 -33.83 -44.75
CA ILE T 109 3.88 -35.16 -44.73
C ILE T 109 5.20 -35.15 -45.54
N GLY T 110 5.19 -34.46 -46.68
CA GLY T 110 6.37 -34.34 -47.53
C GLY T 110 7.52 -33.61 -46.89
N SER T 111 7.21 -32.54 -46.12
CA SER T 111 8.25 -31.77 -45.43
C SER T 111 8.80 -32.56 -44.27
N LYS T 112 7.88 -33.17 -43.48
CA LYS T 112 8.19 -33.98 -42.32
C LYS T 112 9.05 -35.18 -42.65
N THR T 113 8.70 -35.93 -43.71
CA THR T 113 9.40 -37.14 -44.07
C THR T 113 10.70 -36.87 -44.85
N GLN T 114 10.91 -35.66 -45.37
CA GLN T 114 12.14 -35.28 -46.05
C GLN T 114 13.25 -35.00 -45.05
N ILE T 115 12.93 -34.46 -43.88
CA ILE T 115 13.95 -34.08 -42.90
C ILE T 115 14.95 -35.23 -42.58
N PRO T 116 14.48 -36.44 -42.21
CA PRO T 116 15.43 -37.52 -41.91
C PRO T 116 16.24 -38.01 -43.09
N THR T 117 15.81 -37.73 -44.36
CA THR T 117 16.57 -38.15 -45.56
C THR T 117 17.83 -37.26 -45.83
N GLN T 118 18.04 -36.20 -45.03
CA GLN T 118 19.18 -35.31 -45.24
C GLN T 118 20.08 -35.17 -43.99
N ARG T 119 19.82 -35.95 -42.92
CA ARG T 119 20.58 -35.82 -41.68
C ARG T 119 21.22 -37.12 -41.27
N TYR T 120 22.49 -37.08 -40.83
CA TYR T 120 23.33 -38.24 -40.44
C TYR T 120 22.77 -38.98 -39.24
N GLY T 121 22.75 -40.30 -39.31
CA GLY T 121 22.20 -41.11 -38.25
C GLY T 121 20.69 -41.24 -38.28
N ARG T 122 20.03 -40.45 -39.13
CA ARG T 122 18.59 -40.49 -39.28
C ARG T 122 18.23 -41.40 -40.48
N ARG T 123 16.97 -41.82 -40.57
CA ARG T 123 16.55 -42.69 -41.64
C ARG T 123 15.22 -42.30 -42.21
N PRO T 124 14.95 -42.68 -43.48
CA PRO T 124 13.63 -42.39 -44.03
C PRO T 124 12.52 -43.16 -43.29
N TYR T 125 11.28 -42.71 -43.46
CA TYR T 125 10.12 -43.42 -42.93
C TYR T 125 9.94 -44.60 -43.88
N GLY T 126 9.89 -45.81 -43.36
CA GLY T 126 9.75 -47.00 -44.20
C GLY T 126 8.31 -47.33 -44.48
N VAL T 127 7.51 -46.31 -44.82
CA VAL T 127 6.09 -46.51 -45.05
C VAL T 127 5.54 -45.68 -46.20
N GLY T 128 4.58 -46.27 -46.90
CA GLY T 128 3.90 -45.61 -47.99
C GLY T 128 2.43 -45.57 -47.66
N LEU T 129 1.77 -44.47 -47.98
CA LEU T 129 0.35 -44.32 -47.68
C LEU T 129 -0.46 -44.02 -48.93
N LEU T 130 -1.74 -44.38 -48.87
CA LEU T 130 -2.75 -44.02 -49.84
C LEU T 130 -3.73 -43.23 -48.95
N ILE T 131 -4.05 -41.97 -49.31
CA ILE T 131 -4.88 -41.11 -48.47
C ILE T 131 -6.19 -40.75 -49.14
N ALA T 132 -7.31 -41.16 -48.55
CA ALA T 132 -8.65 -40.84 -49.06
C ALA T 132 -9.17 -39.65 -48.27
N GLY T 133 -9.66 -38.64 -48.96
CA GLY T 133 -10.19 -37.46 -48.30
C GLY T 133 -11.26 -36.75 -49.06
N TYR T 134 -11.92 -35.79 -48.42
CA TYR T 134 -12.95 -35.02 -49.06
C TYR T 134 -12.95 -33.61 -48.50
N ASP T 135 -12.84 -32.60 -49.36
CA ASP T 135 -12.84 -31.21 -48.89
C ASP T 135 -13.55 -30.25 -49.91
N ASP T 136 -13.28 -28.93 -49.89
CA ASP T 136 -13.89 -27.98 -50.84
C ASP T 136 -13.53 -28.31 -52.31
N MET T 137 -12.47 -29.07 -52.55
CA MET T 137 -12.08 -29.48 -53.90
C MET T 137 -12.55 -30.91 -54.23
N GLY T 138 -13.56 -31.40 -53.51
CA GLY T 138 -14.10 -32.74 -53.73
C GLY T 138 -13.25 -33.83 -53.14
N PRO T 139 -13.45 -35.06 -53.64
CA PRO T 139 -12.67 -36.19 -53.12
C PRO T 139 -11.25 -36.26 -53.65
N HIS T 140 -10.38 -36.93 -52.89
CA HIS T 140 -8.97 -37.04 -53.26
C HIS T 140 -8.40 -38.41 -52.90
N ILE T 141 -7.39 -38.82 -53.67
CA ILE T 141 -6.60 -40.01 -53.42
C ILE T 141 -5.15 -39.51 -53.57
N PHE T 142 -4.37 -39.49 -52.47
CA PHE T 142 -2.98 -39.06 -52.47
C PHE T 142 -2.05 -40.24 -52.16
N GLN T 143 -0.81 -40.19 -52.66
CA GLN T 143 0.15 -41.25 -52.40
C GLN T 143 1.40 -40.67 -51.77
N THR T 144 1.88 -41.22 -50.63
CA THR T 144 3.11 -40.74 -50.00
C THR T 144 4.11 -41.88 -49.97
N CYS T 145 5.40 -41.56 -50.14
CA CYS T 145 6.43 -42.59 -50.23
C CYS T 145 7.64 -42.33 -49.32
N PRO T 146 8.41 -43.39 -48.97
CA PRO T 146 9.58 -43.17 -48.09
C PRO T 146 10.57 -42.12 -48.56
N SER T 147 10.61 -41.88 -49.89
CA SER T 147 11.45 -40.87 -50.55
C SER T 147 11.05 -39.43 -50.22
N ALA T 148 9.91 -39.23 -49.50
CA ALA T 148 9.24 -37.97 -49.12
C ALA T 148 8.44 -37.33 -50.27
N ASN T 149 8.41 -37.97 -51.43
CA ASN T 149 7.66 -37.50 -52.57
C ASN T 149 6.17 -37.86 -52.41
N TYR T 150 5.29 -37.08 -53.04
CA TYR T 150 3.86 -37.32 -52.93
C TYR T 150 3.13 -37.06 -54.25
N PHE T 151 2.04 -37.78 -54.44
CA PHE T 151 1.35 -37.75 -55.72
C PHE T 151 -0.15 -37.56 -55.59
N ASP T 152 -0.70 -36.73 -56.45
CA ASP T 152 -2.14 -36.54 -56.52
C ASP T 152 -2.59 -37.60 -57.55
N CYS T 153 -3.47 -38.52 -57.13
CA CYS T 153 -3.88 -39.63 -57.97
C CYS T 153 -5.37 -39.66 -58.36
N ARG T 154 -5.64 -40.14 -59.57
CA ARG T 154 -6.99 -40.46 -60.06
C ARG T 154 -7.41 -41.80 -59.38
N ALA T 155 -6.44 -42.71 -59.28
CA ALA T 155 -6.46 -44.00 -58.61
C ALA T 155 -4.97 -44.42 -58.37
N MET T 156 -4.73 -45.41 -57.50
CA MET T 156 -3.37 -45.86 -57.22
C MET T 156 -3.38 -47.20 -56.46
N SER T 157 -2.28 -47.92 -56.56
CA SER T 157 -2.08 -49.16 -55.85
C SER T 157 -0.62 -49.26 -55.43
N ILE T 158 -0.37 -49.74 -54.20
CA ILE T 158 0.97 -49.92 -53.65
C ILE T 158 1.05 -51.27 -52.92
N GLY T 159 2.26 -51.82 -52.79
CA GLY T 159 2.47 -53.08 -52.10
C GLY T 159 2.87 -54.24 -52.99
N ALA T 160 2.83 -55.46 -52.45
CA ALA T 160 3.20 -56.67 -53.18
C ALA T 160 2.22 -56.97 -54.29
N ARG T 161 2.78 -57.17 -55.50
CA ARG T 161 2.02 -57.49 -56.70
C ARG T 161 1.03 -56.39 -57.10
N SER T 162 1.28 -55.15 -56.68
CA SER T 162 0.41 -54.01 -56.95
C SER T 162 0.41 -53.54 -58.40
N GLN T 163 1.36 -54.00 -59.22
CA GLN T 163 1.41 -53.63 -60.64
C GLN T 163 0.16 -54.13 -61.38
N SER T 164 -0.36 -55.31 -60.95
CA SER T 164 -1.56 -55.98 -61.44
C SER T 164 -2.77 -55.07 -61.20
N ALA T 165 -2.85 -54.48 -60.01
CA ALA T 165 -3.93 -53.58 -59.63
C ALA T 165 -3.88 -52.30 -60.45
N ARG T 166 -2.66 -51.79 -60.70
CA ARG T 166 -2.44 -50.57 -61.49
C ARG T 166 -2.84 -50.74 -62.95
N THR T 167 -2.66 -51.97 -63.50
CA THR T 167 -3.06 -52.32 -64.86
C THR T 167 -4.58 -52.23 -64.97
N TYR T 168 -5.29 -52.75 -63.96
CA TYR T 168 -6.75 -52.69 -63.97
C TYR T 168 -7.22 -51.24 -63.87
N LEU T 169 -6.64 -50.47 -62.91
CA LEU T 169 -7.02 -49.07 -62.68
C LEU T 169 -6.77 -48.19 -63.90
N GLU T 170 -5.67 -48.44 -64.64
CA GLU T 170 -5.34 -47.69 -65.85
C GLU T 170 -6.41 -47.91 -66.95
N ARG T 171 -6.96 -49.12 -67.02
CA ARG T 171 -7.98 -49.44 -68.01
C ARG T 171 -9.33 -48.80 -67.70
N HIS T 172 -9.79 -48.92 -66.46
CA HIS T 172 -11.11 -48.45 -66.08
C HIS T 172 -11.18 -47.04 -65.54
N MET T 173 -10.07 -46.26 -65.54
CA MET T 173 -10.10 -44.91 -64.98
C MET T 173 -11.08 -43.95 -65.67
N SER T 174 -11.48 -44.26 -66.91
CA SER T 174 -12.48 -43.50 -67.66
C SER T 174 -13.89 -43.60 -67.01
N GLU T 175 -14.18 -44.76 -66.38
CA GLU T 175 -15.46 -45.05 -65.74
C GLU T 175 -15.62 -44.49 -64.35
N PHE T 176 -14.52 -44.44 -63.58
CA PHE T 176 -14.45 -44.07 -62.17
C PHE T 176 -15.21 -42.79 -61.77
N MET T 177 -15.01 -41.67 -62.47
CA MET T 177 -15.65 -40.41 -62.10
C MET T 177 -17.19 -40.42 -62.11
N GLU T 178 -17.81 -41.27 -62.94
CA GLU T 178 -19.27 -41.33 -63.01
C GLU T 178 -19.90 -42.51 -62.23
N CYS T 179 -19.06 -43.39 -61.64
CA CYS T 179 -19.53 -44.53 -60.86
C CYS T 179 -20.32 -44.12 -59.66
N ASN T 180 -21.29 -44.95 -59.26
CA ASN T 180 -21.96 -44.74 -57.97
C ASN T 180 -21.08 -45.47 -56.93
N LEU T 181 -21.24 -45.19 -55.63
CA LEU T 181 -20.37 -45.79 -54.60
C LEU T 181 -20.19 -47.31 -54.72
N ASN T 182 -21.26 -48.07 -54.97
CA ASN T 182 -21.15 -49.52 -55.13
C ASN T 182 -20.28 -49.88 -56.35
N GLU T 183 -20.50 -49.20 -57.49
CA GLU T 183 -19.72 -49.40 -58.72
C GLU T 183 -18.24 -49.03 -58.52
N LEU T 184 -17.98 -48.00 -57.70
CA LEU T 184 -16.62 -47.55 -57.39
C LEU T 184 -15.88 -48.53 -56.46
N VAL T 185 -16.56 -49.01 -55.39
CA VAL T 185 -15.98 -49.99 -54.47
C VAL T 185 -15.67 -51.28 -55.20
N LYS T 186 -16.61 -51.72 -56.06
CA LYS T 186 -16.47 -52.91 -56.90
C LYS T 186 -15.20 -52.82 -57.75
N HIS T 187 -14.97 -51.66 -58.42
CA HIS T 187 -13.76 -51.42 -59.22
C HIS T 187 -12.49 -51.54 -58.40
N GLY T 188 -12.52 -51.04 -57.16
CA GLY T 188 -11.39 -51.11 -56.24
C GLY T 188 -11.10 -52.54 -55.83
N LEU T 189 -12.15 -53.32 -55.52
CA LEU T 189 -12.08 -54.73 -55.15
C LEU T 189 -11.55 -55.57 -56.33
N ARG T 190 -11.96 -55.26 -57.57
CA ARG T 190 -11.47 -55.98 -58.78
C ARG T 190 -9.99 -55.70 -59.02
N ALA T 191 -9.55 -54.46 -58.74
CA ALA T 191 -8.14 -54.10 -58.87
C ALA T 191 -7.35 -54.81 -57.78
N LEU T 192 -7.88 -54.89 -56.55
CA LEU T 192 -7.22 -55.56 -55.45
C LEU T 192 -7.07 -57.06 -55.73
N ARG T 193 -8.11 -57.67 -56.30
CA ARG T 193 -8.19 -59.07 -56.66
C ARG T 193 -7.08 -59.47 -57.66
N GLU T 194 -6.80 -58.62 -58.66
CA GLU T 194 -5.74 -58.84 -59.65
C GLU T 194 -4.35 -59.14 -59.03
N THR T 195 -4.01 -58.51 -57.89
CA THR T 195 -2.75 -58.73 -57.18
C THR T 195 -2.69 -60.17 -56.63
N LEU T 196 -3.84 -60.69 -56.18
CA LEU T 196 -3.96 -62.03 -55.61
C LEU T 196 -3.73 -63.12 -56.63
N PRO T 197 -3.07 -64.23 -56.22
CA PRO T 197 -2.91 -65.37 -57.14
C PRO T 197 -4.26 -65.94 -57.63
N ALA T 198 -4.21 -66.86 -58.63
CA ALA T 198 -5.44 -67.44 -59.21
C ALA T 198 -6.18 -68.41 -58.27
N GLU T 199 -5.47 -68.95 -57.27
CA GLU T 199 -6.04 -69.88 -56.28
C GLU T 199 -6.96 -69.17 -55.28
N GLN T 200 -6.45 -68.16 -54.55
CA GLN T 200 -7.21 -67.43 -53.56
C GLN T 200 -8.07 -66.32 -54.15
N ASP T 201 -9.13 -65.96 -53.41
CA ASP T 201 -10.05 -64.89 -53.80
C ASP T 201 -10.35 -63.97 -52.56
N LEU T 202 -11.04 -62.85 -52.81
CA LEU T 202 -11.39 -61.88 -51.77
C LEU T 202 -12.43 -62.46 -50.84
N THR T 203 -12.15 -62.52 -49.54
CA THR T 203 -13.09 -63.05 -48.55
C THR T 203 -13.51 -61.92 -47.57
N THR T 204 -14.48 -62.18 -46.65
CA THR T 204 -14.82 -61.20 -45.63
C THR T 204 -13.86 -61.29 -44.41
N LYS T 205 -12.63 -61.77 -44.62
CA LYS T 205 -11.60 -61.87 -43.59
C LYS T 205 -10.39 -61.07 -44.05
N ASN T 206 -10.01 -61.17 -45.34
CA ASN T 206 -8.85 -60.43 -45.85
C ASN T 206 -9.22 -59.14 -46.61
N VAL T 207 -10.46 -58.64 -46.44
CA VAL T 207 -10.86 -57.40 -47.10
C VAL T 207 -11.23 -56.32 -46.09
N SER T 208 -10.63 -55.13 -46.28
CA SER T 208 -10.89 -53.93 -45.51
C SER T 208 -11.30 -52.83 -46.49
N ILE T 209 -12.34 -52.06 -46.14
CA ILE T 209 -12.86 -50.99 -46.99
C ILE T 209 -12.94 -49.68 -46.19
N GLY T 210 -12.53 -48.60 -46.82
CA GLY T 210 -12.56 -47.26 -46.24
C GLY T 210 -13.24 -46.32 -47.20
N ILE T 211 -14.23 -45.56 -46.72
CA ILE T 211 -14.98 -44.66 -47.59
C ILE T 211 -15.22 -43.30 -46.97
N VAL T 212 -15.02 -42.24 -47.76
CA VAL T 212 -15.31 -40.86 -47.41
C VAL T 212 -15.89 -40.19 -48.68
N GLY T 213 -16.88 -39.32 -48.50
CA GLY T 213 -17.48 -38.62 -49.63
C GLY T 213 -18.34 -37.43 -49.26
N LYS T 214 -19.10 -36.89 -50.25
CA LYS T 214 -19.99 -35.73 -50.08
C LYS T 214 -20.99 -35.90 -48.93
N ASP T 215 -21.54 -37.11 -48.76
CA ASP T 215 -22.49 -37.36 -47.69
C ASP T 215 -21.97 -38.34 -46.61
N LEU T 216 -20.73 -38.82 -46.74
CA LEU T 216 -20.23 -39.82 -45.81
C LEU T 216 -18.91 -39.45 -45.12
N GLU T 217 -18.88 -39.52 -43.78
CA GLU T 217 -17.66 -39.30 -43.02
C GLU T 217 -16.79 -40.54 -43.19
N PHE T 218 -15.45 -40.45 -42.94
CA PHE T 218 -14.60 -41.62 -43.12
C PHE T 218 -15.05 -42.82 -42.29
N THR T 219 -15.48 -43.89 -42.97
CA THR T 219 -15.99 -45.08 -42.32
C THR T 219 -15.17 -46.31 -42.73
N ILE T 220 -14.86 -47.21 -41.76
CA ILE T 220 -14.11 -48.43 -42.05
C ILE T 220 -15.00 -49.68 -41.92
N TYR T 221 -15.12 -50.46 -43.01
CA TYR T 221 -15.90 -51.70 -43.14
C TYR T 221 -14.91 -52.85 -43.12
N ASP T 222 -15.11 -53.89 -42.25
CA ASP T 222 -14.08 -54.93 -42.16
C ASP T 222 -14.52 -56.40 -42.32
N ASP T 223 -15.50 -56.88 -41.53
CA ASP T 223 -15.84 -58.31 -41.62
C ASP T 223 -17.25 -58.50 -42.20
N ASP T 224 -18.30 -58.41 -41.37
CA ASP T 224 -19.66 -58.55 -41.90
C ASP T 224 -20.05 -57.33 -42.73
N ASP T 225 -19.55 -56.13 -42.35
CA ASP T 225 -19.78 -54.87 -43.05
C ASP T 225 -19.22 -54.89 -44.49
N VAL T 226 -18.31 -55.81 -44.80
CA VAL T 226 -17.70 -55.93 -46.12
C VAL T 226 -18.63 -56.73 -47.08
N SER T 227 -19.43 -57.69 -46.54
CA SER T 227 -20.34 -58.55 -47.33
C SER T 227 -21.17 -57.83 -48.44
N PRO T 228 -21.89 -56.71 -48.19
CA PRO T 228 -22.65 -56.08 -49.30
C PRO T 228 -21.85 -55.76 -50.56
N PHE T 229 -20.59 -55.39 -50.38
CA PHE T 229 -19.68 -55.06 -51.47
C PHE T 229 -19.14 -56.31 -52.17
N LEU T 230 -18.98 -57.42 -51.43
CA LEU T 230 -18.42 -58.65 -52.00
C LEU T 230 -19.42 -59.55 -52.73
N GLU T 231 -20.67 -59.10 -52.88
CA GLU T 231 -21.69 -59.88 -53.60
C GLU T 231 -21.82 -59.51 -55.09
N GLY T 232 -21.05 -58.54 -55.57
CA GLY T 232 -21.13 -58.07 -56.94
C GLY T 232 -20.59 -58.91 -58.06
N LEU T 233 -19.46 -59.62 -57.87
CA LEU T 233 -18.89 -60.43 -58.95
C LEU T 233 -18.22 -61.71 -58.49
N GLU T 234 -18.07 -62.68 -59.39
CA GLU T 234 -17.41 -63.94 -59.10
C GLU T 234 -16.43 -64.22 -60.22
N GLU T 235 -15.17 -63.81 -60.01
CA GLU T 235 -13.99 -63.94 -60.89
C GLU T 235 -14.31 -63.79 -62.38
N THR U 2 36.80 -42.38 -55.06
CA THR U 2 36.54 -43.45 -54.10
C THR U 2 37.48 -43.34 -52.83
N GLY U 3 36.86 -43.42 -51.64
CA GLY U 3 37.52 -43.26 -50.34
C GLY U 3 37.28 -41.84 -49.83
N TYR U 4 37.76 -40.88 -50.64
CA TYR U 4 37.67 -39.43 -50.43
C TYR U 4 36.32 -38.84 -50.87
N ASP U 5 35.31 -39.67 -51.17
CA ASP U 5 34.02 -39.22 -51.70
C ASP U 5 32.75 -39.53 -50.87
N LEU U 6 32.88 -39.78 -49.56
CA LEU U 6 31.72 -40.15 -48.72
C LEU U 6 31.16 -39.02 -47.86
N SER U 7 31.97 -37.98 -47.64
CA SER U 7 31.57 -36.87 -46.80
C SER U 7 31.83 -35.52 -47.44
N ALA U 8 30.91 -34.59 -47.23
CA ALA U 8 31.06 -33.20 -47.69
C ALA U 8 32.12 -32.43 -46.86
N SER U 9 32.57 -32.98 -45.72
CA SER U 9 33.62 -32.36 -44.92
C SER U 9 35.01 -32.88 -45.29
N THR U 10 35.11 -33.65 -46.40
CA THR U 10 36.35 -34.26 -46.89
C THR U 10 36.68 -33.80 -48.31
N PHE U 11 37.88 -33.22 -48.50
CA PHE U 11 38.39 -32.84 -49.81
C PHE U 11 39.16 -34.06 -50.37
N SER U 12 39.04 -34.29 -51.67
CA SER U 12 39.83 -35.33 -52.33
C SER U 12 41.26 -34.76 -52.52
N PRO U 13 42.29 -35.59 -52.84
CA PRO U 13 43.64 -35.05 -52.98
C PRO U 13 43.79 -33.97 -54.05
N ASP U 14 42.86 -33.88 -55.01
CA ASP U 14 42.96 -32.87 -56.07
C ASP U 14 42.07 -31.63 -55.84
N GLY U 15 41.60 -31.43 -54.62
CA GLY U 15 40.83 -30.25 -54.27
C GLY U 15 39.38 -30.26 -54.68
N ARG U 16 38.73 -31.43 -54.66
CA ARG U 16 37.32 -31.51 -55.04
C ARG U 16 36.45 -32.08 -53.92
N VAL U 17 35.16 -31.72 -53.92
CA VAL U 17 34.23 -32.23 -52.91
C VAL U 17 33.23 -33.10 -53.67
N PHE U 18 33.50 -34.42 -53.71
CA PHE U 18 32.71 -35.38 -54.49
C PHE U 18 31.26 -35.51 -54.11
N GLN U 19 30.91 -35.41 -52.82
CA GLN U 19 29.51 -35.49 -52.41
C GLN U 19 28.63 -34.40 -53.09
N VAL U 20 29.24 -33.23 -53.38
CA VAL U 20 28.56 -32.13 -54.05
C VAL U 20 28.40 -32.41 -55.55
N GLU U 21 29.42 -33.04 -56.15
CA GLU U 21 29.40 -33.44 -57.55
C GLU U 21 28.39 -34.57 -57.79
N TYR U 22 28.21 -35.46 -56.79
CA TYR U 22 27.24 -36.57 -56.87
C TYR U 22 25.84 -36.03 -56.72
N ALA U 23 25.65 -34.96 -55.91
CA ALA U 23 24.36 -34.32 -55.77
C ALA U 23 23.99 -33.64 -57.12
N MET U 24 24.98 -33.06 -57.82
CA MET U 24 24.81 -32.46 -59.13
C MET U 24 24.43 -33.52 -60.18
N LYS U 25 24.96 -34.75 -60.06
CA LYS U 25 24.58 -35.86 -60.97
C LYS U 25 23.09 -36.16 -60.89
N ALA U 26 22.48 -36.09 -59.69
CA ALA U 26 21.04 -36.31 -59.51
C ALA U 26 20.21 -35.26 -60.26
N VAL U 27 20.75 -34.03 -60.39
CA VAL U 27 20.12 -32.94 -61.14
C VAL U 27 20.24 -33.23 -62.64
N GLU U 28 21.43 -33.64 -63.08
CA GLU U 28 21.70 -33.98 -64.48
C GLU U 28 20.84 -35.15 -64.94
N ASN U 29 20.60 -36.13 -64.05
CA ASN U 29 19.78 -37.31 -64.35
C ASN U 29 18.26 -37.02 -64.36
N SER U 30 17.87 -35.79 -64.02
CA SER U 30 16.50 -35.36 -63.96
C SER U 30 16.09 -34.67 -65.25
N SER U 31 14.77 -34.54 -65.45
CA SER U 31 14.13 -33.87 -66.58
C SER U 31 14.57 -32.38 -66.72
N THR U 32 14.40 -31.78 -67.89
CA THR U 32 14.85 -30.41 -68.16
C THR U 32 13.86 -29.29 -67.78
N ALA U 33 14.39 -28.21 -67.16
CA ALA U 33 13.62 -27.01 -66.87
C ALA U 33 14.37 -25.81 -67.46
N ILE U 34 13.65 -24.82 -68.01
CA ILE U 34 14.25 -23.64 -68.59
C ILE U 34 13.63 -22.34 -68.05
N GLY U 35 14.42 -21.28 -68.08
CA GLY U 35 14.00 -19.96 -67.66
C GLY U 35 14.57 -18.94 -68.62
N ILE U 36 13.74 -17.98 -69.09
CA ILE U 36 14.22 -16.96 -70.02
C ILE U 36 13.77 -15.56 -69.55
N ARG U 37 14.75 -14.65 -69.37
CA ARG U 37 14.53 -13.26 -69.00
C ARG U 37 14.35 -12.43 -70.28
N CYS U 38 13.22 -11.72 -70.38
CA CYS U 38 12.91 -10.89 -71.52
C CYS U 38 12.77 -9.40 -71.13
N LYS U 39 12.36 -8.55 -72.09
CA LYS U 39 12.22 -7.11 -71.91
C LYS U 39 11.24 -6.76 -70.80
N ASP U 40 10.16 -7.53 -70.64
CA ASP U 40 9.14 -7.21 -69.62
C ASP U 40 8.84 -8.31 -68.61
N GLY U 41 9.79 -9.19 -68.31
CA GLY U 41 9.57 -10.23 -67.31
C GLY U 41 10.38 -11.49 -67.47
N VAL U 42 9.97 -12.57 -66.77
CA VAL U 42 10.66 -13.86 -66.78
C VAL U 42 9.63 -14.96 -67.03
N VAL U 43 9.97 -15.93 -67.91
CA VAL U 43 9.09 -17.05 -68.26
C VAL U 43 9.76 -18.42 -67.93
N PHE U 44 9.02 -19.31 -67.25
CA PHE U 44 9.52 -20.62 -66.88
C PHE U 44 8.83 -21.73 -67.63
N GLY U 45 9.60 -22.75 -68.00
CA GLY U 45 9.06 -23.93 -68.68
C GLY U 45 9.67 -25.19 -68.15
N VAL U 46 8.86 -26.22 -67.85
CA VAL U 46 9.40 -27.48 -67.32
C VAL U 46 8.91 -28.69 -68.09
N GLU U 47 9.83 -29.60 -68.45
CA GLU U 47 9.53 -30.87 -69.08
C GLU U 47 9.19 -31.82 -67.91
N LYS U 48 7.90 -31.95 -67.57
CA LYS U 48 7.51 -32.77 -66.43
C LYS U 48 7.05 -34.16 -66.89
N LEU U 49 7.98 -35.12 -66.86
CA LEU U 49 7.70 -36.48 -67.31
C LEU U 49 6.63 -37.12 -66.46
N VAL U 50 5.63 -37.74 -67.10
CA VAL U 50 4.56 -38.41 -66.36
C VAL U 50 4.94 -39.89 -66.16
N LEU U 51 5.21 -40.29 -64.91
CA LEU U 51 5.62 -41.66 -64.61
C LEU U 51 4.45 -42.64 -64.66
N SER U 52 3.19 -42.16 -64.48
CA SER U 52 2.01 -43.02 -64.50
C SER U 52 0.72 -42.30 -64.98
N LYS U 53 -0.04 -42.94 -65.88
CA LYS U 53 -1.31 -42.38 -66.38
C LYS U 53 -2.36 -42.23 -65.26
N LEU U 54 -2.13 -42.91 -64.11
CA LEU U 54 -2.95 -42.89 -62.90
C LEU U 54 -2.83 -41.55 -62.10
N TYR U 55 -1.86 -40.71 -62.42
CA TYR U 55 -1.69 -39.44 -61.73
C TYR U 55 -2.57 -38.36 -62.32
N GLU U 56 -2.92 -37.38 -61.51
CA GLU U 56 -3.71 -36.23 -61.95
C GLU U 56 -2.84 -35.28 -62.75
N GLU U 57 -3.44 -34.50 -63.68
CA GLU U 57 -2.71 -33.46 -64.41
C GLU U 57 -2.41 -32.36 -63.38
N GLY U 58 -1.15 -31.96 -63.27
CA GLY U 58 -0.77 -30.97 -62.26
C GLY U 58 -0.04 -31.56 -61.07
N SER U 59 -0.06 -32.91 -60.92
CA SER U 59 0.65 -33.57 -59.82
C SER U 59 2.17 -33.42 -59.99
N ASN U 60 2.92 -33.44 -58.87
CA ASN U 60 4.39 -33.29 -58.85
C ASN U 60 4.85 -32.06 -59.59
N LYS U 61 4.21 -30.93 -59.32
CA LYS U 61 4.55 -29.65 -59.94
C LYS U 61 6.02 -29.30 -59.66
N ARG U 62 6.69 -28.73 -60.66
CA ARG U 62 8.08 -28.32 -60.53
C ARG U 62 8.27 -26.79 -60.63
N LEU U 63 7.15 -26.04 -60.56
CA LEU U 63 7.10 -24.59 -60.57
C LEU U 63 6.38 -24.17 -59.27
N PHE U 64 6.99 -23.24 -58.51
CA PHE U 64 6.43 -22.84 -57.23
C PHE U 64 6.31 -21.33 -57.10
N ASN U 65 5.38 -20.87 -56.23
CA ASN U 65 5.27 -19.47 -55.89
C ASN U 65 6.07 -19.37 -54.60
N VAL U 66 7.23 -18.71 -54.62
CA VAL U 66 8.08 -18.57 -53.43
C VAL U 66 7.71 -17.27 -52.63
N ASP U 67 7.26 -16.26 -53.32
CA ASP U 67 6.70 -15.02 -52.78
C ASP U 67 5.65 -14.59 -53.82
N ARG U 68 4.81 -13.59 -53.50
CA ARG U 68 3.81 -13.12 -54.46
C ARG U 68 4.45 -12.63 -55.77
N HIS U 69 5.69 -12.08 -55.70
CA HIS U 69 6.40 -11.56 -56.85
C HIS U 69 7.53 -12.46 -57.36
N VAL U 70 7.76 -13.63 -56.72
CA VAL U 70 8.86 -14.54 -57.06
C VAL U 70 8.36 -15.93 -57.40
N GLY U 71 8.95 -16.51 -58.45
CA GLY U 71 8.69 -17.86 -58.92
C GLY U 71 9.91 -18.73 -58.86
N MET U 72 9.72 -20.04 -58.69
CA MET U 72 10.86 -20.96 -58.59
C MET U 72 10.66 -22.17 -59.50
N ALA U 73 11.69 -22.54 -60.28
CA ALA U 73 11.63 -23.68 -61.19
C ALA U 73 12.72 -24.65 -60.77
N VAL U 74 12.38 -25.93 -60.50
CA VAL U 74 13.37 -26.88 -59.99
C VAL U 74 13.74 -28.04 -60.94
N ALA U 75 14.90 -28.67 -60.67
CA ALA U 75 15.36 -29.86 -61.36
C ALA U 75 16.15 -30.68 -60.32
N GLY U 76 15.91 -31.98 -60.29
CA GLY U 76 16.58 -32.88 -59.36
C GLY U 76 15.62 -33.61 -58.44
N LEU U 77 16.10 -33.98 -57.25
CA LEU U 77 15.34 -34.69 -56.21
C LEU U 77 14.24 -33.77 -55.72
N LEU U 78 12.97 -34.12 -56.01
CA LEU U 78 11.79 -33.29 -55.73
C LEU U 78 11.51 -32.96 -54.23
N ALA U 79 11.75 -33.89 -53.29
CA ALA U 79 11.55 -33.61 -51.87
C ALA U 79 12.56 -32.55 -51.42
N ASP U 80 13.81 -32.63 -51.91
CA ASP U 80 14.84 -31.64 -51.61
C ASP U 80 14.41 -30.29 -52.18
N ALA U 81 13.87 -30.28 -53.41
CA ALA U 81 13.40 -29.09 -54.10
C ALA U 81 12.27 -28.40 -53.34
N ARG U 82 11.30 -29.17 -52.84
CA ARG U 82 10.21 -28.60 -52.07
C ARG U 82 10.68 -28.02 -50.74
N SER U 83 11.69 -28.67 -50.13
CA SER U 83 12.28 -28.21 -48.90
C SER U 83 12.96 -26.85 -49.12
N LEU U 84 13.61 -26.66 -50.28
CA LEU U 84 14.25 -25.40 -50.68
C LEU U 84 13.23 -24.31 -51.00
N ALA U 85 12.06 -24.68 -51.51
CA ALA U 85 10.97 -23.72 -51.76
C ALA U 85 10.46 -23.16 -50.45
N ASP U 86 10.39 -23.99 -49.40
CA ASP U 86 9.96 -23.62 -48.08
C ASP U 86 10.99 -22.71 -47.43
N ILE U 87 12.29 -22.97 -47.64
CA ILE U 87 13.35 -22.12 -47.11
C ILE U 87 13.26 -20.75 -47.77
N ALA U 88 13.09 -20.71 -49.09
CA ALA U 88 12.96 -19.47 -49.85
C ALA U 88 11.71 -18.69 -49.44
N ARG U 89 10.61 -19.38 -49.13
CA ARG U 89 9.36 -18.75 -48.72
C ARG U 89 9.53 -18.06 -47.40
N GLU U 90 10.10 -18.78 -46.43
CA GLU U 90 10.35 -18.30 -45.06
C GLU U 90 11.36 -17.14 -45.05
N GLU U 91 12.33 -17.16 -45.97
CA GLU U 91 13.32 -16.12 -46.12
C GLU U 91 12.68 -14.84 -46.68
N ALA U 92 11.79 -14.98 -47.67
CA ALA U 92 11.09 -13.85 -48.26
C ALA U 92 10.11 -13.22 -47.24
N SER U 93 9.43 -14.07 -46.46
CA SER U 93 8.50 -13.65 -45.45
C SER U 93 9.26 -12.86 -44.36
N ASN U 94 10.43 -13.39 -43.93
CA ASN U 94 11.26 -12.73 -42.93
C ASN U 94 11.70 -11.34 -43.37
N PHE U 95 12.09 -11.16 -44.64
CA PHE U 95 12.50 -9.85 -45.14
C PHE U 95 11.34 -8.85 -45.00
N ARG U 96 10.11 -9.23 -45.42
CA ARG U 96 8.94 -8.38 -45.28
C ARG U 96 8.67 -7.98 -43.82
N SER U 97 8.82 -8.92 -42.86
CA SER U 97 8.62 -8.63 -41.43
C SER U 97 9.62 -7.62 -40.91
N ASN U 98 10.86 -7.69 -41.39
CA ASN U 98 11.93 -6.81 -40.95
C ASN U 98 11.96 -5.43 -41.59
N PHE U 99 11.67 -5.35 -42.90
CA PHE U 99 11.82 -4.11 -43.65
C PHE U 99 10.53 -3.53 -44.25
N GLY U 100 9.44 -4.28 -44.24
CA GLY U 100 8.15 -3.78 -44.68
C GLY U 100 7.87 -3.72 -46.16
N TYR U 101 8.69 -4.38 -46.97
CA TYR U 101 8.48 -4.40 -48.41
C TYR U 101 8.98 -5.72 -49.04
N ASN U 102 8.65 -5.98 -50.31
CA ASN U 102 8.99 -7.20 -51.05
C ASN U 102 10.50 -7.42 -51.21
N ILE U 103 11.00 -8.62 -50.83
CA ILE U 103 12.41 -8.94 -50.94
C ILE U 103 12.93 -8.80 -52.37
N PRO U 104 14.03 -8.01 -52.54
CA PRO U 104 14.68 -7.91 -53.87
C PRO U 104 15.20 -9.27 -54.27
N LEU U 105 14.94 -9.70 -55.52
CA LEU U 105 15.32 -11.03 -55.96
C LEU U 105 16.79 -11.38 -55.80
N LYS U 106 17.74 -10.48 -56.12
CA LYS U 106 19.17 -10.82 -55.92
C LYS U 106 19.45 -11.19 -54.45
N HIS U 107 18.84 -10.45 -53.50
CA HIS U 107 18.98 -10.70 -52.06
C HIS U 107 18.37 -12.05 -51.69
N LEU U 108 17.14 -12.37 -52.19
CA LEU U 108 16.54 -13.67 -51.91
C LEU U 108 17.43 -14.81 -52.41
N ALA U 109 17.98 -14.68 -53.64
CA ALA U 109 18.89 -15.68 -54.19
C ALA U 109 20.14 -15.84 -53.32
N ASP U 110 20.77 -14.73 -52.90
CA ASP U 110 21.95 -14.79 -52.04
C ASP U 110 21.68 -15.52 -50.73
N ARG U 111 20.55 -15.18 -50.09
CA ARG U 111 20.12 -15.77 -48.84
C ARG U 111 19.88 -17.28 -48.96
N VAL U 112 19.09 -17.71 -49.96
CA VAL U 112 18.80 -19.12 -50.18
C VAL U 112 20.03 -19.91 -50.57
N ALA U 113 20.90 -19.32 -51.39
CA ALA U 113 22.13 -19.98 -51.81
C ALA U 113 23.07 -20.26 -50.66
N MET U 114 23.03 -19.44 -49.60
CA MET U 114 23.89 -19.65 -48.45
C MET U 114 23.38 -20.80 -47.53
N TYR U 115 22.06 -21.09 -47.54
CA TYR U 115 21.52 -22.29 -46.86
C TYR U 115 22.03 -23.50 -47.63
N VAL U 116 21.97 -23.46 -48.97
CA VAL U 116 22.42 -24.53 -49.85
C VAL U 116 23.91 -24.77 -49.62
N HIS U 117 24.70 -23.69 -49.57
CA HIS U 117 26.13 -23.78 -49.34
C HIS U 117 26.46 -24.47 -48.01
N ALA U 118 25.74 -24.12 -46.96
CA ALA U 118 25.93 -24.69 -45.63
C ALA U 118 25.82 -26.22 -45.64
N TYR U 119 25.07 -26.80 -46.57
CA TYR U 119 24.93 -28.26 -46.65
C TYR U 119 26.09 -28.94 -47.45
N THR U 120 27.15 -28.18 -47.81
CA THR U 120 28.29 -28.69 -48.55
C THR U 120 29.60 -28.70 -47.70
N LEU U 121 29.49 -28.53 -46.36
CA LEU U 121 30.66 -28.39 -45.50
C LEU U 121 30.87 -29.47 -44.44
N TYR U 122 29.86 -30.33 -44.21
CA TYR U 122 29.93 -31.25 -43.08
C TYR U 122 29.50 -32.66 -43.39
N SER U 123 29.94 -33.60 -42.56
CA SER U 123 29.54 -35.00 -42.58
C SER U 123 28.16 -35.20 -41.92
N ALA U 124 27.72 -34.25 -41.08
CA ALA U 124 26.43 -34.34 -40.39
C ALA U 124 25.23 -34.25 -41.35
N VAL U 125 25.38 -33.59 -42.49
CA VAL U 125 24.26 -33.41 -43.43
C VAL U 125 24.76 -33.61 -44.87
N ARG U 126 23.85 -33.87 -45.81
CA ARG U 126 24.22 -34.03 -47.20
C ARG U 126 23.78 -32.87 -48.09
N PRO U 127 24.52 -32.61 -49.18
CA PRO U 127 24.13 -31.52 -50.07
C PRO U 127 22.78 -31.77 -50.74
N PHE U 128 22.11 -30.70 -51.12
CA PHE U 128 20.81 -30.80 -51.78
C PHE U 128 20.99 -31.34 -53.18
N GLY U 129 20.13 -32.28 -53.56
CA GLY U 129 20.19 -32.85 -54.90
C GLY U 129 19.27 -32.04 -55.76
N CYS U 130 19.54 -30.74 -55.82
CA CYS U 130 18.63 -29.85 -56.50
C CYS U 130 19.32 -28.61 -57.08
N SER U 131 18.84 -28.18 -58.25
CA SER U 131 19.23 -26.93 -58.89
C SER U 131 17.91 -26.23 -59.17
N PHE U 132 17.84 -24.93 -58.87
CA PHE U 132 16.62 -24.19 -59.05
C PHE U 132 16.85 -22.76 -59.59
N MET U 133 15.81 -22.18 -60.19
CA MET U 133 15.85 -20.82 -60.71
C MET U 133 14.84 -19.98 -59.97
N LEU U 134 15.13 -18.68 -59.83
CA LEU U 134 14.21 -17.75 -59.22
C LEU U 134 13.95 -16.63 -60.22
N GLY U 135 12.69 -16.38 -60.49
CA GLY U 135 12.29 -15.34 -61.42
C GLY U 135 11.44 -14.30 -60.75
N SER U 136 11.65 -13.04 -61.11
CA SER U 136 10.86 -11.94 -60.56
C SER U 136 10.70 -10.76 -61.54
N TYR U 137 9.74 -9.88 -61.23
CA TYR U 137 9.55 -8.65 -61.97
C TYR U 137 9.05 -7.56 -61.03
N SER U 138 9.76 -6.44 -61.02
CA SER U 138 9.50 -5.24 -60.22
C SER U 138 9.67 -4.02 -61.17
N VAL U 139 9.02 -2.88 -60.86
CA VAL U 139 9.20 -1.71 -61.74
C VAL U 139 10.57 -1.06 -61.48
N ASN U 140 10.98 -1.00 -60.21
CA ASN U 140 12.27 -0.47 -59.80
C ASN U 140 13.47 -1.41 -60.08
N ASP U 141 13.22 -2.73 -60.17
CA ASP U 141 14.32 -3.67 -60.38
C ASP U 141 14.35 -4.30 -61.76
N GLY U 142 13.21 -4.31 -62.44
CA GLY U 142 13.09 -4.88 -63.79
C GLY U 142 12.82 -6.36 -63.72
N ALA U 143 13.22 -7.07 -64.77
CA ALA U 143 13.07 -8.53 -64.80
C ALA U 143 14.36 -9.13 -64.26
N GLN U 144 14.26 -10.17 -63.43
CA GLN U 144 15.46 -10.81 -62.88
C GLN U 144 15.34 -12.33 -62.82
N LEU U 145 16.38 -13.00 -63.28
CA LEU U 145 16.43 -14.46 -63.30
C LEU U 145 17.73 -14.93 -62.68
N TYR U 146 17.64 -15.71 -61.60
CA TYR U 146 18.82 -16.24 -60.94
C TYR U 146 18.78 -17.77 -60.94
N MET U 147 19.93 -18.42 -60.83
CA MET U 147 19.99 -19.87 -60.77
C MET U 147 21.01 -20.30 -59.73
N ILE U 148 20.57 -21.19 -58.82
CA ILE U 148 21.39 -21.73 -57.74
C ILE U 148 21.61 -23.24 -57.96
N ASP U 149 22.85 -23.72 -57.80
CA ASP U 149 23.13 -25.16 -57.97
C ASP U 149 23.43 -25.87 -56.61
N PRO U 150 23.58 -27.22 -56.56
CA PRO U 150 23.88 -27.88 -55.27
C PRO U 150 25.10 -27.35 -54.49
N SER U 151 26.13 -26.78 -55.17
CA SER U 151 27.29 -26.26 -54.46
C SER U 151 27.00 -25.00 -53.63
N GLY U 152 26.00 -24.22 -54.06
CA GLY U 152 25.61 -22.98 -53.42
C GLY U 152 25.84 -21.75 -54.26
N VAL U 153 26.24 -21.92 -55.52
CA VAL U 153 26.56 -20.85 -56.47
C VAL U 153 25.28 -20.17 -56.94
N SER U 154 25.28 -18.83 -57.00
CA SER U 154 24.13 -18.07 -57.47
C SER U 154 24.59 -17.04 -58.51
N TYR U 155 24.07 -17.12 -59.74
CA TYR U 155 24.39 -16.16 -60.82
C TYR U 155 23.10 -15.64 -61.48
N GLY U 156 23.20 -14.47 -62.11
CA GLY U 156 22.10 -13.85 -62.82
C GLY U 156 22.14 -14.26 -64.28
N TYR U 157 20.99 -14.50 -64.91
CA TYR U 157 20.94 -14.98 -66.28
C TYR U 157 19.93 -14.26 -67.17
N TRP U 158 20.17 -14.34 -68.47
CA TRP U 158 19.31 -13.92 -69.56
C TRP U 158 18.52 -15.16 -70.05
N GLY U 159 19.20 -16.30 -70.12
CA GLY U 159 18.65 -17.59 -70.47
C GLY U 159 19.29 -18.64 -69.60
N CYS U 160 18.52 -19.67 -69.22
CA CYS U 160 19.02 -20.69 -68.32
C CYS U 160 18.31 -22.02 -68.49
N ALA U 161 19.02 -23.12 -68.29
CA ALA U 161 18.43 -24.45 -68.40
C ALA U 161 19.14 -25.40 -67.43
N ILE U 162 18.36 -26.27 -66.78
CA ILE U 162 18.88 -27.23 -65.80
C ILE U 162 18.29 -28.62 -66.08
N GLY U 163 19.09 -29.67 -65.91
CA GLY U 163 18.63 -31.02 -66.15
C GLY U 163 19.32 -31.75 -67.28
N LYS U 164 18.69 -32.86 -67.74
CA LYS U 164 19.12 -33.80 -68.80
C LYS U 164 19.71 -33.11 -70.04
N ALA U 165 18.90 -32.25 -70.67
CA ALA U 165 19.27 -31.55 -71.89
C ALA U 165 19.59 -30.09 -71.60
N ARG U 166 20.44 -29.86 -70.59
CA ARG U 166 20.86 -28.50 -70.22
C ARG U 166 21.60 -27.84 -71.39
N GLN U 167 22.61 -28.53 -71.96
CA GLN U 167 23.38 -27.96 -73.08
C GLN U 167 22.58 -27.93 -74.38
N ALA U 168 21.72 -28.93 -74.61
CA ALA U 168 20.85 -28.96 -75.78
C ALA U 168 19.88 -27.75 -75.75
N ALA U 169 19.23 -27.46 -74.58
CA ALA U 169 18.32 -26.33 -74.43
C ALA U 169 19.05 -24.99 -74.51
N LYS U 170 20.32 -24.94 -74.05
CA LYS U 170 21.15 -23.74 -74.11
C LYS U 170 21.43 -23.27 -75.54
N THR U 171 21.80 -24.18 -76.46
CA THR U 171 22.06 -23.76 -77.85
C THR U 171 20.78 -23.27 -78.56
N GLU U 172 19.59 -23.69 -78.07
CA GLU U 172 18.32 -23.25 -78.63
C GLU U 172 17.94 -21.87 -78.07
N ILE U 173 18.25 -21.60 -76.78
CA ILE U 173 17.98 -20.32 -76.11
C ILE U 173 18.86 -19.20 -76.71
N GLU U 174 20.13 -19.54 -77.03
CA GLU U 174 21.10 -18.62 -77.63
C GLU U 174 20.60 -18.06 -78.97
N LYS U 175 19.73 -18.80 -79.68
CA LYS U 175 19.14 -18.37 -80.95
C LYS U 175 18.07 -17.25 -80.78
N LEU U 176 17.76 -16.84 -79.53
CA LEU U 176 16.76 -15.81 -79.26
C LEU U 176 17.37 -14.49 -78.82
N GLN U 177 16.83 -13.38 -79.33
CA GLN U 177 17.24 -12.03 -78.93
C GLN U 177 16.17 -11.59 -77.91
N MET U 178 16.18 -12.23 -76.73
CA MET U 178 15.20 -12.03 -75.67
C MET U 178 15.21 -10.64 -75.07
N LYS U 179 16.34 -9.92 -75.12
CA LYS U 179 16.43 -8.57 -74.54
C LYS U 179 15.38 -7.60 -75.14
N GLU U 180 14.95 -7.85 -76.38
CA GLU U 180 13.96 -7.03 -77.07
C GLU U 180 12.63 -7.77 -77.33
N MET U 181 12.35 -8.85 -76.59
CA MET U 181 11.12 -9.63 -76.75
C MET U 181 10.20 -9.49 -75.53
N THR U 182 8.89 -9.75 -75.70
CA THR U 182 7.95 -9.70 -74.60
C THR U 182 7.58 -11.10 -74.09
N CYS U 183 7.03 -11.19 -72.85
CA CYS U 183 6.63 -12.44 -72.21
C CYS U 183 5.66 -13.22 -73.07
N ARG U 184 4.71 -12.51 -73.70
CA ARG U 184 3.70 -13.09 -74.57
C ARG U 184 4.29 -13.84 -75.81
N ASP U 185 5.40 -13.33 -76.35
CA ASP U 185 6.05 -13.98 -77.49
C ASP U 185 7.04 -15.06 -77.03
N ILE U 186 7.69 -14.84 -75.86
CA ILE U 186 8.69 -15.72 -75.27
C ILE U 186 8.08 -17.06 -74.78
N VAL U 187 6.81 -17.07 -74.33
CA VAL U 187 6.13 -18.31 -73.90
C VAL U 187 6.14 -19.36 -75.00
N LYS U 188 5.80 -18.94 -76.24
CA LYS U 188 5.84 -19.79 -77.43
C LYS U 188 7.24 -20.37 -77.62
N GLU U 189 8.27 -19.53 -77.42
CA GLU U 189 9.65 -19.96 -77.59
C GLU U 189 10.09 -20.97 -76.55
N VAL U 190 9.62 -20.80 -75.29
CA VAL U 190 9.91 -21.67 -74.15
C VAL U 190 9.31 -23.07 -74.39
N ALA U 191 8.01 -23.14 -74.78
CA ALA U 191 7.34 -24.40 -75.08
C ALA U 191 8.03 -25.11 -76.25
N LYS U 192 8.42 -24.35 -77.28
CA LYS U 192 9.12 -24.88 -78.42
C LYS U 192 10.45 -25.53 -78.04
N ILE U 193 11.29 -24.85 -77.23
CA ILE U 193 12.60 -25.39 -76.82
C ILE U 193 12.44 -26.68 -75.98
N ILE U 194 11.40 -26.76 -75.13
CA ILE U 194 11.12 -27.95 -74.33
C ILE U 194 10.78 -29.13 -75.25
N TYR U 195 9.89 -28.91 -76.24
CA TYR U 195 9.54 -29.96 -77.21
C TYR U 195 10.71 -30.48 -78.01
N ILE U 196 11.68 -29.61 -78.32
CA ILE U 196 12.91 -29.98 -79.05
C ILE U 196 13.80 -30.91 -78.20
N VAL U 197 14.08 -30.52 -76.95
CA VAL U 197 14.96 -31.28 -76.08
C VAL U 197 14.32 -32.54 -75.48
N HIS U 198 12.98 -32.63 -75.49
CA HIS U 198 12.31 -33.81 -74.96
C HIS U 198 12.63 -35.04 -75.81
N ASP U 199 13.02 -36.15 -75.15
CA ASP U 199 13.32 -37.40 -75.86
C ASP U 199 12.10 -38.29 -75.84
N GLU U 200 11.33 -38.29 -76.95
CA GLU U 200 10.09 -39.06 -77.10
C GLU U 200 10.31 -40.55 -76.92
N VAL U 201 11.40 -41.09 -77.49
CA VAL U 201 11.74 -42.51 -77.38
C VAL U 201 12.01 -42.94 -75.91
N LYS U 202 12.97 -42.25 -75.29
CA LYS U 202 13.44 -42.53 -73.91
C LYS U 202 12.42 -42.13 -72.85
N ASP U 203 11.88 -40.91 -72.90
CA ASP U 203 10.96 -40.46 -71.83
C ASP U 203 9.54 -40.24 -72.38
N LYS U 204 8.94 -41.33 -72.86
CA LYS U 204 7.59 -41.46 -73.47
C LYS U 204 6.75 -40.18 -73.44
N ALA U 205 6.01 -39.94 -72.36
CA ALA U 205 5.09 -38.78 -72.26
C ALA U 205 5.57 -37.77 -71.23
N PHE U 206 5.00 -36.56 -71.29
CA PHE U 206 5.36 -35.47 -70.35
C PHE U 206 4.29 -34.39 -70.43
N GLU U 207 4.26 -33.53 -69.41
CA GLU U 207 3.35 -32.42 -69.28
C GLU U 207 4.20 -31.15 -69.28
N LEU U 208 3.84 -30.19 -70.13
CA LEU U 208 4.55 -28.93 -70.18
C LEU U 208 4.00 -28.02 -69.10
N GLU U 209 4.88 -27.50 -68.26
CA GLU U 209 4.52 -26.59 -67.18
C GLU U 209 5.01 -25.20 -67.52
N LEU U 210 4.13 -24.21 -67.51
CA LEU U 210 4.51 -22.84 -67.83
C LEU U 210 4.10 -21.87 -66.71
N SER U 211 5.02 -20.97 -66.35
CA SER U 211 4.90 -19.93 -65.32
C SER U 211 5.42 -18.63 -65.91
N TRP U 212 5.02 -17.50 -65.33
CA TRP U 212 5.55 -16.21 -65.74
C TRP U 212 5.30 -15.10 -64.71
N VAL U 213 6.15 -14.09 -64.73
CA VAL U 213 6.05 -12.96 -63.85
C VAL U 213 6.58 -11.79 -64.66
N GLY U 214 5.76 -10.78 -64.85
CA GLY U 214 6.17 -9.64 -65.66
C GLY U 214 5.23 -8.46 -65.59
N GLU U 215 5.39 -7.53 -66.53
CA GLU U 215 4.56 -6.34 -66.63
C GLU U 215 3.09 -6.74 -66.83
N LEU U 216 2.84 -7.77 -67.66
CA LEU U 216 1.50 -8.30 -67.93
C LEU U 216 0.76 -8.76 -66.66
N THR U 217 1.46 -9.44 -65.75
CA THR U 217 0.88 -9.95 -64.50
C THR U 217 0.93 -8.98 -63.35
N ASN U 218 1.45 -7.75 -63.57
CA ASN U 218 1.61 -6.75 -62.52
C ASN U 218 2.71 -7.13 -61.52
N GLY U 219 3.75 -7.79 -62.00
CA GLY U 219 4.86 -8.21 -61.15
C GLY U 219 4.49 -9.30 -60.16
N ARG U 220 3.45 -10.08 -60.45
CA ARG U 220 3.01 -11.21 -59.64
C ARG U 220 3.43 -12.47 -60.36
N HIS U 221 3.93 -13.45 -59.62
CA HIS U 221 4.31 -14.72 -60.23
C HIS U 221 3.07 -15.61 -60.31
N GLU U 222 2.70 -16.01 -61.51
CA GLU U 222 1.52 -16.85 -61.70
C GLU U 222 1.66 -17.79 -62.88
N ILE U 223 0.78 -18.80 -62.93
CA ILE U 223 0.74 -19.76 -64.03
C ILE U 223 0.32 -19.05 -65.31
N VAL U 224 0.86 -19.51 -66.43
CA VAL U 224 0.47 -18.98 -67.74
C VAL U 224 -0.92 -19.57 -67.99
N PRO U 225 -1.94 -18.71 -68.23
CA PRO U 225 -3.31 -19.22 -68.42
C PRO U 225 -3.43 -20.30 -69.48
N LYS U 226 -4.35 -21.28 -69.28
CA LYS U 226 -4.59 -22.44 -70.14
C LYS U 226 -4.59 -22.14 -71.63
N ASP U 227 -5.25 -21.03 -72.04
CA ASP U 227 -5.34 -20.64 -73.45
C ASP U 227 -3.99 -20.29 -74.06
N ILE U 228 -3.18 -19.47 -73.38
CA ILE U 228 -1.85 -19.13 -73.87
C ILE U 228 -0.95 -20.37 -73.88
N ARG U 229 -1.11 -21.27 -72.88
CA ARG U 229 -0.36 -22.52 -72.79
C ARG U 229 -0.67 -23.44 -73.95
N GLU U 230 -1.96 -23.52 -74.35
CA GLU U 230 -2.42 -24.34 -75.47
C GLU U 230 -1.93 -23.79 -76.81
N GLU U 231 -1.87 -22.46 -76.96
CA GLU U 231 -1.35 -21.83 -78.16
C GLU U 231 0.14 -22.10 -78.28
N ALA U 232 0.88 -21.96 -77.17
CA ALA U 232 2.31 -22.23 -77.17
C ALA U 232 2.58 -23.72 -77.41
N GLU U 233 1.71 -24.61 -76.90
CA GLU U 233 1.81 -26.07 -77.04
C GLU U 233 1.49 -26.52 -78.46
N LYS U 234 0.48 -25.89 -79.12
CA LYS U 234 0.15 -26.20 -80.51
C LYS U 234 1.29 -25.69 -81.42
N TYR U 235 1.84 -24.50 -81.12
CA TYR U 235 2.94 -23.89 -81.85
C TYR U 235 4.20 -24.74 -81.73
N ALA U 236 4.46 -25.30 -80.54
CA ALA U 236 5.64 -26.12 -80.30
C ALA U 236 5.60 -27.41 -81.13
N LYS U 237 4.40 -28.03 -81.25
CA LYS U 237 4.18 -29.26 -82.01
C LYS U 237 4.27 -29.01 -83.51
N GLU U 238 3.70 -27.89 -83.97
CA GLU U 238 3.71 -27.59 -85.39
C GLU U 238 5.10 -27.17 -85.88
N SER U 239 5.91 -26.52 -85.04
CA SER U 239 7.29 -26.18 -85.41
C SER U 239 8.18 -27.45 -85.45
N LEU U 240 7.85 -28.45 -84.63
CA LEU U 240 8.55 -29.73 -84.54
C LEU U 240 8.45 -30.49 -85.88
N LYS U 241 7.32 -30.33 -86.60
CA LYS U 241 7.10 -30.96 -87.91
C LYS U 241 7.91 -30.24 -88.98
N THR V 1 12.39 18.00 -24.48
CA THR V 1 12.77 17.79 -25.87
C THR V 1 11.66 18.24 -26.80
N THR V 2 12.03 18.79 -27.95
CA THR V 2 11.11 19.11 -29.02
C THR V 2 11.83 18.68 -30.26
N ILE V 3 11.29 17.67 -30.96
CA ILE V 3 11.83 17.14 -32.22
C ILE V 3 10.78 17.37 -33.31
N MET V 4 11.22 17.60 -34.55
CA MET V 4 10.30 17.89 -35.65
C MET V 4 10.88 17.46 -36.99
N ALA V 5 10.04 16.94 -37.89
CA ALA V 5 10.50 16.55 -39.21
C ALA V 5 9.46 16.96 -40.24
N VAL V 6 9.89 17.54 -41.38
CA VAL V 6 9.01 18.00 -42.46
C VAL V 6 9.44 17.47 -43.82
N GLU V 7 8.50 16.89 -44.58
CA GLU V 7 8.73 16.41 -45.94
C GLU V 7 8.55 17.58 -46.89
N PHE V 8 9.39 17.64 -47.93
CA PHE V 8 9.25 18.61 -49.02
C PHE V 8 9.52 17.85 -50.34
N ASP V 9 9.39 18.54 -51.49
CA ASP V 9 9.67 17.89 -52.77
C ASP V 9 11.20 17.74 -52.93
N GLY V 10 11.69 16.53 -52.75
CA GLY V 10 13.11 16.24 -52.91
C GLY V 10 13.89 15.98 -51.64
N GLY V 11 13.21 15.93 -50.50
CA GLY V 11 13.90 15.67 -49.24
C GLY V 11 13.13 16.02 -47.99
N VAL V 12 13.84 16.05 -46.85
CA VAL V 12 13.25 16.35 -45.54
C VAL V 12 14.07 17.37 -44.76
N VAL V 13 13.43 18.03 -43.79
CA VAL V 13 14.10 18.90 -42.83
C VAL V 13 13.81 18.30 -41.45
N MET V 14 14.82 18.16 -40.58
CA MET V 14 14.63 17.66 -39.22
C MET V 14 15.25 18.64 -38.28
N GLY V 15 14.59 18.88 -37.16
CA GLY V 15 15.08 19.80 -36.15
C GLY V 15 14.89 19.27 -34.75
N SER V 16 15.69 19.77 -33.83
CA SER V 16 15.57 19.41 -32.42
C SER V 16 16.05 20.56 -31.55
N ASP V 17 15.68 20.58 -30.26
CA ASP V 17 16.24 21.56 -29.34
C ASP V 17 17.62 20.97 -28.90
N SER V 18 18.21 21.43 -27.78
CA SER V 18 19.50 20.85 -27.36
C SER V 18 19.59 20.53 -25.87
N ARG V 19 18.48 20.65 -25.13
CA ARG V 19 18.49 20.42 -23.68
C ARG V 19 18.33 18.97 -23.27
N VAL V 20 19.22 18.52 -22.41
CA VAL V 20 19.16 17.21 -21.78
C VAL V 20 18.99 17.51 -20.30
N SER V 21 17.87 17.09 -19.70
CA SER V 21 17.62 17.43 -18.30
C SER V 21 17.21 16.28 -17.41
N ALA V 22 17.79 16.22 -16.21
CA ALA V 22 17.47 15.25 -15.16
C ALA V 22 16.61 16.02 -14.15
N GLY V 23 15.33 16.10 -14.41
CA GLY V 23 14.40 16.82 -13.54
C GLY V 23 14.51 18.33 -13.75
N GLU V 24 14.89 19.06 -12.69
CA GLU V 24 15.11 20.51 -12.83
C GLU V 24 16.52 20.86 -13.24
N ALA V 25 17.42 19.86 -13.36
CA ALA V 25 18.81 20.08 -13.69
C ALA V 25 19.08 19.89 -15.16
N VAL V 26 19.65 20.91 -15.83
CA VAL V 26 20.06 20.78 -17.22
C VAL V 26 21.46 20.15 -17.16
N VAL V 27 21.56 18.89 -17.58
CA VAL V 27 22.80 18.12 -17.57
C VAL V 27 23.66 18.45 -18.78
N ASN V 28 23.03 18.67 -19.94
CA ASN V 28 23.75 19.05 -21.15
C ASN V 28 22.90 20.06 -21.86
N ARG V 29 23.43 21.25 -22.12
CA ARG V 29 22.64 22.30 -22.77
C ARG V 29 22.85 22.41 -24.28
N VAL V 30 23.78 21.61 -24.85
CA VAL V 30 24.07 21.67 -26.29
C VAL V 30 24.01 20.29 -26.98
N PHE V 31 23.14 19.39 -26.54
CA PHE V 31 23.01 18.06 -27.15
C PHE V 31 22.33 18.01 -28.53
N ASP V 32 23.00 17.44 -29.53
CA ASP V 32 22.42 17.27 -30.88
C ASP V 32 21.58 16.00 -30.93
N LYS V 33 20.26 16.12 -30.95
CA LYS V 33 19.35 14.97 -30.96
C LYS V 33 19.04 14.42 -32.36
N LEU V 34 19.82 14.82 -33.37
CA LEU V 34 19.62 14.30 -34.73
C LEU V 34 20.79 13.33 -35.06
N SER V 35 20.48 12.03 -35.13
CA SER V 35 21.50 11.03 -35.37
C SER V 35 21.37 10.33 -36.71
N PRO V 36 22.48 10.22 -37.45
CA PRO V 36 22.43 9.48 -38.72
C PRO V 36 22.30 7.96 -38.55
N LEU V 37 21.31 7.39 -39.22
CA LEU V 37 21.11 5.95 -39.28
C LEU V 37 21.81 5.37 -40.56
N HIS V 38 21.97 6.21 -41.60
CA HIS V 38 22.63 5.92 -42.86
C HIS V 38 23.05 7.25 -43.55
N GLU V 39 23.67 7.19 -44.76
CA GLU V 39 24.12 8.39 -45.48
C GLU V 39 22.99 9.43 -45.64
N ARG V 40 21.79 8.97 -46.04
CA ARG V 40 20.68 9.92 -46.19
C ARG V 40 19.47 9.59 -45.31
N ILE V 41 19.70 8.92 -44.18
CA ILE V 41 18.64 8.59 -43.23
C ILE V 41 19.06 9.05 -41.86
N TYR V 42 18.22 9.83 -41.20
CA TYR V 42 18.49 10.30 -39.85
C TYR V 42 17.32 9.97 -38.94
N CYS V 43 17.56 9.95 -37.64
CA CYS V 43 16.47 9.85 -36.66
C CYS V 43 16.54 10.99 -35.66
N ALA V 44 15.39 11.38 -35.11
CA ALA V 44 15.31 12.43 -34.10
C ALA V 44 15.03 11.70 -32.77
N LEU V 45 15.92 11.90 -31.77
CA LEU V 45 15.85 11.22 -30.47
C LEU V 45 15.05 11.97 -29.40
N SER V 46 14.15 11.27 -28.71
CA SER V 46 13.36 11.81 -27.62
C SER V 46 13.02 10.70 -26.58
N GLY V 47 12.67 11.11 -25.35
CA GLY V 47 12.40 10.16 -24.28
C GLY V 47 13.68 9.84 -23.53
N SER V 48 13.82 8.59 -23.07
CA SER V 48 15.00 8.12 -22.34
C SER V 48 16.21 8.20 -23.23
N ALA V 49 17.24 8.89 -22.76
CA ALA V 49 18.51 9.07 -23.45
C ALA V 49 19.21 7.73 -23.67
N ALA V 50 19.24 6.86 -22.63
CA ALA V 50 19.93 5.59 -22.74
C ALA V 50 19.24 4.69 -23.75
N ASP V 51 17.89 4.63 -23.71
CA ASP V 51 17.11 3.82 -24.65
C ASP V 51 17.25 4.35 -26.06
N ALA V 52 17.07 5.67 -26.24
CA ALA V 52 17.16 6.31 -27.56
C ALA V 52 18.50 6.06 -28.23
N GLN V 53 19.60 6.16 -27.48
CA GLN V 53 20.96 5.92 -27.98
C GLN V 53 21.17 4.44 -28.27
N ALA V 54 20.68 3.56 -27.39
CA ALA V 54 20.77 2.12 -27.66
C ALA V 54 20.05 1.72 -28.95
N VAL V 55 18.78 2.17 -29.14
CA VAL V 55 17.98 1.82 -30.33
C VAL V 55 18.65 2.39 -31.57
N ALA V 56 19.05 3.67 -31.54
CA ALA V 56 19.70 4.32 -32.68
C ALA V 56 20.95 3.55 -33.15
N ASP V 57 21.77 3.08 -32.20
CA ASP V 57 22.97 2.32 -32.50
C ASP V 57 22.69 0.96 -33.12
N MET V 58 21.71 0.24 -32.58
CA MET V 58 21.37 -1.08 -33.11
C MET V 58 20.75 -0.93 -34.52
N ALA V 59 19.91 0.10 -34.72
CA ALA V 59 19.30 0.39 -36.00
C ALA V 59 20.36 0.77 -37.04
N ALA V 60 21.36 1.57 -36.67
CA ALA V 60 22.44 1.97 -37.57
C ALA V 60 23.30 0.76 -38.01
N TYR V 61 23.53 -0.16 -37.07
CA TYR V 61 24.28 -1.39 -37.29
C TYR V 61 23.48 -2.32 -38.22
N GLN V 62 22.20 -2.55 -37.91
CA GLN V 62 21.32 -3.37 -38.73
C GLN V 62 21.23 -2.83 -40.16
N LEU V 63 21.03 -1.51 -40.29
CA LEU V 63 20.91 -0.84 -41.60
C LEU V 63 22.21 -0.81 -42.39
N GLU V 64 23.37 -0.79 -41.72
CA GLU V 64 24.65 -0.78 -42.42
C GLU V 64 24.86 -2.12 -43.11
N LEU V 65 24.64 -3.22 -42.39
CA LEU V 65 24.81 -4.55 -42.95
C LEU V 65 23.74 -4.80 -44.04
N HIS V 66 22.51 -4.28 -43.85
CA HIS V 66 21.41 -4.39 -44.81
C HIS V 66 21.79 -3.69 -46.11
N GLY V 67 22.30 -2.46 -46.01
CA GLY V 67 22.74 -1.68 -47.15
C GLY V 67 23.82 -2.39 -47.93
N ILE V 68 24.79 -3.03 -47.25
CA ILE V 68 25.89 -3.73 -47.89
C ILE V 68 25.43 -5.01 -48.63
N GLU V 69 24.56 -5.80 -48.00
CA GLU V 69 24.02 -7.01 -48.62
C GLU V 69 23.14 -6.66 -49.85
N LEU V 70 22.40 -5.54 -49.80
CA LEU V 70 21.50 -5.16 -50.90
C LEU V 70 22.20 -4.41 -52.05
N GLU V 71 23.50 -4.03 -51.85
CA GLU V 71 24.30 -3.33 -52.84
C GLU V 71 23.76 -1.91 -53.18
N GLU V 72 22.90 -1.36 -52.31
CA GLU V 72 22.20 -0.07 -52.43
C GLU V 72 22.08 0.59 -51.05
N PRO V 73 21.86 1.93 -50.98
CA PRO V 73 21.55 2.53 -49.67
C PRO V 73 20.13 2.08 -49.25
N PRO V 74 19.91 1.75 -47.96
CA PRO V 74 18.59 1.29 -47.53
C PRO V 74 17.47 2.29 -47.82
N LEU V 75 16.25 1.77 -47.99
CA LEU V 75 15.10 2.64 -48.16
C LEU V 75 14.79 3.29 -46.81
N VAL V 76 14.19 4.49 -46.81
CA VAL V 76 13.79 5.13 -45.55
C VAL V 76 12.69 4.27 -44.86
N LEU V 77 11.87 3.53 -45.65
CA LEU V 77 10.87 2.62 -45.12
C LEU V 77 11.56 1.45 -44.39
N ALA V 78 12.68 0.94 -44.94
CA ALA V 78 13.41 -0.14 -44.27
C ALA V 78 13.98 0.38 -42.93
N ALA V 79 14.54 1.61 -42.91
CA ALA V 79 15.05 2.22 -41.68
C ALA V 79 13.94 2.41 -40.66
N ALA V 80 12.78 2.94 -41.09
CA ALA V 80 11.62 3.17 -40.22
C ALA V 80 11.07 1.86 -39.65
N ASN V 81 11.13 0.78 -40.45
CA ASN V 81 10.66 -0.51 -39.98
C ASN V 81 11.61 -1.09 -38.97
N VAL V 82 12.93 -0.98 -39.23
CA VAL V 82 14.00 -1.44 -38.35
C VAL V 82 13.85 -0.82 -36.96
N VAL V 83 13.62 0.52 -36.89
CA VAL V 83 13.42 1.25 -35.65
C VAL V 83 12.11 0.84 -34.93
N ARG V 84 11.01 0.82 -35.68
CA ARG V 84 9.67 0.45 -35.25
C ARG V 84 9.67 -0.96 -34.64
N ASN V 85 10.39 -1.92 -35.22
CA ASN V 85 10.44 -3.29 -34.76
C ASN V 85 11.10 -3.42 -33.39
N ILE V 86 12.21 -2.69 -33.17
CA ILE V 86 12.91 -2.66 -31.89
C ILE V 86 12.02 -1.99 -30.83
N SER V 87 11.47 -0.83 -31.15
CA SER V 87 10.59 -0.10 -30.26
C SER V 87 9.33 -0.90 -29.89
N TYR V 88 8.76 -1.68 -30.82
CA TYR V 88 7.55 -2.47 -30.59
C TYR V 88 7.86 -3.76 -29.82
N LYS V 89 8.90 -4.53 -30.22
CA LYS V 89 9.30 -5.77 -29.53
C LYS V 89 9.60 -5.53 -28.09
N TYR V 90 10.29 -4.41 -27.77
CA TYR V 90 10.64 -4.02 -26.41
C TYR V 90 9.81 -2.82 -25.89
N ARG V 91 8.51 -2.75 -26.21
CA ARG V 91 7.70 -1.58 -25.84
C ARG V 91 7.49 -1.40 -24.35
N GLU V 92 7.50 -2.49 -23.59
CA GLU V 92 7.34 -2.41 -22.14
C GLU V 92 8.64 -2.12 -21.41
N ASP V 93 9.77 -2.09 -22.10
CA ASP V 93 11.07 -1.86 -21.50
C ASP V 93 11.80 -0.68 -22.08
N LEU V 94 11.29 -0.07 -23.15
CA LEU V 94 11.94 1.10 -23.75
C LEU V 94 11.03 2.28 -23.64
N SER V 95 11.61 3.43 -23.36
CA SER V 95 10.83 4.65 -23.21
C SER V 95 11.41 5.74 -24.07
N ALA V 96 11.50 5.51 -25.37
CA ALA V 96 12.02 6.49 -26.30
C ALA V 96 11.14 6.57 -27.55
N HIS V 97 11.09 7.74 -28.19
CA HIS V 97 10.41 7.87 -29.47
C HIS V 97 11.40 8.43 -30.46
N LEU V 98 11.75 7.59 -31.42
CA LEU V 98 12.68 7.87 -32.49
C LEU V 98 11.89 8.13 -33.78
N MET V 99 11.85 9.39 -34.23
CA MET V 99 11.23 9.83 -35.48
C MET V 99 12.25 9.53 -36.57
N VAL V 100 11.89 8.83 -37.64
CA VAL V 100 12.85 8.47 -38.69
C VAL V 100 12.52 9.19 -40.00
N ALA V 101 13.47 9.98 -40.53
CA ALA V 101 13.25 10.69 -41.78
C ALA V 101 14.51 10.69 -42.65
N GLY V 102 14.32 10.86 -43.96
CA GLY V 102 15.45 10.88 -44.89
C GLY V 102 15.05 10.89 -46.35
N TRP V 103 16.00 10.53 -47.22
CA TRP V 103 15.76 10.51 -48.66
C TRP V 103 16.06 9.14 -49.31
N ASP V 104 15.32 8.81 -50.40
CA ASP V 104 15.41 7.60 -51.24
C ASP V 104 15.36 7.91 -52.70
N GLN V 105 15.91 7.00 -53.52
CA GLN V 105 15.77 7.14 -54.96
C GLN V 105 14.36 6.69 -55.42
N ARG V 106 13.67 5.80 -54.65
CA ARG V 106 12.31 5.31 -54.94
C ARG V 106 11.18 6.24 -54.46
N GLU V 107 11.17 6.64 -53.16
CA GLU V 107 10.09 7.49 -52.65
C GLU V 107 10.51 8.91 -52.30
N GLY V 108 11.79 9.23 -52.35
CA GLY V 108 12.26 10.58 -52.09
C GLY V 108 12.29 10.95 -50.63
N GLY V 109 11.91 12.17 -50.32
CA GLY V 109 11.91 12.65 -48.95
C GLY V 109 10.68 12.18 -48.21
N GLN V 110 10.89 11.40 -47.13
CA GLN V 110 9.82 10.85 -46.31
C GLN V 110 10.08 10.93 -44.81
N VAL V 111 9.01 11.18 -44.04
CA VAL V 111 9.02 11.34 -42.58
C VAL V 111 8.17 10.23 -41.98
N TYR V 112 8.68 9.54 -40.95
CA TYR V 112 7.97 8.44 -40.31
C TYR V 112 7.97 8.54 -38.80
N GLY V 113 6.82 8.26 -38.20
CA GLY V 113 6.67 8.20 -36.77
C GLY V 113 6.64 6.74 -36.35
N THR V 114 7.36 6.40 -35.27
CA THR V 114 7.49 5.06 -34.67
C THR V 114 6.99 4.98 -33.20
N LEU V 115 6.33 6.01 -32.71
CA LEU V 115 5.82 6.12 -31.34
C LEU V 115 5.17 4.86 -30.79
N GLY V 116 5.84 4.23 -29.84
CA GLY V 116 5.33 3.03 -29.19
C GLY V 116 5.28 1.82 -30.10
N GLY V 117 6.14 1.79 -31.11
CA GLY V 117 6.19 0.66 -32.02
C GLY V 117 5.23 0.72 -33.18
N MET V 118 4.54 1.85 -33.36
CA MET V 118 3.63 1.98 -34.50
C MET V 118 4.44 2.53 -35.67
N LEU V 119 3.81 2.70 -36.83
CA LEU V 119 4.50 3.23 -38.00
C LEU V 119 3.51 4.01 -38.79
N THR V 120 3.83 5.25 -39.07
CA THR V 120 2.96 6.11 -39.85
C THR V 120 3.78 7.11 -40.63
N ARG V 121 3.43 7.33 -41.90
CA ARG V 121 4.12 8.33 -42.71
C ARG V 121 3.35 9.62 -42.57
N GLN V 122 4.03 10.74 -42.29
CA GLN V 122 3.36 11.99 -42.06
C GLN V 122 3.93 13.10 -42.93
N PRO V 123 3.11 14.10 -43.33
CA PRO V 123 3.66 15.26 -44.08
C PRO V 123 4.69 16.00 -43.23
N PHE V 124 4.42 16.09 -41.93
CA PHE V 124 5.29 16.60 -40.90
C PHE V 124 4.96 15.85 -39.61
N ALA V 125 5.90 15.83 -38.65
CA ALA V 125 5.64 15.21 -37.35
C ALA V 125 6.42 15.94 -36.27
N ILE V 126 5.85 16.01 -35.06
CA ILE V 126 6.45 16.63 -33.91
C ILE V 126 6.45 15.64 -32.74
N GLY V 127 7.48 15.71 -31.92
CA GLY V 127 7.60 14.83 -30.77
C GLY V 127 8.35 15.45 -29.61
N GLY V 128 8.35 14.76 -28.49
CA GLY V 128 9.01 15.27 -27.29
C GLY V 128 8.04 15.99 -26.37
N SER V 129 8.50 16.26 -25.16
CA SER V 129 7.70 16.96 -24.15
C SER V 129 7.20 18.34 -24.63
N GLY V 130 7.99 18.99 -25.50
CA GLY V 130 7.70 20.31 -26.02
C GLY V 130 6.67 20.35 -27.11
N SER V 131 6.51 19.23 -27.83
CA SER V 131 5.52 19.14 -28.91
C SER V 131 4.11 19.44 -28.43
N THR V 132 3.80 19.20 -27.18
CA THR V 132 2.48 19.43 -26.61
C THR V 132 1.98 20.87 -26.82
N PHE V 133 2.87 21.84 -26.60
CA PHE V 133 2.54 23.26 -26.66
C PHE V 133 2.50 23.85 -28.05
N ILE V 134 2.92 23.09 -29.07
CA ILE V 134 2.92 23.59 -30.44
C ILE V 134 2.00 22.83 -31.36
N TYR V 135 1.02 22.03 -30.86
CA TYR V 135 0.12 21.30 -31.76
C TYR V 135 -0.74 22.27 -32.55
N GLY V 136 -1.28 23.27 -31.88
CA GLY V 136 -2.10 24.29 -32.54
C GLY V 136 -1.28 25.13 -33.49
N TYR V 137 -0.02 25.46 -33.11
CA TYR V 137 0.84 26.23 -33.97
C TYR V 137 1.14 25.48 -35.28
N VAL V 138 1.57 24.22 -35.22
CA VAL V 138 1.86 23.47 -36.44
C VAL V 138 0.61 23.25 -37.31
N ASP V 139 -0.58 23.16 -36.69
CA ASP V 139 -1.81 23.00 -37.43
C ASP V 139 -2.22 24.29 -38.13
N ALA V 140 -1.88 25.45 -37.53
CA ALA V 140 -2.21 26.76 -38.09
C ALA V 140 -1.18 27.24 -39.12
N ALA V 141 0.10 26.88 -38.93
CA ALA V 141 1.21 27.31 -39.77
C ALA V 141 1.61 26.37 -40.90
N TYR V 142 1.26 25.07 -40.83
CA TYR V 142 1.64 24.15 -41.89
C TYR V 142 0.87 24.43 -43.19
N LYS V 143 1.59 24.52 -44.30
CA LYS V 143 1.05 24.68 -45.64
C LYS V 143 1.68 23.64 -46.58
N PRO V 144 0.86 23.00 -47.42
CA PRO V 144 1.43 22.02 -48.35
C PRO V 144 2.23 22.70 -49.47
N GLY V 145 3.32 22.04 -49.88
CA GLY V 145 4.20 22.53 -50.94
C GLY V 145 5.29 23.49 -50.52
N MET V 146 5.65 23.52 -49.23
CA MET V 146 6.71 24.38 -48.74
C MET V 146 8.06 24.05 -49.37
N SER V 147 8.91 25.05 -49.58
CA SER V 147 10.25 24.86 -50.15
C SER V 147 11.23 24.42 -49.04
N PRO V 148 12.44 23.90 -49.36
CA PRO V 148 13.40 23.56 -48.30
C PRO V 148 13.64 24.68 -47.28
N GLU V 149 13.74 25.94 -47.74
CA GLU V 149 13.92 27.10 -46.86
C GLU V 149 12.68 27.37 -46.00
N GLU V 150 11.48 27.19 -46.58
CA GLU V 150 10.23 27.39 -45.83
C GLU V 150 10.02 26.35 -44.74
N CYS V 151 10.52 25.12 -44.97
CA CYS V 151 10.43 24.02 -44.02
C CYS V 151 11.36 24.28 -42.83
N ARG V 152 12.58 24.76 -43.11
CA ARG V 152 13.58 25.09 -42.10
C ARG V 152 13.04 26.19 -41.20
N ARG V 153 12.46 27.23 -41.81
CA ARG V 153 11.86 28.37 -41.12
C ARG V 153 10.71 27.88 -40.20
N PHE V 154 9.82 27.02 -40.72
CA PHE V 154 8.68 26.46 -39.98
C PHE V 154 9.16 25.66 -38.75
N THR V 155 10.13 24.73 -38.94
CA THR V 155 10.73 23.89 -37.93
C THR V 155 11.39 24.76 -36.85
N THR V 156 12.12 25.79 -37.28
CA THR V 156 12.78 26.73 -36.37
C THR V 156 11.77 27.51 -35.53
N ASP V 157 10.73 28.09 -36.16
CA ASP V 157 9.72 28.85 -35.43
C ASP V 157 8.99 27.94 -34.42
N ALA V 158 8.53 26.75 -34.87
CA ALA V 158 7.82 25.81 -34.02
C ALA V 158 8.68 25.34 -32.85
N ILE V 159 9.94 24.95 -33.10
CA ILE V 159 10.82 24.50 -32.03
C ILE V 159 11.16 25.65 -31.08
N ALA V 160 11.44 26.88 -31.59
CA ALA V 160 11.70 28.06 -30.72
C ALA V 160 10.49 28.34 -29.79
N LEU V 161 9.25 28.21 -30.34
CA LEU V 161 8.00 28.43 -29.61
C LEU V 161 7.83 27.42 -28.49
N ALA V 162 8.20 26.15 -28.75
CA ALA V 162 8.12 25.10 -27.73
C ALA V 162 9.22 25.30 -26.70
N MET V 163 10.45 25.61 -27.13
CA MET V 163 11.57 25.85 -26.22
C MET V 163 11.28 26.92 -25.18
N SER V 164 10.49 27.93 -25.55
CA SER V 164 10.12 29.03 -24.66
C SER V 164 9.03 28.65 -23.65
N ARG V 165 8.18 27.67 -23.98
CA ARG V 165 7.10 27.25 -23.07
C ARG V 165 7.46 26.03 -22.24
N ASP V 166 8.37 25.20 -22.73
CA ASP V 166 8.72 23.95 -22.09
C ASP V 166 10.02 24.03 -21.31
N GLY V 167 9.92 23.70 -20.01
CA GLY V 167 11.06 23.66 -19.10
C GLY V 167 12.06 22.61 -19.55
N SER V 168 11.57 21.49 -20.13
CA SER V 168 12.42 20.39 -20.60
C SER V 168 13.02 20.59 -22.01
N SER V 169 12.75 21.72 -22.67
CA SER V 169 13.36 22.05 -23.95
C SER V 169 14.07 23.41 -23.82
N GLY V 170 15.16 23.59 -24.57
CA GLY V 170 15.93 24.82 -24.55
C GLY V 170 17.27 24.66 -25.27
N GLY V 171 18.12 25.69 -25.16
CA GLY V 171 19.43 25.71 -25.80
C GLY V 171 19.44 26.29 -27.20
N VAL V 172 20.07 25.59 -28.14
CA VAL V 172 20.14 25.98 -29.54
C VAL V 172 19.16 25.06 -30.34
N ILE V 173 18.93 25.34 -31.63
CA ILE V 173 18.12 24.48 -32.49
C ILE V 173 19.05 23.84 -33.52
N TYR V 174 19.00 22.51 -33.67
CA TYR V 174 19.80 21.82 -34.64
C TYR V 174 18.92 21.47 -35.84
N LEU V 175 19.34 21.83 -37.05
CA LEU V 175 18.61 21.54 -38.27
C LEU V 175 19.42 20.63 -39.20
N VAL V 176 18.73 19.77 -39.92
CA VAL V 176 19.35 18.86 -40.86
C VAL V 176 18.47 18.78 -42.11
N THR V 177 19.04 19.05 -43.29
CA THR V 177 18.29 19.00 -44.54
C THR V 177 18.83 17.87 -45.38
N ILE V 178 18.02 16.82 -45.57
CA ILE V 178 18.44 15.65 -46.35
C ILE V 178 17.79 15.67 -47.72
N THR V 179 18.60 15.67 -48.79
CA THR V 179 18.16 15.66 -50.19
C THR V 179 19.00 14.62 -50.96
N ALA V 180 18.74 14.41 -52.28
CA ALA V 180 19.56 13.52 -53.09
C ALA V 180 21.04 13.97 -53.11
N ALA V 181 21.27 15.30 -53.09
CA ALA V 181 22.57 15.96 -53.08
C ALA V 181 23.46 15.62 -51.85
N GLY V 182 22.84 15.39 -50.70
CA GLY V 182 23.54 15.07 -49.45
C GLY V 182 22.81 15.63 -48.24
N VAL V 183 23.53 15.83 -47.12
CA VAL V 183 22.91 16.37 -45.91
C VAL V 183 23.53 17.72 -45.48
N ASP V 184 22.69 18.70 -45.13
CA ASP V 184 23.17 19.98 -44.63
C ASP V 184 22.83 20.12 -43.15
N HIS V 185 23.85 20.17 -42.29
CA HIS V 185 23.65 20.35 -40.86
C HIS V 185 23.77 21.85 -40.57
N ARG V 186 22.90 22.37 -39.72
CA ARG V 186 22.87 23.80 -39.42
C ARG V 186 22.53 24.03 -37.94
N VAL V 187 23.06 25.10 -37.32
CA VAL V 187 22.77 25.40 -35.92
C VAL V 187 22.26 26.82 -35.73
N ILE V 188 21.11 26.97 -35.06
CA ILE V 188 20.58 28.29 -34.74
C ILE V 188 20.84 28.49 -33.27
N LEU V 189 21.81 29.35 -32.92
CA LEU V 189 22.22 29.60 -31.53
C LEU V 189 21.13 30.22 -30.67
N GLY V 190 21.17 29.97 -29.36
CA GLY V 190 20.22 30.48 -28.37
C GLY V 190 20.04 31.99 -28.34
N ASN V 191 21.00 32.77 -28.90
CA ASN V 191 20.86 34.22 -29.01
C ASN V 191 20.19 34.61 -30.32
N GLU V 192 20.39 33.84 -31.39
CA GLU V 192 19.85 34.11 -32.72
C GLU V 192 18.48 33.43 -32.96
N LEU V 193 17.75 33.07 -31.91
CA LEU V 193 16.46 32.39 -32.06
C LEU V 193 15.37 33.35 -32.53
N PRO V 194 14.36 32.90 -33.32
CA PRO V 194 13.28 33.81 -33.71
C PRO V 194 12.48 34.27 -32.50
N LYS V 195 12.14 35.56 -32.43
CA LYS V 195 11.41 36.09 -31.28
C LYS V 195 9.91 36.19 -31.52
N PHE V 196 9.14 35.85 -30.48
CA PHE V 196 7.68 35.91 -30.45
C PHE V 196 7.24 36.54 -29.11
N TYR V 197 5.93 36.53 -28.79
CA TYR V 197 5.44 37.03 -27.50
C TYR V 197 6.03 36.14 -26.40
N ASP V 198 6.59 36.75 -25.35
CA ASP V 198 7.21 35.98 -24.28
C ASP V 198 6.93 36.53 -22.88
N GLU V 199 5.70 36.98 -22.64
CA GLU V 199 5.32 37.49 -21.33
C GLU V 199 4.13 36.73 -20.75
N THR W 1 30.77 13.17 -3.72
CA THR W 1 31.82 13.20 -4.73
C THR W 1 31.65 14.36 -5.67
N THR W 2 32.76 15.02 -6.03
CA THR W 2 32.83 16.04 -7.05
C THR W 2 33.91 15.59 -8.05
N ILE W 3 33.50 15.20 -9.26
CA ILE W 3 34.42 14.84 -10.34
C ILE W 3 34.15 15.78 -11.48
N ALA W 4 35.19 16.30 -12.11
CA ALA W 4 35.05 17.25 -13.20
C ALA W 4 36.04 16.93 -14.32
N GLY W 5 35.77 17.45 -15.51
CA GLY W 5 36.62 17.28 -16.68
C GLY W 5 36.60 18.52 -17.52
N LEU W 6 37.64 18.71 -18.32
CA LEU W 6 37.79 19.93 -19.10
C LEU W 6 38.70 19.70 -20.31
N VAL W 7 38.33 20.22 -21.47
CA VAL W 7 39.15 20.09 -22.68
C VAL W 7 39.86 21.42 -22.92
N PHE W 8 41.19 21.41 -22.94
CA PHE W 8 41.99 22.60 -23.19
C PHE W 8 42.79 22.48 -24.52
N GLN W 9 43.48 23.55 -24.92
CA GLN W 9 44.35 23.69 -26.09
C GLN W 9 45.06 22.37 -26.52
N ASP W 10 45.89 21.78 -25.63
CA ASP W 10 46.68 20.60 -25.99
C ASP W 10 46.22 19.29 -25.34
N GLY W 11 45.05 19.26 -24.74
CA GLY W 11 44.55 18.04 -24.11
C GLY W 11 43.32 18.16 -23.25
N VAL W 12 43.27 17.33 -22.20
CA VAL W 12 42.18 17.24 -21.25
C VAL W 12 42.70 17.22 -19.83
N ILE W 13 41.92 17.74 -18.89
CA ILE W 13 42.27 17.73 -17.49
C ILE W 13 41.13 17.13 -16.71
N LEU W 14 41.39 16.04 -15.98
CA LEU W 14 40.35 15.39 -15.15
C LEU W 14 40.61 15.76 -13.69
N GLY W 15 39.56 16.03 -12.94
CA GLY W 15 39.67 16.40 -11.54
C GLY W 15 38.75 15.60 -10.65
N ALA W 16 39.17 15.36 -9.40
CA ALA W 16 38.35 14.62 -8.45
C ALA W 16 38.66 14.99 -7.02
N ASP W 17 37.67 14.84 -6.12
CA ASP W 17 37.91 15.01 -4.69
C ASP W 17 38.41 13.65 -4.11
N THR W 18 38.69 13.59 -2.81
CA THR W 18 39.24 12.38 -2.22
C THR W 18 38.42 11.85 -1.05
N ARG W 19 37.15 12.23 -0.90
CA ARG W 19 36.34 11.72 0.20
C ARG W 19 35.39 10.59 -0.19
N ALA W 20 35.28 9.61 0.70
CA ALA W 20 34.34 8.53 0.58
C ALA W 20 33.52 8.60 1.84
N THR W 21 32.20 8.74 1.71
CA THR W 21 31.32 8.80 2.87
C THR W 21 30.42 7.59 2.92
N ASN W 22 30.20 7.11 4.12
CA ASN W 22 29.30 6.01 4.37
C ASN W 22 28.10 6.62 5.09
N ASP W 23 27.16 7.22 4.31
CA ASP W 23 25.91 7.86 4.77
C ASP W 23 26.15 8.88 5.89
N SER W 24 26.65 10.06 5.54
CA SER W 24 26.91 11.15 6.49
C SER W 24 28.13 10.94 7.47
N VAL W 25 28.88 9.85 7.32
CA VAL W 25 30.07 9.59 8.12
C VAL W 25 31.21 9.44 7.13
N VAL W 26 32.28 10.26 7.24
CA VAL W 26 33.47 10.22 6.38
C VAL W 26 34.29 8.95 6.67
N ALA W 27 34.31 7.96 5.75
CA ALA W 27 35.07 6.72 5.96
C ALA W 27 36.53 6.86 5.49
N ASP W 28 36.71 7.44 4.29
CA ASP W 28 38.04 7.63 3.73
C ASP W 28 38.25 9.07 3.43
N LYS W 29 39.34 9.61 3.97
CA LYS W 29 39.74 10.98 3.72
C LYS W 29 40.59 11.10 2.45
N SER W 30 41.23 10.01 2.00
CA SER W 30 42.12 10.06 0.86
C SER W 30 41.94 8.91 -0.14
N CYS W 31 40.77 8.85 -0.86
CA CYS W 31 40.60 7.79 -1.86
C CYS W 31 40.86 8.29 -3.29
N GLU W 32 41.33 7.40 -4.15
CA GLU W 32 41.65 7.74 -5.54
C GLU W 32 40.45 7.53 -6.41
N LYS W 33 39.92 8.60 -6.99
CA LYS W 33 38.78 8.51 -7.88
C LYS W 33 39.15 8.66 -9.36
N ILE W 34 40.45 8.91 -9.69
CA ILE W 34 40.89 9.00 -11.07
C ILE W 34 41.53 7.67 -11.44
N HIS W 35 40.87 6.90 -12.30
CA HIS W 35 41.32 5.56 -12.70
C HIS W 35 41.97 5.51 -14.07
N PHE W 36 42.95 4.63 -14.20
CA PHE W 36 43.67 4.41 -15.43
C PHE W 36 42.84 3.55 -16.34
N ILE W 37 42.77 3.89 -17.65
CA ILE W 37 42.12 3.00 -18.60
C ILE W 37 43.20 2.48 -19.59
N ALA W 38 43.91 3.43 -20.19
CA ALA W 38 44.97 3.21 -21.15
C ALA W 38 46.00 4.35 -20.91
N PRO W 39 47.26 4.23 -21.39
CA PRO W 39 48.25 5.30 -21.12
C PRO W 39 47.75 6.74 -21.37
N LYS W 40 46.92 6.95 -22.41
CA LYS W 40 46.40 8.30 -22.66
C LYS W 40 44.87 8.40 -22.48
N ILE W 41 44.26 7.49 -21.69
CA ILE W 41 42.83 7.49 -21.38
C ILE W 41 42.63 7.25 -19.88
N TYR W 42 42.02 8.21 -19.18
CA TYR W 42 41.74 8.09 -17.75
C TYR W 42 40.24 8.26 -17.49
N CYS W 43 39.78 7.90 -16.29
CA CYS W 43 38.36 7.95 -15.97
C CYS W 43 38.07 8.33 -14.52
N CYS W 44 37.29 9.39 -14.29
CA CYS W 44 36.85 9.78 -12.94
C CYS W 44 35.57 8.99 -12.61
N GLY W 45 35.49 8.45 -11.41
CA GLY W 45 34.30 7.71 -11.01
C GLY W 45 33.53 8.34 -9.86
N ALA W 46 32.21 8.25 -9.92
CA ALA W 46 31.26 8.70 -8.90
C ALA W 46 30.07 7.70 -8.90
N GLY W 47 29.22 7.74 -7.88
CA GLY W 47 28.10 6.80 -7.77
C GLY W 47 28.43 5.70 -6.78
N VAL W 48 28.05 4.47 -7.07
CA VAL W 48 28.32 3.34 -6.19
C VAL W 48 29.75 2.99 -6.38
N ALA W 49 30.58 3.25 -5.38
CA ALA W 49 32.03 3.06 -5.37
C ALA W 49 32.48 1.71 -5.90
N ALA W 50 31.81 0.61 -5.55
CA ALA W 50 32.21 -0.71 -6.07
C ALA W 50 31.90 -0.81 -7.56
N ASP W 51 30.78 -0.25 -8.00
CA ASP W 51 30.42 -0.29 -9.40
C ASP W 51 31.33 0.54 -10.25
N ALA W 52 31.78 1.68 -9.75
CA ALA W 52 32.73 2.53 -10.47
C ALA W 52 34.10 1.81 -10.51
N GLU W 53 34.52 1.20 -9.39
CA GLU W 53 35.78 0.47 -9.31
C GLU W 53 35.81 -0.70 -10.30
N MET W 54 34.83 -1.60 -10.24
CA MET W 54 34.81 -2.75 -11.14
C MET W 54 34.54 -2.41 -12.59
N THR W 55 33.77 -1.34 -12.92
CA THR W 55 33.51 -1.04 -14.34
C THR W 55 34.75 -0.44 -14.97
N THR W 56 35.48 0.43 -14.24
CA THR W 56 36.72 1.01 -14.78
C THR W 56 37.77 -0.06 -14.96
N ARG W 57 37.92 -0.97 -13.97
CA ARG W 57 38.84 -2.10 -14.02
C ARG W 57 38.56 -2.97 -15.24
N MET W 58 37.28 -3.29 -15.49
CA MET W 58 36.85 -4.12 -16.61
C MET W 58 37.17 -3.51 -17.95
N VAL W 59 36.90 -2.21 -18.15
CA VAL W 59 37.18 -1.57 -19.43
C VAL W 59 38.68 -1.37 -19.63
N ALA W 60 39.47 -1.08 -18.58
CA ALA W 60 40.92 -0.98 -18.73
C ALA W 60 41.51 -2.31 -19.25
N SER W 61 40.96 -3.42 -18.75
CA SER W 61 41.34 -4.79 -19.06
C SER W 61 40.93 -5.11 -20.52
N LYS W 62 39.71 -4.74 -20.93
CA LYS W 62 39.25 -4.91 -22.29
C LYS W 62 40.08 -4.07 -23.26
N MET W 63 40.49 -2.86 -22.84
CA MET W 63 41.30 -1.95 -23.65
C MET W 63 42.74 -2.45 -23.81
N GLU W 64 43.28 -3.18 -22.82
CA GLU W 64 44.61 -3.75 -22.95
C GLU W 64 44.54 -4.88 -23.98
N LEU W 65 43.49 -5.71 -23.92
CA LEU W 65 43.28 -6.76 -24.90
C LEU W 65 43.08 -6.16 -26.30
N HIS W 66 42.32 -5.08 -26.39
CA HIS W 66 42.07 -4.43 -27.67
C HIS W 66 43.37 -3.89 -28.24
N ALA W 67 44.17 -3.14 -27.44
CA ALA W 67 45.44 -2.58 -27.89
C ALA W 67 46.46 -3.66 -28.25
N LEU W 68 46.52 -4.78 -27.50
CA LEU W 68 47.48 -5.84 -27.77
C LEU W 68 47.23 -6.47 -29.12
N SER W 69 45.97 -6.76 -29.41
CA SER W 69 45.51 -7.36 -30.63
C SER W 69 45.70 -6.42 -31.83
N THR W 70 45.21 -5.19 -31.74
CA THR W 70 45.30 -4.22 -32.84
C THR W 70 46.68 -3.69 -33.08
N GLY W 71 47.51 -3.66 -32.05
CA GLY W 71 48.84 -3.09 -32.14
C GLY W 71 48.80 -1.56 -32.19
N ARG W 72 47.64 -0.96 -31.87
CA ARG W 72 47.47 0.49 -31.91
C ARG W 72 47.12 1.07 -30.55
N GLU W 73 47.35 2.36 -30.40
CA GLU W 73 46.97 3.11 -29.21
C GLU W 73 45.42 3.16 -29.19
N PRO W 74 44.79 2.88 -28.03
CA PRO W 74 43.33 2.86 -27.95
C PRO W 74 42.63 4.19 -28.16
N ARG W 75 41.39 4.17 -28.67
CA ARG W 75 40.57 5.35 -28.94
C ARG W 75 39.57 5.58 -27.80
N VAL W 76 39.33 6.86 -27.47
CA VAL W 76 38.42 7.31 -26.42
C VAL W 76 36.97 6.89 -26.72
N ALA W 77 36.58 6.88 -28.00
CA ALA W 77 35.25 6.43 -28.41
C ALA W 77 35.03 4.94 -28.19
N THR W 78 36.11 4.14 -28.10
CA THR W 78 35.97 2.70 -27.86
C THR W 78 35.66 2.48 -26.38
N VAL W 79 36.36 3.18 -25.48
CA VAL W 79 36.15 2.97 -24.04
C VAL W 79 34.72 3.41 -23.68
N THR W 80 34.21 4.47 -24.32
CA THR W 80 32.86 4.97 -24.09
C THR W 80 31.84 3.95 -24.55
N ARG W 81 32.00 3.44 -25.77
CA ARG W 81 31.14 2.43 -26.38
C ARG W 81 31.06 1.16 -25.51
N ILE W 82 32.22 0.61 -25.08
CA ILE W 82 32.27 -0.57 -24.24
C ILE W 82 31.50 -0.33 -22.92
N LEU W 83 31.81 0.82 -22.25
CA LEU W 83 31.18 1.26 -20.98
C LEU W 83 29.67 1.36 -21.15
N ARG W 84 29.22 2.12 -22.18
CA ARG W 84 27.82 2.34 -22.47
C ARG W 84 27.04 1.06 -22.58
N GLN W 85 27.48 0.13 -23.46
CA GLN W 85 26.79 -1.13 -23.73
C GLN W 85 26.78 -2.05 -22.55
N THR W 86 27.83 -2.02 -21.69
CA THR W 86 27.82 -2.84 -20.47
C THR W 86 26.79 -2.24 -19.50
N LEU W 87 26.87 -0.93 -19.25
CA LEU W 87 25.92 -0.28 -18.36
C LEU W 87 24.44 -0.39 -18.81
N PHE W 88 24.17 -0.31 -20.11
CA PHE W 88 22.81 -0.40 -20.62
C PHE W 88 22.18 -1.73 -20.31
N ARG W 89 22.94 -2.83 -20.47
CA ARG W 89 22.42 -4.17 -20.19
C ARG W 89 21.97 -4.31 -18.73
N TYR W 90 22.57 -3.53 -17.80
CA TYR W 90 22.22 -3.64 -16.38
C TYR W 90 21.14 -2.69 -15.91
N GLN W 91 20.57 -1.89 -16.81
CA GLN W 91 19.42 -1.03 -16.59
C GLN W 91 19.56 -0.06 -15.45
N GLY W 92 20.77 0.44 -15.23
CA GLY W 92 21.03 1.40 -14.17
C GLY W 92 21.39 0.77 -12.85
N HIS W 93 21.31 -0.56 -12.73
CA HIS W 93 21.65 -1.27 -11.49
C HIS W 93 23.15 -1.26 -11.18
N VAL W 94 23.99 -1.01 -12.20
CA VAL W 94 25.41 -0.81 -11.98
C VAL W 94 25.53 0.73 -11.92
N GLY W 95 25.55 1.25 -10.70
CA GLY W 95 25.55 2.68 -10.44
C GLY W 95 26.83 3.43 -10.67
N ALA W 96 27.39 3.33 -11.85
CA ALA W 96 28.62 4.03 -12.19
C ALA W 96 28.37 5.29 -13.04
N SER W 97 28.71 6.45 -12.47
CA SER W 97 28.68 7.75 -13.16
C SER W 97 30.15 8.04 -13.45
N LEU W 98 30.52 8.08 -14.73
CA LEU W 98 31.92 8.21 -15.11
C LEU W 98 32.20 9.39 -16.00
N ILE W 99 33.40 9.96 -15.85
CA ILE W 99 33.89 11.03 -16.72
C ILE W 99 35.12 10.46 -17.40
N VAL W 100 35.01 10.20 -18.70
CA VAL W 100 36.09 9.60 -19.46
C VAL W 100 36.79 10.68 -20.23
N GLY W 101 38.07 10.87 -19.95
CA GLY W 101 38.86 11.85 -20.66
C GLY W 101 40.05 11.17 -21.30
N GLY W 102 40.43 11.62 -22.49
CA GLY W 102 41.60 11.04 -23.15
C GLY W 102 42.07 11.70 -24.42
N VAL W 103 43.22 11.23 -24.90
CA VAL W 103 43.85 11.70 -26.14
C VAL W 103 44.13 10.50 -27.07
N ASP W 104 43.68 10.59 -28.32
CA ASP W 104 43.92 9.56 -29.29
C ASP W 104 44.34 10.20 -30.64
N LEU W 105 44.45 9.43 -31.74
CA LEU W 105 44.84 9.99 -33.04
C LEU W 105 43.94 11.12 -33.55
N THR W 106 42.75 11.29 -32.94
CA THR W 106 41.75 12.30 -33.28
C THR W 106 41.71 13.48 -32.28
N GLY W 107 42.62 13.48 -31.30
CA GLY W 107 42.71 14.57 -30.34
C GLY W 107 42.05 14.35 -29.02
N PRO W 108 42.06 15.39 -28.18
CA PRO W 108 41.44 15.28 -26.86
C PRO W 108 39.91 15.20 -26.90
N GLN W 109 39.36 14.24 -26.13
CA GLN W 109 37.92 14.09 -26.03
C GLN W 109 37.47 13.94 -24.59
N LEU W 110 36.26 14.41 -24.27
CA LEU W 110 35.73 14.29 -22.91
C LEU W 110 34.28 13.78 -22.97
N TYR W 111 33.97 12.77 -22.16
CA TYR W 111 32.64 12.17 -22.16
C TYR W 111 32.08 11.98 -20.78
N GLY W 112 30.77 12.11 -20.65
CA GLY W 112 30.07 11.81 -19.42
C GLY W 112 29.31 10.53 -19.71
N VAL W 113 29.49 9.47 -18.91
CA VAL W 113 28.78 8.21 -19.07
C VAL W 113 27.94 8.00 -17.82
N HIS W 114 26.63 7.70 -17.99
CA HIS W 114 25.70 7.57 -16.88
C HIS W 114 25.36 6.09 -16.55
N PRO W 115 24.87 5.81 -15.31
CA PRO W 115 24.59 4.40 -14.95
C PRO W 115 23.68 3.63 -15.90
N HIS W 116 22.75 4.32 -16.58
CA HIS W 116 21.82 3.64 -17.48
C HIS W 116 22.36 3.33 -18.86
N GLY W 117 23.50 3.92 -19.21
CA GLY W 117 24.09 3.68 -20.51
C GLY W 117 23.99 4.84 -21.49
N SER W 118 23.61 6.03 -21.01
CA SER W 118 23.57 7.19 -21.87
C SER W 118 24.92 7.92 -21.76
N TYR W 119 25.29 8.67 -22.80
CA TYR W 119 26.57 9.38 -22.80
C TYR W 119 26.45 10.76 -23.44
N SER W 120 27.51 11.58 -23.33
CA SER W 120 27.53 12.87 -23.94
C SER W 120 28.98 13.30 -24.21
N ARG W 121 29.29 13.79 -25.44
CA ARG W 121 30.61 14.37 -25.69
C ARG W 121 30.50 15.86 -25.37
N LEU W 122 31.39 16.38 -24.53
CA LEU W 122 31.30 17.76 -24.06
C LEU W 122 32.66 18.44 -23.92
N PRO W 123 32.73 19.78 -24.02
CA PRO W 123 34.01 20.48 -23.77
C PRO W 123 34.36 20.52 -22.28
N PHE W 124 33.35 20.41 -21.39
CA PHE W 124 33.53 20.39 -19.94
C PHE W 124 32.32 19.73 -19.31
N THR W 125 32.55 18.99 -18.20
CA THR W 125 31.49 18.28 -17.48
C THR W 125 31.80 18.03 -16.00
N ALA W 126 30.77 17.82 -15.20
CA ALA W 126 30.90 17.53 -13.78
C ALA W 126 29.86 16.50 -13.36
N LEU W 127 30.26 15.56 -12.51
CA LEU W 127 29.38 14.52 -11.99
C LEU W 127 29.58 14.38 -10.45
N GLY W 128 28.73 13.59 -9.82
CA GLY W 128 28.77 13.40 -8.38
C GLY W 128 27.80 14.32 -7.64
N SER W 129 27.70 14.16 -6.30
CA SER W 129 26.83 15.00 -5.50
C SER W 129 27.23 16.48 -5.54
N GLY W 130 28.50 16.76 -5.79
CA GLY W 130 28.97 18.13 -5.86
C GLY W 130 29.09 18.64 -7.28
N GLN W 131 28.37 18.05 -8.21
CA GLN W 131 28.46 18.41 -9.61
C GLN W 131 28.01 19.81 -9.95
N ASP W 132 26.98 20.35 -9.27
CA ASP W 132 26.48 21.68 -9.58
C ASP W 132 27.42 22.79 -9.15
N ALA W 133 28.21 22.57 -8.09
CA ALA W 133 29.17 23.58 -7.63
C ALA W 133 30.27 23.66 -8.66
N ALA W 134 30.81 22.49 -9.11
CA ALA W 134 31.85 22.40 -10.11
C ALA W 134 31.36 22.96 -11.46
N LEU W 135 30.13 22.64 -11.85
CA LEU W 135 29.54 23.07 -13.11
C LEU W 135 29.31 24.57 -13.17
N ALA W 136 29.04 25.23 -12.01
CA ALA W 136 28.84 26.67 -11.93
C ALA W 136 30.16 27.40 -12.19
N VAL W 137 31.26 26.88 -11.63
CA VAL W 137 32.59 27.43 -11.81
C VAL W 137 33.01 27.25 -13.25
N LEU W 138 32.71 26.07 -13.86
CA LEU W 138 33.04 25.84 -15.27
C LEU W 138 32.21 26.76 -16.19
N GLU W 139 30.90 26.86 -15.98
CA GLU W 139 30.06 27.74 -16.81
C GLU W 139 30.47 29.21 -16.67
N ASP W 140 30.83 29.63 -15.45
CA ASP W 140 31.24 30.99 -15.18
C ASP W 140 32.54 31.42 -15.88
N ARG W 141 33.56 30.54 -16.01
CA ARG W 141 34.86 30.95 -16.55
C ARG W 141 35.49 30.07 -17.64
N PHE W 142 34.77 29.05 -18.15
CA PHE W 142 35.33 28.24 -19.24
C PHE W 142 35.36 29.07 -20.48
N GLN W 143 36.47 28.94 -21.19
CA GLN W 143 36.66 29.54 -22.50
C GLN W 143 37.41 28.48 -23.31
N PRO W 144 37.07 28.31 -24.60
CA PRO W 144 37.76 27.29 -25.40
C PRO W 144 39.23 27.61 -25.64
N ASN W 145 40.03 26.57 -25.87
CA ASN W 145 41.47 26.67 -26.14
C ASN W 145 42.28 27.32 -25.01
N MET W 146 41.95 26.97 -23.76
CA MET W 146 42.68 27.47 -22.60
C MET W 146 44.09 26.88 -22.55
N THR W 147 45.02 27.61 -21.94
CA THR W 147 46.39 27.11 -21.78
C THR W 147 46.37 26.05 -20.65
N LEU W 148 47.40 25.20 -20.58
CA LEU W 148 47.48 24.17 -19.54
C LEU W 148 47.26 24.74 -18.11
N GLU W 149 48.00 25.78 -17.76
CA GLU W 149 47.95 26.44 -16.45
C GLU W 149 46.59 27.14 -16.20
N ALA W 150 45.96 27.69 -17.25
CA ALA W 150 44.66 28.34 -17.09
C ALA W 150 43.56 27.29 -16.87
N ALA W 151 43.65 26.15 -17.57
CA ALA W 151 42.68 25.07 -17.45
C ALA W 151 42.84 24.31 -16.14
N GLN W 152 44.08 24.08 -15.68
CA GLN W 152 44.34 23.42 -14.40
C GLN W 152 43.77 24.27 -13.25
N GLY W 153 43.95 25.59 -13.34
CA GLY W 153 43.44 26.54 -12.36
C GLY W 153 41.94 26.49 -12.29
N LEU W 154 41.29 26.49 -13.47
CA LEU W 154 39.82 26.42 -13.50
C LEU W 154 39.34 25.07 -12.92
N LEU W 155 40.00 23.96 -13.29
CA LEU W 155 39.64 22.66 -12.77
C LEU W 155 39.77 22.55 -11.25
N VAL W 156 40.87 23.07 -10.67
CA VAL W 156 41.09 23.04 -9.23
C VAL W 156 40.02 23.85 -8.52
N GLU W 157 39.65 25.01 -9.09
CA GLU W 157 38.60 25.86 -8.57
C GLU W 157 37.23 25.17 -8.61
N ALA W 158 36.95 24.42 -9.70
CA ALA W 158 35.68 23.73 -9.86
C ALA W 158 35.54 22.57 -8.86
N VAL W 159 36.58 21.78 -8.67
CA VAL W 159 36.54 20.69 -7.71
C VAL W 159 36.48 21.23 -6.29
N THR W 160 37.20 22.35 -6.01
CA THR W 160 37.19 23.00 -4.71
C THR W 160 35.82 23.55 -4.35
N ALA W 161 35.08 24.14 -5.32
CA ALA W 161 33.72 24.64 -5.07
C ALA W 161 32.82 23.51 -4.53
N GLY W 162 32.98 22.30 -5.09
CA GLY W 162 32.27 21.09 -4.66
C GLY W 162 32.75 20.59 -3.32
N ILE W 163 34.06 20.54 -3.09
CA ILE W 163 34.62 20.13 -1.81
C ILE W 163 34.02 20.96 -0.63
N LEU W 164 34.04 22.30 -0.75
CA LEU W 164 33.54 23.18 0.30
C LEU W 164 32.01 23.25 0.38
N GLY W 165 31.33 23.22 -0.78
CA GLY W 165 29.89 23.35 -0.88
C GLY W 165 29.08 22.11 -0.64
N ASP W 166 29.67 20.94 -0.94
CA ASP W 166 28.97 19.67 -0.81
C ASP W 166 29.43 18.87 0.39
N LEU W 167 28.49 18.42 1.20
CA LEU W 167 28.78 17.62 2.40
C LEU W 167 29.30 16.25 2.06
N GLY W 168 28.90 15.71 0.91
CA GLY W 168 29.35 14.42 0.43
C GLY W 168 30.72 14.43 -0.23
N SER W 169 31.37 15.62 -0.31
CA SER W 169 32.69 15.84 -0.93
C SER W 169 33.67 16.46 0.07
N GLY W 170 34.96 16.26 -0.15
CA GLY W 170 35.98 16.83 0.73
C GLY W 170 37.40 16.41 0.42
N GLY W 171 38.28 16.55 1.38
CA GLY W 171 39.67 16.17 1.24
C GLY W 171 40.46 17.05 0.28
N ASN W 172 41.23 16.42 -0.59
CA ASN W 172 42.12 17.07 -1.54
C ASN W 172 41.60 17.04 -2.96
N VAL W 173 42.23 17.81 -3.84
CA VAL W 173 41.90 17.83 -5.24
C VAL W 173 42.98 16.99 -5.93
N ASP W 174 42.57 15.94 -6.65
CA ASP W 174 43.46 15.15 -7.49
C ASP W 174 43.20 15.60 -8.90
N ALA W 175 44.22 15.56 -9.74
CA ALA W 175 44.07 15.96 -11.13
C ALA W 175 44.87 15.07 -12.07
N CYS W 176 44.49 15.01 -13.35
CA CYS W 176 45.22 14.23 -14.33
C CYS W 176 45.26 15.00 -15.62
N VAL W 177 46.44 15.46 -16.05
CA VAL W 177 46.55 16.20 -17.30
C VAL W 177 46.93 15.25 -18.42
N ILE W 178 46.08 15.08 -19.43
CA ILE W 178 46.37 14.21 -20.58
C ILE W 178 46.62 15.04 -21.82
N THR W 179 47.78 14.80 -22.43
CA THR W 179 48.25 15.50 -23.63
C THR W 179 48.70 14.47 -24.68
N LYS W 180 49.17 14.92 -25.85
CA LYS W 180 49.62 14.00 -26.92
C LYS W 180 50.86 13.17 -26.53
N THR W 181 51.66 13.68 -25.58
CA THR W 181 52.88 13.04 -25.11
C THR W 181 52.66 12.28 -23.77
N GLY W 182 51.45 11.78 -23.54
CA GLY W 182 51.15 11.05 -22.30
C GLY W 182 50.30 11.76 -21.26
N ALA W 183 50.28 11.21 -20.03
CA ALA W 183 49.46 11.73 -18.94
C ALA W 183 50.25 12.00 -17.64
N LYS W 184 50.06 13.19 -17.04
CA LYS W 184 50.71 13.61 -15.80
C LYS W 184 49.70 13.52 -14.63
N LEU W 185 49.81 12.46 -13.83
CA LEU W 185 48.92 12.20 -12.70
C LEU W 185 49.31 13.05 -11.49
N LEU W 186 48.60 14.16 -11.30
CA LEU W 186 48.85 15.12 -10.23
C LEU W 186 48.00 14.84 -8.98
N ARG W 187 48.33 13.79 -8.24
CA ARG W 187 47.67 13.40 -6.99
C ARG W 187 47.95 14.49 -5.93
N THR W 188 46.90 14.98 -5.26
CA THR W 188 46.97 16.05 -4.28
C THR W 188 47.52 17.34 -4.93
N LEU W 189 46.94 17.76 -6.04
CA LEU W 189 47.33 19.01 -6.71
C LEU W 189 47.04 20.25 -5.80
N SER W 190 46.09 20.12 -4.88
CA SER W 190 45.70 21.18 -3.96
C SER W 190 44.97 20.58 -2.75
N SER W 191 45.12 21.21 -1.58
CA SER W 191 44.46 20.78 -0.34
C SER W 191 43.73 22.00 0.19
N PRO W 192 42.44 22.19 -0.14
CA PRO W 192 41.74 23.42 0.32
C PRO W 192 41.70 23.58 1.85
N THR W 193 41.73 22.44 2.57
CA THR W 193 41.71 22.41 4.03
C THR W 193 43.10 22.06 4.57
N GLU W 194 43.82 23.09 5.09
CA GLU W 194 45.18 22.99 5.65
C GLU W 194 45.21 22.08 6.91
N PRO W 195 46.36 21.40 7.16
CA PRO W 195 46.45 20.46 8.32
C PRO W 195 45.69 20.85 9.60
N VAL W 196 44.60 20.13 9.90
CA VAL W 196 43.81 20.42 11.10
C VAL W 196 44.43 19.73 12.33
N LYS W 197 45.47 20.35 12.89
CA LYS W 197 46.21 19.82 14.04
C LYS W 197 45.47 20.01 15.37
N ARG W 198 45.92 19.30 16.42
CA ARG W 198 45.34 19.39 17.76
C ARG W 198 46.35 18.94 18.84
N SER W 199 46.05 19.22 20.12
CA SER W 199 46.88 18.80 21.25
C SER W 199 46.38 17.41 21.70
N GLY W 200 46.40 16.46 20.76
CA GLY W 200 45.94 15.08 20.91
C GLY W 200 46.84 14.18 21.74
N ARG W 201 47.11 14.60 22.99
CA ARG W 201 47.91 13.88 23.97
C ARG W 201 47.03 12.78 24.59
N TYR W 202 46.89 11.64 23.91
CA TYR W 202 46.07 10.55 24.44
C TYR W 202 46.89 9.30 24.58
N HIS W 203 47.75 9.29 25.59
CA HIS W 203 48.59 8.13 25.85
C HIS W 203 47.99 7.30 27.00
N PHE W 204 48.15 5.97 26.91
CA PHE W 204 47.71 5.08 27.96
C PHE W 204 48.94 4.44 28.53
N VAL W 205 49.07 4.50 29.85
CA VAL W 205 50.21 3.88 30.55
C VAL W 205 50.06 2.37 30.41
N PRO W 206 51.14 1.62 30.08
CA PRO W 206 51.00 0.16 29.92
C PRO W 206 50.48 -0.45 31.22
N GLY W 207 49.40 -1.20 31.11
CA GLY W 207 48.76 -1.78 32.27
C GLY W 207 47.40 -1.19 32.60
N THR W 208 46.99 -0.10 31.91
CA THR W 208 45.67 0.47 32.18
C THR W 208 44.55 -0.47 31.62
N THR W 209 44.84 -1.26 30.58
CA THR W 209 43.86 -2.21 30.04
C THR W 209 43.94 -3.51 30.84
N ALA W 210 42.84 -3.92 31.49
CA ALA W 210 42.82 -5.16 32.26
C ALA W 210 42.72 -6.35 31.28
N VAL W 211 43.70 -7.25 31.33
CA VAL W 211 43.73 -8.42 30.44
C VAL W 211 43.31 -9.67 31.21
N LEU W 212 42.53 -10.57 30.59
CA LEU W 212 42.09 -11.82 31.21
C LEU W 212 42.88 -13.02 30.69
N THR W 213 43.30 -12.99 29.43
CA THR W 213 43.93 -14.14 28.79
C THR W 213 45.08 -13.67 27.94
N GLN W 214 46.17 -14.43 27.87
CA GLN W 214 47.29 -14.07 27.02
C GLN W 214 47.96 -15.32 26.45
N THR W 215 48.24 -15.28 25.15
CA THR W 215 48.90 -16.37 24.45
C THR W 215 49.88 -15.78 23.46
N VAL W 216 51.13 -16.25 23.50
CA VAL W 216 52.10 -15.78 22.53
C VAL W 216 52.44 -16.91 21.59
N LYS W 217 52.36 -16.65 20.28
CA LYS W 217 52.71 -17.64 19.29
C LYS W 217 53.94 -17.11 18.56
N PRO W 218 55.11 -17.77 18.68
CA PRO W 218 56.29 -17.28 17.98
C PRO W 218 56.35 -17.74 16.51
N LEU W 219 57.02 -16.97 15.68
CA LEU W 219 57.16 -17.21 14.25
C LEU W 219 58.65 -17.31 13.79
N THR W 220 59.62 -17.09 14.72
CA THR W 220 61.08 -17.14 14.53
C THR W 220 61.58 -18.51 14.02
N LEU W 221 60.79 -19.59 14.28
CA LEU W 221 61.07 -20.96 13.83
C LEU W 221 60.96 -21.03 12.29
N GLU W 222 59.97 -20.31 11.72
CA GLU W 222 59.74 -20.25 10.28
C GLU W 222 60.79 -19.33 9.61
N LEU W 223 61.08 -18.17 10.24
CA LEU W 223 62.06 -17.19 9.77
C LEU W 223 63.46 -17.77 9.68
N SER X 1 17.16 -3.37 10.70
CA SER X 1 18.32 -3.57 9.81
C SER X 1 18.94 -4.98 9.87
N ILE X 2 19.45 -5.47 8.72
CA ILE X 2 20.09 -6.79 8.60
C ILE X 2 21.41 -6.82 9.31
N MET X 3 22.20 -5.75 9.22
CA MET X 3 23.50 -5.71 9.89
C MET X 3 23.39 -5.65 11.42
N SER X 4 22.29 -5.13 11.95
CA SER X 4 22.12 -5.06 13.40
C SER X 4 21.44 -6.29 14.01
N TYR X 5 21.12 -7.32 13.18
CA TYR X 5 20.41 -8.53 13.65
C TYR X 5 21.26 -9.32 14.66
N ASN X 6 22.56 -9.42 14.40
CA ASN X 6 23.52 -10.09 15.28
C ASN X 6 24.53 -9.07 15.89
N GLY X 7 24.68 -7.90 15.25
CA GLY X 7 25.53 -6.84 15.75
C GLY X 7 27.01 -7.17 15.66
N GLY X 8 27.79 -6.57 16.53
CA GLY X 8 29.22 -6.84 16.55
C GLY X 8 30.05 -5.71 16.03
N ALA X 9 31.33 -5.73 16.39
CA ALA X 9 32.30 -4.71 16.05
C ALA X 9 33.63 -5.37 15.73
N VAL X 10 34.30 -4.83 14.74
CA VAL X 10 35.59 -5.28 14.28
C VAL X 10 36.42 -4.01 13.99
N MET X 11 37.72 -4.01 14.35
CA MET X 11 38.57 -2.88 14.03
C MET X 11 40.02 -3.32 13.81
N ALA X 12 40.73 -2.60 12.96
CA ALA X 12 42.14 -2.86 12.71
C ALA X 12 42.90 -1.54 12.86
N MET X 13 44.13 -1.62 13.34
CA MET X 13 44.92 -0.42 13.60
C MET X 13 46.40 -0.66 13.31
N LYS X 14 47.00 0.27 12.61
CA LYS X 14 48.39 0.19 12.18
C LYS X 14 49.34 0.78 13.24
N GLY X 15 50.49 0.12 13.42
CA GLY X 15 51.54 0.58 14.34
C GLY X 15 52.89 0.68 13.65
N LYS X 16 53.96 0.83 14.43
CA LYS X 16 55.30 0.87 13.86
C LYS X 16 55.80 -0.56 13.67
N ASN X 17 55.80 -1.05 12.42
CA ASN X 17 56.26 -2.41 12.09
C ASN X 17 55.39 -3.54 12.69
N CYS X 18 54.17 -3.21 13.15
CA CYS X 18 53.21 -4.14 13.73
C CYS X 18 51.77 -3.69 13.36
N VAL X 19 50.78 -4.60 13.42
CA VAL X 19 49.38 -4.27 13.21
C VAL X 19 48.55 -4.87 14.32
N ALA X 20 47.37 -4.32 14.60
CA ALA X 20 46.48 -4.88 15.60
C ALA X 20 45.10 -5.14 14.97
N ILE X 21 44.41 -6.17 15.45
CA ILE X 21 43.06 -6.49 14.97
C ILE X 21 42.22 -6.93 16.18
N ALA X 22 41.05 -6.32 16.36
CA ALA X 22 40.22 -6.60 17.52
C ALA X 22 38.75 -6.78 17.16
N ALA X 23 38.04 -7.57 17.95
CA ALA X 23 36.62 -7.78 17.77
C ALA X 23 35.91 -8.02 19.11
N ASP X 24 34.60 -7.80 19.15
CA ASP X 24 33.82 -8.15 20.32
C ASP X 24 33.55 -9.70 20.26
N ARG X 25 32.97 -10.26 21.32
CA ARG X 25 32.78 -11.70 21.38
C ARG X 25 31.33 -12.16 21.41
N ARG X 26 30.37 -11.23 21.43
CA ARG X 26 28.95 -11.53 21.51
C ARG X 26 28.43 -12.25 20.28
N PHE X 27 27.49 -13.21 20.50
CA PHE X 27 26.70 -13.84 19.46
C PHE X 27 25.30 -13.69 20.00
N GLY X 28 24.56 -12.74 19.47
CA GLY X 28 23.18 -12.54 19.88
C GLY X 28 22.22 -12.50 18.71
N ILE X 29 20.94 -12.77 18.95
CA ILE X 29 19.92 -12.65 17.91
C ILE X 29 19.01 -11.54 18.41
N GLN X 30 19.02 -10.40 17.75
CA GLN X 30 18.28 -9.22 18.20
C GLN X 30 18.70 -8.86 19.66
N ALA X 31 17.77 -8.75 20.65
CA ALA X 31 18.16 -8.41 22.02
C ALA X 31 18.63 -9.56 22.87
N GLN X 32 18.56 -10.79 22.38
CA GLN X 32 18.96 -11.95 23.17
C GLN X 32 20.39 -12.38 22.94
N MET X 33 21.26 -12.29 23.96
CA MET X 33 22.62 -12.82 23.81
C MET X 33 22.52 -14.36 23.90
N VAL X 34 23.09 -15.07 22.93
CA VAL X 34 23.07 -16.50 22.91
C VAL X 34 24.43 -17.01 23.46
N THR X 35 25.52 -16.45 22.93
CA THR X 35 26.87 -16.89 23.28
C THR X 35 27.80 -15.68 23.56
N THR X 36 28.86 -15.87 24.36
CA THR X 36 29.83 -14.81 24.69
C THR X 36 31.24 -15.11 24.15
N ASP X 37 31.39 -16.06 23.23
CA ASP X 37 32.71 -16.41 22.71
C ASP X 37 32.70 -16.65 21.20
N PHE X 38 31.91 -15.88 20.46
CA PHE X 38 31.81 -16.06 19.01
C PHE X 38 33.05 -15.57 18.26
N GLN X 39 33.65 -16.44 17.45
CA GLN X 39 34.83 -16.05 16.68
C GLN X 39 34.46 -15.20 15.46
N LYS X 40 35.08 -14.01 15.36
CA LYS X 40 34.91 -13.04 14.27
C LYS X 40 36.23 -12.72 13.57
N ILE X 41 37.39 -13.15 14.12
CA ILE X 41 38.70 -12.90 13.51
C ILE X 41 39.26 -14.23 13.10
N PHE X 42 39.59 -14.37 11.82
CA PHE X 42 40.09 -15.64 11.29
C PHE X 42 41.49 -15.48 10.68
N PRO X 43 42.44 -16.36 11.07
CA PRO X 43 43.78 -16.28 10.47
C PRO X 43 43.77 -16.75 9.03
N MET X 44 44.38 -15.97 8.17
CA MET X 44 44.53 -16.27 6.74
C MET X 44 46.04 -16.46 6.37
N GLY X 45 46.90 -16.54 7.35
CA GLY X 45 48.34 -16.68 7.21
C GLY X 45 49.01 -16.48 8.56
N ASP X 46 50.33 -16.63 8.60
CA ASP X 46 51.06 -16.46 9.86
C ASP X 46 50.98 -15.04 10.35
N ARG X 47 51.00 -14.06 9.42
CA ARG X 47 50.93 -12.65 9.80
C ARG X 47 49.80 -11.94 9.08
N LEU X 48 48.66 -12.60 8.88
CA LEU X 48 47.55 -12.02 8.13
C LEU X 48 46.22 -12.53 8.70
N TYR X 49 45.34 -11.62 9.14
CA TYR X 49 44.06 -11.96 9.75
C TYR X 49 42.90 -11.18 9.12
N ILE X 50 41.72 -11.82 9.04
CA ILE X 50 40.53 -11.14 8.55
C ILE X 50 39.49 -11.01 9.67
N GLY X 51 38.92 -9.83 9.83
CA GLY X 51 37.88 -9.57 10.82
C GLY X 51 36.55 -9.36 10.14
N LEU X 52 35.53 -10.11 10.55
CA LEU X 52 34.22 -10.05 9.91
C LEU X 52 33.10 -9.77 10.89
N ALA X 53 32.41 -8.65 10.72
CA ALA X 53 31.26 -8.29 11.53
C ALA X 53 29.98 -8.35 10.59
N GLY X 54 28.79 -8.21 11.14
CA GLY X 54 27.57 -8.28 10.36
C GLY X 54 26.78 -9.51 10.68
N LEU X 55 25.99 -9.99 9.68
CA LEU X 55 25.13 -11.14 9.83
C LEU X 55 25.99 -12.36 10.03
N ALA X 56 25.84 -13.01 11.22
CA ALA X 56 26.61 -14.17 11.69
C ALA X 56 26.77 -15.29 10.68
N THR X 57 25.68 -15.66 9.98
CA THR X 57 25.75 -16.72 9.00
C THR X 57 26.71 -16.38 7.86
N ASP X 58 26.72 -15.13 7.43
CA ASP X 58 27.53 -14.65 6.32
C ASP X 58 28.96 -14.41 6.72
N VAL X 59 29.20 -14.07 7.98
CA VAL X 59 30.55 -13.96 8.55
C VAL X 59 31.21 -15.39 8.45
N GLN X 60 30.47 -16.42 8.85
CA GLN X 60 30.94 -17.79 8.75
C GLN X 60 31.08 -18.28 7.29
N THR X 61 30.12 -17.95 6.39
CA THR X 61 30.19 -18.38 4.99
C THR X 61 31.32 -17.70 4.26
N VAL X 62 31.46 -16.39 4.44
CA VAL X 62 32.55 -15.64 3.79
C VAL X 62 33.93 -16.12 4.26
N ALA X 63 34.09 -16.39 5.56
CA ALA X 63 35.38 -16.86 6.06
C ALA X 63 35.70 -18.26 5.49
N GLN X 64 34.70 -19.15 5.41
CA GLN X 64 34.89 -20.50 4.90
C GLN X 64 35.15 -20.52 3.38
N ARG X 65 34.39 -19.72 2.61
CA ARG X 65 34.60 -19.65 1.17
C ARG X 65 35.91 -18.95 0.82
N LEU X 66 36.36 -18.01 1.67
CA LEU X 66 37.64 -17.33 1.49
C LEU X 66 38.80 -18.28 1.78
N LYS X 67 38.68 -19.09 2.85
CA LYS X 67 39.67 -20.10 3.21
C LYS X 67 39.85 -21.11 2.10
N PHE X 68 38.74 -21.52 1.45
CA PHE X 68 38.73 -22.46 0.32
C PHE X 68 39.60 -21.89 -0.81
N ARG X 69 39.32 -20.67 -1.28
CA ARG X 69 40.04 -20.03 -2.37
C ARG X 69 41.48 -19.75 -2.03
N LEU X 70 41.77 -19.42 -0.77
CA LEU X 70 43.13 -19.16 -0.31
C LEU X 70 43.96 -20.44 -0.35
N ASN X 71 43.39 -21.57 0.12
CA ASN X 71 44.11 -22.84 0.12
C ASN X 71 44.45 -23.25 -1.31
N LEU X 72 43.48 -23.13 -2.24
CA LEU X 72 43.75 -23.43 -3.64
C LEU X 72 44.85 -22.52 -4.21
N TYR X 73 44.82 -21.21 -3.86
CA TYR X 73 45.80 -20.22 -4.29
C TYR X 73 47.21 -20.60 -3.80
N GLU X 74 47.42 -20.81 -2.49
CA GLU X 74 48.76 -21.15 -1.98
C GLU X 74 49.28 -22.51 -2.48
N LEU X 75 48.38 -23.43 -2.83
CA LEU X 75 48.77 -24.70 -3.42
C LEU X 75 49.24 -24.45 -4.88
N LYS X 76 48.47 -23.72 -5.70
CA LYS X 76 48.85 -23.42 -7.10
C LYS X 76 50.09 -22.54 -7.19
N GLU X 77 50.18 -21.54 -6.33
CA GLU X 77 51.25 -20.55 -6.35
C GLU X 77 52.50 -20.92 -5.59
N GLY X 78 52.37 -21.83 -4.63
CA GLY X 78 53.48 -22.27 -3.82
C GLY X 78 54.11 -21.13 -3.03
N ARG X 79 53.27 -20.23 -2.51
CA ARG X 79 53.67 -19.06 -1.70
C ARG X 79 52.54 -18.59 -0.83
N GLN X 80 52.84 -17.92 0.30
CA GLN X 80 51.83 -17.31 1.18
C GLN X 80 51.28 -16.08 0.50
N ILE X 81 49.97 -15.84 0.60
CA ILE X 81 49.33 -14.68 -0.03
C ILE X 81 49.80 -13.35 0.58
N LYS X 82 49.89 -12.31 -0.25
CA LYS X 82 50.24 -10.96 0.19
C LYS X 82 48.95 -10.31 0.72
N PRO X 83 49.07 -9.45 1.74
CA PRO X 83 47.87 -8.77 2.26
C PRO X 83 46.96 -8.09 1.22
N TYR X 84 47.53 -7.37 0.25
CA TYR X 84 46.78 -6.68 -0.80
C TYR X 84 46.04 -7.68 -1.71
N THR X 85 46.67 -8.83 -1.98
CA THR X 85 46.09 -9.89 -2.80
C THR X 85 44.91 -10.54 -2.07
N LEU X 86 45.01 -10.74 -0.73
CA LEU X 86 43.88 -11.26 0.05
C LEU X 86 42.71 -10.29 0.00
N MET X 87 42.99 -8.96 0.00
CA MET X 87 41.97 -7.92 -0.13
C MET X 87 41.25 -8.03 -1.48
N SER X 88 42.00 -8.17 -2.59
CA SER X 88 41.43 -8.32 -3.93
C SER X 88 40.60 -9.60 -4.04
N MET X 89 41.08 -10.68 -3.40
CA MET X 89 40.41 -11.95 -3.36
C MET X 89 39.06 -11.82 -2.63
N VAL X 90 39.01 -11.06 -1.51
CA VAL X 90 37.76 -10.81 -0.77
C VAL X 90 36.81 -9.94 -1.60
N ALA X 91 37.37 -8.91 -2.29
CA ALA X 91 36.60 -8.01 -3.17
C ALA X 91 35.92 -8.79 -4.27
N ASN X 92 36.63 -9.75 -4.89
CA ASN X 92 36.07 -10.54 -5.97
C ASN X 92 34.94 -11.43 -5.44
N LEU X 93 35.18 -12.06 -4.28
CA LEU X 93 34.25 -12.93 -3.59
C LEU X 93 32.92 -12.18 -3.28
N LEU X 94 33.04 -11.00 -2.63
CA LEU X 94 31.90 -10.17 -2.26
C LEU X 94 31.17 -9.59 -3.48
N TYR X 95 31.90 -9.04 -4.48
CA TYR X 95 31.30 -8.47 -5.69
C TYR X 95 30.65 -9.51 -6.57
N GLU X 96 31.02 -10.80 -6.47
CA GLU X 96 30.31 -11.83 -7.25
C GLU X 96 28.80 -11.90 -6.86
N LYS X 97 28.46 -11.44 -5.64
CA LYS X 97 27.10 -11.43 -5.13
C LYS X 97 26.58 -9.98 -5.07
N ARG X 98 26.96 -9.15 -6.04
CA ARG X 98 26.62 -7.74 -6.10
C ARG X 98 25.12 -7.48 -5.94
N PHE X 99 24.27 -8.34 -6.50
CA PHE X 99 22.83 -8.13 -6.45
C PHE X 99 22.07 -9.04 -5.48
N GLY X 100 22.78 -9.74 -4.61
CA GLY X 100 22.23 -10.56 -3.52
C GLY X 100 23.36 -10.78 -2.54
N PRO X 101 23.84 -9.69 -1.86
CA PRO X 101 25.11 -9.79 -1.14
C PRO X 101 25.14 -10.43 0.23
N TYR X 102 26.35 -10.79 0.64
CA TYR X 102 26.64 -11.29 1.96
C TYR X 102 26.60 -10.03 2.87
N TYR X 103 25.99 -10.14 4.06
CA TYR X 103 25.88 -9.00 4.96
C TYR X 103 27.04 -8.99 5.92
N THR X 104 28.21 -8.62 5.41
CA THR X 104 29.43 -8.53 6.18
C THR X 104 30.33 -7.45 5.60
N GLU X 105 31.05 -6.78 6.47
CA GLU X 105 31.95 -5.72 6.06
C GLU X 105 33.35 -6.02 6.60
N PRO X 106 34.17 -6.73 5.79
CA PRO X 106 35.48 -7.16 6.27
C PRO X 106 36.48 -6.08 6.62
N VAL X 107 37.42 -6.47 7.46
CA VAL X 107 38.56 -5.68 7.90
C VAL X 107 39.77 -6.63 7.75
N ILE X 108 40.83 -6.20 7.10
CA ILE X 108 42.04 -7.03 6.94
C ILE X 108 43.22 -6.38 7.65
N ALA X 109 44.05 -7.16 8.35
CA ALA X 109 45.24 -6.66 9.04
C ALA X 109 46.36 -7.69 8.94
N GLY X 110 47.53 -7.25 8.53
CA GLY X 110 48.69 -8.12 8.43
C GLY X 110 49.98 -7.37 8.17
N LEU X 111 51.06 -8.13 7.95
CA LEU X 111 52.39 -7.64 7.60
C LEU X 111 52.79 -8.40 6.31
N ASP X 112 53.61 -7.78 5.44
CA ASP X 112 53.97 -8.50 4.21
C ASP X 112 54.82 -9.73 4.50
N PRO X 113 54.44 -10.93 4.00
CA PRO X 113 55.23 -12.14 4.31
C PRO X 113 56.67 -12.14 3.76
N LYS X 114 57.09 -11.07 3.08
CA LYS X 114 58.44 -10.91 2.52
C LYS X 114 59.06 -9.52 2.82
N THR X 115 58.27 -8.54 3.31
CA THR X 115 58.79 -7.20 3.61
C THR X 115 58.49 -6.73 5.05
N PHE X 116 57.43 -7.34 5.68
CA PHE X 116 56.91 -7.12 7.05
C PHE X 116 56.42 -5.67 7.32
N LYS X 117 56.06 -4.96 6.24
CA LYS X 117 55.48 -3.63 6.31
C LYS X 117 53.97 -3.79 6.64
N PRO X 118 53.49 -3.06 7.67
CA PRO X 118 52.06 -3.18 8.05
C PRO X 118 51.02 -2.82 6.99
N PHE X 119 49.96 -3.64 6.88
CA PHE X 119 48.85 -3.41 5.97
C PHE X 119 47.51 -3.50 6.68
N ILE X 120 46.64 -2.52 6.47
CA ILE X 120 45.29 -2.56 7.02
C ILE X 120 44.31 -2.08 5.94
N CYS X 121 43.13 -2.69 5.89
CA CYS X 121 42.11 -2.32 4.93
C CYS X 121 40.71 -2.77 5.38
N SER X 122 39.70 -2.34 4.66
CA SER X 122 38.32 -2.75 4.90
C SER X 122 37.56 -2.81 3.57
N LEU X 123 36.49 -3.56 3.53
CA LEU X 123 35.66 -3.65 2.34
C LEU X 123 34.20 -3.52 2.74
N ASP X 124 33.37 -2.91 1.88
CA ASP X 124 31.93 -2.84 2.15
C ASP X 124 31.27 -4.18 1.78
N LEU X 125 29.94 -4.36 1.98
CA LEU X 125 29.28 -5.64 1.71
C LEU X 125 29.39 -6.11 0.25
N ILE X 126 29.53 -5.19 -0.71
CA ILE X 126 29.66 -5.56 -2.12
C ILE X 126 31.12 -5.50 -2.61
N GLY X 127 32.09 -5.60 -1.72
CA GLY X 127 33.48 -5.72 -2.08
C GLY X 127 34.26 -4.49 -2.48
N CYS X 128 33.85 -3.27 -2.08
CA CYS X 128 34.67 -2.09 -2.40
C CYS X 128 35.75 -1.94 -1.39
N PRO X 129 37.02 -2.04 -1.84
CA PRO X 129 38.14 -1.95 -0.89
C PRO X 129 38.55 -0.55 -0.51
N MET X 130 39.04 -0.42 0.69
CA MET X 130 39.51 0.84 1.21
C MET X 130 40.76 0.60 2.03
N VAL X 131 41.91 1.05 1.53
CA VAL X 131 43.16 0.93 2.28
C VAL X 131 43.43 2.25 3.03
N THR X 132 43.82 2.16 4.32
CA THR X 132 44.18 3.33 5.12
C THR X 132 45.55 3.11 5.82
N ASP X 133 46.17 4.21 6.26
CA ASP X 133 47.45 4.14 6.98
C ASP X 133 47.31 4.41 8.48
N ASP X 134 46.13 4.16 9.04
CA ASP X 134 45.88 4.40 10.44
C ASP X 134 44.97 3.35 11.08
N PHE X 135 43.68 3.33 10.72
CA PHE X 135 42.70 2.41 11.27
C PHE X 135 41.51 2.22 10.31
N VAL X 136 40.80 1.12 10.48
CA VAL X 136 39.58 0.83 9.75
C VAL X 136 38.61 0.24 10.79
N VAL X 137 37.31 0.51 10.65
CA VAL X 137 36.30 0.02 11.58
C VAL X 137 35.11 -0.54 10.83
N SER X 138 34.43 -1.51 11.43
CA SER X 138 33.19 -2.08 10.86
C SER X 138 32.35 -2.62 11.97
N GLY X 139 31.07 -2.32 11.94
CA GLY X 139 30.16 -2.83 12.96
C GLY X 139 29.00 -1.92 13.23
N THR X 140 28.15 -2.33 14.19
CA THR X 140 26.96 -1.59 14.62
C THR X 140 27.33 -0.32 15.46
N CYS X 141 28.60 -0.19 15.89
CA CYS X 141 29.08 0.96 16.61
C CYS X 141 30.18 1.67 15.82
N ALA X 142 30.07 1.72 14.47
CA ALA X 142 31.07 2.41 13.66
C ALA X 142 31.25 3.89 14.07
N GLU X 143 30.16 4.64 14.38
CA GLU X 143 30.32 6.03 14.85
C GLU X 143 31.15 6.07 16.16
N GLN X 144 30.84 5.21 17.15
CA GLN X 144 31.55 5.11 18.42
C GLN X 144 33.04 4.78 18.20
N MET X 145 33.33 3.83 17.30
CA MET X 145 34.70 3.45 17.00
C MET X 145 35.44 4.56 16.28
N TYR X 146 34.78 5.28 15.37
CA TYR X 146 35.42 6.37 14.62
C TYR X 146 35.82 7.47 15.57
N GLY X 147 34.98 7.78 16.56
CA GLY X 147 35.26 8.79 17.58
C GLY X 147 36.44 8.41 18.45
N MET X 148 36.47 7.14 18.91
CA MET X 148 37.57 6.64 19.73
C MET X 148 38.88 6.60 18.94
N CYS X 149 38.83 6.09 17.72
CA CYS X 149 40.01 5.95 16.86
C CYS X 149 40.58 7.28 16.44
N GLU X 150 39.73 8.19 15.98
CA GLU X 150 40.13 9.53 15.57
C GLU X 150 40.84 10.27 16.70
N SER X 151 40.41 10.11 17.97
CA SER X 151 41.09 10.81 19.09
C SER X 151 42.28 10.05 19.66
N LEU X 152 42.22 8.72 19.76
CA LEU X 152 43.34 7.97 20.35
C LEU X 152 44.50 7.60 19.40
N TRP X 153 44.26 7.43 18.08
CA TRP X 153 45.32 6.97 17.19
C TRP X 153 46.51 7.93 17.03
N GLU X 154 47.72 7.36 17.05
CA GLU X 154 48.97 8.05 16.85
C GLU X 154 49.80 7.34 15.80
N PRO X 155 50.63 8.09 15.06
CA PRO X 155 51.40 7.51 13.95
C PRO X 155 52.28 6.26 14.20
N ASN X 156 53.44 6.34 14.91
CA ASN X 156 54.29 5.14 15.02
C ASN X 156 54.31 4.51 16.41
N MET X 157 53.23 3.82 16.75
CA MET X 157 53.10 3.18 18.05
C MET X 157 53.86 1.86 18.15
N ASP X 158 54.53 1.64 19.28
CA ASP X 158 55.19 0.36 19.54
C ASP X 158 54.11 -0.68 19.89
N PRO X 159 54.39 -1.98 19.74
CA PRO X 159 53.39 -3.01 20.03
C PRO X 159 52.54 -2.82 21.30
N ASP X 160 53.16 -2.35 22.38
CA ASP X 160 52.49 -2.14 23.67
C ASP X 160 51.62 -0.92 23.68
N HIS X 161 52.04 0.14 23.00
CA HIS X 161 51.31 1.40 22.86
C HIS X 161 50.06 1.11 22.00
N LEU X 162 50.24 0.39 20.87
CA LEU X 162 49.18 0.01 19.95
C LEU X 162 48.16 -0.86 20.69
N PHE X 163 48.62 -1.85 21.47
CA PHE X 163 47.73 -2.70 22.25
C PHE X 163 46.78 -1.89 23.16
N GLU X 164 47.26 -0.85 23.80
CA GLU X 164 46.47 -0.02 24.70
C GLU X 164 45.50 0.87 23.96
N THR X 165 45.90 1.37 22.79
CA THR X 165 45.08 2.25 21.96
C THR X 165 43.89 1.50 21.37
N ILE X 166 44.14 0.36 20.70
CA ILE X 166 43.08 -0.43 20.10
C ILE X 166 42.16 -0.99 21.19
N SER X 167 42.71 -1.34 22.38
CA SER X 167 41.90 -1.90 23.47
C SER X 167 40.95 -0.87 24.02
N GLN X 168 41.43 0.33 24.29
CA GLN X 168 40.60 1.39 24.80
C GLN X 168 39.64 1.90 23.72
N ALA X 169 40.01 1.84 22.42
CA ALA X 169 39.10 2.31 21.38
C ALA X 169 37.92 1.33 21.23
N MET X 170 38.17 0.02 21.37
CA MET X 170 37.16 -1.03 21.26
C MET X 170 36.29 -1.04 22.50
N LEU X 171 36.90 -1.13 23.70
CA LEU X 171 36.17 -1.19 24.97
C LEU X 171 35.18 -0.05 25.12
N ASN X 172 35.63 1.17 24.92
CA ASN X 172 34.79 2.34 25.08
C ASN X 172 33.78 2.50 23.96
N ALA X 173 34.10 2.02 22.75
CA ALA X 173 33.14 2.06 21.64
C ALA X 173 31.98 1.10 21.87
N VAL X 174 32.28 -0.22 22.15
CA VAL X 174 31.25 -1.26 22.32
C VAL X 174 30.45 -1.07 23.60
N ASP X 175 30.95 -0.27 24.58
CA ASP X 175 30.19 -0.02 25.81
C ASP X 175 29.05 1.04 25.65
N ARG X 176 28.95 1.64 24.46
CA ARG X 176 27.87 2.53 24.06
C ARG X 176 27.00 1.90 22.94
N ASP X 177 27.12 0.58 22.72
CA ASP X 177 26.39 -0.17 21.72
C ASP X 177 25.73 -1.35 22.47
N ALA X 178 24.40 -1.42 22.40
CA ALA X 178 23.60 -2.41 23.11
C ALA X 178 23.87 -3.83 22.61
N VAL X 179 24.12 -3.98 21.30
CA VAL X 179 24.25 -5.29 20.66
C VAL X 179 25.70 -5.66 20.31
N SER X 180 26.69 -5.04 20.96
CA SER X 180 28.10 -5.38 20.82
C SER X 180 28.67 -5.53 22.20
N GLY X 181 29.69 -6.38 22.32
CA GLY X 181 30.35 -6.63 23.59
C GLY X 181 30.54 -8.08 23.98
N MET X 182 30.23 -8.40 25.25
CA MET X 182 30.46 -9.68 25.91
C MET X 182 31.96 -10.08 25.89
N GLY X 183 32.85 -9.08 25.90
CA GLY X 183 34.27 -9.32 25.81
C GLY X 183 34.90 -8.78 24.55
N VAL X 184 36.21 -8.59 24.54
CA VAL X 184 36.97 -8.10 23.38
C VAL X 184 38.20 -8.97 23.23
N ILE X 185 38.55 -9.37 22.02
CA ILE X 185 39.76 -10.15 21.74
C ILE X 185 40.68 -9.31 20.85
N VAL X 186 41.97 -9.21 21.19
CA VAL X 186 42.91 -8.41 20.41
C VAL X 186 44.08 -9.28 19.91
N HIS X 187 44.52 -9.06 18.67
CA HIS X 187 45.67 -9.76 18.13
C HIS X 187 46.68 -8.72 17.76
N ILE X 188 47.91 -8.86 18.26
CA ILE X 188 48.97 -7.94 17.92
C ILE X 188 49.87 -8.76 17.02
N ILE X 189 50.11 -8.29 15.80
CA ILE X 189 50.90 -8.99 14.81
C ILE X 189 52.25 -8.36 14.59
N GLU X 190 53.28 -9.03 15.05
CA GLU X 190 54.65 -8.56 14.86
C GLU X 190 55.43 -9.49 13.89
N LYS X 191 56.64 -9.08 13.48
CA LYS X 191 57.43 -9.89 12.55
C LYS X 191 57.80 -11.23 13.20
N ASP X 192 58.16 -11.17 14.49
CA ASP X 192 58.60 -12.34 15.22
C ASP X 192 57.48 -13.14 15.87
N LYS X 193 56.34 -12.52 16.20
CA LYS X 193 55.29 -13.24 16.92
C LYS X 193 53.86 -12.67 16.78
N ILE X 194 52.88 -13.43 17.27
CA ILE X 194 51.51 -12.97 17.40
C ILE X 194 51.21 -13.00 18.92
N THR X 195 50.61 -11.94 19.44
CA THR X 195 50.18 -11.90 20.84
C THR X 195 48.64 -11.77 20.88
N THR X 196 47.96 -12.81 21.38
CA THR X 196 46.50 -12.80 21.45
C THR X 196 46.07 -12.59 22.87
N ARG X 197 45.16 -11.64 23.10
CA ARG X 197 44.69 -11.34 24.44
C ARG X 197 43.20 -11.13 24.48
N THR X 198 42.52 -11.66 25.50
CA THR X 198 41.11 -11.32 25.71
C THR X 198 41.08 -10.36 26.87
N LEU X 199 40.27 -9.32 26.77
CA LEU X 199 40.24 -8.27 27.78
C LEU X 199 39.19 -8.49 28.83
N LYS X 200 39.35 -7.86 30.01
CA LYS X 200 38.32 -7.91 31.04
C LYS X 200 37.37 -6.82 30.58
N ALA X 201 36.19 -7.22 30.05
CA ALA X 201 35.23 -6.27 29.49
C ALA X 201 33.86 -6.34 30.19
N ARG X 202 32.96 -5.35 29.95
CA ARG X 202 31.61 -5.36 30.50
C ARG X 202 30.83 -6.53 29.92
N MET X 203 29.98 -7.15 30.76
CA MET X 203 29.20 -8.30 30.35
C MET X 203 27.69 -8.04 30.34
N ASP X 204 27.30 -6.81 30.07
CA ASP X 204 25.90 -6.44 29.94
C ASP X 204 25.60 -5.83 28.56
N MET Y 1 7.63 -21.01 20.01
CA MET Y 1 6.38 -21.73 20.40
C MET Y 1 6.57 -23.22 20.84
N GLU Y 2 7.69 -23.84 20.47
CA GLU Y 2 8.13 -25.19 20.85
C GLU Y 2 9.44 -25.00 21.64
N TYR Y 3 9.80 -25.96 22.50
CA TYR Y 3 10.96 -25.83 23.35
C TYR Y 3 12.04 -26.89 23.18
N LEU Y 4 13.30 -26.45 23.04
CA LEU Y 4 14.50 -27.29 22.96
C LEU Y 4 15.48 -26.80 24.05
N ILE Y 5 16.19 -27.72 24.71
CA ILE Y 5 17.18 -27.36 25.72
C ILE Y 5 18.30 -28.39 25.72
N GLY Y 6 19.52 -27.93 25.88
CA GLY Y 6 20.72 -28.75 25.96
C GLY Y 6 21.65 -28.21 27.03
N ILE Y 7 22.24 -29.10 27.86
CA ILE Y 7 23.19 -28.80 28.95
C ILE Y 7 24.39 -29.74 28.76
N GLN Y 8 25.55 -29.20 28.42
CA GLN Y 8 26.74 -30.00 28.18
C GLN Y 8 27.59 -30.08 29.42
N GLY Y 9 27.84 -31.30 29.88
CA GLY Y 9 28.69 -31.54 31.03
C GLY Y 9 30.09 -31.96 30.62
N PRO Y 10 30.90 -32.40 31.59
CA PRO Y 10 32.30 -32.76 31.30
C PRO Y 10 32.48 -33.96 30.36
N ASP Y 11 31.60 -34.97 30.46
CA ASP Y 11 31.68 -36.14 29.60
C ASP Y 11 30.31 -36.59 29.04
N TYR Y 12 29.33 -35.67 28.98
CA TYR Y 12 27.99 -35.98 28.50
C TYR Y 12 27.30 -34.71 27.97
N VAL Y 13 26.20 -34.87 27.22
CA VAL Y 13 25.34 -33.79 26.77
C VAL Y 13 23.93 -34.23 27.11
N LEU Y 14 23.23 -33.43 27.91
CA LEU Y 14 21.84 -33.70 28.29
C LEU Y 14 20.95 -32.85 27.40
N VAL Y 15 19.91 -33.43 26.80
CA VAL Y 15 18.99 -32.69 25.95
C VAL Y 15 17.54 -33.01 26.29
N ALA Y 16 16.68 -32.03 26.07
CA ALA Y 16 15.26 -32.19 26.28
C ALA Y 16 14.47 -31.40 25.23
N SER Y 17 13.24 -31.81 24.97
CA SER Y 17 12.36 -31.13 24.02
C SER Y 17 10.91 -31.37 24.42
N ASP Y 18 10.03 -30.40 24.16
CA ASP Y 18 8.60 -30.60 24.47
C ASP Y 18 8.00 -31.76 23.62
N ARG Y 19 6.83 -32.28 24.03
CA ARG Y 19 6.22 -33.38 23.27
C ARG Y 19 4.91 -33.00 22.60
N VAL Y 20 4.63 -31.70 22.44
CA VAL Y 20 3.39 -31.25 21.85
C VAL Y 20 3.54 -31.10 20.35
N ALA Y 21 2.54 -31.60 19.58
CA ALA Y 21 2.37 -31.37 18.15
C ALA Y 21 1.06 -30.61 18.15
N ALA Y 22 1.07 -29.35 17.69
CA ALA Y 22 -0.11 -28.50 17.78
C ALA Y 22 -0.53 -27.96 16.43
N SER Y 23 -1.83 -27.68 16.29
CA SER Y 23 -2.37 -27.05 15.10
C SER Y 23 -3.41 -26.02 15.51
N ASN Y 24 -3.13 -24.71 15.34
CA ASN Y 24 -4.10 -23.67 15.65
C ASN Y 24 -4.29 -23.66 17.19
N ILE Y 25 -5.51 -23.77 17.77
CA ILE Y 25 -5.68 -23.76 19.23
C ILE Y 25 -5.71 -25.18 19.84
N VAL Y 26 -5.32 -26.22 19.08
CA VAL Y 26 -5.42 -27.60 19.57
C VAL Y 26 -4.09 -28.33 19.68
N GLN Y 27 -3.88 -29.05 20.82
CA GLN Y 27 -2.79 -29.98 21.10
C GLN Y 27 -3.20 -31.30 20.45
N MET Y 28 -2.71 -31.55 19.25
CA MET Y 28 -3.03 -32.74 18.46
C MET Y 28 -2.35 -34.01 18.97
N LYS Y 29 -1.15 -33.84 19.55
CA LYS Y 29 -0.32 -34.92 20.06
C LYS Y 29 0.36 -34.46 21.34
N ASP Y 30 0.35 -35.32 22.34
CA ASP Y 30 0.98 -35.10 23.64
C ASP Y 30 2.29 -35.89 23.80
N ASP Y 31 2.57 -36.83 22.89
CA ASP Y 31 3.72 -37.73 22.91
C ASP Y 31 4.62 -37.61 21.69
N HIS Y 32 4.62 -36.46 21.05
CA HIS Y 32 5.40 -36.21 19.85
C HIS Y 32 6.89 -36.09 20.18
N ASP Y 33 7.76 -36.64 19.34
CA ASP Y 33 9.21 -36.60 19.54
C ASP Y 33 9.88 -35.67 18.56
N LYS Y 34 10.62 -34.68 19.07
CA LYS Y 34 11.35 -33.71 18.25
C LYS Y 34 12.84 -34.01 18.11
N MET Y 35 13.31 -35.18 18.54
CA MET Y 35 14.71 -35.54 18.43
C MET Y 35 14.92 -36.52 17.25
N PHE Y 36 16.10 -36.45 16.61
CA PHE Y 36 16.44 -37.28 15.46
C PHE Y 36 17.82 -37.88 15.65
N LYS Y 37 17.94 -39.21 15.59
CA LYS Y 37 19.24 -39.85 15.75
C LYS Y 37 20.03 -39.77 14.43
N MET Y 38 21.23 -39.17 14.44
CA MET Y 38 22.03 -39.09 13.21
C MET Y 38 23.01 -40.26 13.12
N SER Y 39 23.77 -40.46 14.20
CA SER Y 39 24.79 -41.48 14.40
C SER Y 39 24.48 -42.18 15.74
N GLU Y 40 25.34 -43.12 16.15
CA GLU Y 40 25.21 -43.77 17.46
C GLU Y 40 25.41 -42.83 18.63
N LYS Y 41 26.16 -41.73 18.40
CA LYS Y 41 26.54 -40.72 19.37
C LYS Y 41 26.16 -39.26 19.00
N ILE Y 42 25.12 -39.04 18.15
CA ILE Y 42 24.64 -37.71 17.74
C ILE Y 42 23.09 -37.63 17.68
N LEU Y 43 22.50 -36.58 18.28
CA LEU Y 43 21.08 -36.27 18.22
C LEU Y 43 20.94 -34.88 17.59
N LEU Y 44 19.96 -34.70 16.70
CA LEU Y 44 19.63 -33.42 16.11
C LEU Y 44 18.21 -33.10 16.61
N LEU Y 45 18.06 -32.05 17.40
CA LEU Y 45 16.77 -31.63 17.94
C LEU Y 45 16.32 -30.51 17.05
N CYS Y 46 15.15 -30.66 16.46
CA CYS Y 46 14.68 -29.73 15.43
C CYS Y 46 13.26 -29.09 15.71
N VAL Y 47 13.12 -27.78 15.46
CA VAL Y 47 11.90 -27.01 15.77
C VAL Y 47 11.68 -25.90 14.70
N GLY Y 48 10.45 -25.43 14.49
CA GLY Y 48 10.18 -24.39 13.50
C GLY Y 48 8.87 -24.54 12.75
N GLU Y 49 8.87 -24.20 11.43
CA GLU Y 49 7.67 -24.33 10.59
C GLU Y 49 7.32 -25.80 10.29
N ALA Y 50 6.01 -26.06 10.26
CA ALA Y 50 5.33 -27.35 10.15
C ALA Y 50 5.94 -28.37 9.16
N GLY Y 51 6.20 -27.98 7.92
CA GLY Y 51 6.70 -28.95 6.95
C GLY Y 51 8.19 -29.11 7.01
N ASP Y 52 8.85 -27.97 7.14
CA ASP Y 52 10.28 -27.76 7.14
C ASP Y 52 11.03 -28.62 8.12
N THR Y 53 10.57 -28.70 9.38
CA THR Y 53 11.29 -29.41 10.44
C THR Y 53 11.60 -30.87 10.14
N VAL Y 54 10.62 -31.67 9.76
CA VAL Y 54 10.85 -33.09 9.50
C VAL Y 54 11.54 -33.31 8.15
N GLN Y 55 11.23 -32.48 7.14
CA GLN Y 55 11.84 -32.57 5.83
C GLN Y 55 13.35 -32.33 5.95
N PHE Y 56 13.73 -31.26 6.66
CA PHE Y 56 15.12 -30.91 6.82
C PHE Y 56 15.86 -31.92 7.70
N ALA Y 57 15.29 -32.27 8.87
CA ALA Y 57 15.92 -33.20 9.77
C ALA Y 57 16.14 -34.55 9.15
N GLU Y 58 15.14 -35.10 8.42
CA GLU Y 58 15.27 -36.39 7.78
C GLU Y 58 16.27 -36.41 6.66
N TYR Y 59 16.34 -35.35 5.83
CA TYR Y 59 17.32 -35.26 4.75
C TYR Y 59 18.74 -35.32 5.33
N ILE Y 60 19.02 -34.53 6.38
CA ILE Y 60 20.34 -34.52 7.00
C ILE Y 60 20.67 -35.92 7.56
N GLN Y 61 19.72 -36.54 8.29
CA GLN Y 61 19.82 -37.86 8.89
C GLN Y 61 20.20 -38.93 7.88
N LYS Y 62 19.52 -38.99 6.74
CA LYS Y 62 19.79 -39.97 5.71
C LYS Y 62 21.14 -39.76 5.03
N ASN Y 63 21.58 -38.50 4.91
CA ASN Y 63 22.89 -38.21 4.31
C ASN Y 63 24.03 -38.51 5.29
N VAL Y 64 23.76 -38.38 6.61
CA VAL Y 64 24.71 -38.75 7.66
C VAL Y 64 24.83 -40.30 7.71
N GLN Y 65 23.71 -41.00 7.54
CA GLN Y 65 23.66 -42.46 7.46
C GLN Y 65 24.34 -42.97 6.16
N LEU Y 66 24.28 -42.19 5.08
CA LEU Y 66 24.92 -42.51 3.81
C LEU Y 66 26.44 -42.44 3.98
N TYR Y 67 26.95 -41.45 4.74
CA TYR Y 67 28.37 -41.29 5.00
C TYR Y 67 28.90 -42.52 5.72
N LYS Y 68 28.15 -43.02 6.73
CA LYS Y 68 28.50 -44.18 7.53
C LYS Y 68 28.59 -45.40 6.62
N MET Y 69 27.60 -45.59 5.71
CA MET Y 69 27.59 -46.71 4.79
C MET Y 69 28.74 -46.66 3.76
N ARG Y 70 29.05 -45.46 3.25
CA ARG Y 70 30.12 -45.33 2.25
C ARG Y 70 31.52 -45.47 2.82
N ASN Y 71 31.75 -45.10 4.08
CA ASN Y 71 33.12 -45.09 4.64
C ASN Y 71 33.41 -46.06 5.82
N GLY Y 72 32.38 -46.66 6.40
CA GLY Y 72 32.57 -47.58 7.52
C GLY Y 72 32.74 -46.93 8.88
N TYR Y 73 32.69 -45.61 8.92
CA TYR Y 73 32.75 -44.87 10.16
C TYR Y 73 31.74 -43.72 10.09
N GLU Y 74 31.35 -43.21 11.25
CA GLU Y 74 30.40 -42.12 11.33
C GLU Y 74 31.08 -40.75 11.37
N LEU Y 75 30.34 -39.69 10.98
CA LEU Y 75 30.81 -38.30 11.04
C LEU Y 75 30.92 -37.90 12.50
N SER Y 76 31.87 -37.02 12.81
CA SER Y 76 31.99 -36.51 14.19
C SER Y 76 30.88 -35.50 14.44
N PRO Y 77 30.53 -35.20 15.71
CA PRO Y 77 29.52 -34.15 15.97
C PRO Y 77 29.82 -32.82 15.28
N THR Y 78 31.09 -32.39 15.23
CA THR Y 78 31.53 -31.16 14.55
C THR Y 78 31.26 -31.24 13.04
N ALA Y 79 31.68 -32.34 12.41
CA ALA Y 79 31.49 -32.51 10.97
C ALA Y 79 30.00 -32.55 10.61
N ALA Y 80 29.17 -33.17 11.47
CA ALA Y 80 27.72 -33.25 11.26
C ALA Y 80 27.07 -31.89 11.45
N ALA Y 81 27.53 -31.12 12.46
CA ALA Y 81 27.02 -29.78 12.73
C ALA Y 81 27.36 -28.83 11.57
N ASN Y 82 28.56 -28.97 11.01
CA ASN Y 82 29.00 -28.15 9.89
C ASN Y 82 28.33 -28.56 8.58
N PHE Y 83 28.08 -29.85 8.40
CA PHE Y 83 27.37 -30.34 7.21
C PHE Y 83 25.91 -29.82 7.28
N THR Y 84 25.29 -29.85 8.48
CA THR Y 84 23.92 -29.32 8.68
C THR Y 84 23.89 -27.82 8.35
N ARG Y 85 24.90 -27.06 8.83
CA ARG Y 85 25.01 -25.63 8.60
C ARG Y 85 25.13 -25.32 7.12
N ARG Y 86 25.98 -26.09 6.41
CA ARG Y 86 26.20 -25.88 4.97
C ARG Y 86 24.90 -26.02 4.19
N ASN Y 87 24.11 -27.06 4.46
CA ASN Y 87 22.82 -27.23 3.78
C ASN Y 87 21.83 -26.10 4.09
N LEU Y 88 21.73 -25.71 5.37
CA LEU Y 88 20.78 -24.68 5.76
C LEU Y 88 21.17 -23.33 5.17
N ALA Y 89 22.49 -23.04 5.13
CA ALA Y 89 23.00 -21.79 4.56
C ALA Y 89 22.86 -21.76 3.05
N ASP Y 90 22.99 -22.90 2.38
CA ASP Y 90 22.82 -22.98 0.92
C ASP Y 90 21.40 -22.76 0.49
N CYS Y 91 20.41 -23.12 1.31
CA CYS Y 91 19.00 -22.90 1.05
C CYS Y 91 18.52 -21.51 1.41
N LEU Y 92 19.26 -20.79 2.26
CA LEU Y 92 18.91 -19.48 2.74
C LEU Y 92 18.55 -18.49 1.63
N ARG Y 93 19.41 -18.33 0.61
CA ARG Y 93 19.11 -17.38 -0.47
C ARG Y 93 18.47 -18.05 -1.71
N SER Y 94 17.97 -19.28 -1.54
CA SER Y 94 17.35 -20.06 -2.59
C SER Y 94 15.81 -19.90 -2.60
N ARG Y 95 15.14 -20.59 -3.54
CA ARG Y 95 13.67 -20.61 -3.66
C ARG Y 95 13.03 -21.29 -2.42
N THR Y 96 13.71 -22.35 -1.92
CA THR Y 96 13.29 -23.17 -0.79
C THR Y 96 14.10 -22.96 0.56
N PRO Y 97 13.94 -21.82 1.29
CA PRO Y 97 14.62 -21.70 2.59
C PRO Y 97 13.84 -22.43 3.67
N TYR Y 98 14.51 -23.20 4.54
CA TYR Y 98 13.85 -23.92 5.61
C TYR Y 98 13.83 -23.08 6.89
N HIS Y 99 12.65 -22.91 7.48
CA HIS Y 99 12.52 -22.16 8.71
C HIS Y 99 12.62 -23.12 9.89
N VAL Y 100 13.85 -23.54 10.20
CA VAL Y 100 14.10 -24.48 11.28
C VAL Y 100 15.15 -23.93 12.24
N ASN Y 101 14.95 -24.13 13.52
CA ASN Y 101 15.85 -23.75 14.57
C ASN Y 101 16.22 -25.06 15.18
N LEU Y 102 17.52 -25.30 15.39
CA LEU Y 102 17.93 -26.61 15.89
C LEU Y 102 19.11 -26.60 16.88
N LEU Y 103 19.31 -27.75 17.54
CA LEU Y 103 20.41 -28.03 18.46
C LEU Y 103 21.02 -29.39 18.02
N LEU Y 104 22.35 -29.49 17.96
CA LEU Y 104 23.01 -30.76 17.64
C LEU Y 104 23.82 -31.10 18.86
N ALA Y 105 23.55 -32.25 19.43
CA ALA Y 105 24.26 -32.72 20.62
C ALA Y 105 25.01 -34.00 20.22
N GLY Y 106 26.28 -34.09 20.59
CA GLY Y 106 27.06 -35.26 20.23
C GLY Y 106 28.18 -35.56 21.18
N TYR Y 107 28.77 -36.74 20.99
CA TYR Y 107 29.95 -37.20 21.71
C TYR Y 107 30.97 -37.73 20.72
N ASP Y 108 32.19 -37.23 20.82
CA ASP Y 108 33.28 -37.70 19.99
C ASP Y 108 34.36 -38.32 20.89
N GLU Y 109 34.94 -39.45 20.47
CA GLU Y 109 35.97 -40.16 21.22
C GLU Y 109 37.16 -39.27 21.58
N HIS Y 110 37.53 -38.37 20.65
CA HIS Y 110 38.68 -37.48 20.80
C HIS Y 110 38.33 -36.12 21.38
N GLU Y 111 37.28 -35.47 20.86
CA GLU Y 111 36.93 -34.12 21.31
C GLU Y 111 36.04 -34.06 22.56
N GLY Y 112 35.39 -35.17 22.90
CA GLY Y 112 34.46 -35.21 24.03
C GLY Y 112 33.04 -34.77 23.68
N PRO Y 113 32.28 -34.31 24.69
CA PRO Y 113 30.88 -33.90 24.44
C PRO Y 113 30.76 -32.51 23.80
N ALA Y 114 29.73 -32.32 22.96
CA ALA Y 114 29.52 -31.04 22.29
C ALA Y 114 28.04 -30.70 22.11
N LEU Y 115 27.73 -29.40 22.24
CA LEU Y 115 26.40 -28.86 22.05
C LEU Y 115 26.46 -27.71 21.07
N TYR Y 116 25.74 -27.81 19.95
CA TYR Y 116 25.72 -26.76 18.93
C TYR Y 116 24.35 -26.15 18.78
N TYR Y 117 24.31 -24.85 18.69
CA TYR Y 117 23.10 -24.10 18.48
C TYR Y 117 23.12 -23.58 17.06
N MET Y 118 21.97 -23.68 16.39
CA MET Y 118 21.83 -23.15 15.04
C MET Y 118 20.46 -22.53 14.89
N ASP Y 119 20.41 -21.31 14.35
CA ASP Y 119 19.15 -20.65 14.07
C ASP Y 119 18.78 -20.80 12.57
N TYR Y 120 17.57 -20.41 12.18
CA TYR Y 120 17.10 -20.60 10.80
C TYR Y 120 17.97 -19.85 9.73
N LEU Y 121 18.78 -18.86 10.18
CA LEU Y 121 19.69 -18.14 9.30
C LEU Y 121 20.96 -18.95 9.02
N ALA Y 122 21.21 -20.04 9.76
CA ALA Y 122 22.35 -20.95 9.67
C ALA Y 122 23.62 -20.43 10.39
N ALA Y 123 23.46 -19.64 11.44
CA ALA Y 123 24.60 -19.22 12.27
C ALA Y 123 24.84 -20.42 13.17
N LEU Y 124 26.10 -20.80 13.36
CA LEU Y 124 26.44 -21.96 14.18
C LEU Y 124 27.33 -21.54 15.34
N ALA Y 125 26.92 -21.95 16.56
CA ALA Y 125 27.62 -21.62 17.80
C ALA Y 125 27.81 -22.86 18.69
N LYS Y 126 29.01 -23.03 19.27
CA LYS Y 126 29.24 -24.11 20.23
C LYS Y 126 28.89 -23.52 21.61
N ALA Y 127 28.08 -24.22 22.40
CA ALA Y 127 27.63 -23.69 23.67
C ALA Y 127 27.72 -24.69 24.83
N PRO Y 128 28.03 -24.21 26.05
CA PRO Y 128 27.99 -25.12 27.20
C PRO Y 128 26.52 -25.49 27.51
N PHE Y 129 25.58 -24.58 27.25
CA PHE Y 129 24.16 -24.84 27.37
C PHE Y 129 23.41 -23.92 26.41
N ALA Y 130 22.21 -24.32 25.97
CA ALA Y 130 21.44 -23.50 25.04
C ALA Y 130 19.96 -23.86 25.07
N ALA Y 131 19.08 -22.96 24.60
CA ALA Y 131 17.66 -23.25 24.51
C ALA Y 131 17.04 -22.52 23.31
N HIS Y 132 15.99 -23.12 22.76
CA HIS Y 132 15.28 -22.57 21.60
C HIS Y 132 13.79 -22.39 21.93
N GLY Y 133 13.17 -21.38 21.32
CA GLY Y 133 11.75 -21.06 21.52
C GLY Y 133 11.53 -19.92 22.47
N TYR Y 134 10.26 -19.52 22.70
CA TYR Y 134 9.94 -18.48 23.68
C TYR Y 134 10.34 -18.90 25.10
N GLY Y 135 10.34 -20.21 25.36
CA GLY Y 135 10.74 -20.76 26.64
C GLY Y 135 12.14 -20.38 27.04
N ALA Y 136 13.05 -20.22 26.05
CA ALA Y 136 14.44 -19.84 26.31
C ALA Y 136 14.52 -18.48 27.01
N PHE Y 137 13.55 -17.58 26.77
CA PHE Y 137 13.54 -16.26 27.41
C PHE Y 137 13.30 -16.39 28.94
N LEU Y 138 12.59 -17.44 29.38
CA LEU Y 138 12.31 -17.69 30.78
C LEU Y 138 13.31 -18.64 31.45
N THR Y 139 14.06 -19.42 30.68
CA THR Y 139 14.95 -20.43 31.24
C THR Y 139 16.45 -20.17 31.08
N LEU Y 140 16.87 -19.26 30.17
CA LEU Y 140 18.31 -19.01 29.96
C LEU Y 140 19.01 -18.45 31.19
N SER Y 141 18.31 -17.58 31.93
CA SER Y 141 18.84 -16.98 33.16
C SER Y 141 18.93 -18.01 34.31
N ILE Y 142 18.09 -19.05 34.30
CA ILE Y 142 18.18 -20.12 35.28
C ILE Y 142 19.50 -20.90 35.03
N LEU Y 143 19.81 -21.19 33.77
CA LEU Y 143 21.06 -21.87 33.42
C LEU Y 143 22.28 -20.96 33.68
N ASP Y 144 22.15 -19.63 33.44
CA ASP Y 144 23.25 -18.68 33.72
C ASP Y 144 23.57 -18.72 35.22
N ARG Y 145 22.52 -18.71 36.07
CA ARG Y 145 22.59 -18.76 37.52
C ARG Y 145 23.16 -20.05 38.09
N TYR Y 146 22.67 -21.21 37.65
CA TYR Y 146 23.09 -22.48 38.25
C TYR Y 146 24.15 -23.33 37.49
N TYR Y 147 24.34 -23.14 36.18
CA TYR Y 147 25.34 -23.95 35.46
C TYR Y 147 26.80 -23.63 35.85
N THR Y 148 27.59 -24.70 36.05
CA THR Y 148 29.05 -24.69 36.25
C THR Y 148 29.60 -25.76 35.27
N PRO Y 149 30.80 -25.55 34.68
CA PRO Y 149 31.31 -26.55 33.70
C PRO Y 149 31.48 -27.97 34.21
N THR Y 150 31.61 -28.15 35.52
CA THR Y 150 31.79 -29.49 36.12
C THR Y 150 30.47 -30.14 36.58
N ILE Y 151 29.32 -29.62 36.14
CA ILE Y 151 28.01 -30.11 36.56
C ILE Y 151 27.82 -31.59 36.23
N SER Y 152 27.48 -32.40 37.24
CA SER Y 152 27.27 -33.84 37.07
C SER Y 152 25.95 -34.10 36.36
N ARG Y 153 25.76 -35.27 35.73
CA ARG Y 153 24.49 -35.56 35.06
C ARG Y 153 23.31 -35.53 36.03
N GLU Y 154 23.53 -35.94 37.28
CA GLU Y 154 22.52 -35.94 38.33
C GLU Y 154 22.06 -34.51 38.61
N ARG Y 155 23.01 -33.58 38.69
CA ARG Y 155 22.76 -32.17 38.93
C ARG Y 155 22.15 -31.51 37.68
N ALA Y 156 22.57 -31.95 36.48
CA ALA Y 156 22.09 -31.44 35.20
C ALA Y 156 20.62 -31.70 35.04
N VAL Y 157 20.13 -32.89 35.45
CA VAL Y 157 18.72 -33.21 35.37
C VAL Y 157 17.91 -32.36 36.37
N GLU Y 158 18.51 -32.01 37.52
CA GLU Y 158 17.84 -31.16 38.50
C GLU Y 158 17.68 -29.76 37.92
N LEU Y 159 18.73 -29.26 37.27
CA LEU Y 159 18.75 -27.96 36.60
C LEU Y 159 17.73 -27.94 35.44
N LEU Y 160 17.68 -29.00 34.64
CA LEU Y 160 16.71 -29.15 33.57
C LEU Y 160 15.28 -29.11 34.14
N ARG Y 161 15.07 -29.76 35.27
CA ARG Y 161 13.77 -29.79 35.94
C ARG Y 161 13.40 -28.38 36.42
N LYS Y 162 14.37 -27.61 36.92
CA LYS Y 162 14.17 -26.23 37.39
C LYS Y 162 13.66 -25.36 36.21
N CYS Y 163 14.22 -25.59 34.99
CA CYS Y 163 13.88 -24.86 33.77
C CYS Y 163 12.46 -25.25 33.33
N LEU Y 164 12.19 -26.55 33.31
CA LEU Y 164 10.88 -27.03 32.90
C LEU Y 164 9.78 -26.64 33.88
N GLU Y 165 10.12 -26.46 35.17
CA GLU Y 165 9.15 -26.02 36.17
C GLU Y 165 8.79 -24.56 35.95
N GLU Y 166 9.79 -23.74 35.55
CA GLU Y 166 9.57 -22.33 35.25
C GLU Y 166 8.59 -22.16 34.10
N LEU Y 167 8.66 -23.03 33.07
CA LEU Y 167 7.71 -22.96 31.96
C LEU Y 167 6.28 -23.26 32.43
N GLN Y 168 6.12 -24.27 33.30
CA GLN Y 168 4.80 -24.60 33.85
C GLN Y 168 4.20 -23.47 34.62
N LYS Y 169 5.06 -22.72 35.36
CA LYS Y 169 4.72 -21.59 36.20
C LYS Y 169 4.40 -20.29 35.43
N ARG Y 170 5.26 -19.90 34.46
CA ARG Y 170 5.16 -18.62 33.76
C ARG Y 170 4.86 -18.64 32.29
N PHE Y 171 5.16 -19.72 31.56
CA PHE Y 171 4.92 -19.72 30.12
C PHE Y 171 3.41 -19.92 29.86
N ILE Y 172 2.81 -19.06 29.01
CA ILE Y 172 1.39 -19.15 28.69
C ILE Y 172 1.01 -20.41 27.90
N LEU Y 173 1.98 -21.11 27.29
CA LEU Y 173 1.66 -22.33 26.54
C LEU Y 173 1.70 -23.56 27.40
N ASN Y 174 0.81 -24.52 27.12
CA ASN Y 174 0.66 -25.73 27.90
C ASN Y 174 2.01 -26.46 28.14
N LEU Y 175 2.59 -27.16 27.14
CA LEU Y 175 3.86 -27.91 27.31
C LEU Y 175 3.96 -28.75 28.61
N PRO Y 176 3.12 -29.80 28.81
CA PRO Y 176 3.18 -30.55 30.07
C PRO Y 176 4.27 -31.62 30.17
N THR Y 177 4.65 -32.25 29.05
CA THR Y 177 5.65 -33.32 29.04
C THR Y 177 6.89 -33.00 28.17
N PHE Y 178 8.03 -33.59 28.53
CA PHE Y 178 9.28 -33.34 27.83
C PHE Y 178 10.09 -34.63 27.60
N SER Y 179 10.59 -34.84 26.38
CA SER Y 179 11.47 -35.97 26.05
C SER Y 179 12.85 -35.64 26.65
N VAL Y 180 13.52 -36.61 27.28
CA VAL Y 180 14.84 -36.38 27.89
C VAL Y 180 15.79 -37.48 27.48
N ARG Y 181 16.95 -37.11 26.95
CA ARG Y 181 17.98 -38.04 26.52
C ARG Y 181 19.37 -37.49 26.88
N ILE Y 182 20.32 -38.40 27.08
CA ILE Y 182 21.70 -38.01 27.40
C ILE Y 182 22.66 -38.81 26.54
N ILE Y 183 23.72 -38.18 26.04
CA ILE Y 183 24.71 -38.85 25.17
C ILE Y 183 26.07 -38.88 25.89
N ASP Y 184 26.81 -39.98 25.83
CA ASP Y 184 28.14 -40.07 26.44
C ASP Y 184 29.05 -41.01 25.62
N LYS Y 185 30.14 -41.56 26.19
CA LYS Y 185 30.99 -42.48 25.45
C LYS Y 185 30.24 -43.78 25.05
N ASN Y 186 29.08 -44.08 25.66
CA ASN Y 186 28.32 -45.27 25.30
C ASN Y 186 27.08 -45.01 24.46
N GLY Y 187 27.04 -43.88 23.78
CA GLY Y 187 25.92 -43.55 22.91
C GLY Y 187 24.78 -42.78 23.56
N ILE Y 188 23.59 -42.87 22.93
CA ILE Y 188 22.36 -42.16 23.31
C ILE Y 188 21.54 -42.98 24.30
N HIS Y 189 21.28 -42.42 25.46
CA HIS Y 189 20.54 -43.09 26.51
C HIS Y 189 19.22 -42.38 26.76
N ASP Y 190 18.12 -43.11 26.70
CA ASP Y 190 16.80 -42.55 26.99
C ASP Y 190 16.59 -42.44 28.50
N LEU Y 191 16.23 -41.24 28.96
CA LEU Y 191 15.90 -41.04 30.37
C LEU Y 191 14.38 -40.95 30.48
N ASP Y 192 13.85 -40.92 31.72
CA ASP Y 192 12.40 -40.81 31.90
C ASP Y 192 11.97 -39.41 31.48
N ASN Y 193 10.77 -39.30 30.90
CA ASN Y 193 10.21 -38.02 30.50
C ASN Y 193 9.95 -37.17 31.74
N ILE Y 194 10.05 -35.85 31.61
CA ILE Y 194 9.69 -34.97 32.71
C ILE Y 194 8.21 -34.68 32.50
N SER Y 195 7.37 -34.96 33.50
CA SER Y 195 5.93 -34.77 33.37
C SER Y 195 5.37 -33.97 34.53
N PHE Y 196 4.31 -33.19 34.27
CA PHE Y 196 3.69 -32.35 35.29
C PHE Y 196 2.16 -32.61 35.32
N PRO Y 197 1.60 -32.80 36.53
CA PRO Y 197 0.16 -33.14 36.63
C PRO Y 197 -0.78 -32.02 36.22
N THR Z 1 -16.14 -28.32 7.13
CA THR Z 1 -15.92 -29.75 7.19
C THR Z 1 -15.58 -30.21 8.59
N THR Z 2 -15.94 -31.44 8.92
CA THR Z 2 -15.53 -32.08 10.18
C THR Z 2 -15.19 -33.51 9.84
N THR Z 3 -13.94 -33.89 10.11
CA THR Z 3 -13.51 -35.26 9.92
C THR Z 3 -12.91 -35.73 11.23
N LEU Z 4 -13.11 -36.99 11.59
CA LEU Z 4 -12.56 -37.54 12.83
C LEU Z 4 -12.18 -38.99 12.60
N ALA Z 5 -11.20 -39.46 13.37
CA ALA Z 5 -10.77 -40.85 13.33
C ALA Z 5 -10.12 -41.21 14.64
N PHE Z 6 -10.42 -42.40 15.14
CA PHE Z 6 -9.84 -42.87 16.40
C PHE Z 6 -9.63 -44.39 16.37
N LYS Z 7 -8.51 -44.85 16.94
CA LYS Z 7 -8.21 -46.27 17.09
C LYS Z 7 -8.83 -46.73 18.40
N PHE Z 8 -9.33 -47.94 18.41
CA PHE Z 8 -9.90 -48.54 19.59
C PHE Z 8 -9.61 -50.05 19.60
N GLN Z 9 -10.17 -50.80 20.56
CA GLN Z 9 -9.97 -52.23 20.71
C GLN Z 9 -10.26 -53.01 19.41
N HIS Z 10 -11.31 -52.60 18.68
CA HIS Z 10 -11.75 -53.32 17.51
C HIS Z 10 -11.35 -52.69 16.18
N GLY Z 11 -10.31 -51.87 16.17
CA GLY Z 11 -9.84 -51.27 14.93
C GLY Z 11 -9.83 -49.75 14.90
N VAL Z 12 -10.24 -49.16 13.77
CA VAL Z 12 -10.24 -47.71 13.61
C VAL Z 12 -11.60 -47.24 13.12
N ILE Z 13 -12.18 -46.24 13.79
CA ILE Z 13 -13.43 -45.63 13.33
C ILE Z 13 -13.05 -44.40 12.48
N ALA Z 14 -13.75 -44.13 11.36
CA ALA Z 14 -13.43 -42.96 10.53
C ALA Z 14 -14.75 -42.31 10.11
N ALA Z 15 -15.02 -41.06 10.51
CA ALA Z 15 -16.27 -40.39 10.13
C ALA Z 15 -16.06 -38.97 9.57
N VAL Z 16 -16.93 -38.58 8.61
CA VAL Z 16 -16.88 -37.28 7.96
C VAL Z 16 -18.27 -36.67 7.81
N ASP Z 17 -18.35 -35.35 7.66
CA ASP Z 17 -19.62 -34.68 7.35
C ASP Z 17 -19.71 -34.67 5.79
N SER Z 18 -20.70 -33.94 5.20
CA SER Z 18 -20.82 -33.93 3.74
C SER Z 18 -21.02 -32.57 3.11
N ARG Z 19 -20.85 -31.48 3.84
CA ARG Z 19 -21.08 -30.13 3.31
C ARG Z 19 -19.93 -29.53 2.53
N ALA Z 20 -20.25 -28.86 1.41
CA ALA Z 20 -19.32 -28.07 0.60
C ALA Z 20 -19.88 -26.65 0.57
N SER Z 21 -19.02 -25.65 0.78
CA SER Z 21 -19.47 -24.26 0.78
C SER Z 21 -18.66 -23.40 -0.19
N ALA Z 22 -19.37 -22.55 -0.94
CA ALA Z 22 -18.79 -21.53 -1.78
C ALA Z 22 -19.10 -20.23 -1.00
N GLY Z 23 -18.21 -19.87 -0.06
CA GLY Z 23 -18.41 -18.72 0.81
C GLY Z 23 -19.49 -19.09 1.81
N SER Z 24 -20.58 -18.30 1.88
CA SER Z 24 -21.69 -18.65 2.77
C SER Z 24 -22.77 -19.53 2.05
N TYR Z 25 -22.65 -19.76 0.74
CA TYR Z 25 -23.58 -20.55 -0.03
C TYR Z 25 -23.25 -22.02 0.11
N ILE Z 26 -24.25 -22.89 0.35
CA ILE Z 26 -23.97 -24.32 0.45
C ILE Z 26 -23.99 -24.87 -0.97
N SER Z 27 -22.80 -25.06 -1.58
CA SER Z 27 -22.71 -25.50 -2.95
C SER Z 27 -23.09 -26.97 -3.15
N ALA Z 28 -22.93 -27.81 -2.10
CA ALA Z 28 -23.29 -29.24 -2.11
C ALA Z 28 -23.66 -29.64 -0.69
N LEU Z 29 -24.80 -30.30 -0.53
CA LEU Z 29 -25.27 -30.73 0.78
C LEU Z 29 -24.67 -32.09 1.18
N ARG Z 30 -24.39 -32.95 0.17
CA ARG Z 30 -23.84 -34.28 0.34
C ARG Z 30 -22.72 -34.61 -0.65
N VAL Z 31 -21.45 -34.38 -0.26
CA VAL Z 31 -20.26 -34.82 -0.98
C VAL Z 31 -19.63 -35.96 -0.16
N ASN Z 32 -18.95 -36.89 -0.87
CA ASN Z 32 -18.24 -37.97 -0.21
C ASN Z 32 -16.85 -37.41 0.17
N LYS Z 33 -16.58 -37.28 1.47
CA LYS Z 33 -15.27 -36.78 1.93
C LYS Z 33 -14.33 -37.93 2.34
N VAL Z 34 -14.61 -39.17 1.89
CA VAL Z 34 -13.75 -40.33 2.15
C VAL Z 34 -13.40 -40.95 0.80
N ILE Z 35 -12.13 -41.26 0.60
CA ILE Z 35 -11.67 -41.99 -0.57
C ILE Z 35 -11.37 -43.43 -0.13
N GLU Z 36 -11.87 -44.43 -0.88
CA GLU Z 36 -11.58 -45.83 -0.59
C GLU Z 36 -10.44 -46.24 -1.55
N ILE Z 37 -9.20 -46.27 -1.04
CA ILE Z 37 -8.05 -46.56 -1.89
C ILE Z 37 -8.01 -48.05 -2.28
N ASN Z 38 -8.24 -48.90 -1.29
CA ASN Z 38 -8.32 -50.34 -1.43
C ASN Z 38 -9.16 -50.91 -0.24
N PRO Z 39 -9.45 -52.24 -0.15
CA PRO Z 39 -10.27 -52.73 0.98
C PRO Z 39 -9.65 -52.56 2.37
N TYR Z 40 -8.38 -52.17 2.46
CA TYR Z 40 -7.69 -51.99 3.73
C TYR Z 40 -7.08 -50.57 3.88
N LEU Z 41 -7.53 -49.59 3.05
CA LEU Z 41 -6.95 -48.24 3.07
C LEU Z 41 -7.97 -47.16 2.72
N LEU Z 42 -8.25 -46.26 3.68
CA LEU Z 42 -9.16 -45.12 3.53
C LEU Z 42 -8.42 -43.81 3.75
N GLY Z 43 -8.97 -42.73 3.16
CA GLY Z 43 -8.47 -41.38 3.35
C GLY Z 43 -9.61 -40.40 3.58
N THR Z 44 -9.63 -39.72 4.75
CA THR Z 44 -10.63 -38.67 4.99
C THR Z 44 -10.11 -37.38 4.32
N MET Z 45 -11.01 -36.46 3.97
CA MET Z 45 -10.62 -35.24 3.24
C MET Z 45 -11.24 -33.95 3.82
N SER Z 46 -10.45 -32.90 3.92
CA SER Z 46 -10.90 -31.58 4.33
C SER Z 46 -10.02 -30.50 3.69
N GLY Z 47 -10.56 -29.30 3.54
CA GLY Z 47 -9.82 -28.20 2.93
C GLY Z 47 -10.38 -27.82 1.58
N CYS Z 48 -9.50 -27.68 0.57
CA CYS Z 48 -9.94 -27.35 -0.78
C CYS Z 48 -10.38 -28.63 -1.46
N ALA Z 49 -11.68 -28.76 -1.78
CA ALA Z 49 -12.23 -29.94 -2.44
C ALA Z 49 -11.42 -30.48 -3.64
N ALA Z 50 -11.02 -29.61 -4.60
CA ALA Z 50 -10.27 -30.04 -5.77
C ALA Z 50 -8.89 -30.60 -5.37
N ASP Z 51 -8.19 -29.95 -4.43
CA ASP Z 51 -6.89 -30.41 -3.94
C ASP Z 51 -7.02 -31.77 -3.32
N CYS Z 52 -8.00 -31.96 -2.42
CA CYS Z 52 -8.29 -33.25 -1.78
C CYS Z 52 -8.51 -34.33 -2.83
N GLN Z 53 -9.48 -34.12 -3.73
CA GLN Z 53 -9.82 -35.13 -4.72
C GLN Z 53 -8.69 -35.51 -5.65
N TYR Z 54 -7.93 -34.54 -6.16
CA TYR Z 54 -6.80 -34.80 -7.04
C TYR Z 54 -5.65 -35.51 -6.31
N TRP Z 55 -5.19 -34.98 -5.18
CA TRP Z 55 -4.03 -35.54 -4.49
C TRP Z 55 -4.30 -36.90 -3.86
N GLU Z 56 -5.49 -37.10 -3.30
CA GLU Z 56 -5.84 -38.40 -2.73
C GLU Z 56 -6.03 -39.45 -3.89
N ARG Z 57 -6.53 -39.02 -5.04
CA ARG Z 57 -6.65 -39.94 -6.20
C ARG Z 57 -5.26 -40.26 -6.80
N LEU Z 58 -4.31 -39.32 -6.66
CA LEU Z 58 -2.93 -39.49 -7.09
C LEU Z 58 -2.20 -40.44 -6.13
N LEU Z 59 -2.54 -40.38 -4.82
CA LEU Z 59 -2.00 -41.31 -3.83
C LEU Z 59 -2.58 -42.71 -4.18
N ALA Z 60 -3.89 -42.82 -4.49
CA ALA Z 60 -4.56 -44.06 -4.86
C ALA Z 60 -3.90 -44.73 -6.07
N LYS Z 61 -3.61 -43.94 -7.13
CA LYS Z 61 -2.90 -44.44 -8.31
C LYS Z 61 -1.51 -44.98 -7.91
N GLU Z 62 -0.78 -44.27 -7.02
CA GLU Z 62 0.55 -44.72 -6.60
C GLU Z 62 0.50 -46.00 -5.75
N CYS Z 63 -0.56 -46.15 -4.94
CA CYS Z 63 -0.79 -47.33 -4.11
C CYS Z 63 -1.08 -48.51 -5.06
N ARG Z 64 -1.89 -48.27 -6.10
CA ARG Z 64 -2.25 -49.28 -7.08
C ARG Z 64 -0.98 -49.74 -7.82
N LEU Z 65 -0.11 -48.80 -8.20
CA LEU Z 65 1.15 -49.10 -8.85
C LEU Z 65 2.05 -49.95 -7.94
N TYR Z 66 2.05 -49.66 -6.65
CA TYR Z 66 2.83 -50.43 -5.69
C TYR Z 66 2.35 -51.88 -5.64
N TYR Z 67 1.02 -52.12 -5.70
CA TYR Z 67 0.48 -53.47 -5.65
C TYR Z 67 0.83 -54.27 -6.90
N LEU Z 68 0.75 -53.62 -8.08
CA LEU Z 68 1.10 -54.29 -9.33
C LEU Z 68 2.59 -54.63 -9.33
N ARG Z 69 3.45 -53.72 -8.83
CA ARG Z 69 4.89 -53.91 -8.81
C ARG Z 69 5.37 -54.93 -7.79
N ASN Z 70 4.68 -55.07 -6.66
CA ASN Z 70 5.17 -55.94 -5.59
C ASN Z 70 4.25 -57.10 -5.18
N GLY Z 71 3.09 -57.21 -5.81
CA GLY Z 71 2.11 -58.24 -5.51
C GLY Z 71 1.67 -58.26 -4.06
N GLU Z 72 1.69 -57.09 -3.44
CA GLU Z 72 1.39 -56.88 -2.04
C GLU Z 72 0.88 -55.43 -1.87
N ARG Z 73 0.03 -55.19 -0.87
CA ARG Z 73 -0.49 -53.85 -0.62
C ARG Z 73 0.53 -52.98 0.10
N ILE Z 74 0.46 -51.65 -0.12
CA ILE Z 74 1.33 -50.69 0.54
C ILE Z 74 0.99 -50.58 2.03
N SER Z 75 1.98 -50.25 2.87
CA SER Z 75 1.71 -50.05 4.29
C SER Z 75 1.08 -48.64 4.48
N VAL Z 76 0.36 -48.45 5.60
CA VAL Z 76 -0.26 -47.18 5.96
C VAL Z 76 0.81 -46.11 6.19
N SER Z 77 1.99 -46.50 6.74
CA SER Z 77 3.08 -45.56 6.94
C SER Z 77 3.66 -45.09 5.60
N ALA Z 78 3.80 -45.97 4.63
CA ALA Z 78 4.36 -45.64 3.33
C ALA Z 78 3.37 -44.83 2.50
N ALA Z 79 2.06 -45.10 2.62
CA ALA Z 79 1.04 -44.37 1.85
C ALA Z 79 0.91 -42.98 2.41
N SER Z 80 0.84 -42.85 3.75
CA SER Z 80 0.79 -41.52 4.36
C SER Z 80 2.06 -40.70 4.05
N LYS Z 81 3.22 -41.37 3.93
CA LYS Z 81 4.49 -40.74 3.61
C LYS Z 81 4.52 -40.24 2.18
N LEU Z 82 4.01 -41.04 1.23
CA LEU Z 82 3.89 -40.67 -0.17
C LEU Z 82 3.08 -39.37 -0.31
N LEU Z 83 1.87 -39.29 0.29
CA LEU Z 83 1.04 -38.09 0.29
C LEU Z 83 1.76 -36.87 0.93
N SER Z 84 2.39 -37.08 2.07
CA SER Z 84 3.14 -36.04 2.76
C SER Z 84 4.24 -35.42 1.86
N ASN Z 85 4.96 -36.25 1.07
CA ASN Z 85 5.97 -35.79 0.13
C ASN Z 85 5.37 -35.00 -1.03
N MET Z 86 4.17 -35.41 -1.52
CA MET Z 86 3.42 -34.70 -2.56
C MET Z 86 3.12 -33.25 -2.06
N MET Z 87 2.72 -33.13 -0.78
CA MET Z 87 2.43 -31.82 -0.17
C MET Z 87 3.69 -30.96 -0.02
N CYS Z 88 4.83 -31.57 0.41
CA CYS Z 88 6.11 -30.88 0.56
C CYS Z 88 6.59 -30.32 -0.77
N GLN Z 89 6.41 -31.08 -1.85
CA GLN Z 89 6.77 -30.69 -3.20
C GLN Z 89 6.04 -29.39 -3.64
N TYR Z 90 4.81 -29.17 -3.12
CA TYR Z 90 4.01 -28.00 -3.46
C TYR Z 90 3.84 -27.00 -2.31
N ARG Z 91 4.76 -27.01 -1.33
CA ARG Z 91 4.67 -26.11 -0.20
C ARG Z 91 4.77 -24.65 -0.66
N GLY Z 92 3.98 -23.78 -0.06
CA GLY Z 92 3.95 -22.38 -0.44
C GLY Z 92 3.06 -22.07 -1.64
N MET Z 93 2.57 -23.12 -2.34
CA MET Z 93 1.71 -22.99 -3.51
C MET Z 93 0.23 -22.70 -3.22
N GLY Z 94 -0.17 -22.79 -1.97
CA GLY Z 94 -1.56 -22.51 -1.60
C GLY Z 94 -2.50 -23.69 -1.62
N LEU Z 95 -1.96 -24.92 -1.56
CA LEU Z 95 -2.81 -26.09 -1.44
C LEU Z 95 -3.46 -26.08 -0.06
N SER Z 96 -4.63 -26.69 0.05
CA SER Z 96 -5.33 -26.77 1.32
C SER Z 96 -5.87 -28.17 1.39
N MET Z 97 -5.27 -29.02 2.22
CA MET Z 97 -5.71 -30.39 2.34
C MET Z 97 -5.33 -31.03 3.65
N GLY Z 98 -6.31 -31.33 4.47
CA GLY Z 98 -6.11 -32.05 5.70
C GLY Z 98 -6.66 -33.44 5.51
N SER Z 99 -5.88 -34.46 5.84
CA SER Z 99 -6.38 -35.83 5.68
C SER Z 99 -5.89 -36.81 6.71
N MET Z 100 -6.69 -37.83 6.93
CA MET Z 100 -6.29 -38.92 7.81
C MET Z 100 -6.27 -40.21 7.03
N ILE Z 101 -5.10 -40.82 6.95
CA ILE Z 101 -4.90 -42.08 6.26
C ILE Z 101 -4.99 -43.18 7.27
N CYS Z 102 -6.06 -43.91 7.13
CA CYS Z 102 -6.46 -44.91 8.07
C CYS Z 102 -6.49 -46.31 7.37
N GLY Z 103 -5.90 -47.31 8.00
CA GLY Z 103 -5.84 -48.65 7.42
C GLY Z 103 -5.40 -49.77 8.36
N TRP Z 104 -5.09 -50.93 7.80
CA TRP Z 104 -4.63 -52.09 8.56
C TRP Z 104 -3.56 -52.77 7.72
N ASP Z 105 -2.35 -52.87 8.25
CA ASP Z 105 -1.24 -53.48 7.54
C ASP Z 105 -0.59 -54.61 8.39
N LYS Z 106 0.67 -54.97 8.10
CA LYS Z 106 1.41 -55.97 8.87
C LYS Z 106 1.68 -55.51 10.30
N LYS Z 107 1.58 -54.19 10.59
CA LYS Z 107 1.77 -53.65 11.95
C LYS Z 107 0.43 -53.37 12.68
N GLY Z 108 -0.67 -53.97 12.21
CA GLY Z 108 -1.99 -53.76 12.80
C GLY Z 108 -2.67 -52.49 12.32
N PRO Z 109 -3.61 -51.93 13.11
CA PRO Z 109 -4.30 -50.71 12.66
C PRO Z 109 -3.38 -49.50 12.63
N GLY Z 110 -3.51 -48.73 11.55
CA GLY Z 110 -2.73 -47.52 11.32
C GLY Z 110 -3.62 -46.31 11.09
N LEU Z 111 -3.23 -45.16 11.67
CA LEU Z 111 -3.92 -43.87 11.55
C LEU Z 111 -2.87 -42.76 11.55
N TYR Z 112 -2.78 -42.03 10.42
CA TYR Z 112 -1.83 -40.93 10.23
C TYR Z 112 -2.54 -39.66 9.81
N TYR Z 113 -2.08 -38.52 10.34
CA TYR Z 113 -2.61 -37.20 9.96
C TYR Z 113 -1.59 -36.61 8.97
N VAL Z 114 -2.05 -36.11 7.82
CA VAL Z 114 -1.20 -35.47 6.81
C VAL Z 114 -1.83 -34.09 6.40
N ASP Z 115 -1.02 -33.04 6.32
CA ASP Z 115 -1.30 -31.62 6.05
C ASP Z 115 -0.80 -31.21 4.68
N GLU Z 116 -1.27 -30.05 4.19
CA GLU Z 116 -0.68 -29.43 2.99
C GLU Z 116 0.76 -28.81 3.30
N HIS Z 117 1.15 -28.71 4.59
CA HIS Z 117 2.51 -28.26 4.92
C HIS Z 117 3.50 -29.44 4.84
N GLY Z 118 3.01 -30.68 4.85
CA GLY Z 118 3.87 -31.84 4.90
C GLY Z 118 3.88 -32.50 6.27
N THR Z 119 3.11 -31.97 7.25
CA THR Z 119 2.98 -32.55 8.58
C THR Z 119 2.45 -33.98 8.45
N ARG Z 120 3.05 -34.91 9.17
CA ARG Z 120 2.68 -36.31 9.10
C ARG Z 120 2.86 -36.91 10.49
N LEU Z 121 1.73 -37.13 11.18
CA LEU Z 121 1.77 -37.64 12.53
C LEU Z 121 1.03 -38.95 12.64
N SER Z 122 1.64 -39.96 13.24
CA SER Z 122 0.95 -41.19 13.59
C SER Z 122 0.31 -40.86 14.97
N GLY Z 123 -0.77 -41.52 15.30
CA GLY Z 123 -1.48 -41.29 16.56
C GLY Z 123 -2.76 -42.11 16.62
N ASN Z 124 -3.45 -42.13 17.79
CA ASN Z 124 -4.65 -42.94 17.86
C ASN Z 124 -5.94 -42.11 17.94
N MET Z 125 -5.87 -40.81 17.67
CA MET Z 125 -7.05 -39.97 17.54
C MET Z 125 -6.69 -38.65 16.90
N PHE Z 126 -7.43 -38.27 15.84
CA PHE Z 126 -7.29 -36.98 15.14
C PHE Z 126 -8.67 -36.47 14.66
N SER Z 127 -8.76 -35.15 14.41
CA SER Z 127 -9.93 -34.49 13.88
C SER Z 127 -9.49 -33.30 13.05
N THR Z 128 -10.00 -33.15 11.81
CA THR Z 128 -9.62 -32.06 10.90
C THR Z 128 -10.87 -31.28 10.40
N GLY Z 129 -10.66 -30.08 9.85
CA GLY Z 129 -11.73 -29.27 9.30
C GLY Z 129 -12.14 -28.14 10.20
N SER Z 130 -12.97 -27.23 9.68
CA SER Z 130 -13.48 -26.09 10.42
C SER Z 130 -14.22 -26.48 11.71
N GLY Z 131 -14.82 -27.69 11.76
CA GLY Z 131 -15.54 -28.12 12.96
C GLY Z 131 -14.76 -29.06 13.86
N ASN Z 132 -13.45 -29.25 13.60
CA ASN Z 132 -12.61 -30.17 14.38
C ASN Z 132 -12.64 -29.95 15.93
N THR Z 133 -12.66 -28.70 16.43
CA THR Z 133 -12.68 -28.44 17.88
C THR Z 133 -13.94 -29.02 18.56
N TYR Z 134 -15.09 -28.92 17.90
CA TYR Z 134 -16.36 -29.43 18.41
C TYR Z 134 -16.36 -30.95 18.44
N ALA Z 135 -15.75 -31.59 17.41
CA ALA Z 135 -15.61 -33.04 17.35
C ALA Z 135 -14.65 -33.54 18.44
N TYR Z 136 -13.56 -32.80 18.72
CA TYR Z 136 -12.60 -33.16 19.76
C TYR Z 136 -13.24 -33.17 21.13
N GLY Z 137 -14.03 -32.14 21.47
CA GLY Z 137 -14.72 -32.06 22.74
C GLY Z 137 -15.58 -33.28 23.04
N VAL Z 138 -16.42 -33.69 22.08
CA VAL Z 138 -17.31 -34.84 22.24
C VAL Z 138 -16.55 -36.18 22.26
N MET Z 139 -15.67 -36.35 21.31
CA MET Z 139 -14.85 -37.54 21.12
C MET Z 139 -13.98 -37.76 22.36
N ASP Z 140 -13.34 -36.70 22.90
CA ASP Z 140 -12.49 -36.82 24.07
C ASP Z 140 -13.26 -37.20 25.34
N SER Z 141 -14.46 -36.64 25.52
CA SER Z 141 -15.33 -36.88 26.67
C SER Z 141 -15.86 -38.32 26.77
N GLY Z 142 -16.20 -38.91 25.63
CA GLY Z 142 -16.75 -40.26 25.63
C GLY Z 142 -15.80 -41.38 25.25
N TYR Z 143 -14.51 -41.05 25.07
CA TYR Z 143 -13.55 -42.05 24.65
C TYR Z 143 -13.01 -42.94 25.74
N ARG Z 144 -12.93 -44.23 25.42
CA ARG Z 144 -12.31 -45.30 26.18
C ARG Z 144 -11.68 -46.21 25.14
N PRO Z 145 -10.44 -46.72 25.30
CA PRO Z 145 -9.89 -47.64 24.28
C PRO Z 145 -10.70 -48.93 24.14
N ASN Z 146 -11.41 -49.32 25.19
CA ASN Z 146 -12.23 -50.54 25.24
C ASN Z 146 -13.72 -50.31 24.90
N LEU Z 147 -14.02 -49.40 23.96
CA LEU Z 147 -15.39 -49.16 23.52
C LEU Z 147 -15.82 -50.34 22.64
N SER Z 148 -17.08 -50.75 22.73
CA SER Z 148 -17.60 -51.81 21.87
C SER Z 148 -17.80 -51.24 20.46
N PRO Z 149 -17.96 -52.06 19.39
CA PRO Z 149 -18.21 -51.48 18.05
C PRO Z 149 -19.39 -50.49 18.07
N GLU Z 150 -20.56 -50.87 18.62
CA GLU Z 150 -21.72 -49.98 18.71
C GLU Z 150 -21.50 -48.74 19.57
N GLU Z 151 -20.67 -48.84 20.63
CA GLU Z 151 -20.34 -47.68 21.46
C GLU Z 151 -19.42 -46.71 20.72
N ALA Z 152 -18.56 -47.24 19.82
CA ALA Z 152 -17.64 -46.45 19.00
C ALA Z 152 -18.41 -45.76 17.89
N TYR Z 153 -19.36 -46.47 17.26
CA TYR Z 153 -20.21 -45.89 16.19
C TYR Z 153 -21.04 -44.72 16.74
N ASP Z 154 -21.45 -44.81 18.00
CA ASP Z 154 -22.24 -43.76 18.62
C ASP Z 154 -21.40 -42.53 18.87
N LEU Z 155 -20.13 -42.73 19.30
CA LEU Z 155 -19.18 -41.65 19.58
C LEU Z 155 -18.81 -40.90 18.29
N GLY Z 156 -18.56 -41.65 17.22
CA GLY Z 156 -18.23 -41.05 15.94
C GLY Z 156 -19.38 -40.23 15.36
N ARG Z 157 -20.56 -40.84 15.31
CA ARG Z 157 -21.75 -40.17 14.79
C ARG Z 157 -22.11 -38.96 15.64
N ARG Z 158 -21.92 -39.04 16.97
CA ARG Z 158 -22.21 -37.91 17.85
C ARG Z 158 -21.20 -36.78 17.70
N ALA Z 159 -19.88 -37.07 17.64
CA ALA Z 159 -18.88 -36.01 17.47
C ALA Z 159 -19.11 -35.21 16.18
N ILE Z 160 -19.45 -35.88 15.08
CA ILE Z 160 -19.75 -35.24 13.82
C ILE Z 160 -21.09 -34.51 13.88
N ALA Z 161 -22.19 -35.12 14.40
CA ALA Z 161 -23.47 -34.41 14.52
C ALA Z 161 -23.38 -33.14 15.38
N TYR Z 162 -22.68 -33.23 16.50
CA TYR Z 162 -22.50 -32.07 17.37
C TYR Z 162 -21.60 -30.99 16.72
N ALA Z 163 -20.60 -31.40 15.90
CA ALA Z 163 -19.78 -30.42 15.19
C ALA Z 163 -20.60 -29.70 14.14
N THR Z 164 -21.52 -30.43 13.45
CA THR Z 164 -22.36 -29.83 12.40
C THR Z 164 -23.36 -28.80 12.94
N HIS Z 165 -23.78 -28.98 14.19
CA HIS Z 165 -24.69 -28.08 14.87
C HIS Z 165 -24.01 -26.74 15.16
N ARG Z 166 -22.75 -26.73 15.62
CA ARG Z 166 -22.06 -25.48 15.96
C ARG Z 166 -21.30 -24.83 14.80
N ASP Z 167 -20.72 -25.64 13.92
CA ASP Z 167 -19.97 -25.15 12.76
C ASP Z 167 -20.88 -24.98 11.53
N SER Z 168 -21.01 -23.73 11.04
CA SER Z 168 -21.80 -23.41 9.87
C SER Z 168 -21.25 -24.02 8.56
N TYR Z 169 -19.97 -24.38 8.54
CA TYR Z 169 -19.35 -24.98 7.36
C TYR Z 169 -19.36 -26.53 7.40
N SER Z 170 -20.07 -27.14 8.37
CA SER Z 170 -20.27 -28.58 8.49
C SER Z 170 -21.77 -28.88 8.53
N GLY Z 171 -22.18 -29.97 7.88
CA GLY Z 171 -23.56 -30.41 7.86
C GLY Z 171 -23.81 -31.56 6.90
N GLY Z 172 -25.07 -31.88 6.66
CA GLY Z 172 -25.44 -32.95 5.73
C GLY Z 172 -25.65 -34.30 6.36
N VAL Z 173 -24.76 -35.26 6.04
CA VAL Z 173 -24.78 -36.63 6.57
C VAL Z 173 -23.43 -37.02 7.21
N VAL Z 174 -23.45 -38.06 8.07
CA VAL Z 174 -22.23 -38.60 8.69
C VAL Z 174 -21.93 -39.82 7.87
N ASN Z 175 -20.73 -39.90 7.32
CA ASN Z 175 -20.33 -41.11 6.60
C ASN Z 175 -19.30 -41.78 7.50
N MET Z 176 -19.65 -42.93 8.08
CA MET Z 176 -18.77 -43.60 9.00
C MET Z 176 -18.29 -44.95 8.51
N TYR Z 177 -17.01 -45.24 8.74
CA TYR Z 177 -16.36 -46.48 8.36
C TYR Z 177 -15.72 -47.13 9.59
N HIS Z 178 -15.62 -48.45 9.60
CA HIS Z 178 -14.99 -49.19 10.67
C HIS Z 178 -13.92 -50.03 10.00
N MET Z 179 -12.66 -49.76 10.31
CA MET Z 179 -11.51 -50.47 9.77
C MET Z 179 -11.18 -51.69 10.63
N LYS Z 180 -11.55 -52.88 10.14
CA LYS Z 180 -11.32 -54.16 10.81
C LYS Z 180 -10.09 -54.86 10.21
N GLU Z 181 -9.60 -55.95 10.84
CA GLU Z 181 -8.43 -56.72 10.39
C GLU Z 181 -8.58 -57.28 8.97
N ASP Z 182 -9.81 -57.57 8.58
CA ASP Z 182 -10.13 -58.09 7.27
C ASP Z 182 -10.67 -56.97 6.33
N GLY Z 183 -10.26 -55.73 6.56
CA GLY Z 183 -10.68 -54.59 5.75
C GLY Z 183 -11.74 -53.69 6.35
N TRP Z 184 -11.98 -52.53 5.72
CA TRP Z 184 -13.01 -51.59 6.20
C TRP Z 184 -14.42 -52.04 5.84
N VAL Z 185 -15.42 -51.51 6.57
CA VAL Z 185 -16.83 -51.68 6.31
C VAL Z 185 -17.46 -50.29 6.42
N LYS Z 186 -18.30 -49.90 5.45
CA LYS Z 186 -19.00 -48.63 5.58
C LYS Z 186 -20.16 -48.86 6.54
N VAL Z 187 -20.06 -48.33 7.75
CA VAL Z 187 -21.08 -48.48 8.79
C VAL Z 187 -22.41 -47.81 8.42
N GLU Z 188 -22.42 -46.48 8.16
CA GLU Z 188 -23.65 -45.78 7.84
C GLU Z 188 -23.43 -44.44 7.12
N SER Z 189 -24.51 -43.87 6.55
CA SER Z 189 -24.57 -42.57 5.89
C SER Z 189 -25.86 -41.97 6.45
N THR Z 190 -25.75 -41.28 7.58
CA THR Z 190 -26.91 -40.79 8.32
C THR Z 190 -27.05 -39.28 8.38
N ASP Z 191 -28.26 -38.78 8.07
CA ASP Z 191 -28.61 -37.37 8.15
C ASP Z 191 -28.39 -36.85 9.55
N VAL Z 192 -27.50 -35.88 9.63
CA VAL Z 192 -26.99 -35.27 10.83
C VAL Z 192 -28.06 -34.44 11.56
N SER Z 193 -28.97 -33.81 10.81
CA SER Z 193 -30.05 -33.04 11.43
C SER Z 193 -31.10 -33.99 12.06
N ASP Z 194 -31.32 -35.17 11.45
CA ASP Z 194 -32.22 -36.16 12.04
C ASP Z 194 -31.61 -36.68 13.35
N LEU Z 195 -30.27 -36.86 13.42
CA LEU Z 195 -29.59 -37.30 14.63
C LEU Z 195 -29.75 -36.22 15.70
N LEU Z 196 -29.54 -34.95 15.36
CA LEU Z 196 -29.68 -33.85 16.32
C LEU Z 196 -31.11 -33.73 16.82
N HIS Z 197 -32.10 -33.95 15.96
CA HIS Z 197 -33.50 -33.88 16.39
C HIS Z 197 -33.81 -34.97 17.40
N GLN Z 198 -33.28 -36.16 17.15
CA GLN Z 198 -33.40 -37.33 17.99
C GLN Z 198 -32.76 -37.05 19.35
N TYR Z 199 -31.56 -36.43 19.38
CA TYR Z 199 -30.91 -36.12 20.65
C TYR Z 199 -31.73 -35.15 21.46
N ARG Z 200 -32.26 -34.12 20.80
CA ARG Z 200 -33.12 -33.11 21.42
C ARG Z 200 -34.40 -33.74 21.97
N GLU Z 201 -35.07 -34.62 21.19
CA GLU Z 201 -36.29 -35.29 21.67
C GLU Z 201 -36.08 -36.11 22.95
N ALA Z 202 -34.83 -36.46 23.27
CA ALA Z 202 -34.52 -37.20 24.50
C ALA Z 202 -34.16 -36.26 25.64
N ASN Z 203 -34.75 -35.06 25.67
CA ASN Z 203 -34.55 -34.07 26.72
C ASN Z 203 -35.90 -33.44 27.13
N ARG AA 1 -4.28 -2.27 -13.48
CA ARG AA 1 -3.52 -3.37 -14.08
C ARG AA 1 -4.43 -4.32 -14.91
N PHE AA 2 -3.84 -5.09 -15.83
CA PHE AA 2 -4.57 -6.05 -16.66
C PHE AA 2 -5.11 -7.24 -15.82
N SER AA 3 -6.44 -7.47 -15.93
CA SER AA 3 -7.14 -8.60 -15.33
C SER AA 3 -7.46 -9.55 -16.50
N PRO AA 4 -6.97 -10.79 -16.45
CA PRO AA 4 -7.24 -11.74 -17.54
C PRO AA 4 -8.65 -12.31 -17.59
N TYR AA 5 -9.51 -11.93 -16.62
CA TYR AA 5 -10.86 -12.47 -16.50
C TYR AA 5 -11.91 -11.41 -16.59
N VAL AA 6 -13.10 -11.86 -16.98
CA VAL AA 6 -14.30 -11.01 -17.03
C VAL AA 6 -15.50 -11.93 -16.80
N PHE AA 7 -16.55 -11.39 -16.17
CA PHE AA 7 -17.72 -12.18 -15.86
C PHE AA 7 -18.72 -11.95 -17.00
N ASN AA 8 -19.13 -13.00 -17.68
CA ASN AA 8 -20.06 -12.88 -18.81
C ASN AA 8 -21.49 -13.37 -18.52
N GLY AA 9 -21.71 -13.97 -17.36
CA GLY AA 9 -23.02 -14.39 -16.92
C GLY AA 9 -23.49 -15.72 -17.43
N GLY AA 10 -24.79 -15.96 -17.34
CA GLY AA 10 -25.36 -17.19 -17.82
C GLY AA 10 -25.63 -18.20 -16.73
N THR AA 11 -26.75 -18.92 -16.86
CA THR AA 11 -27.18 -19.92 -15.91
C THR AA 11 -27.36 -21.26 -16.62
N ILE AA 12 -26.91 -22.33 -16.00
CA ILE AA 12 -27.01 -23.67 -16.53
C ILE AA 12 -27.72 -24.58 -15.50
N LEU AA 13 -28.31 -25.68 -15.96
CA LEU AA 13 -29.03 -26.59 -15.08
C LEU AA 13 -29.09 -27.98 -15.75
N ALA AA 14 -28.97 -29.03 -14.96
CA ALA AA 14 -29.07 -30.39 -15.48
C ALA AA 14 -29.86 -31.25 -14.54
N ILE AA 15 -30.70 -32.11 -15.10
CA ILE AA 15 -31.52 -33.05 -14.35
C ILE AA 15 -31.29 -34.46 -14.93
N ALA AA 16 -31.10 -35.46 -14.08
CA ALA AA 16 -30.94 -36.83 -14.51
C ALA AA 16 -32.19 -37.62 -14.13
N GLY AA 17 -32.83 -38.21 -15.13
CA GLY AA 17 -33.98 -39.06 -14.93
C GLY AA 17 -33.63 -40.53 -15.06
N GLU AA 18 -34.62 -41.43 -14.91
CA GLU AA 18 -34.37 -42.88 -15.03
C GLU AA 18 -33.78 -43.25 -16.37
N ASP AA 19 -34.27 -42.63 -17.47
CA ASP AA 19 -33.75 -42.92 -18.81
C ASP AA 19 -33.45 -41.69 -19.66
N PHE AA 20 -33.35 -40.53 -19.02
CA PHE AA 20 -33.08 -39.29 -19.72
C PHE AA 20 -32.12 -38.41 -18.89
N ALA AA 21 -31.69 -37.28 -19.48
CA ALA AA 21 -30.89 -36.22 -18.88
C ALA AA 21 -31.22 -34.94 -19.64
N ILE AA 22 -31.49 -33.86 -18.90
CA ILE AA 22 -31.76 -32.55 -19.46
C ILE AA 22 -30.58 -31.64 -19.09
N VAL AA 23 -30.12 -30.83 -20.01
CA VAL AA 23 -29.10 -29.83 -19.79
C VAL AA 23 -29.67 -28.58 -20.42
N ALA AA 24 -29.96 -27.57 -19.63
CA ALA AA 24 -30.56 -26.31 -20.07
C ALA AA 24 -29.69 -25.08 -19.68
N SER AA 25 -29.88 -24.00 -20.42
CA SER AA 25 -29.15 -22.78 -20.21
C SER AA 25 -29.93 -21.61 -20.80
N ASP AA 26 -29.64 -20.40 -20.35
CA ASP AA 26 -30.20 -19.22 -20.98
C ASP AA 26 -29.27 -18.87 -22.21
N THR AA 27 -29.62 -17.86 -23.02
CA THR AA 27 -28.80 -17.52 -24.18
C THR AA 27 -28.21 -16.14 -24.12
N ARG AA 28 -28.15 -15.50 -22.95
CA ARG AA 28 -27.60 -14.16 -22.85
C ARG AA 28 -26.08 -14.17 -22.56
N LEU AA 29 -25.33 -13.30 -23.24
CA LEU AA 29 -23.89 -13.12 -22.99
C LEU AA 29 -23.74 -11.65 -22.60
N SER AA 30 -23.29 -11.36 -21.37
CA SER AA 30 -23.21 -9.98 -20.88
C SER AA 30 -21.79 -9.52 -20.58
N GLU AA 31 -21.60 -8.23 -20.35
CA GLU AA 31 -20.33 -7.70 -19.87
C GLU AA 31 -20.65 -6.39 -19.22
N GLY AA 32 -20.36 -6.27 -17.94
CA GLY AA 32 -20.68 -5.06 -17.20
C GLY AA 32 -22.18 -5.00 -17.03
N PHE AA 33 -22.80 -3.89 -17.44
CA PHE AA 33 -24.26 -3.79 -17.40
C PHE AA 33 -24.81 -3.72 -18.87
N SER AA 34 -24.08 -4.34 -19.82
CA SER AA 34 -24.47 -4.37 -21.21
C SER AA 34 -24.54 -5.83 -21.75
N ILE AA 35 -25.29 -6.02 -22.84
CA ILE AA 35 -25.50 -7.31 -23.48
C ILE AA 35 -24.67 -7.44 -24.77
N HIS AA 36 -23.83 -8.47 -24.85
CA HIS AA 36 -23.02 -8.72 -26.02
C HIS AA 36 -23.94 -9.27 -27.08
N THR AA 37 -24.68 -10.33 -26.75
CA THR AA 37 -25.60 -10.98 -27.64
C THR AA 37 -26.72 -11.64 -26.84
N ARG AA 38 -27.89 -11.72 -27.45
CA ARG AA 38 -29.06 -12.39 -26.90
C ARG AA 38 -29.16 -13.85 -27.41
N ASP AA 39 -28.20 -14.32 -28.26
CA ASP AA 39 -28.19 -15.65 -28.81
C ASP AA 39 -26.82 -16.31 -28.62
N SER AA 40 -26.56 -16.67 -27.37
CA SER AA 40 -25.36 -17.36 -26.95
C SER AA 40 -25.79 -18.49 -26.02
N PRO AA 41 -26.34 -19.60 -26.56
CA PRO AA 41 -26.67 -20.75 -25.68
C PRO AA 41 -25.38 -21.37 -25.09
N LYS AA 42 -25.52 -22.02 -23.93
CA LYS AA 42 -24.38 -22.55 -23.20
C LYS AA 42 -24.30 -24.05 -23.12
N CYS AA 43 -24.99 -24.75 -24.03
CA CYS AA 43 -24.97 -26.21 -24.11
C CYS AA 43 -24.13 -26.62 -25.28
N TYR AA 44 -23.29 -27.62 -25.08
CA TYR AA 44 -22.36 -28.10 -26.08
C TYR AA 44 -22.47 -29.62 -26.18
N LYS AA 45 -22.90 -30.13 -27.35
CA LYS AA 45 -23.03 -31.57 -27.57
C LYS AA 45 -21.66 -32.19 -27.70
N LEU AA 46 -21.34 -33.18 -26.86
CA LEU AA 46 -20.00 -33.79 -26.88
C LEU AA 46 -20.01 -35.10 -27.64
N THR AA 47 -20.93 -36.00 -27.25
CA THR AA 47 -21.18 -37.28 -27.89
C THR AA 47 -22.71 -37.39 -28.04
N ASP AA 48 -23.20 -38.46 -28.69
CA ASP AA 48 -24.61 -38.73 -28.85
C ASP AA 48 -25.30 -38.98 -27.51
N LYS AA 49 -24.56 -39.27 -26.44
CA LYS AA 49 -25.21 -39.55 -25.15
C LYS AA 49 -24.70 -38.64 -24.03
N THR AA 50 -23.99 -37.51 -24.36
CA THR AA 50 -23.43 -36.57 -23.40
C THR AA 50 -23.39 -35.11 -23.92
N VAL AA 51 -23.95 -34.18 -23.14
CA VAL AA 51 -23.87 -32.75 -23.43
C VAL AA 51 -23.28 -32.01 -22.19
N ILE AA 52 -22.62 -30.86 -22.41
CA ILE AA 52 -22.05 -30.10 -21.28
C ILE AA 52 -22.54 -28.66 -21.28
N GLY AA 53 -22.90 -28.15 -20.11
CA GLY AA 53 -23.31 -26.77 -19.91
C GLY AA 53 -22.12 -26.00 -19.34
N CYS AA 54 -21.79 -24.84 -19.92
CA CYS AA 54 -20.63 -24.03 -19.51
C CYS AA 54 -21.02 -22.62 -19.27
N SER AA 55 -20.60 -22.07 -18.15
CA SER AA 55 -20.95 -20.72 -17.77
C SER AA 55 -19.78 -19.99 -17.06
N GLY AA 56 -19.69 -18.66 -17.20
CA GLY AA 56 -18.62 -17.89 -16.53
C GLY AA 56 -17.90 -16.89 -17.41
N PHE AA 57 -16.55 -16.99 -17.50
CA PHE AA 57 -15.77 -16.11 -18.36
C PHE AA 57 -15.82 -16.79 -19.72
N HIS AA 58 -16.41 -16.13 -20.74
CA HIS AA 58 -16.62 -16.71 -22.07
C HIS AA 58 -15.36 -17.08 -22.86
N GLY AA 59 -14.24 -16.40 -22.63
CA GLY AA 59 -13.00 -16.75 -23.31
C GLY AA 59 -12.54 -18.14 -22.89
N ASP AA 60 -12.78 -18.49 -21.60
CA ASP AA 60 -12.47 -19.79 -21.04
C ASP AA 60 -13.46 -20.84 -21.44
N CYS AA 61 -14.75 -20.45 -21.61
CA CYS AA 61 -15.81 -21.34 -22.06
C CYS AA 61 -15.49 -21.78 -23.47
N LEU AA 62 -15.09 -20.84 -24.35
CA LEU AA 62 -14.74 -21.20 -25.73
C LEU AA 62 -13.52 -22.13 -25.75
N THR AA 63 -12.47 -21.76 -25.07
CA THR AA 63 -11.25 -22.52 -25.02
C THR AA 63 -11.44 -23.93 -24.47
N LEU AA 64 -12.02 -24.07 -23.25
CA LEU AA 64 -12.21 -25.36 -22.59
C LEU AA 64 -13.07 -26.27 -23.44
N THR AA 65 -14.09 -25.72 -24.09
CA THR AA 65 -15.00 -26.41 -25.01
C THR AA 65 -14.22 -27.03 -26.20
N LYS AA 66 -13.33 -26.27 -26.84
CA LYS AA 66 -12.50 -26.73 -27.95
C LYS AA 66 -11.49 -27.80 -27.47
N ILE AA 67 -11.01 -27.68 -26.22
CA ILE AA 67 -10.09 -28.64 -25.66
C ILE AA 67 -10.80 -29.99 -25.45
N ILE AA 68 -12.04 -29.95 -24.96
CA ILE AA 68 -12.82 -31.16 -24.75
C ILE AA 68 -13.07 -31.89 -26.08
N GLU AA 69 -13.41 -31.13 -27.13
CA GLU AA 69 -13.64 -31.68 -28.45
C GLU AA 69 -12.39 -32.35 -28.99
N ALA AA 70 -11.23 -31.70 -28.88
CA ALA AA 70 -9.98 -32.30 -29.35
C ALA AA 70 -9.67 -33.58 -28.53
N ARG AA 71 -9.82 -33.52 -27.20
CA ARG AA 71 -9.58 -34.69 -26.36
C ARG AA 71 -10.52 -35.86 -26.66
N LEU AA 72 -11.80 -35.63 -27.01
CA LEU AA 72 -12.70 -36.77 -27.32
C LEU AA 72 -12.22 -37.54 -28.56
N LYS AA 73 -11.76 -36.78 -29.60
CA LYS AA 73 -11.22 -37.29 -30.86
C LYS AA 73 -9.95 -38.06 -30.56
N MET AA 74 -9.03 -37.49 -29.76
CA MET AA 74 -7.79 -38.17 -29.40
C MET AA 74 -8.05 -39.54 -28.74
N TYR AA 75 -9.04 -39.60 -27.84
CA TYR AA 75 -9.44 -40.80 -27.12
C TYR AA 75 -10.08 -41.85 -28.08
N LYS AA 76 -10.97 -41.40 -28.97
CA LYS AA 76 -11.62 -42.27 -29.94
C LYS AA 76 -10.58 -42.93 -30.84
N HIS AA 77 -9.55 -42.19 -31.26
CA HIS AA 77 -8.48 -42.70 -32.09
C HIS AA 77 -7.60 -43.71 -31.34
N SER AA 78 -7.31 -43.47 -30.06
CA SER AA 78 -6.47 -44.39 -29.28
C SER AA 78 -7.20 -45.63 -28.79
N ASN AA 79 -8.47 -45.51 -28.45
CA ASN AA 79 -9.21 -46.61 -27.84
C ASN AA 79 -10.27 -47.25 -28.72
N ASN AA 80 -10.53 -46.69 -29.91
CA ASN AA 80 -11.52 -47.21 -30.85
C ASN AA 80 -12.92 -47.31 -30.27
N LYS AA 81 -13.36 -46.25 -29.59
CA LYS AA 81 -14.66 -46.13 -28.96
C LYS AA 81 -14.82 -44.70 -28.45
N ALA AA 82 -16.05 -44.24 -28.32
CA ALA AA 82 -16.33 -42.91 -27.78
C ALA AA 82 -16.15 -42.92 -26.27
N MET AA 83 -15.84 -41.74 -25.68
CA MET AA 83 -15.72 -41.60 -24.23
C MET AA 83 -17.10 -41.69 -23.60
N THR AA 84 -17.22 -42.44 -22.50
CA THR AA 84 -18.48 -42.53 -21.77
C THR AA 84 -18.72 -41.22 -20.96
N THR AA 85 -19.96 -41.00 -20.46
CA THR AA 85 -20.24 -39.79 -19.67
C THR AA 85 -19.30 -39.67 -18.46
N GLY AA 86 -19.10 -40.77 -17.76
CA GLY AA 86 -18.22 -40.85 -16.61
C GLY AA 86 -16.76 -40.57 -16.91
N ALA AA 87 -16.27 -41.13 -18.01
CA ALA AA 87 -14.92 -40.92 -18.46
C ALA AA 87 -14.70 -39.45 -18.83
N ILE AA 88 -15.71 -38.81 -19.48
CA ILE AA 88 -15.61 -37.37 -19.82
C ILE AA 88 -15.53 -36.56 -18.52
N ALA AA 89 -16.37 -36.90 -17.53
CA ALA AA 89 -16.37 -36.22 -16.24
C ALA AA 89 -15.02 -36.33 -15.50
N ALA AA 90 -14.42 -37.51 -15.43
CA ALA AA 90 -13.13 -37.73 -14.77
C ALA AA 90 -12.02 -36.99 -15.48
N MET AA 91 -12.03 -37.04 -16.84
CA MET AA 91 -11.03 -36.33 -17.65
C MET AA 91 -11.15 -34.80 -17.44
N LEU AA 92 -12.39 -34.26 -17.46
CA LEU AA 92 -12.64 -32.82 -17.29
C LEU AA 92 -12.10 -32.32 -15.96
N SER AA 93 -12.21 -33.11 -14.90
CA SER AA 93 -11.66 -32.73 -13.59
C SER AA 93 -10.15 -32.51 -13.69
N THR AA 94 -9.46 -33.37 -14.45
CA THR AA 94 -8.00 -33.25 -14.60
C THR AA 94 -7.62 -32.06 -15.49
N ILE AA 95 -8.41 -31.73 -16.53
CA ILE AA 95 -8.15 -30.56 -17.38
C ILE AA 95 -8.33 -29.29 -16.54
N LEU AA 96 -9.40 -29.22 -15.73
CA LEU AA 96 -9.58 -28.06 -14.87
C LEU AA 96 -8.46 -27.96 -13.81
N TYR AA 97 -8.07 -29.10 -13.18
CA TYR AA 97 -7.01 -29.08 -12.18
C TYR AA 97 -5.63 -28.75 -12.80
N SER AA 98 -5.41 -29.07 -14.08
CA SER AA 98 -4.15 -28.70 -14.74
C SER AA 98 -3.91 -27.16 -14.66
N ARG AA 99 -5.00 -26.37 -14.47
CA ARG AA 99 -4.97 -24.93 -14.34
C ARG AA 99 -5.29 -24.43 -12.91
N ARG AA 100 -5.03 -25.24 -11.87
CA ARG AA 100 -5.26 -24.92 -10.48
C ARG AA 100 -4.64 -23.53 -10.05
N PHE AA 101 -3.53 -23.12 -10.70
CA PHE AA 101 -2.89 -21.85 -10.36
C PHE AA 101 -3.16 -20.70 -11.38
N PHE AA 102 -3.99 -20.95 -12.40
CA PHE AA 102 -4.49 -19.94 -13.35
C PHE AA 102 -5.78 -20.56 -13.84
N PRO AA 103 -6.81 -20.62 -12.96
CA PRO AA 103 -8.01 -21.42 -13.29
C PRO AA 103 -8.76 -21.03 -14.52
N TYR AA 104 -9.52 -22.00 -15.09
CA TYR AA 104 -10.49 -21.68 -16.13
C TYR AA 104 -11.68 -21.17 -15.30
N TYR AA 105 -12.17 -19.98 -15.60
CA TYR AA 105 -13.31 -19.39 -14.90
C TYR AA 105 -14.60 -19.92 -15.57
N VAL AA 106 -14.87 -21.22 -15.35
CA VAL AA 106 -15.99 -21.92 -15.94
C VAL AA 106 -16.67 -22.82 -14.90
N TYR AA 107 -18.00 -22.72 -14.80
CA TYR AA 107 -18.88 -23.59 -14.04
C TYR AA 107 -19.43 -24.57 -15.08
N ASN AA 108 -19.11 -25.86 -14.92
CA ASN AA 108 -19.48 -26.92 -15.86
C ASN AA 108 -20.44 -27.90 -15.25
N ILE AA 109 -21.47 -28.29 -16.00
CA ILE AA 109 -22.39 -29.34 -15.57
C ILE AA 109 -22.55 -30.29 -16.74
N ILE AA 110 -22.16 -31.56 -16.56
CA ILE AA 110 -22.29 -32.56 -17.61
C ILE AA 110 -23.62 -33.30 -17.41
N GLY AA 111 -24.31 -33.58 -18.51
CA GLY AA 111 -25.56 -34.33 -18.51
C GLY AA 111 -25.61 -35.33 -19.65
N GLY AA 112 -25.82 -36.59 -19.32
CA GLY AA 112 -25.92 -37.62 -20.33
C GLY AA 112 -26.46 -38.92 -19.78
N LEU AA 113 -26.08 -40.05 -20.40
CA LEU AA 113 -26.52 -41.37 -19.94
C LEU AA 113 -25.31 -42.18 -19.47
N ASP AA 114 -25.40 -42.95 -18.38
CA ASP AA 114 -24.29 -43.84 -18.00
C ASP AA 114 -24.32 -45.14 -18.91
N GLU AA 115 -23.46 -46.15 -18.61
CA GLU AA 115 -23.42 -47.38 -19.39
C GLU AA 115 -24.64 -48.31 -19.19
N GLU AA 116 -25.43 -48.08 -18.15
CA GLU AA 116 -26.70 -48.80 -17.95
C GLU AA 116 -27.87 -48.06 -18.66
N GLY AA 117 -27.61 -47.00 -19.44
CA GLY AA 117 -28.65 -46.22 -20.10
C GLY AA 117 -29.42 -45.30 -19.17
N LYS AA 118 -29.02 -45.18 -17.90
CA LYS AA 118 -29.69 -44.31 -16.94
C LYS AA 118 -29.15 -42.89 -17.04
N GLY AA 119 -29.94 -41.92 -16.64
CA GLY AA 119 -29.49 -40.53 -16.68
C GLY AA 119 -28.40 -40.25 -15.67
N ALA AA 120 -27.39 -39.46 -16.07
CA ALA AA 120 -26.22 -39.06 -15.25
C ALA AA 120 -25.93 -37.53 -15.30
N VAL AA 121 -25.82 -36.89 -14.13
CA VAL AA 121 -25.43 -35.47 -14.01
C VAL AA 121 -24.08 -35.39 -13.26
N TYR AA 122 -23.13 -34.57 -13.71
CA TYR AA 122 -21.82 -34.42 -13.06
C TYR AA 122 -21.49 -32.94 -12.95
N SER AA 123 -21.41 -32.36 -11.74
CA SER AA 123 -21.13 -30.92 -11.62
C SER AA 123 -19.75 -30.59 -11.03
N PHE AA 124 -19.13 -29.52 -11.54
CA PHE AA 124 -17.79 -29.11 -11.15
C PHE AA 124 -17.70 -27.67 -10.61
N ASP AA 125 -16.61 -27.37 -9.91
CA ASP AA 125 -16.23 -26.01 -9.55
C ASP AA 125 -15.07 -25.62 -10.52
N PRO AA 126 -14.67 -24.33 -10.65
CA PRO AA 126 -13.63 -23.99 -11.65
C PRO AA 126 -12.32 -24.77 -11.59
N VAL AA 127 -11.93 -25.29 -10.42
CA VAL AA 127 -10.64 -25.95 -10.29
C VAL AA 127 -10.72 -27.47 -10.37
N GLY AA 128 -11.90 -28.04 -10.60
CA GLY AA 128 -12.01 -29.46 -10.85
C GLY AA 128 -12.69 -30.40 -9.87
N SER AA 129 -13.18 -29.90 -8.71
CA SER AA 129 -13.86 -30.84 -7.79
C SER AA 129 -15.21 -31.19 -8.38
N TYR AA 130 -15.61 -32.46 -8.26
CA TYR AA 130 -16.86 -32.91 -8.85
C TYR AA 130 -17.41 -34.13 -8.18
N GLN AA 131 -18.66 -34.40 -8.47
CA GLN AA 131 -19.37 -35.57 -8.02
C GLN AA 131 -20.54 -35.78 -8.98
N ARG AA 132 -21.19 -36.94 -8.89
CA ARG AA 132 -22.39 -37.20 -9.69
C ARG AA 132 -23.58 -36.74 -8.87
N ASP AA 133 -24.54 -36.08 -9.52
CA ASP AA 133 -25.78 -35.58 -8.89
C ASP AA 133 -27.04 -36.12 -9.62
N SER AA 134 -28.21 -36.04 -8.96
CA SER AA 134 -29.47 -36.32 -9.63
C SER AA 134 -29.96 -35.04 -10.36
N PHE AA 135 -29.64 -33.87 -9.82
CA PHE AA 135 -29.96 -32.58 -10.41
C PHE AA 135 -28.97 -31.52 -9.86
N LYS AA 136 -28.76 -30.44 -10.62
CA LYS AA 136 -27.86 -29.36 -10.24
C LYS AA 136 -28.06 -28.11 -11.08
N ALA AA 137 -27.94 -26.93 -10.43
CA ALA AA 137 -27.99 -25.59 -11.02
C ALA AA 137 -26.57 -24.93 -10.90
N GLY AA 138 -26.15 -24.23 -11.94
CA GLY AA 138 -24.87 -23.53 -11.98
C GLY AA 138 -25.00 -22.17 -12.64
N GLY AA 139 -24.00 -21.31 -12.49
CA GLY AA 139 -24.04 -19.99 -13.10
C GLY AA 139 -24.63 -18.92 -12.22
N SER AA 140 -24.93 -17.72 -12.79
CA SER AA 140 -25.36 -16.58 -11.97
C SER AA 140 -26.54 -16.81 -11.10
N ALA AA 141 -27.57 -17.46 -11.63
CA ALA AA 141 -28.79 -17.70 -10.87
C ALA AA 141 -28.79 -19.03 -10.12
N SER AA 142 -27.67 -19.75 -10.02
CA SER AA 142 -27.68 -21.06 -9.34
C SER AA 142 -28.27 -21.05 -7.95
N ALA AA 143 -28.00 -20.01 -7.15
CA ALA AA 143 -28.53 -19.88 -5.79
C ALA AA 143 -30.04 -19.67 -5.75
N MET AA 144 -30.61 -19.10 -6.81
CA MET AA 144 -32.04 -18.91 -6.90
C MET AA 144 -32.67 -20.24 -7.26
N LEU AA 145 -32.20 -20.93 -8.35
CA LEU AA 145 -32.76 -22.21 -8.82
C LEU AA 145 -32.57 -23.42 -7.95
N GLN AA 146 -31.38 -23.57 -7.35
CA GLN AA 146 -31.05 -24.74 -6.57
C GLN AA 146 -32.02 -25.04 -5.43
N PRO AA 147 -32.40 -24.08 -4.55
CA PRO AA 147 -33.32 -24.44 -3.45
C PRO AA 147 -34.67 -24.93 -3.96
N LEU AA 148 -35.14 -24.45 -5.14
CA LEU AA 148 -36.37 -24.98 -5.68
C LEU AA 148 -36.20 -26.43 -6.09
N LEU AA 149 -35.11 -26.75 -6.79
CA LEU AA 149 -34.80 -28.11 -7.19
C LEU AA 149 -34.71 -29.02 -5.96
N ASP AA 150 -34.06 -28.56 -4.89
CA ASP AA 150 -33.93 -29.31 -3.63
C ASP AA 150 -35.29 -29.73 -3.09
N ASN AA 151 -36.26 -28.80 -3.14
CA ASN AA 151 -37.63 -28.97 -2.71
C ASN AA 151 -38.50 -29.83 -3.65
N GLN AA 152 -38.57 -29.46 -4.94
CA GLN AA 152 -39.42 -30.08 -5.94
C GLN AA 152 -38.88 -31.36 -6.57
N VAL AA 153 -37.54 -31.51 -6.65
CA VAL AA 153 -36.94 -32.73 -7.22
C VAL AA 153 -36.40 -33.65 -6.13
N GLY AA 154 -35.84 -33.07 -5.07
CA GLY AA 154 -35.33 -33.85 -3.95
C GLY AA 154 -36.35 -34.11 -2.86
N PHE AA 155 -37.52 -33.42 -2.93
CA PHE AA 155 -38.65 -33.56 -2.00
C PHE AA 155 -38.35 -33.13 -0.57
N LYS AA 156 -37.35 -32.27 -0.41
CA LYS AA 156 -36.88 -31.82 0.89
C LYS AA 156 -37.83 -30.85 1.54
N ASN AA 157 -37.92 -30.95 2.87
CA ASN AA 157 -38.78 -30.15 3.71
C ASN AA 157 -40.27 -30.46 3.55
N MET AA 158 -40.61 -31.59 2.91
CA MET AA 158 -42.01 -32.04 2.75
C MET AA 158 -42.28 -33.32 3.49
N GLN AA 159 -43.37 -33.29 4.26
CA GLN AA 159 -43.90 -34.37 5.11
C GLN AA 159 -45.17 -34.89 4.42
N ASN AA 160 -45.39 -36.22 4.48
CA ASN AA 160 -46.58 -36.83 3.89
C ASN AA 160 -46.72 -36.56 2.38
N VAL AA 161 -45.62 -36.71 1.65
CA VAL AA 161 -45.65 -36.51 0.20
C VAL AA 161 -45.13 -37.76 -0.51
N GLU AA 162 -45.82 -38.13 -1.59
CA GLU AA 162 -45.47 -39.29 -2.40
C GLU AA 162 -44.14 -39.01 -3.12
N HIS AA 163 -43.14 -39.88 -2.90
CA HIS AA 163 -41.83 -39.71 -3.54
C HIS AA 163 -41.78 -40.28 -4.98
N VAL AA 164 -42.78 -39.89 -5.80
CA VAL AA 164 -42.96 -40.26 -7.21
C VAL AA 164 -41.75 -39.87 -8.07
N PRO AA 165 -41.20 -40.79 -8.87
CA PRO AA 165 -40.03 -40.45 -9.71
C PRO AA 165 -40.29 -39.34 -10.75
N LEU AA 166 -39.21 -38.66 -11.18
CA LEU AA 166 -39.35 -37.58 -12.14
C LEU AA 166 -39.53 -38.05 -13.59
N SER AA 167 -40.68 -37.69 -14.17
CA SER AA 167 -40.94 -38.01 -15.56
C SER AA 167 -40.35 -36.89 -16.46
N LEU AA 168 -40.05 -37.18 -17.75
CA LEU AA 168 -39.49 -36.17 -18.67
C LEU AA 168 -40.44 -34.97 -18.80
N ASP AA 169 -41.74 -35.25 -18.91
CA ASP AA 169 -42.77 -34.21 -19.00
C ASP AA 169 -42.73 -33.26 -17.79
N ARG AA 170 -42.60 -33.82 -16.57
CA ARG AA 170 -42.59 -33.09 -15.32
C ARG AA 170 -41.32 -32.25 -15.17
N ALA AA 171 -40.17 -32.82 -15.55
CA ALA AA 171 -38.89 -32.17 -15.52
C ALA AA 171 -38.85 -31.00 -16.51
N MET AA 172 -39.40 -31.17 -17.73
CA MET AA 172 -39.43 -30.10 -18.75
C MET AA 172 -40.18 -28.89 -18.28
N ARG AA 173 -41.30 -29.07 -17.61
CA ARG AA 173 -42.09 -27.94 -17.12
C ARG AA 173 -41.40 -27.24 -15.96
N LEU AA 174 -40.68 -28.00 -15.13
CA LEU AA 174 -39.94 -27.46 -14.01
C LEU AA 174 -38.72 -26.64 -14.48
N VAL AA 175 -38.03 -27.09 -15.55
CA VAL AA 175 -36.89 -26.34 -16.12
C VAL AA 175 -37.41 -25.03 -16.71
N LYS AA 176 -38.57 -25.08 -17.40
CA LYS AA 176 -39.17 -23.89 -17.96
C LYS AA 176 -39.56 -22.90 -16.85
N ASP AA 177 -40.15 -23.39 -15.74
CA ASP AA 177 -40.55 -22.48 -14.66
C ASP AA 177 -39.39 -21.85 -13.94
N VAL AA 178 -38.35 -22.62 -13.60
CA VAL AA 178 -37.21 -22.08 -12.88
C VAL AA 178 -36.47 -21.07 -13.74
N PHE AA 179 -36.35 -21.28 -15.06
CA PHE AA 179 -35.67 -20.29 -15.90
C PHE AA 179 -36.54 -19.00 -16.09
N ILE AA 180 -37.87 -19.10 -15.97
CA ILE AA 180 -38.74 -17.90 -16.03
C ILE AA 180 -38.55 -17.08 -14.74
N SER AA 181 -38.43 -17.76 -13.59
CA SER AA 181 -38.24 -17.14 -12.29
C SER AA 181 -36.82 -16.52 -12.18
N ALA AA 182 -35.81 -17.23 -12.70
CA ALA AA 182 -34.44 -16.77 -12.71
C ALA AA 182 -34.33 -15.52 -13.56
N ALA AA 183 -35.01 -15.47 -14.73
CA ALA AA 183 -34.91 -14.31 -15.60
C ALA AA 183 -35.57 -13.07 -14.99
N GLU AA 184 -36.57 -13.26 -14.10
CA GLU AA 184 -37.28 -12.20 -13.40
C GLU AA 184 -36.42 -11.51 -12.35
N ARG AA 185 -35.48 -12.24 -11.75
CA ARG AA 185 -34.71 -11.75 -10.63
C ARG AA 185 -33.21 -11.60 -10.88
N ASP AA 186 -32.65 -12.33 -11.82
CA ASP AA 186 -31.24 -12.21 -12.17
C ASP AA 186 -31.11 -11.38 -13.46
N VAL AA 187 -30.35 -10.28 -13.41
CA VAL AA 187 -30.12 -9.44 -14.58
C VAL AA 187 -29.29 -10.15 -15.68
N TYR AA 188 -28.53 -11.17 -15.34
CA TYR AA 188 -27.65 -11.88 -16.27
C TYR AA 188 -28.31 -13.05 -16.96
N THR AA 189 -29.57 -13.37 -16.61
CA THR AA 189 -30.32 -14.48 -17.19
C THR AA 189 -31.47 -13.88 -17.95
N GLY AA 190 -31.61 -14.27 -19.21
CA GLY AA 190 -32.68 -13.74 -20.05
C GLY AA 190 -32.59 -14.15 -21.50
N ASP AA 191 -33.45 -13.53 -22.33
CA ASP AA 191 -33.57 -13.69 -23.77
C ASP AA 191 -34.21 -15.04 -24.19
N ALA AA 192 -33.54 -16.19 -23.99
CA ALA AA 192 -34.12 -17.48 -24.36
C ALA AA 192 -33.59 -18.64 -23.48
N LEU AA 193 -34.26 -19.78 -23.47
CA LEU AA 193 -33.88 -20.94 -22.70
C LEU AA 193 -33.65 -22.07 -23.71
N ARG AA 194 -32.43 -22.58 -23.82
CA ARG AA 194 -32.11 -23.70 -24.68
C ARG AA 194 -32.17 -24.95 -23.80
N ILE AA 195 -32.98 -25.94 -24.16
CA ILE AA 195 -33.08 -27.18 -23.39
C ILE AA 195 -32.57 -28.33 -24.24
N CYS AA 196 -31.65 -29.16 -23.73
CA CYS AA 196 -31.12 -30.31 -24.45
C CYS AA 196 -31.58 -31.57 -23.74
N ILE AA 197 -32.24 -32.47 -24.46
CA ILE AA 197 -32.74 -33.72 -23.88
C ILE AA 197 -31.97 -34.88 -24.45
N VAL AA 198 -31.32 -35.69 -23.61
CA VAL AA 198 -30.56 -36.86 -24.02
C VAL AA 198 -31.32 -38.11 -23.63
N THR AA 199 -31.50 -38.99 -24.61
CA THR AA 199 -32.20 -40.30 -24.47
C THR AA 199 -31.48 -41.33 -25.35
N LYS AA 200 -31.92 -42.59 -25.34
CA LYS AA 200 -31.30 -43.63 -26.20
C LYS AA 200 -31.46 -43.25 -27.68
N GLU AA 201 -32.60 -42.66 -28.05
CA GLU AA 201 -32.86 -42.18 -29.43
C GLU AA 201 -31.83 -41.11 -29.82
N GLY AA 202 -31.39 -40.28 -28.88
CA GLY AA 202 -30.45 -39.22 -29.23
C GLY AA 202 -30.69 -37.92 -28.47
N ILE AA 203 -30.28 -36.80 -29.08
CA ILE AA 203 -30.40 -35.47 -28.47
C ILE AA 203 -31.39 -34.53 -29.18
N ARG AA 204 -32.47 -34.15 -28.47
CA ARG AA 204 -33.45 -33.17 -28.93
C ARG AA 204 -33.13 -31.80 -28.29
N GLU AA 205 -33.48 -30.72 -28.99
CA GLU AA 205 -33.30 -29.37 -28.50
C GLU AA 205 -34.61 -28.59 -28.58
N GLU AA 206 -34.88 -27.78 -27.56
CA GLU AA 206 -36.00 -26.86 -27.54
C GLU AA 206 -35.47 -25.46 -27.20
N THR AA 207 -36.15 -24.43 -27.68
CA THR AA 207 -35.80 -23.06 -27.36
C THR AA 207 -37.07 -22.37 -26.95
N VAL AA 208 -37.10 -21.80 -25.74
CA VAL AA 208 -38.29 -21.12 -25.23
C VAL AA 208 -37.92 -19.69 -24.88
N SER AA 209 -38.80 -18.73 -25.16
CA SER AA 209 -38.50 -17.33 -24.90
C SER AA 209 -38.42 -17.00 -23.42
N LEU AA 210 -37.50 -16.10 -23.06
CA LEU AA 210 -37.31 -15.52 -21.73
C LEU AA 210 -37.34 -13.99 -21.84
N ARG AA 211 -37.59 -13.30 -20.74
CA ARG AA 211 -37.61 -11.84 -20.64
C ARG AA 211 -36.38 -11.18 -21.32
N LYS AA 212 -36.60 -10.14 -22.17
CA LYS AA 212 -35.53 -9.46 -22.91
C LYS AA 212 -34.85 -8.32 -22.18
N ASP AA 213 -35.50 -7.74 -21.16
CA ASP AA 213 -34.85 -6.69 -20.37
C ASP AA 213 -33.85 -7.30 -19.34
N THR BA 1 1.10 -5.95 -24.53
CA THR BA 1 0.87 -4.58 -24.06
C THR BA 1 0.23 -4.57 -22.68
N GLN BA 2 0.89 -3.93 -21.74
CA GLN BA 2 0.35 -3.75 -20.41
C GLN BA 2 -0.40 -2.39 -20.32
N ASN BA 3 0.03 -1.39 -21.10
CA ASN BA 3 -0.54 -0.05 -21.10
C ASN BA 3 -0.65 0.42 -22.52
N PRO BA 4 -1.87 0.52 -23.07
CA PRO BA 4 -2.01 1.00 -24.46
C PRO BA 4 -1.52 2.44 -24.64
N MET BA 5 -1.07 2.79 -25.85
CA MET BA 5 -0.54 4.12 -26.11
C MET BA 5 -1.46 4.91 -27.04
N VAL BA 6 -1.29 4.80 -28.37
CA VAL BA 6 -2.16 5.47 -29.31
C VAL BA 6 -3.32 4.51 -29.51
N THR BA 7 -4.52 4.94 -29.17
CA THR BA 7 -5.70 4.07 -29.21
C THR BA 7 -6.77 4.57 -30.13
N GLY BA 8 -7.57 3.66 -30.65
CA GLY BA 8 -8.72 3.96 -31.49
C GLY BA 8 -10.01 3.66 -30.75
N THR BA 9 -11.08 4.39 -31.05
CA THR BA 9 -12.36 4.21 -30.35
C THR BA 9 -13.29 3.20 -31.09
N SER BA 10 -14.62 3.21 -30.85
CA SER BA 10 -15.65 2.33 -31.42
C SER BA 10 -15.45 1.91 -32.90
N VAL BA 11 -15.81 0.65 -33.18
CA VAL BA 11 -15.87 0.06 -34.50
C VAL BA 11 -17.30 -0.49 -34.61
N LEU BA 12 -18.03 -0.13 -35.66
CA LEU BA 12 -19.42 -0.58 -35.86
C LEU BA 12 -19.49 -1.64 -36.89
N GLY BA 13 -20.59 -2.36 -36.94
CA GLY BA 13 -20.79 -3.40 -37.95
C GLY BA 13 -22.21 -3.89 -37.97
N VAL BA 14 -22.76 -4.07 -39.16
CA VAL BA 14 -24.13 -4.56 -39.31
C VAL BA 14 -24.27 -5.39 -40.58
N LYS BA 15 -24.95 -6.56 -40.45
CA LYS BA 15 -25.21 -7.43 -41.58
C LYS BA 15 -26.40 -6.87 -42.36
N PHE BA 16 -26.34 -7.00 -43.68
CA PHE BA 16 -27.44 -6.61 -44.55
C PHE BA 16 -27.66 -7.75 -45.58
N GLU BA 17 -28.74 -7.65 -46.37
CA GLU BA 17 -29.05 -8.65 -47.39
C GLU BA 17 -27.97 -8.58 -48.47
N GLY BA 18 -27.03 -9.52 -48.44
CA GLY BA 18 -25.98 -9.55 -49.44
C GLY BA 18 -24.59 -9.14 -48.99
N GLY BA 19 -24.42 -8.85 -47.70
CA GLY BA 19 -23.10 -8.51 -47.19
C GLY BA 19 -23.05 -7.93 -45.82
N VAL BA 20 -21.90 -7.35 -45.46
CA VAL BA 20 -21.69 -6.71 -44.16
C VAL BA 20 -21.04 -5.34 -44.36
N VAL BA 21 -21.37 -4.38 -43.48
CA VAL BA 21 -20.73 -3.07 -43.51
C VAL BA 21 -20.11 -2.77 -42.14
N ILE BA 22 -18.85 -2.31 -42.12
CA ILE BA 22 -18.22 -1.91 -40.88
C ILE BA 22 -17.79 -0.44 -41.00
N ALA BA 23 -17.72 0.28 -39.87
CA ALA BA 23 -17.35 1.69 -39.85
C ALA BA 23 -16.44 1.97 -38.68
N ALA BA 24 -15.50 2.89 -38.84
CA ALA BA 24 -14.55 3.26 -37.80
C ALA BA 24 -13.93 4.60 -38.13
N ASP BA 25 -13.79 5.50 -37.12
CA ASP BA 25 -13.16 6.78 -37.38
C ASP BA 25 -11.65 6.62 -37.61
N MET BA 26 -11.03 7.67 -38.12
CA MET BA 26 -9.62 7.64 -38.49
C MET BA 26 -8.75 8.31 -37.47
N LEU BA 27 -9.11 8.19 -36.17
CA LEU BA 27 -8.37 8.81 -35.09
C LEU BA 27 -7.54 7.82 -34.25
N GLY BA 28 -6.33 8.25 -33.93
CA GLY BA 28 -5.41 7.63 -33.00
C GLY BA 28 -5.18 8.65 -31.89
N SER BA 29 -5.80 8.43 -30.71
CA SER BA 29 -5.66 9.36 -29.59
C SER BA 29 -4.53 8.93 -28.67
N TYR BA 30 -3.84 9.89 -28.07
CA TYR BA 30 -2.79 9.63 -27.11
C TYR BA 30 -3.36 10.22 -25.81
N GLY BA 31 -4.17 9.44 -25.13
CA GLY BA 31 -4.90 9.93 -23.98
C GLY BA 31 -6.04 10.75 -24.51
N SER BA 32 -6.08 12.02 -24.16
CA SER BA 32 -7.11 12.95 -24.67
C SER BA 32 -6.64 13.66 -25.94
N LEU BA 33 -5.33 13.71 -26.22
CA LEU BA 33 -4.81 14.36 -27.41
C LEU BA 33 -5.23 13.60 -28.67
N ALA BA 34 -5.90 14.29 -29.62
CA ALA BA 34 -6.22 13.70 -30.91
C ALA BA 34 -4.90 13.79 -31.69
N ARG BA 35 -3.94 12.86 -31.44
CA ARG BA 35 -2.58 12.92 -31.97
C ARG BA 35 -2.51 12.62 -33.48
N PHE BA 36 -3.21 11.59 -33.97
CA PHE BA 36 -3.21 11.24 -35.39
C PHE BA 36 -4.63 11.25 -35.87
N ARG BA 37 -5.03 12.25 -36.65
CA ARG BA 37 -6.42 12.34 -37.09
C ARG BA 37 -6.67 11.80 -38.48
N ASN BA 38 -5.73 11.01 -39.04
CA ASN BA 38 -5.83 10.48 -40.40
C ASN BA 38 -5.24 9.06 -40.57
N ILE BA 39 -5.49 8.15 -39.62
CA ILE BA 39 -4.99 6.79 -39.70
C ILE BA 39 -6.14 5.82 -39.95
N SER BA 40 -5.95 4.80 -40.78
CA SER BA 40 -7.02 3.84 -41.03
C SER BA 40 -7.02 2.72 -40.01
N ARG BA 41 -8.16 2.52 -39.35
CA ARG BA 41 -8.31 1.42 -38.41
C ARG BA 41 -9.06 0.22 -39.02
N ILE BA 42 -9.21 0.21 -40.36
CA ILE BA 42 -9.85 -0.88 -41.08
C ILE BA 42 -8.82 -1.58 -41.97
N MET BA 43 -9.00 -2.87 -42.17
CA MET BA 43 -8.09 -3.71 -42.91
C MET BA 43 -8.84 -4.68 -43.81
N ARG BA 44 -8.44 -4.80 -45.10
CA ARG BA 44 -9.02 -5.83 -45.97
C ARG BA 44 -8.16 -7.08 -45.68
N VAL BA 45 -8.78 -8.19 -45.22
CA VAL BA 45 -8.01 -9.39 -44.91
C VAL BA 45 -7.77 -10.16 -46.21
N ASN BA 46 -8.86 -10.56 -46.86
CA ASN BA 46 -8.91 -11.23 -48.16
C ASN BA 46 -10.18 -10.77 -48.89
N ASN BA 47 -10.57 -11.41 -49.97
CA ASN BA 47 -11.75 -11.03 -50.74
C ASN BA 47 -13.08 -11.18 -50.00
N SER BA 48 -13.10 -12.01 -48.95
CA SER BA 48 -14.28 -12.33 -48.15
C SER BA 48 -14.28 -11.69 -46.79
N THR BA 49 -13.13 -11.21 -46.31
CA THR BA 49 -13.01 -10.76 -44.94
C THR BA 49 -12.44 -9.35 -44.80
N MET BA 50 -12.96 -8.60 -43.84
CA MET BA 50 -12.50 -7.26 -43.48
C MET BA 50 -12.48 -7.17 -41.95
N LEU BA 51 -11.59 -6.33 -41.41
CA LEU BA 51 -11.43 -6.21 -39.98
C LEU BA 51 -11.26 -4.78 -39.55
N GLY BA 52 -11.93 -4.40 -38.48
CA GLY BA 52 -11.76 -3.08 -37.87
C GLY BA 52 -11.31 -3.26 -36.44
N ALA BA 53 -10.43 -2.36 -35.92
CA ALA BA 53 -9.96 -2.50 -34.56
C ALA BA 53 -10.02 -1.27 -33.66
N SER BA 54 -10.57 -1.45 -32.47
CA SER BA 54 -10.54 -0.48 -31.37
C SER BA 54 -9.23 -0.83 -30.57
N GLY BA 55 -8.83 0.03 -29.62
CA GLY BA 55 -7.67 -0.23 -28.79
C GLY BA 55 -6.36 0.23 -29.36
N ASP BA 56 -5.25 -0.26 -28.82
CA ASP BA 56 -3.89 0.14 -29.23
C ASP BA 56 -3.61 -0.03 -30.74
N TYR BA 57 -3.19 1.05 -31.43
CA TYR BA 57 -2.93 1.04 -32.86
C TYR BA 57 -1.72 0.24 -33.23
N ALA BA 58 -0.68 0.27 -32.39
CA ALA BA 58 0.55 -0.49 -32.64
C ALA BA 58 0.26 -1.99 -32.61
N ASP BA 59 -0.62 -2.43 -31.68
CA ASP BA 59 -1.03 -3.84 -31.62
C ASP BA 59 -1.89 -4.26 -32.84
N PHE BA 60 -2.66 -3.33 -33.39
CA PHE BA 60 -3.47 -3.56 -34.56
C PHE BA 60 -2.54 -3.66 -35.78
N GLN BA 61 -1.54 -2.80 -35.88
CA GLN BA 61 -0.60 -2.83 -36.98
C GLN BA 61 0.17 -4.13 -37.02
N TYR BA 62 0.52 -4.68 -35.83
CA TYR BA 62 1.19 -5.97 -35.70
C TYR BA 62 0.29 -7.08 -36.22
N LEU BA 63 -0.98 -7.13 -35.76
CA LEU BA 63 -1.96 -8.11 -36.22
C LEU BA 63 -2.19 -8.04 -37.71
N LYS BA 64 -2.19 -6.84 -38.30
CA LYS BA 64 -2.34 -6.56 -39.72
C LYS BA 64 -1.15 -7.15 -40.51
N GLN BA 65 0.05 -7.16 -39.92
CA GLN BA 65 1.22 -7.76 -40.55
C GLN BA 65 1.09 -9.29 -40.54
N VAL BA 66 0.80 -9.88 -39.37
CA VAL BA 66 0.67 -11.30 -39.17
C VAL BA 66 -0.47 -11.86 -40.03
N LEU BA 67 -1.61 -11.15 -40.08
CA LEU BA 67 -2.76 -11.57 -40.87
C LEU BA 67 -2.46 -11.45 -42.35
N GLY BA 68 -1.87 -10.34 -42.76
CA GLY BA 68 -1.52 -10.10 -44.15
C GLY BA 68 -0.55 -11.14 -44.68
N GLN BA 69 0.45 -11.52 -43.87
CA GLN BA 69 1.40 -12.53 -44.28
C GLN BA 69 0.75 -13.90 -44.36
N MET BA 70 -0.21 -14.23 -43.48
CA MET BA 70 -0.91 -15.51 -43.55
C MET BA 70 -1.68 -15.63 -44.89
N VAL BA 71 -2.28 -14.51 -45.34
CA VAL BA 71 -3.03 -14.47 -46.57
C VAL BA 71 -2.10 -14.65 -47.78
N ILE BA 72 -0.88 -14.06 -47.74
CA ILE BA 72 0.12 -14.19 -48.78
C ILE BA 72 0.56 -15.65 -48.87
N ASP BA 73 0.82 -16.27 -47.71
CA ASP BA 73 1.23 -17.67 -47.62
C ASP BA 73 0.22 -18.59 -48.26
N GLU BA 74 -1.05 -18.36 -47.97
CA GLU BA 74 -2.14 -19.18 -48.50
C GLU BA 74 -2.26 -19.02 -49.99
N GLU BA 75 -2.16 -17.77 -50.48
CA GLU BA 75 -2.26 -17.47 -51.90
C GLU BA 75 -1.09 -18.03 -52.73
N LEU BA 76 0.05 -18.35 -52.08
CA LEU BA 76 1.18 -18.97 -52.77
C LEU BA 76 0.85 -20.41 -53.17
N LEU BA 77 0.00 -21.10 -52.38
CA LEU BA 77 -0.38 -22.48 -52.65
C LEU BA 77 -1.29 -22.58 -53.87
N GLY BA 78 -2.24 -21.63 -54.00
CA GLY BA 78 -3.20 -21.60 -55.10
C GLY BA 78 -3.90 -22.93 -55.29
N ASP BA 79 -4.43 -23.48 -54.18
CA ASP BA 79 -5.02 -24.80 -54.17
C ASP BA 79 -6.53 -24.85 -54.07
N GLY BA 80 -7.21 -23.75 -54.39
CA GLY BA 80 -8.66 -23.73 -54.35
C GLY BA 80 -9.26 -23.55 -52.96
N HIS BA 81 -8.41 -23.47 -51.92
CA HIS BA 81 -8.88 -23.23 -50.56
C HIS BA 81 -8.45 -21.87 -50.08
N SER BA 82 -9.33 -21.22 -49.36
CA SER BA 82 -9.02 -19.91 -48.79
C SER BA 82 -9.73 -19.71 -47.45
N TYR BA 83 -9.11 -18.97 -46.54
CA TYR BA 83 -9.67 -18.70 -45.22
C TYR BA 83 -11.03 -18.02 -45.33
N SER BA 84 -12.04 -18.65 -44.72
CA SER BA 84 -13.37 -18.09 -44.66
C SER BA 84 -13.37 -16.97 -43.62
N PRO BA 85 -14.35 -16.03 -43.65
CA PRO BA 85 -14.42 -15.03 -42.57
C PRO BA 85 -14.45 -15.70 -41.18
N ARG BA 86 -15.19 -16.81 -41.08
CA ARG BA 86 -15.37 -17.57 -39.86
C ARG BA 86 -14.06 -18.18 -39.33
N ALA BA 87 -13.14 -18.62 -40.23
CA ALA BA 87 -11.82 -19.19 -39.89
C ALA BA 87 -10.88 -18.09 -39.43
N ILE BA 88 -10.94 -16.89 -40.04
CA ILE BA 88 -10.12 -15.75 -39.61
C ILE BA 88 -10.58 -15.33 -38.20
N HIS BA 89 -11.90 -15.31 -37.97
CA HIS BA 89 -12.47 -14.96 -36.69
C HIS BA 89 -12.02 -15.97 -35.63
N SER BA 90 -12.06 -17.25 -35.98
CA SER BA 90 -11.62 -18.35 -35.13
C SER BA 90 -10.13 -18.22 -34.78
N TRP BA 91 -9.27 -17.93 -35.78
CA TRP BA 91 -7.83 -17.77 -35.58
C TRP BA 91 -7.59 -16.61 -34.59
N LEU BA 92 -8.24 -15.47 -34.84
CA LEU BA 92 -8.11 -14.30 -34.01
C LEU BA 92 -8.54 -14.51 -32.54
N THR BA 93 -9.51 -15.39 -32.28
CA THR BA 93 -9.94 -15.72 -30.93
C THR BA 93 -8.80 -16.44 -30.20
N ARG BA 94 -8.20 -17.45 -30.86
CA ARG BA 94 -7.08 -18.24 -30.35
C ARG BA 94 -5.89 -17.35 -30.11
N ALA BA 95 -5.61 -16.43 -31.06
CA ALA BA 95 -4.49 -15.52 -30.98
C ALA BA 95 -4.67 -14.59 -29.80
N MET BA 96 -5.87 -14.00 -29.61
CA MET BA 96 -6.11 -13.10 -28.48
C MET BA 96 -6.07 -13.84 -27.14
N TYR BA 97 -6.69 -15.02 -27.08
CA TYR BA 97 -6.74 -15.81 -25.86
C TYR BA 97 -5.34 -16.23 -25.43
N SER BA 98 -4.53 -16.66 -26.37
CA SER BA 98 -3.17 -17.10 -26.15
C SER BA 98 -2.33 -15.97 -25.57
N ARG BA 99 -2.44 -14.75 -26.11
CA ARG BA 99 -1.72 -13.57 -25.62
C ARG BA 99 -2.24 -13.19 -24.18
N ARG BA 100 -3.59 -13.21 -23.98
CA ARG BA 100 -4.20 -12.98 -22.67
C ARG BA 100 -3.64 -13.99 -21.64
N SER BA 101 -3.55 -15.27 -22.02
CA SER BA 101 -3.11 -16.32 -21.12
C SER BA 101 -1.64 -16.27 -20.77
N LYS BA 102 -0.84 -15.53 -21.54
CA LYS BA 102 0.55 -15.28 -21.24
C LYS BA 102 0.74 -13.96 -20.47
N MET BA 103 -0.39 -13.31 -20.09
CA MET BA 103 -0.45 -12.05 -19.38
C MET BA 103 0.23 -10.93 -20.15
N ASN BA 104 0.16 -10.99 -21.49
CA ASN BA 104 0.73 -9.98 -22.36
C ASN BA 104 -0.25 -9.86 -23.50
N PRO BA 105 -1.39 -9.21 -23.26
CA PRO BA 105 -2.42 -9.13 -24.31
C PRO BA 105 -2.09 -8.23 -25.49
N LEU BA 106 -2.85 -8.43 -26.57
CA LEU BA 106 -2.81 -7.50 -27.70
C LEU BA 106 -4.01 -6.64 -27.35
N TRP BA 107 -3.77 -5.40 -27.00
CA TRP BA 107 -4.81 -4.50 -26.48
C TRP BA 107 -5.81 -4.00 -27.52
N ASN BA 108 -6.70 -4.87 -28.01
CA ASN BA 108 -7.68 -4.50 -29.03
C ASN BA 108 -9.03 -5.20 -28.83
N THR BA 109 -10.06 -4.67 -29.49
CA THR BA 109 -11.40 -5.24 -29.61
C THR BA 109 -11.67 -5.11 -31.08
N MET BA 110 -12.01 -6.22 -31.74
CA MET BA 110 -12.16 -6.19 -33.18
C MET BA 110 -13.49 -6.70 -33.68
N VAL BA 111 -13.85 -6.24 -34.89
CA VAL BA 111 -15.06 -6.61 -35.59
C VAL BA 111 -14.62 -7.17 -36.93
N ILE BA 112 -14.98 -8.42 -37.19
CA ILE BA 112 -14.68 -9.09 -38.44
C ILE BA 112 -15.97 -9.21 -39.24
N GLY BA 113 -15.97 -8.62 -40.44
CA GLY BA 113 -17.10 -8.67 -41.36
C GLY BA 113 -16.74 -9.54 -42.55
N GLY BA 114 -17.68 -10.35 -43.01
CA GLY BA 114 -17.41 -11.25 -44.11
C GLY BA 114 -18.59 -11.63 -44.98
N TYR BA 115 -18.30 -12.14 -46.18
CA TYR BA 115 -19.33 -12.62 -47.08
C TYR BA 115 -18.79 -13.82 -47.80
N ALA BA 116 -19.35 -14.99 -47.52
CA ALA BA 116 -18.89 -16.22 -48.15
C ALA BA 116 -20.05 -17.17 -48.29
N ASP BA 117 -20.12 -17.85 -49.47
CA ASP BA 117 -21.15 -18.85 -49.82
C ASP BA 117 -22.58 -18.36 -49.57
N GLY BA 118 -22.84 -17.12 -49.93
CA GLY BA 118 -24.15 -16.53 -49.76
C GLY BA 118 -24.54 -16.11 -48.36
N GLU BA 119 -23.63 -16.26 -47.37
CA GLU BA 119 -23.97 -15.88 -45.99
C GLU BA 119 -23.15 -14.69 -45.45
N SER BA 120 -23.82 -13.80 -44.70
CA SER BA 120 -23.18 -12.64 -44.08
C SER BA 120 -22.54 -13.06 -42.74
N PHE BA 121 -21.29 -12.61 -42.50
CA PHE BA 121 -20.60 -12.94 -41.25
C PHE BA 121 -20.27 -11.68 -40.47
N LEU BA 122 -20.55 -11.67 -39.17
CA LEU BA 122 -20.19 -10.54 -38.31
C LEU BA 122 -19.75 -11.13 -36.97
N GLY BA 123 -18.51 -10.92 -36.59
CA GLY BA 123 -17.97 -11.48 -35.36
C GLY BA 123 -17.12 -10.52 -34.54
N TYR BA 124 -17.15 -10.68 -33.21
CA TYR BA 124 -16.43 -9.85 -32.24
C TYR BA 124 -15.35 -10.67 -31.59
N VAL BA 125 -14.19 -10.06 -31.31
CA VAL BA 125 -13.13 -10.67 -30.53
C VAL BA 125 -12.56 -9.58 -29.63
N ASP BA 126 -12.36 -9.85 -28.33
CA ASP BA 126 -11.73 -8.87 -27.45
C ASP BA 126 -10.34 -9.40 -26.98
N MET BA 127 -9.58 -8.55 -26.25
CA MET BA 127 -8.25 -8.87 -25.81
C MET BA 127 -8.13 -10.08 -24.86
N LEU BA 128 -9.27 -10.60 -24.37
CA LEU BA 128 -9.30 -11.76 -23.47
C LEU BA 128 -9.68 -13.06 -24.17
N GLY BA 129 -10.05 -12.97 -25.44
CA GLY BA 129 -10.48 -14.12 -26.21
C GLY BA 129 -11.97 -14.32 -26.18
N VAL BA 130 -12.75 -13.28 -25.79
CA VAL BA 130 -14.20 -13.35 -25.78
C VAL BA 130 -14.66 -13.10 -27.20
N ALA BA 131 -15.29 -14.11 -27.80
CA ALA BA 131 -15.75 -14.02 -29.18
C ALA BA 131 -17.17 -14.49 -29.33
N TYR BA 132 -17.89 -13.98 -30.36
CA TYR BA 132 -19.28 -14.37 -30.69
C TYR BA 132 -19.74 -13.70 -32.00
N GLU BA 133 -20.91 -14.14 -32.50
CA GLU BA 133 -21.53 -13.60 -33.69
C GLU BA 133 -22.82 -12.90 -33.31
N ALA BA 134 -23.15 -11.86 -34.06
CA ALA BA 134 -24.40 -11.14 -33.85
C ALA BA 134 -24.80 -10.43 -35.15
N PRO BA 135 -26.08 -10.01 -35.28
CA PRO BA 135 -26.49 -9.27 -36.49
C PRO BA 135 -25.92 -7.85 -36.56
N SER BA 136 -25.47 -7.31 -35.41
CA SER BA 136 -24.87 -5.98 -35.28
C SER BA 136 -23.83 -6.00 -34.16
N LEU BA 137 -22.78 -5.18 -34.30
CA LEU BA 137 -21.72 -5.07 -33.31
C LEU BA 137 -21.31 -3.63 -33.16
N ALA BA 138 -20.85 -3.27 -31.96
CA ALA BA 138 -20.35 -1.94 -31.68
C ALA BA 138 -19.34 -2.06 -30.53
N THR BA 139 -18.06 -1.75 -30.80
CA THR BA 139 -17.03 -1.86 -29.75
C THR BA 139 -16.86 -0.55 -28.97
N GLY BA 140 -16.16 -0.62 -27.84
CA GLY BA 140 -15.89 0.52 -27.01
C GLY BA 140 -17.13 1.22 -26.51
N TYR BA 141 -17.11 2.54 -26.59
CA TYR BA 141 -18.21 3.39 -26.14
C TYR BA 141 -19.45 3.25 -27.08
N GLY BA 142 -19.25 2.80 -28.31
CA GLY BA 142 -20.31 2.52 -29.27
C GLY BA 142 -21.23 1.41 -28.78
N ALA BA 143 -20.76 0.53 -27.89
CA ALA BA 143 -21.63 -0.50 -27.32
C ALA BA 143 -22.77 0.14 -26.50
N TYR BA 144 -22.60 1.40 -26.04
CA TYR BA 144 -23.56 2.13 -25.24
C TYR BA 144 -24.39 3.09 -26.05
N LEU BA 145 -23.84 3.63 -27.14
CA LEU BA 145 -24.58 4.59 -27.96
C LEU BA 145 -25.11 4.01 -29.26
N ALA BA 146 -24.23 3.43 -30.09
CA ALA BA 146 -24.56 2.90 -31.39
C ALA BA 146 -25.35 1.60 -31.38
N GLN BA 147 -25.02 0.67 -30.48
CA GLN BA 147 -25.71 -0.63 -30.45
C GLN BA 147 -27.20 -0.48 -30.14
N PRO BA 148 -27.65 0.37 -29.17
CA PRO BA 148 -29.10 0.56 -29.01
C PRO BA 148 -29.82 1.01 -30.30
N LEU BA 149 -29.21 1.89 -31.14
CA LEU BA 149 -29.81 2.31 -32.44
C LEU BA 149 -29.78 1.18 -33.51
N LEU BA 150 -28.68 0.42 -33.59
CA LEU BA 150 -28.59 -0.71 -34.52
C LEU BA 150 -29.66 -1.75 -34.18
N ARG BA 151 -29.85 -2.04 -32.89
CA ARG BA 151 -30.81 -3.02 -32.41
C ARG BA 151 -32.27 -2.55 -32.55
N GLU BA 152 -32.52 -1.26 -32.39
CA GLU BA 152 -33.84 -0.66 -32.50
C GLU BA 152 -34.38 -0.84 -33.91
N VAL BA 153 -33.52 -0.62 -34.91
CA VAL BA 153 -33.89 -0.77 -36.32
C VAL BA 153 -33.99 -2.24 -36.66
N LEU BA 154 -33.05 -3.06 -36.20
CA LEU BA 154 -33.09 -4.50 -36.50
C LEU BA 154 -34.27 -5.23 -35.84
N GLU BA 155 -34.87 -4.63 -34.82
CA GLU BA 155 -36.05 -5.21 -34.17
C GLU BA 155 -37.26 -5.05 -35.13
N LYS BA 156 -37.46 -3.82 -35.65
CA LYS BA 156 -38.52 -3.50 -36.58
C LYS BA 156 -38.30 -4.22 -37.93
N GLN BA 157 -37.06 -4.17 -38.46
CA GLN BA 157 -36.75 -4.78 -39.75
C GLN BA 157 -35.48 -5.63 -39.66
N PRO BA 158 -35.62 -6.93 -39.33
CA PRO BA 158 -34.42 -7.79 -39.20
C PRO BA 158 -33.49 -7.87 -40.40
N VAL BA 159 -34.03 -7.79 -41.61
CA VAL BA 159 -33.19 -7.83 -42.81
C VAL BA 159 -33.27 -6.46 -43.52
N LEU BA 160 -32.14 -5.78 -43.55
CA LEU BA 160 -31.96 -4.47 -44.18
C LEU BA 160 -31.31 -4.63 -45.56
N SER BA 161 -31.50 -3.63 -46.43
CA SER BA 161 -30.82 -3.60 -47.73
C SER BA 161 -29.44 -2.98 -47.50
N GLN BA 162 -28.55 -3.01 -48.51
CA GLN BA 162 -27.24 -2.37 -48.39
C GLN BA 162 -27.39 -0.87 -48.13
N THR BA 163 -28.43 -0.24 -48.72
CA THR BA 163 -28.66 1.19 -48.51
C THR BA 163 -29.22 1.43 -47.12
N GLU BA 164 -30.20 0.62 -46.68
CA GLU BA 164 -30.79 0.75 -45.35
C GLU BA 164 -29.74 0.63 -44.21
N ALA BA 165 -28.80 -0.33 -44.34
CA ALA BA 165 -27.71 -0.57 -43.41
C ALA BA 165 -26.75 0.61 -43.43
N ARG BA 166 -26.46 1.14 -44.64
CA ARG BA 166 -25.53 2.26 -44.78
C ARG BA 166 -26.01 3.54 -44.12
N ASP BA 167 -27.29 3.89 -44.29
CA ASP BA 167 -27.87 5.09 -43.69
C ASP BA 167 -27.86 4.98 -42.16
N LEU BA 168 -28.20 3.80 -41.65
CA LEU BA 168 -28.20 3.51 -40.21
C LEU BA 168 -26.78 3.67 -39.66
N VAL BA 169 -25.76 3.11 -40.32
CA VAL BA 169 -24.38 3.26 -39.87
C VAL BA 169 -23.95 4.75 -39.85
N GLU BA 170 -24.34 5.53 -40.89
CA GLU BA 170 -24.01 6.95 -40.97
C GLU BA 170 -24.65 7.75 -39.83
N ARG BA 171 -25.89 7.36 -39.44
CA ARG BA 171 -26.58 7.98 -38.30
C ARG BA 171 -25.89 7.64 -36.97
N CYS BA 172 -25.30 6.46 -36.86
CA CYS BA 172 -24.58 6.03 -35.68
C CYS BA 172 -23.27 6.79 -35.55
N MET BA 173 -22.57 6.99 -36.66
CA MET BA 173 -21.31 7.73 -36.63
C MET BA 173 -21.52 9.18 -36.20
N ARG BA 174 -22.69 9.75 -36.51
CA ARG BA 174 -23.05 11.12 -36.14
C ARG BA 174 -23.32 11.17 -34.64
N VAL BA 175 -24.08 10.21 -34.11
CA VAL BA 175 -24.34 10.16 -32.66
C VAL BA 175 -23.04 9.95 -31.89
N LEU BA 176 -22.12 9.13 -32.43
CA LEU BA 176 -20.85 8.88 -31.79
C LEU BA 176 -19.95 10.12 -31.80
N TYR BA 177 -19.99 10.91 -32.89
CA TYR BA 177 -19.19 12.13 -32.95
C TYR BA 177 -19.66 13.16 -31.91
N TYR BA 178 -20.98 13.23 -31.70
CA TYR BA 178 -21.57 14.12 -30.72
C TYR BA 178 -21.31 13.72 -29.26
N ARG BA 179 -21.36 12.40 -28.94
CA ARG BA 179 -21.30 11.96 -27.56
C ARG BA 179 -20.01 11.32 -27.07
N ASP BA 180 -19.13 10.87 -27.97
CA ASP BA 180 -17.88 10.24 -27.57
C ASP BA 180 -16.78 11.29 -27.66
N ALA BA 181 -16.18 11.64 -26.53
CA ALA BA 181 -15.12 12.64 -26.48
C ALA BA 181 -13.78 12.15 -27.06
N ARG BA 182 -13.69 10.87 -27.46
CA ARG BA 182 -12.47 10.31 -28.04
C ARG BA 182 -12.64 9.94 -29.51
N SER BA 183 -13.58 10.62 -30.20
CA SER BA 183 -13.90 10.41 -31.61
C SER BA 183 -13.45 11.61 -32.47
N TYR BA 184 -13.61 11.49 -33.80
CA TYR BA 184 -13.26 12.54 -34.71
C TYR BA 184 -14.18 12.51 -35.92
N ASN BA 185 -14.50 13.68 -36.50
CA ASN BA 185 -15.36 13.72 -37.67
C ASN BA 185 -14.64 13.37 -38.98
N ARG BA 186 -13.99 12.22 -39.01
CA ARG BA 186 -13.32 11.68 -40.19
C ARG BA 186 -13.39 10.17 -40.02
N PHE BA 187 -14.11 9.47 -40.89
CA PHE BA 187 -14.25 8.03 -40.76
C PHE BA 187 -14.26 7.25 -42.07
N GLN BA 188 -14.16 5.94 -41.99
CA GLN BA 188 -14.25 5.07 -43.16
C GLN BA 188 -15.46 4.16 -43.01
N ILE BA 189 -15.98 3.68 -44.14
CA ILE BA 189 -17.07 2.73 -44.21
C ILE BA 189 -16.55 1.66 -45.14
N ALA BA 190 -16.43 0.42 -44.67
CA ALA BA 190 -15.95 -0.69 -45.50
C ALA BA 190 -17.10 -1.66 -45.74
N THR BA 191 -17.27 -2.13 -46.98
CA THR BA 191 -18.36 -3.05 -47.31
C THR BA 191 -17.84 -4.33 -47.95
N VAL BA 192 -18.39 -5.47 -47.56
CA VAL BA 192 -18.00 -6.75 -48.14
C VAL BA 192 -19.26 -7.37 -48.75
N THR BA 193 -19.19 -7.76 -50.02
CA THR BA 193 -20.30 -8.35 -50.80
C THR BA 193 -19.70 -9.49 -51.70
N GLU BA 194 -20.48 -10.08 -52.63
CA GLU BA 194 -19.98 -11.09 -53.57
C GLU BA 194 -18.82 -10.49 -54.42
N LYS BA 195 -18.89 -9.17 -54.73
CA LYS BA 195 -17.89 -8.44 -55.49
C LYS BA 195 -16.54 -8.29 -54.76
N GLY BA 196 -16.54 -8.39 -53.43
CA GLY BA 196 -15.32 -8.27 -52.65
C GLY BA 196 -15.40 -7.24 -51.53
N VAL BA 197 -14.23 -6.76 -51.07
CA VAL BA 197 -14.11 -5.77 -49.99
C VAL BA 197 -13.80 -4.36 -50.54
N GLU BA 198 -14.66 -3.38 -50.25
CA GLU BA 198 -14.44 -1.99 -50.66
C GLU BA 198 -14.34 -1.08 -49.44
N ILE BA 199 -13.25 -0.32 -49.30
CA ILE BA 199 -13.10 0.63 -48.20
C ILE BA 199 -13.29 2.08 -48.70
N GLU BA 200 -14.32 2.78 -48.23
CA GLU BA 200 -14.57 4.16 -48.63
C GLU BA 200 -14.19 5.18 -47.57
N GLY BA 201 -13.59 6.27 -48.00
CA GLY BA 201 -13.22 7.34 -47.09
C GLY BA 201 -12.22 8.31 -47.67
N PRO BA 202 -11.91 9.42 -46.97
CA PRO BA 202 -12.40 9.83 -45.66
C PRO BA 202 -13.78 10.46 -45.75
N LEU BA 203 -14.69 10.04 -44.85
CA LEU BA 203 -16.06 10.52 -44.78
C LEU BA 203 -16.27 11.45 -43.59
N SER BA 204 -17.33 12.25 -43.63
CA SER BA 204 -17.70 13.17 -42.57
C SER BA 204 -19.20 13.22 -42.44
N THR BA 205 -19.70 13.48 -41.22
CA THR BA 205 -21.13 13.64 -41.01
C THR BA 205 -21.47 15.12 -40.93
N GLU BA 206 -22.64 15.49 -41.48
CA GLU BA 206 -23.12 16.86 -41.46
C GLU BA 206 -23.62 17.12 -40.06
N THR BA 207 -22.94 17.95 -39.27
CA THR BA 207 -23.40 18.20 -37.89
C THR BA 207 -24.42 19.33 -37.81
N ASN BA 208 -25.23 19.33 -36.75
CA ASN BA 208 -26.20 20.37 -36.50
C ASN BA 208 -26.01 20.85 -35.08
N TRP BA 209 -25.93 22.17 -34.90
CA TRP BA 209 -25.67 22.74 -33.58
C TRP BA 209 -26.74 23.72 -33.14
N ASP BA 210 -27.97 23.58 -33.63
CA ASP BA 210 -29.07 24.50 -33.33
C ASP BA 210 -29.51 24.47 -31.86
N ILE BA 211 -29.20 23.40 -31.13
CA ILE BA 211 -29.51 23.33 -29.70
C ILE BA 211 -28.71 24.35 -28.88
N ALA BA 212 -27.61 24.91 -29.44
CA ALA BA 212 -26.83 25.96 -28.77
C ALA BA 212 -27.66 27.22 -28.48
N HIS BA 213 -28.89 27.33 -29.07
CA HIS BA 213 -29.80 28.44 -28.83
C HIS BA 213 -31.08 27.97 -28.07
N MET BA 214 -30.98 26.95 -27.19
CA MET BA 214 -32.13 26.45 -26.43
C MET BA 214 -31.92 26.43 -24.88
#